data_5N8N
#
_entry.id   5N8N
#
_cell.length_a   1
_cell.length_b   1
_cell.length_c   1
_cell.angle_alpha   90
_cell.angle_beta   90
_cell.angle_gamma   90
#
_symmetry.space_group_name_H-M   'P 1'
#
loop_
_entity.id
_entity.type
_entity.pdbx_description
1 polymer 'Type VI secretion protein, family'
2 polymer 'EvpB family type VI secretion protein'
#
loop_
_entity_poly.entity_id
_entity_poly.type
_entity_poly.pdbx_seq_one_letter_code
_entity_poly.pdbx_strand_id
1 'polypeptide(L)'
;TTSSQKFIARNRAPRVQIEYDVELYGAEKKVQLPFVMGVMADLAGKPAEPQAAVADRKFLEIDVDNFDARLKAMKPRVAF
NVPNVLTGEGNLSLDITFESMDDFSPAAVARKVDSLNKLLEARTQLANLLTY
;
A,C,E,G,I,K,M,O,Q,S,U,W,Y,a,c
2 'polypeptide(L)'
;REAVETAVRTLAEHALEQTSLISNDAIKSIESIIAALDAKLTAQVNLIMHHADFQQLESAWRGLHYLVNNTETDEQLKIR
VLNISKPELHKTLKKFKGTTWDQSPIFKKLYEEEYGQFGGEPYGCLVGDYYFDQSPPDVELLGEMAKISAAMHAPFISAA
SPTVMGMGSWQELSNPRDLTKIFTTPEYAGWRSLRESEDSRYIGLTMPRFLARLPYGAKTDPVEEFAFEEETDGADSSKY
AWANSAYAMAVNINRSFKLYGWCSRIRGVESGGEVQGLPAHTFPTDDGGVDMKCPTEIAISDRREAELAKNGFMPLLHKK
NTDFAAFIGAQSLQKPAEYDDPDATANANLAARLPYLFATCRFAHYLKCIVRDKIGSFKEKDEMQRWLQDWILNYVDGDP
AHSTETTKAQHPLAAAEVVVEEVEGNPGYYNSKFFLRPHYQLEGLTVSLRLVSKLPSAKEA
;
B,D,F,H,J,L,N,P,R,T,V,X,Z,b,d
#
# COMPACT_ATOMS: atom_id res chain seq x y z
N THR A 1 -35.88 -68.34 -5.16
CA THR A 1 -36.13 -69.78 -5.31
C THR A 1 -35.12 -70.42 -6.26
N THR A 2 -33.88 -69.96 -6.19
CA THR A 2 -32.76 -70.42 -7.01
C THR A 2 -33.05 -70.63 -8.51
N SER A 3 -33.08 -69.52 -9.25
CA SER A 3 -33.35 -69.51 -10.69
C SER A 3 -32.53 -70.54 -11.47
N SER A 4 -33.18 -71.19 -12.41
CA SER A 4 -32.54 -72.22 -13.25
C SER A 4 -31.22 -71.78 -13.76
N GLN A 5 -30.99 -70.48 -13.90
CA GLN A 5 -29.65 -69.97 -14.24
C GLN A 5 -28.65 -70.36 -13.21
N LYS A 6 -29.02 -70.44 -11.95
CA LYS A 6 -28.15 -70.95 -10.90
C LYS A 6 -27.91 -72.42 -11.05
N PHE A 7 -28.89 -73.19 -11.47
CA PHE A 7 -28.66 -74.61 -11.76
C PHE A 7 -27.66 -74.75 -12.86
N ILE A 8 -27.78 -74.01 -13.95
CA ILE A 8 -26.80 -74.05 -15.03
C ILE A 8 -25.44 -73.60 -14.51
N ALA A 9 -25.42 -72.68 -13.57
CA ALA A 9 -24.15 -72.15 -13.07
C ALA A 9 -23.41 -73.15 -12.24
N ARG A 10 -24.08 -73.75 -11.26
CA ARG A 10 -23.42 -74.66 -10.35
C ARG A 10 -23.26 -76.03 -10.89
N ASN A 11 -24.13 -76.47 -11.79
CA ASN A 11 -24.11 -77.86 -12.25
C ASN A 11 -23.15 -78.20 -13.35
N ARG A 12 -23.27 -77.57 -14.49
CA ARG A 12 -22.22 -77.70 -15.58
C ARG A 12 -22.21 -76.30 -16.15
N ALA A 13 -21.12 -75.61 -15.90
CA ALA A 13 -21.09 -74.20 -16.18
C ALA A 13 -20.39 -73.93 -17.48
N PRO A 14 -21.00 -73.14 -18.39
CA PRO A 14 -20.28 -72.65 -19.52
C PRO A 14 -19.15 -71.73 -19.06
N ARG A 15 -18.12 -71.54 -19.90
CA ARG A 15 -17.09 -70.60 -19.58
C ARG A 15 -17.67 -69.22 -19.40
N VAL A 16 -18.68 -68.86 -20.21
CA VAL A 16 -19.43 -67.61 -20.05
C VAL A 16 -20.78 -67.96 -19.49
N GLN A 17 -21.03 -67.63 -18.24
CA GLN A 17 -22.31 -67.94 -17.57
C GLN A 17 -22.93 -66.64 -17.16
N ILE A 18 -24.12 -66.38 -17.68
CA ILE A 18 -24.78 -65.06 -17.45
C ILE A 18 -26.08 -65.33 -16.72
N GLU A 19 -26.20 -64.82 -15.52
CA GLU A 19 -27.38 -64.94 -14.69
C GLU A 19 -27.95 -63.56 -14.42
N TYR A 20 -29.24 -63.52 -14.11
CA TYR A 20 -29.89 -62.30 -13.68
C TYR A 20 -30.40 -62.47 -12.29
N ASP A 21 -30.01 -61.56 -11.39
CA ASP A 21 -30.50 -61.59 -10.02
C ASP A 21 -30.98 -60.24 -9.60
N VAL A 22 -32.13 -60.21 -8.91
CA VAL A 22 -32.75 -58.96 -8.45
C VAL A 22 -31.80 -58.39 -7.33
N GLU A 23 -31.61 -57.08 -7.38
CA GLU A 23 -30.80 -56.43 -6.41
C GLU A 23 -31.59 -55.92 -5.23
N LEU A 24 -31.39 -56.48 -4.05
CA LEU A 24 -31.98 -56.01 -2.80
C LEU A 24 -30.87 -55.77 -1.81
N TYR A 25 -30.63 -54.52 -1.46
CA TYR A 25 -29.55 -54.18 -0.55
C TYR A 25 -29.69 -54.75 0.83
N GLY A 26 -30.86 -54.53 1.43
CA GLY A 26 -31.12 -55.02 2.77
C GLY A 26 -32.06 -56.20 2.90
N ALA A 27 -32.60 -56.68 1.78
CA ALA A 27 -33.53 -57.81 1.76
C ALA A 27 -34.69 -57.53 2.72
N GLU A 28 -34.98 -58.48 3.61
CA GLU A 28 -36.02 -58.29 4.61
C GLU A 28 -37.40 -57.86 4.10
N LYS A 29 -38.02 -58.71 3.29
CA LYS A 29 -39.34 -58.43 2.72
C LYS A 29 -40.43 -58.30 3.79
N LYS A 30 -41.48 -57.53 3.47
CA LYS A 30 -42.58 -57.26 4.40
C LYS A 30 -43.36 -58.50 4.83
N VAL A 31 -43.91 -58.44 6.04
CA VAL A 31 -44.55 -59.58 6.67
C VAL A 31 -45.97 -59.82 6.17
N GLN A 32 -46.60 -58.83 5.53
CA GLN A 32 -47.97 -59.00 5.03
C GLN A 32 -48.90 -59.13 6.23
N LEU A 33 -49.50 -60.31 6.41
CA LEU A 33 -50.37 -60.60 7.54
C LEU A 33 -51.61 -59.72 7.56
N PRO A 34 -52.59 -60.02 6.71
CA PRO A 34 -53.84 -59.27 6.69
C PRO A 34 -54.57 -59.30 8.02
N PHE A 35 -55.48 -58.33 8.19
CA PHE A 35 -56.28 -58.20 9.40
C PHE A 35 -57.60 -58.92 9.19
N VAL A 36 -57.79 -60.02 9.91
CA VAL A 36 -59.05 -60.75 9.89
C VAL A 36 -59.82 -60.41 11.16
N MET A 37 -61.14 -60.34 11.06
CA MET A 37 -61.99 -60.09 12.22
C MET A 37 -62.98 -61.24 12.36
N GLY A 38 -62.83 -62.05 13.40
CA GLY A 38 -63.74 -63.16 13.63
C GLY A 38 -64.97 -62.66 14.35
N VAL A 39 -66.14 -63.04 13.87
CA VAL A 39 -67.38 -62.60 14.49
C VAL A 39 -68.21 -63.77 15.01
N MET A 40 -68.67 -63.67 16.25
CA MET A 40 -69.49 -64.70 16.85
C MET A 40 -70.86 -64.12 17.09
N ALA A 41 -71.90 -64.83 16.68
CA ALA A 41 -73.24 -64.29 16.84
C ALA A 41 -74.23 -65.44 16.88
N ASP A 42 -75.44 -65.15 17.36
CA ASP A 42 -76.49 -66.14 17.39
C ASP A 42 -77.30 -66.02 16.11
N LEU A 43 -77.18 -67.03 15.25
CA LEU A 43 -77.86 -67.05 13.96
C LEU A 43 -78.58 -68.38 13.81
N ALA A 44 -79.64 -68.37 13.00
CA ALA A 44 -80.51 -69.53 12.82
C ALA A 44 -81.10 -69.96 14.17
N GLY A 45 -81.67 -68.99 14.87
CA GLY A 45 -82.27 -69.25 16.17
C GLY A 45 -83.43 -70.22 16.05
N LYS A 46 -83.47 -71.24 16.92
CA LYS A 46 -84.47 -72.29 16.88
C LYS A 46 -84.50 -72.95 15.51
N PRO A 47 -83.46 -73.69 15.13
CA PRO A 47 -83.47 -74.36 13.83
C PRO A 47 -84.39 -75.58 13.83
N ALA A 48 -84.75 -76.01 12.63
CA ALA A 48 -85.64 -77.15 12.50
C ALA A 48 -84.95 -78.51 12.65
N GLU A 49 -83.64 -78.56 12.45
CA GLU A 49 -82.90 -79.81 12.50
C GLU A 49 -81.95 -79.74 13.70
N PRO A 50 -81.22 -80.80 14.03
CA PRO A 50 -80.15 -80.69 15.02
C PRO A 50 -79.06 -79.71 14.65
N GLN A 51 -79.02 -79.23 13.40
CA GLN A 51 -77.97 -78.34 12.90
C GLN A 51 -76.63 -79.05 12.93
N ALA A 52 -75.65 -78.47 13.60
CA ALA A 52 -74.31 -79.05 13.61
C ALA A 52 -73.74 -78.98 15.01
N ALA A 53 -72.97 -80.01 15.36
CA ALA A 53 -72.29 -80.03 16.64
C ALA A 53 -71.16 -79.00 16.66
N VAL A 54 -70.77 -78.61 17.86
CA VAL A 54 -69.68 -77.65 18.02
C VAL A 54 -68.38 -78.31 17.58
N ALA A 55 -67.39 -77.47 17.24
CA ALA A 55 -66.09 -77.85 16.71
C ALA A 55 -66.21 -78.28 15.24
N ASP A 56 -67.43 -78.55 14.79
CA ASP A 56 -67.70 -78.77 13.37
C ASP A 56 -68.26 -77.54 12.67
N ARG A 57 -68.52 -76.45 13.41
CA ARG A 57 -69.08 -75.26 12.81
C ARG A 57 -68.03 -74.38 12.14
N LYS A 58 -66.85 -74.32 12.73
CA LYS A 58 -65.76 -73.54 12.14
C LYS A 58 -66.09 -72.06 12.07
N PHE A 59 -65.34 -71.34 11.26
CA PHE A 59 -65.56 -69.93 11.03
C PHE A 59 -65.66 -69.82 9.52
N LEU A 60 -66.72 -69.19 9.02
CA LEU A 60 -66.89 -69.08 7.58
C LEU A 60 -66.69 -67.66 7.11
N GLU A 61 -65.84 -67.48 6.11
CA GLU A 61 -65.58 -66.14 5.62
C GLU A 61 -66.85 -65.57 5.02
N ILE A 62 -67.07 -64.29 5.28
CA ILE A 62 -68.25 -63.58 4.82
C ILE A 62 -67.79 -62.24 4.23
N ASP A 63 -68.59 -61.72 3.32
CA ASP A 63 -68.34 -60.48 2.62
C ASP A 63 -69.63 -60.07 1.93
N VAL A 64 -69.59 -59.02 1.12
CA VAL A 64 -70.74 -58.57 0.40
C VAL A 64 -71.11 -59.53 -0.72
N ASP A 65 -70.19 -60.39 -1.14
CA ASP A 65 -70.42 -61.28 -2.26
C ASP A 65 -71.26 -62.48 -1.85
N ASN A 66 -70.90 -63.16 -0.77
CA ASN A 66 -71.55 -64.39 -0.35
C ASN A 66 -72.58 -64.20 0.73
N PHE A 67 -72.88 -62.97 1.11
CA PHE A 67 -73.76 -62.71 2.26
C PHE A 67 -75.08 -63.44 2.15
N ASP A 68 -75.77 -63.25 1.05
CA ASP A 68 -77.03 -63.96 0.81
C ASP A 68 -76.82 -65.46 0.70
N ALA A 69 -75.66 -65.89 0.18
CA ALA A 69 -75.37 -67.31 0.18
C ALA A 69 -75.07 -67.82 1.56
N ARG A 70 -74.61 -66.95 2.46
CA ARG A 70 -74.41 -67.35 3.85
C ARG A 70 -75.75 -67.46 4.58
N LEU A 71 -76.71 -66.58 4.30
CA LEU A 71 -78.02 -66.77 4.87
C LEU A 71 -78.68 -68.04 4.31
N LYS A 72 -78.77 -68.16 3.00
CA LYS A 72 -79.42 -69.30 2.41
C LYS A 72 -78.76 -70.59 2.79
N ALA A 73 -77.45 -70.57 2.97
CA ALA A 73 -76.74 -71.77 3.41
C ALA A 73 -77.01 -72.04 4.88
N MET A 74 -77.07 -71.00 5.71
CA MET A 74 -77.27 -71.19 7.13
C MET A 74 -78.71 -71.44 7.49
N LYS A 75 -79.64 -71.04 6.64
CA LYS A 75 -81.09 -71.20 6.83
C LYS A 75 -81.58 -70.72 8.20
N PRO A 76 -81.43 -69.42 8.51
CA PRO A 76 -82.03 -68.88 9.68
C PRO A 76 -83.51 -68.88 9.69
N ARG A 77 -84.11 -69.40 10.77
CA ARG A 77 -85.58 -69.53 10.77
C ARG A 77 -86.15 -69.08 12.08
N VAL A 78 -87.46 -68.88 12.14
CA VAL A 78 -88.17 -68.46 13.31
C VAL A 78 -89.52 -69.06 13.34
N ALA A 79 -89.92 -69.61 14.49
CA ALA A 79 -91.23 -70.25 14.64
C ALA A 79 -91.80 -69.83 15.97
N PHE A 80 -92.98 -69.19 15.97
CA PHE A 80 -93.65 -68.82 17.17
C PHE A 80 -95.08 -68.58 16.96
N ASN A 81 -95.86 -68.57 18.06
CA ASN A 81 -97.31 -68.28 18.02
C ASN A 81 -97.49 -66.80 18.17
N VAL A 82 -98.45 -66.25 17.42
CA VAL A 82 -98.71 -64.81 17.49
C VAL A 82 -100.22 -64.62 17.44
N PRO A 83 -100.79 -63.68 18.19
CA PRO A 83 -102.24 -63.46 18.12
C PRO A 83 -102.69 -63.15 16.70
N ASN A 84 -103.82 -63.72 16.34
CA ASN A 84 -104.35 -63.56 14.98
C ASN A 84 -105.36 -62.42 15.02
N VAL A 85 -105.01 -61.29 14.40
CA VAL A 85 -105.93 -60.16 14.37
C VAL A 85 -106.83 -60.19 13.13
N LEU A 86 -106.52 -61.06 12.17
CA LEU A 86 -107.32 -61.11 10.95
C LEU A 86 -108.78 -61.56 11.12
N THR A 87 -109.01 -62.64 11.87
CA THR A 87 -110.37 -63.14 12.07
C THR A 87 -110.64 -63.70 13.49
N GLY A 88 -110.47 -62.87 14.52
CA GLY A 88 -110.71 -63.33 15.88
C GLY A 88 -109.83 -64.53 16.17
N GLU A 89 -110.43 -65.61 16.68
CA GLU A 89 -109.63 -66.85 16.90
C GLU A 89 -108.68 -66.60 18.07
N GLY A 90 -107.38 -66.73 17.89
CA GLY A 90 -106.43 -66.85 18.96
C GLY A 90 -105.03 -66.84 18.24
N ASN A 91 -104.05 -67.35 18.98
CA ASN A 91 -102.72 -67.46 18.51
C ASN A 91 -102.65 -68.10 17.11
N LEU A 92 -101.79 -67.52 16.27
CA LEU A 92 -101.48 -68.05 14.96
C LEU A 92 -100.02 -68.49 14.89
N SER A 93 -99.79 -69.77 14.74
CA SER A 93 -98.43 -70.31 14.64
C SER A 93 -97.90 -70.13 13.27
N LEU A 94 -96.77 -69.42 13.15
CA LEU A 94 -96.14 -69.16 11.85
C LEU A 94 -94.74 -69.76 11.84
N ASP A 95 -94.35 -70.29 10.69
CA ASP A 95 -93.02 -70.85 10.55
C ASP A 95 -92.35 -70.09 9.42
N ILE A 96 -91.25 -69.42 9.72
CA ILE A 96 -90.54 -68.67 8.70
C ILE A 96 -89.05 -68.95 8.65
N THR A 97 -88.54 -69.20 7.46
CA THR A 97 -87.11 -69.41 7.27
C THR A 97 -86.64 -68.37 6.26
N PHE A 98 -85.68 -67.53 6.66
CA PHE A 98 -85.28 -66.41 5.85
C PHE A 98 -84.07 -66.83 5.00
N GLU A 99 -84.26 -66.82 3.68
CA GLU A 99 -83.21 -67.18 2.75
C GLU A 99 -82.48 -65.99 2.12
N SER A 100 -82.83 -64.78 2.51
CA SER A 100 -82.14 -63.60 1.93
C SER A 100 -82.35 -62.43 2.85
N MET A 101 -81.50 -61.42 2.71
CA MET A 101 -81.61 -60.26 3.57
C MET A 101 -82.87 -59.48 3.33
N ASP A 102 -83.49 -59.72 2.19
CA ASP A 102 -84.75 -59.07 1.84
C ASP A 102 -85.94 -59.78 2.50
N ASP A 103 -85.70 -60.97 3.07
CA ASP A 103 -86.78 -61.72 3.69
C ASP A 103 -87.12 -61.20 5.07
N PHE A 104 -86.37 -60.26 5.62
CA PHE A 104 -86.75 -59.59 6.84
C PHE A 104 -87.65 -58.38 6.61
N SER A 105 -87.81 -57.97 5.36
CA SER A 105 -88.73 -56.88 5.04
C SER A 105 -90.15 -57.31 5.27
N PRO A 106 -91.05 -56.37 5.59
CA PRO A 106 -92.43 -56.79 5.91
C PRO A 106 -93.15 -57.42 4.70
N ALA A 107 -92.84 -57.01 3.49
CA ALA A 107 -93.43 -57.61 2.32
C ALA A 107 -93.12 -59.09 2.23
N ALA A 108 -91.85 -59.43 2.31
CA ALA A 108 -91.43 -60.84 2.25
C ALA A 108 -91.95 -61.61 3.45
N VAL A 109 -92.02 -60.98 4.62
CA VAL A 109 -92.65 -61.63 5.77
C VAL A 109 -94.07 -62.00 5.45
N ALA A 110 -94.81 -61.10 4.82
CA ALA A 110 -96.19 -61.39 4.45
C ALA A 110 -96.25 -62.51 3.38
N ARG A 111 -95.30 -62.53 2.46
CA ARG A 111 -95.31 -63.54 1.43
C ARG A 111 -94.98 -64.92 1.97
N LYS A 112 -94.21 -65.00 3.08
CA LYS A 112 -93.82 -66.29 3.59
C LYS A 112 -94.93 -66.94 4.40
N VAL A 113 -95.63 -66.16 5.24
CA VAL A 113 -96.78 -66.74 5.97
C VAL A 113 -97.90 -66.96 4.94
N ASP A 114 -98.44 -68.20 4.95
CA ASP A 114 -99.33 -68.61 3.86
C ASP A 114 -100.67 -67.82 3.87
N SER A 115 -101.24 -67.60 5.06
CA SER A 115 -102.45 -66.83 5.14
C SER A 115 -102.23 -65.41 4.64
N LEU A 116 -101.24 -64.71 5.20
CA LEU A 116 -100.89 -63.38 4.73
C LEU A 116 -100.50 -63.41 3.27
N ASN A 117 -100.01 -64.54 2.75
CA ASN A 117 -99.76 -64.66 1.32
C ASN A 117 -101.05 -64.60 0.55
N LYS A 118 -102.08 -65.30 1.03
CA LYS A 118 -103.37 -65.28 0.34
C LYS A 118 -104.00 -63.88 0.40
N LEU A 119 -103.90 -63.20 1.55
CA LEU A 119 -104.41 -61.86 1.63
C LEU A 119 -103.65 -60.88 0.74
N LEU A 120 -102.33 -60.99 0.74
CA LEU A 120 -101.52 -60.11 -0.08
C LEU A 120 -101.80 -60.34 -1.57
N GLU A 121 -101.95 -61.61 -1.97
CA GLU A 121 -102.29 -61.89 -3.35
C GLU A 121 -103.69 -61.33 -3.68
N ALA A 122 -104.60 -61.40 -2.73
CA ALA A 122 -105.91 -60.79 -2.93
C ALA A 122 -105.77 -59.29 -3.18
N ARG A 123 -104.90 -58.62 -2.41
CA ARG A 123 -104.74 -57.20 -2.58
C ARG A 123 -104.08 -56.88 -3.93
N THR A 124 -103.11 -57.67 -4.37
CA THR A 124 -102.49 -57.40 -5.65
C THR A 124 -103.45 -57.67 -6.79
N GLN A 125 -104.37 -58.63 -6.62
CA GLN A 125 -105.35 -58.91 -7.67
C GLN A 125 -106.40 -57.81 -7.74
N LEU A 126 -106.77 -57.22 -6.59
CA LEU A 126 -107.76 -56.15 -6.61
C LEU A 126 -107.15 -54.84 -7.07
N ALA A 127 -105.97 -54.50 -6.58
CA ALA A 127 -105.29 -53.27 -7.01
C ALA A 127 -104.87 -53.37 -8.47
N ASN A 128 -104.48 -54.57 -8.90
CA ASN A 128 -104.24 -54.80 -10.32
C ASN A 128 -105.54 -54.85 -11.11
N LEU A 129 -106.67 -55.09 -10.43
CA LEU A 129 -107.97 -55.14 -11.11
C LEU A 129 -108.50 -53.73 -11.35
N LEU A 130 -108.32 -52.81 -10.37
CA LEU A 130 -108.82 -51.47 -10.54
C LEU A 130 -108.13 -50.76 -11.71
N THR A 131 -106.90 -51.15 -12.02
CA THR A 131 -106.19 -50.61 -13.18
C THR A 131 -106.27 -51.64 -14.31
N TYR A 132 -107.11 -51.35 -15.31
CA TYR A 132 -107.30 -52.17 -16.50
C TYR A 132 -107.11 -53.68 -16.29
N ARG B 1 -131.63 -23.11 -29.01
CA ARG B 1 -132.19 -23.16 -27.61
C ARG B 1 -131.80 -24.52 -26.98
N GLU B 2 -132.80 -25.38 -26.86
CA GLU B 2 -132.62 -26.75 -26.39
C GLU B 2 -132.42 -27.70 -27.59
N ALA B 3 -132.60 -27.22 -28.82
CA ALA B 3 -132.39 -28.07 -29.98
C ALA B 3 -130.89 -28.44 -30.13
N VAL B 4 -130.00 -27.46 -29.91
CA VAL B 4 -128.59 -27.79 -29.92
C VAL B 4 -128.25 -28.79 -28.79
N GLU B 5 -128.97 -28.70 -27.66
CA GLU B 5 -128.76 -29.65 -26.59
C GLU B 5 -129.20 -31.06 -27.00
N THR B 6 -130.21 -31.16 -27.84
CA THR B 6 -130.61 -32.47 -28.35
C THR B 6 -129.61 -33.00 -29.38
N ALA B 7 -129.05 -32.10 -30.21
CA ALA B 7 -128.08 -32.53 -31.19
C ALA B 7 -126.80 -33.04 -30.50
N VAL B 8 -126.31 -32.29 -29.49
CA VAL B 8 -125.16 -32.77 -28.76
C VAL B 8 -125.52 -33.93 -27.84
N ARG B 9 -126.81 -34.10 -27.53
CA ARG B 9 -127.23 -35.29 -26.80
C ARG B 9 -127.03 -36.53 -27.66
N THR B 10 -127.64 -36.53 -28.86
CA THR B 10 -127.53 -37.69 -29.72
C THR B 10 -126.09 -37.93 -30.15
N LEU B 11 -125.38 -36.86 -30.55
CA LEU B 11 -124.00 -37.01 -30.96
C LEU B 11 -123.10 -37.48 -29.82
N ALA B 12 -123.21 -36.83 -28.66
CA ALA B 12 -122.32 -37.15 -27.55
C ALA B 12 -122.58 -38.57 -27.04
N GLU B 13 -123.84 -38.95 -26.88
CA GLU B 13 -124.15 -40.29 -26.41
C GLU B 13 -123.74 -41.34 -27.43
N HIS B 14 -124.22 -41.20 -28.68
CA HIS B 14 -123.94 -42.20 -29.69
C HIS B 14 -122.43 -42.39 -29.88
N ALA B 15 -121.69 -41.28 -30.01
CA ALA B 15 -120.26 -41.39 -30.16
C ALA B 15 -119.62 -42.00 -28.91
N LEU B 16 -120.06 -41.55 -27.73
CA LEU B 16 -119.40 -41.94 -26.48
C LEU B 16 -119.53 -43.41 -26.12
N GLU B 17 -120.75 -43.93 -26.10
CA GLU B 17 -120.98 -45.30 -25.65
C GLU B 17 -121.19 -46.39 -26.70
N GLN B 18 -121.17 -46.06 -27.97
CA GLN B 18 -121.48 -47.07 -29.01
C GLN B 18 -120.56 -48.29 -29.10
N THR B 19 -119.26 -48.08 -28.90
CA THR B 19 -118.25 -49.12 -29.03
C THR B 19 -117.21 -49.02 -27.93
N SER B 20 -116.44 -47.93 -27.92
CA SER B 20 -115.35 -47.79 -26.97
C SER B 20 -115.88 -47.50 -25.57
N LEU B 21 -114.96 -47.29 -24.64
CA LEU B 21 -115.27 -47.02 -23.24
C LEU B 21 -116.12 -48.14 -22.65
N ILE B 22 -115.60 -49.36 -22.79
CA ILE B 22 -116.36 -50.55 -22.40
C ILE B 22 -116.58 -50.54 -20.89
N SER B 23 -117.85 -50.64 -20.49
CA SER B 23 -118.29 -50.76 -19.09
C SER B 23 -118.02 -49.49 -18.28
N ASN B 24 -117.17 -48.60 -18.80
CA ASN B 24 -116.83 -47.33 -18.16
C ASN B 24 -116.50 -47.51 -16.69
N ASP B 25 -117.02 -46.61 -15.85
CA ASP B 25 -116.94 -46.74 -14.40
C ASP B 25 -118.11 -45.98 -13.77
N ALA B 26 -118.53 -46.43 -12.60
CA ALA B 26 -119.58 -45.75 -11.87
C ALA B 26 -119.11 -45.36 -10.48
N ILE B 27 -119.01 -46.34 -9.59
CA ILE B 27 -118.48 -46.14 -8.25
C ILE B 27 -117.21 -46.97 -8.15
N LYS B 28 -116.06 -46.28 -8.11
CA LYS B 28 -114.78 -46.95 -7.90
C LYS B 28 -114.37 -46.97 -6.43
N SER B 29 -115.19 -46.40 -5.55
CA SER B 29 -114.91 -46.41 -4.12
C SER B 29 -114.99 -47.81 -3.52
N ILE B 30 -115.51 -48.78 -4.26
CA ILE B 30 -115.51 -50.17 -3.79
C ILE B 30 -114.10 -50.69 -3.64
N GLU B 31 -113.14 -50.10 -4.35
CA GLU B 31 -111.73 -50.47 -4.22
C GLU B 31 -111.11 -49.98 -2.92
N SER B 32 -111.85 -49.19 -2.12
CA SER B 32 -111.38 -48.83 -0.80
C SER B 32 -111.29 -50.01 0.14
N ILE B 33 -111.79 -51.18 -0.28
CA ILE B 33 -111.60 -52.40 0.50
C ILE B 33 -110.11 -52.73 0.61
N ILE B 34 -109.37 -52.32 -0.44
CA ILE B 34 -107.94 -52.51 -0.33
C ILE B 34 -107.39 -51.76 0.88
N ALA B 35 -108.01 -50.66 1.28
CA ALA B 35 -107.60 -49.97 2.48
C ALA B 35 -107.82 -50.84 3.72
N ALA B 36 -108.93 -51.58 3.75
CA ALA B 36 -109.20 -52.45 4.89
C ALA B 36 -108.30 -53.69 4.86
N LEU B 37 -108.08 -54.26 3.67
CA LEU B 37 -107.22 -55.43 3.54
C LEU B 37 -105.77 -55.06 3.96
N ASP B 38 -105.30 -53.93 3.47
CA ASP B 38 -103.97 -53.44 3.80
C ASP B 38 -103.92 -53.16 5.29
N ALA B 39 -105.00 -52.61 5.85
CA ALA B 39 -105.03 -52.32 7.26
C ALA B 39 -104.88 -53.59 8.07
N LYS B 40 -105.53 -54.67 7.64
CA LYS B 40 -105.36 -55.95 8.31
C LYS B 40 -103.95 -56.46 8.18
N LEU B 41 -103.33 -56.28 7.01
CA LEU B 41 -101.95 -56.72 6.83
C LEU B 41 -100.98 -55.90 7.69
N THR B 42 -101.28 -54.64 7.93
CA THR B 42 -100.47 -53.88 8.89
C THR B 42 -100.67 -54.37 10.30
N ALA B 43 -101.91 -54.65 10.68
CA ALA B 43 -102.19 -55.12 12.03
C ALA B 43 -101.51 -56.47 12.27
N GLN B 44 -101.46 -57.34 11.26
CA GLN B 44 -100.83 -58.62 11.46
C GLN B 44 -99.31 -58.55 11.37
N VAL B 45 -98.79 -57.87 10.34
CA VAL B 45 -97.35 -57.83 10.13
C VAL B 45 -96.69 -57.06 11.25
N ASN B 46 -97.38 -56.09 11.85
CA ASN B 46 -96.84 -55.47 13.06
C ASN B 46 -96.56 -56.50 14.13
N LEU B 47 -97.49 -57.40 14.37
CA LEU B 47 -97.28 -58.43 15.38
C LEU B 47 -96.26 -59.46 14.99
N ILE B 48 -96.19 -59.81 13.72
CA ILE B 48 -95.21 -60.82 13.27
C ILE B 48 -93.80 -60.27 13.40
N MET B 49 -93.61 -59.01 12.97
CA MET B 49 -92.27 -58.44 12.95
C MET B 49 -91.83 -57.99 14.33
N HIS B 50 -92.73 -57.53 15.18
CA HIS B 50 -92.38 -56.98 16.47
C HIS B 50 -92.28 -58.04 17.56
N HIS B 51 -92.45 -59.32 17.24
CA HIS B 51 -92.29 -60.35 18.22
C HIS B 51 -90.87 -60.44 18.70
N ALA B 52 -90.67 -60.97 19.90
CA ALA B 52 -89.35 -61.03 20.49
C ALA B 52 -88.40 -61.85 19.62
N ASP B 53 -88.90 -62.97 19.06
CA ASP B 53 -88.06 -63.82 18.27
C ASP B 53 -87.64 -63.13 16.97
N PHE B 54 -88.59 -62.61 16.23
CA PHE B 54 -88.28 -61.93 14.98
C PHE B 54 -87.42 -60.72 15.20
N GLN B 55 -87.60 -60.00 16.32
CA GLN B 55 -86.73 -58.87 16.61
C GLN B 55 -85.34 -59.31 16.95
N GLN B 56 -85.19 -60.46 17.60
CA GLN B 56 -83.86 -60.95 17.94
C GLN B 56 -83.10 -61.40 16.72
N LEU B 57 -83.72 -62.25 15.90
CA LEU B 57 -83.06 -62.68 14.67
C LEU B 57 -82.81 -61.52 13.71
N GLU B 58 -83.83 -60.71 13.50
CA GLU B 58 -83.71 -59.52 12.67
C GLU B 58 -82.59 -58.65 13.11
N SER B 59 -82.44 -58.47 14.44
CA SER B 59 -81.36 -57.62 14.94
C SER B 59 -80.02 -58.28 14.75
N ALA B 60 -79.96 -59.59 14.84
CA ALA B 60 -78.69 -60.31 14.62
C ALA B 60 -78.22 -60.17 13.18
N TRP B 61 -79.04 -60.58 12.25
CA TRP B 61 -78.67 -60.50 10.83
C TRP B 61 -78.55 -59.08 10.35
N ARG B 62 -79.31 -58.17 10.93
CA ARG B 62 -79.24 -56.76 10.55
C ARG B 62 -77.96 -56.14 11.03
N GLY B 63 -77.53 -56.49 12.23
CA GLY B 63 -76.23 -56.04 12.72
C GLY B 63 -75.08 -56.61 11.92
N LEU B 64 -75.12 -57.89 11.68
CA LEU B 64 -74.09 -58.54 10.84
C LEU B 64 -74.05 -57.93 9.47
N HIS B 65 -75.21 -57.67 8.88
CA HIS B 65 -75.26 -57.01 7.57
C HIS B 65 -74.68 -55.64 7.62
N TYR B 66 -74.94 -54.89 8.68
CA TYR B 66 -74.30 -53.60 8.85
C TYR B 66 -72.83 -53.73 8.88
N LEU B 67 -72.30 -54.71 9.58
CA LEU B 67 -70.84 -54.90 9.65
C LEU B 67 -70.28 -55.25 8.34
N VAL B 68 -70.97 -56.06 7.56
CA VAL B 68 -70.44 -56.56 6.27
C VAL B 68 -70.45 -55.43 5.25
N ASN B 69 -71.58 -54.76 5.08
CA ASN B 69 -71.75 -53.76 4.03
C ASN B 69 -70.91 -52.55 4.27
N ASN B 70 -70.73 -52.16 5.50
CA ASN B 70 -69.94 -50.96 5.85
C ASN B 70 -68.48 -51.21 5.94
N THR B 71 -68.03 -52.43 5.69
CA THR B 71 -66.60 -52.79 5.71
C THR B 71 -66.10 -52.94 4.29
N GLU B 72 -64.91 -52.42 4.01
CA GLU B 72 -64.28 -52.53 2.71
C GLU B 72 -63.38 -53.78 2.78
N THR B 73 -63.85 -54.88 2.22
CA THR B 73 -63.14 -56.14 2.32
C THR B 73 -62.33 -56.44 1.08
N ASP B 74 -61.10 -56.85 1.33
CA ASP B 74 -60.16 -57.22 0.31
C ASP B 74 -59.23 -58.28 0.85
N GLU B 75 -58.03 -58.35 0.28
CA GLU B 75 -57.05 -59.31 0.71
C GLU B 75 -56.70 -59.06 2.16
N GLN B 76 -56.53 -57.80 2.51
CA GLN B 76 -56.22 -57.37 3.87
C GLN B 76 -57.30 -57.55 4.95
N LEU B 77 -58.55 -57.24 4.61
CA LEU B 77 -59.66 -57.32 5.54
C LEU B 77 -60.51 -58.53 5.23
N LYS B 78 -60.78 -59.34 6.22
CA LYS B 78 -61.66 -60.43 6.19
C LYS B 78 -62.62 -60.40 7.36
N ILE B 79 -63.75 -61.04 7.25
CA ILE B 79 -64.73 -61.17 8.26
C ILE B 79 -65.17 -62.62 8.26
N ARG B 80 -64.92 -63.36 9.35
CA ARG B 80 -65.34 -64.70 9.53
C ARG B 80 -66.36 -64.85 10.57
N VAL B 81 -67.49 -65.39 10.28
CA VAL B 81 -68.64 -65.54 11.22
C VAL B 81 -68.70 -66.95 11.75
N LEU B 82 -68.95 -67.13 13.01
CA LEU B 82 -69.32 -68.37 13.64
C LEU B 82 -70.63 -68.31 14.33
N ASN B 83 -71.61 -69.08 13.89
CA ASN B 83 -72.91 -68.98 14.51
C ASN B 83 -72.98 -69.91 15.69
N ILE B 84 -73.04 -69.29 16.86
CA ILE B 84 -73.10 -70.00 18.11
C ILE B 84 -73.91 -69.17 19.08
N SER B 85 -74.96 -69.76 19.63
CA SER B 85 -75.79 -69.04 20.59
C SER B 85 -75.03 -68.85 21.86
N LYS B 86 -75.44 -67.86 22.63
CA LYS B 86 -74.79 -67.58 23.91
C LYS B 86 -74.88 -68.79 24.85
N PRO B 87 -76.01 -69.51 24.96
CA PRO B 87 -76.01 -70.73 25.69
C PRO B 87 -75.05 -71.80 25.23
N GLU B 88 -74.86 -71.91 23.93
CA GLU B 88 -73.89 -72.92 23.40
C GLU B 88 -72.49 -72.51 23.67
N LEU B 89 -72.20 -71.21 23.57
CA LEU B 89 -70.84 -70.73 23.87
C LEU B 89 -70.53 -70.90 25.32
N HIS B 90 -71.45 -70.53 26.21
CA HIS B 90 -71.23 -70.74 27.63
C HIS B 90 -71.15 -72.20 27.97
N LYS B 91 -71.87 -73.05 27.22
CA LYS B 91 -71.83 -74.48 27.49
C LYS B 91 -70.46 -75.06 27.12
N THR B 92 -70.01 -74.85 25.89
CA THR B 92 -68.74 -75.42 25.45
C THR B 92 -67.59 -74.82 26.19
N LEU B 93 -67.68 -73.56 26.58
CA LEU B 93 -66.62 -72.97 27.40
C LEU B 93 -66.73 -73.40 28.84
N LYS B 94 -67.88 -73.91 29.26
CA LYS B 94 -68.01 -74.47 30.60
C LYS B 94 -67.48 -75.90 30.67
N LYS B 95 -67.60 -76.66 29.60
CA LYS B 95 -67.04 -78.03 29.56
C LYS B 95 -65.58 -78.03 29.83
N PHE B 96 -64.87 -77.08 29.28
CA PHE B 96 -63.39 -76.99 29.44
C PHE B 96 -63.10 -75.75 30.24
N LYS B 97 -62.70 -75.93 31.48
CA LYS B 97 -62.41 -74.80 32.36
C LYS B 97 -61.23 -75.23 33.26
N GLY B 98 -60.54 -74.23 33.77
CA GLY B 98 -59.34 -74.55 34.50
C GLY B 98 -58.25 -75.11 33.65
N THR B 99 -57.74 -76.30 33.89
CA THR B 99 -56.65 -76.85 33.14
C THR B 99 -57.05 -77.11 31.69
N THR B 100 -58.28 -77.65 31.50
CA THR B 100 -58.60 -78.14 30.16
C THR B 100 -58.91 -77.01 29.19
N TRP B 101 -58.89 -75.75 29.61
CA TRP B 101 -59.26 -74.65 28.73
C TRP B 101 -58.44 -74.57 27.51
N ASP B 102 -57.18 -75.02 27.56
CA ASP B 102 -56.30 -75.07 26.37
C ASP B 102 -56.87 -75.92 25.30
N GLN B 103 -57.78 -76.84 25.61
CA GLN B 103 -58.48 -77.70 24.66
C GLN B 103 -59.92 -77.32 24.70
N SER B 104 -60.41 -76.70 23.66
CA SER B 104 -61.82 -76.28 23.49
C SER B 104 -62.12 -76.08 22.04
N PRO B 105 -63.35 -76.19 21.63
CA PRO B 105 -63.71 -75.96 20.23
C PRO B 105 -63.37 -74.52 19.83
N ILE B 106 -63.66 -73.59 20.73
CA ILE B 106 -63.45 -72.17 20.54
C ILE B 106 -61.99 -71.83 20.57
N PHE B 107 -61.25 -72.40 21.47
CA PHE B 107 -59.80 -72.16 21.51
C PHE B 107 -59.10 -72.82 20.35
N LYS B 108 -59.54 -74.00 19.95
CA LYS B 108 -58.98 -74.64 18.76
C LYS B 108 -59.13 -73.71 17.56
N LYS B 109 -60.37 -73.27 17.26
CA LYS B 109 -60.64 -72.43 16.14
C LYS B 109 -59.90 -71.14 16.20
N LEU B 110 -59.96 -70.45 17.32
CA LEU B 110 -59.42 -69.10 17.41
C LEU B 110 -57.93 -69.08 17.47
N TYR B 111 -57.32 -70.00 18.21
CA TYR B 111 -55.87 -70.05 18.40
C TYR B 111 -55.09 -71.05 17.62
N GLU B 112 -55.55 -72.29 17.53
CA GLU B 112 -54.76 -73.37 16.99
C GLU B 112 -54.78 -73.20 15.48
N GLU B 113 -55.95 -73.23 14.87
CA GLU B 113 -56.05 -73.25 13.44
C GLU B 113 -55.59 -72.00 12.75
N GLU B 114 -55.35 -70.93 13.47
CA GLU B 114 -55.02 -69.66 12.85
C GLU B 114 -53.79 -69.01 13.46
N TYR B 115 -53.85 -68.59 14.70
CA TYR B 115 -52.70 -67.98 15.33
C TYR B 115 -51.66 -68.97 15.66
N GLY B 116 -52.00 -70.22 15.90
CA GLY B 116 -51.03 -71.26 16.19
C GLY B 116 -50.58 -71.96 14.97
N GLN B 117 -51.38 -71.98 13.92
CA GLN B 117 -51.02 -72.68 12.69
C GLN B 117 -49.89 -72.02 11.91
N PHE B 118 -49.10 -72.81 11.17
CA PHE B 118 -48.04 -72.22 10.36
C PHE B 118 -48.64 -71.64 9.08
N GLY B 119 -48.43 -70.34 8.87
CA GLY B 119 -49.01 -69.68 7.71
C GLY B 119 -50.51 -69.47 7.80
N GLY B 120 -51.02 -69.15 8.99
CA GLY B 120 -52.43 -68.92 9.19
C GLY B 120 -52.73 -67.44 9.38
N GLU B 121 -53.94 -67.16 9.84
CA GLU B 121 -54.37 -65.79 10.06
C GLU B 121 -54.51 -65.51 11.55
N PRO B 122 -53.70 -64.62 12.12
CA PRO B 122 -53.72 -64.40 13.58
C PRO B 122 -55.03 -63.89 14.13
N TYR B 123 -56.04 -63.64 13.29
CA TYR B 123 -57.44 -63.39 13.63
C TYR B 123 -57.78 -62.00 14.16
N GLY B 124 -56.79 -61.12 14.33
CA GLY B 124 -57.11 -59.71 14.55
C GLY B 124 -57.99 -59.45 15.76
N CYS B 125 -59.16 -58.88 15.53
CA CYS B 125 -60.13 -58.56 16.57
C CYS B 125 -61.32 -59.50 16.48
N LEU B 126 -61.97 -59.71 17.63
CA LEU B 126 -63.12 -60.59 17.73
C LEU B 126 -64.33 -59.78 18.18
N VAL B 127 -65.51 -60.09 17.64
CA VAL B 127 -66.71 -59.36 18.01
C VAL B 127 -67.75 -60.30 18.56
N GLY B 128 -68.13 -60.09 19.82
CA GLY B 128 -69.10 -60.95 20.45
C GLY B 128 -70.55 -61.01 20.00
N ASP B 129 -71.16 -59.86 19.75
CA ASP B 129 -72.58 -59.75 19.39
C ASP B 129 -73.51 -60.40 20.45
N TYR B 130 -73.17 -60.21 21.73
CA TYR B 130 -73.93 -60.77 22.85
C TYR B 130 -74.12 -59.69 23.90
N TYR B 131 -75.14 -59.87 24.74
CA TYR B 131 -75.41 -58.94 25.82
C TYR B 131 -75.05 -59.58 27.14
N PHE B 132 -74.00 -59.12 27.78
CA PHE B 132 -73.48 -59.70 28.99
C PHE B 132 -73.86 -58.87 30.21
N ASP B 133 -74.51 -59.50 31.20
CA ASP B 133 -74.82 -58.90 32.47
C ASP B 133 -73.90 -59.44 33.54
N GLN B 134 -74.09 -59.03 34.80
CA GLN B 134 -73.26 -59.48 35.90
C GLN B 134 -73.59 -60.90 36.41
N SER B 135 -74.54 -61.59 35.79
CA SER B 135 -74.92 -62.92 36.21
C SER B 135 -73.78 -63.86 36.24
N PRO B 136 -73.85 -64.93 37.05
CA PRO B 136 -72.75 -65.91 37.13
C PRO B 136 -72.37 -66.48 35.75
N PRO B 137 -73.36 -66.91 34.93
CA PRO B 137 -72.97 -67.47 33.66
C PRO B 137 -72.24 -66.48 32.72
N ASP B 138 -72.64 -65.21 32.74
CA ASP B 138 -72.01 -64.23 31.90
C ASP B 138 -70.63 -63.83 32.41
N VAL B 139 -70.43 -63.89 33.73
CA VAL B 139 -69.12 -63.65 34.27
C VAL B 139 -68.19 -64.81 33.92
N GLU B 140 -68.71 -66.03 33.91
CA GLU B 140 -67.91 -67.15 33.46
C GLU B 140 -67.56 -67.04 32.00
N LEU B 141 -68.54 -66.71 31.18
CA LEU B 141 -68.28 -66.58 29.74
C LEU B 141 -67.27 -65.49 29.46
N LEU B 142 -67.37 -64.38 30.13
CA LEU B 142 -66.39 -63.31 29.95
C LEU B 142 -65.03 -63.69 30.46
N GLY B 143 -64.97 -64.45 31.55
CA GLY B 143 -63.67 -64.91 32.03
C GLY B 143 -62.98 -65.80 31.02
N GLU B 144 -63.74 -66.75 30.46
CA GLU B 144 -63.16 -67.68 29.52
C GLU B 144 -62.77 -66.98 28.21
N MET B 145 -63.68 -66.21 27.64
CA MET B 145 -63.37 -65.47 26.41
C MET B 145 -62.24 -64.49 26.64
N ALA B 146 -62.02 -64.05 27.88
CA ALA B 146 -60.87 -63.23 28.17
C ALA B 146 -59.61 -64.05 28.19
N LYS B 147 -59.69 -65.31 28.63
CA LYS B 147 -58.53 -66.21 28.54
C LYS B 147 -58.17 -66.48 27.10
N ILE B 148 -59.12 -66.87 26.28
CA ILE B 148 -58.86 -67.15 24.87
C ILE B 148 -58.35 -65.93 24.17
N SER B 149 -59.13 -64.86 24.19
CA SER B 149 -58.75 -63.61 23.53
C SER B 149 -57.45 -63.09 24.02
N ALA B 150 -57.11 -63.34 25.27
CA ALA B 150 -55.80 -62.94 25.79
C ALA B 150 -54.73 -63.79 25.26
N ALA B 151 -54.98 -65.07 25.03
CA ALA B 151 -53.95 -66.01 24.53
C ALA B 151 -53.64 -65.71 23.09
N MET B 152 -54.66 -65.46 22.27
CA MET B 152 -54.49 -65.22 20.84
C MET B 152 -54.22 -63.77 20.52
N HIS B 153 -54.18 -62.88 21.51
CA HIS B 153 -53.99 -61.43 21.30
C HIS B 153 -55.06 -60.86 20.40
N ALA B 154 -56.32 -61.16 20.68
CA ALA B 154 -57.44 -60.74 19.85
C ALA B 154 -58.52 -60.16 20.73
N PRO B 155 -58.48 -58.81 20.98
CA PRO B 155 -59.46 -58.19 21.83
C PRO B 155 -60.87 -58.59 21.55
N PHE B 156 -61.65 -58.89 22.58
CA PHE B 156 -63.04 -59.30 22.47
C PHE B 156 -63.93 -58.08 22.64
N ILE B 157 -64.88 -57.90 21.73
CA ILE B 157 -65.78 -56.75 21.73
C ILE B 157 -67.21 -57.28 21.73
N SER B 158 -68.02 -56.81 22.64
CA SER B 158 -69.42 -57.18 22.70
C SER B 158 -70.20 -56.06 23.36
N ALA B 159 -71.48 -56.28 23.61
CA ALA B 159 -72.33 -55.26 24.18
C ALA B 159 -72.74 -55.63 25.60
N ALA B 160 -72.82 -54.64 26.45
CA ALA B 160 -73.21 -54.80 27.83
C ALA B 160 -74.71 -54.66 27.94
N SER B 161 -75.35 -55.67 28.55
CA SER B 161 -76.79 -55.70 28.67
C SER B 161 -77.26 -54.55 29.51
N PRO B 162 -78.53 -54.09 29.31
CA PRO B 162 -79.08 -53.11 30.21
C PRO B 162 -79.24 -53.63 31.64
N THR B 163 -79.19 -54.94 31.85
CA THR B 163 -79.31 -55.54 33.15
C THR B 163 -78.06 -55.45 33.99
N VAL B 164 -76.96 -55.00 33.44
CA VAL B 164 -75.75 -54.82 34.25
C VAL B 164 -76.00 -53.74 35.30
N MET B 165 -76.75 -52.72 34.96
CA MET B 165 -77.06 -51.63 35.85
C MET B 165 -78.25 -51.93 36.75
N GLY B 166 -78.83 -53.12 36.68
CA GLY B 166 -80.04 -53.40 37.37
C GLY B 166 -81.12 -52.48 36.80
N MET B 167 -81.26 -52.55 35.46
CA MET B 167 -82.06 -51.58 34.75
C MET B 167 -82.98 -52.26 33.79
N GLY B 168 -82.47 -52.90 32.77
CA GLY B 168 -83.27 -53.62 31.80
C GLY B 168 -83.86 -52.77 30.73
N SER B 169 -83.41 -51.51 30.57
CA SER B 169 -83.95 -50.63 29.55
C SER B 169 -82.83 -49.99 28.75
N TRP B 170 -81.96 -49.22 29.46
CA TRP B 170 -81.08 -48.20 28.90
C TRP B 170 -81.88 -46.96 28.63
N GLN B 171 -83.19 -46.98 28.93
CA GLN B 171 -83.98 -45.78 28.92
C GLN B 171 -83.92 -45.16 30.28
N GLU B 172 -83.54 -45.93 31.31
CA GLU B 172 -83.44 -45.48 32.67
C GLU B 172 -82.04 -45.04 33.05
N LEU B 173 -81.11 -45.02 32.11
CA LEU B 173 -79.71 -44.72 32.42
C LEU B 173 -79.57 -43.38 33.07
N SER B 174 -80.49 -42.46 32.84
CA SER B 174 -80.40 -41.13 33.47
C SER B 174 -80.95 -41.10 34.88
N ASN B 175 -81.65 -42.15 35.32
CA ASN B 175 -82.27 -42.12 36.64
C ASN B 175 -81.26 -42.18 37.77
N PRO B 176 -80.30 -43.12 37.83
CA PRO B 176 -79.42 -43.21 38.96
C PRO B 176 -78.52 -41.96 39.10
N ARG B 177 -78.25 -41.57 40.34
CA ARG B 177 -77.40 -40.49 40.62
C ARG B 177 -75.94 -40.80 40.44
N ASP B 178 -75.54 -41.99 40.81
CA ASP B 178 -74.14 -42.44 40.77
C ASP B 178 -74.14 -43.85 40.24
N LEU B 179 -73.43 -44.08 39.12
CA LEU B 179 -73.29 -45.43 38.60
C LEU B 179 -72.22 -46.21 39.33
N THR B 180 -71.19 -45.54 39.83
CA THR B 180 -70.14 -46.24 40.59
C THR B 180 -70.65 -46.90 41.82
N LYS B 181 -71.76 -46.44 42.38
CA LYS B 181 -72.38 -47.08 43.53
C LYS B 181 -73.07 -48.35 43.17
N ILE B 182 -73.49 -48.53 41.92
CA ILE B 182 -74.22 -49.73 41.52
C ILE B 182 -73.37 -50.94 41.68
N PHE B 183 -72.08 -50.85 41.32
CA PHE B 183 -71.19 -52.00 41.25
C PHE B 183 -70.56 -52.33 42.56
N THR B 184 -70.90 -51.63 43.64
CA THR B 184 -70.35 -51.92 44.96
C THR B 184 -70.99 -53.11 45.62
N THR B 185 -72.27 -53.35 45.39
CA THR B 185 -73.02 -54.38 46.11
C THR B 185 -72.39 -55.74 45.94
N PRO B 186 -72.65 -56.67 46.85
CA PRO B 186 -72.12 -58.03 46.69
C PRO B 186 -72.70 -58.78 45.51
N GLU B 187 -73.74 -58.25 44.90
CA GLU B 187 -74.34 -58.88 43.74
C GLU B 187 -73.31 -58.93 42.62
N TYR B 188 -72.49 -57.89 42.54
CA TYR B 188 -71.47 -57.77 41.51
C TYR B 188 -70.12 -58.37 41.89
N ALA B 189 -70.04 -59.02 43.04
CA ALA B 189 -68.77 -59.61 43.48
C ALA B 189 -68.06 -60.33 42.33
N GLY B 190 -68.77 -61.09 41.54
CA GLY B 190 -68.21 -61.75 40.39
C GLY B 190 -67.73 -60.77 39.33
N TRP B 191 -68.49 -59.71 39.12
CA TRP B 191 -68.11 -58.69 38.15
C TRP B 191 -66.83 -57.99 38.57
N ARG B 192 -66.77 -57.50 39.79
CA ARG B 192 -65.57 -56.87 40.29
C ARG B 192 -64.40 -57.80 40.23
N SER B 193 -64.61 -59.08 40.58
CA SER B 193 -63.52 -60.04 40.48
C SER B 193 -63.07 -60.23 39.05
N LEU B 194 -63.97 -60.06 38.10
CA LEU B 194 -63.60 -60.13 36.68
C LEU B 194 -62.82 -58.93 36.25
N ARG B 195 -63.25 -57.74 36.59
CA ARG B 195 -62.55 -56.52 36.18
C ARG B 195 -61.17 -56.45 36.78
N GLU B 196 -60.97 -57.00 37.98
CA GLU B 196 -59.65 -56.97 38.59
C GLU B 196 -58.68 -57.88 37.85
N SER B 197 -59.17 -58.85 37.06
CA SER B 197 -58.31 -59.77 36.37
C SER B 197 -57.41 -59.09 35.39
N GLU B 198 -56.29 -59.73 35.08
CA GLU B 198 -55.35 -59.17 34.12
C GLU B 198 -55.69 -59.55 32.68
N ASP B 199 -56.60 -60.50 32.51
CA ASP B 199 -57.02 -60.96 31.19
C ASP B 199 -58.25 -60.23 30.69
N SER B 200 -58.82 -59.36 31.52
CA SER B 200 -60.03 -58.65 31.17
C SER B 200 -59.79 -57.42 30.36
N ARG B 201 -58.56 -56.95 30.24
CA ARG B 201 -58.24 -55.83 29.38
C ARG B 201 -58.48 -56.15 27.92
N TYR B 202 -58.75 -57.40 27.57
CA TYR B 202 -59.07 -57.81 26.22
C TYR B 202 -60.55 -57.82 25.95
N ILE B 203 -61.34 -57.31 26.88
CA ILE B 203 -62.76 -57.27 26.63
C ILE B 203 -63.36 -55.88 26.71
N GLY B 204 -63.85 -55.40 25.58
CA GLY B 204 -64.60 -54.16 25.54
C GLY B 204 -66.09 -54.43 25.60
N LEU B 205 -66.85 -53.45 26.07
CA LEU B 205 -68.30 -53.55 26.16
C LEU B 205 -68.91 -52.22 25.72
N THR B 206 -69.78 -52.27 24.72
CA THR B 206 -70.49 -51.07 24.25
C THR B 206 -71.96 -51.21 24.66
N MET B 207 -72.38 -50.44 25.67
CA MET B 207 -73.69 -50.65 26.25
C MET B 207 -74.84 -50.28 25.32
N PRO B 208 -74.95 -49.02 24.90
CA PRO B 208 -76.06 -48.64 24.02
C PRO B 208 -76.00 -49.28 22.63
N ARG B 209 -77.14 -49.71 22.10
CA ARG B 209 -77.17 -50.29 20.77
C ARG B 209 -77.86 -49.34 19.80
N PHE B 210 -77.19 -49.10 18.69
CA PHE B 210 -77.69 -48.17 17.70
C PHE B 210 -78.85 -48.70 16.92
N LEU B 211 -79.60 -47.82 16.32
CA LEU B 211 -80.79 -48.18 15.55
C LEU B 211 -80.40 -48.82 14.23
N ALA B 212 -80.97 -49.98 13.94
CA ALA B 212 -80.60 -50.75 12.76
C ALA B 212 -81.19 -50.19 11.50
N ARG B 213 -82.47 -49.93 11.47
CA ARG B 213 -83.17 -49.45 10.25
C ARG B 213 -84.26 -48.49 10.63
N LEU B 214 -84.68 -47.71 9.67
CA LEU B 214 -85.75 -46.75 9.86
C LEU B 214 -87.10 -47.44 9.76
N PRO B 215 -88.04 -47.13 10.66
CA PRO B 215 -89.32 -47.82 10.66
C PRO B 215 -90.07 -47.69 9.36
N TYR B 216 -90.59 -48.79 8.85
CA TYR B 216 -91.36 -48.77 7.59
C TYR B 216 -92.59 -47.94 7.70
N GLY B 217 -92.95 -47.29 6.62
CA GLY B 217 -94.11 -46.36 6.63
C GLY B 217 -94.07 -45.51 5.42
N ALA B 218 -95.19 -44.85 5.13
CA ALA B 218 -95.24 -44.04 3.92
C ALA B 218 -94.24 -42.89 3.97
N LYS B 219 -94.19 -42.21 5.11
CA LYS B 219 -93.27 -41.09 5.28
C LYS B 219 -91.81 -41.52 5.23
N THR B 220 -91.52 -42.64 5.88
CA THR B 220 -90.16 -43.17 5.91
C THR B 220 -90.08 -44.63 5.48
N ASP B 221 -89.16 -44.92 4.56
CA ASP B 221 -88.94 -46.30 4.11
C ASP B 221 -90.18 -47.06 3.63
N PRO B 222 -90.96 -46.47 2.73
CA PRO B 222 -92.17 -47.15 2.26
C PRO B 222 -91.85 -48.51 1.65
N VAL B 223 -92.68 -49.49 1.96
CA VAL B 223 -92.48 -50.87 1.53
C VAL B 223 -92.69 -51.05 0.03
N GLU B 224 -93.74 -50.39 -0.47
CA GLU B 224 -94.18 -50.35 -1.88
C GLU B 224 -94.83 -51.62 -2.41
N GLU B 225 -95.10 -52.58 -1.52
CA GLU B 225 -95.76 -53.82 -1.92
C GLU B 225 -97.25 -53.65 -1.63
N PHE B 226 -97.54 -53.07 -0.47
CA PHE B 226 -98.88 -52.77 0.00
C PHE B 226 -98.80 -51.62 1.01
N ALA B 227 -99.90 -50.91 1.23
CA ALA B 227 -99.81 -49.80 2.18
C ALA B 227 -99.50 -50.34 3.56
N PHE B 228 -98.35 -49.98 4.13
CA PHE B 228 -97.96 -50.53 5.44
C PHE B 228 -97.56 -49.51 6.51
N GLU B 229 -98.03 -49.72 7.73
CA GLU B 229 -97.70 -48.88 8.87
C GLU B 229 -97.02 -49.75 9.92
N GLU B 230 -95.90 -49.29 10.45
CA GLU B 230 -95.14 -50.05 11.43
C GLU B 230 -95.50 -49.69 12.87
N GLU B 231 -96.55 -48.88 13.07
CA GLU B 231 -96.89 -48.40 14.41
C GLU B 231 -95.69 -47.62 14.95
N THR B 232 -95.01 -48.18 15.95
CA THR B 232 -93.79 -47.62 16.54
C THR B 232 -93.98 -46.15 16.93
N ASP B 233 -94.99 -45.94 17.76
CA ASP B 233 -95.21 -44.62 18.36
C ASP B 233 -94.03 -44.27 19.26
N GLY B 234 -93.92 -42.99 19.58
CA GLY B 234 -92.72 -42.42 20.16
C GLY B 234 -92.10 -43.18 21.32
N ALA B 235 -90.80 -43.42 21.21
CA ALA B 235 -89.99 -44.14 22.20
C ALA B 235 -90.54 -45.53 22.50
N ASP B 236 -90.48 -45.93 23.77
CA ASP B 236 -90.86 -47.23 24.30
C ASP B 236 -89.85 -48.31 23.91
N SER B 237 -89.03 -48.03 22.89
CA SER B 237 -87.84 -48.77 22.50
C SER B 237 -88.10 -50.19 22.07
N SER B 238 -89.30 -50.74 22.30
CA SER B 238 -89.58 -52.13 21.94
C SER B 238 -90.00 -52.29 20.48
N LYS B 239 -90.51 -51.24 19.86
CA LYS B 239 -90.97 -51.31 18.48
C LYS B 239 -89.83 -51.20 17.47
N TYR B 240 -88.81 -50.42 17.79
CA TYR B 240 -87.67 -50.20 16.88
C TYR B 240 -86.71 -51.38 16.72
N ALA B 241 -86.07 -51.47 15.56
CA ALA B 241 -85.08 -52.50 15.31
C ALA B 241 -83.71 -52.05 15.72
N TRP B 242 -83.16 -52.62 16.78
CA TRP B 242 -81.93 -52.19 17.40
C TRP B 242 -80.81 -53.14 17.08
N ALA B 243 -79.80 -52.67 16.34
CA ALA B 243 -78.63 -53.44 16.06
C ALA B 243 -77.62 -53.30 17.17
N ASN B 244 -76.90 -54.39 17.46
CA ASN B 244 -75.85 -54.35 18.47
C ASN B 244 -74.81 -53.35 18.14
N SER B 245 -74.35 -52.61 19.11
CA SER B 245 -73.32 -51.59 18.85
C SER B 245 -71.93 -52.12 18.93
N ALA B 246 -71.73 -53.38 19.23
CA ALA B 246 -70.43 -54.00 19.00
C ALA B 246 -70.09 -53.96 17.56
N TYR B 247 -71.06 -53.92 16.67
CA TYR B 247 -70.81 -53.87 15.22
C TYR B 247 -70.40 -52.51 14.78
N ALA B 248 -70.87 -51.47 15.41
CA ALA B 248 -70.37 -50.10 15.09
C ALA B 248 -68.96 -49.95 15.51
N MET B 249 -68.59 -50.47 16.67
CA MET B 249 -67.17 -50.50 17.09
C MET B 249 -66.40 -51.32 16.13
N ALA B 250 -66.94 -52.45 15.67
CA ALA B 250 -66.24 -53.31 14.71
C ALA B 250 -66.00 -52.58 13.43
N VAL B 251 -67.00 -51.95 12.86
CA VAL B 251 -66.86 -51.11 11.65
C VAL B 251 -65.81 -50.07 11.87
N ASN B 252 -65.72 -49.51 13.07
CA ASN B 252 -64.67 -48.52 13.35
C ASN B 252 -63.32 -49.15 13.34
N ILE B 253 -63.20 -50.38 13.80
CA ILE B 253 -61.90 -51.08 13.84
C ILE B 253 -61.47 -51.40 12.41
N ASN B 254 -62.35 -52.01 11.63
CA ASN B 254 -62.05 -52.30 10.25
C ASN B 254 -61.72 -51.05 9.47
N ARG B 255 -62.45 -49.98 9.69
CA ARG B 255 -62.13 -48.70 9.05
C ARG B 255 -60.78 -48.23 9.41
N SER B 256 -60.47 -48.24 10.69
CA SER B 256 -59.14 -47.79 11.18
C SER B 256 -58.06 -48.58 10.50
N PHE B 257 -58.21 -49.91 10.40
CA PHE B 257 -57.19 -50.71 9.77
C PHE B 257 -57.10 -50.41 8.30
N LYS B 258 -58.22 -50.38 7.58
CA LYS B 258 -58.21 -50.11 6.14
C LYS B 258 -57.51 -48.84 5.84
N LEU B 259 -57.83 -47.75 6.53
CA LEU B 259 -57.20 -46.46 6.24
C LEU B 259 -55.76 -46.41 6.69
N TYR B 260 -55.52 -46.64 7.97
CA TYR B 260 -54.22 -46.39 8.59
C TYR B 260 -53.35 -47.60 8.74
N GLY B 261 -53.83 -48.78 8.38
CA GLY B 261 -53.08 -50.00 8.61
C GLY B 261 -53.06 -50.50 10.01
N TRP B 262 -53.55 -49.74 10.94
CA TRP B 262 -53.61 -50.11 12.37
C TRP B 262 -54.96 -49.75 12.93
N CYS B 263 -55.28 -50.44 14.02
CA CYS B 263 -56.52 -50.20 14.76
C CYS B 263 -56.35 -49.11 15.80
N SER B 264 -55.27 -48.35 15.71
CA SER B 264 -54.96 -47.36 16.73
C SER B 264 -56.04 -46.30 16.94
N ARG B 265 -56.62 -45.77 15.88
CA ARG B 265 -57.68 -44.78 16.08
C ARG B 265 -59.05 -45.36 15.78
N ILE B 266 -59.73 -45.78 16.84
CA ILE B 266 -61.07 -46.32 16.75
C ILE B 266 -62.00 -45.56 17.68
N ARG B 267 -61.52 -44.44 18.21
CA ARG B 267 -62.30 -43.67 19.16
C ARG B 267 -62.39 -42.19 18.79
N GLY B 268 -62.99 -41.38 19.63
CA GLY B 268 -63.03 -39.95 19.46
C GLY B 268 -64.07 -39.52 18.46
N VAL B 269 -64.50 -38.26 18.54
CA VAL B 269 -65.46 -37.72 17.61
C VAL B 269 -64.79 -37.52 16.23
N GLU B 270 -63.71 -36.74 16.21
CA GLU B 270 -62.98 -36.47 14.97
C GLU B 270 -61.75 -37.35 14.75
N SER B 271 -61.48 -38.26 15.68
CA SER B 271 -60.32 -39.14 15.57
C SER B 271 -60.64 -40.47 14.99
N GLY B 272 -61.83 -40.68 14.49
CA GLY B 272 -62.20 -41.93 13.82
C GLY B 272 -63.12 -42.84 14.59
N GLY B 273 -63.71 -42.40 15.67
CA GLY B 273 -64.67 -43.20 16.39
C GLY B 273 -66.09 -42.79 16.09
N GLU B 274 -66.32 -42.17 14.95
CA GLU B 274 -67.65 -41.68 14.58
C GLU B 274 -68.49 -42.75 13.94
N VAL B 275 -69.75 -42.79 14.30
CA VAL B 275 -70.76 -43.67 13.68
C VAL B 275 -71.77 -42.73 12.98
N GLN B 276 -71.71 -42.69 11.65
CA GLN B 276 -72.49 -41.75 10.88
C GLN B 276 -73.68 -42.39 10.22
N GLY B 277 -74.51 -41.58 9.59
CA GLY B 277 -75.62 -42.12 8.79
C GLY B 277 -76.63 -42.87 9.58
N LEU B 278 -76.72 -42.68 10.87
CA LEU B 278 -77.67 -43.39 11.70
C LEU B 278 -79.08 -43.03 11.32
N PRO B 279 -80.00 -44.01 11.27
CA PRO B 279 -81.40 -43.69 10.96
C PRO B 279 -81.97 -42.74 11.94
N ALA B 280 -82.55 -41.65 11.45
CA ALA B 280 -83.16 -40.62 12.30
C ALA B 280 -84.65 -40.65 12.04
N HIS B 281 -85.45 -41.15 12.98
CA HIS B 281 -86.90 -41.25 12.84
C HIS B 281 -87.53 -40.03 13.50
N THR B 282 -88.11 -39.16 12.68
CA THR B 282 -88.73 -37.94 13.18
C THR B 282 -90.24 -38.09 13.21
N PHE B 283 -90.84 -37.92 14.38
CA PHE B 283 -92.27 -38.01 14.54
C PHE B 283 -92.81 -36.72 15.15
N PRO B 284 -93.98 -36.28 14.74
CA PRO B 284 -94.54 -35.04 15.30
C PRO B 284 -95.00 -35.23 16.74
N THR B 285 -94.82 -34.18 17.54
CA THR B 285 -95.31 -34.19 18.91
C THR B 285 -96.17 -32.95 19.15
N ASP B 286 -96.59 -32.72 20.39
CA ASP B 286 -97.47 -31.59 20.68
C ASP B 286 -96.78 -30.27 20.41
N ASP B 287 -97.60 -29.23 20.21
CA ASP B 287 -97.12 -27.87 19.94
C ASP B 287 -96.27 -27.83 18.68
N GLY B 288 -95.01 -27.37 18.81
CA GLY B 288 -94.17 -27.20 17.64
C GLY B 288 -93.87 -28.50 16.92
N GLY B 289 -93.89 -29.61 17.63
CA GLY B 289 -93.62 -30.89 17.04
C GLY B 289 -92.17 -31.06 16.62
N VAL B 290 -91.97 -32.02 15.72
CA VAL B 290 -90.67 -32.28 15.12
C VAL B 290 -89.63 -32.60 16.18
N ASP B 291 -89.74 -33.77 16.79
CA ASP B 291 -88.70 -34.32 17.65
C ASP B 291 -88.40 -35.74 17.17
N MET B 292 -87.12 -36.07 17.09
CA MET B 292 -86.71 -37.33 16.49
C MET B 292 -86.28 -38.35 17.55
N LYS B 293 -86.54 -39.61 17.26
CA LYS B 293 -86.08 -40.69 18.11
C LYS B 293 -84.55 -40.76 18.10
N CYS B 294 -83.97 -40.86 19.28
CA CYS B 294 -82.53 -40.92 19.40
C CYS B 294 -82.01 -42.19 18.75
N PRO B 295 -80.97 -42.13 17.90
CA PRO B 295 -80.49 -43.33 17.20
C PRO B 295 -79.90 -44.37 18.16
N THR B 296 -79.04 -43.94 19.10
CA THR B 296 -78.71 -44.78 20.22
C THR B 296 -79.85 -44.67 21.25
N GLU B 297 -80.03 -45.70 22.06
CA GLU B 297 -81.24 -45.83 22.86
C GLU B 297 -81.51 -44.65 23.72
N ILE B 298 -80.47 -43.97 24.20
CA ILE B 298 -80.66 -42.80 25.08
C ILE B 298 -79.45 -41.90 24.95
N ALA B 299 -79.66 -40.63 25.22
CA ALA B 299 -78.61 -39.63 25.22
C ALA B 299 -77.81 -39.72 26.47
N ILE B 300 -76.49 -39.69 26.35
CA ILE B 300 -75.59 -39.86 27.51
C ILE B 300 -74.86 -38.52 27.61
N SER B 301 -74.98 -37.88 28.76
CA SER B 301 -74.21 -36.69 29.05
C SER B 301 -72.77 -36.95 29.28
N ASP B 302 -71.92 -35.94 29.15
CA ASP B 302 -70.50 -36.10 29.34
C ASP B 302 -70.17 -36.67 30.71
N ARG B 303 -70.96 -36.30 31.72
CA ARG B 303 -70.80 -36.86 33.08
C ARG B 303 -71.13 -38.35 33.13
N ARG B 304 -72.26 -38.73 32.54
CA ARG B 304 -72.60 -40.14 32.38
C ARG B 304 -71.56 -40.85 31.55
N GLU B 305 -71.06 -40.23 30.50
CA GLU B 305 -70.06 -40.86 29.65
C GLU B 305 -68.82 -41.18 30.43
N ALA B 306 -68.24 -40.20 31.09
CA ALA B 306 -67.03 -40.45 31.87
C ALA B 306 -67.29 -41.44 32.97
N GLU B 307 -68.48 -41.41 33.54
CA GLU B 307 -68.82 -42.34 34.63
C GLU B 307 -68.96 -43.76 34.14
N LEU B 308 -69.35 -43.95 32.90
CA LEU B 308 -69.41 -45.28 32.30
C LEU B 308 -68.02 -45.74 31.87
N ALA B 309 -67.21 -44.84 31.32
CA ALA B 309 -65.86 -45.20 30.95
C ALA B 309 -65.02 -45.51 32.16
N LYS B 310 -65.36 -44.99 33.32
CA LYS B 310 -64.69 -45.39 34.55
C LYS B 310 -65.05 -46.77 34.96
N ASN B 311 -66.25 -47.21 34.63
CA ASN B 311 -66.75 -48.55 34.99
C ASN B 311 -66.42 -49.57 33.96
N GLY B 312 -65.62 -49.25 32.95
CA GLY B 312 -65.19 -50.22 31.98
C GLY B 312 -66.21 -50.51 30.92
N PHE B 313 -66.87 -49.47 30.38
CA PHE B 313 -67.78 -49.59 29.27
C PHE B 313 -67.28 -48.70 28.15
N MET B 314 -67.82 -48.93 26.95
CA MET B 314 -67.55 -48.13 25.79
C MET B 314 -68.88 -47.52 25.35
N PRO B 315 -69.25 -46.36 25.88
CA PRO B 315 -70.54 -45.80 25.54
C PRO B 315 -70.57 -45.31 24.11
N LEU B 316 -71.64 -45.54 23.40
CA LEU B 316 -71.91 -44.89 22.14
C LEU B 316 -72.90 -43.79 22.40
N LEU B 317 -72.46 -42.55 22.38
CA LEU B 317 -73.33 -41.43 22.67
C LEU B 317 -73.70 -40.70 21.43
N HIS B 318 -74.96 -40.29 21.35
CA HIS B 318 -75.49 -39.63 20.17
C HIS B 318 -75.47 -38.11 20.26
N LYS B 319 -74.92 -37.48 19.23
CA LYS B 319 -74.85 -36.03 19.18
C LYS B 319 -76.27 -35.51 19.06
N LYS B 320 -76.62 -34.48 19.83
CA LYS B 320 -77.98 -33.96 19.82
C LYS B 320 -78.43 -33.34 18.50
N ASN B 321 -79.68 -33.61 18.12
CA ASN B 321 -80.27 -33.05 16.90
C ASN B 321 -79.55 -33.39 15.62
N THR B 322 -78.86 -34.52 15.58
CA THR B 322 -78.10 -34.96 14.42
C THR B 322 -78.09 -36.48 14.39
N ASP B 323 -77.92 -37.04 13.20
CA ASP B 323 -77.81 -38.46 13.06
C ASP B 323 -76.39 -38.98 13.39
N PHE B 324 -75.47 -38.11 13.64
CA PHE B 324 -74.11 -38.44 14.03
C PHE B 324 -74.08 -39.04 15.41
N ALA B 325 -73.11 -39.90 15.65
CA ALA B 325 -72.85 -40.50 16.99
C ALA B 325 -71.42 -40.94 17.02
N ALA B 326 -70.85 -41.12 18.21
CA ALA B 326 -69.44 -41.41 18.33
C ALA B 326 -69.13 -42.17 19.59
N PHE B 327 -67.99 -42.84 19.60
CA PHE B 327 -67.35 -43.42 20.77
C PHE B 327 -66.32 -42.45 21.27
N ILE B 328 -66.55 -41.87 22.45
CA ILE B 328 -65.63 -40.85 22.97
C ILE B 328 -64.33 -41.48 23.40
N GLY B 329 -64.39 -42.66 23.98
CA GLY B 329 -63.18 -43.37 24.39
C GLY B 329 -63.48 -44.85 24.39
N ALA B 330 -62.39 -45.61 24.21
CA ALA B 330 -62.45 -47.08 24.25
C ALA B 330 -61.70 -47.54 25.47
N GLN B 331 -62.42 -48.01 26.47
CA GLN B 331 -61.84 -48.50 27.72
C GLN B 331 -62.26 -49.93 27.86
N SER B 332 -61.29 -50.81 28.10
CA SER B 332 -61.59 -52.22 28.23
C SER B 332 -62.30 -52.49 29.54
N LEU B 333 -62.67 -53.72 29.80
CA LEU B 333 -63.36 -54.07 31.03
C LEU B 333 -62.48 -54.00 32.22
N GLN B 334 -61.17 -54.04 32.01
CA GLN B 334 -60.27 -54.04 33.14
C GLN B 334 -60.16 -52.72 33.91
N LYS B 335 -60.27 -52.82 35.23
CA LYS B 335 -60.07 -51.68 36.11
C LYS B 335 -58.60 -51.56 36.42
N PRO B 336 -57.90 -50.57 35.88
CA PRO B 336 -56.45 -50.48 36.10
C PRO B 336 -56.12 -50.18 37.55
N ALA B 337 -55.22 -50.90 38.14
CA ALA B 337 -54.89 -50.72 39.54
C ALA B 337 -53.95 -49.56 39.74
N GLU B 338 -54.13 -48.83 40.83
CA GLU B 338 -53.26 -47.71 41.18
C GLU B 338 -51.93 -48.22 41.73
N TYR B 339 -50.86 -47.45 41.55
CA TYR B 339 -49.56 -47.84 42.05
C TYR B 339 -48.90 -46.66 42.73
N ASP B 340 -47.84 -46.92 43.49
CA ASP B 340 -47.10 -45.86 44.13
C ASP B 340 -46.44 -44.94 43.12
N ASP B 341 -45.64 -45.50 42.23
CA ASP B 341 -44.96 -44.70 41.23
C ASP B 341 -45.96 -44.24 40.18
N PRO B 342 -46.00 -42.98 39.82
CA PRO B 342 -46.92 -42.52 38.78
C PRO B 342 -46.61 -43.14 37.42
N ASP B 343 -45.37 -43.56 37.18
CA ASP B 343 -45.04 -44.22 35.93
C ASP B 343 -45.69 -45.58 35.83
N ALA B 344 -45.67 -46.33 36.92
CA ALA B 344 -46.35 -47.63 36.96
C ALA B 344 -47.84 -47.48 36.84
N THR B 345 -48.40 -46.42 37.38
CA THR B 345 -49.83 -46.16 37.24
C THR B 345 -50.15 -45.80 35.80
N ALA B 346 -49.27 -45.06 35.14
CA ALA B 346 -49.46 -44.74 33.74
C ALA B 346 -49.46 -46.01 32.91
N ASN B 347 -48.42 -46.84 33.06
CA ASN B 347 -48.36 -48.10 32.34
C ASN B 347 -49.53 -48.98 32.64
N ALA B 348 -50.06 -48.90 33.85
CA ALA B 348 -51.24 -49.69 34.20
C ALA B 348 -52.49 -49.15 33.55
N ASN B 349 -52.55 -47.83 33.29
CA ASN B 349 -53.71 -47.27 32.63
C ASN B 349 -53.68 -47.51 31.13
N LEU B 350 -52.50 -47.47 30.53
CA LEU B 350 -52.38 -47.68 29.08
C LEU B 350 -52.87 -49.06 28.68
N ALA B 351 -52.57 -50.07 29.50
CA ALA B 351 -52.96 -51.42 29.21
C ALA B 351 -54.46 -51.62 29.22
N ALA B 352 -55.21 -50.76 29.91
CA ALA B 352 -56.65 -50.92 29.99
C ALA B 352 -57.39 -50.32 28.84
N ARG B 353 -56.71 -49.65 27.91
CA ARG B 353 -57.34 -48.94 26.81
C ARG B 353 -57.13 -49.72 25.52
N LEU B 354 -58.21 -50.06 24.83
CA LEU B 354 -58.19 -50.82 23.63
C LEU B 354 -57.35 -50.22 22.51
N PRO B 355 -57.35 -48.86 22.29
CA PRO B 355 -56.54 -48.32 21.22
C PRO B 355 -55.08 -48.77 21.26
N TYR B 356 -54.50 -48.93 22.45
CA TYR B 356 -53.16 -49.40 22.55
C TYR B 356 -53.05 -50.92 22.46
N LEU B 357 -53.97 -51.64 23.07
CA LEU B 357 -53.94 -53.08 23.01
C LEU B 357 -54.06 -53.60 21.60
N PHE B 358 -54.72 -52.86 20.72
CA PHE B 358 -54.73 -53.25 19.31
C PHE B 358 -53.36 -53.12 18.71
N ALA B 359 -52.61 -52.12 19.10
CA ALA B 359 -51.25 -51.94 18.61
C ALA B 359 -50.39 -53.12 19.06
N THR B 360 -50.36 -53.40 20.37
CA THR B 360 -49.51 -54.48 20.85
C THR B 360 -49.95 -55.84 20.32
N CYS B 361 -51.24 -56.03 20.16
CA CYS B 361 -51.73 -57.27 19.56
C CYS B 361 -51.22 -57.42 18.13
N ARG B 362 -51.27 -56.33 17.36
CA ARG B 362 -50.77 -56.39 15.99
C ARG B 362 -49.29 -56.72 15.98
N PHE B 363 -48.51 -56.10 16.86
CA PHE B 363 -47.09 -56.45 16.96
C PHE B 363 -46.88 -57.90 17.37
N ALA B 364 -47.82 -58.46 18.13
CA ALA B 364 -47.73 -59.87 18.48
C ALA B 364 -47.94 -60.74 17.26
N HIS B 365 -48.89 -60.40 16.42
CA HIS B 365 -49.11 -61.14 15.18
C HIS B 365 -47.89 -61.07 14.29
N TYR B 366 -47.42 -59.85 14.01
CA TYR B 366 -46.24 -59.69 13.19
C TYR B 366 -45.08 -60.49 13.73
N LEU B 367 -44.76 -60.31 15.00
CA LEU B 367 -43.60 -60.99 15.60
C LEU B 367 -43.74 -62.47 15.51
N LYS B 368 -44.94 -62.98 15.74
CA LYS B 368 -45.18 -64.43 15.62
C LYS B 368 -44.83 -64.93 14.23
N CYS B 369 -45.34 -64.29 13.21
CA CYS B 369 -45.12 -64.77 11.85
C CYS B 369 -43.64 -64.63 11.45
N ILE B 370 -43.04 -63.45 11.69
CA ILE B 370 -41.71 -63.20 11.20
C ILE B 370 -40.69 -64.04 11.94
N VAL B 371 -40.86 -64.19 13.26
CA VAL B 371 -39.92 -65.03 14.00
C VAL B 371 -40.12 -66.48 13.65
N ARG B 372 -41.35 -66.91 13.52
CA ARG B 372 -41.62 -68.29 13.08
C ARG B 372 -40.97 -68.58 11.76
N ASP B 373 -40.87 -67.61 10.86
CA ASP B 373 -40.16 -67.81 9.60
C ASP B 373 -38.66 -67.68 9.76
N LYS B 374 -38.18 -67.02 10.82
CA LYS B 374 -36.74 -66.87 11.04
C LYS B 374 -36.14 -68.01 11.84
N ILE B 375 -36.94 -69.00 12.26
CA ILE B 375 -36.42 -70.14 13.00
C ILE B 375 -35.52 -70.96 12.09
N GLY B 376 -34.28 -71.23 12.57
CA GLY B 376 -33.35 -71.98 11.77
C GLY B 376 -32.26 -71.19 11.11
N SER B 377 -32.30 -69.89 11.24
CA SER B 377 -31.25 -69.01 10.73
C SER B 377 -30.18 -68.76 11.76
N PHE B 378 -28.96 -68.64 11.34
CA PHE B 378 -27.84 -68.44 12.27
C PHE B 378 -27.98 -67.12 13.00
N LYS B 379 -28.08 -67.19 14.32
CA LYS B 379 -28.40 -66.03 15.15
C LYS B 379 -27.65 -66.16 16.47
N GLU B 380 -26.99 -65.06 16.86
CA GLU B 380 -26.43 -64.90 18.18
C GLU B 380 -27.30 -63.93 18.97
N LYS B 381 -26.92 -63.67 20.22
CA LYS B 381 -27.64 -62.66 21.00
C LYS B 381 -27.56 -61.31 20.31
N ASP B 382 -26.36 -60.95 19.81
CA ASP B 382 -26.19 -59.67 19.15
C ASP B 382 -26.96 -59.64 17.82
N GLU B 383 -26.98 -60.77 17.09
CA GLU B 383 -27.71 -60.83 15.85
C GLU B 383 -29.21 -60.63 16.08
N MET B 384 -29.76 -61.33 17.06
CA MET B 384 -31.17 -61.13 17.42
C MET B 384 -31.42 -59.71 17.91
N GLN B 385 -30.47 -59.13 18.62
CA GLN B 385 -30.64 -57.74 19.07
C GLN B 385 -30.74 -56.80 17.89
N ARG B 386 -29.89 -56.98 16.88
CA ARG B 386 -29.92 -56.08 15.72
C ARG B 386 -31.14 -56.33 14.88
N TRP B 387 -31.58 -57.58 14.76
CA TRP B 387 -32.72 -57.87 13.90
C TRP B 387 -34.02 -57.44 14.52
N LEU B 388 -34.19 -57.67 15.82
CA LEU B 388 -35.41 -57.21 16.52
C LEU B 388 -35.40 -55.71 16.70
N GLN B 389 -34.23 -55.16 17.07
CA GLN B 389 -34.12 -53.70 17.24
C GLN B 389 -34.38 -52.97 15.95
N ASP B 390 -33.85 -53.45 14.84
CA ASP B 390 -34.08 -52.81 13.56
C ASP B 390 -35.41 -53.22 12.94
N TRP B 391 -36.05 -54.28 13.42
CA TRP B 391 -37.37 -54.61 12.92
C TRP B 391 -38.44 -53.76 13.56
N ILE B 392 -38.36 -53.57 14.88
CA ILE B 392 -39.36 -52.76 15.57
C ILE B 392 -39.23 -51.31 15.23
N LEU B 393 -38.05 -50.90 14.68
CA LEU B 393 -37.75 -49.48 14.53
C LEU B 393 -38.30 -48.89 13.25
N ASN B 394 -38.91 -49.71 12.37
CA ASN B 394 -39.54 -49.17 11.18
C ASN B 394 -41.00 -48.83 11.41
N TYR B 395 -41.56 -49.21 12.55
CA TYR B 395 -42.89 -48.74 12.96
C TYR B 395 -42.84 -47.52 13.86
N VAL B 396 -41.65 -46.96 14.08
CA VAL B 396 -41.46 -45.80 14.93
C VAL B 396 -40.97 -44.66 14.06
N ASP B 397 -41.60 -43.49 14.25
CA ASP B 397 -41.16 -42.27 13.52
C ASP B 397 -40.37 -41.38 14.49
N GLY B 398 -39.06 -41.35 14.35
CA GLY B 398 -38.20 -40.74 15.34
C GLY B 398 -38.07 -39.22 15.19
N ASP B 399 -37.69 -38.79 14.00
CA ASP B 399 -37.53 -37.36 13.69
C ASP B 399 -38.81 -36.51 13.74
N PRO B 400 -39.92 -37.07 13.26
CA PRO B 400 -41.19 -36.32 13.15
C PRO B 400 -42.18 -36.49 14.31
N ALA B 401 -41.78 -37.11 15.40
CA ALA B 401 -42.70 -37.32 16.52
C ALA B 401 -43.55 -36.10 16.97
N HIS B 402 -42.98 -34.91 17.08
CA HIS B 402 -43.83 -33.78 17.47
C HIS B 402 -44.64 -33.23 16.30
N SER B 403 -44.04 -33.21 15.11
CA SER B 403 -44.73 -32.66 13.93
C SER B 403 -45.04 -33.78 12.96
N THR B 404 -46.29 -34.23 13.00
CA THR B 404 -46.87 -35.26 12.11
C THR B 404 -48.40 -35.28 12.30
N GLU B 405 -49.14 -35.85 11.34
CA GLU B 405 -50.60 -35.90 11.58
C GLU B 405 -51.17 -37.30 11.39
N THR B 406 -51.18 -37.78 10.15
CA THR B 406 -51.65 -39.12 9.84
C THR B 406 -50.59 -40.18 10.10
N THR B 407 -49.29 -39.84 9.99
CA THR B 407 -48.27 -40.88 10.18
C THR B 407 -48.25 -41.35 11.65
N LYS B 408 -48.68 -40.49 12.58
CA LYS B 408 -48.79 -40.95 13.96
C LYS B 408 -49.82 -42.06 14.10
N ALA B 409 -50.81 -42.09 13.21
CA ALA B 409 -51.75 -43.20 13.17
C ALA B 409 -51.15 -44.41 12.46
N GLN B 410 -50.32 -44.16 11.43
CA GLN B 410 -49.71 -45.28 10.71
C GLN B 410 -48.51 -45.84 11.45
N HIS B 411 -47.75 -44.99 12.15
CA HIS B 411 -46.70 -45.50 13.02
C HIS B 411 -47.21 -45.40 14.45
N PRO B 412 -47.63 -46.52 15.06
CA PRO B 412 -48.31 -46.43 16.36
C PRO B 412 -47.36 -46.10 17.52
N LEU B 413 -46.04 -46.26 17.35
CA LEU B 413 -45.11 -46.14 18.44
C LEU B 413 -44.30 -44.87 18.35
N ALA B 414 -44.19 -44.14 19.45
CA ALA B 414 -43.30 -43.00 19.53
C ALA B 414 -41.85 -43.43 19.77
N ALA B 415 -41.64 -44.58 20.41
CA ALA B 415 -40.30 -45.11 20.64
C ALA B 415 -40.39 -46.59 20.89
N ALA B 416 -39.27 -47.28 20.77
CA ALA B 416 -39.22 -48.73 20.96
C ALA B 416 -37.89 -49.13 21.54
N GLU B 417 -37.92 -50.08 22.46
CA GLU B 417 -36.71 -50.54 23.15
C GLU B 417 -36.79 -52.03 23.32
N VAL B 418 -35.71 -52.71 23.00
CA VAL B 418 -35.67 -54.19 22.97
C VAL B 418 -34.50 -54.59 23.90
N VAL B 419 -34.79 -55.52 24.82
CA VAL B 419 -33.77 -56.16 25.63
C VAL B 419 -33.81 -57.63 25.34
N VAL B 420 -32.74 -58.16 24.78
CA VAL B 420 -32.64 -59.57 24.39
C VAL B 420 -31.73 -60.25 25.43
N GLU B 421 -32.14 -61.46 25.84
CA GLU B 421 -31.36 -62.25 26.78
C GLU B 421 -31.39 -63.68 26.34
N GLU B 422 -30.22 -64.31 26.25
CA GLU B 422 -30.14 -65.70 25.85
C GLU B 422 -30.45 -66.62 27.03
N VAL B 423 -31.29 -67.63 26.80
CA VAL B 423 -31.65 -68.56 27.85
C VAL B 423 -30.41 -69.40 28.19
N GLU B 424 -30.02 -69.41 29.46
CA GLU B 424 -28.86 -70.18 29.90
C GLU B 424 -29.17 -71.66 29.85
N GLY B 425 -28.16 -72.48 29.59
CA GLY B 425 -28.36 -73.89 29.51
C GLY B 425 -29.12 -74.35 28.27
N ASN B 426 -28.91 -73.67 27.14
CA ASN B 426 -29.62 -73.99 25.91
C ASN B 426 -29.08 -73.07 24.79
N PRO B 427 -28.74 -73.61 23.64
CA PRO B 427 -28.43 -72.77 22.50
C PRO B 427 -29.68 -72.35 21.75
N GLY B 428 -29.55 -71.23 21.01
CA GLY B 428 -30.61 -70.90 20.04
C GLY B 428 -31.93 -70.45 20.63
N TYR B 429 -32.09 -70.48 21.98
CA TYR B 429 -33.30 -70.01 22.61
C TYR B 429 -33.00 -68.70 23.30
N TYR B 430 -33.90 -67.70 23.08
CA TYR B 430 -33.67 -66.36 23.66
C TYR B 430 -34.94 -65.87 24.32
N ASN B 431 -34.79 -64.95 25.25
CA ASN B 431 -35.89 -64.20 25.86
C ASN B 431 -35.75 -62.74 25.51
N SER B 432 -36.84 -62.11 25.10
CA SER B 432 -36.83 -60.71 24.68
C SER B 432 -37.89 -59.94 25.40
N LYS B 433 -37.66 -58.65 25.57
CA LYS B 433 -38.64 -57.71 26.14
C LYS B 433 -38.76 -56.55 25.19
N PHE B 434 -39.97 -56.23 24.77
CA PHE B 434 -40.24 -55.11 23.90
C PHE B 434 -40.91 -54.01 24.71
N PHE B 435 -40.20 -52.90 24.89
CA PHE B 435 -40.75 -51.70 25.51
C PHE B 435 -41.10 -50.74 24.41
N LEU B 436 -42.41 -50.56 24.16
CA LEU B 436 -42.85 -49.69 23.08
C LEU B 436 -43.79 -48.61 23.64
N ARG B 437 -43.43 -47.36 23.40
CA ARG B 437 -44.19 -46.23 23.91
C ARG B 437 -45.17 -45.74 22.85
N PRO B 438 -46.48 -45.91 23.07
CA PRO B 438 -47.45 -45.49 22.07
C PRO B 438 -47.61 -43.99 22.03
N HIS B 439 -48.25 -43.50 20.97
CA HIS B 439 -48.63 -42.09 20.91
C HIS B 439 -49.83 -41.84 21.82
N TYR B 440 -49.67 -40.90 22.77
CA TYR B 440 -50.74 -40.62 23.70
C TYR B 440 -51.94 -40.02 22.97
N GLN B 441 -53.13 -40.22 23.53
CA GLN B 441 -54.36 -39.66 22.99
C GLN B 441 -55.04 -38.80 24.01
N LEU B 442 -55.58 -37.66 23.59
CA LEU B 442 -56.24 -36.75 24.55
C LEU B 442 -57.40 -37.45 25.22
N GLU B 443 -57.37 -37.56 26.53
CA GLU B 443 -58.41 -38.23 27.31
C GLU B 443 -59.37 -37.29 28.02
N GLY B 444 -58.83 -36.26 28.67
CA GLY B 444 -59.67 -35.27 29.33
C GLY B 444 -58.93 -34.00 29.59
N LEU B 445 -59.64 -32.95 29.93
CA LEU B 445 -58.96 -31.67 30.19
C LEU B 445 -59.77 -30.88 31.18
N THR B 446 -59.13 -30.47 32.28
CA THR B 446 -59.77 -29.57 33.24
C THR B 446 -59.18 -28.21 33.02
N VAL B 447 -60.03 -27.20 32.78
CA VAL B 447 -59.57 -25.84 32.52
C VAL B 447 -60.09 -24.94 33.60
N SER B 448 -59.23 -24.13 34.19
CA SER B 448 -59.63 -23.05 35.12
C SER B 448 -59.30 -21.73 34.48
N LEU B 449 -60.30 -20.99 34.11
CA LEU B 449 -60.12 -19.66 33.43
C LEU B 449 -59.96 -18.63 34.56
N ARG B 450 -59.07 -17.67 34.34
CA ARG B 450 -58.82 -16.65 35.37
C ARG B 450 -58.84 -15.26 34.75
N LEU B 451 -59.75 -14.38 35.20
CA LEU B 451 -59.70 -13.00 34.80
C LEU B 451 -58.62 -12.28 35.56
N VAL B 452 -57.62 -11.74 34.87
CA VAL B 452 -56.40 -11.27 35.47
C VAL B 452 -56.12 -9.89 34.94
N SER B 453 -55.78 -8.96 35.87
CA SER B 453 -55.41 -7.61 35.47
C SER B 453 -53.97 -7.55 35.00
N LYS B 454 -53.07 -8.29 35.61
CA LYS B 454 -51.65 -8.27 35.23
C LYS B 454 -51.21 -9.72 35.08
N LEU B 455 -50.82 -10.10 33.86
CA LEU B 455 -50.49 -11.50 33.57
C LEU B 455 -49.46 -12.06 34.53
N PRO B 456 -49.74 -13.16 35.20
CA PRO B 456 -48.79 -13.65 36.24
C PRO B 456 -47.52 -14.19 35.65
N SER B 457 -47.55 -14.69 34.42
CA SER B 457 -46.35 -15.27 33.83
C SER B 457 -45.36 -14.17 33.45
N ALA B 458 -45.78 -13.23 32.60
CA ALA B 458 -44.84 -12.21 32.13
C ALA B 458 -44.96 -10.79 32.74
N LYS B 459 -46.18 -10.23 32.78
CA LYS B 459 -46.37 -8.89 33.26
C LYS B 459 -45.96 -8.74 34.73
N GLU B 460 -46.29 -9.76 35.54
CA GLU B 460 -45.98 -9.76 36.94
C GLU B 460 -44.79 -10.67 37.20
N ALA B 461 -43.63 -10.07 37.51
CA ALA B 461 -42.39 -10.80 37.70
C ALA B 461 -41.32 -9.73 38.11
N THR C 1 36.80 -63.89 -33.93
CA THR C 1 37.70 -64.99 -34.25
C THR C 1 39.13 -64.50 -34.46
N THR C 2 39.52 -63.52 -33.66
CA THR C 2 40.85 -62.89 -33.70
C THR C 2 41.41 -62.55 -35.10
N SER C 3 40.91 -61.45 -35.66
CA SER C 3 41.32 -60.98 -36.99
C SER C 3 42.83 -60.93 -37.18
N SER C 4 43.26 -61.36 -38.36
CA SER C 4 44.70 -61.39 -38.71
C SER C 4 45.39 -60.12 -38.34
N GLN C 5 44.68 -59.01 -38.25
CA GLN C 5 45.27 -57.76 -37.73
C GLN C 5 45.74 -57.94 -36.33
N LYS C 6 45.07 -58.75 -35.53
CA LYS C 6 45.53 -59.09 -34.19
C LYS C 6 46.76 -59.95 -34.24
N PHE C 7 46.86 -60.86 -35.18
CA PHE C 7 48.10 -61.63 -35.35
C PHE C 7 49.25 -60.73 -35.66
N ILE C 8 49.08 -59.78 -36.59
CA ILE C 8 50.13 -58.81 -36.89
C ILE C 8 50.44 -57.97 -35.66
N ALA C 9 49.43 -57.70 -34.84
CA ALA C 9 49.64 -56.84 -33.68
C ALA C 9 50.44 -57.51 -32.62
N ARG C 10 50.07 -58.73 -32.24
CA ARG C 10 50.74 -59.43 -31.15
C ARG C 10 52.00 -60.09 -31.57
N ASN C 11 52.13 -60.49 -32.81
CA ASN C 11 53.28 -61.28 -33.24
C ASN C 11 54.54 -60.54 -33.59
N ARG C 12 54.48 -59.65 -34.55
CA ARG C 12 55.63 -58.71 -34.83
C ARG C 12 54.90 -57.44 -35.23
N ALA C 13 54.98 -56.47 -34.37
CA ALA C 13 54.14 -55.31 -34.50
C ALA C 13 54.89 -54.18 -35.15
N PRO C 14 54.33 -53.56 -36.21
CA PRO C 14 54.88 -52.33 -36.68
C PRO C 14 54.74 -51.25 -35.61
N ARG C 15 55.56 -50.19 -35.70
CA ARG C 15 55.41 -49.08 -34.79
C ARG C 15 54.02 -48.47 -34.92
N VAL C 16 53.49 -48.42 -36.15
CA VAL C 16 52.11 -48.00 -36.39
C VAL C 16 51.31 -49.22 -36.74
N GLN C 17 50.44 -49.67 -35.86
CA GLN C 17 49.61 -50.88 -36.08
C GLN C 17 48.18 -50.46 -36.04
N ILE C 18 47.48 -50.69 -37.15
CA ILE C 18 46.09 -50.20 -37.29
C ILE C 18 45.20 -51.41 -37.47
N GLU C 19 44.29 -51.63 -36.54
CA GLU C 19 43.35 -52.71 -36.56
C GLU C 19 41.94 -52.15 -36.61
N TYR C 20 41.00 -52.96 -37.11
CA TYR C 20 39.60 -52.61 -37.08
C TYR C 20 38.85 -53.61 -36.26
N ASP C 21 38.10 -53.13 -35.26
CA ASP C 21 37.29 -54.02 -34.43
C ASP C 21 35.90 -53.47 -34.32
N VAL C 22 34.92 -54.37 -34.42
CA VAL C 22 33.50 -54.00 -34.35
C VAL C 22 33.24 -53.57 -32.87
N GLU C 23 32.45 -52.49 -32.74
CA GLU C 23 32.11 -52.01 -31.46
C GLU C 23 30.81 -52.56 -30.93
N LEU C 24 30.85 -53.36 -29.88
CA LEU C 24 29.68 -53.89 -29.19
C LEU C 24 29.79 -53.54 -27.73
N TYR C 25 28.94 -52.66 -27.26
CA TYR C 25 28.98 -52.21 -25.87
C TYR C 25 28.75 -53.29 -24.85
N GLY C 26 27.66 -54.03 -25.04
CA GLY C 26 27.31 -55.10 -24.13
C GLY C 26 27.50 -56.51 -24.62
N ALA C 27 27.96 -56.67 -25.86
CA ALA C 27 28.19 -57.98 -26.47
C ALA C 27 26.91 -58.83 -26.35
N GLU C 28 27.04 -60.05 -25.84
CA GLU C 28 25.89 -60.92 -25.63
C GLU C 28 24.96 -61.14 -26.82
N LYS C 29 25.49 -61.73 -27.88
CA LYS C 29 24.73 -62.01 -29.10
C LYS C 29 23.55 -62.97 -28.87
N LYS C 30 22.51 -62.85 -29.70
CA LYS C 30 21.29 -63.65 -29.58
C LYS C 30 21.51 -65.16 -29.73
N VAL C 31 20.66 -65.93 -29.07
CA VAL C 31 20.82 -67.38 -28.97
C VAL C 31 20.33 -68.10 -30.22
N GLN C 32 19.52 -67.47 -31.07
CA GLN C 32 19.00 -68.11 -32.27
C GLN C 32 18.05 -69.22 -31.85
N LEU C 33 18.44 -70.49 -32.10
CA LEU C 33 17.66 -71.65 -31.70
C LEU C 33 16.30 -71.70 -32.38
N PRO C 34 16.25 -72.09 -33.65
CA PRO C 34 14.98 -72.21 -34.35
C PRO C 34 14.03 -73.21 -33.70
N PHE C 35 12.75 -73.08 -34.05
CA PHE C 35 11.70 -73.94 -33.53
C PHE C 35 11.49 -75.10 -34.50
N VAL C 36 11.83 -76.30 -34.08
CA VAL C 36 11.60 -77.51 -34.85
C VAL C 36 10.40 -78.22 -34.25
N MET C 37 9.59 -78.84 -35.10
CA MET C 37 8.45 -79.63 -34.64
C MET C 37 8.59 -81.05 -35.16
N GLY C 38 8.82 -81.99 -34.26
CA GLY C 38 8.95 -83.38 -34.65
C GLY C 38 7.58 -84.01 -34.77
N VAL C 39 7.33 -84.73 -35.85
CA VAL C 39 6.03 -85.34 -36.05
C VAL C 39 6.13 -86.85 -36.16
N MET C 40 5.30 -87.56 -35.42
CA MET C 40 5.28 -89.01 -35.46
C MET C 40 3.95 -89.45 -36.04
N ALA C 41 3.98 -90.35 -37.00
CA ALA C 41 2.73 -90.75 -37.63
C ALA C 41 2.91 -92.14 -38.22
N ASP C 42 1.79 -92.79 -38.52
CA ASP C 42 1.83 -94.10 -39.16
C ASP C 42 1.77 -93.91 -40.66
N LEU C 43 2.88 -94.19 -41.34
CA LEU C 43 3.00 -94.03 -42.77
C LEU C 43 3.53 -95.32 -43.38
N ALA C 44 3.22 -95.53 -44.65
CA ALA C 44 3.56 -96.77 -45.35
C ALA C 44 2.97 -97.99 -44.63
N GLY C 45 1.68 -97.90 -44.34
CA GLY C 45 0.99 -98.97 -43.64
C GLY C 45 0.99 -100.24 -44.45
N LYS C 46 1.34 -101.36 -43.82
CA LYS C 46 1.47 -102.65 -44.48
C LYS C 46 2.46 -102.56 -45.65
N PRO C 47 3.74 -102.36 -45.38
CA PRO C 47 4.71 -102.29 -46.47
C PRO C 47 5.00 -103.67 -47.05
N ALA C 48 5.56 -103.66 -48.26
CA ALA C 48 5.87 -104.91 -48.93
C ALA C 48 7.16 -105.58 -48.47
N GLU C 49 8.07 -104.82 -47.86
CA GLU C 49 9.36 -105.34 -47.45
C GLU C 49 9.40 -105.28 -45.93
N PRO C 50 10.46 -105.80 -45.29
CA PRO C 50 10.63 -105.56 -43.84
C PRO C 50 10.75 -104.09 -43.47
N GLN C 51 10.94 -103.19 -44.44
CA GLN C 51 11.15 -101.77 -44.20
C GLN C 51 12.45 -101.56 -43.42
N ALA C 52 12.38 -100.90 -42.28
CA ALA C 52 13.58 -100.58 -41.52
C ALA C 52 13.33 -100.84 -40.05
N ALA C 53 14.37 -101.30 -39.36
CA ALA C 53 14.28 -101.50 -37.93
C ALA C 53 14.25 -100.15 -37.21
N VAL C 54 13.73 -100.16 -35.99
CA VAL C 54 13.66 -98.96 -35.18
C VAL C 54 15.08 -98.52 -34.81
N ALA C 55 15.22 -97.24 -34.48
CA ALA C 55 16.49 -96.58 -34.18
C ALA C 55 17.29 -96.33 -35.44
N ASP C 56 16.93 -96.99 -36.54
CA ASP C 56 17.47 -96.68 -37.85
C ASP C 56 16.55 -95.80 -38.69
N ARG C 57 15.35 -95.48 -38.20
CA ARG C 57 14.42 -94.66 -38.96
C ARG C 57 14.73 -93.18 -38.85
N LYS C 58 15.16 -92.73 -37.68
CA LYS C 58 15.52 -91.33 -37.50
C LYS C 58 14.31 -90.42 -37.68
N PHE C 59 14.59 -89.13 -37.87
CA PHE C 59 13.57 -88.14 -38.13
C PHE C 59 14.03 -87.46 -39.41
N LEU C 60 13.16 -87.37 -40.40
CA LEU C 60 13.55 -86.77 -41.66
C LEU C 60 12.87 -85.44 -41.86
N GLU C 61 13.65 -84.42 -42.16
CA GLU C 61 13.08 -83.10 -42.36
C GLU C 61 12.15 -83.13 -43.55
N ILE C 62 11.03 -82.44 -43.43
CA ILE C 62 10.00 -82.36 -44.45
C ILE C 62 9.59 -80.90 -44.60
N ASP C 63 9.11 -80.57 -45.79
CA ASP C 63 8.68 -79.24 -46.16
C ASP C 63 7.89 -79.35 -47.44
N VAL C 64 7.51 -78.21 -48.03
CA VAL C 64 6.78 -78.21 -49.27
C VAL C 64 7.67 -78.63 -50.44
N ASP C 65 8.98 -78.56 -50.28
CA ASP C 65 9.90 -78.85 -51.37
C ASP C 65 10.07 -80.35 -51.58
N ASN C 66 10.32 -81.11 -50.52
CA ASN C 66 10.62 -82.53 -50.61
C ASN C 66 9.44 -83.42 -50.33
N PHE C 67 8.25 -82.86 -50.14
CA PHE C 67 7.09 -83.64 -49.70
C PHE C 67 6.86 -84.84 -50.60
N ASP C 68 6.73 -84.61 -51.87
CA ASP C 68 6.56 -85.70 -52.84
C ASP C 68 7.77 -86.62 -52.86
N ALA C 69 8.96 -86.09 -52.64
CA ALA C 69 10.13 -86.93 -52.53
C ALA C 69 10.11 -87.74 -51.26
N ARG C 70 9.43 -87.24 -50.22
CA ARG C 70 9.28 -88.02 -48.99
C ARG C 70 8.26 -89.15 -49.18
N LEU C 71 7.18 -88.92 -49.93
CA LEU C 71 6.29 -90.01 -50.25
C LEU C 71 6.99 -91.03 -51.13
N LYS C 72 7.55 -90.61 -52.26
CA LYS C 72 8.18 -91.55 -53.16
C LYS C 72 9.32 -92.26 -52.53
N ALA C 73 10.03 -91.62 -51.61
CA ALA C 73 11.11 -92.29 -50.89
C ALA C 73 10.55 -93.26 -49.89
N MET C 74 9.46 -92.90 -49.19
CA MET C 74 8.91 -93.75 -48.17
C MET C 74 8.08 -94.88 -48.71
N LYS C 75 7.57 -94.73 -49.93
CA LYS C 75 6.73 -95.72 -50.63
C LYS C 75 5.56 -96.22 -49.78
N PRO C 76 4.63 -95.33 -49.39
CA PRO C 76 3.43 -95.78 -48.77
C PRO C 76 2.55 -96.58 -49.62
N ARG C 77 2.11 -97.76 -49.11
CA ARG C 77 1.31 -98.65 -49.97
C ARG C 77 0.13 -99.19 -49.23
N VAL C 78 -0.81 -99.79 -49.93
CA VAL C 78 -2.00 -100.38 -49.37
C VAL C 78 -2.40 -101.56 -50.16
N ALA C 79 -2.73 -102.66 -49.48
CA ALA C 79 -3.14 -103.90 -50.16
C ALA C 79 -4.30 -104.49 -49.38
N PHE C 80 -5.45 -104.66 -50.04
CA PHE C 80 -6.59 -105.28 -49.43
C PHE C 80 -7.54 -105.80 -50.43
N ASN C 81 -8.44 -106.69 -49.99
CA ASN C 81 -9.51 -107.24 -50.85
C ASN C 81 -10.71 -106.34 -50.77
N VAL C 82 -11.35 -106.15 -51.92
CA VAL C 82 -12.55 -105.29 -51.95
C VAL C 82 -13.56 -105.95 -52.86
N PRO C 83 -14.86 -105.91 -52.54
CA PRO C 83 -15.84 -106.50 -53.43
C PRO C 83 -15.78 -105.91 -54.83
N ASN C 84 -15.93 -106.79 -55.83
CA ASN C 84 -15.82 -106.37 -57.23
C ASN C 84 -17.24 -106.12 -57.72
N VAL C 85 -17.57 -104.86 -57.97
CA VAL C 85 -18.88 -104.53 -58.49
C VAL C 85 -18.92 -104.51 -60.01
N LEU C 86 -17.75 -104.54 -60.66
CA LEU C 86 -17.71 -104.50 -62.11
C LEU C 86 -18.35 -105.69 -62.84
N THR C 87 -18.04 -106.91 -62.42
CA THR C 87 -18.59 -108.10 -63.06
C THR C 87 -18.93 -109.26 -62.10
N GLY C 88 -19.81 -109.02 -61.13
CA GLY C 88 -20.18 -110.06 -60.18
C GLY C 88 -18.93 -110.58 -59.48
N GLU C 89 -18.74 -111.89 -59.47
CA GLU C 89 -17.50 -112.44 -58.88
C GLU C 89 -17.56 -112.26 -57.35
N GLY C 90 -16.61 -111.56 -56.77
CA GLY C 90 -16.36 -111.59 -55.34
C GLY C 90 -15.25 -110.51 -55.12
N ASN C 91 -14.60 -110.67 -53.96
CA ASN C 91 -13.54 -109.82 -53.57
C ASN C 91 -12.50 -109.64 -54.69
N LEU C 92 -12.04 -108.39 -54.86
CA LEU C 92 -10.97 -108.04 -55.76
C LEU C 92 -9.77 -107.53 -54.99
N SER C 93 -8.67 -108.26 -55.02
CA SER C 93 -7.43 -107.87 -54.34
C SER C 93 -6.70 -106.86 -55.13
N LEU C 94 -6.47 -105.69 -54.54
CA LEU C 94 -5.75 -104.59 -55.21
C LEU C 94 -4.49 -104.25 -54.44
N ASP C 95 -3.44 -103.93 -55.17
CA ASP C 95 -2.18 -103.55 -54.55
C ASP C 95 -1.86 -102.16 -55.04
N ILE C 96 -1.77 -101.21 -54.11
CA ILE C 96 -1.47 -99.83 -54.50
C ILE C 96 -0.35 -99.21 -53.68
N THR C 97 0.60 -98.60 -54.37
CA THR C 97 1.69 -97.90 -53.70
C THR C 97 1.65 -96.45 -54.20
N PHE C 98 1.49 -95.50 -53.29
CA PHE C 98 1.28 -94.12 -53.65
C PHE C 98 2.64 -93.40 -53.66
N GLU C 99 3.03 -92.93 -54.83
CA GLU C 99 4.29 -92.22 -55.00
C GLU C 99 4.16 -90.70 -55.04
N SER C 100 2.95 -90.18 -54.87
CA SER C 100 2.78 -88.71 -54.89
C SER C 100 1.48 -88.36 -54.21
N MET C 101 1.35 -87.11 -53.79
CA MET C 101 0.14 -86.72 -53.09
C MET C 101 -1.07 -86.74 -53.99
N ASP C 102 -0.83 -86.76 -55.30
CA ASP C 102 -1.90 -86.83 -56.28
C ASP C 102 -2.39 -88.28 -56.46
N ASP C 103 -1.65 -89.24 -55.92
CA ASP C 103 -2.02 -90.63 -56.07
C ASP C 103 -3.14 -91.05 -55.13
N PHE C 104 -3.55 -90.18 -54.20
CA PHE C 104 -4.72 -90.43 -53.41
C PHE C 104 -6.00 -89.95 -54.07
N SER C 105 -5.90 -89.20 -55.15
CA SER C 105 -7.08 -88.79 -55.89
C SER C 105 -7.73 -89.97 -56.57
N PRO C 106 -9.05 -89.92 -56.79
CA PRO C 106 -9.72 -91.12 -57.35
C PRO C 106 -9.25 -91.44 -58.78
N ALA C 107 -8.86 -90.46 -59.56
CA ALA C 107 -8.34 -90.72 -60.88
C ALA C 107 -7.09 -91.57 -60.84
N ALA C 108 -6.12 -91.16 -60.05
CA ALA C 108 -4.87 -91.91 -59.90
C ALA C 108 -5.12 -93.28 -59.27
N VAL C 109 -6.07 -93.36 -58.34
CA VAL C 109 -6.45 -94.66 -57.80
C VAL C 109 -6.92 -95.56 -58.90
N ALA C 110 -7.74 -95.04 -59.81
CA ALA C 110 -8.22 -95.86 -60.92
C ALA C 110 -7.07 -96.22 -61.88
N ARG C 111 -6.11 -95.33 -62.06
CA ARG C 111 -5.01 -95.62 -62.95
C ARG C 111 -4.07 -96.68 -62.39
N LYS C 112 -4.00 -96.78 -61.04
CA LYS C 112 -3.07 -97.73 -60.46
C LYS C 112 -3.62 -99.14 -60.46
N VAL C 113 -4.90 -99.33 -60.16
CA VAL C 113 -5.48 -100.66 -60.26
C VAL C 113 -5.60 -100.99 -61.77
N ASP C 114 -5.08 -102.19 -62.13
CA ASP C 114 -4.89 -102.51 -63.55
C ASP C 114 -6.25 -102.67 -64.28
N SER C 115 -7.22 -103.33 -63.64
CA SER C 115 -8.52 -103.47 -64.24
C SER C 115 -9.18 -102.12 -64.46
N LEU C 116 -9.27 -101.33 -63.39
CA LEU C 116 -9.80 -99.96 -63.51
C LEU C 116 -8.97 -99.13 -64.48
N ASN C 117 -7.67 -99.47 -64.67
CA ASN C 117 -6.89 -98.80 -65.68
C ASN C 117 -7.40 -99.15 -67.06
N LYS C 118 -7.73 -100.41 -67.30
CA LYS C 118 -8.24 -100.81 -68.61
C LYS C 118 -9.61 -100.15 -68.87
N LEU C 119 -10.48 -100.10 -67.85
CA LEU C 119 -11.75 -99.46 -68.02
C LEU C 119 -11.62 -97.95 -68.25
N LEU C 120 -10.74 -97.31 -67.49
CA LEU C 120 -10.54 -95.88 -67.65
C LEU C 120 -9.97 -95.56 -69.03
N GLU C 121 -9.01 -96.38 -69.50
CA GLU C 121 -8.48 -96.18 -70.83
C GLU C 121 -9.58 -96.39 -71.88
N ALA C 122 -10.46 -97.36 -71.66
CA ALA C 122 -11.59 -97.53 -72.55
C ALA C 122 -12.45 -96.27 -72.61
N ARG C 123 -12.69 -95.66 -71.44
CA ARG C 123 -13.50 -94.46 -71.43
C ARG C 123 -12.80 -93.29 -72.13
N THR C 124 -11.48 -93.15 -71.94
CA THR C 124 -10.80 -92.07 -72.61
C THR C 124 -10.73 -92.30 -74.12
N GLN C 125 -10.70 -93.56 -74.55
CA GLN C 125 -10.68 -93.84 -75.98
C GLN C 125 -12.05 -93.60 -76.60
N LEU C 126 -13.13 -93.87 -75.87
CA LEU C 126 -14.46 -93.63 -76.41
C LEU C 126 -14.82 -92.15 -76.38
N ALA C 127 -14.54 -91.48 -75.27
CA ALA C 127 -14.81 -90.03 -75.17
C ALA C 127 -13.91 -89.25 -76.11
N ASN C 128 -12.68 -89.72 -76.30
CA ASN C 128 -11.81 -89.13 -77.31
C ASN C 128 -12.24 -89.55 -78.70
N LEU C 129 -13.02 -90.63 -78.83
CA LEU C 129 -13.52 -91.07 -80.13
C LEU C 129 -14.71 -90.25 -80.58
N LEU C 130 -15.63 -89.91 -79.65
CA LEU C 130 -16.80 -89.14 -80.01
C LEU C 130 -16.41 -87.76 -80.52
N THR C 131 -15.27 -87.23 -80.09
CA THR C 131 -14.75 -85.96 -80.59
C THR C 131 -13.65 -86.26 -81.59
N TYR C 132 -13.95 -86.08 -82.89
CA TYR C 132 -13.03 -86.26 -83.99
C TYR C 132 -11.95 -87.34 -83.77
N ARG D 1 -42.88 -73.20 -107.04
CA ARG D 1 -43.74 -74.15 -106.24
C ARG D 1 -42.81 -75.19 -105.56
N GLU D 2 -42.87 -76.40 -106.09
CA GLU D 2 -42.00 -77.49 -105.65
C GLU D 2 -40.75 -77.56 -106.54
N ALA D 3 -40.70 -76.77 -107.63
CA ALA D 3 -39.53 -76.77 -108.48
C ALA D 3 -38.31 -76.17 -107.75
N VAL D 4 -38.53 -75.07 -107.01
CA VAL D 4 -37.44 -74.53 -106.22
C VAL D 4 -37.00 -75.55 -105.16
N GLU D 5 -37.95 -76.36 -104.65
CA GLU D 5 -37.57 -77.38 -103.70
C GLU D 5 -36.71 -78.48 -104.35
N THR D 6 -36.93 -78.74 -105.63
CA THR D 6 -36.06 -79.68 -106.32
C THR D 6 -34.68 -79.07 -106.59
N ALA D 7 -34.64 -77.76 -106.90
CA ALA D 7 -33.36 -77.13 -107.16
C ALA D 7 -32.51 -77.09 -105.87
N VAL D 8 -33.13 -76.71 -104.73
CA VAL D 8 -32.39 -76.74 -103.49
C VAL D 8 -32.17 -78.18 -103.00
N ARG D 9 -32.95 -79.14 -103.52
CA ARG D 9 -32.68 -80.53 -103.21
C ARG D 9 -31.36 -80.95 -103.86
N THR D 10 -31.24 -80.76 -105.18
CA THR D 10 -30.04 -81.18 -105.87
C THR D 10 -28.83 -80.37 -105.39
N LEU D 11 -28.99 -79.04 -105.26
CA LEU D 11 -27.89 -78.22 -104.79
C LEU D 11 -27.46 -78.57 -103.37
N ALA D 12 -28.44 -78.65 -102.45
CA ALA D 12 -28.13 -78.88 -101.06
C ALA D 12 -27.50 -80.26 -100.85
N GLU D 13 -28.07 -81.29 -101.48
CA GLU D 13 -27.51 -82.63 -101.32
C GLU D 13 -26.13 -82.72 -101.97
N HIS D 14 -26.02 -82.34 -103.26
CA HIS D 14 -24.76 -82.48 -103.96
C HIS D 14 -23.65 -81.70 -103.24
N ALA D 15 -23.92 -80.46 -102.86
CA ALA D 15 -22.91 -79.70 -102.15
C ALA D 15 -22.61 -80.32 -100.79
N LEU D 16 -23.65 -80.74 -100.08
CA LEU D 16 -23.47 -81.19 -98.70
C LEU D 16 -22.67 -82.47 -98.54
N GLU D 17 -23.05 -83.52 -99.25
CA GLU D 17 -22.42 -84.84 -99.08
C GLU D 17 -21.38 -85.28 -100.10
N GLN D 18 -21.09 -84.48 -101.12
CA GLN D 18 -20.18 -84.94 -102.18
C GLN D 18 -18.74 -85.29 -101.77
N THR D 19 -18.18 -84.51 -100.85
CA THR D 19 -16.80 -84.64 -100.41
C THR D 19 -16.68 -84.48 -98.90
N SER D 20 -16.96 -83.28 -98.40
CA SER D 20 -16.78 -82.99 -96.99
C SER D 20 -17.86 -83.68 -96.16
N LEU D 21 -17.82 -83.41 -94.85
CA LEU D 21 -18.75 -83.99 -93.88
C LEU D 21 -18.72 -85.52 -93.95
N ILE D 22 -17.51 -86.06 -93.81
CA ILE D 22 -17.29 -87.49 -93.99
C ILE D 22 -18.02 -88.26 -92.89
N SER D 23 -18.89 -89.19 -93.31
CA SER D 23 -19.62 -90.12 -92.43
C SER D 23 -20.64 -89.41 -91.56
N ASN D 24 -20.55 -88.08 -91.45
CA ASN D 24 -21.48 -87.25 -90.68
C ASN D 24 -21.74 -87.83 -89.30
N ASP D 25 -23.00 -87.84 -88.88
CA ASP D 25 -23.44 -88.50 -87.67
C ASP D 25 -24.91 -88.86 -87.80
N ALA D 26 -25.32 -89.92 -87.11
CA ALA D 26 -26.72 -90.32 -87.10
C ALA D 26 -27.26 -90.37 -85.68
N ILE D 27 -26.87 -91.41 -84.94
CA ILE D 27 -27.22 -91.55 -83.53
C ILE D 27 -25.91 -91.49 -82.76
N LYS D 28 -25.71 -90.40 -82.02
CA LYS D 28 -24.56 -90.27 -81.14
C LYS D 28 -24.88 -90.69 -79.72
N SER D 29 -26.13 -91.10 -79.45
CA SER D 29 -26.51 -91.57 -78.12
C SER D 29 -25.83 -92.88 -77.75
N ILE D 30 -25.17 -93.56 -78.69
CA ILE D 30 -24.41 -94.75 -78.37
C ILE D 30 -23.25 -94.43 -77.44
N GLU D 31 -22.79 -93.16 -77.44
CA GLU D 31 -21.75 -92.72 -76.53
C GLU D 31 -22.22 -92.59 -75.09
N SER D 32 -23.52 -92.76 -74.84
CA SER D 32 -24.02 -92.81 -73.47
C SER D 32 -23.51 -94.03 -72.71
N ILE D 33 -22.85 -94.96 -73.40
CA ILE D 33 -22.18 -96.07 -72.70
C ILE D 33 -21.11 -95.54 -71.77
N ILE D 34 -20.53 -94.40 -72.16
CA ILE D 34 -19.56 -93.81 -71.25
C ILE D 34 -20.25 -93.48 -69.92
N ALA D 35 -21.54 -93.19 -69.91
CA ALA D 35 -22.24 -92.99 -68.66
C ALA D 35 -22.26 -94.27 -67.82
N ALA D 36 -22.44 -95.42 -68.48
CA ALA D 36 -22.45 -96.68 -67.75
C ALA D 36 -21.03 -97.07 -67.30
N LEU D 37 -20.03 -96.85 -68.17
CA LEU D 37 -18.65 -97.16 -67.83
C LEU D 37 -18.21 -96.29 -66.62
N ASP D 38 -18.50 -95.00 -66.70
CA ASP D 38 -18.18 -94.07 -65.63
C ASP D 38 -18.92 -94.49 -64.37
N ALA D 39 -20.18 -94.91 -64.53
CA ALA D 39 -20.96 -95.33 -63.39
C ALA D 39 -20.30 -96.52 -62.70
N LYS D 40 -19.78 -97.46 -63.46
CA LYS D 40 -19.06 -98.58 -62.88
C LYS D 40 -17.79 -98.13 -62.20
N LEU D 41 -17.10 -97.15 -62.78
CA LEU D 41 -15.88 -96.64 -62.14
C LEU D 41 -16.21 -95.90 -60.84
N THR D 42 -17.36 -95.24 -60.76
CA THR D 42 -17.77 -94.67 -59.49
C THR D 42 -18.10 -95.75 -58.47
N ALA D 43 -18.81 -96.79 -58.91
CA ALA D 43 -19.19 -97.85 -57.99
C ALA D 43 -17.94 -98.56 -57.46
N GLN D 44 -16.91 -98.72 -58.28
CA GLN D 44 -15.72 -99.39 -57.82
C GLN D 44 -14.82 -98.48 -57.00
N VAL D 45 -14.56 -97.27 -57.49
CA VAL D 45 -13.64 -96.35 -56.83
C VAL D 45 -14.22 -95.92 -55.51
N ASN D 46 -15.54 -95.87 -55.38
CA ASN D 46 -16.13 -95.62 -54.05
C ASN D 46 -15.67 -96.69 -53.06
N LEU D 47 -15.69 -97.94 -53.46
CA LEU D 47 -15.26 -99.01 -52.55
C LEU D 47 -13.78 -99.02 -52.33
N ILE D 48 -12.99 -98.69 -53.33
CA ILE D 48 -11.53 -98.70 -53.16
C ILE D 48 -11.11 -97.57 -52.22
N MET D 49 -11.68 -96.39 -52.39
CA MET D 49 -11.26 -95.24 -51.61
C MET D 49 -11.85 -95.27 -50.20
N HIS D 50 -13.05 -95.79 -50.02
CA HIS D 50 -13.74 -95.76 -48.75
C HIS D 50 -13.38 -96.92 -47.85
N HIS D 51 -12.46 -97.80 -48.28
CA HIS D 51 -12.04 -98.88 -47.43
C HIS D 51 -11.31 -98.38 -46.22
N ALA D 52 -11.29 -99.18 -45.14
CA ALA D 52 -10.70 -98.75 -43.90
C ALA D 52 -9.21 -98.45 -44.09
N ASP D 53 -8.51 -99.28 -44.88
CA ASP D 53 -7.10 -99.10 -45.08
C ASP D 53 -6.81 -97.83 -45.85
N PHE D 54 -7.46 -97.64 -46.99
CA PHE D 54 -7.25 -96.45 -47.79
C PHE D 54 -7.65 -95.20 -47.05
N GLN D 55 -8.70 -95.27 -46.22
CA GLN D 55 -9.08 -94.11 -45.44
C GLN D 55 -8.06 -93.81 -44.35
N GLN D 56 -7.42 -94.84 -43.80
CA GLN D 56 -6.42 -94.61 -42.77
C GLN D 56 -5.18 -93.99 -43.34
N LEU D 57 -4.63 -94.59 -44.39
CA LEU D 57 -3.45 -94.01 -45.04
C LEU D 57 -3.73 -92.64 -45.62
N GLU D 58 -4.82 -92.51 -46.35
CA GLU D 58 -5.24 -91.23 -46.91
C GLU D 58 -5.34 -90.19 -45.85
N SER D 59 -5.90 -90.55 -44.68
CA SER D 59 -6.03 -89.56 -43.59
C SER D 59 -4.70 -89.22 -43.01
N ALA D 60 -3.78 -90.17 -42.97
CA ALA D 60 -2.44 -89.90 -42.43
C ALA D 60 -1.68 -88.93 -43.31
N TRP D 61 -1.52 -89.27 -44.57
CA TRP D 61 -0.80 -88.40 -45.51
C TRP D 61 -1.52 -87.11 -45.76
N ARG D 62 -2.84 -87.12 -45.69
CA ARG D 62 -3.61 -85.90 -45.90
C ARG D 62 -3.47 -84.96 -44.73
N GLY D 63 -3.44 -85.49 -43.53
CA GLY D 63 -3.15 -84.67 -42.36
C GLY D 63 -1.76 -84.12 -42.37
N LEU D 64 -0.79 -84.95 -42.64
CA LEU D 64 0.61 -84.50 -42.73
C LEU D 64 0.75 -83.46 -43.81
N HIS D 65 0.11 -83.63 -44.94
CA HIS D 65 0.14 -82.63 -46.01
C HIS D 65 -0.47 -81.36 -45.57
N TYR D 66 -1.57 -81.41 -44.84
CA TYR D 66 -2.15 -80.19 -44.26
C TYR D 66 -1.18 -79.50 -43.38
N LEU D 67 -0.46 -80.23 -42.56
CA LEU D 67 0.52 -79.60 -41.66
C LEU D 67 1.63 -78.98 -42.41
N VAL D 68 2.08 -79.61 -43.49
CA VAL D 68 3.25 -79.13 -44.25
C VAL D 68 2.87 -77.87 -45.03
N ASN D 69 1.79 -77.94 -45.80
CA ASN D 69 1.42 -76.86 -46.69
C ASN D 69 0.98 -75.64 -45.97
N ASN D 70 0.35 -75.78 -44.83
CA ASN D 70 -0.15 -74.64 -44.04
C ASN D 70 0.86 -74.07 -43.13
N THR D 71 2.08 -74.59 -43.13
CA THR D 71 3.18 -74.08 -42.30
C THR D 71 4.15 -73.30 -43.16
N GLU D 72 4.62 -72.16 -42.67
CA GLU D 72 5.60 -71.35 -43.37
C GLU D 72 6.97 -71.78 -42.84
N THR D 73 7.67 -72.59 -43.62
CA THR D 73 8.93 -73.15 -43.19
C THR D 73 10.12 -72.39 -43.73
N ASP D 74 11.05 -72.12 -42.83
CA ASP D 74 12.28 -71.45 -43.13
C ASP D 74 13.36 -71.93 -42.19
N GLU D 75 14.35 -71.08 -41.96
CA GLU D 75 15.45 -71.42 -41.08
C GLU D 75 14.91 -71.68 -39.69
N GLN D 76 14.00 -70.83 -39.26
CA GLN D 76 13.35 -70.94 -37.94
C GLN D 76 12.39 -72.12 -37.71
N LEU D 77 11.56 -72.43 -38.70
CA LEU D 77 10.57 -73.49 -38.59
C LEU D 77 11.03 -74.69 -39.39
N LYS D 78 11.03 -75.84 -38.77
CA LYS D 78 11.26 -77.10 -39.38
C LYS D 78 10.20 -78.10 -38.98
N ILE D 79 10.00 -79.13 -39.75
CA ILE D 79 9.11 -80.20 -39.51
C ILE D 79 9.85 -81.49 -39.83
N ARG D 80 10.07 -82.34 -38.82
CA ARG D 80 10.67 -83.61 -38.99
C ARG D 80 9.74 -84.72 -38.74
N VAL D 81 9.55 -85.60 -39.66
CA VAL D 81 8.60 -86.73 -39.57
C VAL D 81 9.32 -88.02 -39.24
N LEU D 82 8.81 -88.82 -38.37
CA LEU D 82 9.18 -90.19 -38.12
C LEU D 82 8.08 -91.15 -38.33
N ASN D 83 8.20 -92.06 -39.28
CA ASN D 83 7.09 -92.97 -39.53
C ASN D 83 7.23 -94.17 -38.66
N ILE D 84 6.31 -94.26 -37.71
CA ILE D 84 6.27 -95.34 -36.77
C ILE D 84 4.81 -95.60 -36.41
N SER D 85 4.38 -96.83 -36.60
CA SER D 85 2.99 -97.17 -36.28
C SER D 85 2.83 -97.18 -34.80
N LYS D 86 1.59 -97.02 -34.36
CA LYS D 86 1.27 -97.01 -32.92
C LYS D 86 1.69 -98.33 -32.27
N PRO D 87 1.46 -99.52 -32.88
CA PRO D 87 2.02 -100.70 -32.34
C PRO D 87 3.52 -100.76 -32.20
N GLU D 88 4.24 -100.18 -33.15
CA GLU D 88 5.71 -100.15 -33.06
C GLU D 88 6.17 -99.20 -32.00
N LEU D 89 5.49 -98.07 -31.87
CA LEU D 89 5.86 -97.11 -30.81
C LEU D 89 5.59 -97.68 -29.45
N HIS D 90 4.43 -98.30 -29.26
CA HIS D 90 4.14 -98.95 -27.98
C HIS D 90 5.07 -100.09 -27.73
N LYS D 91 5.52 -100.78 -28.79
CA LYS D 91 6.43 -101.90 -28.61
C LYS D 91 7.79 -101.42 -28.14
N THR D 92 8.41 -100.49 -28.86
CA THR D 92 9.74 -100.03 -28.52
C THR D 92 9.74 -99.27 -27.21
N LEU D 93 8.65 -98.59 -26.89
CA LEU D 93 8.55 -97.94 -25.59
C LEU D 93 8.21 -98.93 -24.49
N LYS D 94 7.71 -100.10 -24.84
CA LYS D 94 7.50 -101.16 -23.86
C LYS D 94 8.77 -101.92 -23.56
N LYS D 95 9.66 -102.08 -24.53
CA LYS D 95 10.95 -102.74 -24.28
C LYS D 95 11.74 -102.07 -23.23
N PHE D 96 11.72 -100.75 -23.22
CA PHE D 96 12.50 -99.95 -22.22
C PHE D 96 11.49 -99.25 -21.35
N LYS D 97 11.36 -99.69 -20.13
CA LYS D 97 10.41 -99.10 -19.18
C LYS D 97 11.06 -99.14 -17.78
N GLY D 98 10.58 -98.27 -16.92
CA GLY D 98 11.24 -98.16 -15.65
C GLY D 98 12.63 -97.60 -15.73
N THR D 99 13.66 -98.29 -15.29
CA THR D 99 14.99 -97.77 -15.29
C THR D 99 15.50 -97.55 -16.71
N THR D 100 15.21 -98.53 -17.61
CA THR D 100 15.89 -98.49 -18.90
C THR D 100 15.31 -97.42 -19.82
N TRP D 101 14.27 -96.69 -19.40
CA TRP D 101 13.64 -95.72 -20.28
C TRP D 101 14.57 -94.69 -20.79
N ASP D 102 15.62 -94.35 -20.05
CA ASP D 102 16.64 -93.39 -20.51
C ASP D 102 17.31 -93.86 -21.74
N GLN D 103 17.29 -95.14 -22.06
CA GLN D 103 17.83 -95.74 -23.28
C GLN D 103 16.69 -96.27 -24.06
N SER D 104 16.37 -95.63 -25.17
CA SER D 104 15.29 -96.03 -26.11
C SER D 104 15.55 -95.42 -27.45
N PRO D 105 15.05 -96.00 -28.51
CA PRO D 105 15.23 -95.42 -29.84
C PRO D 105 14.59 -94.05 -29.90
N ILE D 106 13.41 -93.91 -29.30
CA ILE D 106 12.63 -92.69 -29.27
C ILE D 106 13.27 -91.67 -28.38
N PHE D 107 13.76 -92.06 -27.24
CA PHE D 107 14.45 -91.11 -26.36
C PHE D 107 15.79 -90.71 -26.93
N LYS D 108 16.50 -91.63 -27.57
CA LYS D 108 17.74 -91.28 -28.21
C LYS D 108 17.49 -90.17 -29.25
N LYS D 109 16.55 -90.40 -30.18
CA LYS D 109 16.25 -89.46 -31.23
C LYS D 109 15.78 -88.16 -30.68
N LEU D 110 14.82 -88.17 -29.78
CA LEU D 110 14.18 -86.95 -29.32
C LEU D 110 15.05 -86.15 -28.42
N TYR D 111 15.76 -86.79 -27.50
CA TYR D 111 16.58 -86.12 -26.50
C TYR D 111 18.06 -86.08 -26.73
N GLU D 112 18.67 -87.19 -27.12
CA GLU D 112 20.12 -87.29 -27.15
C GLU D 112 20.58 -86.54 -28.38
N GLU D 113 20.13 -86.94 -29.56
CA GLU D 113 20.66 -86.39 -30.78
C GLU D 113 20.34 -84.94 -31.01
N GLU D 114 19.46 -84.35 -30.24
CA GLU D 114 19.02 -82.99 -30.50
C GLU D 114 19.08 -82.11 -29.26
N TYR D 115 18.27 -82.37 -28.27
CA TYR D 115 18.29 -81.58 -27.06
C TYR D 115 19.47 -81.87 -26.22
N GLY D 116 20.03 -83.06 -26.29
CA GLY D 116 21.22 -83.40 -25.53
C GLY D 116 22.46 -83.14 -26.29
N GLN D 117 22.41 -83.13 -27.61
CA GLN D 117 23.60 -82.92 -28.43
C GLN D 117 24.14 -81.49 -28.37
N PHE D 118 25.44 -81.32 -28.56
CA PHE D 118 26.00 -79.97 -28.57
C PHE D 118 25.75 -79.32 -29.93
N GLY D 119 25.05 -78.19 -29.93
CA GLY D 119 24.71 -77.53 -31.16
C GLY D 119 23.63 -78.23 -31.96
N GLY D 120 22.62 -78.79 -31.28
CA GLY D 120 21.53 -79.47 -31.94
C GLY D 120 20.24 -78.64 -31.88
N GLU D 121 19.14 -79.31 -32.21
CA GLU D 121 17.84 -78.64 -32.21
C GLU D 121 16.99 -79.17 -31.08
N PRO D 122 16.62 -78.33 -30.10
CA PRO D 122 15.89 -78.80 -28.92
C PRO D 122 14.51 -79.39 -29.21
N TYR D 123 14.07 -79.40 -30.48
CA TYR D 123 12.92 -80.13 -31.00
C TYR D 123 11.54 -79.54 -30.71
N GLY D 124 11.46 -78.44 -29.95
CA GLY D 124 10.21 -77.69 -29.90
C GLY D 124 9.02 -78.50 -29.41
N CYS D 125 8.01 -78.63 -30.26
CA CYS D 125 6.79 -79.37 -29.97
C CYS D 125 6.75 -80.66 -30.76
N LEU D 126 6.05 -81.65 -30.23
CA LEU D 126 5.93 -82.96 -30.85
C LEU D 126 4.46 -83.23 -31.16
N VAL D 127 4.18 -83.86 -32.30
CA VAL D 127 2.80 -84.15 -32.66
C VAL D 127 2.61 -85.64 -32.86
N GLY D 128 1.74 -86.23 -32.06
CA GLY D 128 1.49 -87.65 -32.14
C GLY D 128 0.84 -88.29 -33.35
N ASP D 129 -0.23 -87.68 -33.87
CA ASP D 129 -1.02 -88.24 -34.98
C ASP D 129 -1.55 -89.65 -34.68
N TYR D 130 -1.98 -89.88 -33.45
CA TYR D 130 -2.50 -91.17 -33.00
C TYR D 130 -3.78 -90.96 -32.20
N TYR D 131 -4.60 -92.00 -32.13
CA TYR D 131 -5.84 -91.94 -31.38
C TYR D 131 -5.70 -92.78 -30.12
N PHE D 132 -5.63 -92.14 -28.96
CA PHE D 132 -5.39 -92.80 -27.70
C PHE D 132 -6.68 -92.94 -26.90
N ASP D 133 -7.03 -94.16 -26.50
CA ASP D 133 -8.13 -94.44 -25.62
C ASP D 133 -7.63 -94.80 -24.24
N GLN D 134 -8.53 -95.14 -23.32
CA GLN D 134 -8.15 -95.49 -21.96
C GLN D 134 -7.57 -96.91 -21.79
N SER D 135 -7.41 -97.66 -22.88
CA SER D 135 -6.89 -99.01 -22.81
C SER D 135 -5.57 -99.07 -22.17
N PRO D 136 -5.19 -100.24 -21.60
CA PRO D 136 -3.87 -100.37 -20.93
C PRO D 136 -2.70 -99.99 -21.86
N PRO D 137 -2.68 -100.47 -23.13
CA PRO D 137 -1.56 -100.12 -23.96
C PRO D 137 -1.44 -98.61 -24.25
N ASP D 138 -2.55 -97.92 -24.41
CA ASP D 138 -2.52 -96.50 -24.69
C ASP D 138 -2.16 -95.69 -23.45
N VAL D 139 -2.53 -96.18 -22.26
CA VAL D 139 -2.11 -95.53 -21.05
C VAL D 139 -0.62 -95.71 -20.85
N GLU D 140 -0.08 -96.87 -21.21
CA GLU D 140 1.36 -97.06 -21.15
C GLU D 140 2.07 -96.16 -22.13
N LEU D 141 1.57 -96.10 -23.36
CA LEU D 141 2.20 -95.24 -24.37
C LEU D 141 2.18 -93.80 -23.97
N LEU D 142 1.08 -93.33 -23.42
CA LEU D 142 1.00 -91.95 -22.95
C LEU D 142 1.89 -91.71 -21.76
N GLY D 143 2.01 -92.69 -20.88
CA GLY D 143 2.93 -92.53 -19.75
C GLY D 143 4.36 -92.35 -20.21
N GLU D 144 4.78 -93.20 -21.14
CA GLU D 144 6.16 -93.15 -21.62
C GLU D 144 6.41 -91.88 -22.42
N MET D 145 5.56 -91.57 -23.39
CA MET D 145 5.72 -90.35 -24.16
C MET D 145 5.64 -89.12 -23.28
N ALA D 146 4.97 -89.22 -22.13
CA ALA D 146 4.99 -88.12 -21.18
C ALA D 146 6.31 -88.04 -20.47
N LYS D 147 6.96 -89.17 -20.22
CA LYS D 147 8.31 -89.15 -19.65
C LYS D 147 9.28 -88.53 -20.63
N ILE D 148 9.32 -88.99 -21.85
CA ILE D 148 10.22 -88.43 -22.86
C ILE D 148 9.96 -86.97 -23.09
N SER D 149 8.75 -86.65 -23.47
CA SER D 149 8.37 -85.25 -23.74
C SER D 149 8.60 -84.38 -22.55
N ALA D 150 8.48 -84.91 -21.35
CA ALA D 150 8.78 -84.13 -20.15
C ALA D 150 10.23 -83.93 -20.00
N ALA D 151 11.06 -84.90 -20.39
CA ALA D 151 12.52 -84.79 -20.24
C ALA D 151 13.08 -83.80 -21.20
N MET D 152 12.62 -83.82 -22.46
CA MET D 152 13.11 -82.93 -23.51
C MET D 152 12.40 -81.61 -23.54
N HIS D 153 11.41 -81.37 -22.69
CA HIS D 153 10.62 -80.14 -22.67
C HIS D 153 9.93 -79.92 -24.01
N ALA D 154 9.26 -80.94 -24.53
CA ALA D 154 8.62 -80.89 -25.83
C ALA D 154 7.22 -81.43 -25.72
N PRO D 155 6.20 -80.55 -25.43
CA PRO D 155 4.85 -81.01 -25.29
C PRO D 155 4.40 -81.94 -26.36
N PHE D 156 3.72 -83.02 -25.99
CA PHE D 156 3.21 -84.02 -26.90
C PHE D 156 1.77 -83.71 -27.23
N ILE D 157 1.42 -83.69 -28.51
CA ILE D 157 0.09 -83.36 -28.99
C ILE D 157 -0.41 -84.52 -29.84
N SER D 158 -1.59 -85.02 -29.55
CA SER D 158 -2.21 -86.07 -30.34
C SER D 158 -3.71 -85.97 -30.20
N ALA D 159 -4.43 -86.93 -30.76
CA ALA D 159 -5.88 -86.91 -30.74
C ALA D 159 -6.43 -88.00 -29.85
N ALA D 160 -7.50 -87.70 -29.16
CA ALA D 160 -8.16 -88.63 -28.28
C ALA D 160 -9.20 -89.39 -29.05
N SER D 161 -9.14 -90.72 -28.97
CA SER D 161 -10.03 -91.57 -29.71
C SER D 161 -11.44 -91.37 -29.26
N PRO D 162 -12.45 -91.65 -30.13
CA PRO D 162 -13.83 -91.62 -29.69
C PRO D 162 -14.13 -92.70 -28.63
N THR D 163 -13.27 -93.70 -28.49
CA THR D 163 -13.45 -94.77 -27.54
C THR D 163 -13.08 -94.38 -26.12
N VAL D 164 -12.51 -93.22 -25.90
CA VAL D 164 -12.22 -92.77 -24.55
C VAL D 164 -13.53 -92.59 -23.78
N MET D 165 -14.57 -92.11 -24.45
CA MET D 165 -15.84 -91.88 -23.86
C MET D 165 -16.73 -93.14 -23.84
N GLY D 166 -16.22 -94.28 -24.30
CA GLY D 166 -17.03 -95.43 -24.45
C GLY D 166 -18.10 -95.11 -25.50
N MET D 167 -17.60 -94.65 -26.66
CA MET D 167 -18.47 -94.10 -27.67
C MET D 167 -18.18 -94.68 -29.01
N GLY D 168 -17.03 -94.41 -29.57
CA GLY D 168 -16.63 -94.95 -30.85
C GLY D 168 -17.14 -94.21 -32.03
N SER D 169 -17.69 -92.99 -31.85
CA SER D 169 -18.21 -92.21 -32.95
C SER D 169 -17.67 -90.80 -32.92
N TRP D 170 -17.95 -90.07 -31.81
CA TRP D 170 -17.92 -88.62 -31.70
C TRP D 170 -19.15 -88.05 -32.32
N GLN D 171 -20.04 -88.90 -32.85
CA GLN D 171 -21.35 -88.46 -33.27
C GLN D 171 -22.27 -88.56 -32.09
N GLU D 172 -21.92 -89.36 -31.07
CA GLU D 172 -22.71 -89.56 -29.89
C GLU D 172 -22.32 -88.64 -28.75
N LEU D 173 -21.39 -87.71 -28.98
CA LEU D 173 -20.89 -86.88 -27.89
C LEU D 173 -21.98 -86.11 -27.22
N SER D 174 -23.08 -85.84 -27.90
CA SER D 174 -24.19 -85.11 -27.28
C SER D 174 -25.11 -85.99 -26.46
N ASN D 175 -24.98 -87.32 -26.56
CA ASN D 175 -25.89 -88.21 -25.85
C ASN D 175 -25.69 -88.19 -24.33
N PRO D 176 -24.48 -88.37 -23.77
CA PRO D 176 -24.35 -88.44 -22.35
C PRO D 176 -24.72 -87.11 -21.65
N ARG D 177 -25.31 -87.22 -20.47
CA ARG D 177 -25.66 -86.09 -19.71
C ARG D 177 -24.49 -85.43 -19.01
N ASP D 178 -23.57 -86.24 -18.54
CA ASP D 178 -22.40 -85.78 -17.77
C ASP D 178 -21.21 -86.57 -18.26
N LEU D 179 -20.19 -85.87 -18.76
CA LEU D 179 -18.95 -86.53 -19.17
C LEU D 179 -18.06 -86.83 -17.98
N THR D 180 -18.10 -86.01 -16.94
CA THR D 180 -17.28 -86.26 -15.76
C THR D 180 -17.63 -87.55 -15.07
N LYS D 181 -18.83 -88.06 -15.26
CA LYS D 181 -19.22 -89.34 -14.70
C LYS D 181 -18.62 -90.49 -15.46
N ILE D 182 -18.24 -90.31 -16.72
CA ILE D 182 -17.70 -91.40 -17.53
C ILE D 182 -16.41 -91.88 -16.95
N PHE D 183 -15.55 -90.95 -16.49
CA PHE D 183 -14.20 -91.26 -16.08
C PHE D 183 -14.11 -91.72 -14.66
N THR D 184 -15.22 -91.87 -13.95
CA THR D 184 -15.21 -92.35 -12.58
C THR D 184 -15.03 -93.84 -12.46
N THR D 185 -15.54 -94.61 -13.41
CA THR D 185 -15.57 -96.07 -13.30
C THR D 185 -14.19 -96.63 -13.13
N PRO D 186 -14.05 -97.83 -12.59
CA PRO D 186 -12.72 -98.46 -12.46
C PRO D 186 -12.10 -98.80 -13.80
N GLU D 187 -12.86 -98.73 -14.87
CA GLU D 187 -12.32 -99.01 -16.20
C GLU D 187 -11.22 -98.01 -16.50
N TYR D 188 -11.41 -96.78 -16.05
CA TYR D 188 -10.47 -95.69 -16.27
C TYR D 188 -9.40 -95.55 -15.22
N ALA D 189 -9.35 -96.47 -14.26
CA ALA D 189 -8.34 -96.39 -13.19
C ALA D 189 -6.96 -96.02 -13.74
N GLY D 190 -6.56 -96.63 -14.83
CA GLY D 190 -5.30 -96.30 -15.46
C GLY D 190 -5.27 -94.88 -16.02
N TRP D 191 -6.39 -94.43 -16.58
CA TRP D 191 -6.48 -93.08 -17.09
C TRP D 191 -6.35 -92.06 -15.98
N ARG D 192 -7.14 -92.19 -14.93
CA ARG D 192 -7.05 -91.30 -13.80
C ARG D 192 -5.67 -91.32 -13.22
N SER D 193 -5.05 -92.49 -13.10
CA SER D 193 -3.69 -92.55 -12.60
C SER D 193 -2.73 -91.83 -13.50
N LEU D 194 -3.02 -91.79 -14.78
CA LEU D 194 -2.18 -91.03 -15.72
C LEU D 194 -2.36 -89.56 -15.57
N ARG D 195 -3.59 -89.08 -15.49
CA ARG D 195 -3.84 -87.64 -15.37
C ARG D 195 -3.30 -87.09 -14.07
N GLU D 196 -3.27 -87.90 -13.00
CA GLU D 196 -2.74 -87.42 -11.74
C GLU D 196 -1.22 -87.23 -11.81
N SER D 197 -0.53 -87.87 -12.78
CA SER D 197 0.89 -87.75 -12.89
C SER D 197 1.36 -86.36 -13.13
N GLU D 198 2.59 -86.07 -12.74
CA GLU D 198 3.15 -84.74 -12.95
C GLU D 198 3.77 -84.59 -14.35
N ASP D 199 3.96 -85.70 -15.04
CA ASP D 199 4.54 -85.68 -16.39
C ASP D 199 3.49 -85.61 -17.48
N SER D 200 2.22 -85.66 -17.09
CA SER D 200 1.13 -85.65 -18.05
C SER D 200 0.75 -84.29 -18.51
N ARG D 201 1.22 -83.23 -17.88
CA ARG D 201 0.97 -81.88 -18.35
C ARG D 201 1.62 -81.61 -19.67
N TYR D 202 2.46 -82.51 -20.18
CA TYR D 202 3.08 -82.40 -21.48
C TYR D 202 2.31 -83.09 -22.56
N ILE D 203 1.12 -83.56 -22.25
CA ILE D 203 0.33 -84.21 -23.27
C ILE D 203 -1.03 -83.55 -23.50
N GLY D 204 -1.22 -82.99 -24.68
CA GLY D 204 -2.51 -82.48 -25.09
C GLY D 204 -3.24 -83.52 -25.92
N LEU D 205 -4.57 -83.42 -25.94
CA LEU D 205 -5.41 -84.34 -26.73
C LEU D 205 -6.52 -83.52 -27.37
N THR D 206 -6.62 -83.60 -28.70
CA THR D 206 -7.69 -82.93 -29.43
C THR D 206 -8.64 -83.99 -29.97
N MET D 207 -9.83 -84.09 -29.35
CA MET D 207 -10.70 -85.22 -29.66
C MET D 207 -11.28 -85.18 -31.07
N PRO D 208 -12.06 -84.15 -31.41
CA PRO D 208 -12.65 -84.10 -32.76
C PRO D 208 -11.61 -83.93 -33.87
N ARG D 209 -11.80 -84.64 -35.00
CA ARG D 209 -10.88 -84.50 -36.11
C ARG D 209 -11.58 -83.78 -37.26
N PHE D 210 -10.90 -82.76 -37.76
CA PHE D 210 -11.46 -81.93 -38.81
C PHE D 210 -11.48 -82.62 -40.15
N LEU D 211 -12.30 -82.13 -41.03
CA LEU D 211 -12.46 -82.71 -42.37
C LEU D 211 -11.27 -82.39 -43.24
N ALA D 212 -10.69 -83.41 -43.86
CA ALA D 212 -9.46 -83.26 -44.63
C ALA D 212 -9.72 -82.63 -45.97
N ARG D 213 -10.65 -83.14 -46.74
CA ARG D 213 -10.92 -82.65 -48.11
C ARG D 213 -12.41 -82.72 -48.39
N LEU D 214 -12.81 -81.97 -49.37
CA LEU D 214 -14.20 -81.93 -49.81
C LEU D 214 -14.49 -83.13 -50.71
N PRO D 215 -15.63 -83.80 -50.51
CA PRO D 215 -15.93 -85.00 -51.29
C PRO D 215 -15.97 -84.75 -52.77
N TYR D 216 -15.31 -85.61 -53.54
CA TYR D 216 -15.28 -85.48 -55.01
C TYR D 216 -16.66 -85.60 -55.59
N GLY D 217 -16.90 -84.86 -56.66
CA GLY D 217 -18.24 -84.82 -57.27
C GLY D 217 -18.33 -83.66 -58.21
N ALA D 218 -19.34 -83.67 -59.07
CA ALA D 218 -19.46 -82.60 -60.03
C ALA D 218 -19.66 -81.25 -59.37
N LYS D 219 -20.56 -81.22 -58.38
CA LYS D 219 -20.84 -79.99 -57.66
C LYS D 219 -19.65 -79.49 -56.87
N THR D 220 -18.95 -80.41 -56.23
CA THR D 220 -17.78 -80.07 -55.42
C THR D 220 -16.55 -80.88 -55.80
N ASP D 221 -15.43 -80.21 -56.02
CA ASP D 221 -14.16 -80.87 -56.32
C ASP D 221 -14.20 -81.90 -57.45
N PRO D 222 -14.71 -81.52 -58.62
CA PRO D 222 -14.79 -82.46 -59.74
C PRO D 222 -13.41 -83.00 -60.11
N VAL D 223 -13.35 -84.30 -60.38
CA VAL D 223 -12.11 -85.00 -60.68
C VAL D 223 -11.53 -84.60 -62.03
N GLU D 224 -12.43 -84.47 -63.01
CA GLU D 224 -12.16 -84.08 -64.41
C GLU D 224 -11.46 -85.13 -65.28
N GLU D 225 -11.31 -86.34 -64.76
CA GLU D 225 -10.70 -87.42 -65.51
C GLU D 225 -11.82 -88.24 -66.14
N PHE D 226 -12.85 -88.48 -65.34
CA PHE D 226 -14.06 -89.19 -65.73
C PHE D 226 -15.20 -88.76 -64.81
N ALA D 227 -16.45 -88.93 -65.23
CA ALA D 227 -17.55 -88.50 -64.36
C ALA D 227 -17.52 -89.32 -63.08
N PHE D 228 -17.31 -88.68 -61.94
CA PHE D 228 -17.21 -89.40 -60.67
C PHE D 228 -18.08 -88.91 -59.52
N GLU D 229 -18.72 -89.85 -58.83
CA GLU D 229 -19.55 -89.56 -57.66
C GLU D 229 -18.95 -90.26 -56.46
N GLU D 230 -18.80 -89.54 -55.35
CA GLU D 230 -18.20 -90.10 -54.15
C GLU D 230 -19.25 -90.65 -53.18
N GLU D 231 -20.51 -90.74 -53.58
CA GLU D 231 -21.58 -91.14 -52.67
C GLU D 231 -21.61 -90.16 -51.51
N THR D 232 -21.20 -90.62 -50.33
CA THR D 232 -21.09 -89.81 -49.11
C THR D 232 -22.38 -89.03 -48.83
N ASP D 233 -23.47 -89.78 -48.74
CA ASP D 233 -24.74 -89.21 -48.32
C ASP D 233 -24.64 -88.70 -46.89
N GLY D 234 -25.59 -87.85 -46.51
CA GLY D 234 -25.48 -87.04 -45.31
C GLY D 234 -25.04 -87.75 -44.04
N ALA D 235 -24.04 -87.16 -43.38
CA ALA D 235 -23.45 -87.67 -42.15
C ALA D 235 -22.92 -89.10 -42.29
N ASP D 236 -23.12 -89.90 -41.23
CA ASP D 236 -22.67 -91.28 -41.09
C ASP D 236 -21.16 -91.33 -40.86
N SER D 237 -20.46 -90.24 -41.19
CA SER D 237 -19.06 -89.95 -40.85
C SER D 237 -18.06 -90.94 -41.42
N SER D 238 -18.49 -92.09 -41.94
CA SER D 238 -17.58 -93.09 -42.47
C SER D 238 -17.14 -92.81 -43.89
N LYS D 239 -17.93 -92.05 -44.66
CA LYS D 239 -17.60 -91.77 -46.05
C LYS D 239 -16.60 -90.64 -46.20
N TYR D 240 -16.65 -89.65 -45.31
CA TYR D 240 -15.74 -88.49 -45.38
C TYR D 240 -14.29 -88.74 -45.00
N ALA D 241 -13.38 -87.95 -45.58
CA ALA D 241 -11.98 -88.05 -45.25
C ALA D 241 -11.62 -87.17 -44.10
N TRP D 242 -11.31 -87.73 -42.95
CA TRP D 242 -11.12 -87.01 -41.70
C TRP D 242 -9.64 -86.95 -41.35
N ALA D 243 -9.07 -85.75 -41.35
CA ALA D 243 -7.72 -85.53 -40.92
C ALA D 243 -7.65 -85.36 -39.43
N ASN D 244 -6.58 -85.88 -38.82
CA ASN D 244 -6.37 -85.71 -37.39
C ASN D 244 -6.29 -84.29 -37.01
N SER D 245 -6.92 -83.91 -35.91
CA SER D 245 -6.91 -82.52 -35.48
C SER D 245 -5.74 -82.18 -34.64
N ALA D 246 -4.85 -83.11 -34.34
CA ALA D 246 -3.54 -82.74 -33.79
C ALA D 246 -2.81 -81.90 -34.75
N TYR D 247 -3.06 -82.03 -36.05
CA TYR D 247 -2.38 -81.23 -37.07
C TYR D 247 -2.89 -79.84 -37.14
N ALA D 248 -4.14 -79.61 -36.85
CA ALA D 248 -4.67 -78.22 -36.76
C ALA D 248 -4.08 -77.52 -35.58
N MET D 249 -3.96 -78.19 -34.45
CA MET D 249 -3.25 -77.63 -33.30
C MET D 249 -1.83 -77.38 -33.66
N ALA D 250 -1.19 -78.30 -34.39
CA ALA D 250 0.21 -78.12 -34.81
C ALA D 250 0.35 -76.92 -35.68
N VAL D 251 -0.46 -76.75 -36.69
CA VAL D 251 -0.49 -75.56 -37.55
C VAL D 251 -0.66 -74.34 -36.72
N ASN D 252 -1.46 -74.40 -35.67
CA ASN D 252 -1.63 -73.24 -34.79
C ASN D 252 -0.37 -72.94 -34.03
N ILE D 253 0.37 -73.97 -33.63
CA ILE D 253 1.62 -73.78 -32.89
C ILE D 253 2.67 -73.17 -33.80
N ASN D 254 2.86 -73.74 -34.99
CA ASN D 254 3.80 -73.19 -35.95
C ASN D 254 3.44 -71.78 -36.33
N ARG D 255 2.16 -71.50 -36.52
CA ARG D 255 1.73 -70.12 -36.80
C ARG D 255 2.07 -69.21 -35.71
N SER D 256 1.76 -69.60 -34.48
CA SER D 256 2.06 -68.77 -33.30
C SER D 256 3.53 -68.45 -33.25
N PHE D 257 4.39 -69.44 -33.48
CA PHE D 257 5.82 -69.21 -33.43
C PHE D 257 6.24 -68.30 -34.56
N LYS D 258 5.83 -68.58 -35.79
CA LYS D 258 6.22 -67.76 -36.95
C LYS D 258 5.89 -66.34 -36.72
N LEU D 259 4.66 -66.02 -36.31
CA LEU D 259 4.27 -64.64 -36.11
C LEU D 259 4.93 -64.00 -34.91
N TYR D 260 4.72 -64.58 -33.74
CA TYR D 260 5.09 -63.96 -32.47
C TYR D 260 6.39 -64.43 -31.89
N GLY D 261 7.06 -65.38 -32.52
CA GLY D 261 8.27 -65.95 -31.96
C GLY D 261 8.07 -66.91 -30.83
N TRP D 262 6.88 -67.02 -30.32
CA TRP D 262 6.54 -67.92 -29.21
C TRP D 262 5.25 -68.65 -29.53
N CYS D 263 5.11 -69.79 -28.84
CA CYS D 263 3.90 -70.60 -28.97
C CYS D 263 2.84 -70.18 -27.97
N SER D 264 2.99 -69.00 -27.38
CA SER D 264 2.09 -68.56 -26.33
C SER D 264 0.63 -68.47 -26.74
N ARG D 265 0.32 -67.95 -27.92
CA ARG D 265 -1.08 -67.91 -28.33
C ARG D 265 -1.39 -68.93 -29.40
N ILE D 266 -1.93 -70.06 -28.95
CA ILE D 266 -2.32 -71.15 -29.82
C ILE D 266 -3.78 -71.50 -29.58
N ARG D 267 -4.47 -70.67 -28.83
CA ARG D 267 -5.86 -70.95 -28.48
C ARG D 267 -6.79 -69.76 -28.76
N GLY D 268 -8.04 -69.87 -28.38
CA GLY D 268 -8.99 -68.80 -28.50
C GLY D 268 -9.52 -68.62 -29.89
N VAL D 269 -10.68 -67.97 -30.02
CA VAL D 269 -11.27 -67.70 -31.31
C VAL D 269 -10.47 -66.61 -32.03
N GLU D 270 -10.33 -65.45 -31.39
CA GLU D 270 -9.60 -64.33 -31.96
C GLU D 270 -8.15 -64.19 -31.46
N SER D 271 -7.72 -65.11 -30.59
CA SER D 271 -6.37 -65.05 -30.03
C SER D 271 -5.41 -65.94 -30.75
N GLY D 272 -5.79 -66.52 -31.86
CA GLY D 272 -4.88 -67.34 -32.67
C GLY D 272 -5.12 -68.83 -32.62
N GLY D 273 -6.20 -69.29 -32.07
CA GLY D 273 -6.51 -70.70 -32.08
C GLY D 273 -7.53 -71.06 -33.13
N GLU D 274 -7.65 -70.24 -34.17
CA GLU D 274 -8.65 -70.46 -35.21
C GLU D 274 -8.17 -71.40 -36.27
N VAL D 275 -9.05 -72.28 -36.72
CA VAL D 275 -8.80 -73.19 -37.85
C VAL D 275 -9.77 -72.77 -38.96
N GLN D 276 -9.25 -72.13 -40.00
CA GLN D 276 -10.06 -71.56 -41.04
C GLN D 276 -10.07 -72.38 -42.31
N GLY D 277 -10.89 -71.98 -43.26
CA GLY D 277 -10.86 -72.62 -44.57
C GLY D 277 -11.27 -74.07 -44.56
N LEU D 278 -11.96 -74.53 -43.55
CA LEU D 278 -12.37 -75.91 -43.47
C LEU D 278 -13.32 -76.26 -44.58
N PRO D 279 -13.18 -77.44 -45.20
CA PRO D 279 -14.12 -77.84 -46.25
C PRO D 279 -15.52 -77.89 -45.75
N ALA D 280 -16.43 -77.20 -46.44
CA ALA D 280 -17.85 -77.17 -46.04
C ALA D 280 -18.62 -77.88 -47.13
N HIS D 281 -19.13 -79.08 -46.86
CA HIS D 281 -19.88 -79.88 -47.82
C HIS D 281 -21.36 -79.63 -47.60
N THR D 282 -22.00 -78.96 -48.56
CA THR D 282 -23.41 -78.63 -48.47
C THR D 282 -24.22 -79.58 -49.34
N PHE D 283 -25.18 -80.28 -48.71
CA PHE D 283 -26.04 -81.20 -49.43
C PHE D 283 -27.49 -80.83 -49.18
N PRO D 284 -28.35 -80.97 -50.18
CA PRO D 284 -29.76 -80.62 -49.99
C PRO D 284 -30.47 -81.63 -49.10
N THR D 285 -31.41 -81.13 -48.30
CA THR D 285 -32.26 -81.98 -47.48
C THR D 285 -33.71 -81.66 -47.74
N ASP D 286 -34.62 -82.25 -46.96
CA ASP D 286 -36.04 -82.05 -47.18
C ASP D 286 -36.43 -80.60 -46.94
N ASP D 287 -37.57 -80.21 -47.53
CA ASP D 287 -38.11 -78.85 -47.42
C ASP D 287 -37.13 -77.81 -47.95
N GLY D 288 -36.75 -76.86 -47.09
CA GLY D 288 -35.89 -75.78 -47.54
C GLY D 288 -34.52 -76.25 -48.01
N GLY D 289 -34.05 -77.37 -47.48
CA GLY D 289 -32.77 -77.89 -47.87
C GLY D 289 -31.61 -77.03 -47.38
N VAL D 290 -30.47 -77.23 -48.02
CA VAL D 290 -29.26 -76.44 -47.77
C VAL D 290 -28.83 -76.57 -46.32
N ASP D 291 -28.33 -77.74 -45.94
CA ASP D 291 -27.66 -77.94 -44.66
C ASP D 291 -26.31 -78.59 -44.94
N MET D 292 -25.27 -78.10 -44.26
CA MET D 292 -23.91 -78.52 -44.57
C MET D 292 -23.39 -79.47 -43.51
N LYS D 293 -22.55 -80.40 -43.95
CA LYS D 293 -21.86 -81.29 -43.03
C LYS D 293 -20.88 -80.51 -42.16
N CYS D 294 -20.93 -80.77 -40.87
CA CYS D 294 -20.06 -80.07 -39.93
C CYS D 294 -18.61 -80.44 -40.22
N PRO D 295 -17.69 -79.46 -40.30
CA PRO D 295 -16.29 -79.75 -40.63
C PRO D 295 -15.60 -80.60 -39.56
N THR D 296 -15.74 -80.23 -38.29
CA THR D 296 -15.42 -81.14 -37.22
C THR D 296 -16.58 -82.12 -37.03
N GLU D 297 -16.30 -83.30 -36.53
CA GLU D 297 -17.26 -84.40 -36.59
C GLU D 297 -18.57 -84.07 -35.99
N ILE D 298 -18.61 -83.22 -34.97
CA ILE D 298 -19.88 -82.86 -34.32
C ILE D 298 -19.72 -81.49 -33.68
N ALA D 299 -20.84 -80.81 -33.53
CA ALA D 299 -20.89 -79.52 -32.87
C ALA D 299 -20.85 -79.68 -31.40
N ILE D 300 -20.02 -78.89 -30.73
CA ILE D 300 -19.81 -79.01 -29.26
C ILE D 300 -20.34 -77.69 -28.68
N SER D 301 -21.32 -77.80 -27.81
CA SER D 301 -21.79 -76.64 -27.07
C SER D 301 -20.83 -76.15 -26.06
N ASP D 302 -20.96 -74.90 -25.63
CA ASP D 302 -20.08 -74.32 -24.64
C ASP D 302 -20.02 -75.15 -23.37
N ARG D 303 -21.15 -75.74 -23.00
CA ARG D 303 -21.20 -76.63 -21.82
C ARG D 303 -20.38 -77.91 -22.04
N ARG D 304 -20.56 -78.55 -23.19
CA ARG D 304 -19.74 -79.69 -23.58
C ARG D 304 -18.29 -79.28 -23.69
N GLU D 305 -18.01 -78.11 -24.22
CA GLU D 305 -16.64 -77.64 -24.35
C GLU D 305 -15.97 -77.53 -23.00
N ALA D 306 -16.56 -76.80 -22.09
CA ALA D 306 -15.97 -76.66 -20.77
C ALA D 306 -15.88 -77.98 -20.06
N GLU D 307 -16.83 -78.85 -20.29
CA GLU D 307 -16.82 -80.18 -19.65
C GLU D 307 -15.74 -81.06 -20.20
N LEU D 308 -15.35 -80.88 -21.44
CA LEU D 308 -14.23 -81.62 -22.01
C LEU D 308 -12.90 -81.00 -21.58
N ALA D 309 -12.82 -79.68 -21.51
CA ALA D 309 -11.61 -79.05 -21.05
C ALA D 309 -11.35 -79.32 -19.58
N LYS D 310 -12.39 -79.63 -18.82
CA LYS D 310 -12.19 -80.08 -17.44
C LYS D 310 -11.62 -81.45 -17.38
N ASN D 311 -11.90 -82.28 -18.36
CA ASN D 311 -11.43 -83.67 -18.43
C ASN D 311 -10.12 -83.80 -19.12
N GLY D 312 -9.45 -82.69 -19.46
CA GLY D 312 -8.13 -82.73 -20.04
C GLY D 312 -8.14 -83.04 -21.51
N PHE D 313 -9.03 -82.42 -22.28
CA PHE D 313 -9.07 -82.53 -23.71
C PHE D 313 -8.94 -81.14 -24.30
N MET D 314 -8.62 -81.09 -25.59
CA MET D 314 -8.56 -79.85 -26.34
C MET D 314 -9.60 -79.95 -27.45
N PRO D 315 -10.84 -79.56 -27.17
CA PRO D 315 -11.87 -79.70 -28.19
C PRO D 315 -11.66 -78.75 -29.34
N LEU D 316 -11.88 -79.20 -30.56
CA LEU D 316 -11.99 -78.34 -31.70
C LEU D 316 -13.46 -78.19 -32.02
N LEU D 317 -14.03 -77.05 -31.73
CA LEU D 317 -15.46 -76.84 -31.95
C LEU D 317 -15.68 -75.98 -33.14
N HIS D 318 -16.70 -76.33 -33.91
CA HIS D 318 -17.02 -75.65 -35.16
C HIS D 318 -18.08 -74.59 -35.00
N LYS D 319 -17.79 -73.39 -35.49
CA LYS D 319 -18.73 -72.28 -35.42
C LYS D 319 -19.90 -72.63 -36.33
N LYS D 320 -21.12 -72.40 -35.86
CA LYS D 320 -22.30 -72.76 -36.64
C LYS D 320 -22.48 -72.00 -37.95
N ASN D 321 -22.89 -72.71 -38.99
CA ASN D 321 -23.16 -72.10 -40.31
C ASN D 321 -21.98 -71.41 -40.95
N THR D 322 -20.77 -71.83 -40.62
CA THR D 322 -19.54 -71.24 -41.14
C THR D 322 -18.47 -72.31 -41.23
N ASP D 323 -17.51 -72.11 -42.12
CA ASP D 323 -16.41 -73.01 -42.23
C ASP D 323 -15.33 -72.76 -41.16
N PHE D 324 -15.47 -71.74 -40.38
CA PHE D 324 -14.57 -71.41 -39.28
C PHE D 324 -14.69 -72.41 -38.17
N ALA D 325 -13.60 -72.61 -37.44
CA ALA D 325 -13.56 -73.46 -36.24
C ALA D 325 -12.40 -73.02 -35.40
N ALA D 326 -12.41 -73.35 -34.11
CA ALA D 326 -11.40 -72.84 -33.20
C ALA D 326 -11.18 -73.77 -32.04
N PHE D 327 -10.03 -73.63 -31.39
CA PHE D 327 -9.71 -74.20 -30.10
C PHE D 327 -9.96 -73.16 -29.05
N ILE D 328 -10.97 -73.37 -28.20
CA ILE D 328 -11.33 -72.36 -27.19
C ILE D 328 -10.27 -72.29 -26.12
N GLY D 329 -9.72 -73.42 -25.73
CA GLY D 329 -8.65 -73.45 -24.73
C GLY D 329 -7.82 -74.68 -24.97
N ALA D 330 -6.56 -74.55 -24.50
CA ALA D 330 -5.59 -75.67 -24.58
C ALA D 330 -5.31 -76.11 -23.17
N GLN D 331 -5.82 -77.27 -22.80
CA GLN D 331 -5.62 -77.84 -21.47
C GLN D 331 -4.94 -79.16 -21.66
N SER D 332 -3.84 -79.38 -20.95
CA SER D 332 -3.10 -80.62 -21.07
C SER D 332 -3.86 -81.75 -20.43
N LEU D 333 -3.33 -82.95 -20.49
CA LEU D 333 -3.99 -84.11 -19.91
C LEU D 333 -3.98 -84.09 -18.43
N GLN D 334 -3.08 -83.32 -17.84
CA GLN D 334 -2.98 -83.31 -16.39
C GLN D 334 -4.12 -82.62 -15.65
N LYS D 335 -4.64 -83.33 -14.64
CA LYS D 335 -5.67 -82.78 -13.76
C LYS D 335 -4.99 -82.02 -12.65
N PRO D 336 -5.02 -80.69 -12.64
CA PRO D 336 -4.31 -79.94 -11.61
C PRO D 336 -4.89 -80.16 -10.24
N ALA D 337 -4.07 -80.45 -9.26
CA ALA D 337 -4.57 -80.73 -7.92
C ALA D 337 -4.88 -79.47 -7.16
N GLU D 338 -5.92 -79.52 -6.35
CA GLU D 338 -6.31 -78.38 -5.52
C GLU D 338 -5.37 -78.26 -4.31
N TYR D 339 -5.18 -77.05 -3.80
CA TYR D 339 -4.33 -76.83 -2.65
C TYR D 339 -5.02 -75.91 -1.66
N ASP D 340 -4.50 -75.85 -0.44
CA ASP D 340 -5.04 -74.96 0.55
C ASP D 340 -4.88 -73.51 0.15
N ASP D 341 -3.65 -73.09 -0.13
CA ASP D 341 -3.39 -71.72 -0.51
C ASP D 341 -3.90 -71.48 -1.93
N PRO D 342 -4.67 -70.44 -2.18
CA PRO D 342 -5.12 -70.16 -3.54
C PRO D 342 -3.96 -69.86 -4.48
N ASP D 343 -2.83 -69.37 -3.98
CA ASP D 343 -1.69 -69.14 -4.83
C ASP D 343 -1.09 -70.43 -5.35
N ALA D 344 -0.99 -71.43 -4.49
CA ALA D 344 -0.53 -72.75 -4.91
C ALA D 344 -1.48 -73.40 -5.86
N THR D 345 -2.77 -73.17 -5.71
CA THR D 345 -3.76 -73.71 -6.64
C THR D 345 -3.63 -73.00 -7.98
N ALA D 346 -3.34 -71.70 -7.97
CA ALA D 346 -3.12 -70.98 -9.22
C ALA D 346 -1.91 -71.53 -9.94
N ASN D 347 -0.77 -71.63 -9.24
CA ASN D 347 0.41 -72.20 -9.85
C ASN D 347 0.19 -73.59 -10.33
N ALA D 348 -0.65 -74.35 -9.66
CA ALA D 348 -0.95 -75.72 -10.09
C ALA D 348 -1.83 -75.72 -11.32
N ASN D 349 -2.67 -74.70 -11.50
CA ASN D 349 -3.51 -74.64 -12.69
C ASN D 349 -2.73 -74.15 -13.91
N LEU D 350 -1.80 -73.22 -13.70
CA LEU D 350 -1.02 -72.69 -14.82
C LEU D 350 -0.19 -73.78 -15.49
N ALA D 351 0.35 -74.69 -14.69
CA ALA D 351 1.17 -75.75 -15.22
C ALA D 351 0.41 -76.72 -16.09
N ALA D 352 -0.92 -76.80 -15.93
CA ALA D 352 -1.70 -77.73 -16.71
C ALA D 352 -2.11 -77.21 -18.05
N ARG D 353 -1.79 -75.96 -18.37
CA ARG D 353 -2.24 -75.32 -19.61
C ARG D 353 -1.06 -75.22 -20.57
N LEU D 354 -1.21 -75.75 -21.77
CA LEU D 354 -0.19 -75.78 -22.77
C LEU D 354 0.34 -74.40 -23.16
N PRO D 355 -0.50 -73.33 -23.28
CA PRO D 355 0.02 -72.05 -23.65
C PRO D 355 1.21 -71.58 -22.80
N TYR D 356 1.20 -71.89 -21.50
CA TYR D 356 2.29 -71.54 -20.64
C TYR D 356 3.45 -72.54 -20.74
N LEU D 357 3.15 -73.82 -20.80
CA LEU D 357 4.19 -74.82 -20.89
C LEU D 357 5.03 -74.65 -22.13
N PHE D 358 4.47 -74.10 -23.20
CA PHE D 358 5.29 -73.78 -24.37
C PHE D 358 6.26 -72.69 -24.05
N ALA D 359 5.86 -71.73 -23.25
CA ALA D 359 6.76 -70.65 -22.84
C ALA D 359 7.93 -71.22 -22.03
N THR D 360 7.62 -71.97 -20.96
CA THR D 360 8.68 -72.49 -20.13
C THR D 360 9.56 -73.49 -20.87
N CYS D 361 8.99 -74.25 -21.76
CA CYS D 361 9.79 -75.15 -22.60
C CYS D 361 10.76 -74.37 -23.46
N ARG D 362 10.28 -73.28 -24.07
CA ARG D 362 11.17 -72.47 -24.88
C ARG D 362 12.28 -71.89 -24.05
N PHE D 363 11.99 -71.40 -22.86
CA PHE D 363 13.05 -70.91 -21.96
C PHE D 363 14.01 -72.03 -21.58
N ALA D 364 13.54 -73.27 -21.53
CA ALA D 364 14.43 -74.38 -21.25
C ALA D 364 15.38 -74.60 -22.40
N HIS D 365 14.90 -74.51 -23.63
CA HIS D 365 15.77 -74.63 -24.79
C HIS D 365 16.81 -73.54 -24.80
N TYR D 366 16.37 -72.27 -24.70
CA TYR D 366 17.30 -71.17 -24.67
C TYR D 366 18.33 -71.34 -23.59
N LEU D 367 17.90 -71.59 -22.37
CA LEU D 367 18.83 -71.70 -21.23
C LEU D 367 19.80 -72.80 -21.45
N LYS D 368 19.35 -73.93 -21.99
CA LYS D 368 20.24 -75.06 -22.30
C LYS D 368 21.36 -74.62 -23.23
N CYS D 369 21.01 -74.00 -24.34
CA CYS D 369 22.01 -73.64 -25.33
C CYS D 369 22.96 -72.57 -24.79
N ILE D 370 22.41 -71.50 -24.20
CA ILE D 370 23.24 -70.38 -23.81
C ILE D 370 24.15 -70.75 -22.65
N VAL D 371 23.64 -71.51 -21.69
CA VAL D 371 24.48 -71.92 -20.56
C VAL D 371 25.50 -72.93 -21.03
N ARG D 372 25.11 -73.86 -21.88
CA ARG D 372 26.08 -74.80 -22.45
C ARG D 372 27.20 -74.09 -23.14
N ASP D 373 26.93 -72.96 -23.78
CA ASP D 373 28.00 -72.17 -24.41
C ASP D 373 28.76 -71.33 -23.40
N LYS D 374 28.17 -71.04 -22.23
CA LYS D 374 28.83 -70.25 -21.20
C LYS D 374 29.69 -71.09 -20.26
N ILE D 375 29.72 -72.42 -20.42
CA ILE D 375 30.53 -73.27 -19.57
C ILE D 375 31.99 -72.98 -19.82
N GLY D 376 32.75 -72.71 -18.72
CA GLY D 376 34.14 -72.40 -18.86
C GLY D 376 34.51 -70.95 -18.72
N SER D 377 33.55 -70.09 -18.59
CA SER D 377 33.77 -68.66 -18.35
C SER D 377 33.84 -68.34 -16.89
N PHE D 378 34.64 -67.41 -16.50
CA PHE D 378 34.82 -67.06 -15.10
C PHE D 378 33.54 -66.50 -14.52
N LYS D 379 33.00 -67.17 -13.52
CA LYS D 379 31.68 -66.86 -12.97
C LYS D 379 31.70 -67.12 -11.48
N GLU D 380 31.17 -66.14 -10.72
CA GLU D 380 30.88 -66.28 -9.31
C GLU D 380 29.37 -66.40 -9.13
N LYS D 381 28.92 -66.54 -7.89
CA LYS D 381 27.49 -66.54 -7.64
C LYS D 381 26.88 -65.22 -8.09
N ASP D 382 27.55 -64.09 -7.78
CA ASP D 382 27.03 -62.81 -8.17
C ASP D 382 27.07 -62.62 -9.69
N GLU D 383 28.13 -63.14 -10.34
CA GLU D 383 28.22 -63.04 -11.78
C GLU D 383 27.08 -63.82 -12.45
N MET D 384 26.84 -65.04 -12.00
CA MET D 384 25.72 -65.82 -12.53
C MET D 384 24.38 -65.15 -12.21
N GLN D 385 24.27 -64.51 -11.06
CA GLN D 385 23.04 -63.79 -10.74
C GLN D 385 22.78 -62.66 -11.70
N ARG D 386 23.83 -61.90 -12.04
CA ARG D 386 23.64 -60.77 -12.96
C ARG D 386 23.41 -61.26 -14.36
N TRP D 387 24.06 -62.34 -14.77
CA TRP D 387 23.92 -62.80 -16.14
C TRP D 387 22.58 -63.47 -16.38
N LEU D 388 22.13 -64.28 -15.44
CA LEU D 388 20.79 -64.91 -15.56
C LEU D 388 19.69 -63.90 -15.33
N GLN D 389 19.87 -63.03 -14.34
CA GLN D 389 18.86 -61.99 -14.06
C GLN D 389 18.70 -61.05 -15.23
N ASP D 390 19.80 -60.65 -15.85
CA ASP D 390 19.72 -59.76 -16.99
C ASP D 390 19.45 -60.51 -18.29
N TRP D 391 19.62 -61.83 -18.32
CA TRP D 391 19.25 -62.56 -19.51
C TRP D 391 17.75 -62.81 -19.57
N ILE D 392 17.15 -63.20 -18.45
CA ILE D 392 15.70 -63.46 -18.43
C ILE D 392 14.92 -62.19 -18.56
N LEU D 393 15.56 -61.02 -18.31
CA LEU D 393 14.81 -59.77 -18.20
C LEU D 393 14.59 -59.09 -19.54
N ASN D 394 15.13 -59.64 -20.64
CA ASN D 394 14.85 -59.08 -21.94
C ASN D 394 13.65 -59.73 -22.59
N TYR D 395 13.11 -60.79 -22.00
CA TYR D 395 11.83 -61.36 -22.44
C TYR D 395 10.66 -60.84 -21.61
N VAL D 396 10.90 -59.89 -20.72
CA VAL D 396 9.87 -59.31 -19.86
C VAL D 396 9.72 -57.85 -20.24
N ASP D 397 8.46 -57.43 -20.40
CA ASP D 397 8.17 -55.99 -20.68
C ASP D 397 7.64 -55.35 -19.40
N GLY D 398 8.48 -54.55 -18.75
CA GLY D 398 8.18 -54.06 -17.41
C GLY D 398 7.26 -52.83 -17.39
N ASP D 399 7.67 -51.80 -18.13
CA ASP D 399 6.89 -50.56 -18.22
C ASP D 399 5.52 -50.66 -18.89
N PRO D 400 5.42 -51.46 -19.94
CA PRO D 400 4.18 -51.57 -20.74
C PRO D 400 3.25 -52.72 -20.39
N ALA D 401 3.49 -53.43 -19.30
CA ALA D 401 2.63 -54.55 -18.92
C ALA D 401 1.10 -54.34 -19.01
N HIS D 402 0.57 -53.21 -18.53
CA HIS D 402 -0.87 -53.03 -18.65
C HIS D 402 -1.29 -52.58 -20.06
N SER D 403 -0.47 -51.72 -20.68
CA SER D 403 -0.79 -51.19 -22.01
C SER D 403 0.18 -51.75 -23.03
N THR D 404 -0.29 -52.78 -23.74
CA THR D 404 0.43 -53.45 -24.84
C THR D 404 -0.56 -54.38 -25.59
N GLU D 405 -0.23 -54.79 -26.82
CA GLU D 405 -1.18 -55.72 -27.47
C GLU D 405 -0.47 -56.96 -28.01
N THR D 406 0.36 -56.77 -29.06
CA THR D 406 1.11 -57.86 -29.64
C THR D 406 2.39 -58.16 -28.86
N THR D 407 2.97 -57.16 -28.18
CA THR D 407 4.23 -57.44 -27.48
C THR D 407 3.98 -58.39 -26.30
N LYS D 408 2.77 -58.41 -25.75
CA LYS D 408 2.47 -59.38 -24.71
C LYS D 408 2.58 -60.81 -25.25
N ALA D 409 2.35 -60.99 -26.54
CA ALA D 409 2.57 -62.29 -27.17
C ALA D 409 4.05 -62.52 -27.46
N GLN D 410 4.78 -61.46 -27.79
CA GLN D 410 6.20 -61.61 -28.07
C GLN D 410 7.02 -61.68 -26.81
N HIS D 411 6.61 -60.96 -25.76
CA HIS D 411 7.26 -61.13 -24.46
C HIS D 411 6.32 -61.95 -23.59
N PRO D 412 6.59 -63.24 -23.39
CA PRO D 412 5.62 -64.11 -22.73
C PRO D 412 5.50 -63.85 -21.21
N LEU D 413 6.47 -63.17 -20.58
CA LEU D 413 6.52 -63.04 -19.16
C LEU D 413 6.16 -61.65 -18.71
N ALA D 414 5.29 -61.54 -17.71
CA ALA D 414 5.01 -60.27 -17.08
C ALA D 414 6.08 -59.89 -16.06
N ALA D 415 6.76 -60.88 -15.47
CA ALA D 415 7.84 -60.63 -14.53
C ALA D 415 8.70 -61.86 -14.44
N ALA D 416 9.91 -61.70 -13.92
CA ALA D 416 10.88 -62.79 -13.80
C ALA D 416 11.72 -62.61 -12.57
N GLU D 417 12.00 -63.70 -11.88
CA GLU D 417 12.77 -63.67 -10.63
C GLU D 417 13.69 -64.86 -10.61
N VAL D 418 14.93 -64.62 -10.27
CA VAL D 418 16.00 -65.65 -10.33
C VAL D 418 16.61 -65.71 -8.92
N VAL D 419 16.72 -66.93 -8.39
CA VAL D 419 17.44 -67.17 -7.16
C VAL D 419 18.56 -68.13 -7.48
N VAL D 420 19.80 -67.70 -7.33
CA VAL D 420 20.99 -68.49 -7.65
C VAL D 420 21.59 -68.93 -6.31
N GLU D 421 22.03 -70.19 -6.27
CA GLU D 421 22.67 -70.75 -5.08
C GLU D 421 23.83 -71.60 -5.53
N GLU D 422 25.00 -71.38 -4.95
CA GLU D 422 26.17 -72.17 -5.29
C GLU D 422 26.15 -73.51 -4.55
N VAL D 423 26.43 -74.59 -5.26
CA VAL D 423 26.43 -75.91 -4.66
C VAL D 423 27.65 -75.99 -3.71
N GLU D 424 27.38 -76.33 -2.45
CA GLU D 424 28.44 -76.43 -1.45
C GLU D 424 29.30 -77.65 -1.73
N GLY D 425 30.58 -77.57 -1.38
CA GLY D 425 31.45 -78.68 -1.63
C GLY D 425 31.81 -78.88 -3.10
N ASN D 426 31.91 -77.80 -3.86
CA ASN D 426 32.19 -77.88 -5.29
C ASN D 426 32.32 -76.45 -5.85
N PRO D 427 33.36 -76.16 -6.61
CA PRO D 427 33.42 -74.89 -7.33
C PRO D 427 32.67 -74.94 -8.64
N GLY D 428 32.26 -73.76 -9.11
CA GLY D 428 31.78 -73.67 -10.51
C GLY D 428 30.43 -74.33 -10.77
N TYR D 429 29.83 -75.02 -9.78
CA TYR D 429 28.52 -75.61 -9.94
C TYR D 429 27.52 -74.79 -9.14
N TYR D 430 26.37 -74.47 -9.80
CA TYR D 430 25.36 -73.64 -9.15
C TYR D 430 23.99 -74.25 -9.33
N ASN D 431 23.07 -73.89 -8.45
CA ASN D 431 21.65 -74.22 -8.56
C ASN D 431 20.87 -72.94 -8.70
N SER D 432 19.94 -72.92 -9.64
CA SER D 432 19.14 -71.72 -9.91
C SER D 432 17.67 -72.05 -9.91
N LYS D 433 16.86 -71.06 -9.58
CA LYS D 433 15.39 -71.17 -9.65
C LYS D 433 14.88 -69.99 -10.44
N PHE D 434 14.10 -70.24 -11.46
CA PHE D 434 13.50 -69.21 -12.29
C PHE D 434 12.02 -69.12 -11.97
N PHE D 435 11.61 -68.01 -11.36
CA PHE D 435 10.20 -67.72 -11.13
C PHE D 435 9.77 -66.74 -12.18
N LEU D 436 8.94 -67.22 -13.14
CA LEU D 436 8.51 -66.36 -14.24
C LEU D 436 6.98 -66.34 -14.27
N ARG D 437 6.41 -65.13 -14.22
CA ARG D 437 4.98 -64.96 -14.18
C ARG D 437 4.46 -64.69 -15.59
N PRO D 438 3.70 -65.61 -16.18
CA PRO D 438 3.21 -65.41 -17.54
C PRO D 438 2.09 -64.41 -17.60
N HIS D 439 1.79 -63.94 -18.81
CA HIS D 439 0.62 -63.11 -19.02
C HIS D 439 -0.64 -63.97 -18.97
N TYR D 440 -1.56 -63.62 -18.07
CA TYR D 440 -2.79 -64.39 -17.93
C TYR D 440 -3.63 -64.32 -19.18
N GLN D 441 -4.43 -65.34 -19.44
CA GLN D 441 -5.35 -65.36 -20.56
C GLN D 441 -6.77 -65.56 -20.09
N LEU D 442 -7.71 -64.85 -20.70
CA LEU D 442 -9.12 -64.97 -20.26
C LEU D 442 -9.59 -66.41 -20.43
N GLU D 443 -10.02 -67.02 -19.35
CA GLU D 443 -10.48 -68.39 -19.35
C GLU D 443 -12.00 -68.56 -19.29
N GLY D 444 -12.64 -67.80 -18.42
CA GLY D 444 -14.10 -67.83 -18.32
C GLY D 444 -14.63 -66.61 -17.62
N LEU D 445 -15.93 -66.39 -17.71
CA LEU D 445 -16.50 -65.21 -17.05
C LEU D 445 -17.93 -65.51 -16.69
N THR D 446 -18.26 -65.34 -15.40
CA THR D 446 -19.66 -65.45 -14.95
C THR D 446 -20.16 -64.06 -14.72
N VAL D 447 -21.28 -63.69 -15.38
CA VAL D 447 -21.83 -62.34 -15.25
C VAL D 447 -23.18 -62.45 -14.65
N SER D 448 -23.46 -61.65 -13.63
CA SER D 448 -24.82 -61.48 -13.06
C SER D 448 -25.29 -60.08 -13.33
N LEU D 449 -26.26 -59.93 -14.19
CA LEU D 449 -26.80 -58.58 -14.56
C LEU D 449 -27.86 -58.24 -13.51
N ARG D 450 -27.90 -56.96 -13.13
CA ARG D 450 -28.87 -56.53 -12.10
C ARG D 450 -29.60 -55.28 -12.55
N LEU D 451 -30.93 -55.34 -12.69
CA LEU D 451 -31.69 -54.15 -12.92
C LEU D 451 -31.85 -53.36 -11.64
N VAL D 452 -31.35 -52.13 -11.60
CA VAL D 452 -31.16 -51.39 -10.38
C VAL D 452 -31.75 -50.00 -10.59
N SER D 453 -32.54 -49.56 -9.59
CA SER D 453 -33.11 -48.21 -9.63
C SER D 453 -32.10 -47.19 -9.18
N LYS D 454 -31.27 -47.49 -8.19
CA LYS D 454 -30.27 -46.53 -7.67
C LYS D 454 -28.95 -47.27 -7.60
N LEU D 455 -27.97 -46.82 -8.38
CA LEU D 455 -26.69 -47.51 -8.49
C LEU D 455 -26.06 -47.77 -7.12
N PRO D 456 -25.74 -49.01 -6.80
CA PRO D 456 -25.23 -49.29 -5.42
C PRO D 456 -23.86 -48.73 -5.19
N SER D 457 -23.04 -48.58 -6.24
CA SER D 457 -21.68 -48.09 -6.03
C SER D 457 -21.70 -46.60 -5.71
N ALA D 458 -22.26 -45.79 -6.61
CA ALA D 458 -22.22 -44.34 -6.40
C ALA D 458 -23.51 -43.63 -5.91
N LYS D 459 -24.65 -43.92 -6.56
CA LYS D 459 -25.88 -43.26 -6.23
C LYS D 459 -26.33 -43.56 -4.78
N GLU D 460 -26.14 -44.83 -4.37
CA GLU D 460 -26.51 -45.26 -3.05
C GLU D 460 -25.25 -45.37 -2.19
N ALA D 461 -25.10 -44.44 -1.23
CA ALA D 461 -23.92 -44.37 -0.39
C ALA D 461 -24.18 -43.19 0.61
N THR E 1 88.94 -8.74 -14.73
CA THR E 1 90.38 -8.91 -14.52
C THR E 1 90.98 -7.68 -13.85
N THR E 2 90.22 -7.09 -12.92
CA THR E 2 90.61 -5.91 -12.15
C THR E 2 91.27 -4.76 -12.94
N SER E 3 90.43 -4.00 -13.64
CA SER E 3 90.87 -2.87 -14.46
C SER E 3 91.83 -1.93 -13.73
N SER E 4 92.85 -1.49 -14.46
CA SER E 4 93.87 -0.58 -13.91
C SER E 4 93.27 0.54 -13.15
N GLN E 5 92.05 0.93 -13.44
CA GLN E 5 91.33 1.92 -12.62
C GLN E 5 91.18 1.45 -11.22
N LYS E 6 91.03 0.16 -10.99
CA LYS E 6 91.01 -0.41 -9.64
C LYS E 6 92.36 -0.34 -9.01
N PHE E 7 93.42 -0.53 -9.76
CA PHE E 7 94.78 -0.35 -9.21
C PHE E 7 94.96 1.06 -8.75
N ILE E 8 94.58 2.04 -9.56
CA ILE E 8 94.65 3.45 -9.15
C ILE E 8 93.78 3.70 -7.93
N ALA E 9 92.65 2.99 -7.84
CA ALA E 9 91.73 3.22 -6.74
C ALA E 9 92.25 2.72 -5.45
N ARG E 10 92.73 1.48 -5.41
CA ARG E 10 93.19 0.87 -4.16
C ARG E 10 94.56 1.26 -3.79
N ASN E 11 95.42 1.58 -4.75
CA ASN E 11 96.83 1.82 -4.46
C ASN E 11 97.22 3.18 -3.98
N ARG E 12 96.95 4.20 -4.75
CA ARG E 12 97.10 5.63 -4.27
C ARG E 12 95.93 6.32 -4.97
N ALA E 13 94.97 6.70 -4.16
CA ALA E 13 93.71 7.13 -4.72
C ALA E 13 93.64 8.62 -4.76
N PRO E 14 93.29 9.23 -5.92
CA PRO E 14 92.96 10.62 -5.92
C PRO E 14 91.70 10.86 -5.09
N ARG E 15 91.50 12.10 -4.63
CA ARG E 15 90.28 12.43 -3.93
C ARG E 15 89.08 12.17 -4.83
N VAL E 16 89.20 12.45 -6.13
CA VAL E 16 88.17 12.11 -7.11
C VAL E 16 88.68 10.93 -7.91
N GLN E 17 88.11 9.76 -7.73
CA GLN E 17 88.53 8.53 -8.44
C GLN E 17 87.36 8.05 -9.22
N ILE E 18 87.53 7.96 -10.54
CA ILE E 18 86.41 7.63 -11.44
C ILE E 18 86.78 6.34 -12.16
N GLU E 19 86.02 5.29 -11.94
CA GLU E 19 86.21 4.00 -12.56
C GLU E 19 84.98 3.67 -13.40
N TYR E 20 85.18 2.79 -14.38
CA TYR E 20 84.09 2.27 -15.16
C TYR E 20 83.99 0.79 -14.98
N ASP E 21 82.82 0.30 -14.58
CA ASP E 21 82.61 -1.14 -14.42
C ASP E 21 81.35 -1.57 -15.11
N VAL E 22 81.42 -2.70 -15.81
CA VAL E 22 80.27 -3.24 -16.56
C VAL E 22 79.24 -3.70 -15.50
N GLU E 23 77.96 -3.40 -15.80
CA GLU E 23 76.92 -3.79 -14.92
C GLU E 23 76.31 -5.12 -15.29
N LEU E 24 76.47 -6.13 -14.44
CA LEU E 24 75.86 -7.45 -14.60
C LEU E 24 75.10 -7.76 -13.33
N TYR E 25 73.79 -7.80 -13.39
CA TYR E 25 72.96 -8.04 -12.22
C TYR E 25 73.17 -9.39 -11.59
N GLY E 26 73.09 -10.43 -12.40
CA GLY E 26 73.26 -11.79 -11.91
C GLY E 26 74.55 -12.49 -12.27
N ALA E 27 75.43 -11.81 -13.01
CA ALA E 27 76.71 -12.38 -13.43
C ALA E 27 76.48 -13.73 -14.12
N GLU E 28 77.20 -14.75 -13.67
CA GLU E 28 77.02 -16.10 -14.22
C GLU E 28 77.09 -16.25 -15.74
N LYS E 29 78.25 -15.94 -16.32
CA LYS E 29 78.45 -16.04 -17.76
C LYS E 29 78.32 -17.47 -18.29
N LYS E 30 77.93 -17.58 -19.57
CA LYS E 30 77.70 -18.88 -20.21
C LYS E 30 78.94 -19.77 -20.29
N VAL E 31 78.69 -21.08 -20.28
CA VAL E 31 79.75 -22.08 -20.17
C VAL E 31 80.46 -22.33 -21.51
N GLN E 32 79.86 -21.94 -22.64
CA GLN E 32 80.46 -22.18 -23.94
C GLN E 32 80.50 -23.68 -24.20
N LEU E 33 81.70 -24.27 -24.23
CA LEU E 33 81.88 -25.71 -24.42
C LEU E 33 81.36 -26.19 -25.77
N PRO E 34 82.11 -25.95 -26.83
CA PRO E 34 81.70 -26.42 -28.16
C PRO E 34 81.56 -27.94 -28.22
N PHE E 35 80.84 -28.39 -29.25
CA PHE E 35 80.59 -29.81 -29.47
C PHE E 35 81.64 -30.35 -30.44
N VAL E 36 82.52 -31.19 -29.94
CA VAL E 36 83.52 -31.87 -30.77
C VAL E 36 83.05 -33.29 -31.01
N MET E 37 83.33 -33.82 -32.19
CA MET E 37 83.00 -35.20 -32.52
C MET E 37 84.28 -35.92 -32.93
N GLY E 38 84.73 -36.86 -32.10
CA GLY E 38 85.91 -37.62 -32.40
C GLY E 38 85.56 -38.77 -33.32
N VAL E 39 86.33 -38.96 -34.38
CA VAL E 39 86.06 -40.03 -35.32
C VAL E 39 87.20 -41.00 -35.43
N MET E 40 86.90 -42.29 -35.34
CA MET E 40 87.91 -43.33 -35.45
C MET E 40 87.63 -44.11 -36.71
N ALA E 41 88.65 -44.35 -37.51
CA ALA E 41 88.43 -45.04 -38.77
C ALA E 41 89.73 -45.69 -39.21
N ASP E 42 89.63 -46.64 -40.14
CA ASP E 42 90.81 -47.29 -40.69
C ASP E 42 91.23 -46.53 -41.93
N LEU E 43 92.37 -45.85 -41.85
CA LEU E 43 92.89 -45.05 -42.95
C LEU E 43 94.35 -45.42 -43.18
N ALA E 44 94.81 -45.21 -44.41
CA ALA E 44 96.15 -45.61 -44.84
C ALA E 44 96.35 -47.11 -44.64
N GLY E 45 95.39 -47.87 -45.15
CA GLY E 45 95.44 -49.32 -45.04
C GLY E 45 96.65 -49.89 -45.75
N LYS E 46 97.38 -50.78 -45.09
CA LYS E 46 98.62 -51.35 -45.60
C LYS E 46 99.60 -50.25 -45.97
N PRO E 47 100.15 -49.52 -45.00
CA PRO E 47 101.11 -48.46 -45.31
C PRO E 47 102.46 -49.05 -45.68
N ALA E 48 103.27 -48.22 -46.33
CA ALA E 48 104.60 -48.67 -46.76
C ALA E 48 105.66 -48.64 -45.66
N GLU E 49 105.43 -47.87 -44.60
CA GLU E 49 106.41 -47.71 -43.53
C GLU E 49 105.80 -48.31 -42.28
N PRO E 50 106.54 -48.37 -41.16
CA PRO E 50 105.91 -48.73 -39.88
C PRO E 50 104.81 -47.77 -39.44
N GLN E 51 104.70 -46.61 -40.07
CA GLN E 51 103.74 -45.57 -39.70
C GLN E 51 104.07 -45.04 -38.30
N ALA E 52 103.12 -45.10 -37.39
CA ALA E 52 103.33 -44.54 -36.05
C ALA E 52 102.76 -45.49 -35.02
N ALA E 53 103.44 -45.56 -33.88
CA ALA E 53 102.96 -46.37 -32.77
C ALA E 53 101.72 -45.72 -32.15
N VAL E 54 100.95 -46.54 -31.46
CA VAL E 54 99.74 -46.05 -30.79
C VAL E 54 100.16 -45.13 -29.65
N ALA E 55 99.22 -44.27 -29.23
CA ALA E 55 99.41 -43.23 -28.22
C ALA E 55 100.22 -42.07 -28.77
N ASP E 56 100.89 -42.28 -29.90
CA ASP E 56 101.53 -41.19 -30.64
C ASP E 56 100.69 -40.70 -31.82
N ARG E 57 99.55 -41.33 -32.09
CA ARG E 57 98.72 -40.92 -33.22
C ARG E 57 97.83 -39.73 -32.89
N LYS E 58 97.33 -39.68 -31.67
CA LYS E 58 96.50 -38.55 -31.25
C LYS E 58 95.22 -38.47 -32.06
N PHE E 59 94.57 -37.32 -31.99
CA PHE E 59 93.36 -37.04 -32.75
C PHE E 59 93.68 -35.76 -33.50
N LEU E 60 93.48 -35.74 -34.80
CA LEU E 60 93.80 -34.55 -35.57
C LEU E 60 92.55 -33.88 -36.06
N GLU E 61 92.43 -32.58 -35.82
CA GLU E 61 91.26 -31.86 -36.25
C GLU E 61 91.18 -31.88 -37.76
N ILE E 62 89.98 -32.04 -38.27
CA ILE E 62 89.72 -32.11 -39.70
C ILE E 62 88.51 -31.20 -40.00
N ASP E 63 88.46 -30.73 -41.23
CA ASP E 63 87.42 -29.84 -41.72
C ASP E 63 87.53 -29.80 -43.23
N VAL E 64 86.74 -28.94 -43.87
CA VAL E 64 86.80 -28.80 -45.30
C VAL E 64 88.08 -28.11 -45.76
N ASP E 65 88.76 -27.42 -44.86
CA ASP E 65 89.95 -26.66 -45.23
C ASP E 65 91.16 -27.56 -45.36
N ASN E 66 91.43 -28.42 -44.39
CA ASN E 66 92.63 -29.24 -44.35
C ASN E 66 92.42 -30.65 -44.85
N PHE E 67 91.25 -30.97 -45.35
CA PHE E 67 90.91 -32.36 -45.71
C PHE E 67 91.96 -32.96 -46.64
N ASP E 68 92.22 -32.31 -47.74
CA ASP E 68 93.25 -32.78 -48.66
C ASP E 68 94.63 -32.76 -48.02
N ALA E 69 94.89 -31.83 -47.12
CA ALA E 69 96.14 -31.85 -46.39
C ALA E 69 96.19 -32.99 -45.40
N ARG E 70 95.03 -33.45 -44.93
CA ARG E 70 94.98 -34.61 -44.06
C ARG E 70 95.22 -35.91 -44.87
N LEU E 71 94.71 -36.00 -46.09
CA LEU E 71 95.05 -37.13 -46.90
C LEU E 71 96.54 -37.12 -47.26
N LYS E 72 97.02 -36.03 -47.84
CA LYS E 72 98.41 -35.97 -48.25
C LYS E 72 99.35 -36.14 -47.09
N ALA E 73 98.97 -35.68 -45.91
CA ALA E 73 99.80 -35.89 -44.72
C ALA E 73 99.73 -37.32 -44.27
N MET E 74 98.55 -37.94 -44.33
CA MET E 74 98.40 -39.31 -43.86
C MET E 74 98.90 -40.33 -44.85
N LYS E 75 98.97 -39.98 -46.11
CA LYS E 75 99.42 -40.86 -47.22
C LYS E 75 98.72 -42.21 -47.24
N PRO E 76 97.39 -42.24 -47.42
CA PRO E 76 96.74 -43.49 -47.62
C PRO E 76 97.09 -44.19 -48.88
N ARG E 77 97.44 -45.49 -48.77
CA ARG E 77 97.92 -46.19 -49.97
C ARG E 77 97.28 -47.55 -50.08
N VAL E 78 97.41 -48.19 -51.22
CA VAL E 78 96.87 -49.50 -51.48
C VAL E 78 97.76 -50.24 -52.42
N ALA E 79 98.07 -51.50 -52.10
CA ALA E 79 98.94 -52.32 -52.94
C ALA E 79 98.34 -53.70 -53.02
N PHE E 80 98.02 -54.17 -54.23
CA PHE E 80 97.53 -55.50 -54.42
C PHE E 80 97.70 -55.96 -55.82
N ASN E 81 97.60 -57.29 -56.02
CA ASN E 81 97.68 -57.89 -57.37
C ASN E 81 96.30 -57.92 -57.96
N VAL E 82 96.23 -57.65 -59.26
CA VAL E 82 94.92 -57.67 -59.95
C VAL E 82 95.14 -58.30 -61.30
N PRO E 83 94.19 -59.12 -61.80
CA PRO E 83 94.36 -59.70 -63.12
C PRO E 83 94.54 -58.64 -64.19
N ASN E 84 95.46 -58.92 -65.12
CA ASN E 84 95.79 -57.96 -66.18
C ASN E 84 94.95 -58.34 -67.41
N VAL E 85 93.98 -57.50 -67.73
CA VAL E 85 93.15 -57.76 -68.91
C VAL E 85 93.73 -57.12 -70.17
N LEU E 86 94.71 -56.22 -70.01
CA LEU E 86 95.28 -55.54 -71.16
C LEU E 86 95.99 -56.43 -72.18
N THR E 87 96.87 -57.32 -71.70
CA THR E 87 97.61 -58.21 -72.61
C THR E 87 97.83 -59.64 -72.07
N GLY E 88 96.74 -60.36 -71.78
CA GLY E 88 96.87 -61.72 -71.27
C GLY E 88 97.71 -61.71 -70.01
N GLU E 89 98.74 -62.56 -69.95
CA GLU E 89 99.63 -62.53 -68.77
C GLU E 89 98.86 -63.09 -67.56
N GLY E 90 98.72 -62.32 -66.49
CA GLY E 90 98.31 -62.83 -65.20
C GLY E 90 98.16 -61.54 -64.32
N ASN E 91 98.20 -61.80 -63.00
CA ASN E 91 98.11 -60.77 -62.03
C ASN E 91 99.05 -59.60 -62.33
N LEU E 92 98.53 -58.38 -62.15
CA LEU E 92 99.29 -57.15 -62.25
C LEU E 92 99.36 -56.47 -60.88
N SER E 93 100.54 -56.38 -60.31
CA SER E 93 100.75 -55.72 -59.02
C SER E 93 100.80 -54.25 -59.19
N LEU E 94 99.89 -53.53 -58.53
CA LEU E 94 99.84 -52.06 -58.60
C LEU E 94 100.06 -51.47 -57.24
N ASP E 95 100.76 -50.35 -57.19
CA ASP E 95 101.00 -49.66 -55.93
C ASP E 95 100.43 -48.27 -56.08
N ILE E 96 99.47 -47.93 -55.24
CA ILE E 96 98.85 -46.62 -55.32
C ILE E 96 98.78 -45.91 -53.97
N THR E 97 99.20 -44.65 -53.95
CA THR E 97 99.10 -43.85 -52.74
C THR E 97 98.27 -42.61 -53.11
N PHE E 98 97.16 -42.40 -52.40
CA PHE E 98 96.22 -41.38 -52.78
C PHE E 98 96.54 -40.10 -51.96
N GLU E 99 96.92 -39.04 -52.67
CA GLU E 99 97.25 -37.78 -52.03
C GLU E 99 96.13 -36.75 -52.07
N SER E 100 94.98 -37.10 -52.61
CA SER E 100 93.87 -36.12 -52.66
C SER E 100 92.57 -36.87 -52.85
N MET E 101 91.47 -36.23 -52.53
CA MET E 101 90.19 -36.89 -52.66
C MET E 101 89.83 -37.18 -54.10
N ASP E 102 90.50 -36.50 -55.01
CA ASP E 102 90.29 -36.71 -56.43
C ASP E 102 91.07 -37.94 -56.93
N ASP E 103 91.96 -38.48 -56.10
CA ASP E 103 92.77 -39.61 -56.51
C ASP E 103 92.01 -40.91 -56.41
N PHE E 104 90.80 -40.92 -55.87
CA PHE E 104 89.94 -42.08 -55.91
C PHE E 104 89.10 -42.15 -57.17
N SER E 105 89.08 -41.08 -57.95
CA SER E 105 88.36 -41.11 -59.22
C SER E 105 89.05 -42.03 -60.20
N PRO E 106 88.32 -42.61 -61.15
CA PRO E 106 88.95 -43.60 -62.04
C PRO E 106 90.03 -42.96 -62.95
N ALA E 107 89.89 -41.71 -63.31
CA ALA E 107 90.91 -41.04 -64.09
C ALA E 107 92.24 -40.99 -63.37
N ALA E 108 92.23 -40.50 -62.14
CA ALA E 108 93.45 -40.44 -61.34
C ALA E 108 93.98 -41.82 -61.02
N VAL E 109 93.11 -42.80 -60.83
CA VAL E 109 93.56 -44.18 -60.67
C VAL E 109 94.33 -44.61 -61.88
N ALA E 110 93.84 -44.30 -63.07
CA ALA E 110 94.55 -44.66 -64.29
C ALA E 110 95.88 -43.89 -64.41
N ARG E 111 95.92 -42.64 -63.97
CA ARG E 111 97.14 -41.87 -64.06
C ARG E 111 98.21 -42.35 -63.10
N LYS E 112 97.79 -42.97 -61.96
CA LYS E 112 98.77 -43.41 -60.99
C LYS E 112 99.43 -44.71 -61.38
N VAL E 113 98.66 -45.68 -61.89
CA VAL E 113 99.27 -46.92 -62.37
C VAL E 113 100.03 -46.58 -63.67
N ASP E 114 101.32 -47.00 -63.71
CA ASP E 114 102.20 -46.51 -64.77
C ASP E 114 101.78 -47.06 -66.17
N SER E 115 101.41 -48.33 -66.24
CA SER E 115 100.96 -48.88 -67.49
C SER E 115 99.71 -48.17 -67.99
N LEU E 116 98.68 -48.11 -67.15
CA LEU E 116 97.47 -47.37 -67.50
C LEU E 116 97.78 -45.90 -67.75
N ASN E 117 98.85 -45.36 -67.17
CA ASN E 117 99.28 -44.01 -67.50
C ASN E 117 99.75 -43.94 -68.94
N LYS E 118 100.52 -44.94 -69.38
CA LYS E 118 101.00 -44.94 -70.76
C LYS E 118 99.82 -45.10 -71.74
N LEU E 119 98.86 -45.97 -71.41
CA LEU E 119 97.72 -46.12 -72.26
C LEU E 119 96.84 -44.87 -72.30
N LEU E 120 96.63 -44.26 -71.15
CA LEU E 120 95.82 -43.05 -71.10
C LEU E 120 96.50 -41.91 -71.86
N GLU E 121 97.83 -41.79 -71.73
CA GLU E 121 98.53 -40.77 -72.50
C GLU E 121 98.44 -41.08 -74.01
N ALA E 122 98.48 -42.35 -74.37
CA ALA E 122 98.27 -42.71 -75.77
C ALA E 122 96.91 -42.24 -76.26
N ARG E 123 95.88 -42.43 -75.41
CA ARG E 123 94.55 -42.02 -75.83
C ARG E 123 94.44 -40.48 -75.94
N THR E 124 95.06 -39.76 -75.01
CA THR E 124 95.00 -38.31 -75.11
C THR E 124 95.79 -37.80 -76.30
N GLN E 125 96.86 -38.50 -76.69
CA GLN E 125 97.62 -38.08 -77.86
C GLN E 125 96.88 -38.38 -79.14
N LEU E 126 96.12 -39.48 -79.19
CA LEU E 126 95.36 -39.80 -80.39
C LEU E 126 94.11 -38.94 -80.50
N ALA E 127 93.37 -38.78 -79.41
CA ALA E 127 92.18 -37.93 -79.42
C ALA E 127 92.55 -36.47 -79.64
N ASN E 128 93.69 -36.06 -79.09
CA ASN E 128 94.21 -34.72 -79.39
C ASN E 128 94.79 -34.66 -80.79
N LEU E 129 95.11 -35.81 -81.39
CA LEU E 129 95.64 -35.84 -82.75
C LEU E 129 94.52 -35.71 -83.77
N LEU E 130 93.36 -36.36 -83.53
CA LEU E 130 92.26 -36.28 -84.48
C LEU E 130 91.75 -34.85 -84.60
N THR E 131 91.90 -34.04 -83.57
CA THR E 131 91.53 -32.63 -83.61
C THR E 131 92.80 -31.81 -83.80
N TYR E 132 93.00 -31.30 -85.01
CA TYR E 132 94.12 -30.45 -85.38
C TYR E 132 95.44 -30.73 -84.63
N ARG F 1 76.17 -27.38 -120.90
CA ARG F 1 75.98 -28.88 -120.79
C ARG F 1 76.99 -29.41 -119.74
N GLU F 2 78.02 -30.10 -120.25
CA GLU F 2 79.12 -30.58 -119.45
C GLU F 2 80.27 -29.57 -119.45
N ALA F 3 80.18 -28.51 -120.27
CA ALA F 3 81.23 -27.51 -120.28
C ALA F 3 81.26 -26.72 -118.94
N VAL F 4 80.08 -26.36 -118.42
CA VAL F 4 80.04 -25.73 -117.13
C VAL F 4 80.60 -26.69 -116.04
N GLU F 5 80.39 -27.99 -116.22
CA GLU F 5 80.94 -28.94 -115.28
C GLU F 5 82.48 -28.98 -115.35
N THR F 6 83.04 -28.73 -116.53
CA THR F 6 84.49 -28.64 -116.62
C THR F 6 85.00 -27.33 -116.02
N ALA F 7 84.24 -26.23 -116.19
CA ALA F 7 84.68 -24.97 -115.62
C ALA F 7 84.66 -25.03 -114.08
N VAL F 8 83.58 -25.59 -113.50
CA VAL F 8 83.55 -25.74 -112.06
C VAL F 8 84.48 -26.87 -111.60
N ARG F 9 84.88 -27.77 -112.52
CA ARG F 9 85.89 -28.74 -112.17
C ARG F 9 87.23 -28.05 -111.96
N THR F 10 87.69 -27.29 -112.95
CA THR F 10 88.98 -26.63 -112.82
C THR F 10 88.96 -25.61 -111.70
N LEU F 11 87.89 -24.80 -111.62
CA LEU F 11 87.80 -23.81 -110.57
C LEU F 11 87.74 -24.43 -109.18
N ALA F 12 86.84 -25.42 -109.01
CA ALA F 12 86.64 -26.01 -107.70
C ALA F 12 87.90 -26.76 -107.24
N GLU F 13 88.51 -27.54 -108.11
CA GLU F 13 89.71 -28.26 -107.73
C GLU F 13 90.87 -27.30 -107.44
N HIS F 14 91.18 -26.42 -108.41
CA HIS F 14 92.31 -25.53 -108.25
C HIS F 14 92.17 -24.66 -106.99
N ALA F 15 90.99 -24.09 -106.79
CA ALA F 15 90.78 -23.29 -105.60
C ALA F 15 90.87 -24.15 -104.34
N LEU F 16 90.25 -25.34 -104.37
CA LEU F 16 90.13 -26.15 -103.18
C LEU F 16 91.43 -26.72 -102.64
N GLU F 17 92.20 -27.37 -103.49
CA GLU F 17 93.42 -28.04 -103.04
C GLU F 17 94.77 -27.36 -103.29
N GLN F 18 94.80 -26.20 -103.91
CA GLN F 18 96.08 -25.57 -104.25
C GLN F 18 97.03 -25.21 -103.10
N THR F 19 96.46 -24.74 -101.99
CA THR F 19 97.21 -24.28 -100.84
C THR F 19 96.58 -24.75 -99.53
N SER F 20 95.39 -24.25 -99.24
CA SER F 20 94.73 -24.55 -97.97
C SER F 20 94.22 -25.99 -97.96
N LEU F 21 93.56 -26.33 -96.86
CA LEU F 21 93.01 -27.68 -96.65
C LEU F 21 94.11 -28.73 -96.75
N ILE F 22 95.17 -28.52 -95.95
CA ILE F 22 96.35 -29.36 -96.04
C ILE F 22 96.01 -30.77 -95.61
N SER F 23 96.30 -31.74 -96.49
CA SER F 23 96.15 -33.18 -96.25
C SER F 23 94.70 -33.61 -96.10
N ASN F 24 93.79 -32.65 -95.90
CA ASN F 24 92.36 -32.89 -95.78
C ASN F 24 92.05 -34.04 -94.83
N ASP F 25 91.12 -34.91 -95.24
CA ASP F 25 90.84 -36.15 -94.53
C ASP F 25 90.24 -37.15 -95.52
N ALA F 26 90.47 -38.43 -95.24
CA ALA F 26 89.90 -39.48 -96.07
C ALA F 26 89.05 -40.42 -95.23
N ILE F 27 89.70 -41.28 -94.45
CA ILE F 27 89.03 -42.18 -93.52
C ILE F 27 89.47 -41.76 -92.12
N LYS F 28 88.55 -41.18 -91.36
CA LYS F 28 88.81 -40.83 -89.96
C LYS F 28 88.34 -41.93 -89.01
N SER F 29 87.77 -43.02 -89.54
CA SER F 29 87.35 -44.13 -88.71
C SER F 29 88.51 -44.88 -88.07
N ILE F 30 89.74 -44.58 -88.48
CA ILE F 30 90.90 -45.17 -87.82
C ILE F 30 91.01 -44.70 -86.38
N GLU F 31 90.42 -43.55 -86.06
CA GLU F 31 90.38 -43.05 -84.69
C GLU F 31 89.43 -43.84 -83.80
N SER F 32 88.67 -44.78 -84.35
CA SER F 32 87.86 -45.68 -83.54
C SER F 32 88.71 -46.60 -82.68
N ILE F 33 90.03 -46.61 -82.88
CA ILE F 33 90.92 -47.35 -82.00
C ILE F 33 90.84 -46.79 -80.58
N ILE F 34 90.55 -45.48 -80.51
CA ILE F 34 90.36 -44.91 -79.20
C ILE F 34 89.20 -45.62 -78.49
N ALA F 35 88.22 -46.13 -79.22
CA ALA F 35 87.17 -46.90 -78.60
C ALA F 35 87.71 -48.19 -77.99
N ALA F 36 88.65 -48.84 -78.68
CA ALA F 36 89.23 -50.07 -78.15
C ALA F 36 90.19 -49.77 -76.97
N LEU F 37 90.98 -48.69 -77.09
CA LEU F 37 91.89 -48.31 -76.02
C LEU F 37 91.08 -47.97 -74.74
N ASP F 38 90.04 -47.17 -74.93
CA ASP F 38 89.17 -46.77 -73.83
C ASP F 38 88.51 -48.02 -73.26
N ALA F 39 88.11 -48.94 -74.14
CA ALA F 39 87.47 -50.15 -73.67
C ALA F 39 88.42 -50.95 -72.79
N LYS F 40 89.69 -51.01 -73.15
CA LYS F 40 90.67 -51.68 -72.31
C LYS F 40 90.85 -50.96 -71.00
N LEU F 41 90.83 -49.62 -71.02
CA LEU F 41 90.95 -48.87 -69.76
C LEU F 41 89.73 -49.07 -68.87
N THR F 42 88.56 -49.27 -69.45
CA THR F 42 87.40 -49.62 -68.62
C THR F 42 87.54 -51.01 -68.04
N ALA F 43 88.01 -51.96 -68.85
CA ALA F 43 88.15 -53.33 -68.38
C ALA F 43 89.18 -53.40 -67.26
N GLN F 44 90.25 -52.59 -67.34
CA GLN F 44 91.24 -52.63 -66.28
C GLN F 44 90.83 -51.82 -65.06
N VAL F 45 90.34 -50.60 -65.26
CA VAL F 45 90.01 -49.73 -64.14
C VAL F 45 88.83 -50.31 -63.39
N ASN F 46 87.95 -51.03 -64.05
CA ASN F 46 86.91 -51.76 -63.30
C ASN F 46 87.52 -52.69 -62.28
N LEU F 47 88.54 -53.45 -62.67
CA LEU F 47 89.17 -54.36 -61.73
C LEU F 47 90.00 -53.66 -60.68
N ILE F 48 90.64 -52.56 -61.01
CA ILE F 48 91.46 -51.85 -60.03
C ILE F 48 90.57 -51.21 -58.98
N MET F 49 89.46 -50.59 -59.41
CA MET F 49 88.61 -49.87 -58.47
C MET F 49 87.71 -50.82 -57.67
N HIS F 50 87.29 -51.92 -58.26
CA HIS F 50 86.35 -52.83 -57.62
C HIS F 50 87.02 -53.86 -56.73
N HIS F 51 88.34 -53.82 -56.58
CA HIS F 51 89.01 -54.72 -55.69
C HIS F 51 88.63 -54.49 -54.26
N ALA F 52 88.76 -55.51 -53.42
CA ALA F 52 88.34 -55.42 -52.04
C ALA F 52 89.10 -54.30 -51.31
N ASP F 53 90.42 -54.18 -51.58
CA ASP F 53 91.22 -53.21 -50.93
C ASP F 53 90.81 -51.80 -51.32
N PHE F 54 90.74 -51.53 -52.61
CA PHE F 54 90.36 -50.20 -53.08
C PHE F 54 88.97 -49.85 -52.67
N GLN F 55 88.05 -50.81 -52.60
CA GLN F 55 86.70 -50.52 -52.14
C GLN F 55 86.69 -50.22 -50.65
N GLN F 56 87.56 -50.86 -49.88
CA GLN F 56 87.60 -50.59 -48.45
C GLN F 56 88.16 -49.23 -48.15
N LEU F 57 89.32 -48.90 -48.73
CA LEU F 57 89.89 -47.57 -48.53
C LEU F 57 88.99 -46.47 -49.10
N GLU F 58 88.53 -46.66 -50.33
CA GLU F 58 87.61 -45.73 -50.96
C GLU F 58 86.41 -45.49 -50.13
N SER F 59 85.86 -46.55 -49.51
CA SER F 59 84.67 -46.38 -48.67
C SER F 59 85.02 -45.66 -47.40
N ALA F 60 86.20 -45.87 -46.87
CA ALA F 60 86.61 -45.18 -45.65
C ALA F 60 86.75 -43.69 -45.87
N TRP F 61 87.58 -43.30 -46.81
CA TRP F 61 87.79 -41.88 -47.12
C TRP F 61 86.56 -41.23 -47.69
N ARG F 62 85.74 -41.98 -48.40
CA ARG F 62 84.51 -41.45 -48.97
C ARG F 62 83.48 -41.19 -47.89
N GLY F 63 83.40 -42.07 -46.91
CA GLY F 63 82.53 -41.83 -45.77
C GLY F 63 83.00 -40.66 -44.93
N LEU F 64 84.28 -40.62 -44.63
CA LEU F 64 84.84 -39.49 -43.88
C LEU F 64 84.63 -38.20 -44.62
N HIS F 65 84.82 -38.19 -45.92
CA HIS F 65 84.56 -37.00 -46.72
C HIS F 65 83.13 -36.60 -46.67
N TYR F 66 82.21 -37.55 -46.71
CA TYR F 66 80.80 -37.24 -46.53
C TYR F 66 80.56 -36.59 -45.23
N LEU F 67 81.17 -37.07 -44.16
CA LEU F 67 80.98 -36.47 -42.83
C LEU F 67 81.51 -35.11 -42.77
N VAL F 68 82.64 -34.85 -43.41
CA VAL F 68 83.32 -33.54 -43.32
C VAL F 68 82.53 -32.51 -44.12
N ASN F 69 82.22 -32.82 -45.38
CA ASN F 69 81.60 -31.85 -46.28
C ASN F 69 80.20 -31.52 -45.88
N ASN F 70 79.47 -32.45 -45.34
CA ASN F 70 78.07 -32.23 -44.94
C ASN F 70 77.93 -31.67 -43.59
N THR F 71 79.03 -31.38 -42.89
CA THR F 71 79.01 -30.78 -41.56
C THR F 71 79.39 -29.31 -41.66
N GLU F 72 78.69 -28.46 -40.94
CA GLU F 72 79.00 -27.04 -40.89
C GLU F 72 79.91 -26.82 -39.69
N THR F 73 81.20 -26.69 -39.94
CA THR F 73 82.18 -26.60 -38.89
C THR F 73 82.59 -25.17 -38.61
N ASP F 74 82.62 -24.86 -37.31
CA ASP F 74 83.01 -23.57 -36.81
C ASP F 74 83.62 -23.73 -35.45
N GLU F 75 83.55 -22.68 -34.65
CA GLU F 75 84.10 -22.72 -33.31
C GLU F 75 83.40 -23.79 -32.50
N GLN F 76 82.08 -23.86 -32.65
CA GLN F 76 81.26 -24.85 -31.97
C GLN F 76 81.40 -26.33 -32.39
N LEU F 77 81.49 -26.57 -33.68
CA LEU F 77 81.59 -27.92 -34.22
C LEU F 77 83.02 -28.19 -34.66
N LYS F 78 83.58 -29.29 -34.21
CA LYS F 78 84.82 -29.81 -34.62
C LYS F 78 84.71 -31.29 -34.95
N ILE F 79 85.62 -31.80 -35.75
CA ILE F 79 85.72 -33.16 -36.11
C ILE F 79 87.19 -33.54 -36.01
N ARG F 80 87.52 -34.46 -35.09
CA ARG F 80 88.82 -34.98 -34.92
C ARG F 80 88.93 -36.40 -35.32
N VAL F 81 89.79 -36.74 -36.21
CA VAL F 81 89.96 -38.12 -36.76
C VAL F 81 91.15 -38.78 -36.12
N LEU F 82 91.06 -40.02 -35.76
CA LEU F 82 92.14 -40.92 -35.39
C LEU F 82 92.22 -42.12 -36.25
N ASN F 83 93.30 -42.29 -36.98
CA ASN F 83 93.36 -43.44 -37.87
C ASN F 83 93.92 -44.61 -37.14
N ILE F 84 93.05 -45.58 -36.92
CA ILE F 84 93.41 -46.79 -36.22
C ILE F 84 92.56 -47.92 -36.79
N SER F 85 93.23 -48.97 -37.25
CA SER F 85 92.50 -50.10 -37.81
C SER F 85 91.81 -50.83 -36.70
N LYS F 86 90.79 -51.58 -37.07
CA LYS F 86 90.02 -52.36 -36.09
C LYS F 86 90.93 -53.37 -35.37
N PRO F 87 91.85 -54.08 -36.04
CA PRO F 87 92.79 -54.87 -35.34
C PRO F 87 93.69 -54.16 -34.35
N GLU F 88 94.09 -52.94 -34.68
CA GLU F 88 94.94 -52.15 -33.75
C GLU F 88 94.13 -51.67 -32.58
N LEU F 89 92.88 -51.28 -32.81
CA LEU F 89 92.03 -50.85 -31.70
C LEU F 89 91.73 -51.99 -30.78
N HIS F 90 91.37 -53.15 -31.32
CA HIS F 90 91.14 -54.32 -30.48
C HIS F 90 92.40 -54.76 -29.79
N LYS F 91 93.56 -54.55 -30.42
CA LYS F 91 94.82 -54.94 -29.80
C LYS F 91 95.12 -54.05 -28.60
N THR F 92 95.13 -52.74 -28.79
CA THR F 92 95.48 -51.82 -27.70
C THR F 92 94.44 -51.84 -26.62
N LEU F 93 93.18 -52.09 -26.96
CA LEU F 93 92.17 -52.23 -25.92
C LEU F 93 92.21 -53.60 -25.28
N LYS F 94 92.85 -54.56 -25.91
CA LYS F 94 93.08 -55.87 -25.28
C LYS F 94 94.25 -55.85 -24.33
N LYS F 95 95.27 -55.07 -24.61
CA LYS F 95 96.42 -54.94 -23.69
C LYS F 95 96.01 -54.48 -22.35
N PHE F 96 95.08 -53.54 -22.28
CA PHE F 96 94.60 -52.98 -20.99
C PHE F 96 93.16 -53.40 -20.84
N LYS F 97 92.91 -54.31 -19.93
CA LYS F 97 91.56 -54.80 -19.70
C LYS F 97 91.42 -55.08 -18.19
N GLY F 98 90.20 -55.08 -17.72
CA GLY F 98 90.02 -55.19 -16.30
C GLY F 98 90.49 -54.01 -15.53
N THR F 99 91.43 -54.12 -14.61
CA THR F 99 91.87 -53.03 -13.81
C THR F 99 92.58 -51.99 -14.66
N THR F 100 93.44 -52.46 -15.59
CA THR F 100 94.33 -51.51 -16.25
C THR F 100 93.61 -50.66 -17.29
N TRP F 101 92.30 -50.87 -17.52
CA TRP F 101 91.60 -50.14 -18.56
C TRP F 101 91.66 -48.66 -18.39
N ASP F 102 91.76 -48.18 -17.16
CA ASP F 102 91.89 -46.73 -16.89
C ASP F 102 93.11 -46.17 -17.53
N GLN F 103 94.12 -46.97 -17.85
CA GLN F 103 95.32 -46.57 -18.56
C GLN F 103 95.31 -47.25 -19.88
N SER F 104 95.12 -46.49 -20.93
CA SER F 104 95.11 -46.96 -22.33
C SER F 104 95.38 -45.81 -23.25
N PRO F 105 95.90 -46.04 -24.43
CA PRO F 105 96.13 -44.96 -25.38
C PRO F 105 94.82 -44.28 -25.75
N ILE F 106 93.78 -45.08 -25.93
CA ILE F 106 92.44 -44.64 -26.30
C ILE F 106 91.77 -43.93 -25.17
N PHE F 107 91.89 -44.44 -23.97
CA PHE F 107 91.30 -43.77 -22.82
C PHE F 107 92.06 -42.51 -22.48
N LYS F 108 93.37 -42.51 -22.62
CA LYS F 108 94.13 -41.29 -22.42
C LYS F 108 93.63 -40.19 -23.36
N LYS F 109 93.59 -40.46 -24.67
CA LYS F 109 93.17 -39.50 -25.64
C LYS F 109 91.77 -39.05 -25.41
N LEU F 110 90.84 -39.98 -25.24
CA LEU F 110 89.42 -39.63 -25.20
C LEU F 110 89.03 -38.97 -23.92
N TYR F 111 89.55 -39.45 -22.79
CA TYR F 111 89.19 -38.95 -21.47
C TYR F 111 90.14 -38.02 -20.79
N GLU F 112 91.44 -38.31 -20.80
CA GLU F 112 92.39 -37.59 -19.98
C GLU F 112 92.64 -36.27 -20.68
N GLU F 113 93.10 -36.29 -21.92
CA GLU F 113 93.53 -35.08 -22.58
C GLU F 113 92.42 -34.10 -22.88
N GLU F 114 91.19 -34.50 -22.75
CA GLU F 114 90.08 -33.64 -23.15
C GLU F 114 89.02 -33.51 -22.07
N TYR F 115 88.32 -34.58 -21.76
CA TYR F 115 87.30 -34.51 -20.73
C TYR F 115 87.88 -34.43 -19.37
N GLY F 116 89.07 -34.95 -19.15
CA GLY F 116 89.73 -34.88 -17.86
C GLY F 116 90.59 -33.69 -17.73
N GLN F 117 91.08 -33.15 -18.85
CA GLN F 117 91.98 -31.99 -18.81
C GLN F 117 91.28 -30.70 -18.38
N PHE F 118 92.03 -29.78 -17.76
CA PHE F 118 91.44 -28.51 -17.39
C PHE F 118 91.37 -27.60 -18.61
N GLY F 119 90.17 -27.15 -18.96
CA GLY F 119 89.98 -26.33 -20.15
C GLY F 119 90.14 -27.08 -21.45
N GLY F 120 89.65 -28.33 -21.50
CA GLY F 120 89.72 -29.13 -22.71
C GLY F 120 88.36 -29.26 -23.38
N GLU F 121 88.28 -30.19 -24.31
CA GLU F 121 87.04 -30.41 -25.04
C GLU F 121 86.43 -31.76 -24.63
N PRO F 122 85.24 -31.76 -24.02
CA PRO F 122 84.66 -33.02 -23.51
C PRO F 122 84.35 -34.06 -24.58
N TYR F 123 84.60 -33.76 -25.86
CA TYR F 123 84.60 -34.69 -26.98
C TYR F 123 83.25 -35.13 -27.52
N GLY F 124 82.14 -34.72 -26.91
CA GLY F 124 80.85 -34.89 -27.57
C GLY F 124 80.50 -36.33 -27.90
N CYS F 125 80.31 -36.60 -29.18
CA CYS F 125 79.97 -37.92 -29.68
C CYS F 125 81.16 -38.53 -30.42
N LEU F 126 81.21 -39.86 -30.43
CA LEU F 126 82.29 -40.61 -31.07
C LEU F 126 81.72 -41.46 -32.18
N VAL F 127 82.43 -41.58 -33.29
CA VAL F 127 81.94 -42.38 -34.40
C VAL F 127 82.93 -43.47 -34.75
N GLY F 128 82.49 -44.71 -34.63
CA GLY F 128 83.36 -45.84 -34.91
C GLY F 128 83.89 -46.14 -36.29
N ASP F 129 83.03 -46.06 -37.30
CA ASP F 129 83.37 -46.41 -38.69
C ASP F 129 83.92 -47.85 -38.83
N TYR F 130 83.33 -48.77 -38.08
CA TYR F 130 83.74 -50.18 -38.08
C TYR F 130 82.50 -51.07 -38.17
N TYR F 131 82.69 -52.30 -38.64
CA TYR F 131 81.61 -53.25 -38.74
C TYR F 131 81.78 -54.31 -37.68
N PHE F 132 80.92 -54.31 -36.67
CA PHE F 132 81.02 -55.20 -35.53
C PHE F 132 80.02 -56.35 -35.64
N ASP F 133 80.50 -57.59 -35.57
CA ASP F 133 79.68 -58.78 -35.51
C ASP F 133 79.68 -59.35 -34.12
N GLN F 134 79.02 -60.48 -33.91
CA GLN F 134 78.94 -61.12 -32.60
C GLN F 134 80.21 -61.89 -32.19
N SER F 135 81.25 -61.88 -33.02
CA SER F 135 82.48 -62.59 -32.72
C SER F 135 83.08 -62.20 -31.43
N PRO F 136 83.88 -63.07 -30.80
CA PRO F 136 84.50 -62.74 -29.50
C PRO F 136 85.30 -61.43 -29.56
N PRO F 137 86.16 -61.22 -30.59
CA PRO F 137 86.92 -60.00 -30.59
C PRO F 137 86.07 -58.72 -30.68
N ASP F 138 84.97 -58.76 -31.44
CA ASP F 138 84.13 -57.60 -31.58
C ASP F 138 83.29 -57.36 -30.33
N VAL F 139 82.94 -58.42 -29.60
CA VAL F 139 82.26 -58.25 -28.35
C VAL F 139 83.22 -57.66 -27.32
N GLU F 140 84.48 -58.03 -27.34
CA GLU F 140 85.46 -57.41 -26.48
C GLU F 140 85.64 -55.96 -26.82
N LEU F 141 85.79 -55.66 -28.11
CA LEU F 141 85.98 -54.26 -28.52
C LEU F 141 84.81 -53.40 -28.14
N LEU F 142 83.60 -53.91 -28.32
CA LEU F 142 82.41 -53.15 -27.92
C LEU F 142 82.32 -53.01 -26.43
N GLY F 143 82.72 -54.02 -25.68
CA GLY F 143 82.71 -53.89 -24.23
C GLY F 143 83.64 -52.79 -23.75
N GLU F 144 84.85 -52.77 -24.30
CA GLU F 144 85.83 -51.79 -23.89
C GLU F 144 85.43 -50.38 -24.33
N MET F 145 85.08 -50.22 -25.60
CA MET F 145 84.64 -48.91 -26.09
C MET F 145 83.39 -48.45 -25.35
N ALA F 146 82.59 -49.38 -24.81
CA ALA F 146 81.47 -48.99 -23.99
C ALA F 146 81.93 -48.52 -22.64
N LYS F 147 83.01 -49.09 -22.10
CA LYS F 147 83.59 -48.58 -20.86
C LYS F 147 84.13 -47.19 -21.05
N ILE F 148 84.95 -46.97 -22.06
CA ILE F 148 85.52 -45.64 -22.32
C ILE F 148 84.43 -44.64 -22.59
N SER F 149 83.63 -44.90 -23.59
CA SER F 149 82.53 -43.98 -23.96
C SER F 149 81.61 -43.74 -22.83
N ALA F 150 81.43 -44.70 -21.95
CA ALA F 150 80.59 -44.49 -20.76
C ALA F 150 81.27 -43.62 -19.79
N ALA F 151 82.59 -43.70 -19.67
CA ALA F 151 83.34 -42.89 -18.69
C ALA F 151 83.38 -41.46 -19.10
N MET F 152 83.60 -41.19 -20.38
CA MET F 152 83.71 -39.84 -20.91
C MET F 152 82.38 -39.25 -21.30
N HIS F 153 81.27 -39.98 -21.16
CA HIS F 153 79.94 -39.53 -21.57
C HIS F 153 79.89 -39.17 -23.04
N ALA F 154 80.41 -40.05 -23.89
CA ALA F 154 80.51 -39.80 -25.33
C ALA F 154 79.98 -41.00 -26.08
N PRO F 155 78.65 -41.04 -26.40
CA PRO F 155 78.09 -42.17 -27.09
C PRO F 155 78.88 -42.63 -28.26
N PHE F 156 79.07 -43.94 -28.40
CA PHE F 156 79.82 -44.55 -29.49
C PHE F 156 78.86 -44.97 -30.58
N ILE F 157 79.15 -44.59 -31.82
CA ILE F 157 78.30 -44.86 -32.96
C ILE F 157 79.14 -45.61 -34.01
N SER F 158 78.66 -46.73 -34.48
CA SER F 158 79.33 -47.50 -35.52
C SER F 158 78.31 -48.30 -36.28
N ALA F 159 78.75 -49.14 -37.19
CA ALA F 159 77.84 -49.92 -38.02
C ALA F 159 77.92 -51.38 -37.66
N ALA F 160 76.79 -52.05 -37.72
CA ALA F 160 76.69 -53.46 -37.42
C ALA F 160 76.89 -54.24 -38.70
N SER F 161 77.82 -55.20 -38.66
CA SER F 161 78.16 -55.98 -39.82
C SER F 161 76.98 -56.81 -40.26
N PRO F 162 76.92 -57.17 -41.57
CA PRO F 162 75.90 -58.10 -42.01
C PRO F 162 76.05 -59.48 -41.38
N THR F 163 77.20 -59.80 -40.80
CA THR F 163 77.45 -61.08 -40.18
C THR F 163 76.85 -61.21 -38.80
N VAL F 164 76.30 -60.15 -38.24
CA VAL F 164 75.64 -60.26 -36.95
C VAL F 164 74.41 -61.18 -37.09
N MET F 165 73.72 -61.10 -38.21
CA MET F 165 72.54 -61.89 -38.46
C MET F 165 72.88 -63.28 -39.01
N GLY F 166 74.15 -63.63 -39.14
CA GLY F 166 74.53 -64.84 -39.79
C GLY F 166 74.08 -64.73 -41.25
N MET F 167 74.52 -63.64 -41.88
CA MET F 167 74.00 -63.27 -43.19
C MET F 167 75.12 -62.96 -44.13
N GLY F 168 75.84 -61.90 -43.89
CA GLY F 168 76.96 -61.52 -44.73
C GLY F 168 76.61 -60.75 -45.95
N SER F 169 75.36 -60.25 -46.06
CA SER F 169 74.94 -59.51 -47.23
C SER F 169 74.28 -58.19 -46.83
N TRP F 170 73.17 -58.30 -46.07
CA TRP F 170 72.14 -57.29 -45.88
C TRP F 170 71.24 -57.28 -47.09
N GLN F 171 71.51 -58.15 -48.06
CA GLN F 171 70.59 -58.38 -49.15
C GLN F 171 69.63 -59.45 -48.74
N GLU F 172 69.99 -60.27 -47.73
CA GLU F 172 69.18 -61.35 -47.24
C GLU F 172 68.34 -60.97 -46.06
N LEU F 173 68.34 -59.71 -45.66
CA LEU F 173 67.64 -59.29 -44.45
C LEU F 173 66.18 -59.61 -44.51
N SER F 174 65.60 -59.74 -45.69
CA SER F 174 64.18 -60.08 -45.80
C SER F 174 63.91 -61.57 -45.70
N ASN F 175 64.95 -62.41 -45.77
CA ASN F 175 64.73 -63.86 -45.76
C ASN F 175 64.24 -64.38 -44.42
N PRO F 176 64.87 -64.09 -43.27
CA PRO F 176 64.44 -64.68 -42.03
C PRO F 176 63.02 -64.23 -41.62
N ARG F 177 62.26 -65.14 -41.01
CA ARG F 177 60.97 -64.84 -40.55
C ARG F 177 60.95 -64.03 -39.27
N ASP F 178 61.88 -64.32 -38.38
CA ASP F 178 61.97 -63.67 -37.06
C ASP F 178 63.42 -63.39 -36.80
N LEU F 179 63.75 -62.11 -36.58
CA LEU F 179 65.12 -61.74 -36.23
C LEU F 179 65.40 -61.98 -34.76
N THR F 180 64.40 -61.86 -33.90
CA THR F 180 64.59 -62.10 -32.48
C THR F 180 65.00 -63.50 -32.17
N LYS F 181 64.71 -64.45 -33.05
CA LYS F 181 65.14 -65.84 -32.88
C LYS F 181 66.59 -66.00 -33.20
N ILE F 182 67.20 -65.12 -34.00
CA ILE F 182 68.59 -65.27 -34.38
C ILE F 182 69.47 -65.16 -33.18
N PHE F 183 69.17 -64.22 -32.27
CA PHE F 183 70.04 -63.89 -31.16
C PHE F 183 69.86 -64.77 -29.98
N THR F 184 69.00 -65.80 -30.06
CA THR F 184 68.80 -66.72 -28.95
C THR F 184 69.89 -67.75 -28.83
N THR F 185 70.49 -68.18 -29.93
CA THR F 185 71.44 -69.29 -29.92
C THR F 185 72.60 -69.02 -29.01
N PRO F 186 73.30 -70.03 -28.53
CA PRO F 186 74.49 -69.82 -27.69
C PRO F 186 75.63 -69.15 -28.41
N GLU F 187 75.55 -69.05 -29.73
CA GLU F 187 76.59 -68.39 -30.50
C GLU F 187 76.68 -66.94 -30.07
N TYR F 188 75.53 -66.36 -29.76
CA TYR F 188 75.43 -64.96 -29.35
C TYR F 188 75.58 -64.74 -27.85
N ALA F 189 75.86 -65.78 -27.09
CA ALA F 189 75.99 -65.63 -25.63
C ALA F 189 76.79 -64.37 -25.26
N GLY F 190 77.87 -64.13 -25.93
CA GLY F 190 78.66 -62.94 -25.70
C GLY F 190 77.91 -61.66 -26.07
N TRP F 191 77.15 -61.71 -27.16
CA TRP F 191 76.37 -60.56 -27.57
C TRP F 191 75.29 -60.23 -26.55
N ARG F 192 74.50 -61.21 -26.16
CA ARG F 192 73.49 -61.01 -25.14
C ARG F 192 74.10 -60.52 -23.87
N SER F 193 75.24 -61.08 -23.47
CA SER F 193 75.91 -60.59 -22.26
C SER F 193 76.35 -59.17 -22.41
N LEU F 194 76.65 -58.74 -23.62
CA LEU F 194 77.00 -57.33 -23.87
C LEU F 194 75.82 -56.43 -23.77
N ARG F 195 74.71 -56.79 -24.41
CA ARG F 195 73.52 -55.94 -24.38
C ARG F 195 72.95 -55.81 -23.00
N GLU F 196 73.10 -56.84 -22.15
CA GLU F 196 72.59 -56.75 -20.79
C GLU F 196 73.40 -55.75 -19.96
N SER F 197 74.64 -55.41 -20.37
CA SER F 197 75.46 -54.52 -19.62
C SER F 197 74.88 -53.16 -19.48
N GLU F 198 75.28 -52.44 -18.44
CA GLU F 198 74.77 -51.09 -18.23
C GLU F 198 75.59 -50.04 -18.99
N ASP F 199 76.74 -50.44 -19.50
CA ASP F 199 77.61 -49.54 -20.25
C ASP F 199 77.37 -49.59 -21.75
N SER F 200 76.48 -50.48 -22.18
CA SER F 200 76.19 -50.65 -23.58
C SER F 200 75.21 -49.68 -24.13
N ARG F 201 74.51 -48.94 -23.29
CA ARG F 201 73.61 -47.90 -23.75
C ARG F 201 74.34 -46.78 -24.44
N TYR F 202 75.67 -46.76 -24.40
CA TYR F 202 76.49 -45.78 -25.08
C TYR F 202 76.92 -46.23 -26.44
N ILE F 203 76.40 -47.35 -26.91
CA ILE F 203 76.77 -47.79 -28.22
C ILE F 203 75.60 -47.98 -29.17
N GLY F 204 75.56 -47.16 -30.21
CA GLY F 204 74.59 -47.32 -31.28
C GLY F 204 75.18 -48.11 -32.43
N LEU F 205 74.34 -48.76 -33.21
CA LEU F 205 74.77 -49.53 -34.38
C LEU F 205 73.79 -49.28 -35.51
N THR F 206 74.29 -48.82 -36.65
CA THR F 206 73.47 -48.60 -37.84
C THR F 206 73.86 -49.65 -38.87
N MET F 207 72.96 -50.63 -39.07
CA MET F 207 73.34 -51.80 -39.87
C MET F 207 73.51 -51.47 -41.36
N PRO F 208 72.47 -51.01 -42.04
CA PRO F 208 72.61 -50.71 -43.47
C PRO F 208 73.57 -49.56 -43.77
N ARG F 209 74.38 -49.67 -44.82
CA ARG F 209 75.28 -48.59 -45.19
C ARG F 209 74.81 -47.96 -46.49
N PHE F 210 74.72 -46.64 -46.46
CA PHE F 210 74.23 -45.91 -47.61
C PHE F 210 75.21 -45.83 -48.73
N LEU F 211 74.73 -45.54 -49.90
CA LEU F 211 75.56 -45.47 -51.11
C LEU F 211 76.41 -44.23 -51.11
N ALA F 212 77.70 -44.38 -51.32
CA ALA F 212 78.65 -43.27 -51.23
C ALA F 212 78.59 -42.38 -52.43
N ARG F 213 78.68 -42.91 -53.63
CA ARG F 213 78.71 -42.13 -54.87
C ARG F 213 77.98 -42.86 -55.97
N LEU F 214 77.60 -42.12 -56.97
CA LEU F 214 76.91 -42.67 -58.12
C LEU F 214 77.92 -43.30 -59.07
N PRO F 215 77.62 -44.49 -59.61
CA PRO F 215 78.58 -45.17 -60.47
C PRO F 215 78.97 -44.37 -61.68
N TYR F 216 80.26 -44.32 -61.97
CA TYR F 216 80.77 -43.58 -63.14
C TYR F 216 80.25 -44.15 -64.41
N GLY F 217 80.02 -43.30 -65.39
CA GLY F 217 79.42 -43.74 -66.67
C GLY F 217 78.94 -42.55 -67.42
N ALA F 218 78.67 -42.74 -68.71
CA ALA F 218 78.24 -41.61 -69.52
C ALA F 218 76.92 -41.04 -69.04
N LYS F 219 75.97 -41.92 -68.75
CA LYS F 219 74.66 -41.51 -68.28
C LYS F 219 74.72 -40.83 -66.92
N THR F 220 75.53 -41.40 -66.03
CA THR F 220 75.68 -40.86 -64.69
C THR F 220 77.14 -40.62 -64.31
N ASP F 221 77.43 -39.42 -63.80
CA ASP F 221 78.77 -39.09 -63.34
C ASP F 221 79.91 -39.35 -64.33
N PRO F 222 79.80 -38.85 -65.55
CA PRO F 222 80.84 -39.09 -66.56
C PRO F 222 82.20 -38.58 -66.08
N VAL F 223 83.24 -39.37 -66.32
CA VAL F 223 84.59 -39.06 -65.88
C VAL F 223 85.20 -37.88 -66.61
N GLU F 224 84.97 -37.85 -67.93
CA GLU F 224 85.39 -36.82 -68.89
C GLU F 224 86.89 -36.82 -69.23
N GLU F 225 87.61 -37.84 -68.77
CA GLU F 225 89.04 -37.96 -69.08
C GLU F 225 89.17 -38.89 -70.28
N PHE F 226 88.39 -39.97 -70.23
CA PHE F 226 88.32 -40.98 -71.29
C PHE F 226 86.96 -41.68 -71.19
N ALA F 227 86.49 -42.30 -72.27
CA ALA F 227 85.19 -42.95 -72.18
C ALA F 227 85.27 -44.08 -71.16
N PHE F 228 84.50 -44.00 -70.07
CA PHE F 228 84.56 -45.01 -69.03
C PHE F 228 83.24 -45.63 -68.58
N GLU F 229 83.23 -46.95 -68.43
CA GLU F 229 82.07 -47.68 -67.96
C GLU F 229 82.44 -48.39 -66.66
N GLU F 230 81.59 -48.27 -65.64
CA GLU F 230 81.87 -48.86 -64.35
C GLU F 230 81.24 -50.24 -64.18
N GLU F 231 80.69 -50.82 -65.26
CA GLU F 231 79.97 -52.08 -65.16
C GLU F 231 78.80 -51.90 -64.19
N THR F 232 78.90 -52.52 -63.01
CA THR F 232 77.93 -52.39 -61.92
C THR F 232 76.50 -52.64 -62.41
N ASP F 233 76.32 -53.82 -63.00
CA ASP F 233 75.00 -54.28 -63.38
C ASP F 233 74.14 -54.47 -62.14
N GLY F 234 72.82 -54.54 -62.34
CA GLY F 234 71.86 -54.41 -61.27
C GLY F 234 72.12 -55.22 -60.01
N ALA F 235 72.05 -54.55 -58.87
CA ALA F 235 72.27 -55.13 -57.55
C ALA F 235 73.63 -55.81 -57.42
N ASP F 236 73.64 -56.95 -56.72
CA ASP F 236 74.82 -57.75 -56.39
C ASP F 236 75.68 -57.07 -55.33
N SER F 237 75.49 -55.76 -55.15
CA SER F 237 75.98 -54.94 -54.04
C SER F 237 77.51 -54.86 -53.96
N SER F 238 78.24 -55.70 -54.69
CA SER F 238 79.70 -55.69 -54.63
C SER F 238 80.33 -54.64 -55.52
N LYS F 239 79.63 -54.20 -56.57
CA LYS F 239 80.19 -53.22 -57.50
C LYS F 239 80.06 -51.79 -56.99
N TYR F 240 79.00 -51.49 -56.24
CA TYR F 240 78.77 -50.13 -55.72
C TYR F 240 79.67 -49.68 -54.58
N ALA F 241 79.90 -48.38 -54.48
CA ALA F 241 80.70 -47.82 -53.40
C ALA F 241 79.84 -47.49 -52.22
N TRP F 242 79.96 -48.22 -51.13
CA TRP F 242 79.09 -48.13 -49.98
C TRP F 242 79.80 -47.44 -48.83
N ALA F 243 79.31 -46.26 -48.44
CA ALA F 243 79.81 -45.56 -47.30
C ALA F 243 79.15 -46.04 -46.04
N ASN F 244 79.91 -46.08 -44.95
CA ASN F 244 79.35 -46.46 -43.65
C ASN F 244 78.26 -45.57 -43.24
N SER F 245 77.19 -46.10 -42.70
CA SER F 245 76.06 -45.28 -42.28
C SER F 245 76.20 -44.75 -40.89
N ALA F 246 77.26 -45.07 -40.17
CA ALA F 246 77.58 -44.34 -38.95
C ALA F 246 77.82 -42.92 -39.26
N TYR F 247 78.26 -42.58 -40.47
CA TYR F 247 78.54 -41.19 -40.87
C TYR F 247 77.29 -40.45 -41.16
N ALA F 248 76.26 -41.09 -41.65
CA ALA F 248 74.95 -40.41 -41.81
C ALA F 248 74.35 -40.10 -40.50
N MET F 249 74.44 -41.01 -39.53
CA MET F 249 74.02 -40.71 -38.15
C MET F 249 74.85 -39.60 -37.61
N ALA F 250 76.17 -39.59 -37.88
CA ALA F 250 77.05 -38.53 -37.39
C ALA F 250 76.64 -37.21 -37.95
N VAL F 251 76.44 -37.10 -39.25
CA VAL F 251 75.94 -35.88 -39.90
C VAL F 251 74.66 -35.45 -39.27
N ASN F 252 73.80 -36.39 -38.90
CA ASN F 252 72.55 -36.02 -38.22
C ASN F 252 72.81 -35.45 -36.87
N ILE F 253 73.81 -35.95 -36.16
CA ILE F 253 74.14 -35.46 -34.82
C ILE F 253 74.71 -34.05 -34.92
N ASN F 254 75.70 -33.85 -35.79
CA ASN F 254 76.25 -32.54 -36.01
C ASN F 254 75.22 -31.56 -36.46
N ARG F 255 74.33 -31.95 -37.35
CA ARG F 255 73.23 -31.08 -37.77
C ARG F 255 72.37 -30.71 -36.63
N SER F 256 71.95 -31.68 -35.84
CA SER F 256 71.10 -31.43 -34.67
C SER F 256 71.74 -30.43 -33.75
N PHE F 257 73.05 -30.58 -33.48
CA PHE F 257 73.72 -29.64 -32.62
C PHE F 257 73.80 -28.27 -33.24
N LYS F 258 74.24 -28.17 -34.49
CA LYS F 258 74.35 -26.87 -35.16
C LYS F 258 73.08 -26.12 -35.11
N LEU F 259 71.96 -26.74 -35.47
CA LEU F 259 70.68 -26.04 -35.49
C LEU F 259 70.17 -25.74 -34.10
N TYR F 260 69.99 -26.78 -33.29
CA TYR F 260 69.27 -26.68 -32.02
C TYR F 260 70.15 -26.54 -30.81
N GLY F 261 71.47 -26.60 -30.97
CA GLY F 261 72.36 -26.60 -29.83
C GLY F 261 72.46 -27.88 -29.07
N TRP F 262 71.63 -28.83 -29.36
CA TRP F 262 71.60 -30.15 -28.70
C TRP F 262 71.45 -31.22 -29.74
N CYS F 263 71.88 -32.42 -29.33
CA CYS F 263 71.77 -33.62 -30.17
C CYS F 263 70.43 -34.32 -29.95
N SER F 264 69.48 -33.63 -29.34
CA SER F 264 68.21 -34.26 -28.98
C SER F 264 67.44 -34.82 -30.17
N ARG F 265 67.35 -34.10 -31.28
CA ARG F 265 66.65 -34.66 -32.42
C ARG F 265 67.59 -35.11 -33.51
N ILE F 266 67.86 -36.40 -33.52
CA ILE F 266 68.73 -37.03 -34.51
C ILE F 266 68.00 -38.17 -35.17
N ARG F 267 66.70 -38.27 -34.92
CA ARG F 267 65.92 -39.38 -35.46
C ARG F 267 64.65 -38.92 -36.17
N GLY F 268 63.82 -39.84 -36.61
CA GLY F 268 62.54 -39.52 -37.20
C GLY F 268 62.65 -39.09 -38.64
N VAL F 269 61.56 -39.20 -39.39
CA VAL F 269 61.52 -38.76 -40.76
C VAL F 269 61.54 -37.23 -40.84
N GLU F 270 60.56 -36.61 -40.18
CA GLU F 270 60.45 -35.15 -40.17
C GLU F 270 61.04 -34.48 -38.92
N SER F 271 61.58 -35.28 -38.00
CA SER F 271 62.14 -34.75 -36.77
C SER F 271 63.62 -34.56 -36.82
N GLY F 272 64.24 -34.70 -37.98
CA GLY F 272 65.67 -34.45 -38.14
C GLY F 272 66.54 -35.67 -38.31
N GLY F 273 65.97 -36.83 -38.50
CA GLY F 273 66.77 -38.02 -38.76
C GLY F 273 66.82 -38.37 -40.22
N GLU F 274 66.59 -37.41 -41.10
CA GLU F 274 66.55 -37.66 -42.53
C GLU F 274 67.92 -37.62 -43.16
N VAL F 275 68.17 -38.53 -44.07
CA VAL F 275 69.39 -38.58 -44.88
C VAL F 275 68.95 -38.31 -46.33
N GLN F 276 69.25 -37.13 -46.85
CA GLN F 276 68.77 -36.71 -48.14
C GLN F 276 69.83 -36.76 -49.20
N GLY F 277 69.44 -36.51 -50.43
CA GLY F 277 70.41 -36.40 -51.52
C GLY F 277 71.16 -37.66 -51.80
N LEU F 278 70.67 -38.80 -51.41
CA LEU F 278 71.34 -40.06 -51.65
C LEU F 278 71.45 -40.34 -53.12
N PRO F 279 72.59 -40.86 -53.59
CA PRO F 279 72.72 -41.20 -55.01
C PRO F 279 71.71 -42.22 -55.41
N ALA F 280 70.96 -41.92 -56.48
CA ALA F 280 69.92 -42.84 -56.98
C ALA F 280 70.38 -43.31 -58.34
N HIS F 281 70.80 -44.56 -58.48
CA HIS F 281 71.28 -45.13 -59.72
C HIS F 281 70.12 -45.85 -60.40
N THR F 282 69.66 -45.31 -61.52
CA THR F 282 68.54 -45.88 -62.25
C THR F 282 69.05 -46.63 -63.47
N PHE F 283 68.71 -47.92 -63.55
CA PHE F 283 69.11 -48.74 -64.68
C PHE F 283 67.87 -49.37 -65.30
N PRO F 284 67.85 -49.51 -66.63
CA PRO F 284 66.68 -50.11 -67.28
C PRO F 284 66.60 -51.61 -67.02
N THR F 285 65.37 -52.10 -66.89
CA THR F 285 65.12 -53.52 -66.75
C THR F 285 64.12 -53.98 -67.80
N ASP F 286 63.67 -55.23 -67.71
CA ASP F 286 62.77 -55.77 -68.71
C ASP F 286 61.43 -55.04 -68.69
N ASP F 287 60.71 -55.12 -69.81
CA ASP F 287 59.41 -54.49 -69.97
C ASP F 287 59.48 -52.98 -69.78
N GLY F 288 58.72 -52.46 -68.82
CA GLY F 288 58.66 -51.02 -68.64
C GLY F 288 59.98 -50.40 -68.25
N GLY F 289 60.85 -51.18 -67.60
CA GLY F 289 62.14 -50.69 -67.18
C GLY F 289 62.04 -49.66 -66.07
N VAL F 290 63.12 -48.89 -65.94
CA VAL F 290 63.22 -47.78 -65.00
C VAL F 290 62.98 -48.26 -63.57
N ASP F 291 63.95 -49.00 -63.03
CA ASP F 291 63.99 -49.32 -61.61
C ASP F 291 65.36 -48.94 -61.07
N MET F 292 65.38 -48.32 -59.91
CA MET F 292 66.62 -47.74 -59.38
C MET F 292 67.18 -48.60 -58.25
N LYS F 293 68.51 -48.62 -58.16
CA LYS F 293 69.18 -49.29 -57.06
C LYS F 293 68.87 -48.57 -55.75
N CYS F 294 68.51 -49.34 -54.73
CA CYS F 294 68.18 -48.76 -53.43
C CYS F 294 69.42 -48.11 -52.83
N PRO F 295 69.35 -46.87 -52.33
CA PRO F 295 70.52 -46.18 -51.80
C PRO F 295 71.10 -46.87 -50.56
N THR F 296 70.25 -47.23 -49.60
CA THR F 296 70.66 -48.17 -48.58
C THR F 296 70.55 -49.58 -49.15
N GLU F 297 71.34 -50.51 -48.63
CA GLU F 297 71.54 -51.79 -49.28
C GLU F 297 70.29 -52.52 -49.55
N ILE F 298 69.28 -52.37 -48.70
CA ILE F 298 68.00 -53.08 -48.90
C ILE F 298 66.91 -52.29 -48.23
N ALA F 299 65.70 -52.47 -48.72
CA ALA F 299 64.51 -51.85 -48.16
C ALA F 299 64.06 -52.57 -46.95
N ILE F 300 63.76 -51.84 -45.89
CA ILE F 300 63.38 -52.46 -44.58
C ILE F 300 61.93 -52.03 -44.37
N SER F 301 61.06 -53.03 -44.22
CA SER F 301 59.69 -52.75 -43.85
C SER F 301 59.52 -52.32 -42.45
N ASP F 302 58.40 -51.68 -42.11
CA ASP F 302 58.16 -51.20 -40.77
C ASP F 302 58.26 -52.30 -39.74
N ARG F 303 57.84 -53.52 -40.13
CA ARG F 303 57.95 -54.69 -39.25
C ARG F 303 59.43 -55.08 -39.00
N ARG F 304 60.21 -55.15 -40.07
CA ARG F 304 61.65 -55.33 -39.96
C ARG F 304 62.29 -54.21 -39.18
N GLU F 305 61.84 -52.98 -39.40
CA GLU F 305 62.42 -51.85 -38.68
C GLU F 305 62.21 -51.99 -37.20
N ALA F 306 60.99 -52.17 -36.77
CA ALA F 306 60.72 -52.32 -35.34
C ALA F 306 61.41 -53.52 -34.78
N GLU F 307 61.53 -54.57 -35.56
CA GLU F 307 62.19 -55.80 -35.09
C GLU F 307 63.68 -55.61 -34.94
N LEU F 308 64.28 -54.73 -35.71
CA LEU F 308 65.70 -54.40 -35.56
C LEU F 308 65.89 -53.42 -34.41
N ALA F 309 65.00 -52.46 -34.25
CA ALA F 309 65.11 -51.54 -33.14
C ALA F 309 64.89 -52.24 -31.82
N LYS F 310 64.17 -53.35 -31.81
CA LYS F 310 64.06 -54.15 -30.59
C LYS F 310 65.32 -54.85 -30.27
N ASN F 311 66.11 -55.19 -31.28
CA ASN F 311 67.40 -55.90 -31.11
C ASN F 311 68.54 -54.98 -30.91
N GLY F 312 68.31 -53.68 -30.76
CA GLY F 312 69.37 -52.73 -30.47
C GLY F 312 70.17 -52.34 -31.67
N PHE F 313 69.49 -52.04 -32.79
CA PHE F 313 70.11 -51.52 -33.97
C PHE F 313 69.46 -50.20 -34.31
N MET F 314 70.13 -49.43 -35.18
CA MET F 314 69.60 -48.19 -35.71
C MET F 314 69.48 -48.35 -37.20
N PRO F 315 68.35 -48.85 -37.70
CA PRO F 315 68.23 -49.09 -39.12
C PRO F 315 68.16 -47.79 -39.89
N LEU F 316 68.81 -47.71 -41.02
CA LEU F 316 68.60 -46.66 -41.98
C LEU F 316 67.75 -47.21 -43.09
N LEU F 317 66.49 -46.84 -43.14
CA LEU F 317 65.58 -47.35 -44.13
C LEU F 317 65.30 -46.35 -45.20
N HIS F 318 65.24 -46.83 -46.43
CA HIS F 318 65.09 -45.97 -47.59
C HIS F 318 63.64 -45.86 -48.04
N LYS F 319 63.17 -44.62 -48.21
CA LYS F 319 61.81 -44.37 -48.66
C LYS F 319 61.70 -44.86 -50.08
N LYS F 320 60.63 -45.57 -50.41
CA LYS F 320 60.47 -46.13 -51.75
C LYS F 320 60.34 -45.12 -52.88
N ASN F 321 61.01 -45.40 -54.00
CA ASN F 321 60.95 -44.55 -55.19
C ASN F 321 61.43 -43.13 -55.00
N THR F 322 62.32 -42.92 -54.04
CA THR F 322 62.87 -41.60 -53.72
C THR F 322 64.29 -41.75 -53.22
N ASP F 323 65.08 -40.70 -53.37
CA ASP F 323 66.41 -40.70 -52.87
C ASP F 323 66.46 -40.39 -51.35
N PHE F 324 65.36 -40.06 -50.76
CA PHE F 324 65.24 -39.81 -49.33
C PHE F 324 65.43 -41.07 -48.54
N ALA F 325 65.94 -40.94 -47.32
CA ALA F 325 66.08 -42.05 -46.36
C ALA F 325 66.14 -41.47 -44.99
N ALA F 326 65.85 -42.26 -43.95
CA ALA F 326 65.75 -41.73 -42.61
C ALA F 326 66.06 -42.78 -41.58
N PHE F 327 66.40 -42.33 -40.38
CA PHE F 327 66.48 -43.13 -39.16
C PHE F 327 65.19 -42.96 -38.41
N ILE F 328 64.40 -44.03 -38.32
CA ILE F 328 63.09 -43.93 -37.66
C ILE F 328 63.25 -43.76 -36.17
N GLY F 329 64.21 -44.45 -35.60
CA GLY F 329 64.48 -44.32 -34.16
C GLY F 329 65.93 -44.65 -33.92
N ALA F 330 66.42 -44.08 -32.81
CA ALA F 330 67.81 -44.32 -32.36
C ALA F 330 67.73 -45.08 -31.07
N GLN F 331 68.08 -46.36 -31.11
CA GLN F 331 68.06 -47.24 -29.95
C GLN F 331 69.47 -47.73 -29.76
N SER F 332 70.00 -47.59 -28.54
CA SER F 332 71.36 -48.03 -28.27
C SER F 332 71.42 -49.53 -28.24
N LEU F 333 72.59 -50.09 -28.04
CA LEU F 333 72.76 -51.54 -28.01
C LEU F 333 72.18 -52.15 -26.79
N GLN F 334 71.96 -51.35 -25.76
CA GLN F 334 71.43 -51.91 -24.52
C GLN F 334 69.98 -52.37 -24.56
N LYS F 335 69.75 -53.59 -24.07
CA LYS F 335 68.41 -54.13 -23.94
C LYS F 335 67.85 -53.69 -22.60
N PRO F 336 66.91 -52.76 -22.56
CA PRO F 336 66.41 -52.27 -21.26
C PRO F 336 65.68 -53.34 -20.50
N ALA F 337 65.97 -53.52 -19.25
CA ALA F 337 65.35 -54.57 -18.45
C ALA F 337 63.99 -54.15 -17.97
N GLU F 338 63.06 -55.10 -17.92
CA GLU F 338 61.72 -54.85 -17.42
C GLU F 338 61.73 -54.78 -15.89
N TYR F 339 60.79 -54.03 -15.31
CA TYR F 339 60.71 -53.89 -13.87
C TYR F 339 59.27 -54.04 -13.43
N ASP F 340 59.06 -54.23 -12.13
CA ASP F 340 57.72 -54.31 -11.60
C ASP F 340 56.97 -53.00 -11.77
N ASP F 341 57.53 -51.92 -11.26
CA ASP F 341 56.89 -50.62 -11.36
C ASP F 341 56.97 -50.12 -12.79
N PRO F 342 55.89 -49.68 -13.40
CA PRO F 342 55.97 -49.14 -14.76
C PRO F 342 56.83 -47.88 -14.83
N ASP F 343 56.97 -47.13 -13.74
CA ASP F 343 57.84 -45.97 -13.76
C ASP F 343 59.30 -46.36 -13.89
N ALA F 344 59.72 -47.41 -13.18
CA ALA F 344 61.08 -47.91 -13.31
C ALA F 344 61.33 -48.49 -14.66
N THR F 345 60.33 -49.10 -15.28
CA THR F 345 60.47 -49.62 -16.63
C THR F 345 60.59 -48.45 -17.61
N ALA F 346 59.85 -47.37 -17.38
CA ALA F 346 59.99 -46.20 -18.24
C ALA F 346 61.37 -45.63 -18.14
N ASN F 347 61.86 -45.38 -16.92
CA ASN F 347 63.21 -44.88 -16.75
C ASN F 347 64.23 -45.80 -17.32
N ALA F 348 63.99 -47.10 -17.31
CA ALA F 348 64.92 -48.05 -17.90
C ALA F 348 64.88 -48.01 -19.40
N ASN F 349 63.73 -47.65 -20.00
CA ASN F 349 63.65 -47.55 -21.44
C ASN F 349 64.27 -46.25 -21.95
N LEU F 350 64.10 -45.16 -21.21
CA LEU F 350 64.65 -43.87 -21.63
C LEU F 350 66.18 -43.93 -21.75
N ALA F 351 66.82 -44.63 -20.82
CA ALA F 351 68.25 -44.72 -20.82
C ALA F 351 68.80 -45.46 -22.02
N ALA F 352 68.00 -46.32 -22.66
CA ALA F 352 68.48 -47.08 -23.79
C ALA F 352 68.40 -46.35 -25.10
N ARG F 353 67.84 -45.13 -25.12
CA ARG F 353 67.62 -44.37 -26.35
C ARG F 353 68.66 -43.25 -26.43
N LEU F 354 69.40 -43.19 -27.53
CA LEU F 354 70.43 -42.24 -27.75
C LEU F 354 69.96 -40.78 -27.69
N PRO F 355 68.75 -40.42 -28.23
CA PRO F 355 68.32 -39.04 -28.17
C PRO F 355 68.38 -38.43 -26.77
N TYR F 356 68.08 -39.22 -25.73
CA TYR F 356 68.16 -38.74 -24.38
C TYR F 356 69.58 -38.80 -23.83
N LEU F 357 70.31 -39.86 -24.11
CA LEU F 357 71.67 -39.97 -23.62
C LEU F 357 72.55 -38.85 -24.14
N PHE F 358 72.25 -38.30 -25.31
CA PHE F 358 72.98 -37.13 -25.77
C PHE F 358 72.70 -35.95 -24.88
N ALA F 359 71.47 -35.81 -24.43
CA ALA F 359 71.10 -34.72 -23.53
C ALA F 359 71.89 -34.85 -22.22
N THR F 360 71.80 -36.01 -21.57
CA THR F 360 72.46 -36.16 -20.29
C THR F 360 73.98 -36.09 -20.43
N CYS F 361 74.52 -36.57 -21.51
CA CYS F 361 75.95 -36.43 -21.76
C CYS F 361 76.34 -34.96 -21.87
N ARG F 362 75.54 -34.17 -22.59
CA ARG F 362 75.82 -32.75 -22.70
C ARG F 362 75.78 -32.09 -21.35
N PHE F 363 74.79 -32.41 -20.53
CA PHE F 363 74.74 -31.87 -19.16
C PHE F 363 75.94 -32.31 -18.34
N ALA F 364 76.49 -33.49 -18.63
CA ALA F 364 77.69 -33.92 -17.94
C ALA F 364 78.87 -33.07 -18.33
N HIS F 365 79.01 -32.74 -19.60
CA HIS F 365 80.08 -31.85 -20.03
C HIS F 365 79.95 -30.50 -19.40
N TYR F 366 78.77 -29.87 -19.51
CA TYR F 366 78.55 -28.58 -18.91
C TYR F 366 78.87 -28.60 -17.43
N LEU F 367 78.29 -29.54 -16.70
CA LEU F 367 78.49 -29.61 -15.24
C LEU F 367 79.92 -29.78 -14.90
N LYS F 368 80.64 -30.60 -15.65
CA LYS F 368 82.08 -30.79 -15.43
C LYS F 368 82.82 -29.47 -15.52
N CYS F 369 82.63 -28.74 -16.59
CA CYS F 369 83.37 -27.50 -16.79
C CYS F 369 82.99 -26.45 -15.76
N ILE F 370 81.69 -26.23 -15.55
CA ILE F 370 81.26 -25.14 -14.71
C ILE F 370 81.59 -25.42 -13.26
N VAL F 371 81.43 -26.66 -12.80
CA VAL F 371 81.80 -26.98 -11.41
C VAL F 371 83.28 -26.94 -11.25
N ARG F 372 84.03 -27.46 -12.21
CA ARG F 372 85.49 -27.37 -12.14
C ARG F 372 85.96 -25.94 -12.03
N ASP F 373 85.25 -25.00 -12.65
CA ASP F 373 85.60 -23.59 -12.49
C ASP F 373 85.08 -23.01 -11.19
N LYS F 374 84.06 -23.62 -10.58
CA LYS F 374 83.51 -23.12 -9.33
C LYS F 374 84.24 -23.67 -8.10
N ILE F 375 85.25 -24.54 -8.28
CA ILE F 375 85.98 -25.08 -7.15
C ILE F 375 86.77 -23.97 -6.49
N GLY F 376 86.60 -23.84 -5.14
CA GLY F 376 87.28 -22.79 -4.43
C GLY F 376 86.45 -21.61 -4.04
N SER F 377 85.22 -21.57 -4.45
CA SER F 377 84.26 -20.52 -4.06
C SER F 377 83.51 -20.89 -2.82
N PHE F 378 83.20 -19.94 -2.00
CA PHE F 378 82.50 -20.19 -0.74
C PHE F 378 81.12 -20.74 -1.01
N LYS F 379 80.86 -21.94 -0.52
CA LYS F 379 79.64 -22.68 -0.84
C LYS F 379 79.23 -23.50 0.38
N GLU F 380 77.94 -23.39 0.72
CA GLU F 380 77.31 -24.27 1.69
C GLU F 380 76.41 -25.25 0.96
N LYS F 381 75.74 -26.12 1.70
CA LYS F 381 74.77 -27.02 1.08
C LYS F 381 73.66 -26.21 0.40
N ASP F 382 73.17 -25.16 1.09
CA ASP F 382 72.11 -24.35 0.54
C ASP F 382 72.62 -23.54 -0.67
N GLU F 383 73.88 -23.06 -0.60
CA GLU F 383 74.42 -22.32 -1.71
C GLU F 383 74.54 -23.21 -2.95
N MET F 384 75.07 -24.41 -2.79
CA MET F 384 75.13 -25.36 -3.89
C MET F 384 73.74 -25.73 -4.39
N GLN F 385 72.77 -25.83 -3.49
CA GLN F 385 71.40 -26.13 -3.91
C GLN F 385 70.85 -25.04 -4.80
N ARG F 386 71.09 -23.78 -4.44
CA ARG F 386 70.56 -22.67 -5.24
C ARG F 386 71.31 -22.54 -6.53
N TRP F 387 72.61 -22.79 -6.53
CA TRP F 387 73.39 -22.62 -7.76
C TRP F 387 73.14 -23.71 -8.75
N LEU F 388 73.05 -24.95 -8.29
CA LEU F 388 72.73 -26.08 -9.19
C LEU F 388 71.28 -26.06 -9.60
N GLN F 389 70.39 -25.75 -8.66
CA GLN F 389 68.96 -25.67 -8.97
C GLN F 389 68.67 -24.58 -9.97
N ASP F 390 69.29 -23.42 -9.80
CA ASP F 390 69.08 -22.34 -10.75
C ASP F 390 69.94 -22.47 -11.99
N TRP F 391 70.98 -23.31 -11.97
CA TRP F 391 71.73 -23.54 -13.19
C TRP F 391 71.03 -24.50 -14.12
N ILE F 392 70.49 -25.60 -13.58
CA ILE F 392 69.79 -26.57 -14.41
C ILE F 392 68.49 -26.03 -14.92
N LEU F 393 67.97 -24.95 -14.30
CA LEU F 393 66.60 -24.50 -14.58
C LEU F 393 66.53 -23.55 -15.76
N ASN F 394 67.67 -23.19 -16.37
CA ASN F 394 67.62 -22.37 -17.58
C ASN F 394 67.61 -23.21 -18.82
N TYR F 395 67.79 -24.53 -18.72
CA TYR F 395 67.57 -25.45 -19.83
C TYR F 395 66.19 -26.06 -19.82
N VAL F 396 65.32 -25.62 -18.90
CA VAL F 396 63.96 -26.15 -18.79
C VAL F 396 63.01 -25.01 -19.12
N ASP F 397 62.02 -25.33 -19.97
CA ASP F 397 60.96 -24.33 -20.30
C ASP F 397 59.68 -24.70 -19.53
N GLY F 398 59.38 -23.95 -18.49
CA GLY F 398 58.33 -24.34 -17.56
C GLY F 398 56.93 -23.95 -18.02
N ASP F 399 56.75 -22.69 -18.33
CA ASP F 399 55.46 -22.17 -18.80
C ASP F 399 54.96 -22.70 -20.15
N PRO F 400 55.87 -22.88 -21.10
CA PRO F 400 55.51 -23.28 -22.47
C PRO F 400 55.61 -24.78 -22.78
N ALA F 401 55.80 -25.63 -21.79
CA ALA F 401 55.92 -27.06 -22.03
C ALA F 401 54.88 -27.70 -22.98
N HIS F 402 53.59 -27.39 -22.85
CA HIS F 402 52.65 -27.99 -23.79
C HIS F 402 52.63 -27.28 -25.15
N SER F 403 52.78 -25.95 -25.13
CA SER F 403 52.74 -25.17 -26.39
C SER F 403 54.12 -24.61 -26.66
N THR F 404 54.83 -25.31 -27.56
CA THR F 404 56.16 -24.93 -28.06
C THR F 404 56.51 -25.80 -29.29
N GLU F 405 57.49 -25.39 -30.11
CA GLU F 405 57.81 -26.29 -31.24
C GLU F 405 59.31 -26.57 -31.33
N THR F 406 60.09 -25.53 -31.68
CA THR F 406 61.53 -25.66 -31.77
C THR F 406 62.19 -25.52 -30.40
N THR F 407 61.58 -24.76 -29.46
CA THR F 407 62.27 -24.60 -28.17
C THR F 407 62.31 -25.91 -27.39
N LYS F 408 61.37 -26.83 -27.66
CA LYS F 408 61.46 -28.13 -27.04
C LYS F 408 62.71 -28.88 -27.48
N ALA F 409 63.22 -28.57 -28.67
CA ALA F 409 64.50 -29.12 -29.11
C ALA F 409 65.66 -28.36 -28.49
N GLN F 410 65.50 -27.05 -28.28
CA GLN F 410 66.58 -26.27 -27.69
C GLN F 410 66.62 -26.42 -26.19
N HIS F 411 65.47 -26.57 -25.55
CA HIS F 411 65.45 -26.90 -24.13
C HIS F 411 65.12 -28.37 -24.01
N PRO F 412 66.10 -29.24 -23.74
CA PRO F 412 65.84 -30.68 -23.81
C PRO F 412 64.99 -31.21 -22.64
N LEU F 413 64.86 -30.46 -21.53
CA LEU F 413 64.25 -30.96 -20.33
C LEU F 413 62.89 -30.34 -20.12
N ALA F 414 61.89 -31.17 -19.81
CA ALA F 414 60.59 -30.68 -19.40
C ALA F 414 60.58 -30.27 -17.94
N ALA F 415 61.43 -30.85 -17.12
CA ALA F 415 61.53 -30.49 -15.71
C ALA F 415 62.88 -30.95 -15.18
N ALA F 416 63.29 -30.39 -14.04
CA ALA F 416 64.57 -30.71 -13.44
C ALA F 416 64.48 -30.65 -11.95
N GLU F 417 65.13 -31.58 -11.27
CA GLU F 417 65.07 -31.67 -9.80
C GLU F 417 66.45 -32.04 -9.30
N VAL F 418 66.90 -31.33 -8.30
CA VAL F 418 68.29 -31.47 -7.77
C VAL F 418 68.13 -31.78 -6.27
N VAL F 419 68.83 -32.83 -5.83
CA VAL F 419 68.96 -33.14 -4.42
C VAL F 419 70.43 -33.09 -4.07
N VAL F 420 70.81 -32.17 -3.22
CA VAL F 420 72.21 -31.95 -2.82
C VAL F 420 72.35 -32.52 -1.40
N GLU F 421 73.47 -33.21 -1.16
CA GLU F 421 73.76 -33.77 0.15
C GLU F 421 75.23 -33.57 0.41
N GLU F 422 75.55 -33.02 1.59
CA GLU F 422 76.94 -32.80 1.96
C GLU F 422 77.56 -34.10 2.48
N VAL F 423 78.77 -34.42 2.01
CA VAL F 423 79.45 -35.62 2.46
C VAL F 423 79.85 -35.43 3.92
N GLU F 424 79.42 -36.36 4.78
CA GLU F 424 79.75 -36.29 6.20
C GLU F 424 81.22 -36.58 6.42
N GLY F 425 81.80 -35.98 7.45
CA GLY F 425 83.20 -36.19 7.71
C GLY F 425 84.14 -35.51 6.71
N ASN F 426 83.74 -34.34 6.21
CA ASN F 426 84.54 -33.64 5.20
C ASN F 426 83.85 -32.30 4.90
N PRO F 427 84.56 -31.18 4.89
CA PRO F 427 84.01 -29.95 4.40
C PRO F 427 84.11 -29.83 2.90
N GLY F 428 83.23 -28.99 2.32
CA GLY F 428 83.43 -28.59 0.92
C GLY F 428 83.18 -29.68 -0.10
N TYR F 429 82.89 -30.93 0.31
CA TYR F 429 82.58 -32.00 -0.60
C TYR F 429 81.11 -32.30 -0.51
N TYR F 430 80.45 -32.40 -1.69
CA TYR F 430 78.99 -32.63 -1.71
C TYR F 430 78.66 -33.74 -2.68
N ASN F 431 77.52 -34.37 -2.49
CA ASN F 431 76.93 -35.34 -3.42
C ASN F 431 75.62 -34.77 -3.94
N SER F 432 75.41 -34.86 -5.24
CA SER F 432 74.21 -34.32 -5.86
C SER F 432 73.56 -35.36 -6.74
N LYS F 433 72.25 -35.23 -6.91
CA LYS F 433 71.47 -36.07 -7.82
C LYS F 433 70.65 -35.16 -8.69
N PHE F 434 70.76 -35.32 -9.99
CA PHE F 434 70.02 -34.55 -10.96
C PHE F 434 68.93 -35.43 -11.57
N PHE F 435 67.67 -35.11 -11.27
CA PHE F 435 66.53 -35.78 -11.87
C PHE F 435 66.00 -34.85 -12.95
N LEU F 436 66.21 -35.24 -14.23
CA LEU F 436 65.80 -34.39 -15.34
C LEU F 436 64.87 -35.19 -16.26
N ARG F 437 63.67 -34.65 -16.48
CA ARG F 437 62.67 -35.32 -17.29
C ARG F 437 62.73 -34.80 -18.71
N PRO F 438 63.14 -35.62 -19.67
CA PRO F 438 63.25 -35.16 -21.06
C PRO F 438 61.89 -35.02 -21.72
N HIS F 439 61.87 -34.32 -22.85
CA HIS F 439 60.67 -34.28 -23.67
C HIS F 439 60.48 -35.60 -24.39
N TYR F 440 59.33 -36.24 -24.19
CA TYR F 440 59.07 -37.53 -24.82
C TYR F 440 59.01 -37.39 -26.32
N GLN F 441 59.32 -38.45 -27.04
CA GLN F 441 59.24 -38.49 -28.49
C GLN F 441 58.33 -39.59 -28.95
N LEU F 442 57.51 -39.35 -29.96
CA LEU F 442 56.56 -40.38 -30.43
C LEU F 442 57.34 -41.60 -30.90
N GLU F 443 57.09 -42.74 -30.30
CA GLU F 443 57.75 -43.98 -30.64
C GLU F 443 56.92 -44.95 -31.48
N GLY F 444 55.67 -45.14 -31.11
CA GLY F 444 54.76 -45.99 -31.87
C GLY F 444 53.33 -45.71 -31.57
N LEU F 445 52.43 -46.21 -32.39
CA LEU F 445 51.01 -45.96 -32.13
C LEU F 445 50.21 -47.11 -32.68
N THR F 446 49.38 -47.73 -31.82
CA THR F 446 48.44 -48.75 -32.27
C THR F 446 47.07 -48.12 -32.31
N VAL F 447 46.41 -48.18 -33.47
CA VAL F 447 45.09 -47.56 -33.64
C VAL F 447 44.11 -48.63 -33.95
N SER F 448 42.98 -48.64 -33.25
CA SER F 448 41.82 -49.52 -33.57
C SER F 448 40.68 -48.63 -34.00
N LEU F 449 40.32 -48.70 -35.26
CA LEU F 449 39.21 -47.85 -35.80
C LEU F 449 37.92 -48.64 -35.56
N ARG F 450 36.87 -47.91 -35.22
CA ARG F 450 35.58 -48.57 -34.92
C ARG F 450 34.44 -47.86 -35.66
N LEU F 451 33.74 -48.57 -36.54
CA LEU F 451 32.54 -48.03 -37.13
C LEU F 451 31.39 -48.10 -36.14
N VAL F 452 30.84 -46.96 -35.75
CA VAL F 452 29.95 -46.85 -34.63
C VAL F 452 28.71 -46.09 -35.07
N SER F 453 27.54 -46.62 -34.71
CA SER F 453 26.28 -45.94 -35.02
C SER F 453 26.00 -44.84 -34.02
N LYS F 454 26.31 -45.05 -32.74
CA LYS F 454 26.05 -44.03 -31.71
C LYS F 454 27.34 -43.87 -30.91
N LEU F 455 27.92 -42.68 -30.94
CA LEU F 455 29.22 -42.44 -30.32
C LEU F 455 29.24 -42.87 -28.86
N PRO F 456 30.17 -43.72 -28.46
CA PRO F 456 30.11 -44.25 -27.06
C PRO F 456 30.46 -43.19 -26.04
N SER F 457 31.27 -42.18 -26.42
CA SER F 457 31.67 -41.18 -25.43
C SER F 457 30.50 -40.26 -25.12
N ALA F 458 29.96 -39.59 -26.14
CA ALA F 458 28.89 -38.62 -25.88
C ALA F 458 27.43 -39.03 -26.21
N LYS F 459 27.20 -39.56 -27.40
CA LYS F 459 25.87 -39.90 -27.83
C LYS F 459 25.23 -40.98 -26.92
N GLU F 460 26.07 -41.97 -26.54
CA GLU F 460 25.61 -43.05 -25.69
C GLU F 460 26.11 -42.81 -24.28
N ALA F 461 25.18 -42.48 -23.36
CA ALA F 461 25.52 -42.15 -22.00
C ALA F 461 24.15 -41.87 -21.28
N THR G 1 74.67 51.14 33.61
CA THR G 1 75.57 51.72 34.61
C THR G 1 74.82 52.64 35.57
N THR G 2 73.59 52.25 35.90
CA THR G 2 72.69 52.99 36.80
C THR G 2 72.61 54.51 36.59
N SER G 3 71.86 54.90 35.57
CA SER G 3 71.67 56.31 35.22
C SER G 3 71.30 57.20 36.39
N SER G 4 71.91 58.38 36.43
CA SER G 4 71.68 59.35 37.51
C SER G 4 70.23 59.51 37.82
N GLN G 5 69.34 59.24 36.89
CA GLN G 5 67.90 59.22 37.18
C GLN G 5 67.58 58.19 38.21
N LYS G 6 68.29 57.08 38.25
CA LYS G 6 68.15 56.09 39.31
C LYS G 6 68.66 56.59 40.61
N PHE G 7 69.74 57.36 40.62
CA PHE G 7 70.21 58.00 41.86
C PHE G 7 69.15 58.92 42.40
N ILE G 8 68.55 59.77 41.56
CA ILE G 8 67.48 60.65 42.01
C ILE G 8 66.29 59.82 42.48
N ALA G 9 66.07 58.66 41.88
CA ALA G 9 64.92 57.84 42.23
C ALA G 9 65.08 57.22 43.58
N ARG G 10 66.20 56.56 43.83
CA ARG G 10 66.39 55.84 45.08
C ARG G 10 66.81 56.71 46.21
N ASN G 11 67.49 57.81 45.94
CA ASN G 11 68.07 58.63 47.00
C ASN G 11 67.15 59.62 47.67
N ARG G 12 66.60 60.54 46.93
CA ARG G 12 65.51 61.45 47.48
C ARG G 12 64.61 61.60 46.27
N ALA G 13 63.45 61.01 46.37
CA ALA G 13 62.61 60.87 45.20
C ALA G 13 61.55 61.92 45.20
N PRO G 14 61.37 62.67 44.08
CA PRO G 14 60.21 63.49 43.93
C PRO G 14 58.95 62.63 43.90
N ARG G 15 57.79 63.22 44.21
CA ARG G 15 56.56 62.48 44.08
C ARG G 15 56.37 62.02 42.65
N VAL G 16 56.76 62.85 41.67
CA VAL G 16 56.77 62.47 40.27
C VAL G 16 58.19 62.24 39.85
N GLN G 17 58.59 61.01 39.62
CA GLN G 17 59.98 60.67 39.24
C GLN G 17 59.91 60.00 37.90
N ILE G 18 60.60 60.61 36.92
CA ILE G 18 60.51 60.15 35.52
C ILE G 18 61.91 59.73 35.10
N GLU G 19 62.09 58.47 34.79
CA GLU G 19 63.34 57.90 34.34
C GLU G 19 63.17 57.35 32.93
N TYR G 20 64.27 57.26 32.21
CA TYR G 20 64.28 56.61 30.91
C TYR G 20 65.18 55.43 30.95
N ASP G 21 64.66 54.26 30.57
CA ASP G 21 65.46 53.03 30.51
C ASP G 21 65.26 52.34 29.19
N VAL G 22 66.37 51.86 28.62
CA VAL G 22 66.36 51.18 27.32
C VAL G 22 65.62 49.82 27.55
N GLU G 23 64.77 49.46 26.59
CA GLU G 23 64.06 48.25 26.67
C GLU G 23 64.77 47.12 25.96
N LEU G 24 65.23 46.11 26.70
CA LEU G 24 65.82 44.89 26.16
C LEU G 24 65.09 43.71 26.74
N TYR G 25 64.34 43.00 25.91
CA TYR G 25 63.55 41.87 26.37
C TYR G 25 64.35 40.73 26.95
N GLY G 26 65.35 40.29 26.20
CA GLY G 26 66.20 39.20 26.63
C GLY G 26 67.61 39.55 27.06
N ALA G 27 67.97 40.83 26.99
CA ALA G 27 69.29 41.30 27.39
C ALA G 27 70.36 40.50 26.64
N GLU G 28 71.33 39.96 27.36
CA GLU G 28 72.37 39.13 26.76
C GLU G 28 73.12 39.71 25.56
N LYS G 29 73.83 40.81 25.77
CA LYS G 29 74.58 41.48 24.72
C LYS G 29 75.71 40.60 24.14
N LYS G 30 76.06 40.86 22.88
CA LYS G 30 77.08 40.08 22.17
C LYS G 30 78.46 40.14 22.80
N VAL G 31 79.22 39.06 22.60
CA VAL G 31 80.51 38.87 23.25
C VAL G 31 81.63 39.65 22.57
N GLN G 32 81.45 40.08 21.32
CA GLN G 32 82.51 40.81 20.61
C GLN G 32 83.66 39.85 20.36
N LEU G 33 84.81 40.09 20.99
CA LEU G 33 85.98 39.23 20.90
C LEU G 33 86.54 39.18 19.47
N PRO G 34 87.25 40.22 19.05
CA PRO G 34 87.85 40.22 17.71
C PRO G 34 88.84 39.09 17.52
N PHE G 35 89.12 38.81 16.24
CA PHE G 35 90.05 37.75 15.85
C PHE G 35 91.43 38.36 15.66
N VAL G 36 92.36 38.00 16.54
CA VAL G 36 93.74 38.42 16.42
C VAL G 36 94.55 37.25 15.89
N MET G 37 95.55 37.53 15.06
CA MET G 37 96.44 36.50 14.55
C MET G 37 97.87 36.84 14.93
N GLY G 38 98.46 36.05 15.81
CA GLY G 38 99.83 36.28 16.23
C GLY G 38 100.78 35.65 15.24
N VAL G 39 101.79 36.39 14.81
CA VAL G 39 102.74 35.88 13.83
C VAL G 39 104.15 35.84 14.38
N MET G 40 104.82 34.71 14.21
CA MET G 40 106.19 34.56 14.67
C MET G 40 107.06 34.39 13.46
N ALA G 41 108.16 35.12 13.38
CA ALA G 41 109.00 35.05 12.20
C ALA G 41 110.41 35.48 12.58
N ASP G 42 111.37 35.13 11.72
CA ASP G 42 112.75 35.54 11.94
C ASP G 42 112.98 36.86 11.20
N LEU G 43 113.15 37.93 11.96
CA LEU G 43 113.35 39.26 11.42
C LEU G 43 114.57 39.89 12.05
N ALA G 44 115.19 40.82 11.33
CA ALA G 44 116.45 41.44 11.75
C ALA G 44 117.53 40.39 11.96
N GLY G 45 117.69 39.52 10.95
CA GLY G 45 118.67 38.47 11.01
C GLY G 45 120.07 39.03 11.11
N LYS G 46 120.88 38.49 12.04
CA LYS G 46 122.22 38.98 12.32
C LYS G 46 122.20 40.47 12.63
N PRO G 47 121.63 40.87 13.77
CA PRO G 47 121.62 42.28 14.13
C PRO G 47 122.98 42.76 14.59
N ALA G 48 123.16 44.08 14.57
CA ALA G 48 124.43 44.67 14.98
C ALA G 48 124.62 44.78 16.49
N GLU G 49 123.53 44.77 17.24
CA GLU G 49 123.59 44.96 18.68
C GLU G 49 123.13 43.65 19.33
N PRO G 50 123.19 43.52 20.66
CA PRO G 50 122.54 42.38 21.32
C PRO G 50 121.05 42.29 21.09
N GLN G 51 120.41 43.33 20.54
CA GLN G 51 118.97 43.40 20.35
C GLN G 51 118.26 43.36 21.69
N ALA G 52 117.36 42.40 21.88
CA ALA G 52 116.57 42.35 23.10
C ALA G 52 116.48 40.91 23.58
N ALA G 53 116.49 40.74 24.90
CA ALA G 53 116.31 39.42 25.48
C ALA G 53 114.88 38.94 25.29
N VAL G 54 114.70 37.63 25.36
CA VAL G 54 113.37 37.06 25.23
C VAL G 54 112.53 37.44 26.44
N ALA G 55 111.21 37.38 26.26
CA ALA G 55 110.20 37.79 27.24
C ALA G 55 110.10 39.31 27.31
N ASP G 56 111.10 40.01 26.78
CA ASP G 56 111.02 41.45 26.60
C ASP G 56 110.65 41.86 25.18
N ARG G 57 110.51 40.91 24.26
CA ARG G 57 110.17 41.23 22.89
C ARG G 57 108.67 41.47 22.68
N LYS G 58 107.85 40.70 23.39
CA LYS G 58 106.41 40.88 23.30
C LYS G 58 105.89 40.58 21.89
N PHE G 59 104.68 41.03 21.62
CA PHE G 59 104.06 40.90 20.31
C PHE G 59 103.66 42.32 19.95
N LEU G 60 104.04 42.78 18.78
CA LEU G 60 103.72 44.16 18.39
C LEU G 60 102.69 44.16 17.28
N GLU G 61 101.63 44.93 17.48
CA GLU G 61 100.58 45.00 16.47
C GLU G 61 101.15 45.59 15.21
N ILE G 62 100.73 45.03 14.07
CA ILE G 62 101.19 45.47 12.77
C ILE G 62 99.96 45.58 11.86
N ASP G 63 100.09 46.42 10.85
CA ASP G 63 99.03 46.71 9.89
C ASP G 63 99.68 47.45 8.73
N VAL G 64 98.86 47.91 7.78
CA VAL G 64 99.36 48.66 6.66
C VAL G 64 99.83 50.05 7.07
N ASP G 65 99.41 50.54 8.23
CA ASP G 65 99.75 51.88 8.66
C ASP G 65 101.16 51.95 9.21
N ASN G 66 101.53 51.06 10.12
CA ASN G 66 102.80 51.11 10.82
C ASN G 66 103.85 50.19 10.22
N PHE G 67 103.57 49.54 9.11
CA PHE G 67 104.47 48.51 8.57
C PHE G 67 105.88 49.04 8.39
N ASP G 68 106.02 50.13 7.69
CA ASP G 68 107.34 50.75 7.52
C ASP G 68 107.91 51.23 8.84
N ALA G 69 107.06 51.66 9.77
CA ALA G 69 107.55 52.01 11.09
C ALA G 69 107.96 50.80 11.86
N ARG G 70 107.40 49.63 11.55
CA ARG G 70 107.83 48.39 12.17
C ARG G 70 109.19 47.93 11.61
N LEU G 71 109.43 48.11 10.32
CA LEU G 71 110.74 47.84 9.80
C LEU G 71 111.77 48.81 10.38
N LYS G 72 111.53 50.10 10.24
CA LYS G 72 112.49 51.08 10.72
C LYS G 72 112.72 50.98 12.19
N ALA G 73 111.71 50.59 12.95
CA ALA G 73 111.88 50.38 14.38
C ALA G 73 112.65 49.13 14.65
N MET G 74 112.40 48.06 13.89
CA MET G 74 113.06 46.79 14.14
C MET G 74 114.46 46.74 13.58
N LYS G 75 114.77 47.58 12.60
CA LYS G 75 116.07 47.68 11.93
C LYS G 75 116.60 46.32 11.45
N PRO G 76 115.90 45.65 10.53
CA PRO G 76 116.44 44.48 9.91
C PRO G 76 117.63 44.71 9.08
N ARG G 77 118.70 43.92 9.31
CA ARG G 77 119.95 44.19 8.58
C ARG G 77 120.55 42.91 8.07
N VAL G 78 121.52 43.01 7.19
CA VAL G 78 122.21 41.88 6.60
C VAL G 78 123.62 42.25 6.33
N ALA G 79 124.55 41.37 6.71
CA ALA G 79 125.99 41.61 6.50
C ALA G 79 126.61 40.31 6.03
N PHE G 80 127.22 40.33 4.84
CA PHE G 80 127.92 39.18 4.33
C PHE G 80 128.90 39.54 3.29
N ASN G 81 129.84 38.62 3.00
CA ASN G 81 130.84 38.81 1.93
C ASN G 81 130.26 38.29 0.65
N VAL G 82 130.54 39.00 -0.44
CA VAL G 82 130.04 38.57 -1.76
C VAL G 82 131.14 38.82 -2.77
N PRO G 83 131.32 37.93 -3.76
CA PRO G 83 132.36 38.17 -4.76
C PRO G 83 132.15 39.49 -5.47
N ASN G 84 133.27 40.18 -5.71
CA ASN G 84 133.22 41.51 -6.33
C ASN G 84 133.47 41.31 -7.83
N VAL G 85 132.43 41.53 -8.63
CA VAL G 85 132.57 41.39 -10.07
C VAL G 85 132.97 42.72 -10.73
N LEU G 86 132.89 43.81 -9.99
CA LEU G 86 133.21 45.12 -10.57
C LEU G 86 134.66 45.30 -11.01
N THR G 87 135.62 44.93 -10.17
CA THR G 87 137.04 45.09 -10.49
C THR G 87 137.95 43.95 -10.00
N GLY G 88 137.68 42.72 -10.43
CA GLY G 88 138.50 41.59 -10.00
C GLY G 88 138.50 41.50 -8.48
N GLU G 89 139.68 41.42 -7.88
CA GLU G 89 139.73 41.42 -6.40
C GLU G 89 139.18 40.08 -5.88
N GLY G 90 138.14 40.11 -5.07
CA GLY G 90 137.74 38.96 -4.28
C GLY G 90 136.40 39.43 -3.60
N ASN G 91 136.08 38.70 -2.51
CA ASN G 91 134.93 38.98 -1.74
C ASN G 91 134.81 40.46 -1.38
N LEU G 92 133.58 40.97 -1.48
CA LEU G 92 133.23 42.31 -1.06
C LEU G 92 132.25 42.26 0.11
N SER G 93 132.68 42.72 1.27
CA SER G 93 131.84 42.75 2.47
C SER G 93 130.92 43.93 2.43
N LEU G 94 129.61 43.65 2.48
CA LEU G 94 128.59 44.72 2.45
C LEU G 94 127.77 44.67 3.71
N ASP G 95 127.40 45.85 4.20
CA ASP G 95 126.58 45.94 5.39
C ASP G 95 125.33 46.69 5.00
N ILE G 96 124.18 46.05 5.13
CA ILE G 96 122.93 46.69 4.77
C ILE G 96 121.86 46.58 5.84
N THR G 97 121.24 47.71 6.16
CA THR G 97 120.14 47.72 7.12
C THR G 97 118.93 48.31 6.40
N PHE G 98 117.83 47.55 6.33
CA PHE G 98 116.70 47.94 5.52
C PHE G 98 115.69 48.68 6.44
N GLU G 99 115.47 49.95 6.13
CA GLU G 99 114.55 50.77 6.89
C GLU G 99 113.17 50.93 6.25
N SER G 100 112.93 50.28 5.13
CA SER G 100 111.60 50.39 4.48
C SER G 100 111.42 49.23 3.54
N MET G 101 110.18 48.95 3.19
CA MET G 101 109.91 47.83 2.31
C MET G 101 110.45 48.04 0.91
N ASP G 102 110.76 49.30 0.60
CA ASP G 102 111.35 49.63 -0.69
C ASP G 102 112.86 49.40 -0.70
N ASP G 103 113.44 49.14 0.48
CA ASP G 103 114.87 48.93 0.57
C ASP G 103 115.29 47.53 0.15
N PHE G 104 114.34 46.63 -0.12
CA PHE G 104 114.64 45.35 -0.70
C PHE G 104 114.67 45.39 -2.21
N SER G 105 114.24 46.49 -2.82
CA SER G 105 114.33 46.62 -4.27
C SER G 105 115.77 46.75 -4.69
N PRO G 106 116.11 46.34 -5.93
CA PRO G 106 117.52 46.36 -6.33
C PRO G 106 118.09 47.79 -6.40
N ALA G 107 117.29 48.78 -6.72
CA ALA G 107 117.74 50.14 -6.74
C ALA G 107 118.23 50.60 -5.38
N ALA G 108 117.40 50.41 -4.36
CA ALA G 108 117.77 50.79 -2.99
C ALA G 108 118.93 49.95 -2.48
N VAL G 109 119.00 48.68 -2.88
CA VAL G 109 120.16 47.86 -2.55
C VAL G 109 121.40 48.49 -3.10
N ALA G 110 121.36 48.96 -4.34
CA ALA G 110 122.52 49.61 -4.93
C ALA G 110 122.84 50.94 -4.22
N ARG G 111 121.82 51.66 -3.78
CA ARG G 111 122.07 52.93 -3.12
C ARG G 111 122.66 52.74 -1.73
N LYS G 112 122.40 51.58 -1.08
CA LYS G 112 122.91 51.40 0.25
C LYS G 112 124.36 50.97 0.26
N VAL G 113 124.76 50.08 -0.64
CA VAL G 113 126.18 49.73 -0.72
C VAL G 113 126.92 50.95 -1.33
N ASP G 114 128.00 51.36 -0.63
CA ASP G 114 128.61 52.65 -0.95
C ASP G 114 129.29 52.63 -2.35
N SER G 115 129.98 51.54 -2.68
CA SER G 115 130.59 51.43 -3.99
C SER G 115 129.53 51.48 -5.09
N LEU G 116 128.54 50.61 -5.01
CA LEU G 116 127.42 50.63 -5.95
C LEU G 116 126.70 51.96 -5.92
N ASN G 117 126.75 52.69 -4.79
CA ASN G 117 126.20 54.03 -4.76
C ASN G 117 127.00 54.96 -5.65
N LYS G 118 128.33 54.85 -5.60
CA LYS G 118 129.17 55.71 -6.44
C LYS G 118 128.96 55.37 -7.92
N LEU G 119 128.85 54.07 -8.25
CA LEU G 119 128.60 53.71 -9.63
C LEU G 119 127.23 54.15 -10.11
N LEU G 120 126.22 53.98 -9.27
CA LEU G 120 124.87 54.39 -9.65
C LEU G 120 124.80 55.90 -9.83
N GLU G 121 125.46 56.67 -8.94
CA GLU G 121 125.49 58.10 -9.11
C GLU G 121 126.23 58.47 -10.40
N ALA G 122 127.28 57.75 -10.73
CA ALA G 122 127.96 57.97 -11.99
C ALA G 122 127.01 57.78 -13.17
N ARG G 123 126.17 56.72 -13.09
CA ARG G 123 125.26 56.47 -14.19
C ARG G 123 124.18 57.56 -14.27
N THR G 124 123.68 58.03 -13.12
CA THR G 124 122.68 59.07 -13.18
C THR G 124 123.28 60.39 -13.66
N GLN G 125 124.56 60.62 -13.38
CA GLN G 125 125.19 61.86 -13.86
C GLN G 125 125.46 61.78 -15.37
N LEU G 126 125.78 60.59 -15.89
CA LEU G 126 126.02 60.47 -17.32
C LEU G 126 124.72 60.45 -18.10
N ALA G 127 123.73 59.71 -17.64
CA ALA G 127 122.42 59.67 -18.31
C ALA G 127 121.72 61.02 -18.20
N ASN G 128 121.91 61.70 -17.07
CA ASN G 128 121.41 63.06 -16.95
C ASN G 128 122.27 64.03 -17.75
N LEU G 129 123.51 63.63 -18.10
CA LEU G 129 124.38 64.48 -18.90
C LEU G 129 124.02 64.41 -20.38
N LEU G 130 123.68 63.21 -20.88
CA LEU G 130 123.33 63.07 -22.28
C LEU G 130 122.08 63.88 -22.63
N THR G 131 121.20 64.10 -21.65
CA THR G 131 120.02 64.92 -21.85
C THR G 131 120.29 66.29 -21.22
N TYR G 132 120.54 67.29 -22.08
CA TYR G 132 120.77 68.67 -21.69
C TYR G 132 121.46 68.86 -20.32
N ARG H 1 121.85 76.37 -60.83
CA ARG H 1 122.74 75.13 -60.93
C ARG H 1 123.30 74.85 -59.50
N GLU H 2 124.60 75.13 -59.36
CA GLU H 2 125.28 75.04 -58.08
C GLU H 2 125.27 76.40 -57.36
N ALA H 3 124.81 77.46 -58.03
CA ALA H 3 124.76 78.76 -57.38
C ALA H 3 123.70 78.78 -56.26
N VAL H 4 122.54 78.15 -56.50
CA VAL H 4 121.56 78.04 -55.45
C VAL H 4 122.13 77.19 -54.29
N GLU H 5 122.98 76.20 -54.61
CA GLU H 5 123.60 75.42 -53.56
C GLU H 5 124.58 76.27 -52.73
N THR H 6 125.21 77.24 -53.35
CA THR H 6 126.06 78.15 -52.58
C THR H 6 125.23 79.10 -51.72
N ALA H 7 124.08 79.56 -52.26
CA ALA H 7 123.24 80.46 -51.49
C ALA H 7 122.66 79.74 -50.25
N VAL H 8 122.17 78.51 -50.44
CA VAL H 8 121.69 77.77 -49.29
C VAL H 8 122.84 77.26 -48.42
N ARG H 9 124.06 77.23 -48.98
CA ARG H 9 125.22 76.92 -48.15
C ARG H 9 125.47 78.06 -47.16
N THR H 10 125.61 79.29 -47.66
CA THR H 10 125.88 80.41 -46.79
C THR H 10 124.72 80.66 -45.84
N LEU H 11 123.47 80.62 -46.36
CA LEU H 11 122.33 80.84 -45.52
C LEU H 11 122.17 79.75 -44.45
N ALA H 12 122.24 78.48 -44.88
CA ALA H 12 122.01 77.38 -43.97
C ALA H 12 123.09 77.33 -42.89
N GLU H 13 124.36 77.48 -43.27
CA GLU H 13 125.44 77.45 -42.29
C GLU H 13 125.36 78.65 -41.35
N HIS H 14 125.31 79.87 -41.91
CA HIS H 14 125.32 81.06 -41.10
C HIS H 14 124.14 81.06 -40.11
N ALA H 15 122.94 80.74 -40.61
CA ALA H 15 121.79 80.69 -39.72
C ALA H 15 121.94 79.58 -38.68
N LEU H 16 122.41 78.40 -39.14
CA LEU H 16 122.43 77.24 -38.27
C LEU H 16 123.39 77.31 -37.10
N GLU H 17 124.65 77.62 -37.37
CA GLU H 17 125.67 77.61 -36.32
C GLU H 17 126.10 78.94 -35.70
N GLN H 18 125.57 80.07 -36.14
CA GLN H 18 126.03 81.36 -35.65
C GLN H 18 125.91 81.64 -34.14
N THR H 19 124.81 81.19 -33.56
CA THR H 19 124.48 81.45 -32.16
C THR H 19 123.91 80.20 -31.49
N SER H 20 122.73 79.78 -31.93
CA SER H 20 122.04 78.66 -31.30
C SER H 20 122.72 77.35 -31.64
N LEU H 21 122.12 76.26 -31.14
CA LEU H 21 122.64 74.89 -31.35
C LEU H 21 124.07 74.78 -30.83
N ILE H 22 124.25 75.18 -29.58
CA ILE H 22 125.58 75.25 -28.99
C ILE H 22 126.18 73.85 -28.90
N SER H 23 127.37 73.70 -29.49
CA SER H 23 128.19 72.48 -29.44
C SER H 23 127.54 71.31 -30.19
N ASN H 24 126.25 71.43 -30.51
CA ASN H 24 125.50 70.42 -31.26
C ASN H 24 125.75 69.01 -30.72
N ASP H 25 125.94 68.06 -31.62
CA ASP H 25 126.35 66.71 -31.27
C ASP H 25 127.08 66.08 -32.46
N ALA H 26 127.99 65.16 -32.16
CA ALA H 26 128.71 64.45 -33.22
C ALA H 26 128.52 62.95 -33.06
N ILE H 27 129.19 62.36 -32.09
CA ILE H 27 129.04 60.94 -31.76
C ILE H 27 128.46 60.89 -30.36
N LYS H 28 127.20 60.48 -30.24
CA LYS H 28 126.57 60.27 -28.95
C LYS H 28 126.67 58.82 -28.50
N SER H 29 127.28 57.95 -29.30
CA SER H 29 127.46 56.55 -28.92
C SER H 29 128.43 56.38 -27.77
N ILE H 30 129.15 57.44 -27.36
CA ILE H 30 129.99 57.36 -26.19
C ILE H 30 129.15 57.14 -24.92
N GLU H 31 127.88 57.50 -24.96
CA GLU H 31 126.97 57.27 -23.85
C GLU H 31 126.58 55.79 -23.72
N SER H 32 126.99 54.94 -24.65
CA SER H 32 126.81 53.51 -24.50
C SER H 32 127.61 52.93 -23.35
N ILE H 33 128.51 53.73 -22.75
CA ILE H 33 129.19 53.30 -21.54
C ILE H 33 128.20 53.05 -20.42
N ILE H 34 127.09 53.81 -20.47
CA ILE H 34 126.06 53.54 -19.48
C ILE H 34 125.59 52.10 -19.61
N ALA H 35 125.63 51.52 -20.81
CA ALA H 35 125.28 50.11 -20.96
C ALA H 35 126.25 49.22 -20.20
N ALA H 36 127.56 49.57 -20.23
CA ALA H 36 128.55 48.77 -19.52
C ALA H 36 128.44 49.00 -18.00
N LEU H 37 128.22 50.26 -17.59
CA LEU H 37 128.09 50.56 -16.17
C LEU H 37 126.86 49.83 -15.58
N ASP H 38 125.74 49.91 -16.31
CA ASP H 38 124.51 49.26 -15.90
C ASP H 38 124.75 47.75 -15.89
N ALA H 39 125.49 47.25 -16.86
CA ALA H 39 125.77 45.83 -16.92
C ALA H 39 126.54 45.39 -15.69
N LYS H 40 127.50 46.20 -15.24
CA LYS H 40 128.22 45.89 -14.01
C LYS H 40 127.31 45.93 -12.82
N LEU H 41 126.38 46.90 -12.78
CA LEU H 41 125.44 46.97 -11.66
C LEU H 41 124.48 45.77 -11.65
N THR H 42 124.13 45.24 -12.82
CA THR H 42 123.36 44.00 -12.84
C THR H 42 124.18 42.82 -12.34
N ALA H 43 125.44 42.75 -12.77
CA ALA H 43 126.28 41.64 -12.35
C ALA H 43 126.50 41.67 -10.84
N GLN H 44 126.62 42.85 -10.25
CA GLN H 44 126.83 42.92 -8.83
C GLN H 44 125.55 42.76 -8.04
N VAL H 45 124.48 43.45 -8.43
CA VAL H 45 123.24 43.42 -7.69
C VAL H 45 122.62 42.05 -7.78
N ASN H 46 122.86 41.32 -8.86
CA ASN H 46 122.43 39.92 -8.90
C ASN H 46 123.05 39.13 -7.75
N LEU H 47 124.33 39.31 -7.51
CA LEU H 47 124.98 38.59 -6.41
C LEU H 47 124.57 39.09 -5.06
N ILE H 48 124.34 40.38 -4.91
CA ILE H 48 123.94 40.92 -3.60
C ILE H 48 122.56 40.44 -3.24
N MET H 49 121.63 40.46 -4.19
CA MET H 49 120.25 40.12 -3.90
C MET H 49 120.05 38.61 -3.82
N HIS H 50 120.79 37.82 -4.58
CA HIS H 50 120.59 36.40 -4.65
C HIS H 50 121.35 35.63 -3.58
N HIS H 51 122.07 36.33 -2.69
CA HIS H 51 122.75 35.65 -1.61
C HIS H 51 121.78 34.99 -0.67
N ALA H 52 122.24 33.97 0.05
CA ALA H 52 121.37 33.22 0.92
C ALA H 52 120.78 34.12 2.01
N ASP H 53 121.59 35.04 2.56
CA ASP H 53 121.14 35.89 3.60
C ASP H 53 120.07 36.87 3.10
N PHE H 54 120.36 37.57 2.02
CA PHE H 54 119.40 38.52 1.48
C PHE H 54 118.14 37.84 1.02
N GLN H 55 118.24 36.62 0.50
CA GLN H 55 117.05 35.89 0.11
C GLN H 55 116.24 35.46 1.32
N GLN H 56 116.89 35.14 2.43
CA GLN H 56 116.17 34.74 3.62
C GLN H 56 115.44 35.91 4.24
N LEU H 57 116.14 37.02 4.46
CA LEU H 57 115.49 38.21 5.01
C LEU H 57 114.42 38.76 4.08
N GLU H 58 114.76 38.89 2.81
CA GLU H 58 113.81 39.34 1.80
C GLU H 58 112.59 38.49 1.79
N SER H 59 112.75 37.16 1.92
CA SER H 59 111.57 36.28 1.92
C SER H 59 110.78 36.44 3.18
N ALA H 60 111.43 36.70 4.30
CA ALA H 60 110.72 36.91 5.56
C ALA H 60 109.86 38.16 5.52
N TRP H 61 110.46 39.28 5.26
CA TRP H 61 109.73 40.56 5.19
C TRP H 61 108.76 40.59 4.05
N ARG H 62 109.07 39.91 2.96
CA ARG H 62 108.17 39.87 1.80
C ARG H 62 106.95 39.04 2.10
N GLY H 63 107.13 37.93 2.79
CA GLY H 63 105.98 37.15 3.24
C GLY H 63 105.14 37.88 4.23
N LEU H 64 105.75 38.49 5.22
CA LEU H 64 105.01 39.28 6.21
C LEU H 64 104.28 40.41 5.55
N HIS H 65 104.90 41.08 4.60
CA HIS H 65 104.24 42.14 3.85
C HIS H 65 103.09 41.63 3.07
N TYR H 66 103.21 40.45 2.46
CA TYR H 66 102.06 39.84 1.80
C TYR H 66 100.96 39.61 2.75
N LEU H 67 101.24 39.14 3.95
CA LEU H 67 100.17 38.90 4.94
C LEU H 67 99.53 40.15 5.37
N VAL H 68 100.28 41.22 5.51
CA VAL H 68 99.75 42.49 6.03
C VAL H 68 98.88 43.16 4.97
N ASN H 69 99.40 43.31 3.76
CA ASN H 69 98.72 44.05 2.72
C ASN H 69 97.49 43.36 2.23
N ASN H 70 97.48 42.05 2.20
CA ASN H 70 96.33 41.27 1.73
C ASN H 70 95.31 41.02 2.77
N THR H 71 95.50 41.53 3.98
CA THR H 71 94.54 41.38 5.08
C THR H 71 93.79 42.70 5.29
N GLU H 72 92.50 42.62 5.49
CA GLU H 72 91.68 43.79 5.78
C GLU H 72 91.61 43.92 7.30
N THR H 73 92.40 44.83 7.85
CA THR H 73 92.51 44.98 9.27
C THR H 73 91.66 46.10 9.81
N ASP H 74 90.95 45.79 10.88
CA ASP H 74 90.09 46.71 11.57
C ASP H 74 90.04 46.34 13.04
N GLU H 75 88.94 46.72 13.69
CA GLU H 75 88.77 46.42 15.09
C GLU H 75 88.77 44.93 15.29
N GLN H 76 88.08 44.22 14.41
CA GLN H 76 88.01 42.75 14.44
C GLN H 76 89.28 41.95 14.12
N LEU H 77 90.03 42.38 13.11
CA LEU H 77 91.23 41.69 12.67
C LEU H 77 92.45 42.46 13.13
N LYS H 78 93.36 41.78 13.78
CA LYS H 78 94.64 42.27 14.14
C LYS H 78 95.73 41.29 13.74
N ILE H 79 96.94 41.75 13.59
CA ILE H 79 98.08 40.99 13.30
C ILE H 79 99.19 41.45 14.23
N ARG H 80 99.68 40.58 15.12
CA ARG H 80 100.75 40.85 15.99
C ARG H 80 101.96 40.06 15.68
N VAL H 81 103.06 40.66 15.43
CA VAL H 81 104.34 39.99 15.03
C VAL H 81 105.26 39.89 16.22
N LEU H 82 105.92 38.79 16.40
CA LEU H 82 107.04 38.58 17.29
C LEU H 82 108.26 38.13 16.58
N ASN H 83 109.34 38.91 16.60
CA ASN H 83 110.50 38.49 15.87
C ASN H 83 111.38 37.64 16.74
N ILE H 84 111.43 36.37 16.38
CA ILE H 84 112.20 35.39 17.09
C ILE H 84 112.71 34.36 16.10
N SER H 85 114.01 34.18 16.06
CA SER H 85 114.58 33.20 15.13
C SER H 85 114.23 31.83 15.60
N LYS H 86 114.28 30.88 14.67
CA LYS H 86 113.97 29.48 14.99
C LYS H 86 114.93 28.94 16.06
N PRO H 87 116.25 29.22 16.01
CA PRO H 87 117.08 28.87 17.10
C PRO H 87 116.73 29.44 18.45
N GLU H 88 116.27 30.67 18.47
CA GLU H 88 115.86 31.31 19.75
C GLU H 88 114.58 30.72 20.26
N LEU H 89 113.65 30.41 19.36
CA LEU H 89 112.39 29.78 19.78
C LEU H 89 112.64 28.40 20.31
N HIS H 90 113.44 27.60 19.61
CA HIS H 90 113.79 26.27 20.11
C HIS H 90 114.57 26.34 21.38
N LYS H 91 115.37 27.40 21.55
CA LYS H 91 116.16 27.54 22.78
C LYS H 91 115.25 27.83 23.97
N THR H 92 114.42 28.87 23.87
CA THR H 92 113.57 29.24 24.99
C THR H 92 112.52 28.19 25.28
N LEU H 93 112.07 27.49 24.25
CA LEU H 93 111.15 26.38 24.49
C LEU H 93 111.87 25.15 24.98
N LYS H 94 113.18 25.07 24.81
CA LYS H 94 113.95 23.98 25.38
C LYS H 94 114.28 24.22 26.84
N LYS H 95 114.47 25.47 27.24
CA LYS H 95 114.71 25.79 28.66
C LYS H 95 113.61 25.31 29.53
N PHE H 96 112.38 25.46 29.09
CA PHE H 96 111.19 25.05 29.88
C PHE H 96 110.55 23.90 29.15
N LYS H 97 110.67 22.72 29.69
CA LYS H 97 110.10 21.52 29.07
C LYS H 97 109.61 20.60 30.22
N GLY H 98 108.69 19.73 29.87
CA GLY H 98 108.10 18.93 30.92
C GLY H 98 107.27 19.73 31.87
N THR H 99 107.54 19.75 33.16
CA THR H 99 106.73 20.44 34.11
C THR H 99 106.78 21.94 33.89
N THR H 100 107.99 22.48 33.61
CA THR H 100 108.13 23.93 33.64
C THR H 100 107.52 24.58 32.40
N TRP H 101 106.96 23.83 31.46
CA TRP H 101 106.44 24.41 30.23
C TRP H 101 105.39 25.43 30.47
N ASP H 102 104.63 25.31 31.54
CA ASP H 102 103.60 26.32 31.91
C ASP H 102 104.20 27.65 32.13
N GLN H 103 105.49 27.76 32.41
CA GLN H 103 106.23 29.01 32.56
C GLN H 103 107.21 29.08 31.46
N SER H 104 106.99 29.98 30.51
CA SER H 104 107.86 30.25 29.35
C SER H 104 107.59 31.61 28.81
N PRO H 105 108.53 32.23 28.14
CA PRO H 105 108.29 33.55 27.56
C PRO H 105 107.18 33.47 26.53
N ILE H 106 107.18 32.42 25.74
CA ILE H 106 106.22 32.16 24.68
C ILE H 106 104.87 31.81 25.24
N PHE H 107 104.82 31.00 26.25
CA PHE H 107 103.54 30.67 26.88
C PHE H 107 102.99 31.84 27.66
N LYS H 108 103.84 32.63 28.30
CA LYS H 108 103.38 33.83 28.97
C LYS H 108 102.68 34.75 27.95
N LYS H 109 103.38 35.09 26.86
CA LYS H 109 102.84 35.98 25.86
C LYS H 109 101.59 35.44 25.25
N LEU H 110 101.60 34.20 24.81
CA LEU H 110 100.49 33.65 24.04
C LEU H 110 99.29 33.36 24.88
N TYR H 111 99.49 32.82 26.08
CA TYR H 111 98.40 32.42 26.95
C TYR H 111 98.07 33.31 28.11
N GLU H 112 99.05 33.81 28.84
CA GLU H 112 98.81 34.50 30.09
C GLU H 112 98.31 35.89 29.72
N GLU H 113 99.10 36.66 28.99
CA GLU H 113 98.79 38.04 28.76
C GLU H 113 97.56 38.28 27.91
N GLU H 114 97.03 37.25 27.28
CA GLU H 114 95.92 37.44 26.35
C GLU H 114 94.78 36.49 26.61
N TYR H 115 94.95 35.21 26.41
CA TYR H 115 93.89 34.26 26.66
C TYR H 115 93.65 34.05 28.10
N GLY H 116 94.64 34.23 28.95
CA GLY H 116 94.48 34.09 30.39
C GLY H 116 94.13 35.36 31.04
N GLN H 117 94.49 36.49 30.45
CA GLN H 117 94.21 37.79 31.05
C GLN H 117 92.73 38.18 31.05
N PHE H 118 92.29 38.98 32.03
CA PHE H 118 90.90 39.41 32.04
C PHE H 118 90.72 40.56 31.05
N GLY H 119 89.83 40.37 30.09
CA GLY H 119 89.62 41.37 29.06
C GLY H 119 90.75 41.47 28.05
N GLY H 120 91.33 40.33 27.66
CA GLY H 120 92.40 40.30 26.70
C GLY H 120 91.94 39.76 25.35
N GLU H 121 92.91 39.44 24.51
CA GLU H 121 92.61 38.92 23.18
C GLU H 121 93.00 37.45 23.10
N PRO H 122 92.06 36.53 22.91
CA PRO H 122 92.37 35.10 22.93
C PRO H 122 93.32 34.64 21.83
N TYR H 123 93.77 35.53 20.95
CA TYR H 123 94.87 35.35 20.00
C TYR H 123 94.57 34.52 18.76
N GLY H 124 93.37 33.96 18.63
CA GLY H 124 92.97 33.42 17.34
C GLY H 124 93.88 32.33 16.80
N CYS H 125 94.46 32.58 15.64
CA CYS H 125 95.38 31.66 14.97
C CYS H 125 96.80 32.18 15.04
N LEU H 126 97.76 31.26 15.00
CA LEU H 126 99.17 31.58 15.07
C LEU H 126 99.86 31.13 13.80
N VAL H 127 100.82 31.90 13.31
CA VAL H 127 101.52 31.55 12.08
C VAL H 127 103.01 31.45 12.34
N GLY H 128 103.56 30.27 12.13
CA GLY H 128 104.97 30.05 12.36
C GLY H 128 106.03 30.72 11.52
N ASP H 129 105.86 30.74 10.21
CA ASP H 129 106.87 31.27 9.26
C ASP H 129 108.24 30.59 9.41
N TYR H 130 108.23 29.28 9.63
CA TYR H 130 109.45 28.49 9.80
C TYR H 130 109.36 27.22 8.97
N TYR H 131 110.50 26.64 8.66
CA TYR H 131 110.55 25.40 7.89
C TYR H 131 110.97 24.26 8.82
N PHE H 132 110.06 23.36 9.13
CA PHE H 132 110.28 22.30 10.07
C PHE H 132 110.52 20.97 9.34
N ASP H 133 111.64 20.30 9.63
CA ASP H 133 111.94 18.98 9.14
C ASP H 133 111.79 17.97 10.26
N GLN H 134 112.08 16.70 10.00
CA GLN H 134 111.96 15.64 10.99
C GLN H 134 113.10 15.60 12.01
N SER H 135 114.04 16.53 11.96
CA SER H 135 115.16 16.56 12.89
C SER H 135 114.73 16.61 14.29
N PRO H 136 115.58 16.15 15.24
CA PRO H 136 115.22 16.17 16.67
C PRO H 136 114.81 17.58 17.15
N PRO H 137 115.59 18.64 16.82
CA PRO H 137 115.20 19.93 17.31
C PRO H 137 113.84 20.42 16.79
N ASP H 138 113.52 20.12 15.55
CA ASP H 138 112.25 20.56 14.98
C ASP H 138 111.09 19.73 15.52
N VAL H 139 111.32 18.47 15.87
CA VAL H 139 110.30 17.69 16.49
C VAL H 139 110.04 18.20 17.91
N GLU H 140 111.09 18.62 18.61
CA GLU H 140 110.90 19.24 19.91
C GLU H 140 110.15 20.53 19.81
N LEU H 141 110.53 21.38 18.86
CA LEU H 141 109.85 22.66 18.71
C LEU H 141 108.39 22.48 18.36
N LEU H 142 108.09 21.53 17.49
CA LEU H 142 106.69 21.26 17.16
C LEU H 142 105.94 20.66 18.32
N GLY H 143 106.59 19.83 19.11
CA GLY H 143 105.92 19.30 20.30
C GLY H 143 105.53 20.41 21.27
N GLU H 144 106.47 21.31 21.53
CA GLU H 144 106.22 22.38 22.48
C GLU H 144 105.18 23.36 21.94
N MET H 145 105.34 23.83 20.72
CA MET H 145 104.38 24.73 20.12
C MET H 145 103.01 24.08 20.01
N ALA H 146 102.97 22.74 19.94
CA ALA H 146 101.68 22.06 19.97
C ALA H 146 101.10 22.07 21.36
N LYS H 147 101.94 22.02 22.40
CA LYS H 147 101.44 22.16 23.77
C LYS H 147 100.88 23.54 24.00
N ILE H 148 101.63 24.57 23.66
CA ILE H 148 101.15 25.96 23.83
C ILE H 148 99.91 26.20 23.03
N SER H 149 100.00 26.01 21.73
CA SER H 149 98.85 26.23 20.84
C SER H 149 97.67 25.42 21.23
N ALA H 150 97.88 24.25 21.80
CA ALA H 150 96.77 23.43 22.28
C ALA H 150 96.19 24.01 23.51
N ALA H 151 96.99 24.62 24.38
CA ALA H 151 96.50 25.19 25.64
C ALA H 151 95.69 26.43 25.38
N MET H 152 96.14 27.29 24.48
CA MET H 152 95.48 28.55 24.18
C MET H 152 94.42 28.41 23.11
N HIS H 153 94.21 27.23 22.55
CA HIS H 153 93.25 26.99 21.47
C HIS H 153 93.57 27.86 20.26
N ALA H 154 94.81 27.88 19.83
CA ALA H 154 95.28 28.73 18.74
C ALA H 154 96.09 27.90 17.77
N PRO H 155 95.43 27.28 16.73
CA PRO H 155 96.15 26.46 15.80
C PRO H 155 97.41 27.07 15.28
N PHE H 156 98.49 26.28 15.23
CA PHE H 156 99.79 26.73 14.75
C PHE H 156 99.93 26.37 13.29
N ILE H 157 100.33 27.32 12.46
CA ILE H 157 100.48 27.15 11.03
C ILE H 157 101.90 27.53 10.65
N SER H 158 102.58 26.66 9.93
CA SER H 158 103.92 26.92 9.44
C SER H 158 104.16 26.11 8.19
N ALA H 159 105.37 26.14 7.66
CA ALA H 159 105.69 25.45 6.44
C ALA H 159 106.62 24.27 6.71
N ALA H 160 106.41 23.20 5.98
CA ALA H 160 107.21 22.00 6.08
C ALA H 160 108.37 22.09 5.14
N SER H 161 109.58 21.90 5.67
CA SER H 161 110.78 22.01 4.90
C SER H 161 110.83 20.97 3.82
N PRO H 162 111.56 21.24 2.70
CA PRO H 162 111.75 20.21 1.71
C PRO H 162 112.55 19.01 2.25
N THR H 163 113.24 19.17 3.37
CA THR H 163 114.03 18.12 3.96
C THR H 163 113.20 17.11 4.73
N VAL H 164 111.92 17.32 4.91
CA VAL H 164 111.09 16.33 5.57
C VAL H 164 111.03 15.07 4.70
N MET H 165 111.01 15.21 3.39
CA MET H 165 110.95 14.12 2.47
C MET H 165 112.33 13.54 2.15
N GLY H 166 113.39 14.04 2.78
CA GLY H 166 114.72 13.65 2.41
C GLY H 166 114.94 14.11 0.97
N MET H 167 114.70 15.40 0.76
CA MET H 167 114.66 15.95 -0.58
C MET H 167 115.48 17.19 -0.69
N GLY H 168 115.09 18.25 -0.02
CA GLY H 168 115.84 19.49 -0.03
C GLY H 168 115.58 20.37 -1.19
N SER H 169 114.53 20.10 -1.99
CA SER H 169 114.21 20.91 -3.15
C SER H 169 112.75 21.32 -3.15
N TRP H 170 111.85 20.30 -3.19
CA TRP H 170 110.45 20.40 -3.59
C TRP H 170 110.39 20.44 -5.09
N GLN H 171 111.53 20.38 -5.77
CA GLN H 171 111.57 20.18 -7.19
C GLN H 171 111.57 18.69 -7.46
N GLU H 172 111.96 17.88 -6.48
CA GLU H 172 112.03 16.45 -6.61
C GLU H 172 110.78 15.75 -6.11
N LEU H 173 109.74 16.49 -5.73
CA LEU H 173 108.56 15.89 -5.14
C LEU H 173 107.92 14.88 -6.05
N SER H 174 108.13 14.99 -7.35
CA SER H 174 107.55 14.02 -8.29
C SER H 174 108.38 12.76 -8.42
N ASN H 175 109.61 12.74 -7.92
CA ASN H 175 110.48 11.59 -8.10
C ASN H 175 110.02 10.36 -7.31
N PRO H 176 109.75 10.42 -6.00
CA PRO H 176 109.40 9.22 -5.27
C PRO H 176 108.07 8.61 -5.75
N ARG H 177 108.00 7.28 -5.74
CA ARG H 177 106.83 6.59 -6.09
C ARG H 177 105.76 6.62 -5.04
N ASP H 178 106.17 6.53 -3.79
CA ASP H 178 105.25 6.47 -2.63
C ASP H 178 105.82 7.36 -1.56
N LEU H 179 105.06 8.37 -1.14
CA LEU H 179 105.48 9.23 -0.04
C LEU H 179 105.23 8.57 1.31
N THR H 180 104.20 7.75 1.42
CA THR H 180 103.93 7.06 2.69
C THR H 180 105.03 6.15 3.12
N LYS H 181 105.85 5.67 2.19
CA LYS H 181 107.00 4.85 2.52
C LYS H 181 108.12 5.65 3.10
N ILE H 182 108.19 6.95 2.83
CA ILE H 182 109.30 7.78 3.33
C ILE H 182 109.27 7.82 4.83
N PHE H 183 108.08 7.95 5.43
CA PHE H 183 107.93 8.18 6.86
C PHE H 183 107.97 6.93 7.67
N THR H 184 108.20 5.77 7.06
CA THR H 184 108.27 4.51 7.80
C THR H 184 109.60 4.31 8.49
N THR H 185 110.68 4.81 7.92
CA THR H 185 112.02 4.53 8.44
C THR H 185 112.18 4.96 9.86
N PRO H 186 113.12 4.40 10.62
CA PRO H 186 113.35 4.84 12.00
C PRO H 186 113.87 6.25 12.10
N GLU H 187 114.28 6.84 10.99
CA GLU H 187 114.75 8.22 11.00
C GLU H 187 113.63 9.13 11.46
N TYR H 188 112.40 8.79 11.07
CA TYR H 188 111.22 9.57 11.41
C TYR H 188 110.55 9.17 12.72
N ALA H 189 111.14 8.23 13.46
CA ALA H 189 110.55 7.79 14.72
C ALA H 189 110.02 8.97 15.55
N GLY H 190 110.76 10.03 15.64
CA GLY H 190 110.32 11.22 16.34
C GLY H 190 109.14 11.88 15.66
N TRP H 191 109.14 11.91 14.34
CA TRP H 191 108.03 12.48 13.59
C TRP H 191 106.76 11.69 13.81
N ARG H 192 106.80 10.39 13.62
CA ARG H 192 105.64 9.55 13.86
C ARG H 192 105.17 9.69 15.27
N SER H 193 106.09 9.74 16.24
CA SER H 193 105.68 9.93 17.64
C SER H 193 105.01 11.26 17.83
N LEU H 194 105.38 12.26 17.05
CA LEU H 194 104.71 13.56 17.11
C LEU H 194 103.33 13.52 16.53
N ARG H 195 103.17 12.94 15.36
CA ARG H 195 101.85 12.89 14.72
C ARG H 195 100.87 12.08 15.52
N GLU H 196 101.33 11.06 16.25
CA GLU H 196 100.43 10.26 17.07
C GLU H 196 99.90 11.06 18.25
N SER H 197 100.58 12.15 18.65
CA SER H 197 100.16 12.93 19.79
C SER H 197 98.82 13.53 19.61
N GLU H 198 98.14 13.81 20.72
CA GLU H 198 96.82 14.43 20.66
C GLU H 198 96.88 15.95 20.56
N ASP H 199 98.06 16.51 20.80
CA ASP H 199 98.26 17.96 20.74
C ASP H 199 98.74 18.43 19.39
N SER H 200 98.99 17.49 18.48
CA SER H 200 99.49 17.82 17.17
C SER H 200 98.44 18.21 16.19
N ARG H 201 97.16 18.00 16.50
CA ARG H 201 96.09 18.46 15.64
C ARG H 201 96.03 19.96 15.55
N TYR H 202 96.79 20.69 16.37
CA TYR H 202 96.88 22.13 16.33
C TYR H 202 98.00 22.62 15.46
N ILE H 203 98.65 21.72 14.73
CA ILE H 203 99.70 22.17 13.86
C ILE H 203 99.49 21.81 12.40
N GLY H 204 99.32 22.82 11.57
CA GLY H 204 99.26 22.64 10.13
C GLY H 204 100.62 22.89 9.51
N LEU H 205 100.86 22.30 8.35
CA LEU H 205 102.12 22.48 7.62
C LEU H 205 101.80 22.61 6.13
N THR H 206 102.24 23.71 5.53
CA THR H 206 102.07 23.94 4.10
C THR H 206 103.43 23.83 3.44
N MET H 207 103.66 22.72 2.71
CA MET H 207 105.00 22.43 2.22
C MET H 207 105.47 23.39 1.14
N PRO H 208 104.79 23.46 0.00
CA PRO H 208 105.24 24.36 -1.07
C PRO H 208 105.13 25.85 -0.71
N ARG H 209 106.13 26.65 -1.09
CA ARG H 209 106.06 28.08 -0.81
C ARG H 209 105.86 28.84 -2.12
N PHE H 210 104.88 29.72 -2.09
CA PHE H 210 104.52 30.48 -3.27
C PHE H 210 105.51 31.55 -3.60
N LEU H 211 105.48 32.00 -4.83
CA LEU H 211 106.41 33.02 -5.32
C LEU H 211 106.06 34.38 -4.77
N ALA H 212 107.04 35.06 -4.19
CA ALA H 212 106.80 36.34 -3.53
C ALA H 212 106.62 37.47 -4.49
N ARG H 213 107.52 37.64 -5.44
CA ARG H 213 107.49 38.76 -6.39
C ARG H 213 107.98 38.31 -7.74
N LEU H 214 107.64 39.07 -8.74
CA LEU H 214 108.06 38.79 -10.12
C LEU H 214 109.48 39.29 -10.33
N PRO H 215 110.34 38.51 -10.99
CA PRO H 215 111.73 38.90 -11.15
C PRO H 215 111.89 40.20 -11.88
N TYR H 216 112.75 41.08 -11.35
CA TYR H 216 113.00 42.40 -11.98
C TYR H 216 113.59 42.24 -13.34
N GLY H 217 113.25 43.14 -14.22
CA GLY H 217 113.69 43.06 -15.63
C GLY H 217 112.89 43.98 -16.47
N ALA H 218 113.36 44.24 -17.68
CA ALA H 218 112.64 45.17 -18.55
C ALA H 218 111.26 44.65 -18.90
N LYS H 219 111.18 43.37 -19.25
CA LYS H 219 109.92 42.76 -19.62
C LYS H 219 108.95 42.69 -18.45
N THR H 220 109.47 42.35 -17.28
CA THR H 220 108.67 42.24 -16.07
C THR H 220 109.22 43.05 -14.91
N ASP H 221 108.36 43.85 -14.28
CA ASP H 221 108.77 44.63 -13.11
C ASP H 221 110.03 45.48 -13.25
N PRO H 222 110.11 46.30 -14.29
CA PRO H 222 111.30 47.13 -14.51
C PRO H 222 111.57 48.03 -13.31
N VAL H 223 112.83 48.14 -12.94
CA VAL H 223 113.26 48.90 -11.77
C VAL H 223 113.11 50.40 -11.97
N GLU H 224 113.47 50.85 -13.17
CA GLU H 224 113.39 52.24 -13.65
C GLU H 224 114.44 53.20 -13.06
N GLU H 225 115.39 52.68 -12.31
CA GLU H 225 116.46 53.48 -11.74
C GLU H 225 117.65 53.40 -12.67
N PHE H 226 117.92 52.19 -13.14
CA PHE H 226 118.98 51.88 -14.09
C PHE H 226 118.61 50.58 -14.83
N ALA H 227 119.18 50.35 -16.00
CA ALA H 227 118.81 49.13 -16.72
C ALA H 227 119.24 47.92 -15.90
N PHE H 228 118.29 47.10 -15.46
CA PHE H 228 118.61 45.95 -14.60
C PHE H 228 118.07 44.60 -15.05
N GLU H 229 118.91 43.57 -14.98
CA GLU H 229 118.54 42.20 -15.32
C GLU H 229 118.73 41.34 -14.07
N GLU H 230 117.74 40.53 -13.73
CA GLU H 230 117.80 39.69 -12.55
C GLU H 230 118.31 38.29 -12.84
N GLU H 231 118.81 38.04 -14.06
CA GLU H 231 119.20 36.69 -14.45
C GLU H 231 117.99 35.77 -14.34
N THR H 232 118.01 34.88 -13.35
CA THR H 232 116.90 33.97 -13.03
C THR H 232 116.41 33.22 -14.27
N ASP H 233 117.35 32.53 -14.91
CA ASP H 233 117.02 31.64 -16.00
C ASP H 233 116.15 30.50 -15.50
N GLY H 234 115.48 29.82 -16.44
CA GLY H 234 114.38 28.93 -16.13
C GLY H 234 114.60 27.95 -14.99
N ALA H 235 113.64 27.90 -14.07
CA ALA H 235 113.66 27.05 -12.89
C ALA H 235 114.90 27.24 -12.03
N ASP H 236 115.42 26.12 -11.50
CA ASP H 236 116.55 26.05 -10.58
C ASP H 236 116.18 26.54 -9.20
N SER H 237 115.08 27.31 -9.09
CA SER H 237 114.38 27.69 -7.87
C SER H 237 115.22 28.54 -6.92
N SER H 238 116.52 28.65 -7.13
CA SER H 238 117.38 29.43 -6.22
C SER H 238 117.38 30.91 -6.54
N LYS H 239 117.07 31.30 -7.76
CA LYS H 239 117.09 32.70 -8.16
C LYS H 239 115.83 33.44 -7.75
N TYR H 240 114.68 32.77 -7.75
CA TYR H 240 113.39 33.39 -7.41
C TYR H 240 113.18 33.71 -5.93
N ALA H 241 112.37 34.75 -5.66
CA ALA H 241 112.04 35.11 -4.30
C ALA H 241 110.83 34.38 -3.82
N TRP H 242 110.98 33.44 -2.90
CA TRP H 242 109.94 32.54 -2.47
C TRP H 242 109.43 32.93 -1.09
N ALA H 243 108.16 33.34 -1.01
CA ALA H 243 107.53 33.64 0.24
C ALA H 243 106.96 32.39 0.86
N ASN H 244 107.02 32.30 2.19
CA ASN H 244 106.43 31.16 2.90
C ASN H 244 104.99 31.04 2.63
N SER H 245 104.51 29.84 2.43
CA SER H 245 103.08 29.65 2.14
C SER H 245 102.25 29.50 3.38
N ALA H 246 102.83 29.54 4.56
CA ALA H 246 102.04 29.72 5.77
C ALA H 246 101.32 31.01 5.71
N TYR H 247 101.84 32.01 5.01
CA TYR H 247 101.20 33.32 4.90
C TYR H 247 100.04 33.31 3.98
N ALA H 248 100.05 32.50 2.96
CA ALA H 248 98.86 32.34 2.08
C ALA H 248 97.76 31.68 2.83
N MET H 249 98.06 30.66 3.62
CA MET H 249 97.06 30.05 4.51
C MET H 249 96.58 31.07 5.48
N ALA H 250 97.47 31.90 6.03
CA ALA H 250 97.07 32.93 6.99
C ALA H 250 96.15 33.92 6.35
N VAL H 251 96.46 34.43 5.19
CA VAL H 251 95.56 35.32 4.42
C VAL H 251 94.25 34.67 4.19
N ASN H 252 94.22 33.36 3.96
CA ASN H 252 92.95 32.66 3.80
C ASN H 252 92.18 32.63 5.08
N ILE H 253 92.84 32.51 6.20
CA ILE H 253 92.17 32.47 7.51
C ILE H 253 91.59 33.83 7.82
N ASN H 254 92.38 34.88 7.70
CA ASN H 254 91.90 36.24 7.91
C ASN H 254 90.77 36.57 6.98
N ARG H 255 90.86 36.17 5.72
CA ARG H 255 89.77 36.38 4.78
C ARG H 255 88.54 35.69 5.21
N SER H 256 88.64 34.43 5.58
CA SER H 256 87.49 33.65 6.04
C SER H 256 86.83 34.33 7.20
N PHE H 257 87.61 34.82 8.17
CA PHE H 257 87.03 35.48 9.32
C PHE H 257 86.37 36.77 8.91
N LYS H 258 87.05 37.62 8.15
CA LYS H 258 86.50 38.91 7.73
C LYS H 258 85.19 38.74 7.07
N LEU H 259 85.09 37.84 6.09
CA LEU H 259 83.84 37.65 5.37
C LEU H 259 82.77 36.98 6.21
N TYR H 260 83.05 35.80 6.72
CA TYR H 260 82.05 34.93 7.33
C TYR H 260 82.02 34.99 8.84
N GLY H 261 82.91 35.74 9.47
CA GLY H 261 83.00 35.73 10.91
C GLY H 261 83.64 34.55 11.53
N TRP H 262 83.91 33.52 10.77
CA TRP H 262 84.55 32.28 11.24
C TRP H 262 85.62 31.87 10.26
N CYS H 263 86.54 31.06 10.79
CA CYS H 263 87.63 30.51 9.99
C CYS H 263 87.23 29.18 9.36
N SER H 264 85.94 28.89 9.33
CA SER H 264 85.47 27.60 8.85
C SER H 264 85.85 27.27 7.42
N ARG H 265 85.74 28.23 6.50
CA ARG H 265 86.15 27.93 5.12
C ARG H 265 87.46 28.59 4.77
N ILE H 266 88.53 27.81 4.87
CA ILE H 266 89.87 28.26 4.54
C ILE H 266 90.49 27.31 3.53
N ARG H 267 89.67 26.42 2.97
CA ARG H 267 90.18 25.44 2.03
C ARG H 267 89.38 25.39 0.74
N GLY H 268 89.68 24.46 -0.15
CA GLY H 268 88.94 24.24 -1.35
C GLY H 268 89.27 25.23 -2.44
N VAL H 269 88.98 24.88 -3.69
CA VAL H 269 89.22 25.76 -4.81
C VAL H 269 88.18 26.91 -4.78
N GLU H 270 86.91 26.54 -4.81
CA GLU H 270 85.82 27.53 -4.79
C GLU H 270 85.21 27.79 -3.40
N SER H 271 85.73 27.12 -2.38
CA SER H 271 85.21 27.28 -1.02
C SER H 271 85.99 28.24 -0.20
N GLY H 272 86.93 28.97 -0.78
CA GLY H 272 87.67 30.00 -0.06
C GLY H 272 89.12 29.67 0.25
N GLY H 273 89.66 28.61 -0.29
CA GLY H 273 91.06 28.31 -0.09
C GLY H 273 91.91 28.70 -1.26
N GLU H 274 91.46 29.65 -2.07
CA GLU H 274 92.17 30.07 -3.26
C GLU H 274 93.21 31.10 -2.97
N VAL H 275 94.36 30.98 -3.61
CA VAL H 275 95.45 31.96 -3.56
C VAL H 275 95.58 32.53 -4.98
N GLN H 276 95.14 33.77 -5.18
CA GLN H 276 95.07 34.36 -6.48
C GLN H 276 96.16 35.36 -6.73
N GLY H 277 96.23 35.86 -7.95
CA GLY H 277 97.18 36.94 -8.24
C GLY H 277 98.62 36.55 -8.11
N LEU H 278 98.95 35.29 -8.13
CA LEU H 278 100.33 34.85 -7.98
C LEU H 278 101.18 35.34 -9.12
N PRO H 279 102.40 35.80 -8.86
CA PRO H 279 103.28 36.23 -9.97
C PRO H 279 103.53 35.12 -10.93
N ALA H 280 103.29 35.37 -12.20
CA ALA H 280 103.51 34.38 -13.26
C ALA H 280 104.65 34.87 -14.12
N HIS H 281 105.81 34.25 -14.03
CA HIS H 281 107.00 34.64 -14.80
C HIS H 281 107.06 33.78 -16.05
N THR H 282 106.85 34.40 -17.21
CA THR H 282 106.86 33.69 -18.48
C THR H 282 108.18 33.95 -19.21
N PHE H 283 108.89 32.87 -19.52
CA PHE H 283 110.15 32.98 -20.24
C PHE H 283 110.09 32.12 -21.50
N PRO H 284 110.70 32.58 -22.58
CA PRO H 284 110.66 31.79 -23.83
C PRO H 284 111.54 30.55 -23.72
N THR H 285 111.08 29.47 -24.36
CA THR H 285 111.87 28.24 -24.45
C THR H 285 111.99 27.83 -25.90
N ASP H 286 112.56 26.65 -26.15
CA ASP H 286 112.78 26.20 -27.52
C ASP H 286 111.46 25.98 -28.24
N ASP H 287 111.52 26.02 -29.57
CA ASP H 287 110.36 25.82 -30.45
C ASP H 287 109.29 26.88 -30.17
N GLY H 288 108.09 26.43 -29.81
CA GLY H 288 106.98 27.35 -29.64
C GLY H 288 107.21 28.35 -28.52
N GLY H 289 108.00 27.97 -27.53
CA GLY H 289 108.28 28.85 -26.42
C GLY H 289 107.07 29.07 -25.52
N VAL H 290 107.14 30.16 -24.76
CA VAL H 290 106.06 30.60 -23.89
C VAL H 290 105.68 29.51 -22.89
N ASP H 291 106.55 29.27 -21.92
CA ASP H 291 106.24 28.45 -20.75
C ASP H 291 106.59 29.25 -19.51
N MET H 292 105.71 29.21 -18.51
CA MET H 292 105.86 30.06 -17.35
C MET H 292 106.34 29.28 -16.14
N LYS H 293 107.12 29.93 -15.30
CA LYS H 293 107.55 29.35 -14.04
C LYS H 293 106.35 29.14 -13.12
N CYS H 294 106.27 27.96 -12.54
CA CYS H 294 105.15 27.64 -11.65
C CYS H 294 105.21 28.51 -10.42
N PRO H 295 104.10 29.16 -10.00
CA PRO H 295 104.13 30.06 -8.84
C PRO H 295 104.47 29.35 -7.54
N THR H 296 103.82 28.21 -7.27
CA THR H 296 104.31 27.32 -6.25
C THR H 296 105.45 26.49 -6.83
N GLU H 297 106.37 26.03 -5.98
CA GLU H 297 107.64 25.50 -6.46
C GLU H 297 107.49 24.40 -7.44
N ILE H 298 106.45 23.60 -7.34
CA ILE H 298 106.25 22.48 -8.27
C ILE H 298 104.77 22.16 -8.32
N ALA H 299 104.35 21.59 -9.44
CA ALA H 299 102.99 21.14 -9.65
C ALA H 299 102.74 19.86 -8.96
N ILE H 300 101.63 19.76 -8.24
CA ILE H 300 101.32 18.56 -7.43
C ILE H 300 100.06 17.97 -8.07
N SER H 301 100.16 16.73 -8.51
CA SER H 301 99.00 16.02 -8.99
C SER H 301 98.04 15.64 -7.94
N ASP H 302 96.80 15.35 -8.29
CA ASP H 302 95.78 14.97 -7.32
C ASP H 302 96.20 13.80 -6.48
N ARG H 303 96.94 12.86 -7.09
CA ARG H 303 97.47 11.70 -6.35
C ARG H 303 98.53 12.11 -5.32
N ARG H 304 99.48 12.95 -5.74
CA ARG H 304 100.44 13.55 -4.81
C ARG H 304 99.73 14.38 -3.76
N GLU H 305 98.70 15.11 -4.13
CA GLU H 305 97.98 15.93 -3.18
C GLU H 305 97.36 15.09 -2.09
N ALA H 306 96.58 14.09 -2.46
CA ALA H 306 95.95 13.23 -1.47
C ALA H 306 96.99 12.51 -0.65
N GLU H 307 98.08 12.14 -1.27
CA GLU H 307 99.15 11.43 -0.55
C GLU H 307 99.86 12.31 0.43
N LEU H 308 99.92 13.59 0.19
CA LEU H 308 100.48 14.54 1.16
C LEU H 308 99.48 14.86 2.25
N ALA H 309 98.21 15.00 1.92
CA ALA H 309 97.20 15.25 2.91
C ALA H 309 97.02 14.05 3.83
N LYS H 310 97.36 12.85 3.36
CA LYS H 310 97.36 11.69 4.24
C LYS H 310 98.48 11.74 5.21
N ASN H 311 99.58 12.36 4.85
CA ASN H 311 100.78 12.47 5.69
C ASN H 311 100.77 13.68 6.56
N GLY H 312 99.66 14.42 6.61
CA GLY H 312 99.54 15.55 7.51
C GLY H 312 100.21 16.79 7.01
N PHE H 313 100.05 17.11 5.73
CA PHE H 313 100.54 18.33 5.15
C PHE H 313 99.37 19.09 4.55
N MET H 314 99.58 20.37 4.27
CA MET H 314 98.60 21.20 3.60
C MET H 314 99.24 21.66 2.29
N PRO H 315 99.10 20.90 1.22
CA PRO H 315 99.74 21.28 -0.02
C PRO H 315 99.11 22.50 -0.63
N LEU H 316 99.90 23.41 -1.16
CA LEU H 316 99.42 24.45 -2.01
C LEU H 316 99.72 24.06 -3.44
N LEU H 317 98.72 23.68 -4.19
CA LEU H 317 98.93 23.23 -5.56
C LEU H 317 98.49 24.27 -6.53
N HIS H 318 99.27 24.41 -7.59
CA HIS H 318 99.04 25.44 -8.60
C HIS H 318 98.26 24.93 -9.79
N LYS H 319 97.19 25.64 -10.15
CA LYS H 319 96.38 25.28 -11.30
C LYS H 319 97.22 25.48 -12.54
N LYS H 320 97.19 24.52 -13.46
CA LYS H 320 98.01 24.60 -14.65
C LYS H 320 97.67 25.76 -15.61
N ASN H 321 98.72 26.38 -16.14
CA ASN H 321 98.56 27.48 -17.11
C ASN H 321 97.79 28.68 -16.61
N THR H 322 97.81 28.92 -15.30
CA THR H 322 97.10 30.03 -14.67
C THR H 322 97.86 30.47 -13.44
N ASP H 323 97.68 31.72 -13.06
CA ASP H 323 98.28 32.23 -11.87
C ASP H 323 97.50 31.83 -10.59
N PHE H 324 96.37 31.21 -10.74
CA PHE H 324 95.56 30.71 -9.64
C PHE H 324 96.24 29.57 -8.94
N ALA H 325 95.97 29.42 -7.65
CA ALA H 325 96.43 28.29 -6.84
C ALA H 325 95.52 28.15 -5.67
N ALA H 326 95.49 26.98 -5.03
CA ALA H 326 94.54 26.72 -3.98
C ALA H 326 95.04 25.69 -3.00
N PHE H 327 94.46 25.69 -1.81
CA PHE H 327 94.58 24.63 -0.82
C PHE H 327 93.40 23.73 -0.94
N ILE H 328 93.61 22.49 -1.37
CA ILE H 328 92.49 21.56 -1.61
C ILE H 328 91.89 21.13 -0.30
N GLY H 329 92.72 20.92 0.71
CA GLY H 329 92.22 20.54 2.03
C GLY H 329 93.23 20.99 3.06
N ALA H 330 92.68 21.19 4.27
CA ALA H 330 93.51 21.58 5.43
C ALA H 330 93.48 20.42 6.40
N GLN H 331 94.59 19.72 6.51
CA GLN H 331 94.73 18.58 7.41
C GLN H 331 95.86 18.90 8.37
N SER H 332 95.59 18.77 9.65
CA SER H 332 96.60 19.08 10.65
C SER H 332 97.69 18.02 10.65
N LEU H 333 98.69 18.17 11.46
CA LEU H 333 99.78 17.21 11.53
C LEU H 333 99.37 15.93 12.15
N GLN H 334 98.28 15.94 12.90
CA GLN H 334 97.86 14.71 13.58
C GLN H 334 97.31 13.61 12.68
N LYS H 335 97.83 12.40 12.88
CA LYS H 335 97.33 11.21 12.20
C LYS H 335 96.17 10.65 12.97
N PRO H 336 94.94 10.79 12.50
CA PRO H 336 93.79 10.33 13.28
C PRO H 336 93.78 8.83 13.43
N ALA H 337 93.59 8.32 14.60
CA ALA H 337 93.62 6.88 14.84
C ALA H 337 92.33 6.23 14.46
N GLU H 338 92.41 5.02 13.92
CA GLU H 338 91.22 4.25 13.56
C GLU H 338 90.57 3.66 14.81
N TYR H 339 89.26 3.45 14.76
CA TYR H 339 88.54 2.87 15.90
C TYR H 339 87.60 1.80 15.40
N ASP H 340 87.09 0.99 16.32
CA ASP H 340 86.13 -0.03 15.98
C ASP H 340 84.84 0.58 15.45
N ASP H 341 84.22 1.44 16.25
CA ASP H 341 82.99 2.07 15.85
C ASP H 341 83.26 3.09 14.76
N PRO H 342 82.52 3.09 13.65
CA PRO H 342 82.74 4.09 12.62
C PRO H 342 82.43 5.51 13.11
N ASP H 343 81.56 5.66 14.12
CA ASP H 343 81.28 6.97 14.65
C ASP H 343 82.49 7.54 15.38
N ALA H 344 83.18 6.71 16.16
CA ALA H 344 84.40 7.14 16.83
C ALA H 344 85.49 7.45 15.84
N THR H 345 85.55 6.73 14.74
CA THR H 345 86.53 7.02 13.69
C THR H 345 86.19 8.33 13.02
N ALA H 346 84.91 8.62 12.82
CA ALA H 346 84.51 9.90 12.26
C ALA H 346 84.92 11.03 13.17
N ASN H 347 84.56 10.93 14.46
CA ASN H 347 84.95 11.97 15.40
C ASN H 347 86.44 12.11 15.49
N ALA H 348 87.18 11.02 15.31
CA ALA H 348 88.63 11.10 15.33
C ALA H 348 89.18 11.76 14.08
N ASN H 349 88.47 11.65 12.95
CA ASN H 349 88.92 12.30 11.73
C ASN H 349 88.60 13.79 11.73
N LEU H 350 87.45 14.17 12.30
CA LEU H 350 87.06 15.56 12.33
C LEU H 350 88.06 16.41 13.11
N ALA H 351 88.56 15.86 14.21
CA ALA H 351 89.49 16.57 15.04
C ALA H 351 90.81 16.86 14.36
N ALA H 352 91.17 16.07 13.33
CA ALA H 352 92.44 16.28 12.66
C ALA H 352 92.40 17.33 11.58
N ARG H 353 91.24 17.91 11.30
CA ARG H 353 91.07 18.86 10.21
C ARG H 353 90.94 20.27 10.78
N LEU H 354 91.79 21.18 10.33
CA LEU H 354 91.83 22.53 10.79
C LEU H 354 90.52 23.29 10.63
N PRO H 355 89.75 23.12 9.50
CA PRO H 355 88.52 23.86 9.37
C PRO H 355 87.58 23.72 10.57
N TYR H 356 87.53 22.54 11.20
CA TYR H 356 86.71 22.36 12.35
C TYR H 356 87.39 22.86 13.63
N LEU H 357 88.67 22.61 13.78
CA LEU H 357 89.38 23.06 14.97
C LEU H 357 89.33 24.56 15.11
N PHE H 358 89.24 25.30 14.01
CA PHE H 358 89.05 26.74 14.12
C PHE H 358 87.72 27.06 14.71
N ALA H 359 86.70 26.29 14.37
CA ALA H 359 85.37 26.49 14.95
C ALA H 359 85.41 26.26 16.45
N THR H 360 85.90 25.09 16.88
CA THR H 360 85.91 24.80 18.30
C THR H 360 86.83 25.74 19.07
N CYS H 361 87.91 26.15 18.48
CA CYS H 361 88.78 27.15 19.12
C CYS H 361 88.03 28.46 19.33
N ARG H 362 87.29 28.91 18.31
CA ARG H 362 86.53 30.12 18.45
C ARG H 362 85.51 30.01 19.55
N PHE H 363 84.80 28.87 19.62
CA PHE H 363 83.86 28.66 20.72
C PHE H 363 84.57 28.63 22.07
N ALA H 364 85.83 28.22 22.11
CA ALA H 364 86.58 28.26 23.34
C ALA H 364 86.86 29.68 23.77
N HIS H 365 87.21 30.54 22.82
CA HIS H 365 87.41 31.95 23.12
C HIS H 365 86.14 32.58 23.63
N TYR H 366 85.05 32.43 22.88
CA TYR H 366 83.79 32.99 23.31
C TYR H 366 83.41 32.52 24.68
N LEU H 367 83.42 31.22 24.90
CA LEU H 367 83.01 30.64 26.19
C LEU H 367 83.86 31.15 27.30
N LYS H 368 85.15 31.27 27.07
CA LYS H 368 86.07 31.82 28.09
C LYS H 368 85.64 33.22 28.49
N CYS H 369 85.45 34.10 27.54
CA CYS H 369 85.11 35.48 27.86
C CYS H 369 83.75 35.60 28.53
N ILE H 370 82.71 34.95 27.95
CA ILE H 370 81.37 35.14 28.44
C ILE H 370 81.20 34.49 29.80
N VAL H 371 81.78 33.32 30.02
CA VAL H 371 81.67 32.69 31.34
C VAL H 371 82.47 33.45 32.35
N ARG H 372 83.66 33.90 31.98
CA ARG H 372 84.46 34.74 32.89
C ARG H 372 83.71 35.96 33.30
N ASP H 373 82.88 36.53 32.43
CA ASP H 373 82.05 37.67 32.82
C ASP H 373 80.81 37.25 33.60
N LYS H 374 80.39 35.99 33.49
CA LYS H 374 79.21 35.51 34.21
C LYS H 374 79.55 34.98 35.60
N ILE H 375 80.82 34.98 36.00
CA ILE H 375 81.20 34.50 37.33
C ILE H 375 80.64 35.45 38.37
N GLY H 376 79.92 34.87 39.36
CA GLY H 376 79.32 35.70 40.39
C GLY H 376 77.84 35.93 40.27
N SER H 377 77.24 35.46 39.23
CA SER H 377 75.79 35.53 39.03
C SER H 377 75.09 34.32 39.58
N PHE H 378 73.92 34.48 40.11
CA PHE H 378 73.18 33.38 40.71
C PHE H 378 72.82 32.34 39.67
N LYS H 379 73.31 31.13 39.85
CA LYS H 379 73.21 30.07 38.86
C LYS H 379 73.05 28.73 39.57
N GLU H 380 72.05 27.95 39.11
CA GLU H 380 71.90 26.56 39.48
C GLU H 380 72.32 25.69 38.32
N LYS H 381 72.24 24.37 38.50
CA LYS H 381 72.52 23.48 37.39
C LYS H 381 71.55 23.74 36.24
N ASP H 382 70.27 23.93 36.56
CA ASP H 382 69.28 24.18 35.53
C ASP H 382 69.50 25.55 34.88
N GLU H 383 69.89 26.55 35.68
CA GLU H 383 70.16 27.87 35.12
C GLU H 383 71.34 27.82 34.15
N MET H 384 72.43 27.16 34.54
CA MET H 384 73.55 27.00 33.63
C MET H 384 73.18 26.18 32.41
N GLN H 385 72.30 25.19 32.57
CA GLN H 385 71.85 24.42 31.42
C GLN H 385 71.10 25.29 30.42
N ARG H 386 70.23 26.17 30.91
CA ARG H 386 69.47 27.02 30.00
C ARG H 386 70.34 28.08 29.39
N TRP H 387 71.30 28.61 30.15
CA TRP H 387 72.13 29.69 29.60
C TRP H 387 73.13 29.18 28.61
N LEU H 388 73.75 28.04 28.88
CA LEU H 388 74.69 27.44 27.91
C LEU H 388 73.96 26.85 26.73
N GLN H 389 72.85 26.18 27.00
CA GLN H 389 72.05 25.58 25.91
C GLN H 389 71.52 26.65 24.99
N ASP H 390 71.03 27.75 25.52
CA ASP H 390 70.51 28.82 24.68
C ASP H 390 71.63 29.73 24.17
N TRP H 391 72.82 29.68 24.74
CA TRP H 391 73.91 30.45 24.19
C TRP H 391 74.52 29.77 22.98
N ILE H 392 74.74 28.46 23.05
CA ILE H 392 75.32 27.74 21.93
C ILE H 392 74.37 27.64 20.78
N LEU H 393 73.06 27.86 21.03
CA LEU H 393 72.04 27.57 20.03
C LEU H 393 71.82 28.71 19.07
N ASN H 394 72.48 29.86 19.26
CA ASN H 394 72.36 30.93 18.30
C ASN H 394 73.43 30.86 17.23
N TYR H 395 74.41 29.96 17.37
CA TYR H 395 75.36 29.66 16.29
C TYR H 395 74.94 28.46 15.46
N VAL H 396 73.75 27.91 15.72
CA VAL H 396 73.24 26.75 15.00
C VAL H 396 72.01 27.18 14.23
N ASP H 397 71.97 26.78 12.95
CA ASP H 397 70.77 27.07 12.12
C ASP H 397 69.95 25.77 11.98
N GLY H 398 68.84 25.70 12.68
CA GLY H 398 68.11 24.45 12.82
C GLY H 398 67.18 24.16 11.64
N ASP H 399 66.31 25.11 11.32
CA ASP H 399 65.36 24.98 10.23
C ASP H 399 65.97 24.90 8.81
N PRO H 400 67.01 25.69 8.56
CA PRO H 400 67.62 25.78 7.23
C PRO H 400 68.84 24.89 6.96
N ALA H 401 69.15 23.96 7.85
CA ALA H 401 70.31 23.10 7.65
C ALA H 401 70.49 22.47 6.24
N HIS H 402 69.46 21.95 5.62
CA HIS H 402 69.66 21.40 4.28
C HIS H 402 69.72 22.49 3.20
N SER H 403 68.88 23.52 3.35
CA SER H 403 68.81 24.60 2.35
C SER H 403 69.37 25.88 2.95
N THR H 404 70.62 26.14 2.60
CA THR H 404 71.36 27.37 2.99
C THR H 404 72.67 27.45 2.17
N GLU H 405 73.29 28.62 2.07
CA GLU H 405 74.56 28.64 1.32
C GLU H 405 75.69 29.29 2.10
N THR H 406 75.59 30.61 2.31
CA THR H 406 76.57 31.35 3.08
C THR H 406 76.34 31.22 4.58
N THR H 407 75.08 31.03 5.02
CA THR H 407 74.86 30.97 6.47
C THR H 407 75.50 29.71 7.07
N LYS H 408 75.66 28.65 6.26
CA LYS H 408 76.38 27.49 6.77
C LYS H 408 77.83 27.83 7.11
N ALA H 409 78.39 28.83 6.45
CA ALA H 409 79.71 29.32 6.81
C ALA H 409 79.65 30.24 8.03
N GLN H 410 78.56 31.01 8.15
CA GLN H 410 78.44 31.91 9.30
C GLN H 410 77.97 31.17 10.53
N HIS H 411 77.12 30.16 10.38
CA HIS H 411 76.78 29.30 11.51
C HIS H 411 77.54 28.00 11.35
N PRO H 412 78.64 27.80 12.10
CA PRO H 412 79.51 26.65 11.83
C PRO H 412 78.90 25.31 12.27
N LEU H 413 77.86 25.30 13.11
CA LEU H 413 77.36 24.10 13.71
C LEU H 413 76.02 23.71 13.11
N ALA H 414 75.88 22.44 12.75
CA ALA H 414 74.60 21.91 12.34
C ALA H 414 73.72 21.57 13.55
N ALA H 415 74.31 21.25 14.69
CA ALA H 415 73.57 20.97 15.91
C ALA H 415 74.48 21.14 17.09
N ALA H 416 73.90 21.28 18.27
CA ALA H 416 74.66 21.50 19.50
C ALA H 416 73.96 20.85 20.66
N GLU H 417 74.73 20.24 21.55
CA GLU H 417 74.19 19.51 22.71
C GLU H 417 75.08 19.78 23.90
N VAL H 418 74.46 20.11 25.01
CA VAL H 418 75.18 20.52 26.24
C VAL H 418 74.71 19.57 27.34
N VAL H 419 75.69 19.02 28.07
CA VAL H 419 75.42 18.25 29.28
C VAL H 419 76.13 18.94 30.41
N VAL H 420 75.39 19.45 31.38
CA VAL H 420 75.92 20.19 32.52
C VAL H 420 75.84 19.25 33.73
N GLU H 421 76.90 19.25 34.54
CA GLU H 421 76.95 18.46 35.75
C GLU H 421 77.59 19.29 36.84
N GLU H 422 76.94 19.35 37.99
CA GLU H 422 77.48 20.10 39.12
C GLU H 422 78.55 19.28 39.85
N VAL H 423 79.68 19.91 40.15
CA VAL H 423 80.76 19.22 40.86
C VAL H 423 80.28 18.96 42.29
N GLU H 424 80.33 17.69 42.70
CA GLU H 424 79.91 17.30 44.04
C GLU H 424 80.91 17.80 45.06
N GLY H 425 80.44 18.11 46.26
CA GLY H 425 81.33 18.61 47.27
C GLY H 425 81.81 20.03 47.04
N ASN H 426 80.98 20.87 46.45
CA ASN H 426 81.37 22.25 46.14
C ASN H 426 80.13 22.97 45.54
N PRO H 427 79.81 24.16 46.00
CA PRO H 427 78.80 24.97 45.33
C PRO H 427 79.38 25.76 44.18
N GLY H 428 78.50 26.13 43.24
CA GLY H 428 78.90 27.12 42.24
C GLY H 428 79.91 26.65 41.21
N TYR H 429 80.43 25.40 41.33
CA TYR H 429 81.34 24.86 40.35
C TYR H 429 80.62 23.80 39.56
N TYR H 430 80.76 23.87 38.21
CA TYR H 430 80.06 22.92 37.34
C TYR H 430 81.01 22.35 36.30
N ASN H 431 80.68 21.20 35.77
CA ASN H 431 81.35 20.59 34.63
C ASN H 431 80.39 20.49 33.47
N SER H 432 80.83 20.89 32.30
CA SER H 432 79.98 20.89 31.11
C SER H 432 80.65 20.17 29.97
N LYS H 433 79.84 19.61 29.08
CA LYS H 433 80.30 18.97 27.85
C LYS H 433 79.53 19.56 26.70
N PHE H 434 80.23 20.06 25.70
CA PHE H 434 79.62 20.62 24.51
C PHE H 434 79.82 19.66 23.36
N PHE H 435 78.72 19.07 22.88
CA PHE H 435 78.73 18.24 21.69
C PHE H 435 78.20 19.08 20.56
N LEU H 436 79.10 19.46 19.63
CA LEU H 436 78.68 20.32 18.52
C LEU H 436 79.05 19.63 17.20
N ARG H 437 78.04 19.47 16.34
CA ARG H 437 78.22 18.79 15.08
C ARG H 437 78.46 19.81 13.97
N PRO H 438 79.66 19.86 13.39
CA PRO H 438 79.95 20.84 12.36
C PRO H 438 79.30 20.48 11.04
N HIS H 439 79.25 21.46 10.14
CA HIS H 439 78.82 21.19 8.77
C HIS H 439 79.91 20.45 8.01
N TYR H 440 79.57 19.27 7.47
CA TYR H 440 80.56 18.48 6.76
C TYR H 440 81.02 19.18 5.51
N GLN H 441 82.23 18.90 5.07
CA GLN H 441 82.78 19.45 3.83
C GLN H 441 83.17 18.35 2.89
N LEU H 442 82.91 18.52 1.60
CA LEU H 442 83.24 17.46 0.63
C LEU H 442 84.74 17.20 0.64
N GLU H 443 85.14 15.99 0.93
CA GLU H 443 86.53 15.60 0.99
C GLU H 443 87.03 14.81 -0.22
N GLY H 444 86.26 13.84 -0.65
CA GLY H 444 86.60 13.06 -1.84
C GLY H 444 85.42 12.35 -2.41
N LEU H 445 85.55 11.85 -3.62
CA LEU H 445 84.42 11.14 -4.23
C LEU H 445 84.95 10.12 -5.20
N THR H 446 84.53 8.85 -5.01
CA THR H 446 84.86 7.80 -5.97
C THR H 446 83.61 7.54 -6.77
N VAL H 447 83.70 7.62 -8.11
CA VAL H 447 82.55 7.42 -8.98
C VAL H 447 82.82 6.24 -9.85
N SER H 448 81.88 5.32 -9.93
CA SER H 448 81.91 4.20 -10.91
C SER H 448 80.78 4.40 -11.88
N LEU H 449 81.10 4.70 -13.11
CA LEU H 449 80.07 4.94 -14.16
C LEU H 449 79.73 3.56 -14.75
N ARG H 450 78.46 3.36 -15.05
CA ARG H 450 78.02 2.07 -15.60
C ARG H 450 77.13 2.28 -16.83
N LEU H 451 77.55 1.76 -17.99
CA LEU H 451 76.69 1.74 -19.13
C LEU H 451 75.65 0.65 -19.00
N VAL H 452 74.37 0.99 -18.97
CA VAL H 452 73.31 0.11 -18.57
C VAL H 452 72.21 0.19 -19.61
N SER H 453 71.73 -1.00 -20.03
CA SER H 453 70.62 -1.07 -20.98
C SER H 453 69.29 -0.85 -20.29
N LYS H 454 69.12 -1.38 -19.07
CA LYS H 454 67.86 -1.24 -18.34
C LYS H 454 68.20 -0.76 -16.93
N LEU H 455 67.75 0.44 -16.57
CA LEU H 455 68.11 1.04 -15.30
C LEU H 455 67.85 0.11 -14.11
N PRO H 456 68.83 -0.17 -13.30
CA PRO H 456 68.62 -1.17 -12.21
C PRO H 456 67.70 -0.66 -11.13
N SER H 457 67.63 0.66 -10.92
CA SER H 457 66.79 1.18 -9.85
C SER H 457 65.32 1.08 -10.22
N ALA H 458 64.93 1.70 -11.35
CA ALA H 458 63.51 1.70 -11.72
C ALA H 458 63.04 0.77 -12.85
N LYS H 459 63.75 0.76 -13.97
CA LYS H 459 63.34 -0.03 -15.11
C LYS H 459 63.36 -1.55 -14.80
N GLU H 460 64.38 -1.97 -14.04
CA GLU H 460 64.53 -3.35 -13.67
C GLU H 460 64.11 -3.52 -12.21
N ALA H 461 62.96 -4.17 -12.00
CA ALA H 461 62.39 -4.34 -10.67
C ALA H 461 61.08 -5.20 -10.89
N THR I 1 5.46 65.74 67.18
CA THR I 1 5.21 66.21 68.53
C THR I 1 3.74 66.06 68.91
N THR I 2 3.14 64.97 68.45
CA THR I 2 1.73 64.62 68.69
C THR I 2 0.71 65.77 68.54
N SER I 3 0.39 66.08 67.29
CA SER I 3 -0.56 67.13 66.95
C SER I 3 -1.87 67.08 67.73
N SER I 4 -2.33 68.24 68.16
CA SER I 4 -3.58 68.35 68.95
C SER I 4 -4.68 67.54 68.37
N GLN I 5 -4.66 67.27 67.08
CA GLN I 5 -5.62 66.34 66.47
C GLN I 5 -5.52 64.98 67.08
N LYS I 6 -4.34 64.56 67.48
CA LYS I 6 -4.15 63.30 68.21
C LYS I 6 -4.71 63.39 69.59
N PHE I 7 -4.59 64.52 70.26
CA PHE I 7 -5.24 64.70 71.57
C PHE I 7 -6.73 64.56 71.43
N ILE I 8 -7.34 65.21 70.44
CA ILE I 8 -8.78 65.06 70.21
C ILE I 8 -9.11 63.62 69.87
N ALA I 9 -8.21 62.93 69.20
CA ALA I 9 -8.48 61.55 68.79
C ALA I 9 -8.48 60.61 69.94
N ARG I 10 -7.45 60.64 70.77
CA ARG I 10 -7.33 59.70 71.87
C ARG I 10 -8.11 60.07 73.06
N ASN I 11 -8.38 61.34 73.29
CA ASN I 11 -9.01 61.78 74.52
C ASN I 11 -10.51 61.72 74.58
N ARG I 12 -11.19 62.39 73.69
CA ARG I 12 -12.69 62.22 73.54
C ARG I 12 -12.86 62.36 72.05
N ALA I 13 -13.20 61.25 71.42
CA ALA I 13 -13.14 61.20 69.99
C ALA I 13 -14.52 61.38 69.40
N PRO I 14 -14.70 62.30 68.43
CA PRO I 14 -15.91 62.33 67.67
C PRO I 14 -16.04 61.05 66.87
N ARG I 15 -17.28 60.70 66.47
CA ARG I 15 -17.47 59.56 65.62
C ARG I 15 -16.69 59.72 64.32
N VAL I 16 -16.64 60.96 63.80
CA VAL I 16 -15.82 61.30 62.63
C VAL I 16 -14.64 62.09 63.13
N GLN I 17 -13.45 61.51 63.11
CA GLN I 17 -12.22 62.18 63.59
C GLN I 17 -11.28 62.25 62.44
N ILE I 18 -10.90 63.48 62.08
CA ILE I 18 -10.06 63.70 60.87
C ILE I 18 -8.78 64.34 61.32
N GLU I 19 -7.67 63.67 61.13
CA GLU I 19 -6.34 64.13 61.46
C GLU I 19 -5.52 64.25 60.19
N TYR I 20 -4.48 65.09 60.24
CA TYR I 20 -3.53 65.19 59.17
C TYR I 20 -2.17 64.80 59.66
N ASP I 21 -1.54 63.84 59.01
CA ASP I 21 -0.18 63.42 59.37
C ASP I 21 0.70 63.38 58.16
N VAL I 22 1.93 63.88 58.31
CA VAL I 22 2.91 63.95 57.22
C VAL I 22 3.31 62.46 56.92
N GLU I 23 3.43 62.15 55.63
CA GLU I 23 3.81 60.87 55.23
C GLU I 23 5.30 60.73 55.01
N LEU I 24 5.98 59.94 55.83
CA LEU I 24 7.39 59.62 55.70
C LEU I 24 7.54 58.12 55.68
N TYR I 25 7.91 57.56 54.55
CA TYR I 25 8.03 56.12 54.41
C TYR I 25 9.07 55.48 55.30
N GLY I 26 10.27 56.04 55.25
CA GLY I 26 11.37 55.52 56.05
C GLY I 26 11.80 56.36 57.23
N ALA I 27 11.17 57.50 57.44
CA ALA I 27 11.50 58.41 58.56
C ALA I 27 12.99 58.72 58.53
N GLU I 28 13.65 58.55 59.66
CA GLU I 28 15.10 58.78 59.74
C GLU I 28 15.62 60.11 59.22
N LYS I 29 15.20 61.20 59.87
CA LYS I 29 15.61 62.55 59.48
C LYS I 29 17.13 62.79 59.63
N LYS I 30 17.66 63.70 58.82
CA LYS I 30 19.09 64.00 58.80
C LYS I 30 19.65 64.53 60.12
N VAL I 31 20.93 64.24 60.35
CA VAL I 31 21.59 64.53 61.63
C VAL I 31 21.99 65.99 61.76
N GLN I 32 22.08 66.74 60.66
CA GLN I 32 22.48 68.14 60.72
C GLN I 32 23.95 68.20 61.15
N LEU I 33 24.22 68.73 62.35
CA LEU I 33 25.56 68.79 62.91
C LEU I 33 26.49 69.67 62.08
N PRO I 34 26.37 70.98 62.20
CA PRO I 34 27.26 71.89 61.47
C PRO I 34 28.73 71.69 61.83
N PHE I 35 29.59 72.19 60.95
CA PHE I 35 31.04 72.10 61.13
C PHE I 35 31.53 73.37 61.80
N VAL I 36 31.99 73.24 63.03
CA VAL I 36 32.59 74.35 63.77
C VAL I 36 34.09 74.17 63.76
N MET I 37 34.83 75.27 63.68
CA MET I 37 36.28 75.24 63.73
C MET I 37 36.75 76.10 64.89
N GLY I 38 37.30 75.47 65.92
CA GLY I 38 37.81 76.20 67.07
C GLY I 38 39.21 76.69 66.78
N VAL I 39 39.47 77.97 67.06
CA VAL I 39 40.79 78.53 66.80
C VAL I 39 41.45 79.04 68.05
N MET I 40 42.70 78.66 68.27
CA MET I 40 43.46 79.10 69.43
C MET I 40 44.58 79.97 68.93
N ALA I 41 44.76 81.12 69.55
CA ALA I 41 45.79 82.04 69.08
C ALA I 41 46.20 82.96 70.23
N ASP I 42 47.35 83.60 70.08
CA ASP I 42 47.82 84.55 71.07
C ASP I 42 47.34 85.93 70.66
N LEU I 43 46.40 86.48 71.43
CA LEU I 43 45.81 87.79 71.16
C LEU I 43 45.87 88.62 72.42
N ALA I 44 45.88 89.94 72.23
CA ALA I 44 46.03 90.90 73.33
C ALA I 44 47.35 90.64 74.09
N GLY I 45 48.42 90.54 73.32
CA GLY I 45 49.74 90.28 73.89
C GLY I 45 50.16 91.41 74.82
N LYS I 46 50.64 91.06 76.01
CA LYS I 46 51.00 92.02 77.05
C LYS I 46 49.83 92.94 77.35
N PRO I 47 48.77 92.44 77.96
CA PRO I 47 47.63 93.30 78.30
C PRO I 47 47.95 94.18 79.51
N ALA I 48 47.15 95.24 79.64
CA ALA I 48 47.35 96.18 80.74
C ALA I 48 46.78 95.72 82.08
N GLU I 49 45.84 94.79 82.06
CA GLU I 49 45.18 94.34 83.28
C GLU I 49 45.54 92.87 83.46
N PRO I 50 45.14 92.25 84.58
CA PRO I 50 45.29 90.78 84.69
C PRO I 50 44.54 89.99 83.62
N GLN I 51 43.64 90.64 82.87
CA GLN I 51 42.81 89.99 81.86
C GLN I 51 41.87 88.99 82.54
N ALA I 52 41.91 87.74 82.12
CA ALA I 52 40.99 86.74 82.66
C ALA I 52 41.75 85.45 82.92
N ALA I 53 41.35 84.76 84.00
CA ALA I 53 41.92 83.48 84.30
C ALA I 53 41.46 82.43 83.30
N VAL I 54 42.23 81.35 83.19
CA VAL I 54 41.89 80.27 82.29
C VAL I 54 40.63 79.58 82.80
N ALA I 55 39.95 78.88 81.89
CA ALA I 55 38.66 78.21 82.11
C ALA I 55 37.52 79.21 82.17
N ASP I 56 37.85 80.50 82.35
CA ASP I 56 36.88 81.57 82.22
C ASP I 56 36.92 82.27 80.87
N ARG I 57 37.87 81.89 80.00
CA ARG I 57 37.98 82.54 78.70
C ARG I 57 37.01 81.98 77.68
N LYS I 58 36.76 80.69 77.74
CA LYS I 58 35.80 80.06 76.83
C LYS I 58 36.25 80.18 75.38
N PHE I 59 35.31 79.94 74.47
CA PHE I 59 35.54 80.08 73.04
C PHE I 59 34.46 81.03 72.58
N LEU I 60 34.84 82.09 71.86
CA LEU I 60 33.85 83.06 71.42
C LEU I 60 33.66 82.99 69.94
N GLU I 61 32.41 82.88 69.50
CA GLU I 61 32.14 82.79 68.08
C GLU I 61 32.56 84.07 67.41
N ILE I 62 33.16 83.93 66.23
CA ILE I 62 33.65 85.04 65.44
C ILE I 62 33.18 84.85 64.00
N ASP I 63 33.06 85.96 63.29
CA ASP I 63 32.62 86.00 61.91
C ASP I 63 32.95 87.39 61.37
N VAL I 64 32.51 87.68 60.15
CA VAL I 64 32.75 88.97 59.56
C VAL I 64 31.90 90.06 60.23
N ASP I 65 30.86 89.69 60.95
CA ASP I 65 29.95 90.65 61.55
C ASP I 65 30.53 91.23 62.83
N ASN I 66 31.02 90.39 63.74
CA ASN I 66 31.48 90.83 65.05
C ASN I 66 32.98 91.00 65.14
N PHE I 67 33.70 90.85 64.04
CA PHE I 67 35.17 90.83 64.08
C PHE I 67 35.73 92.05 64.78
N ASP I 68 35.35 93.22 64.35
CA ASP I 68 35.77 94.46 65.00
C ASP I 68 35.26 94.55 66.42
N ALA I 69 34.08 94.00 66.70
CA ALA I 69 33.61 93.95 68.07
C ALA I 69 34.40 92.97 68.89
N ARG I 70 34.99 91.95 68.25
CA ARG I 70 35.86 91.03 68.97
C ARG I 70 37.21 91.67 69.28
N LEU I 71 37.75 92.50 68.37
CA LEU I 71 38.94 93.23 68.71
C LEU I 71 38.65 94.24 69.82
N LYS I 72 37.67 95.11 69.62
CA LYS I 72 37.39 96.13 70.61
C LYS I 72 37.02 95.54 71.94
N ALA I 73 36.37 94.39 71.95
CA ALA I 73 36.05 93.71 73.20
C ALA I 73 37.29 93.12 73.81
N MET I 74 38.17 92.54 73.00
CA MET I 74 39.35 91.88 73.53
C MET I 74 40.45 92.85 73.89
N LYS I 75 40.44 94.04 73.31
CA LYS I 75 41.42 95.11 73.54
C LYS I 75 42.87 94.63 73.39
N PRO I 76 43.28 94.16 72.20
CA PRO I 76 44.65 93.87 71.98
C PRO I 76 45.55 95.05 72.01
N ARG I 77 46.65 94.95 72.77
CA ARG I 77 47.50 96.15 72.93
C ARG I 77 48.94 95.77 72.80
N VAL I 78 49.83 96.75 72.65
CA VAL I 78 51.25 96.57 72.53
C VAL I 78 51.96 97.71 73.15
N ALA I 79 52.98 97.42 73.95
CA ALA I 79 53.76 98.47 74.63
C ALA I 79 55.21 98.08 74.55
N PHE I 80 56.05 98.93 73.94
CA PHE I 80 57.46 98.71 73.89
C PHE I 80 58.22 99.95 73.63
N ASN I 81 59.53 99.91 73.89
CA ASN I 81 60.43 101.06 73.62
C ASN I 81 60.95 100.91 72.23
N VAL I 82 61.06 102.06 71.54
CA VAL I 82 61.57 102.04 70.15
C VAL I 82 62.46 103.24 69.99
N PRO I 83 63.58 103.13 69.26
CA PRO I 83 64.44 104.30 69.05
C PRO I 83 63.68 105.45 68.42
N ASN I 84 63.97 106.66 68.90
CA ASN I 84 63.27 107.85 68.43
C ASN I 84 64.15 108.48 67.35
N VAL I 85 63.69 108.42 66.11
CA VAL I 85 64.44 109.02 65.01
C VAL I 85 64.03 110.47 64.76
N LEU I 86 62.92 110.90 65.36
CA LEU I 86 62.45 112.26 65.15
C LEU I 86 63.37 113.38 65.64
N THR I 87 63.87 113.27 66.86
CA THR I 87 64.75 114.30 67.43
C THR I 87 65.89 113.75 68.31
N GLY I 88 66.75 112.90 67.75
CA GLY I 88 67.85 112.35 68.52
C GLY I 88 67.30 111.64 69.76
N GLU I 89 67.83 111.96 70.93
CA GLU I 89 67.29 111.35 72.16
C GLU I 89 67.67 109.87 72.19
N GLY I 90 66.71 108.97 72.25
CA GLY I 90 66.95 107.59 72.61
C GLY I 90 65.54 106.90 72.41
N ASN I 91 65.43 105.74 73.07
CA ASN I 91 64.24 104.98 73.04
C ASN I 91 62.99 105.83 73.32
N LEU I 92 61.93 105.57 72.54
CA LEU I 92 60.63 106.16 72.74
C LEU I 92 59.61 105.09 73.13
N SER I 93 59.09 105.16 74.34
CA SER I 93 58.10 104.21 74.81
C SER I 93 56.74 104.56 74.30
N LEU I 94 56.12 103.64 73.57
CA LEU I 94 54.78 103.87 72.98
C LEU I 94 53.82 102.85 73.54
N ASP I 95 52.59 103.28 73.77
CA ASP I 95 51.56 102.38 74.26
C ASP I 95 50.44 102.41 73.25
N ILE I 96 50.14 101.27 72.66
CA ILE I 96 49.08 101.20 71.66
C ILE I 96 48.09 100.08 71.91
N THR I 97 46.80 100.41 71.86
CA THR I 97 45.75 99.41 72.00
C THR I 97 44.89 99.50 70.73
N PHE I 98 44.79 98.38 70.01
CA PHE I 98 44.16 98.39 68.71
C PHE I 98 42.68 97.98 68.90
N GLU I 99 41.79 98.91 68.58
CA GLU I 99 40.35 98.67 68.69
C GLU I 99 39.67 98.30 67.38
N SER I 100 40.42 98.18 66.29
CA SER I 100 39.79 97.83 65.00
C SER I 100 40.85 97.30 64.08
N MET I 101 40.44 96.57 63.05
CA MET I 101 41.40 96.00 62.14
C MET I 101 42.14 97.04 61.34
N ASP I 102 41.59 98.25 61.32
CA ASP I 102 42.21 99.36 60.62
C ASP I 102 43.29 100.01 61.49
N ASP I 103 43.35 99.65 62.78
CA ASP I 103 44.33 100.24 63.67
C ASP I 103 45.71 99.63 63.50
N PHE I 104 45.86 98.58 62.70
CA PHE I 104 47.16 98.08 62.35
C PHE I 104 47.77 98.78 61.14
N SER I 105 46.98 99.59 60.44
CA SER I 105 47.51 100.35 59.32
C SER I 105 48.46 101.42 59.82
N PRO I 106 49.44 101.83 59.00
CA PRO I 106 50.44 102.79 59.50
C PRO I 106 49.82 104.16 59.83
N ALA I 107 48.78 104.57 59.15
CA ALA I 107 48.11 105.81 59.46
C ALA I 107 47.54 105.82 60.87
N ALA I 108 46.78 104.79 61.20
CA ALA I 108 46.21 104.67 62.54
C ALA I 108 47.28 104.49 63.59
N VAL I 109 48.36 103.78 63.26
CA VAL I 109 49.49 103.68 64.17
C VAL I 109 50.03 105.05 64.48
N ALA I 110 50.16 105.90 63.46
CA ALA I 110 50.65 107.25 63.69
C ALA I 110 49.64 108.08 64.51
N ARG I 111 48.36 107.85 64.30
CA ARG I 111 47.36 108.61 65.04
C ARG I 111 47.30 108.21 66.50
N LYS I 112 47.68 106.96 66.83
CA LYS I 112 47.59 106.52 68.20
C LYS I 112 48.76 107.00 69.03
N VAL I 113 49.98 106.97 68.49
CA VAL I 113 51.11 107.52 69.24
C VAL I 113 50.95 109.07 69.23
N ASP I 114 51.04 109.65 70.44
CA ASP I 114 50.65 111.05 70.60
C ASP I 114 51.62 112.01 69.86
N SER I 115 52.93 111.74 69.94
CA SER I 115 53.88 112.55 69.22
C SER I 115 53.64 112.48 67.72
N LEU I 116 53.62 111.27 67.17
CA LEU I 116 53.31 111.09 65.76
C LEU I 116 51.94 111.65 65.42
N ASN I 117 51.02 111.71 66.40
CA ASN I 117 49.74 112.37 66.16
C ASN I 117 49.94 113.86 65.95
N LYS I 118 50.79 114.48 66.76
CA LYS I 118 51.04 115.91 66.60
C LYS I 118 51.74 116.19 65.25
N LEU I 119 52.70 115.35 64.87
CA LEU I 119 53.34 115.53 63.59
C LEU I 119 52.39 115.31 62.42
N LEU I 120 51.58 114.28 62.50
CA LEU I 120 50.63 114.00 61.44
C LEU I 120 49.60 115.13 61.31
N GLU I 121 49.12 115.65 62.45
CA GLU I 121 48.21 116.78 62.40
C GLU I 121 48.92 118.01 61.80
N ALA I 122 50.18 118.20 62.11
CA ALA I 122 50.95 119.27 61.49
C ALA I 122 50.96 119.11 59.97
N ARG I 123 51.16 117.87 59.50
CA ARG I 123 51.22 117.66 58.07
C ARG I 123 49.85 117.89 57.42
N THR I 124 48.76 117.47 58.08
CA THR I 124 47.46 117.70 57.49
C THR I 124 47.10 119.18 57.51
N GLN I 125 47.59 119.93 58.50
CA GLN I 125 47.32 121.36 58.53
C GLN I 125 48.12 122.10 57.46
N LEU I 126 49.35 121.65 57.16
CA LEU I 126 50.14 122.30 56.14
C LEU I 126 49.68 121.92 54.75
N ALA I 127 49.42 120.64 54.51
CA ALA I 127 48.92 120.19 53.21
C ALA I 127 47.52 120.74 52.95
N ASN I 128 46.72 120.84 54.00
CA ASN I 128 45.43 121.50 53.88
C ASN I 128 45.59 123.01 53.77
N LEU I 129 46.75 123.54 54.17
CA LEU I 129 47.00 124.97 54.07
C LEU I 129 47.41 125.36 52.67
N LEU I 130 48.24 124.53 52.00
CA LEU I 130 48.69 124.84 50.66
C LEU I 130 47.51 124.89 49.69
N THR I 131 46.44 124.15 49.98
CA THR I 131 45.24 124.19 49.17
C THR I 131 44.20 125.06 49.90
N TYR I 132 44.00 126.28 49.39
CA TYR I 132 43.02 127.23 49.90
C TYR I 132 42.77 127.15 51.42
N ARG J 1 53.85 150.17 19.10
CA ARG J 1 55.28 149.81 19.49
C ARG J 1 55.24 149.30 20.95
N GLU J 2 55.77 150.15 21.83
CA GLU J 2 55.75 149.91 23.26
C GLU J 2 54.51 150.57 23.90
N ALA J 3 53.77 151.38 23.14
CA ALA J 3 52.58 152.00 23.69
C ALA J 3 51.48 150.95 24.00
N VAL J 4 51.31 149.98 23.08
CA VAL J 4 50.38 148.92 23.37
C VAL J 4 50.85 148.11 24.60
N GLU J 5 52.17 148.00 24.79
CA GLU J 5 52.68 147.32 25.97
C GLU J 5 52.35 148.10 27.24
N THR J 6 52.30 149.42 27.16
CA THR J 6 51.88 150.20 28.33
C THR J 6 50.38 150.07 28.57
N ALA J 7 49.58 150.01 27.49
CA ALA J 7 48.15 149.87 27.67
C ALA J 7 47.81 148.51 28.30
N VAL J 8 48.44 147.43 27.81
CA VAL J 8 48.21 146.14 28.43
C VAL J 8 48.92 146.04 29.78
N ARG J 9 49.90 146.91 30.04
CA ARG J 9 50.47 146.96 31.37
C ARG J 9 49.45 147.49 32.37
N THR J 10 48.88 148.67 32.09
CA THR J 10 47.92 149.25 33.02
C THR J 10 46.67 148.39 33.12
N LEU J 11 46.15 147.92 31.97
CA LEU J 11 44.98 147.08 32.00
C LEU J 11 45.21 145.75 32.72
N ALA J 12 46.30 145.06 32.37
CA ALA J 12 46.56 143.75 32.92
C ALA J 12 46.83 143.84 34.42
N GLU J 13 47.64 144.81 34.86
CA GLU J 13 47.92 144.94 36.28
C GLU J 13 46.67 145.36 37.05
N HIS J 14 46.02 146.46 36.62
CA HIS J 14 44.87 146.97 37.34
C HIS J 14 43.78 145.90 37.45
N ALA J 15 43.47 145.24 36.34
CA ALA J 15 42.46 144.19 36.39
C ALA J 15 42.91 143.02 37.26
N LEU J 16 44.18 142.63 37.11
CA LEU J 16 44.66 141.42 37.78
C LEU J 16 44.72 141.50 39.29
N GLU J 17 45.37 142.53 39.83
CA GLU J 17 45.59 142.62 41.26
C GLU J 17 44.69 143.55 42.08
N GLN J 18 43.76 144.26 41.45
CA GLN J 18 42.94 145.24 42.19
C GLN J 18 42.08 144.72 43.35
N THR J 19 41.49 143.55 43.17
CA THR J 19 40.57 142.95 44.12
C THR J 19 40.82 141.45 44.28
N SER J 20 40.57 140.70 43.21
CA SER J 20 40.68 139.24 43.27
C SER J 20 42.13 138.81 43.33
N LEU J 21 42.34 137.49 43.34
CA LEU J 21 43.66 136.88 43.42
C LEU J 21 44.40 137.36 44.66
N ILE J 22 43.75 137.20 45.80
CA ILE J 22 44.27 137.73 47.06
C ILE J 22 45.57 137.01 47.42
N SER J 23 46.63 137.80 47.63
CA SER J 23 47.94 137.33 48.09
C SER J 23 48.65 136.47 47.05
N ASN J 24 47.91 135.99 46.05
CA ASN J 24 48.46 135.18 44.97
C ASN J 24 49.37 134.07 45.48
N ASP J 25 50.51 133.87 44.82
CA ASP J 25 51.55 132.98 45.28
C ASP J 25 52.89 133.43 44.72
N ALA J 26 53.96 133.14 45.45
CA ALA J 26 55.30 133.46 44.98
C ALA J 26 56.16 132.21 44.93
N ILE J 27 56.59 131.73 46.08
CA ILE J 27 57.35 130.49 46.20
C ILE J 27 56.49 129.53 46.99
N LYS J 28 55.97 128.50 46.34
CA LYS J 28 55.22 127.45 47.01
C LYS J 28 56.10 126.26 47.37
N SER J 29 57.40 126.32 47.04
CA SER J 29 58.32 125.25 47.39
C SER J 29 58.57 125.16 48.89
N ILE J 30 58.10 126.13 49.68
CA ILE J 30 58.20 126.04 51.12
C ILE J 30 57.35 124.88 51.65
N GLU J 31 56.34 124.46 50.89
CA GLU J 31 55.52 123.32 51.25
C GLU J 31 56.25 121.99 51.08
N SER J 32 57.46 122.00 50.52
CA SER J 32 58.28 120.80 50.47
C SER J 32 58.71 120.33 51.85
N ILE J 33 58.46 121.13 52.89
CA ILE J 33 58.70 120.68 54.26
C ILE J 33 57.82 119.48 54.58
N ILE J 34 56.65 119.44 53.92
CA ILE J 34 55.82 118.27 54.12
C ILE J 34 56.58 117.02 53.65
N ALA J 35 57.49 117.14 52.69
CA ALA J 35 58.30 116.01 52.31
C ALA J 35 59.21 115.57 53.45
N ALA J 36 59.76 116.53 54.20
CA ALA J 36 60.63 116.19 55.32
C ALA J 36 59.82 115.65 56.50
N LEU J 37 58.65 116.26 56.76
CA LEU J 37 57.79 115.80 57.84
C LEU J 37 57.34 114.35 57.57
N ASP J 38 56.89 114.11 56.35
CA ASP J 38 56.44 112.80 55.93
C ASP J 38 57.61 111.84 56.01
N ALA J 39 58.80 112.30 55.63
CA ALA J 39 59.97 111.44 55.68
C ALA J 39 60.25 111.02 57.11
N LYS J 40 60.09 111.93 58.07
CA LYS J 40 60.26 111.58 59.47
C LYS J 40 59.20 110.60 59.91
N LEU J 41 57.96 110.77 59.44
CA LEU J 41 56.90 109.83 59.81
C LEU J 41 57.15 108.44 59.20
N THR J 42 57.76 108.37 58.03
CA THR J 42 58.16 107.06 57.51
C THR J 42 59.28 106.45 58.35
N ALA J 43 60.26 107.26 58.72
CA ALA J 43 61.38 106.75 59.50
C ALA J 43 60.89 106.24 60.85
N GLN J 44 59.91 106.91 61.46
CA GLN J 44 59.42 106.46 62.74
C GLN J 44 58.46 105.30 62.62
N VAL J 45 57.48 105.39 61.71
CA VAL J 45 56.45 104.37 61.60
C VAL J 45 57.07 103.08 61.10
N ASN J 46 58.15 103.14 60.33
CA ASN J 46 58.88 101.92 59.99
C ASN J 46 59.34 101.20 61.25
N LEU J 47 59.89 101.93 62.20
CA LEU J 47 60.35 101.29 63.44
C LEU J 47 59.22 100.85 64.32
N ILE J 48 58.12 101.59 64.36
CA ILE J 48 57.00 101.20 65.22
C ILE J 48 56.35 99.93 64.68
N MET J 49 56.15 99.86 63.37
CA MET J 49 55.44 98.73 62.79
C MET J 49 56.34 97.50 62.67
N HIS J 50 57.63 97.67 62.44
CA HIS J 50 58.52 96.56 62.21
C HIS J 50 59.08 95.97 63.48
N HIS J 51 58.68 96.47 64.66
CA HIS J 51 59.15 95.89 65.90
C HIS J 51 58.64 94.50 66.07
N ALA J 52 59.34 93.69 66.88
CA ALA J 52 58.99 92.30 67.05
C ALA J 52 57.58 92.17 67.63
N ASP J 53 57.22 93.04 68.59
CA ASP J 53 55.93 92.96 69.20
C ASP J 53 54.82 93.29 68.22
N PHE J 54 54.92 94.41 67.55
CA PHE J 54 53.90 94.82 66.59
C PHE J 54 53.80 93.83 65.45
N GLN J 55 54.91 93.23 65.03
CA GLN J 55 54.85 92.23 63.98
C GLN J 55 54.17 90.96 64.47
N GLN J 56 54.35 90.62 65.75
CA GLN J 56 53.73 89.42 66.28
C GLN J 56 52.23 89.59 66.41
N LEU J 57 51.80 90.67 67.05
CA LEU J 57 50.36 90.93 67.16
C LEU J 57 49.71 91.15 65.80
N GLU J 58 50.33 91.98 64.98
CA GLU J 58 49.84 92.21 63.62
C GLU J 58 49.68 90.95 62.87
N SER J 59 50.65 90.02 63.01
CA SER J 59 50.56 88.75 62.28
C SER J 59 49.47 87.89 62.86
N ALA J 60 49.24 87.96 64.15
CA ALA J 60 48.17 87.17 64.78
C ALA J 60 46.80 87.62 64.29
N TRP J 61 46.49 88.88 64.48
CA TRP J 61 45.19 89.42 64.06
C TRP J 61 45.03 89.41 62.56
N ARG J 62 46.12 89.55 61.83
CA ARG J 62 46.07 89.53 60.37
C ARG J 62 45.80 88.15 59.86
N GLY J 63 46.39 87.15 60.47
CA GLY J 63 46.06 85.77 60.13
C GLY J 63 44.65 85.39 60.49
N LEU J 64 44.22 85.74 61.67
CA LEU J 64 42.83 85.49 62.08
C LEU J 64 41.86 86.20 61.16
N HIS J 65 42.16 87.43 60.78
CA HIS J 65 41.31 88.15 59.83
C HIS J 65 41.28 87.48 58.52
N TYR J 66 42.40 86.97 58.04
CA TYR J 66 42.40 86.18 56.80
C TYR J 66 41.51 85.01 56.92
N LEU J 67 41.54 84.31 58.04
CA LEU J 67 40.67 83.12 58.22
C LEU J 67 39.25 83.50 58.23
N VAL J 68 38.91 84.61 58.84
CA VAL J 68 37.49 85.02 59.01
C VAL J 68 36.93 85.47 57.67
N ASN J 69 37.62 86.39 57.00
CA ASN J 69 37.11 87.00 55.78
C ASN J 69 37.04 86.04 54.65
N ASN J 70 37.94 85.11 54.56
CA ASN J 70 37.97 84.12 53.46
C ASN J 70 37.12 82.94 53.71
N THR J 71 36.42 82.89 54.83
CA THR J 71 35.50 81.78 55.16
C THR J 71 34.06 82.24 54.94
N GLU J 72 33.24 81.39 54.37
CA GLU J 72 31.84 81.67 54.16
C GLU J 72 31.10 81.07 55.36
N THR J 73 30.73 81.92 56.31
CA THR J 73 30.13 81.47 57.53
C THR J 73 28.62 81.59 57.52
N ASP J 74 27.98 80.52 57.97
CA ASP J 74 26.55 80.42 58.07
C ASP J 74 26.19 79.49 59.21
N GLU J 75 25.02 78.88 59.11
CA GLU J 75 24.56 77.98 60.14
C GLU J 75 25.53 76.81 60.23
N GLN J 76 25.95 76.31 59.09
CA GLN J 76 26.90 75.19 59.00
C GLN J 76 28.35 75.45 59.44
N LEU J 77 28.90 76.61 59.09
CA LEU J 77 30.28 76.95 59.40
C LEU J 77 30.30 77.96 60.52
N LYS J 78 31.06 77.70 61.54
CA LYS J 78 31.36 78.58 62.61
C LYS J 78 32.86 78.65 62.87
N ILE J 79 33.32 79.70 63.49
CA ILE J 79 34.66 79.90 63.88
C ILE J 79 34.63 80.44 65.29
N ARG J 80 35.17 79.70 66.26
CA ARG J 80 35.30 80.09 67.61
C ARG J 80 36.70 80.32 68.02
N VAL J 81 37.04 81.46 68.49
CA VAL J 81 38.43 81.85 68.87
C VAL J 81 38.59 81.77 70.38
N LEU J 82 39.68 81.26 70.85
CA LEU J 82 40.16 81.33 72.22
C LEU J 82 41.48 81.97 72.35
N ASN J 83 41.58 83.11 73.01
CA ASN J 83 42.86 83.77 73.08
C ASN J 83 43.63 83.25 74.26
N ILE J 84 44.68 82.52 73.94
CA ILE J 84 45.55 81.93 74.93
C ILE J 84 46.96 81.89 74.36
N SER J 85 47.90 82.48 75.09
CA SER J 85 49.28 82.49 74.63
C SER J 85 49.83 81.11 74.75
N LYS J 86 50.88 80.84 73.98
CA LYS J 86 51.53 79.54 73.98
C LYS J 86 52.06 79.22 75.39
N PRO J 87 52.69 80.15 76.14
CA PRO J 87 53.01 79.88 77.50
C PRO J 87 51.87 79.52 78.41
N GLU J 88 50.72 80.15 78.21
CA GLU J 88 49.53 79.83 79.05
C GLU J 88 48.97 78.49 78.68
N LEU J 89 48.98 78.16 77.40
CA LEU J 89 48.49 76.84 76.99
C LEU J 89 49.39 75.75 77.48
N HIS J 90 50.70 75.91 77.35
CA HIS J 90 51.63 74.93 77.89
C HIS J 90 51.55 74.86 79.39
N LYS J 91 51.23 75.99 80.05
CA LYS J 91 51.13 75.98 81.50
C LYS J 91 49.90 75.19 81.95
N THR J 92 48.73 75.52 81.44
CA THR J 92 47.51 74.85 81.87
C THR J 92 47.50 73.41 81.45
N LEU J 93 48.11 73.09 80.32
CA LEU J 93 48.22 71.68 79.93
C LEU J 93 49.32 70.98 80.70
N LYS J 94 50.23 71.72 81.31
CA LYS J 94 51.23 71.11 82.18
C LYS J 94 50.68 70.83 83.56
N LYS J 95 49.77 71.66 84.05
CA LYS J 95 49.13 71.40 85.36
C LYS J 95 48.46 70.09 85.41
N PHE J 96 47.78 69.72 84.34
CA PHE J 96 47.04 68.44 84.27
C PHE J 96 47.73 67.57 83.25
N LYS J 97 48.42 66.55 83.72
CA LYS J 97 49.15 65.65 82.83
C LYS J 97 49.03 64.23 83.43
N GLY J 98 49.22 63.24 82.58
CA GLY J 98 48.99 61.90 83.04
C GLY J 98 47.57 61.60 83.36
N THR J 99 47.20 61.22 84.57
CA THR J 99 45.86 60.86 84.91
C THR J 99 44.93 62.07 84.82
N THR J 100 45.41 63.24 85.32
CA THR J 100 44.48 64.34 85.49
C THR J 100 44.14 65.01 84.16
N TRP J 101 44.71 64.58 83.03
CA TRP J 101 44.47 65.25 81.76
C TRP J 101 43.04 65.30 81.38
N ASP J 102 42.24 64.33 81.81
CA ASP J 102 40.79 64.34 81.55
C ASP J 102 40.13 65.54 82.14
N GLN J 103 40.72 66.20 83.12
CA GLN J 103 40.24 67.44 83.73
C GLN J 103 41.22 68.50 83.40
N SER J 104 40.84 69.43 82.56
CA SER J 104 41.64 70.59 82.12
C SER J 104 40.75 71.65 81.60
N PRO J 105 41.15 72.91 81.63
CA PRO J 105 40.33 73.97 81.07
C PRO J 105 40.11 73.76 79.58
N ILE J 106 41.15 73.33 78.89
CA ILE J 106 41.18 73.09 77.47
C ILE J 106 40.38 71.87 77.11
N PHE J 107 40.51 70.81 77.87
CA PHE J 107 39.72 69.61 77.63
C PHE J 107 38.26 69.82 77.98
N LYS J 108 37.99 70.57 79.04
CA LYS J 108 36.60 70.90 79.36
C LYS J 108 35.96 71.61 78.18
N LYS J 109 36.56 72.71 77.70
CA LYS J 109 36.02 73.48 76.63
C LYS J 109 35.89 72.68 75.38
N LEU J 110 36.93 71.98 74.97
CA LEU J 110 36.94 71.31 73.68
C LEU J 110 36.08 70.09 73.64
N TYR J 111 36.11 69.30 74.71
CA TYR J 111 35.38 68.03 74.77
C TYR J 111 34.09 68.00 75.54
N GLU J 112 34.06 68.58 76.74
CA GLU J 112 32.94 68.41 77.64
C GLU J 112 31.83 69.29 77.11
N GLU J 113 32.06 70.59 77.02
CA GLU J 113 31.01 71.52 76.70
C GLU J 113 30.44 71.39 75.31
N GLU J 114 31.07 70.63 74.44
CA GLU J 114 30.64 70.57 73.05
C GLU J 114 30.51 69.15 72.55
N TYR J 115 31.58 68.41 72.43
CA TYR J 115 31.50 67.03 71.98
C TYR J 115 30.93 66.14 73.00
N GLY J 116 31.07 66.45 74.27
CA GLY J 116 30.50 65.63 75.34
C GLY J 116 29.14 66.07 75.73
N GLN J 117 28.82 67.35 75.50
CA GLN J 117 27.51 67.87 75.89
C GLN J 117 26.35 67.34 75.04
N PHE J 118 25.14 67.26 75.61
CA PHE J 118 24.00 66.81 74.83
C PHE J 118 23.50 67.96 73.98
N GLY J 119 23.47 67.75 72.66
CA GLY J 119 23.05 68.80 71.75
C GLY J 119 24.06 69.92 71.60
N GLY J 120 25.36 69.59 71.57
CA GLY J 120 26.40 70.57 71.41
C GLY J 120 27.02 70.49 70.03
N GLU J 121 28.17 71.16 69.88
CA GLU J 121 28.87 71.18 68.61
C GLU J 121 30.16 70.38 68.71
N PRO J 122 30.30 69.28 67.96
CA PRO J 122 31.48 68.42 68.10
C PRO J 122 32.80 69.07 67.75
N TYR J 123 32.80 70.34 67.34
CA TYR J 123 33.97 71.21 67.19
C TYR J 123 34.85 70.99 65.97
N GLY J 124 34.57 69.99 65.14
CA GLY J 124 35.22 69.93 63.84
C GLY J 124 36.72 69.87 63.88
N CYS J 125 37.37 70.87 63.29
CA CYS J 125 38.82 70.99 63.24
C CYS J 125 39.28 72.11 64.15
N LEU J 126 40.52 71.99 64.64
CA LEU J 126 41.13 72.96 65.54
C LEU J 126 42.36 73.55 64.88
N VAL J 127 42.59 74.85 65.08
CA VAL J 127 43.74 75.49 64.48
C VAL J 127 44.61 76.12 65.54
N GLY J 128 45.85 75.66 65.63
CA GLY J 128 46.75 76.17 66.63
C GLY J 128 47.27 77.60 66.61
N ASP J 129 47.68 78.08 65.44
CA ASP J 129 48.28 79.41 65.28
C ASP J 129 49.52 79.61 66.17
N TYR J 130 50.34 78.57 66.29
CA TYR J 130 51.55 78.59 67.11
C TYR J 130 52.71 77.98 66.33
N TYR J 131 53.92 78.33 66.71
CA TYR J 131 55.11 77.78 66.06
C TYR J 131 55.79 76.80 67.00
N PHE J 132 55.73 75.52 66.69
CA PHE J 132 56.24 74.47 67.54
C PHE J 132 57.58 73.95 67.03
N ASP J 133 58.61 73.96 67.88
CA ASP J 133 59.89 73.38 67.61
C ASP J 133 60.06 72.09 68.37
N GLN J 134 61.22 71.45 68.29
CA GLN J 134 61.49 70.20 68.97
C GLN J 134 61.80 70.34 70.47
N SER J 135 61.74 71.55 71.02
CA SER J 135 62.04 71.79 72.41
C SER J 135 61.19 70.99 73.31
N PRO J 136 61.64 70.70 74.55
CA PRO J 136 60.84 69.91 75.49
C PRO J 136 59.43 70.49 75.71
N PRO J 137 59.30 71.82 75.95
CA PRO J 137 57.98 72.33 76.18
C PRO J 137 57.02 72.18 74.98
N ASP J 138 57.52 72.31 73.77
CA ASP J 138 56.69 72.18 72.60
C ASP J 138 56.34 70.73 72.31
N VAL J 139 57.22 69.79 72.68
CA VAL J 139 56.89 68.40 72.56
C VAL J 139 55.83 68.02 73.59
N GLU J 140 55.89 68.59 74.78
CA GLU J 140 54.84 68.37 75.75
C GLU J 140 53.53 68.94 75.29
N LEU J 141 53.54 70.17 74.78
CA LEU J 141 52.30 70.79 74.31
C LEU J 141 51.69 70.01 73.17
N LEU J 142 52.51 69.54 72.24
CA LEU J 142 51.98 68.72 71.15
C LEU J 142 51.47 67.39 71.63
N GLY J 143 52.13 66.80 72.62
CA GLY J 143 51.63 65.55 73.16
C GLY J 143 50.24 65.70 73.78
N GLU J 144 50.09 66.76 74.58
CA GLU J 144 48.82 66.98 75.24
C GLU J 144 47.72 67.35 74.25
N MET J 145 47.98 68.31 73.38
CA MET J 145 47.00 68.68 72.36
C MET J 145 46.68 67.52 71.45
N ALA J 146 47.61 66.56 71.31
CA ALA J 146 47.29 65.36 70.56
C ALA J 146 46.39 64.45 71.35
N LYS J 147 46.52 64.43 72.68
CA LYS J 147 45.57 63.67 73.49
C LYS J 147 44.19 64.27 73.42
N ILE J 148 44.05 65.56 73.62
CA ILE J 148 42.74 66.22 73.55
C ILE J 148 42.14 66.07 72.19
N SER J 149 42.84 66.53 71.18
CA SER J 149 42.36 66.46 69.79
C SER J 149 42.05 65.06 69.39
N ALA J 150 42.76 64.09 69.92
CA ALA J 150 42.45 62.68 69.63
C ALA J 150 41.23 62.25 70.31
N ALA J 151 40.95 62.76 71.51
CA ALA J 151 39.75 62.36 72.28
C ALA J 151 38.51 62.91 71.66
N MET J 152 38.54 64.18 71.22
CA MET J 152 37.39 64.86 70.64
C MET J 152 37.27 64.64 69.16
N HIS J 153 38.19 63.91 68.52
CA HIS J 153 38.20 63.69 67.08
C HIS J 153 38.26 64.99 66.31
N ALA J 154 39.18 65.87 66.70
CA ALA J 154 39.30 67.20 66.11
C ALA J 154 40.74 67.47 65.77
N PRO J 155 41.18 67.11 64.51
CA PRO J 155 42.56 67.32 64.14
C PRO J 155 43.11 68.65 64.48
N PHE J 156 44.31 68.70 65.03
CA PHE J 156 44.98 69.93 65.42
C PHE J 156 45.89 70.38 64.30
N ILE J 157 45.80 71.64 63.91
CA ILE J 157 46.57 72.22 62.82
C ILE J 157 47.33 73.43 63.35
N SER J 158 48.62 73.48 63.12
CA SER J 158 49.43 74.60 63.52
C SER J 158 50.64 74.69 62.61
N ALA J 159 51.56 75.59 62.90
CA ALA J 159 52.72 75.80 62.06
C ALA J 159 53.98 75.33 62.76
N ALA J 160 54.89 74.78 62.00
CA ALA J 160 56.16 74.29 62.50
C ALA J 160 57.17 75.40 62.41
N SER J 161 57.83 75.69 63.54
CA SER J 161 58.78 76.77 63.61
C SER J 161 59.95 76.50 62.72
N PRO J 162 60.65 77.57 62.24
CA PRO J 162 61.87 77.35 61.51
C PRO J 162 62.97 76.70 62.36
N THR J 163 62.84 76.71 63.69
CA THR J 163 63.81 76.12 64.58
C THR J 163 63.71 74.61 64.67
N VAL J 164 62.71 74.00 64.09
CA VAL J 164 62.64 72.54 64.08
C VAL J 164 63.82 71.98 63.30
N MET J 165 64.21 72.64 62.23
CA MET J 165 65.31 72.21 61.40
C MET J 165 66.67 72.68 61.92
N GLY J 166 66.71 73.34 63.06
CA GLY J 166 67.93 73.94 63.52
C GLY J 166 68.32 75.01 62.50
N MET J 167 67.36 75.92 62.26
CA MET J 167 67.48 76.85 61.16
C MET J 167 67.17 78.24 61.61
N GLY J 168 65.93 78.51 61.97
CA GLY J 168 65.53 79.81 62.45
C GLY J 168 65.22 80.81 61.39
N SER J 169 65.09 80.38 60.12
CA SER J 169 64.80 81.29 59.03
C SER J 169 63.64 80.79 58.20
N TRP J 170 63.81 79.58 57.61
CA TRP J 170 63.06 79.07 56.47
C TRP J 170 63.58 79.69 55.22
N GLN J 171 64.58 80.57 55.33
CA GLN J 171 65.30 81.06 54.18
C GLN J 171 66.44 80.11 53.89
N GLU J 172 66.85 79.31 54.88
CA GLU J 172 67.93 78.36 54.76
C GLU J 172 67.47 76.97 54.40
N LEU J 173 66.18 76.79 54.15
CA LEU J 173 65.65 75.45 53.91
C LEU J 173 66.32 74.77 52.76
N SER J 174 66.89 75.52 51.82
CA SER J 174 67.58 74.90 50.68
C SER J 174 69.00 74.51 51.00
N ASN J 175 69.56 74.95 52.14
CA ASN J 175 70.96 74.67 52.44
C ASN J 175 71.21 73.19 52.75
N PRO J 176 70.49 72.52 53.66
CA PRO J 176 70.82 71.17 54.00
C PRO J 176 70.64 70.20 52.81
N ARG J 177 71.51 69.21 52.73
CA ARG J 177 71.42 68.22 51.72
C ARG J 177 70.34 67.20 51.95
N ASP J 178 70.15 66.82 53.20
CA ASP J 178 69.17 65.79 53.60
C ASP J 178 68.49 66.28 54.84
N LEU J 179 67.16 66.41 54.79
CA LEU J 179 66.38 66.78 55.96
C LEU J 179 66.15 65.60 56.88
N THR J 180 66.05 64.39 56.34
CA THR J 180 65.87 63.20 57.17
C THR J 180 66.99 62.96 58.12
N LYS J 181 68.19 63.47 57.82
CA LYS J 181 69.32 63.36 58.74
C LYS J 181 69.20 64.30 59.89
N ILE J 182 68.45 65.39 59.77
CA ILE J 182 68.35 66.37 60.85
C ILE J 182 67.72 65.75 62.06
N PHE J 183 66.68 64.93 61.86
CA PHE J 183 65.86 64.41 62.94
C PHE J 183 66.43 63.18 63.57
N THR J 184 67.61 62.73 63.15
CA THR J 184 68.23 61.54 63.75
C THR J 184 68.90 61.83 65.06
N THR J 185 69.43 63.01 65.26
CA THR J 185 70.24 63.32 66.45
C THR J 185 69.47 63.10 67.71
N PRO J 186 70.13 62.89 68.84
CA PRO J 186 69.41 62.74 70.13
C PRO J 186 68.70 64.00 70.57
N GLU J 187 68.98 65.12 69.92
CA GLU J 187 68.31 66.37 70.27
C GLU J 187 66.81 66.20 70.04
N TYR J 188 66.47 65.46 69.00
CA TYR J 188 65.08 65.23 68.62
C TYR J 188 64.44 64.01 69.27
N ALA J 189 65.15 63.36 70.17
CA ALA J 189 64.59 62.16 70.83
C ALA J 189 63.13 62.37 71.24
N GLY J 190 62.82 63.51 71.81
CA GLY J 190 61.45 63.82 72.16
C GLY J 190 60.54 63.94 70.96
N TRP J 191 61.05 64.53 69.87
CA TRP J 191 60.28 64.66 68.66
C TRP J 191 59.96 63.31 68.05
N ARG J 192 60.97 62.46 67.87
CA ARG J 192 60.76 61.13 67.36
C ARG J 192 59.82 60.37 68.24
N SER J 193 59.96 60.49 69.55
CA SER J 193 59.02 59.80 70.45
C SER J 193 57.62 60.31 70.28
N LEU J 194 57.47 61.57 69.91
CA LEU J 194 56.13 62.12 69.63
C LEU J 194 55.56 61.59 68.35
N ARG J 195 56.33 61.58 67.28
CA ARG J 195 55.83 61.10 65.99
C ARG J 195 55.47 59.64 66.04
N GLU J 196 56.17 58.85 66.86
CA GLU J 196 55.85 57.43 66.95
C GLU J 196 54.51 57.20 67.64
N SER J 197 54.01 58.19 68.42
CA SER J 197 52.77 58.03 69.11
C SER J 197 51.61 57.80 68.22
N GLU J 198 50.56 57.17 68.75
CA GLU J 198 49.37 56.92 67.95
C GLU J 198 48.38 58.09 67.98
N ASP J 199 48.61 59.03 68.89
CA ASP J 199 47.76 60.21 69.01
C ASP J 199 48.26 61.40 68.20
N SER J 200 49.42 61.25 67.57
CA SER J 200 50.02 62.32 66.82
C SER J 200 49.49 62.44 65.43
N ARG J 201 48.75 61.47 64.92
CA ARG J 201 48.12 61.58 63.62
C ARG J 201 47.08 62.67 63.59
N TYR J 202 46.71 63.26 64.73
CA TYR J 202 45.78 64.36 64.80
C TYR J 202 46.47 65.70 64.77
N ILE J 203 47.76 65.72 64.52
CA ILE J 203 48.43 66.99 64.44
C ILE J 203 49.13 67.24 63.12
N GLY J 204 48.65 68.24 62.39
CA GLY J 204 49.32 68.69 61.18
C GLY J 204 50.21 69.88 61.48
N LEU J 205 51.23 70.08 60.66
CA LEU J 205 52.15 71.20 60.80
C LEU J 205 52.46 71.77 59.42
N THR J 206 52.20 73.07 59.23
CA THR J 206 52.50 73.75 57.98
C THR J 206 53.67 74.69 58.23
N MET J 207 54.86 74.32 57.73
CA MET J 207 56.06 75.06 58.10
C MET J 207 56.11 76.48 57.53
N PRO J 208 56.09 76.64 56.22
CA PRO J 208 56.17 77.99 55.64
C PRO J 208 54.94 78.85 55.94
N ARG J 209 55.13 80.13 56.25
CA ARG J 209 53.99 81.02 56.50
C ARG J 209 53.86 82.01 55.35
N PHE J 210 52.64 82.10 54.84
CA PHE J 210 52.37 82.96 53.70
C PHE J 210 52.36 84.41 54.06
N LEU J 211 52.52 85.25 53.07
CA LEU J 211 52.57 86.70 53.26
C LEU J 211 51.19 87.25 53.55
N ALA J 212 51.08 88.02 54.62
CA ALA J 212 49.79 88.53 55.09
C ALA J 212 49.29 89.66 54.25
N ARG J 213 50.09 90.68 54.01
CA ARG J 213 49.67 91.88 53.27
C ARG J 213 50.82 92.40 52.44
N LEU J 214 50.48 93.19 51.46
CA LEU J 214 51.47 93.81 50.58
C LEU J 214 52.05 95.04 51.26
N PRO J 215 53.38 95.21 51.19
CA PRO J 215 54.02 96.33 51.88
C PRO J 215 53.50 97.68 51.44
N TYR J 216 53.20 98.54 52.41
CA TYR J 216 52.69 99.90 52.10
C TYR J 216 53.69 100.70 51.34
N GLY J 217 53.20 101.53 50.46
CA GLY J 217 54.10 102.32 49.57
C GLY J 217 53.30 102.91 48.46
N ALA J 218 53.88 103.87 47.76
CA ALA J 218 53.14 104.52 46.68
C ALA J 218 52.80 103.55 45.56
N LYS J 219 53.79 102.74 45.19
CA LYS J 219 53.60 101.77 44.12
C LYS J 219 52.59 100.69 44.50
N THR J 220 52.68 100.22 45.75
CA THR J 220 51.80 99.19 46.24
C THR J 220 51.11 99.57 47.55
N ASP J 221 49.79 99.41 47.60
CA ASP J 221 49.02 99.68 48.82
C ASP J 221 49.26 101.05 49.47
N PRO J 222 49.15 102.13 48.71
CA PRO J 222 49.38 103.47 49.26
C PRO J 222 48.44 103.75 50.43
N VAL J 223 48.99 104.35 51.48
CA VAL J 223 48.26 104.64 52.71
C VAL J 223 47.20 105.72 52.53
N GLU J 224 47.59 106.75 51.78
CA GLU J 224 46.77 107.92 51.41
C GLU J 224 46.49 108.93 52.53
N GLU J 225 47.15 108.75 53.68
CA GLU J 225 47.00 109.67 54.79
C GLU J 225 48.15 110.67 54.74
N PHE J 226 49.33 110.13 54.45
CA PHE J 226 50.57 110.89 54.29
C PHE J 226 51.53 110.08 53.42
N ALA J 227 52.50 110.72 52.79
CA ALA J 227 53.41 109.95 51.94
C ALA J 227 54.18 108.96 52.80
N PHE J 228 54.00 107.66 52.56
CA PHE J 228 54.65 106.66 53.40
C PHE J 228 55.44 105.56 52.66
N GLU J 229 56.62 105.26 53.16
CA GLU J 229 57.48 104.21 52.62
C GLU J 229 57.70 103.16 53.70
N GLU J 230 57.52 101.89 53.35
CA GLU J 230 57.68 100.81 54.32
C GLU J 230 59.08 100.20 54.32
N GLU J 231 60.03 100.81 53.60
CA GLU J 231 61.36 100.23 53.46
C GLU J 231 61.22 98.86 52.80
N THR J 232 61.45 97.80 53.57
CA THR J 232 61.28 96.41 53.15
C THR J 232 62.01 96.13 51.83
N ASP J 233 63.30 96.42 51.83
CA ASP J 233 64.15 96.07 50.71
C ASP J 233 64.22 94.55 50.56
N GLY J 234 64.65 94.10 49.38
CA GLY J 234 64.49 92.73 48.95
C GLY J 234 64.85 91.66 49.96
N ALA J 235 63.93 90.71 50.15
CA ALA J 235 64.06 89.59 51.07
C ALA J 235 64.35 90.03 52.50
N ASP J 236 65.22 89.29 53.19
CA ASP J 236 65.59 89.46 54.59
C ASP J 236 64.47 89.01 55.52
N SER J 237 63.25 88.92 55.00
CA SER J 237 62.08 88.30 55.60
C SER J 237 61.61 88.96 56.89
N SER J 238 62.41 89.84 57.50
CA SER J 238 62.03 90.46 58.76
C SER J 238 61.13 91.68 58.57
N LYS J 239 61.15 92.31 57.41
CA LYS J 239 60.35 93.50 57.16
C LYS J 239 58.91 93.18 56.79
N TYR J 240 58.69 92.07 56.09
CA TYR J 240 57.35 91.67 55.65
C TYR J 240 56.41 91.14 56.73
N ALA J 241 55.11 91.33 56.53
CA ALA J 241 54.11 90.83 57.46
C ALA J 241 53.69 89.43 57.12
N TRP J 242 54.07 88.45 57.90
CA TRP J 242 53.90 87.05 57.60
C TRP J 242 52.78 86.46 58.45
N ALA J 243 51.69 86.04 57.79
CA ALA J 243 50.62 85.37 58.45
C ALA J 243 50.89 83.89 58.56
N ASN J 244 50.46 83.29 59.67
CA ASN J 244 50.61 81.85 59.86
C ASN J 244 49.93 81.09 58.80
N SER J 245 50.54 80.04 58.30
CA SER J 245 49.94 79.24 57.23
C SER J 245 49.06 78.17 57.74
N ALA J 246 48.92 77.99 59.05
CA ALA J 246 47.83 77.17 59.57
C ALA J 246 46.51 77.73 59.17
N TYR J 247 46.42 79.03 58.93
CA TYR J 247 45.16 79.69 58.53
C TYR J 247 44.85 79.43 57.11
N ALA J 248 45.81 79.30 56.25
CA ALA J 248 45.55 78.91 54.84
C ALA J 248 45.05 77.52 54.78
N MET J 249 45.63 76.61 55.55
CA MET J 249 45.09 75.24 55.66
C MET J 249 43.71 75.30 56.22
N ALA J 250 43.46 76.15 57.21
CA ALA J 250 42.12 76.27 57.81
C ALA J 250 41.13 76.73 56.79
N VAL J 251 41.41 77.79 56.05
CA VAL J 251 40.57 78.27 54.95
C VAL J 251 40.32 77.18 53.98
N ASN J 252 41.30 76.32 53.72
CA ASN J 252 41.09 75.19 52.81
C ASN J 252 40.14 74.20 53.39
N ILE J 253 40.18 73.99 54.70
CA ILE J 253 39.28 73.03 55.36
C ILE J 253 37.86 73.57 55.33
N ASN J 254 37.66 74.80 55.74
CA ASN J 254 36.34 75.42 55.69
C ASN J 254 35.80 75.46 54.28
N ARG J 255 36.63 75.76 53.30
CA ARG J 255 36.19 75.72 51.91
C ARG J 255 35.75 74.37 51.51
N SER J 256 36.55 73.36 51.82
CA SER J 256 36.22 71.97 51.49
C SER J 256 34.89 71.60 52.08
N PHE J 257 34.63 71.96 53.34
CA PHE J 257 33.37 71.62 53.96
C PHE J 257 32.25 72.38 53.31
N LYS J 258 32.37 73.68 53.13
CA LYS J 258 31.30 74.49 52.52
C LYS J 258 30.90 73.94 51.21
N LEU J 259 31.85 73.65 50.31
CA LEU J 259 31.50 73.14 48.99
C LEU J 259 30.99 71.73 49.03
N TYR J 260 31.79 70.81 49.55
CA TYR J 260 31.53 69.38 49.42
C TYR J 260 30.88 68.75 50.63
N GLY J 261 30.65 69.50 51.70
CA GLY J 261 30.13 68.93 52.92
C GLY J 261 31.11 68.16 53.75
N TRP J 262 32.27 67.90 53.24
CA TRP J 262 33.33 67.15 53.93
C TRP J 262 34.65 67.85 53.74
N CYS J 263 35.55 67.55 54.68
CA CYS J 263 36.92 68.08 54.64
C CYS J 263 37.84 67.18 53.83
N SER J 264 37.26 66.28 53.04
CA SER J 264 38.07 65.30 52.32
C SER J 264 39.09 65.89 51.37
N ARG J 265 38.73 66.91 50.60
CA ARG J 265 39.73 67.50 49.72
C ARG J 265 40.21 68.85 50.23
N ILE J 266 41.35 68.83 50.89
CA ILE J 266 41.98 70.02 51.43
C ILE J 266 43.41 70.11 50.91
N ARG J 267 43.75 69.27 49.96
CA ARG J 267 45.10 69.24 49.45
C ARG J 267 45.17 69.32 47.93
N GLY J 268 46.36 69.20 47.35
CA GLY J 268 46.53 69.16 45.92
C GLY J 268 46.47 70.52 45.28
N VAL J 269 47.04 70.64 44.08
CA VAL J 269 47.00 71.89 43.34
C VAL J 269 45.58 72.14 42.81
N GLU J 270 45.07 71.18 42.04
CA GLU J 270 43.73 71.30 41.45
C GLU J 270 42.63 70.55 42.25
N SER J 271 43.01 69.92 43.34
CA SER J 271 42.05 69.18 44.15
C SER J 271 41.52 69.93 45.32
N GLY J 272 41.81 71.22 45.42
CA GLY J 272 41.27 72.06 46.48
C GLY J 272 42.24 72.47 47.56
N GLY J 273 43.51 72.24 47.40
CA GLY J 273 44.50 72.69 48.36
C GLY J 273 45.19 73.94 47.92
N GLU J 274 44.59 74.73 47.04
CA GLU J 274 45.20 75.93 46.51
C GLU J 274 45.00 77.12 47.40
N VAL J 275 46.03 77.92 47.54
CA VAL J 275 45.98 79.20 48.26
C VAL J 275 46.24 80.30 47.20
N GLN J 276 45.19 81.03 46.85
CA GLN J 276 45.25 81.99 45.77
C GLN J 276 45.33 83.40 46.25
N GLY J 277 45.50 84.32 45.32
CA GLY J 277 45.44 85.75 45.68
C GLY J 277 46.52 86.20 46.62
N LEU J 278 47.61 85.48 46.74
CA LEU J 278 48.68 85.85 47.63
C LEU J 278 49.30 87.14 47.23
N PRO J 279 49.62 88.03 48.17
CA PRO J 279 50.29 89.30 47.81
C PRO J 279 51.60 89.05 47.13
N ALA J 280 51.78 89.66 45.96
CA ALA J 280 53.01 89.50 45.19
C ALA J 280 53.70 90.85 45.18
N HIS J 281 54.81 91.00 45.89
CA HIS J 281 55.55 92.25 45.98
C HIS J 281 56.68 92.21 44.97
N THR J 282 56.58 93.04 43.93
CA THR J 282 57.58 93.08 42.87
C THR J 282 58.48 94.28 43.05
N PHE J 283 59.78 94.04 43.18
CA PHE J 283 60.76 95.11 43.33
C PHE J 283 61.81 95.00 42.23
N PRO J 284 62.29 96.12 41.72
CA PRO J 284 63.30 96.07 40.65
C PRO J 284 64.66 95.62 41.20
N THR J 285 65.37 94.87 40.37
CA THR J 285 66.73 94.46 40.70
C THR J 285 67.68 94.84 39.56
N ASP J 286 68.93 94.41 39.65
CA ASP J 286 69.91 94.79 38.65
C ASP J 286 69.55 94.23 37.28
N ASP J 287 70.10 94.86 36.24
CA ASP J 287 69.87 94.46 34.86
C ASP J 287 68.39 94.51 34.49
N GLY J 288 67.83 93.38 34.07
CA GLY J 288 66.45 93.37 33.60
C GLY J 288 65.46 93.74 34.68
N GLY J 289 65.80 93.47 35.94
CA GLY J 289 64.92 93.78 37.04
C GLY J 289 63.69 92.89 37.07
N VAL J 290 62.67 93.38 37.78
CA VAL J 290 61.37 92.73 37.88
C VAL J 290 61.51 91.32 38.42
N ASP J 291 61.81 91.20 39.70
CA ASP J 291 61.73 89.95 40.43
C ASP J 291 60.90 90.17 41.69
N MET J 292 60.00 89.24 41.98
CA MET J 292 59.04 89.43 43.05
C MET J 292 59.40 88.60 44.27
N LYS J 293 59.08 89.15 45.44
CA LYS J 293 59.24 88.42 46.69
C LYS J 293 58.31 87.22 46.72
N CYS J 294 58.84 86.07 47.09
CA CYS J 294 58.04 84.85 47.15
C CYS J 294 56.97 84.99 48.23
N PRO J 295 55.70 84.67 47.95
CA PRO J 295 54.63 84.84 48.93
C PRO J 295 54.81 83.94 50.17
N THR J 296 55.10 82.66 49.96
CA THR J 296 55.61 81.84 51.04
C THR J 296 57.11 82.12 51.20
N GLU J 297 57.64 81.92 52.40
CA GLU J 297 58.96 82.44 52.72
C GLU J 297 60.02 81.99 51.79
N ILE J 298 59.91 80.79 51.23
CA ILE J 298 60.93 80.28 50.30
C ILE J 298 60.28 79.27 49.39
N ALA J 299 60.87 79.11 48.22
CA ALA J 299 60.43 78.13 47.24
C ALA J 299 60.90 76.79 47.59
N ILE J 300 60.01 75.79 47.52
CA ILE J 300 60.33 74.40 47.95
C ILE J 300 60.24 73.58 46.66
N SER J 301 61.34 72.93 46.32
CA SER J 301 61.32 71.99 45.21
C SER J 301 60.58 70.74 45.50
N ASP J 302 60.17 70.00 44.48
CA ASP J 302 59.43 68.77 44.66
C ASP J 302 60.17 67.78 45.54
N ARG J 303 61.50 67.78 45.43
CA ARG J 303 62.34 66.91 46.29
C ARG J 303 62.28 67.34 47.76
N ARG J 304 62.43 68.64 48.01
CA ARG J 304 62.24 69.20 49.34
C ARG J 304 60.82 68.95 49.82
N GLU J 305 59.84 69.09 48.94
CA GLU J 305 58.45 68.88 49.35
C GLU J 305 58.23 67.46 49.83
N ALA J 306 58.60 66.48 49.02
CA ALA J 306 58.42 65.10 49.43
C ALA J 306 59.23 64.79 50.66
N GLU J 307 60.38 65.39 50.79
CA GLU J 307 61.25 65.14 51.95
C GLU J 307 60.67 65.74 53.21
N LEU J 308 59.91 66.80 53.11
CA LEU J 308 59.22 67.37 54.27
C LEU J 308 57.95 66.58 54.58
N ALA J 309 57.23 66.14 53.56
CA ALA J 309 56.05 65.34 53.80
C ALA J 309 56.41 63.99 54.38
N LYS J 310 57.63 63.51 54.15
CA LYS J 310 58.09 62.30 54.82
C LYS J 310 58.34 62.53 56.27
N ASN J 311 58.73 63.73 56.63
CA ASN J 311 59.04 64.10 58.03
C ASN J 311 57.85 64.59 58.78
N GLY J 312 56.65 64.49 58.20
CA GLY J 312 55.43 64.85 58.91
C GLY J 312 55.18 66.33 58.95
N PHE J 313 55.37 67.03 57.82
CA PHE J 313 55.04 68.42 57.69
C PHE J 313 54.05 68.58 56.56
N MET J 314 53.40 69.74 56.50
CA MET J 314 52.51 70.10 55.44
C MET J 314 53.08 71.34 54.77
N PRO J 315 53.96 71.17 53.77
CA PRO J 315 54.57 72.33 53.17
C PRO J 315 53.59 73.13 52.36
N LEU J 316 53.65 74.43 52.42
CA LEU J 316 52.97 75.30 51.49
C LEU J 316 53.98 75.80 50.50
N LEU J 317 53.95 75.29 49.29
CA LEU J 317 54.92 75.67 48.28
C LEU J 317 54.33 76.60 47.28
N HIS J 318 55.11 77.58 46.89
CA HIS J 318 54.66 78.62 45.98
C HIS J 318 55.02 78.36 44.53
N LYS J 319 54.02 78.44 43.65
CA LYS J 319 54.23 78.22 42.23
C LYS J 319 55.10 79.36 41.72
N LYS J 320 56.10 79.05 40.92
CA LYS J 320 57.02 80.07 40.41
C LYS J 320 56.39 81.13 39.51
N ASN J 321 56.80 82.38 39.70
CA ASN J 321 56.33 83.50 38.88
C ASN J 321 54.83 83.73 38.89
N THR J 322 54.16 83.35 39.97
CA THR J 322 52.72 83.48 40.11
C THR J 322 52.39 83.69 41.58
N ASP J 323 51.25 84.33 41.84
CA ASP J 323 50.80 84.51 43.17
C ASP J 323 50.09 83.25 43.73
N PHE J 324 49.91 82.26 42.94
CA PHE J 324 49.32 80.99 43.33
C PHE J 324 50.25 80.23 44.24
N ALA J 325 49.68 79.42 45.12
CA ALA J 325 50.42 78.50 46.01
C ALA J 325 49.50 77.40 46.43
N ALA J 326 50.05 76.28 46.87
CA ALA J 326 49.23 75.12 47.16
C ALA J 326 49.86 74.23 48.20
N PHE J 327 49.03 73.40 48.83
CA PHE J 327 49.44 72.27 49.66
C PHE J 327 49.40 71.03 48.83
N ILE J 328 50.57 70.45 48.55
CA ILE J 328 50.62 69.27 47.66
C ILE J 328 50.04 68.07 48.36
N GLY J 329 50.30 67.94 49.65
CA GLY J 329 49.72 66.82 50.42
C GLY J 329 49.62 67.25 51.85
N ALA J 330 48.67 66.58 52.54
CA ALA J 330 48.44 66.80 53.97
C ALA J 330 48.84 65.55 54.69
N GLN J 331 49.96 65.59 55.40
CA GLN J 331 50.47 64.46 56.17
C GLN J 331 50.55 64.90 57.60
N SER J 332 49.97 64.11 58.50
CA SER J 332 49.98 64.45 59.90
C SER J 332 51.36 64.27 60.48
N LEU J 333 51.55 64.59 61.75
CA LEU J 333 52.84 64.46 62.39
C LEU J 333 53.23 63.04 62.59
N GLN J 334 52.28 62.13 62.56
CA GLN J 334 52.60 60.75 62.82
C GLN J 334 53.39 60.03 61.71
N LYS J 335 54.46 59.35 62.14
CA LYS J 335 55.25 58.53 61.23
C LYS J 335 54.63 57.16 61.16
N PRO J 336 53.98 56.78 60.06
CA PRO J 336 53.30 55.49 60.02
C PRO J 336 54.28 54.34 60.07
N ALA J 337 54.04 53.36 60.89
CA ALA J 337 54.97 52.24 61.03
C ALA J 337 54.77 51.24 59.94
N GLU J 338 55.88 50.64 59.50
CA GLU J 338 55.84 49.60 58.48
C GLU J 338 55.37 48.27 59.09
N TYR J 339 54.74 47.42 58.28
CA TYR J 339 54.26 46.14 58.75
C TYR J 339 54.63 45.05 57.76
N ASP J 340 54.51 43.80 58.18
CA ASP J 340 54.78 42.70 57.29
C ASP J 340 53.78 42.65 56.14
N ASP J 341 52.50 42.60 56.46
CA ASP J 341 51.47 42.55 55.44
C ASP J 341 51.36 43.91 54.76
N PRO J 342 51.37 43.98 53.45
CA PRO J 342 51.20 45.26 52.76
C PRO J 342 49.85 45.90 53.05
N ASP J 343 48.82 45.10 53.36
CA ASP J 343 47.53 45.67 53.70
C ASP J 343 47.57 46.42 55.02
N ALA J 344 48.26 45.86 56.00
CA ALA J 344 48.43 46.55 57.28
C ALA J 344 49.27 47.79 57.14
N THR J 345 50.24 47.78 56.24
CA THR J 345 51.05 48.97 55.98
C THR J 345 50.20 50.03 55.29
N ALA J 346 49.30 49.62 54.39
CA ALA J 346 48.40 50.56 53.76
C ALA J 346 47.51 51.20 54.79
N ASN J 347 46.83 50.39 55.62
CA ASN J 347 45.99 50.94 56.67
C ASN J 347 46.75 51.82 57.60
N ALA J 348 48.02 51.52 57.83
CA ALA J 348 48.84 52.35 58.70
C ALA J 348 49.21 53.65 58.04
N ASN J 349 49.30 53.68 56.70
CA ASN J 349 49.61 54.93 56.01
C ASN J 349 48.38 55.81 55.89
N LEU J 350 47.21 55.23 55.69
CA LEU J 350 45.98 56.01 55.55
C LEU J 350 45.69 56.83 56.81
N ALA J 351 45.95 56.22 57.97
CA ALA J 351 45.69 56.88 59.22
C ALA J 351 46.55 58.10 59.44
N ALA J 352 47.72 58.17 58.78
CA ALA J 352 48.61 59.30 58.99
C ALA J 352 48.29 60.49 58.13
N ARG J 353 47.29 60.41 57.25
CA ARG J 353 46.97 61.47 56.30
C ARG J 353 45.68 62.17 56.76
N LEU J 354 45.75 63.48 56.93
CA LEU J 354 44.66 64.28 57.39
C LEU J 354 43.39 64.18 56.52
N PRO J 355 43.50 64.12 55.16
CA PRO J 355 42.29 64.04 54.36
C PRO J 355 41.35 62.92 54.78
N TYR J 356 41.89 61.78 55.21
CA TYR J 356 41.06 60.70 55.66
C TYR J 356 40.62 60.87 57.12
N LEU J 357 41.50 61.34 57.98
CA LEU J 357 41.16 61.53 59.37
C LEU J 357 40.03 62.54 59.53
N PHE J 358 39.89 63.49 58.62
CA PHE J 358 38.75 64.37 58.65
C PHE J 358 37.48 63.62 58.38
N ALA J 359 37.53 62.66 57.47
CA ALA J 359 36.36 61.83 57.17
C ALA J 359 35.96 61.04 58.41
N THR J 360 36.89 60.28 58.99
CA THR J 360 36.54 59.47 60.13
C THR J 360 36.13 60.31 61.34
N CYS J 361 36.73 61.44 61.51
CA CYS J 361 36.32 62.36 62.58
C CYS J 361 34.88 62.82 62.36
N ARG J 362 34.52 63.17 61.13
CA ARG J 362 33.16 63.57 60.85
C ARG J 362 32.20 62.45 61.14
N PHE J 363 32.53 61.23 60.74
CA PHE J 363 31.68 60.08 61.08
C PHE J 363 31.58 59.88 62.58
N ALA J 364 32.62 60.24 63.33
CA ALA J 364 32.55 60.16 64.77
C ALA J 364 31.57 61.15 65.33
N HIS J 365 31.56 62.37 64.81
CA HIS J 365 30.59 63.36 65.24
C HIS J 365 29.18 62.91 64.93
N TYR J 366 28.91 62.53 63.68
CA TYR J 366 27.61 62.06 63.32
C TYR J 366 27.16 60.92 64.19
N LEU J 367 27.98 59.89 64.32
CA LEU J 367 27.62 58.70 65.11
C LEU J 367 27.34 59.06 66.52
N LYS J 368 28.13 59.95 67.09
CA LYS J 368 27.90 60.41 68.48
C LYS J 368 26.51 61.00 68.62
N CYS J 369 26.16 61.94 67.77
CA CYS J 369 24.88 62.62 67.91
C CYS J 369 23.71 61.66 67.65
N ILE J 370 23.77 60.89 66.54
CA ILE J 370 22.63 60.08 66.18
C ILE J 370 22.42 58.94 67.15
N VAL J 371 23.51 58.32 67.61
CA VAL J 371 23.36 57.24 68.59
C VAL J 371 22.92 57.79 69.91
N ARG J 372 23.46 58.92 70.33
CA ARG J 372 23.01 59.57 71.56
C ARG J 372 21.54 59.86 71.52
N ASP J 373 21.00 60.19 70.36
CA ASP J 373 19.55 60.39 70.23
C ASP J 373 18.79 59.09 70.13
N LYS J 374 19.45 57.99 69.73
CA LYS J 374 18.79 56.70 69.62
C LYS J 374 18.81 55.90 70.92
N ILE J 375 19.41 56.42 71.99
CA ILE J 375 19.45 55.71 73.26
C ILE J 375 18.04 55.64 73.82
N GLY J 376 17.61 54.41 74.18
CA GLY J 376 16.28 54.24 74.70
C GLY J 376 15.27 53.65 73.76
N SER J 377 15.66 53.43 72.53
CA SER J 377 14.80 52.78 71.54
C SER J 377 14.99 51.29 71.52
N PHE J 378 13.97 50.55 71.27
CA PHE J 378 14.04 49.08 71.28
C PHE J 378 14.96 48.59 70.20
N LYS J 379 16.02 47.90 70.58
CA LYS J 379 17.09 47.50 69.65
C LYS J 379 17.63 46.16 70.09
N GLU J 380 17.76 45.25 69.10
CA GLU J 380 18.48 44.01 69.25
C GLU J 380 19.80 44.10 68.51
N LYS J 381 20.59 43.03 68.54
CA LYS J 381 21.83 43.02 67.77
C LYS J 381 21.51 43.18 66.29
N ASP J 382 20.47 42.47 65.80
CA ASP J 382 20.11 42.57 64.41
C ASP J 382 19.56 43.95 64.06
N GLU J 383 18.78 44.54 64.99
CA GLU J 383 18.25 45.87 64.75
C GLU J 383 19.37 46.89 64.65
N MET J 384 20.33 46.85 65.56
CA MET J 384 21.49 47.73 65.48
C MET J 384 22.31 47.46 64.23
N GLN J 385 22.40 46.20 63.81
CA GLN J 385 23.12 45.89 62.57
C GLN J 385 22.46 46.54 61.38
N ARG J 386 21.13 46.50 61.30
CA ARG J 386 20.45 47.08 60.15
C ARG J 386 20.48 48.58 60.21
N TRP J 387 20.40 49.16 61.40
CA TRP J 387 20.37 50.62 61.51
C TRP J 387 21.71 51.24 61.25
N LEU J 388 22.77 50.64 61.79
CA LEU J 388 24.14 51.13 61.52
C LEU J 388 24.57 50.82 60.11
N GLN J 389 24.26 49.61 59.64
CA GLN J 389 24.62 49.21 58.27
C GLN J 389 23.93 50.09 57.26
N ASP J 390 22.65 50.38 57.46
CA ASP J 390 21.93 51.24 56.53
C ASP J 390 22.18 52.72 56.80
N TRP J 391 22.72 53.08 57.96
CA TRP J 391 23.05 54.47 58.17
C TRP J 391 24.37 54.83 57.52
N ILE J 392 25.37 53.97 57.65
CA ILE J 392 26.69 54.25 57.05
C ILE J 392 26.62 54.16 55.55
N LEU J 393 25.58 53.49 55.01
CA LEU J 393 25.56 53.16 53.58
C LEU J 393 25.01 54.27 52.72
N ASN J 394 24.54 55.38 53.32
CA ASN J 394 24.12 56.51 52.51
C ASN J 394 25.23 57.49 52.26
N TYR J 395 26.39 57.32 52.91
CA TYR J 395 27.59 58.08 52.58
C TYR J 395 28.50 57.34 51.61
N VAL J 396 28.07 56.19 51.10
CA VAL J 396 28.85 55.39 50.16
C VAL J 396 28.11 55.37 48.84
N ASP J 397 28.87 55.60 47.76
CA ASP J 397 28.27 55.51 46.40
C ASP J 397 28.74 54.19 45.75
N GLY J 398 27.83 53.24 45.68
CA GLY J 398 28.21 51.88 45.30
C GLY J 398 28.31 51.66 43.79
N ASP J 399 27.25 52.01 43.07
CA ASP J 399 27.21 51.88 41.62
C ASP J 399 28.19 52.76 40.82
N PRO J 400 28.37 54.00 41.26
CA PRO J 400 29.20 54.97 40.54
C PRO J 400 30.65 55.11 40.99
N ALA J 401 31.14 54.23 41.85
CA ALA J 401 32.51 54.32 42.32
C ALA J 401 33.62 54.58 41.26
N HIS J 402 33.59 53.90 40.12
CA HIS J 402 34.63 54.19 39.15
C HIS J 402 34.33 55.46 38.34
N SER J 403 33.05 55.69 38.02
CA SER J 403 32.67 56.86 37.21
C SER J 403 31.88 57.82 38.08
N THR J 404 32.58 58.85 38.55
CA THR J 404 32.04 59.97 39.34
C THR J 404 33.10 61.09 39.44
N GLU J 405 32.70 62.32 39.79
CA GLU J 405 33.76 63.34 39.90
C GLU J 405 33.67 64.09 41.23
N THR J 406 32.61 64.90 41.40
CA THR J 406 32.39 65.63 42.63
C THR J 406 31.74 64.77 43.70
N THR J 407 30.95 63.76 43.31
CA THR J 407 30.27 62.97 44.36
C THR J 407 31.30 62.15 45.17
N LYS J 408 32.45 61.82 44.56
CA LYS J 408 33.49 61.17 45.34
C LYS J 408 33.99 62.05 46.47
N ALA J 409 33.89 63.37 46.31
CA ALA J 409 34.20 64.28 47.40
C ALA J 409 33.06 64.38 48.38
N GLN J 410 31.82 64.29 47.89
CA GLN J 410 30.67 64.38 48.79
C GLN J 410 30.41 63.07 49.48
N HIS J 411 30.65 61.94 48.82
CA HIS J 411 30.59 60.66 49.50
C HIS J 411 32.02 60.21 49.76
N PRO J 412 32.52 60.33 51.00
CA PRO J 412 33.95 60.09 51.23
C PRO J 412 34.34 58.61 51.17
N LEU J 413 33.38 57.67 51.26
CA LEU J 413 33.68 56.28 51.40
C LEU J 413 33.38 55.52 50.13
N ALA J 414 34.32 54.67 49.68
CA ALA J 414 34.06 53.78 48.58
C ALA J 414 33.29 52.54 49.03
N ALA J 415 33.42 52.15 50.29
CA ALA J 415 32.69 51.02 50.84
C ALA J 415 32.65 51.12 52.35
N ALA J 416 31.74 50.40 52.97
CA ALA J 416 31.55 50.44 54.41
C ALA J 416 31.13 49.10 54.92
N GLU J 417 31.67 48.69 56.07
CA GLU J 417 31.38 47.37 56.66
C GLU J 417 31.26 47.55 58.15
N VAL J 418 30.22 46.97 58.71
CA VAL J 418 29.88 47.14 60.14
C VAL J 418 29.82 45.72 60.73
N VAL J 419 30.50 45.53 61.86
CA VAL J 419 30.40 44.33 62.65
C VAL J 419 29.91 44.72 64.02
N VAL J 420 28.71 44.26 64.38
CA VAL J 420 28.07 44.60 65.66
C VAL J 420 28.19 43.35 66.55
N GLU J 421 28.51 43.59 67.83
CA GLU J 421 28.62 42.52 68.80
C GLU J 421 27.99 43.00 70.10
N GLU J 422 27.10 42.20 70.66
CA GLU J 422 26.46 42.54 71.92
C GLU J 422 27.38 42.23 73.10
N VAL J 423 27.51 43.16 74.03
CA VAL J 423 28.36 42.95 75.20
C VAL J 423 27.69 41.88 76.07
N GLU J 424 28.44 40.82 76.37
CA GLU J 424 27.93 39.73 77.21
C GLU J 424 27.77 40.21 78.64
N GLY J 425 26.79 39.66 79.35
CA GLY J 425 26.58 40.06 80.71
C GLY J 425 25.99 41.45 80.88
N ASN J 426 25.14 41.86 79.94
CA ASN J 426 24.55 43.19 79.97
C ASN J 426 23.54 43.30 78.80
N PRO J 427 22.33 43.78 79.04
CA PRO J 427 21.44 44.10 77.94
C PRO J 427 21.69 45.48 77.38
N GLY J 428 21.28 45.66 76.11
CA GLY J 428 21.22 47.04 75.58
C GLY J 428 22.57 47.68 75.31
N TYR J 429 23.69 47.02 75.66
CA TYR J 429 25.02 47.55 75.37
C TYR J 429 25.62 46.73 74.27
N TYR J 430 26.19 47.43 73.26
CA TYR J 430 26.77 46.74 72.10
C TYR J 430 28.14 47.30 71.78
N ASN J 431 28.95 46.51 71.11
CA ASN J 431 30.25 46.93 70.55
C ASN J 431 30.18 46.84 69.04
N SER J 432 30.65 47.87 68.36
CA SER J 432 30.60 47.92 66.90
C SER J 432 31.95 48.25 66.34
N LYS J 433 32.20 47.78 65.12
CA LYS J 433 33.41 48.11 64.37
C LYS J 433 32.99 48.60 63.01
N PHE J 434 33.45 49.77 62.62
CA PHE J 434 33.18 50.36 61.33
C PHE J 434 34.41 50.27 60.46
N PHE J 435 34.35 49.46 59.42
CA PHE J 435 35.40 49.38 58.42
C PHE J 435 34.95 50.17 57.22
N LEU J 436 35.59 51.34 57.01
CA LEU J 436 35.19 52.22 55.91
C LEU J 436 36.40 52.48 55.02
N ARG J 437 36.26 52.18 53.73
CA ARG J 437 37.34 52.33 52.77
C ARG J 437 37.21 53.67 52.07
N PRO J 438 38.14 54.61 52.30
CA PRO J 438 38.04 55.92 51.66
C PRO J 438 38.41 55.88 50.20
N HIS J 439 38.06 56.94 49.48
CA HIS J 439 38.53 57.10 48.11
C HIS J 439 40.01 57.48 48.10
N TYR J 440 40.82 56.68 47.41
CA TYR J 440 42.25 56.95 47.37
C TYR J 440 42.52 58.25 46.65
N GLN J 441 43.63 58.89 46.99
CA GLN J 441 44.07 60.11 46.33
C GLN J 441 45.45 59.95 45.74
N LEU J 442 45.68 60.48 44.56
CA LEU J 442 47.00 60.32 43.91
C LEU J 442 48.07 60.95 44.78
N GLU J 443 49.04 60.16 45.19
CA GLU J 443 50.13 60.62 46.04
C GLU J 443 51.45 60.84 45.32
N GLY J 444 51.83 59.90 44.47
CA GLY J 444 53.06 60.04 43.68
C GLY J 444 53.06 59.14 42.49
N LEU J 445 53.96 59.35 41.56
CA LEU J 445 54.01 58.49 40.37
C LEU J 445 55.41 58.46 39.86
N THR J 446 55.96 57.24 39.71
CA THR J 446 57.28 57.07 39.08
C THR J 446 57.02 56.55 37.68
N VAL J 447 57.54 57.23 36.66
CA VAL J 447 57.34 56.84 35.28
C VAL J 447 58.66 56.51 34.67
N SER J 448 58.76 55.37 34.01
CA SER J 448 59.94 54.99 33.19
C SER J 448 59.50 54.93 31.75
N LEU J 449 59.97 55.86 30.95
CA LEU J 449 59.61 55.92 29.51
C LEU J 449 60.59 55.00 28.77
N ARG J 450 60.07 54.30 27.78
CA ARG J 450 60.92 53.35 27.02
C ARG J 450 60.74 53.55 25.52
N LEU J 451 61.80 53.89 24.80
CA LEU J 451 61.74 53.91 23.36
C LEU J 451 61.83 52.51 22.81
N VAL J 452 60.79 52.04 22.12
CA VAL J 452 60.62 50.66 21.79
C VAL J 452 60.31 50.56 20.31
N SER J 453 61.00 49.63 19.63
CA SER J 453 60.75 49.38 18.21
C SER J 453 59.53 48.51 18.02
N LYS J 454 59.31 47.52 18.87
CA LYS J 454 58.16 46.62 18.74
C LYS J 454 57.49 46.54 20.10
N LEU J 455 56.24 47.00 20.19
CA LEU J 455 55.54 47.08 21.45
C LEU J 455 55.55 45.77 22.22
N PRO J 456 56.01 45.76 23.44
CA PRO J 456 56.15 44.45 24.16
C PRO J 456 54.82 43.85 24.52
N SER J 457 53.77 44.68 24.71
CA SER J 457 52.48 44.13 25.12
C SER J 457 51.81 43.42 23.95
N ALA J 458 51.60 44.14 22.84
CA ALA J 458 50.88 43.53 21.72
C ALA J 458 51.70 43.08 20.48
N LYS J 459 52.58 43.95 19.98
CA LYS J 459 53.32 43.65 18.78
C LYS J 459 54.25 42.43 18.98
N GLU J 460 54.87 42.36 20.17
CA GLU J 460 55.77 41.28 20.50
C GLU J 460 55.05 40.30 21.43
N ALA J 461 54.73 39.11 20.90
CA ALA J 461 53.98 38.11 21.64
C ALA J 461 53.87 36.87 20.67
N THR K 1 -59.69 24.16 54.76
CA THR K 1 -60.70 23.78 55.74
C THR K 1 -61.63 22.71 55.18
N THR K 2 -61.05 21.79 54.41
CA THR K 2 -61.75 20.67 53.78
C THR K 2 -63.10 21.01 53.11
N SER K 3 -63.02 21.59 51.92
CA SER K 3 -64.19 21.97 51.14
C SER K 3 -65.25 20.89 51.02
N SER K 4 -66.51 21.29 51.14
CA SER K 4 -67.64 20.36 51.06
C SER K 4 -67.52 19.42 49.91
N GLN K 5 -66.81 19.78 48.86
CA GLN K 5 -66.51 18.85 47.77
C GLN K 5 -65.76 17.67 48.26
N LYS K 6 -64.90 17.83 49.25
CA LYS K 6 -64.21 16.71 49.90
C LYS K 6 -65.15 15.89 50.70
N PHE K 7 -66.13 16.48 51.35
CA PHE K 7 -67.16 15.70 52.05
C PHE K 7 -67.91 14.84 51.07
N ILE K 8 -68.33 15.40 49.95
CA ILE K 8 -69.01 14.62 48.91
C ILE K 8 -68.08 13.53 48.38
N ALA K 9 -66.79 13.81 48.32
CA ALA K 9 -65.83 12.86 47.78
C ALA K 9 -65.64 11.68 48.67
N ARG K 10 -65.37 11.91 49.94
CA ARG K 10 -65.07 10.82 50.87
C ARG K 10 -66.29 10.15 51.39
N ASN K 11 -67.41 10.83 51.48
CA ASN K 11 -68.59 10.28 52.13
C ASN K 11 -69.47 9.38 51.30
N ARG K 12 -70.00 9.87 50.22
CA ARG K 12 -70.73 9.00 49.21
C ARG K 12 -70.33 9.66 47.90
N ALA K 13 -69.52 8.94 47.16
CA ALA K 13 -68.89 9.55 46.01
C ALA K 13 -69.61 9.18 44.76
N PRO K 14 -69.97 10.17 43.89
CA PRO K 14 -70.41 9.85 42.59
C PRO K 14 -69.29 9.19 41.78
N ARG K 15 -69.64 8.44 40.73
CA ARG K 15 -68.62 7.88 39.88
C ARG K 15 -67.76 8.99 39.28
N VAL K 16 -68.38 10.13 38.95
CA VAL K 16 -67.66 11.31 38.50
C VAL K 16 -67.68 12.32 39.62
N GLN K 17 -66.56 12.56 40.27
CA GLN K 17 -66.48 13.49 41.41
C GLN K 17 -65.50 14.56 41.02
N ILE K 18 -65.98 15.81 41.00
CA ILE K 18 -65.15 16.94 40.52
C ILE K 18 -65.00 17.91 41.67
N GLU K 19 -63.78 18.11 42.11
CA GLU K 19 -63.44 19.03 43.18
C GLU K 19 -62.52 20.10 42.64
N TYR K 20 -62.49 21.24 43.32
CA TYR K 20 -61.56 22.30 43.01
C TYR K 20 -60.67 22.54 44.18
N ASP K 21 -59.36 22.49 43.97
CA ASP K 21 -58.40 22.76 45.05
C ASP K 21 -57.36 23.74 44.58
N VAL K 22 -57.03 24.71 45.43
CA VAL K 22 -56.05 25.75 45.12
C VAL K 22 -54.66 25.02 45.05
N GLU K 23 -53.87 25.42 44.04
CA GLU K 23 -52.57 24.87 43.89
C GLU K 23 -51.51 25.68 44.58
N LEU K 24 -50.87 25.13 45.60
CA LEU K 24 -49.74 25.73 46.30
C LEU K 24 -48.61 24.73 46.31
N TYR K 25 -47.54 25.01 45.58
CA TYR K 25 -46.42 24.11 45.48
C TYR K 25 -45.71 23.84 46.77
N GLY K 26 -45.34 24.90 47.46
CA GLY K 26 -44.64 24.79 48.73
C GLY K 26 -45.42 25.12 49.98
N ALA K 27 -46.69 25.51 49.83
CA ALA K 27 -47.55 25.86 50.96
C ALA K 27 -46.86 26.91 51.81
N GLU K 28 -46.78 26.67 53.12
CA GLU K 28 -46.10 27.58 54.03
C GLU K 28 -46.51 29.05 53.98
N LYS K 29 -47.77 29.33 54.30
CA LYS K 29 -48.30 30.69 54.29
C LYS K 29 -47.60 31.62 55.30
N LYS K 30 -47.59 32.92 54.99
CA LYS K 30 -46.93 33.92 55.83
C LYS K 30 -47.48 34.05 57.24
N VAL K 31 -46.60 34.44 58.17
CA VAL K 31 -46.92 34.44 59.59
C VAL K 31 -47.73 35.67 60.00
N GLN K 32 -47.77 36.73 59.19
CA GLN K 32 -48.52 37.94 59.54
C GLN K 32 -47.83 38.58 60.75
N LEU K 33 -48.52 38.60 61.90
CA LEU K 33 -47.97 39.13 63.15
C LEU K 33 -47.68 40.62 63.05
N PRO K 34 -48.72 41.46 63.12
CA PRO K 34 -48.51 42.91 63.10
C PRO K 34 -47.64 43.41 64.23
N PHE K 35 -47.11 44.62 64.05
CA PHE K 35 -46.25 45.26 65.03
C PHE K 35 -47.10 46.16 65.91
N VAL K 36 -47.22 45.78 67.18
CA VAL K 36 -47.92 46.59 68.16
C VAL K 36 -46.88 47.29 69.02
N MET K 37 -47.16 48.52 69.44
CA MET K 37 -46.28 49.26 70.33
C MET K 37 -47.05 49.64 71.58
N GLY K 38 -46.69 49.05 72.71
CA GLY K 38 -47.35 49.36 73.97
C GLY K 38 -46.73 50.59 74.57
N VAL K 39 -47.56 51.53 75.01
CA VAL K 39 -47.04 52.76 75.58
C VAL K 39 -47.50 52.96 77.02
N MET K 40 -46.57 53.28 77.90
CA MET K 40 -46.88 53.50 79.30
C MET K 40 -46.61 54.95 79.60
N ALA K 41 -47.54 55.62 80.25
CA ALA K 41 -47.36 57.04 80.51
C ALA K 41 -48.21 57.44 81.72
N ASP K 42 -47.89 58.58 82.29
CA ASP K 42 -48.67 59.11 83.42
C ASP K 42 -49.75 60.01 82.86
N LEU K 43 -51.00 59.57 82.96
CA LEU K 43 -52.14 60.30 82.46
C LEU K 43 -53.19 60.39 83.55
N ALA K 44 -54.03 61.43 83.47
CA ALA K 44 -55.03 61.73 84.49
C ALA K 44 -54.35 61.93 85.85
N GLY K 45 -53.33 62.78 85.86
CA GLY K 45 -52.60 63.06 87.08
C GLY K 45 -53.48 63.71 88.12
N LYS K 46 -53.42 63.20 89.35
CA LYS K 46 -54.28 63.65 90.45
C LYS K 46 -55.74 63.55 90.06
N PRO K 47 -56.27 62.34 89.91
CA PRO K 47 -57.69 62.19 89.56
C PRO K 47 -58.58 62.48 90.76
N ALA K 48 -59.86 62.76 90.45
CA ALA K 48 -60.82 63.07 91.51
C ALA K 48 -61.38 61.86 92.24
N GLU K 49 -61.30 60.68 91.63
CA GLU K 49 -61.86 59.47 92.21
C GLU K 49 -60.70 58.53 92.52
N PRO K 50 -60.95 57.38 93.16
CA PRO K 50 -59.89 56.36 93.27
C PRO K 50 -59.38 55.85 91.93
N GLN K 51 -60.06 56.15 90.83
CA GLN K 51 -59.73 55.65 89.50
C GLN K 51 -59.87 54.13 89.45
N ALA K 52 -58.80 53.43 89.09
CA ALA K 52 -58.88 51.98 88.95
C ALA K 52 -57.64 51.35 89.55
N ALA K 53 -57.84 50.18 90.15
CA ALA K 53 -56.71 49.43 90.68
C ALA K 53 -55.88 48.86 89.55
N VAL K 54 -54.62 48.55 89.86
CA VAL K 54 -53.71 47.97 88.88
C VAL K 54 -54.20 46.56 88.53
N ALA K 55 -53.77 46.08 87.36
CA ALA K 55 -54.17 44.80 86.76
C ALA K 55 -55.58 44.88 86.21
N ASP K 56 -56.34 45.91 86.59
CA ASP K 56 -57.61 46.21 85.97
C ASP K 56 -57.54 47.31 84.93
N ARG K 57 -56.37 47.93 84.76
CA ARG K 57 -56.23 49.02 83.79
C ARG K 57 -56.03 48.52 82.38
N LYS K 58 -55.30 47.43 82.22
CA LYS K 58 -55.09 46.85 80.90
C LYS K 58 -54.33 47.80 79.99
N PHE K 59 -54.38 47.52 78.69
CA PHE K 59 -53.77 48.35 77.67
C PHE K 59 -54.90 48.66 76.71
N LEU K 60 -55.11 49.92 76.39
CA LEU K 60 -56.20 50.27 75.51
C LEU K 60 -55.68 50.76 74.17
N GLU K 61 -56.18 50.18 73.10
CA GLU K 61 -55.73 50.58 71.78
C GLU K 61 -56.09 52.02 71.54
N ILE K 62 -55.17 52.74 70.92
CA ILE K 62 -55.34 54.16 70.62
C ILE K 62 -54.92 54.38 69.16
N ASP K 63 -55.47 55.42 68.57
CA ASP K 63 -55.23 55.81 67.20
C ASP K 63 -55.77 57.21 67.01
N VAL K 64 -55.77 57.71 65.77
CA VAL K 64 -56.28 59.02 65.50
C VAL K 64 -57.80 59.06 65.59
N ASP K 65 -58.45 57.91 65.55
CA ASP K 65 -59.91 57.85 65.55
C ASP K 65 -60.46 58.04 66.95
N ASN K 66 -59.96 57.31 67.94
CA ASN K 66 -60.49 57.31 69.29
C ASN K 66 -59.74 58.21 70.24
N PHE K 67 -58.77 58.97 69.76
CA PHE K 67 -57.88 59.74 70.65
C PHE K 67 -58.67 60.61 71.60
N ASP K 68 -59.53 61.44 71.07
CA ASP K 68 -60.39 62.28 71.90
C ASP K 68 -61.33 61.46 72.77
N ALA K 69 -61.76 60.30 72.28
CA ALA K 69 -62.56 59.42 73.12
C ALA K 69 -61.72 58.79 74.20
N ARG K 70 -60.42 58.66 73.98
CA ARG K 70 -59.53 58.16 75.03
C ARG K 70 -59.29 59.23 76.09
N LEU K 71 -59.18 60.50 75.71
CA LEU K 71 -59.10 61.53 76.71
C LEU K 71 -60.41 61.63 77.49
N LYS K 72 -61.52 61.80 76.80
CA LYS K 72 -62.79 61.96 77.47
C LYS K 72 -63.14 60.76 78.31
N ALA K 73 -62.74 59.58 77.89
CA ALA K 73 -62.95 58.38 78.69
C ALA K 73 -62.03 58.36 79.89
N MET K 74 -60.79 58.77 79.72
CA MET K 74 -59.82 58.72 80.80
C MET K 74 -59.97 59.86 81.77
N LYS K 75 -60.57 60.95 81.35
CA LYS K 75 -60.80 62.17 82.16
C LYS K 75 -59.54 62.66 82.86
N PRO K 76 -58.50 63.06 82.11
CA PRO K 76 -57.38 63.70 82.72
C PRO K 76 -57.68 65.03 83.31
N ARG K 77 -57.24 65.23 84.58
CA ARG K 77 -57.61 66.49 85.25
C ARG K 77 -56.43 67.06 85.97
N VAL K 78 -56.53 68.30 86.40
CA VAL K 78 -55.49 69.00 87.13
C VAL K 78 -56.09 69.95 88.09
N ALA K 79 -55.60 69.94 89.32
CA ALA K 79 -56.12 70.83 90.38
C ALA K 79 -54.94 71.38 91.15
N PHE K 80 -54.79 72.71 91.18
CA PHE K 80 -53.75 73.34 91.94
C PHE K 80 -54.06 74.76 92.23
N ASN K 81 -53.34 75.34 93.20
CA ASN K 81 -53.49 76.77 93.55
C ASN K 81 -52.52 77.55 92.72
N VAL K 82 -52.98 78.72 92.27
CA VAL K 82 -52.10 79.57 91.43
C VAL K 82 -52.33 81.01 91.89
N PRO K 83 -51.28 81.85 91.94
CA PRO K 83 -51.50 83.24 92.32
C PRO K 83 -52.51 83.93 91.41
N ASN K 84 -53.35 84.74 92.03
CA ASN K 84 -54.42 85.43 91.28
C ASN K 84 -53.89 86.83 90.95
N VAL K 85 -53.64 87.07 89.67
CA VAL K 85 -53.17 88.38 89.25
C VAL K 85 -54.32 89.31 88.87
N LEU K 86 -55.52 88.75 88.73
CA LEU K 86 -56.68 89.58 88.33
C LEU K 86 -57.08 90.67 89.32
N THR K 87 -57.19 90.33 90.60
CA THR K 87 -57.59 91.31 91.62
C THR K 87 -56.87 91.16 92.97
N GLY K 88 -55.55 91.26 92.98
CA GLY K 88 -54.80 91.13 94.23
C GLY K 88 -55.12 89.79 94.88
N GLU K 89 -55.49 89.81 96.16
CA GLU K 89 -55.89 88.54 96.81
C GLU K 89 -54.64 87.67 97.00
N GLY K 90 -54.62 86.47 96.44
CA GLY K 90 -53.68 85.45 96.81
C GLY K 90 -53.96 84.28 95.80
N ASN K 91 -53.49 83.10 96.22
CA ASN K 91 -53.67 81.92 95.47
C ASN K 91 -55.12 81.73 95.01
N LEU K 92 -55.28 81.30 93.75
CA LEU K 92 -56.55 80.93 93.18
C LEU K 92 -56.57 79.44 92.85
N SER K 93 -57.40 78.69 93.53
CA SER K 93 -57.55 77.25 93.30
C SER K 93 -58.40 77.00 92.12
N LEU K 94 -57.84 76.30 91.11
CA LEU K 94 -58.59 75.99 89.87
C LEU K 94 -58.68 74.49 89.72
N ASP K 95 -59.81 74.03 89.21
CA ASP K 95 -60.00 72.61 88.97
C ASP K 95 -60.31 72.46 87.49
N ILE K 96 -59.46 71.72 86.79
CA ILE K 96 -59.67 71.53 85.36
C ILE K 96 -59.58 70.07 84.93
N THR K 97 -60.57 69.64 84.16
CA THR K 97 -60.56 68.29 83.62
C THR K 97 -60.64 68.42 82.09
N PHE K 98 -59.64 67.87 81.40
CA PHE K 98 -59.52 68.09 79.98
C PHE K 98 -60.21 66.92 79.25
N GLU K 99 -61.26 67.23 78.50
CA GLU K 99 -62.00 66.23 77.75
C GLU K 99 -61.64 66.15 76.27
N SER K 100 -60.67 66.95 75.83
CA SER K 100 -60.30 66.90 74.40
C SER K 100 -58.93 67.49 74.25
N MET K 101 -58.26 67.19 73.14
CA MET K 101 -56.93 67.69 72.93
C MET K 101 -56.90 69.19 72.76
N ASP K 102 -58.05 69.77 72.47
CA ASP K 102 -58.17 71.21 72.32
C ASP K 102 -58.31 71.89 73.69
N ASP K 103 -58.52 71.11 74.74
CA ASP K 103 -58.70 71.68 76.06
C ASP K 103 -57.39 72.07 76.70
N PHE K 104 -56.25 71.74 76.09
CA PHE K 104 -54.98 72.24 76.54
C PHE K 104 -54.62 73.59 75.94
N SER K 105 -55.36 74.04 74.96
CA SER K 105 -55.14 75.37 74.39
C SER K 105 -55.51 76.43 75.39
N PRO K 106 -54.88 77.62 75.31
CA PRO K 106 -55.13 78.63 76.35
C PRO K 106 -56.59 79.14 76.31
N ALA K 107 -57.23 79.17 75.17
CA ALA K 107 -58.61 79.56 75.10
C ALA K 107 -59.51 78.66 75.91
N ALA K 108 -59.40 77.36 75.68
CA ALA K 108 -60.20 76.38 76.43
C ALA K 108 -59.83 76.38 77.91
N VAL K 109 -58.56 76.60 78.23
CA VAL K 109 -58.17 76.75 79.63
C VAL K 109 -58.91 77.90 80.25
N ALA K 110 -59.02 79.02 79.54
CA ALA K 110 -59.75 80.17 80.07
C ALA K 110 -61.25 79.87 80.18
N ARG K 111 -61.79 79.10 79.25
CA ARG K 111 -63.21 78.78 79.30
C ARG K 111 -63.54 77.83 80.45
N LYS K 112 -62.58 77.00 80.87
CA LYS K 112 -62.87 76.04 81.91
C LYS K 112 -62.84 76.66 83.30
N VAL K 113 -61.86 77.54 83.57
CA VAL K 113 -61.85 78.23 84.85
C VAL K 113 -63.01 79.26 84.82
N ASP K 114 -63.84 79.21 85.88
CA ASP K 114 -65.11 79.94 85.84
C ASP K 114 -64.89 81.48 85.85
N SER K 115 -63.95 81.96 86.66
CA SER K 115 -63.66 83.36 86.67
C SER K 115 -63.16 83.84 85.31
N LEU K 116 -62.12 83.19 84.80
CA LEU K 116 -61.62 83.50 83.46
C LEU K 116 -62.70 83.29 82.42
N ASN K 117 -63.69 82.43 82.67
CA ASN K 117 -64.82 82.30 81.77
C ASN K 117 -65.64 83.56 81.78
N LYS K 118 -65.88 84.14 82.96
CA LYS K 118 -66.66 85.37 83.04
C LYS K 118 -65.89 86.53 82.37
N LEU K 119 -64.58 86.61 82.58
CA LEU K 119 -63.81 87.64 81.92
C LEU K 119 -63.77 87.47 80.41
N LEU K 120 -63.58 86.24 79.95
CA LEU K 120 -63.54 85.99 78.53
C LEU K 120 -64.89 86.29 77.87
N GLU K 121 -66.00 85.92 78.54
CA GLU K 121 -67.30 86.26 78.02
C GLU K 121 -67.49 87.78 77.99
N ALA K 122 -66.98 88.48 79.00
CA ALA K 122 -67.02 89.93 78.98
C ALA K 122 -66.30 90.48 77.75
N ARG K 123 -65.13 89.90 77.43
CA ARG K 123 -64.39 90.39 76.29
C ARG K 123 -65.12 90.09 74.97
N THR K 124 -65.74 88.92 74.87
CA THR K 124 -66.46 88.62 73.64
C THR K 124 -67.70 89.48 73.50
N GLN K 125 -68.31 89.87 74.62
CA GLN K 125 -69.48 90.73 74.55
C GLN K 125 -69.09 92.16 74.19
N LEU K 126 -67.92 92.63 74.64
CA LEU K 126 -67.48 93.98 74.30
C LEU K 126 -66.95 94.05 72.89
N ALA K 127 -66.13 93.09 72.49
CA ALA K 127 -65.60 93.06 71.12
C ALA K 127 -66.72 92.79 70.11
N ASN K 128 -67.69 91.97 70.51
CA ASN K 128 -68.89 91.80 69.69
C ASN K 128 -69.78 93.03 69.76
N LEU K 129 -69.62 93.87 70.79
CA LEU K 129 -70.42 95.08 70.92
C LEU K 129 -69.88 96.19 70.03
N LEU K 130 -68.53 96.33 69.94
CA LEU K 130 -67.96 97.36 69.12
C LEU K 130 -68.31 97.18 67.65
N THR K 131 -68.56 95.94 67.23
CA THR K 131 -69.00 95.66 65.87
C THR K 131 -70.51 95.40 65.90
N TYR K 132 -71.27 96.39 65.42
CA TYR K 132 -72.73 96.33 65.31
C TYR K 132 -73.43 95.48 66.39
N ARG L 1 -69.89 131.98 47.61
CA ARG L 1 -68.93 132.33 48.73
C ARG L 1 -69.18 131.32 49.89
N GLU L 2 -69.80 131.83 50.95
CA GLU L 2 -70.21 131.03 52.08
C GLU L 2 -71.66 130.57 51.91
N ALA L 3 -72.37 131.07 50.90
CA ALA L 3 -73.74 130.64 50.69
C ALA L 3 -73.79 129.16 50.24
N VAL L 4 -72.86 128.75 49.36
CA VAL L 4 -72.80 127.35 49.01
C VAL L 4 -72.44 126.50 50.24
N GLU L 5 -71.65 127.06 51.17
CA GLU L 5 -71.34 126.34 52.38
C GLU L 5 -72.59 126.18 53.27
N THR L 6 -73.50 127.13 53.22
CA THR L 6 -74.75 126.98 53.96
C THR L 6 -75.66 125.96 53.27
N ALA L 7 -75.67 125.94 51.94
CA ALA L 7 -76.51 124.98 51.24
C ALA L 7 -76.02 123.54 51.50
N VAL L 8 -74.69 123.32 51.41
CA VAL L 8 -74.18 121.99 51.73
C VAL L 8 -74.23 121.73 53.23
N ARG L 9 -74.34 122.78 54.05
CA ARG L 9 -74.56 122.56 55.47
C ARG L 9 -75.94 121.95 55.71
N THR L 10 -76.99 122.61 55.21
CA THR L 10 -78.33 122.11 55.43
C THR L 10 -78.53 120.77 54.74
N LEU L 11 -78.06 120.64 53.49
CA LEU L 11 -78.20 119.38 52.78
C LEU L 11 -77.43 118.24 53.45
N ALA L 12 -76.14 118.49 53.77
CA ALA L 12 -75.31 117.45 54.31
C ALA L 12 -75.81 117.01 55.69
N GLU L 13 -76.15 117.97 56.55
CA GLU L 13 -76.64 117.61 57.88
C GLU L 13 -77.99 116.90 57.79
N HIS L 14 -78.97 117.52 57.12
CA HIS L 14 -80.30 116.95 57.06
C HIS L 14 -80.26 115.53 56.46
N ALA L 15 -79.56 115.37 55.35
CA ALA L 15 -79.46 114.04 54.76
C ALA L 15 -78.73 113.07 55.68
N LEU L 16 -77.63 113.54 56.28
CA LEU L 16 -76.76 112.65 57.04
C LEU L 16 -77.38 112.10 58.32
N GLU L 17 -77.91 112.96 59.17
CA GLU L 17 -78.41 112.52 60.47
C GLU L 17 -79.93 112.35 60.65
N GLN L 18 -80.73 112.62 59.63
CA GLN L 18 -82.18 112.57 59.79
C GLN L 18 -82.81 111.23 60.20
N THR L 19 -82.27 110.14 59.67
CA THR L 19 -82.80 108.81 59.88
C THR L 19 -81.68 107.79 60.08
N SER L 20 -80.89 107.56 59.04
CA SER L 20 -79.84 106.55 59.09
C SER L 20 -78.68 107.01 59.97
N LEU L 21 -77.65 106.16 60.04
CA LEU L 21 -76.45 106.42 60.84
C LEU L 21 -76.83 106.63 62.30
N ILE L 22 -77.57 105.66 62.84
CA ILE L 22 -78.12 105.79 64.19
C ILE L 22 -76.98 105.82 65.21
N SER L 23 -76.97 106.88 66.03
CA SER L 23 -76.04 107.06 67.15
C SER L 23 -74.61 107.27 66.68
N ASN L 24 -74.31 106.96 65.42
CA ASN L 24 -73.00 107.14 64.82
C ASN L 24 -71.88 106.61 65.72
N ASP L 25 -70.80 107.37 65.84
CA ASP L 25 -69.73 107.09 66.78
C ASP L 25 -69.02 108.39 67.12
N ALA L 26 -68.45 108.45 68.32
CA ALA L 26 -67.68 109.62 68.73
C ALA L 26 -66.27 109.21 69.14
N ILE L 27 -66.14 108.61 70.31
CA ILE L 27 -64.87 108.07 70.79
C ILE L 27 -65.05 106.57 70.89
N LYS L 28 -64.39 105.82 70.01
CA LYS L 28 -64.37 104.37 70.07
C LYS L 28 -63.16 103.85 70.83
N SER L 29 -62.29 104.73 71.32
CA SER L 29 -61.13 104.31 72.10
C SER L 29 -61.50 103.74 73.45
N ILE L 30 -62.77 103.84 73.86
CA ILE L 30 -63.22 103.21 75.09
C ILE L 30 -63.14 101.69 74.97
N GLU L 31 -63.16 101.16 73.75
CA GLU L 31 -63.01 99.74 73.51
C GLU L 31 -61.58 99.25 73.74
N SER L 32 -60.64 100.16 73.99
CA SER L 32 -59.29 99.76 74.37
C SER L 32 -59.25 99.07 75.73
N ILE L 33 -60.37 99.05 76.46
CA ILE L 33 -60.45 98.27 77.68
C ILE L 33 -60.28 96.79 77.38
N ILE L 34 -60.70 96.42 76.17
CA ILE L 34 -60.46 95.03 75.79
C ILE L 34 -58.96 94.75 75.80
N ALA L 35 -58.11 95.73 75.55
CA ALA L 35 -56.68 95.52 75.66
C ALA L 35 -56.29 95.22 77.11
N ALA L 36 -56.91 95.89 78.08
CA ALA L 36 -56.60 95.64 79.48
C ALA L 36 -57.19 94.30 79.93
N LEU L 37 -58.42 93.99 79.49
CA LEU L 37 -59.04 92.73 79.85
C LEU L 37 -58.20 91.54 79.30
N ASP L 38 -57.83 91.66 78.04
CA ASP L 38 -57.02 90.65 77.38
C ASP L 38 -55.68 90.56 78.09
N ALA L 39 -55.13 91.70 78.49
CA ALA L 39 -53.86 91.70 79.18
C ALA L 39 -53.96 90.93 80.48
N LYS L 40 -55.06 91.09 81.20
CA LYS L 40 -55.27 90.33 82.43
C LYS L 40 -55.41 88.86 82.13
N LEU L 41 -56.09 88.51 81.03
CA LEU L 41 -56.22 87.10 80.67
C LEU L 41 -54.88 86.49 80.26
N THR L 42 -53.99 87.28 79.67
CA THR L 42 -52.64 86.78 79.42
C THR L 42 -51.87 86.59 80.71
N ALA L 43 -51.99 87.55 81.63
CA ALA L 43 -51.27 87.45 82.89
C ALA L 43 -51.74 86.24 83.68
N GLN L 44 -53.04 85.92 83.62
CA GLN L 44 -53.53 84.78 84.37
C GLN L 44 -53.26 83.47 83.66
N VAL L 45 -53.56 83.40 82.36
CA VAL L 45 -53.42 82.15 81.62
C VAL L 45 -51.97 81.77 81.53
N ASN L 46 -51.06 82.73 81.53
CA ASN L 46 -49.63 82.40 81.62
C ASN L 46 -49.35 81.58 82.88
N LEU L 47 -49.89 82.00 84.00
CA LEU L 47 -49.67 81.26 85.25
C LEU L 47 -50.40 79.95 85.29
N ILE L 48 -51.58 79.87 84.72
CA ILE L 48 -52.34 78.60 84.74
C ILE L 48 -51.64 77.57 83.87
N MET L 49 -51.18 77.98 82.69
CA MET L 49 -50.60 77.03 81.75
C MET L 49 -49.17 76.67 82.12
N HIS L 50 -48.41 77.59 82.69
CA HIS L 50 -47.01 77.39 82.98
C HIS L 50 -46.76 76.72 84.31
N HIS L 51 -47.82 76.36 85.06
CA HIS L 51 -47.63 75.66 86.30
C HIS L 51 -47.04 74.30 86.09
N ALA L 52 -46.38 73.76 87.12
CA ALA L 52 -45.70 72.49 87.00
C ALA L 52 -46.68 71.38 86.64
N ASP L 53 -47.88 71.40 87.24
CA ASP L 53 -48.85 70.38 86.99
C ASP L 53 -49.37 70.43 85.57
N PHE L 54 -49.81 71.59 85.12
CA PHE L 54 -50.32 71.73 83.77
C PHE L 54 -49.26 71.45 82.74
N GLN L 55 -48.00 71.80 83.02
CA GLN L 55 -46.93 71.50 82.09
C GLN L 55 -46.65 70.01 82.04
N GLN L 56 -46.81 69.31 83.16
CA GLN L 56 -46.57 67.88 83.17
C GLN L 56 -47.65 67.14 82.42
N LEU L 57 -48.90 67.41 82.74
CA LEU L 57 -50.00 66.76 82.00
C LEU L 57 -50.01 67.14 80.53
N GLU L 58 -49.88 68.43 80.25
CA GLU L 58 -49.80 68.92 78.89
C GLU L 58 -48.72 68.25 78.13
N SER L 59 -47.55 68.05 78.76
CA SER L 59 -46.44 67.39 78.06
C SER L 59 -46.73 65.94 77.85
N ALA L 60 -47.43 65.30 78.78
CA ALA L 60 -47.78 63.88 78.61
C ALA L 60 -48.72 63.67 77.46
N TRP L 61 -49.85 64.32 77.47
CA TRP L 61 -50.85 64.18 76.41
C TRP L 61 -50.35 64.74 75.10
N ARG L 62 -49.50 65.74 75.14
CA ARG L 62 -48.94 66.33 73.93
C ARG L 62 -47.94 65.40 73.29
N GLY L 63 -47.14 64.74 74.10
CA GLY L 63 -46.24 63.71 73.56
C GLY L 63 -46.97 62.53 73.01
N LEU L 64 -47.95 62.03 73.74
CA LEU L 64 -48.77 60.92 73.26
C LEU L 64 -49.48 61.30 71.97
N HIS L 65 -50.01 62.50 71.89
CA HIS L 65 -50.64 62.98 70.66
C HIS L 65 -49.67 63.04 69.54
N TYR L 66 -48.46 63.49 69.79
CA TYR L 66 -47.42 63.45 68.75
C TYR L 66 -47.19 62.07 68.28
N LEU L 67 -47.13 61.10 69.16
CA LEU L 67 -46.90 59.70 68.76
C LEU L 67 -48.03 59.18 67.95
N VAL L 68 -49.26 59.55 68.30
CA VAL L 68 -50.46 58.99 67.63
C VAL L 68 -50.57 59.59 66.24
N ASN L 69 -50.53 60.92 66.13
CA ASN L 69 -50.78 61.60 64.88
C ASN L 69 -49.71 61.35 63.87
N ASN L 70 -48.48 61.21 64.29
CA ASN L 70 -47.35 61.00 63.38
C ASN L 70 -47.14 59.57 63.02
N THR L 71 -47.98 58.66 63.51
CA THR L 71 -47.90 57.23 63.20
C THR L 71 -49.00 56.87 62.21
N GLU L 72 -48.68 56.06 61.22
CA GLU L 72 -49.64 55.58 60.25
C GLU L 72 -50.14 54.23 60.77
N THR L 73 -51.33 54.23 61.36
CA THR L 73 -51.86 53.06 61.99
C THR L 73 -52.85 52.32 61.10
N ASP L 74 -52.67 51.01 61.05
CA ASP L 74 -53.50 50.13 60.29
C ASP L 74 -53.53 48.77 60.97
N GLU L 75 -53.78 47.74 60.19
CA GLU L 75 -53.83 46.39 60.71
C GLU L 75 -52.49 46.03 61.30
N GLN L 76 -51.43 46.39 60.59
CA GLN L 76 -50.04 46.15 61.03
C GLN L 76 -49.52 46.93 62.25
N LEU L 77 -49.84 48.22 62.32
CA LEU L 77 -49.38 49.08 63.40
C LEU L 77 -50.51 49.35 64.36
N LYS L 78 -50.27 49.13 65.63
CA LYS L 78 -51.12 49.47 66.69
C LYS L 78 -50.37 50.22 67.79
N ILE L 79 -51.06 50.97 68.60
CA ILE L 79 -50.55 51.67 69.71
C ILE L 79 -51.50 51.44 70.87
N ARG L 80 -51.03 50.78 71.94
CA ARG L 80 -51.77 50.56 73.12
C ARG L 80 -51.25 51.31 74.28
N VAL L 81 -52.01 52.12 74.91
CA VAL L 81 -51.59 52.98 76.05
C VAL L 81 -52.03 52.37 77.36
N LEU L 82 -51.22 52.38 78.36
CA LEU L 82 -51.52 52.11 79.75
C LEU L 82 -51.21 53.24 80.64
N ASN L 83 -52.20 53.83 81.29
CA ASN L 83 -51.91 54.98 82.13
C ASN L 83 -51.55 54.52 83.51
N ILE L 84 -50.28 54.71 83.83
CA ILE L 84 -49.74 54.32 85.11
C ILE L 84 -48.65 55.30 85.47
N SER L 85 -48.78 55.92 86.63
CA SER L 85 -47.76 56.88 87.06
C SER L 85 -46.52 56.14 87.42
N LYS L 86 -45.40 56.86 87.39
CA LYS L 86 -44.10 56.26 87.73
C LYS L 86 -44.11 55.72 89.16
N PRO L 87 -44.68 56.40 90.17
CA PRO L 87 -44.85 55.81 91.44
C PRO L 87 -45.65 54.53 91.51
N GLU L 88 -46.69 54.45 90.70
CA GLU L 88 -47.52 53.22 90.67
C GLU L 88 -46.79 52.09 90.00
N LEU L 89 -46.04 52.41 88.95
CA LEU L 89 -45.26 51.36 88.26
C LEU L 89 -44.16 50.86 89.15
N HIS L 90 -43.43 51.75 89.81
CA HIS L 90 -42.41 51.31 90.75
C HIS L 90 -43.00 50.58 91.91
N LYS L 91 -44.23 50.93 92.31
CA LYS L 91 -44.86 50.25 93.43
C LYS L 91 -45.23 48.82 93.05
N THR L 92 -45.97 48.63 91.97
CA THR L 92 -46.41 47.30 91.57
C THR L 92 -45.26 46.44 91.16
N LEU L 93 -44.21 47.04 90.59
CA LEU L 93 -43.02 46.25 90.28
C LEU L 93 -42.17 46.01 91.50
N LYS L 94 -42.38 46.77 92.56
CA LYS L 94 -41.69 46.50 93.83
C LYS L 94 -42.39 45.41 94.62
N LYS L 95 -43.70 45.30 94.53
CA LYS L 95 -44.43 44.22 95.20
C LYS L 95 -43.95 42.87 94.79
N PHE L 96 -43.67 42.70 93.51
CA PHE L 96 -43.20 41.39 92.96
C PHE L 96 -41.78 41.59 92.51
N LYS L 97 -40.84 41.03 93.23
CA LYS L 97 -39.43 41.15 92.91
C LYS L 97 -38.75 39.82 93.27
N GLY L 98 -37.63 39.57 92.64
CA GLY L 98 -37.02 38.28 92.82
C GLY L 98 -37.80 37.15 92.25
N THR L 99 -38.22 36.16 93.00
CA THR L 99 -38.93 35.03 92.47
C THR L 99 -40.28 35.43 91.92
N THR L 100 -41.00 36.32 92.65
CA THR L 100 -42.40 36.54 92.28
C THR L 100 -42.54 37.41 91.04
N TRP L 101 -41.45 37.88 90.44
CA TRP L 101 -41.55 38.78 89.30
C TRP L 101 -42.31 38.20 88.16
N ASP L 102 -42.29 36.88 87.99
CA ASP L 102 -43.08 36.21 86.94
C ASP L 102 -44.52 36.46 87.09
N GLN L 103 -45.02 36.84 88.26
CA GLN L 103 -46.40 37.21 88.53
C GLN L 103 -46.42 38.64 88.88
N SER L 104 -46.95 39.47 88.01
CA SER L 104 -47.10 40.93 88.17
C SER L 104 -48.17 41.43 87.28
N PRO L 105 -48.81 42.55 87.59
CA PRO L 105 -49.82 43.11 86.71
C PRO L 105 -49.21 43.47 85.36
N ILE L 106 -48.02 44.03 85.40
CA ILE L 106 -47.27 44.48 84.23
C ILE L 106 -46.77 43.32 83.44
N PHE L 107 -46.26 42.30 84.08
CA PHE L 107 -45.80 41.11 83.36
C PHE L 107 -46.97 40.32 82.82
N LYS L 108 -48.08 40.26 83.54
CA LYS L 108 -49.26 39.59 83.02
C LYS L 108 -49.68 40.27 81.71
N LYS L 109 -49.89 41.59 81.72
CA LYS L 109 -50.32 42.32 80.57
C LYS L 109 -49.36 42.20 79.43
N LEU L 110 -48.08 42.43 79.69
CA LEU L 110 -47.10 42.52 78.61
C LEU L 110 -46.76 41.18 78.03
N TYR L 111 -46.62 40.17 78.88
CA TYR L 111 -46.21 38.83 78.45
C TYR L 111 -47.26 37.78 78.33
N GLU L 112 -48.15 37.67 79.30
CA GLU L 112 -49.07 36.55 79.38
C GLU L 112 -50.16 36.81 78.34
N GLU L 113 -50.87 37.92 78.45
CA GLU L 113 -52.02 38.14 77.63
C GLU L 113 -51.73 38.34 76.16
N GLU L 114 -50.48 38.51 75.80
CA GLU L 114 -50.14 38.82 74.41
C GLU L 114 -49.04 37.93 73.86
N TYR L 115 -47.83 38.04 74.36
CA TYR L 115 -46.75 37.20 73.88
C TYR L 115 -46.88 35.81 74.35
N GLY L 116 -47.51 35.56 75.47
CA GLY L 116 -47.71 34.21 75.97
C GLY L 116 -49.00 33.63 75.51
N GLN L 117 -49.98 34.45 75.19
CA GLN L 117 -51.29 33.96 74.76
C GLN L 117 -51.29 33.31 73.38
N PHE L 118 -52.19 32.34 73.15
CA PHE L 118 -52.25 31.73 71.82
C PHE L 118 -53.02 32.66 70.88
N GLY L 119 -52.37 33.05 69.80
CA GLY L 119 -52.98 33.97 68.86
C GLY L 119 -53.09 35.40 69.37
N GLY L 120 -52.07 35.87 70.09
CA GLY L 120 -52.05 37.22 70.61
C GLY L 120 -51.07 38.10 69.85
N GLU L 121 -50.80 39.25 70.43
CA GLU L 121 -49.88 40.21 69.80
C GLU L 121 -48.58 40.29 70.60
N PRO L 122 -47.44 39.90 70.02
CA PRO L 122 -46.19 39.84 70.78
C PRO L 122 -45.71 41.20 71.30
N TYR L 123 -46.41 42.29 71.01
CA TYR L 123 -46.26 43.61 71.62
C TYR L 123 -45.09 44.46 71.13
N GLY L 124 -44.24 43.94 70.25
CA GLY L 124 -43.30 44.80 69.56
C GLY L 124 -42.36 45.57 70.48
N CYS L 125 -42.43 46.90 70.42
CA CYS L 125 -41.62 47.79 71.23
C CYS L 125 -42.47 48.47 72.29
N LEU L 126 -41.83 48.84 73.39
CA LEU L 126 -42.50 49.47 74.52
C LEU L 126 -41.91 50.86 74.72
N VAL L 127 -42.74 51.83 75.08
CA VAL L 127 -42.25 53.19 75.29
C VAL L 127 -42.58 53.66 76.68
N GLY L 128 -41.56 53.96 77.46
CA GLY L 128 -41.76 54.39 78.83
C GLY L 128 -42.42 55.70 79.17
N ASP L 129 -42.05 56.78 78.47
CA ASP L 129 -42.54 58.14 78.76
C ASP L 129 -42.28 58.58 80.22
N TYR L 130 -41.12 58.22 80.74
CA TYR L 130 -40.72 58.54 82.11
C TYR L 130 -39.29 59.07 82.11
N TYR L 131 -38.94 59.81 83.15
CA TYR L 131 -37.60 60.35 83.30
C TYR L 131 -36.89 59.60 84.41
N PHE L 132 -35.91 58.78 84.07
CA PHE L 132 -35.21 57.94 85.00
C PHE L 132 -33.84 58.51 85.35
N ASP L 133 -33.56 58.71 86.64
CA ASP L 133 -32.28 59.11 87.14
C ASP L 133 -31.58 57.95 87.81
N GLN L 134 -30.40 58.16 88.38
CA GLN L 134 -29.65 57.11 89.04
C GLN L 134 -30.15 56.74 90.44
N SER L 135 -31.24 57.34 90.90
CA SER L 135 -31.78 57.07 92.22
C SER L 135 -32.09 55.64 92.42
N PRO L 136 -32.11 55.16 93.67
CA PRO L 136 -32.42 53.74 93.94
C PRO L 136 -33.76 53.31 93.33
N PRO L 137 -34.84 54.09 93.50
CA PRO L 137 -36.09 53.64 92.94
C PRO L 137 -36.10 53.52 91.41
N ASP L 138 -35.40 54.41 90.72
CA ASP L 138 -35.36 54.36 89.28
C ASP L 138 -34.45 53.24 88.78
N VAL L 139 -33.41 52.90 89.54
CA VAL L 139 -32.59 51.76 89.20
C VAL L 139 -33.38 50.47 89.39
N GLU L 140 -34.22 50.42 90.42
CA GLU L 140 -35.09 49.25 90.59
C GLU L 140 -36.08 49.14 89.48
N LEU L 141 -36.72 50.26 89.13
CA LEU L 141 -37.71 50.24 88.05
C LEU L 141 -37.09 49.83 86.73
N LEU L 142 -35.91 50.33 86.43
CA LEU L 142 -35.24 49.93 85.21
C LEU L 142 -34.80 48.49 85.25
N GLY L 143 -34.39 48.00 86.40
CA GLY L 143 -34.04 46.58 86.50
C GLY L 143 -35.23 45.68 86.20
N GLU L 144 -36.37 46.01 86.80
CA GLU L 144 -37.55 45.20 86.61
C GLU L 144 -38.08 45.29 85.18
N MET L 145 -38.24 46.51 84.67
CA MET L 145 -38.69 46.67 83.29
C MET L 145 -37.72 46.05 82.30
N ALA L 146 -36.43 45.92 82.69
CA ALA L 146 -35.50 45.21 81.85
C ALA L 146 -35.72 43.72 81.92
N LYS L 147 -36.16 43.21 83.08
CA LYS L 147 -36.53 41.79 83.16
C LYS L 147 -37.75 41.51 82.32
N ILE L 148 -38.81 42.26 82.46
CA ILE L 148 -40.03 42.07 81.66
C ILE L 148 -39.74 42.21 80.20
N SER L 149 -39.24 43.37 79.81
CA SER L 149 -38.94 43.63 78.40
C SER L 149 -38.00 42.64 77.83
N ALA L 150 -37.10 42.10 78.64
CA ALA L 150 -36.20 41.04 78.16
C ALA L 150 -36.91 39.77 77.98
N ALA L 151 -37.90 39.47 78.82
CA ALA L 151 -38.65 38.20 78.72
C ALA L 151 -39.54 38.20 77.52
N MET L 152 -40.23 39.31 77.25
CA MET L 152 -41.16 39.42 76.13
C MET L 152 -40.49 39.83 74.85
N HIS L 153 -39.20 40.08 74.83
CA HIS L 153 -38.46 40.55 73.65
C HIS L 153 -39.02 41.85 73.13
N ALA L 154 -39.23 42.82 74.00
CA ALA L 154 -39.85 44.09 73.67
C ALA L 154 -39.02 45.21 74.23
N PRO L 155 -38.00 45.74 73.46
CA PRO L 155 -37.16 46.80 73.97
C PRO L 155 -37.90 47.91 74.63
N PHE L 156 -37.42 48.37 75.77
CA PHE L 156 -38.02 49.45 76.53
C PHE L 156 -37.34 50.76 76.17
N ILE L 157 -38.12 51.79 75.86
CA ILE L 157 -37.61 53.08 75.45
C ILE L 157 -38.21 54.13 76.37
N SER L 158 -37.37 54.97 76.94
CA SER L 158 -37.81 56.06 77.80
C SER L 158 -36.78 57.17 77.76
N ALA L 159 -36.97 58.20 78.56
CA ALA L 159 -36.08 59.34 78.57
C ALA L 159 -35.28 59.39 79.85
N ALA L 160 -34.04 59.80 79.74
CA ALA L 160 -33.14 59.93 80.86
C ALA L 160 -33.27 61.32 81.43
N SER L 161 -33.51 61.40 82.74
CA SER L 161 -33.71 62.66 83.40
C SER L 161 -32.46 63.49 83.34
N PRO L 162 -32.59 64.85 83.41
CA PRO L 162 -31.41 65.68 83.53
C PRO L 162 -30.64 65.44 84.82
N THR L 163 -31.24 64.81 85.82
CA THR L 163 -30.61 64.52 87.08
C THR L 163 -29.67 63.34 87.04
N VAL L 164 -29.60 62.61 85.95
CA VAL L 164 -28.64 61.51 85.84
C VAL L 164 -27.23 62.09 85.87
N MET L 165 -27.03 63.24 85.26
CA MET L 165 -25.75 63.89 85.20
C MET L 165 -25.45 64.74 86.43
N GLY L 166 -26.33 64.75 87.42
CA GLY L 166 -26.20 65.65 88.53
C GLY L 166 -26.30 67.07 87.98
N MET L 167 -27.40 67.30 87.25
CA MET L 167 -27.54 68.52 86.47
C MET L 167 -28.88 69.15 86.73
N GLY L 168 -29.94 68.52 86.32
CA GLY L 168 -31.29 69.04 86.52
C GLY L 168 -31.74 70.04 85.53
N SER L 169 -31.02 70.20 84.39
CA SER L 169 -31.40 71.17 83.39
C SER L 169 -31.42 70.54 82.01
N TRP L 170 -30.25 70.01 81.57
CA TRP L 170 -29.90 69.72 80.19
C TRP L 170 -29.52 71.00 79.50
N GLN L 171 -29.56 72.12 80.22
CA GLN L 171 -29.01 73.36 79.73
C GLN L 171 -27.56 73.42 80.12
N GLU L 172 -27.15 72.64 81.13
CA GLU L 172 -25.78 72.60 81.61
C GLU L 172 -24.97 71.50 80.99
N LEU L 173 -25.51 70.77 80.02
CA LEU L 173 -24.81 69.62 79.46
C LEU L 173 -23.49 70.00 78.89
N SER L 174 -23.29 71.24 78.49
CA SER L 174 -22.00 71.66 77.95
C SER L 174 -20.98 72.02 79.01
N ASN L 175 -21.41 72.15 80.28
CA ASN L 175 -20.49 72.59 81.32
C ASN L 175 -19.44 71.52 81.66
N PRO L 176 -19.76 70.26 81.95
CA PRO L 176 -18.77 69.31 82.36
C PRO L 176 -17.73 69.03 81.24
N ARG L 177 -16.48 68.82 81.64
CA ARG L 177 -15.45 68.50 80.73
C ARG L 177 -15.50 67.07 80.24
N ASP L 178 -15.84 66.17 81.12
CA ASP L 178 -15.87 64.71 80.83
C ASP L 178 -17.12 64.16 81.47
N LEU L 179 -17.99 63.56 80.65
CA LEU L 179 -19.18 62.89 81.18
C LEU L 179 -18.86 61.52 81.73
N THR L 180 -17.88 60.83 81.19
CA THR L 180 -17.50 59.52 81.70
C THR L 180 -17.03 59.55 83.12
N LYS L 181 -16.53 60.69 83.59
CA LYS L 181 -16.14 60.85 84.98
C LYS L 181 -17.31 60.96 85.90
N ILE L 182 -18.48 61.38 85.42
CA ILE L 182 -19.64 61.57 86.28
C ILE L 182 -20.07 60.26 86.85
N PHE L 183 -20.05 59.19 86.05
CA PHE L 183 -20.61 57.90 86.43
C PHE L 183 -19.67 57.06 87.22
N THR L 184 -18.47 57.55 87.55
CA THR L 184 -17.52 56.79 88.33
C THR L 184 -17.84 56.78 89.81
N THR L 185 -18.41 57.84 90.34
CA THR L 185 -18.60 58.00 91.78
C THR L 185 -19.42 56.87 92.35
N PRO L 186 -19.32 56.60 93.64
CA PRO L 186 -20.15 55.55 94.26
C PRO L 186 -21.63 55.88 94.26
N GLU L 187 -21.99 57.11 93.95
CA GLU L 187 -23.39 57.50 93.90
C GLU L 187 -24.09 56.67 92.83
N TYR L 188 -23.37 56.40 91.75
CA TYR L 188 -23.90 55.63 90.62
C TYR L 188 -23.70 54.13 90.73
N ALA L 189 -23.18 53.66 91.85
CA ALA L 189 -22.94 52.21 92.01
C ALA L 189 -24.13 51.39 91.49
N GLY L 190 -25.33 51.78 91.81
CA GLY L 190 -26.52 51.11 91.33
C GLY L 190 -26.68 51.23 89.82
N TRP L 191 -26.35 52.39 89.26
CA TRP L 191 -26.41 52.59 87.83
C TRP L 191 -25.43 51.70 87.10
N ARG L 192 -24.17 51.72 87.49
CA ARG L 192 -23.18 50.86 86.90
C ARG L 192 -23.56 49.43 87.03
N SER L 193 -24.09 49.03 88.19
CA SER L 193 -24.52 47.64 88.35
C SER L 193 -25.65 47.32 87.42
N LEU L 194 -26.47 48.30 87.07
CA LEU L 194 -27.55 48.09 86.09
C LEU L 194 -27.03 47.94 84.71
N ARG L 195 -26.13 48.81 84.28
CA ARG L 195 -25.59 48.75 82.93
C ARG L 195 -24.81 47.48 82.68
N GLU L 196 -24.16 46.94 83.73
CA GLU L 196 -23.41 45.70 83.56
C GLU L 196 -24.34 44.52 83.32
N SER L 197 -25.64 44.62 83.70
CA SER L 197 -26.55 43.53 83.54
C SER L 197 -26.74 43.12 82.13
N GLU L 198 -27.14 41.87 81.92
CA GLU L 198 -27.37 41.38 80.57
C GLU L 198 -28.78 41.69 80.07
N ASP L 199 -29.66 42.09 80.98
CA ASP L 199 -31.04 42.42 80.63
C ASP L 199 -31.24 43.89 80.33
N SER L 200 -30.18 44.69 80.49
CA SER L 200 -30.27 46.10 80.27
C SER L 200 -30.12 46.51 78.83
N ARG L 201 -29.70 45.62 77.96
CA ARG L 201 -29.64 45.91 76.53
C ARG L 201 -31.01 46.15 75.95
N TYR L 202 -32.09 45.88 76.69
CA TYR L 202 -33.44 46.14 76.26
C TYR L 202 -33.94 47.49 76.69
N ILE L 203 -33.08 48.31 77.23
CA ILE L 203 -33.52 49.63 77.62
C ILE L 203 -32.75 50.76 76.97
N GLY L 204 -33.43 51.54 76.14
CA GLY L 204 -32.87 52.75 75.56
C GLY L 204 -33.27 53.95 76.38
N LEU L 205 -32.47 55.00 76.31
CA LEU L 205 -32.75 56.25 77.01
C LEU L 205 -32.41 57.42 76.10
N THR L 206 -33.39 58.29 75.85
CA THR L 206 -33.17 59.49 75.03
C THR L 206 -33.23 60.70 75.96
N MET L 207 -32.07 61.30 76.22
CA MET L 207 -31.99 62.32 77.27
C MET L 207 -32.72 63.61 76.89
N PRO L 208 -32.32 64.29 75.83
CA PRO L 208 -32.99 65.55 75.47
C PRO L 208 -34.43 65.36 75.02
N ARG L 209 -35.33 66.26 75.44
CA ARG L 209 -36.73 66.17 75.02
C ARG L 209 -37.04 67.31 74.06
N PHE L 210 -37.64 66.93 72.93
CA PHE L 210 -37.95 67.89 71.90
C PHE L 210 -39.10 68.78 72.24
N LEU L 211 -39.19 69.89 71.57
CA LEU L 211 -40.24 70.88 71.81
C LEU L 211 -41.57 70.40 71.28
N ALA L 212 -42.59 70.44 72.11
CA ALA L 212 -43.91 69.91 71.76
C ALA L 212 -44.66 70.81 70.84
N ARG L 213 -44.79 72.08 71.14
CA ARG L 213 -45.59 73.03 70.36
C ARG L 213 -44.92 74.39 70.38
N LEU L 214 -45.29 75.19 69.42
CA LEU L 214 -44.77 76.55 69.31
C LEU L 214 -45.52 77.47 70.26
N PRO L 215 -44.82 78.36 70.98
CA PRO L 215 -45.50 79.21 71.96
C PRO L 215 -46.56 80.08 71.36
N TYR L 216 -47.72 80.13 72.01
CA TYR L 216 -48.85 80.95 71.53
C TYR L 216 -48.49 82.40 71.52
N GLY L 217 -49.01 83.12 70.55
CA GLY L 217 -48.68 84.55 70.40
C GLY L 217 -49.11 85.02 69.06
N ALA L 218 -49.16 86.34 68.86
CA ALA L 218 -49.62 86.86 67.59
C ALA L 218 -48.72 86.46 66.45
N LYS L 219 -47.41 86.58 66.67
CA LYS L 219 -46.43 86.22 65.65
C LYS L 219 -46.45 84.74 65.34
N THR L 220 -46.56 83.91 66.38
CA THR L 220 -46.58 82.47 66.22
C THR L 220 -47.77 81.81 66.90
N ASP L 221 -48.48 80.96 66.16
CA ASP L 221 -49.61 80.21 66.73
C ASP L 221 -50.67 81.05 67.44
N PRO L 222 -51.19 82.10 66.81
CA PRO L 222 -52.19 82.95 67.45
C PRO L 222 -53.41 82.14 67.86
N VAL L 223 -53.92 82.42 69.07
CA VAL L 223 -55.04 81.69 69.65
C VAL L 223 -56.35 81.98 68.93
N GLU L 224 -56.55 83.26 68.59
CA GLU L 224 -57.70 83.81 67.86
C GLU L 224 -59.00 83.91 68.66
N GLU L 225 -58.93 83.63 69.96
CA GLU L 225 -60.11 83.74 70.82
C GLU L 225 -60.08 85.11 71.49
N PHE L 226 -58.88 85.49 71.93
CA PHE L 226 -58.60 86.78 72.55
C PHE L 226 -57.11 87.09 72.37
N ALA L 227 -56.72 88.36 72.45
CA ALA L 227 -55.30 88.66 72.25
C ALA L 227 -54.50 88.00 73.35
N PHE L 228 -53.60 87.06 73.00
CA PHE L 228 -52.85 86.34 74.02
C PHE L 228 -51.32 86.29 73.82
N GLU L 229 -50.59 86.51 74.91
CA GLU L 229 -49.14 86.44 74.92
C GLU L 229 -48.71 85.35 75.89
N GLU L 230 -47.80 84.49 75.44
CA GLU L 230 -47.34 83.38 76.27
C GLU L 230 -46.07 83.71 77.05
N GLU L 231 -45.65 84.97 77.06
CA GLU L 231 -44.38 85.34 77.69
C GLU L 231 -43.26 84.55 77.01
N THR L 232 -42.68 83.59 77.73
CA THR L 232 -41.64 82.67 77.22
C THR L 232 -40.51 83.43 76.56
N ASP L 233 -39.92 84.35 77.33
CA ASP L 233 -38.72 85.04 76.90
C ASP L 233 -37.58 84.04 76.75
N GLY L 234 -36.54 84.46 76.02
CA GLY L 234 -35.52 83.56 75.51
C GLY L 234 -34.95 82.56 76.50
N ALA L 235 -34.92 81.30 76.08
CA ALA L 235 -34.43 80.17 76.86
C ALA L 235 -35.14 80.02 78.20
N ASP L 236 -34.36 79.66 79.23
CA ASP L 236 -34.81 79.39 80.60
C ASP L 236 -35.55 78.06 80.68
N SER L 237 -36.02 77.56 79.53
CA SER L 237 -36.53 76.21 79.31
C SER L 237 -37.78 75.88 80.13
N SER L 238 -38.14 76.68 81.12
CA SER L 238 -39.31 76.39 81.95
C SER L 238 -40.62 76.85 81.33
N LYS L 239 -40.59 77.82 80.43
CA LYS L 239 -41.80 78.34 79.81
C LYS L 239 -42.29 77.48 78.65
N TYR L 240 -41.38 76.87 77.92
CA TYR L 240 -41.73 76.04 76.75
C TYR L 240 -42.38 74.69 77.06
N ALA L 241 -43.21 74.20 76.16
CA ALA L 241 -43.82 72.89 76.30
C ALA L 241 -42.97 71.82 75.72
N TRP L 242 -42.38 70.97 76.53
CA TRP L 242 -41.40 69.99 76.13
C TRP L 242 -42.01 68.60 76.13
N ALA L 243 -42.11 67.98 74.96
CA ALA L 243 -42.55 66.63 74.83
C ALA L 243 -41.41 65.67 75.02
N ASN L 244 -41.69 64.52 75.64
CA ASN L 244 -40.67 63.49 75.82
C ASN L 244 -40.14 63.02 74.53
N SER L 245 -38.84 62.82 74.43
CA SER L 245 -38.23 62.37 73.18
C SER L 245 -38.23 60.90 73.04
N ALA L 246 -38.71 60.14 73.99
CA ALA L 246 -39.01 58.73 73.76
C ALA L 246 -40.03 58.60 72.69
N TYR L 247 -40.89 59.58 72.51
CA TYR L 247 -41.94 59.53 71.48
C TYR L 247 -41.40 59.79 70.12
N ALA L 248 -40.38 60.59 69.99
CA ALA L 248 -39.72 60.78 68.67
C ALA L 248 -39.03 59.52 68.27
N MET L 249 -38.36 58.85 69.19
CA MET L 249 -37.77 57.52 68.91
C MET L 249 -38.86 56.57 68.56
N ALA L 250 -40.00 56.62 69.26
CA ALA L 250 -41.13 55.73 68.97
C ALA L 250 -41.65 55.96 67.58
N VAL L 251 -41.90 57.19 67.20
CA VAL L 251 -42.31 57.55 65.83
C VAL L 251 -41.33 57.05 64.84
N ASN L 252 -40.04 57.07 65.17
CA ASN L 252 -39.03 56.54 64.25
C ASN L 252 -39.15 55.05 64.13
N ILE L 253 -39.50 54.36 65.20
CA ILE L 253 -39.63 52.90 65.18
C ILE L 253 -40.85 52.52 64.35
N ASN L 254 -41.99 53.13 64.62
CA ASN L 254 -43.19 52.89 63.85
C ASN L 254 -42.99 53.21 62.40
N ARG L 255 -42.31 54.30 62.09
CA ARG L 255 -42.00 54.64 60.71
C ARG L 255 -41.17 53.60 60.07
N SER L 256 -40.11 53.17 60.74
CA SER L 256 -39.21 52.12 60.21
C SER L 256 -40.00 50.88 59.89
N PHE L 257 -40.89 50.46 60.79
CA PHE L 257 -41.68 49.27 60.55
C PHE L 257 -42.62 49.47 59.39
N LYS L 258 -43.38 50.56 59.37
CA LYS L 258 -44.33 50.82 58.29
C LYS L 258 -43.68 50.77 56.97
N LEU L 259 -42.56 51.46 56.79
CA LEU L 259 -41.89 51.48 55.49
C LEU L 259 -41.24 50.17 55.15
N TYR L 260 -40.32 49.71 56.01
CA TYR L 260 -39.44 48.59 55.69
C TYR L 260 -39.87 47.27 56.26
N GLY L 261 -40.96 47.24 57.03
CA GLY L 261 -41.36 46.01 57.70
C GLY L 261 -40.56 45.63 58.89
N TRP L 262 -39.47 46.29 59.16
CA TRP L 262 -38.59 46.04 60.31
C TRP L 262 -38.21 47.34 60.95
N CYS L 263 -37.81 47.21 62.22
CA CYS L 263 -37.35 48.36 63.00
C CYS L 263 -35.85 48.56 62.84
N SER L 264 -35.25 47.93 61.83
CA SER L 264 -33.81 47.98 61.68
C SER L 264 -33.22 49.36 61.52
N ARG L 265 -33.85 50.23 60.74
CA ARG L 265 -33.31 51.59 60.62
C ARG L 265 -34.15 52.60 61.36
N ILE L 266 -33.71 52.91 62.57
CA ILE L 266 -34.37 53.89 63.42
C ILE L 266 -33.37 54.95 63.85
N ARG L 267 -32.20 54.94 63.23
CA ARG L 267 -31.15 55.88 63.61
C ARG L 267 -30.57 56.63 62.41
N GLY L 268 -29.54 57.43 62.62
CA GLY L 268 -28.84 58.10 61.57
C GLY L 268 -29.56 59.34 61.07
N VAL L 269 -28.83 60.24 60.43
CA VAL L 269 -29.42 61.43 59.87
C VAL L 269 -30.24 61.08 58.62
N GLU L 270 -29.59 60.44 57.65
CA GLU L 270 -30.25 60.04 56.41
C GLU L 270 -30.72 58.58 56.38
N SER L 271 -30.48 57.84 57.46
CA SER L 271 -30.86 56.44 57.52
C SER L 271 -32.17 56.21 58.20
N GLY L 272 -32.91 57.25 58.51
CA GLY L 272 -34.25 57.10 59.09
C GLY L 272 -34.37 57.45 60.55
N GLY L 273 -33.38 58.06 61.15
CA GLY L 273 -33.48 58.50 62.51
C GLY L 273 -33.75 59.98 62.62
N GLU L 274 -34.32 60.58 61.59
CA GLU L 274 -34.57 62.02 61.57
C GLU L 274 -35.86 62.38 62.23
N VAL L 275 -35.86 63.46 62.98
CA VAL L 275 -37.05 64.05 63.59
C VAL L 275 -37.24 65.43 62.93
N GLN L 276 -38.24 65.54 62.07
CA GLN L 276 -38.43 66.72 61.27
C GLN L 276 -39.55 67.58 61.76
N GLY L 277 -39.73 68.74 61.15
CA GLY L 277 -40.88 69.58 61.47
C GLY L 277 -40.92 70.08 62.88
N LEU L 278 -39.81 70.10 63.58
CA LEU L 278 -39.78 70.57 64.95
C LEU L 278 -40.13 72.02 65.03
N PRO L 279 -40.93 72.43 66.02
CA PRO L 279 -41.25 73.85 66.18
C PRO L 279 -40.03 74.68 66.38
N ALA L 280 -39.88 75.72 65.56
CA ALA L 280 -38.72 76.62 65.64
C ALA L 280 -39.23 77.96 66.08
N HIS L 281 -38.96 78.37 67.32
CA HIS L 281 -39.40 79.64 67.88
C HIS L 281 -38.29 80.66 67.72
N THR L 282 -38.51 81.64 66.85
CA THR L 282 -37.52 82.68 66.57
C THR L 282 -37.89 83.95 67.31
N PHE L 283 -36.98 84.44 68.15
CA PHE L 283 -37.19 85.66 68.89
C PHE L 283 -36.05 86.63 68.61
N PRO L 284 -36.33 87.93 68.51
CA PRO L 284 -35.27 88.90 68.24
C PRO L 284 -34.35 89.07 69.44
N THR L 285 -33.06 89.28 69.17
CA THR L 285 -32.08 89.58 70.20
C THR L 285 -31.34 90.85 69.85
N ASP L 286 -30.31 91.19 70.63
CA ASP L 286 -29.58 92.43 70.41
C ASP L 286 -28.87 92.41 69.05
N ASP L 287 -28.57 93.61 68.55
CA ASP L 287 -27.89 93.80 67.29
C ASP L 287 -28.67 93.20 66.13
N GLY L 288 -28.05 92.25 65.41
CA GLY L 288 -28.70 91.69 64.23
C GLY L 288 -29.98 90.95 64.54
N GLY L 289 -30.08 90.40 65.75
CA GLY L 289 -31.27 89.67 66.15
C GLY L 289 -31.40 88.36 65.41
N VAL L 290 -32.63 87.85 65.43
CA VAL L 290 -33.03 86.64 64.71
C VAL L 290 -32.17 85.45 65.16
N ASP L 291 -32.41 84.99 66.39
CA ASP L 291 -31.88 83.72 66.88
C ASP L 291 -33.03 82.90 67.43
N MET L 292 -33.05 81.61 67.09
CA MET L 292 -34.19 80.76 67.40
C MET L 292 -33.88 79.83 68.57
N LYS L 293 -34.91 79.55 69.36
CA LYS L 293 -34.79 78.58 70.44
C LYS L 293 -34.56 77.18 69.87
N CYS L 294 -33.58 76.50 70.43
CA CYS L 294 -33.24 75.16 69.96
C CYS L 294 -34.41 74.21 70.22
N PRO L 295 -34.84 73.41 69.24
CA PRO L 295 -36.00 72.53 69.43
C PRO L 295 -35.76 71.45 70.49
N THR L 296 -34.60 70.77 70.43
CA THR L 296 -34.16 70.00 71.57
C THR L 296 -33.52 70.95 72.58
N GLU L 297 -33.53 70.58 73.85
CA GLU L 297 -33.22 71.53 74.92
C GLU L 297 -31.89 72.18 74.76
N ILE L 298 -30.92 71.50 74.18
CA ILE L 298 -29.57 72.08 74.00
C ILE L 298 -28.91 71.39 72.83
N ALA L 299 -27.98 72.10 72.22
CA ALA L 299 -27.18 71.59 71.12
C ALA L 299 -26.10 70.71 71.63
N ILE L 300 -25.93 69.54 71.01
CA ILE L 300 -24.94 68.54 71.48
C ILE L 300 -23.92 68.44 70.34
N SER L 301 -22.67 68.71 70.68
CA SER L 301 -21.60 68.50 69.73
C SER L 301 -21.29 67.08 69.48
N ASP L 302 -20.62 66.77 68.38
CA ASP L 302 -20.29 65.40 68.04
C ASP L 302 -19.50 64.72 69.13
N ARG L 303 -18.65 65.48 69.83
CA ARG L 303 -17.89 64.95 70.97
C ARG L 303 -18.80 64.59 72.15
N ARG L 304 -19.71 65.50 72.50
CA ARG L 304 -20.74 65.22 73.49
C ARG L 304 -21.62 64.08 73.04
N GLU L 305 -21.96 64.01 71.77
CA GLU L 305 -22.80 62.93 71.28
C GLU L 305 -22.15 61.58 71.47
N ALA L 306 -20.93 61.42 71.00
CA ALA L 306 -20.24 60.15 71.17
C ALA L 306 -20.02 59.83 72.62
N GLU L 307 -19.79 60.85 73.42
CA GLU L 307 -19.56 60.64 74.86
C GLU L 307 -20.82 60.21 75.57
N LEU L 308 -21.98 60.61 75.10
CA LEU L 308 -23.24 60.15 75.64
C LEU L 308 -23.58 58.76 75.13
N ALA L 309 -23.32 58.48 73.87
CA ALA L 309 -23.57 57.17 73.34
C ALA L 309 -22.64 56.13 73.97
N LYS L 310 -21.49 56.55 74.46
CA LYS L 310 -20.64 55.64 75.22
C LYS L 310 -21.21 55.32 76.56
N ASN L 311 -21.96 56.24 77.13
CA ASN L 311 -22.57 56.07 78.46
C ASN L 311 -23.93 55.45 78.39
N GLY L 312 -24.36 54.99 77.23
CA GLY L 312 -25.63 54.28 77.10
C GLY L 312 -26.81 55.19 77.06
N PHE L 313 -26.74 56.28 76.29
CA PHE L 313 -27.85 57.15 76.05
C PHE L 313 -28.10 57.22 74.56
N MET L 314 -29.28 57.72 74.19
CA MET L 314 -29.65 57.96 72.81
C MET L 314 -29.90 59.45 72.66
N PRO L 315 -28.86 60.23 72.36
CA PRO L 315 -29.05 61.66 72.28
C PRO L 315 -29.87 62.05 71.07
N LEU L 316 -30.77 62.99 71.23
CA LEU L 316 -31.42 63.65 70.11
C LEU L 316 -30.75 64.99 69.92
N LEU L 317 -29.95 65.13 68.89
CA LEU L 317 -29.22 66.35 68.66
C LEU L 317 -29.82 67.13 67.53
N HIS L 318 -29.88 68.44 67.72
CA HIS L 318 -30.51 69.33 66.77
C HIS L 318 -29.53 69.96 65.78
N LYS L 319 -29.84 69.85 64.50
CA LYS L 319 -29.01 70.42 63.45
C LYS L 319 -29.08 71.93 63.59
N LYS L 320 -27.93 72.60 63.51
CA LYS L 320 -27.88 74.05 63.69
C LYS L 320 -28.63 74.86 62.63
N ASN L 321 -29.34 75.90 63.08
CA ASN L 321 -30.06 76.80 62.19
C ASN L 321 -31.14 76.15 61.34
N THR L 322 -31.70 75.05 61.80
CA THR L 322 -32.73 74.29 61.09
C THR L 322 -33.65 73.63 62.09
N ASP L 323 -34.88 73.36 61.66
CA ASP L 323 -35.81 72.67 62.49
C ASP L 323 -35.58 71.14 62.49
N PHE L 324 -34.69 70.67 61.68
CA PHE L 324 -34.31 69.26 61.61
C PHE L 324 -33.60 68.83 62.86
N ALA L 325 -33.73 67.56 63.20
CA ALA L 325 -33.00 66.93 64.32
C ALA L 325 -32.96 65.45 64.07
N ALA L 326 -32.02 64.75 64.70
CA ALA L 326 -31.83 63.34 64.41
C ALA L 326 -31.25 62.60 65.59
N PHE L 327 -31.42 61.28 65.58
CA PHE L 327 -30.72 60.34 66.45
C PHE L 327 -29.55 59.78 65.69
N ILE L 328 -28.34 60.11 66.11
CA ILE L 328 -27.13 59.68 65.38
C ILE L 328 -26.94 58.19 65.54
N GLY L 329 -27.19 57.68 66.73
CA GLY L 329 -27.07 56.24 66.97
C GLY L 329 -28.00 55.87 68.11
N ALA L 330 -28.38 54.58 68.07
CA ALA L 330 -29.25 54.00 69.11
C ALA L 330 -28.42 53.00 69.88
N GLN L 331 -28.06 53.34 71.10
CA GLN L 331 -27.27 52.48 71.98
C GLN L 331 -28.09 52.21 73.21
N SER L 332 -28.24 50.94 73.56
CA SER L 332 -29.04 50.59 74.72
C SER L 332 -28.30 50.97 75.99
N LEU L 333 -28.91 50.75 77.13
CA LEU L 333 -28.30 51.09 78.40
C LEU L 333 -27.17 50.20 78.74
N GLN L 334 -27.09 49.03 78.12
CA GLN L 334 -26.03 48.10 78.45
C GLN L 334 -24.63 48.49 77.99
N LYS L 335 -23.68 48.40 78.91
CA LYS L 335 -22.27 48.62 78.61
C LYS L 335 -21.67 47.33 78.13
N PRO L 336 -21.38 47.17 76.85
CA PRO L 336 -20.87 45.89 76.34
C PRO L 336 -19.50 45.58 76.91
N ALA L 337 -19.29 44.39 77.40
CA ALA L 337 -18.02 44.03 78.00
C ALA L 337 -17.00 43.67 76.97
N GLU L 338 -15.75 44.03 77.22
CA GLU L 338 -14.64 43.69 76.32
C GLU L 338 -14.26 42.21 76.48
N TYR L 339 -13.73 41.61 75.42
CA TYR L 339 -13.32 40.22 75.48
C TYR L 339 -11.96 40.07 74.83
N ASP L 340 -11.32 38.92 75.05
CA ASP L 340 -10.05 38.65 74.44
C ASP L 340 -10.16 38.58 72.92
N ASP L 341 -11.03 37.70 72.44
CA ASP L 341 -11.21 37.55 71.01
C ASP L 341 -11.95 38.75 70.45
N PRO L 342 -11.47 39.38 69.38
CA PRO L 342 -12.19 40.50 68.80
C PRO L 342 -13.56 40.09 68.26
N ASP L 343 -13.76 38.83 67.89
CA ASP L 343 -15.06 38.40 67.44
C ASP L 343 -16.07 38.39 68.56
N ALA L 344 -15.66 37.94 69.74
CA ALA L 344 -16.54 37.98 70.91
C ALA L 344 -16.83 39.39 71.33
N THR L 345 -15.89 40.29 71.17
CA THR L 345 -16.12 41.71 71.47
C THR L 345 -17.09 42.29 70.47
N ALA L 346 -17.00 41.90 69.20
CA ALA L 346 -17.94 42.36 68.21
C ALA L 346 -19.34 41.89 68.54
N ASN L 347 -19.51 40.59 68.80
CA ASN L 347 -20.81 40.08 69.17
C ASN L 347 -21.33 40.72 70.42
N ALA L 348 -20.44 41.09 71.34
CA ALA L 348 -20.88 41.77 72.56
C ALA L 348 -21.29 43.19 72.28
N ASN L 349 -20.72 43.84 71.26
CA ASN L 349 -21.12 45.19 70.93
C ASN L 349 -22.44 45.22 70.15
N LEU L 350 -22.66 44.24 69.29
CA LEU L 350 -23.88 44.20 68.49
C LEU L 350 -25.12 44.09 69.38
N ALA L 351 -25.01 43.30 70.44
CA ALA L 351 -26.12 43.09 71.34
C ALA L 351 -26.53 44.35 72.07
N ALA L 352 -25.62 45.32 72.22
CA ALA L 352 -25.94 46.53 72.95
C ALA L 352 -26.62 47.58 72.12
N ARG L 353 -26.80 47.35 70.83
CA ARG L 353 -27.37 48.35 69.91
C ARG L 353 -28.80 47.96 69.57
N LEU L 354 -29.74 48.87 69.81
CA LEU L 354 -31.13 48.64 69.58
C LEU L 354 -31.49 48.26 68.14
N PRO L 355 -30.85 48.87 67.08
CA PRO L 355 -31.19 48.50 65.73
C PRO L 355 -31.16 46.98 65.47
N TYR L 356 -30.21 46.27 66.09
CA TYR L 356 -30.14 44.85 65.92
C TYR L 356 -31.11 44.11 66.85
N LEU L 357 -31.23 44.56 68.09
CA LEU L 357 -32.13 43.92 69.02
C LEU L 357 -33.56 43.95 68.54
N PHE L 358 -33.94 44.96 67.77
CA PHE L 358 -35.27 44.95 67.17
C PHE L 358 -35.40 43.85 66.17
N ALA L 359 -34.35 43.57 65.42
CA ALA L 359 -34.35 42.47 64.46
C ALA L 359 -34.55 41.14 65.19
N THR L 360 -33.69 40.85 66.18
CA THR L 360 -33.79 39.58 66.87
C THR L 360 -35.09 39.45 67.64
N CYS L 361 -35.59 40.53 68.18
CA CYS L 361 -36.89 40.50 68.85
C CYS L 361 -37.99 40.13 67.86
N ARG L 362 -37.96 40.73 66.67
CA ARG L 362 -38.95 40.39 65.66
C ARG L 362 -38.88 38.94 65.28
N PHE L 363 -37.66 38.41 65.10
CA PHE L 363 -37.53 36.98 64.83
C PHE L 363 -38.04 36.13 65.99
N ALA L 364 -37.96 36.64 67.21
CA ALA L 364 -38.50 35.91 68.34
C ALA L 364 -40.02 35.85 68.27
N HIS L 365 -40.65 36.95 67.89
CA HIS L 365 -42.10 36.95 67.71
C HIS L 365 -42.51 35.99 66.63
N TYR L 366 -41.91 36.11 65.45
CA TYR L 366 -42.23 35.21 64.37
C TYR L 366 -42.07 33.78 64.77
N LEU L 367 -40.91 33.43 65.30
CA LEU L 367 -40.61 32.03 65.68
C LEU L 367 -41.59 31.53 66.68
N LYS L 368 -41.95 32.36 67.64
CA LYS L 368 -42.96 31.97 68.66
C LYS L 368 -44.26 31.58 67.98
N CYS L 369 -44.78 32.44 67.13
CA CYS L 369 -46.09 32.17 66.52
C CYS L 369 -46.03 30.96 65.60
N ILE L 370 -45.02 30.90 64.70
CA ILE L 370 -45.00 29.87 63.70
C ILE L 370 -44.72 28.51 64.32
N VAL L 371 -43.82 28.45 65.31
CA VAL L 371 -43.55 27.17 65.96
C VAL L 371 -44.73 26.76 66.81
N ARG L 372 -45.34 27.70 67.51
CA ARG L 372 -46.54 27.38 68.28
C ARG L 372 -47.62 26.81 67.40
N ASP L 373 -47.72 27.26 66.15
CA ASP L 373 -48.68 26.66 65.22
C ASP L 373 -48.19 25.35 64.64
N LYS L 374 -46.88 25.09 64.65
CA LYS L 374 -46.33 23.85 64.11
C LYS L 374 -46.29 22.72 65.14
N ILE L 375 -46.70 22.97 66.38
CA ILE L 375 -46.70 21.94 67.40
C ILE L 375 -47.72 20.88 67.05
N GLY L 376 -47.27 19.59 67.03
CA GLY L 376 -48.16 18.53 66.67
C GLY L 376 -47.99 17.96 65.29
N SER L 377 -47.13 18.54 64.51
CA SER L 377 -46.79 18.03 63.17
C SER L 377 -45.64 17.07 63.21
N PHE L 378 -45.66 16.08 62.38
CA PHE L 378 -44.60 15.06 62.37
C PHE L 378 -43.27 15.67 61.99
N LYS L 379 -42.30 15.60 62.89
CA LYS L 379 -41.02 16.29 62.74
C LYS L 379 -39.93 15.42 63.35
N GLU L 380 -38.84 15.27 62.58
CA GLU L 380 -37.60 14.69 63.07
C GLU L 380 -36.57 15.80 63.25
N LYS L 381 -35.38 15.45 63.68
CA LYS L 381 -34.31 16.44 63.78
C LYS L 381 -34.02 17.02 62.39
N ASP L 382 -33.96 16.16 61.36
CA ASP L 382 -33.70 16.63 60.02
C ASP L 382 -34.86 17.47 59.48
N GLU L 383 -36.11 17.07 59.82
CA GLU L 383 -37.25 17.85 59.38
C GLU L 383 -37.24 19.24 59.98
N MET L 384 -36.99 19.33 61.28
CA MET L 384 -36.87 20.64 61.93
C MET L 384 -35.69 21.44 61.38
N GLN L 385 -34.60 20.75 61.03
CA GLN L 385 -33.46 21.45 60.44
C GLN L 385 -33.83 22.07 59.11
N ARG L 386 -34.57 21.35 58.27
CA ARG L 386 -34.93 21.88 56.97
C ARG L 386 -35.98 22.96 57.11
N TRP L 387 -36.91 22.82 58.05
CA TRP L 387 -37.97 23.82 58.17
C TRP L 387 -37.49 25.09 58.78
N LEU L 388 -36.65 25.01 59.79
CA LEU L 388 -36.06 26.23 60.41
C LEU L 388 -35.01 26.85 59.50
N GLN L 389 -34.18 26.00 58.89
CA GLN L 389 -33.15 26.50 57.97
C GLN L 389 -33.77 27.20 56.78
N ASP L 390 -34.82 26.62 56.22
CA ASP L 390 -35.49 27.25 55.08
C ASP L 390 -36.47 28.34 55.50
N TRP L 391 -36.86 28.39 56.77
CA TRP L 391 -37.70 29.48 57.21
C TRP L 391 -36.90 30.74 57.46
N ILE L 392 -35.75 30.61 58.11
CA ILE L 392 -34.92 31.79 58.39
C ILE L 392 -34.29 32.32 57.14
N LEU L 393 -34.24 31.52 56.06
CA LEU L 393 -33.46 31.87 54.88
C LEU L 393 -34.22 32.74 53.91
N ASN L 394 -35.51 33.04 54.17
CA ASN L 394 -36.23 33.96 53.32
C ASN L 394 -36.13 35.38 53.81
N TYR L 395 -35.58 35.61 54.99
CA TYR L 395 -35.25 36.96 55.46
C TYR L 395 -33.81 37.34 55.17
N VAL L 396 -33.06 36.49 54.45
CA VAL L 396 -31.66 36.74 54.11
C VAL L 396 -31.58 36.88 52.61
N ASP L 397 -30.85 37.93 52.19
CA ASP L 397 -30.60 38.14 50.73
C ASP L 397 -29.17 37.71 50.41
N GLY L 398 -29.01 36.56 49.78
CA GLY L 398 -27.70 35.95 49.63
C GLY L 398 -26.89 36.50 48.46
N ASP L 399 -27.49 36.48 47.28
CA ASP L 399 -26.85 36.98 46.06
C ASP L 399 -26.56 38.49 46.03
N PRO L 400 -27.47 39.30 46.55
CA PRO L 400 -27.36 40.77 46.48
C PRO L 400 -26.75 41.46 47.70
N ALA L 401 -26.19 40.72 48.65
CA ALA L 401 -25.62 41.33 49.84
C ALA L 401 -24.71 42.57 49.63
N HIS L 402 -23.80 42.56 48.67
CA HIS L 402 -22.99 43.77 48.49
C HIS L 402 -23.73 44.86 47.72
N SER L 403 -24.54 44.46 46.72
CA SER L 403 -25.26 45.43 45.89
C SER L 403 -26.74 45.33 46.18
N THR L 404 -27.21 46.26 47.02
CA THR L 404 -28.63 46.42 47.39
C THR L 404 -28.80 47.77 48.14
N GLU L 405 -30.04 48.29 48.24
CA GLU L 405 -30.15 49.55 48.99
C GLU L 405 -31.25 49.48 50.05
N THR L 406 -32.51 49.40 49.61
CA THR L 406 -33.63 49.29 50.51
C THR L 406 -33.86 47.85 50.96
N THR L 407 -33.49 46.85 50.15
CA THR L 407 -33.76 45.47 50.58
C THR L 407 -32.89 45.09 51.78
N LYS L 408 -31.73 45.75 51.95
CA LYS L 408 -30.95 45.51 53.15
C LYS L 408 -31.72 45.92 54.40
N ALA L 409 -32.62 46.89 54.27
CA ALA L 409 -33.49 47.25 55.38
C ALA L 409 -34.65 46.27 55.51
N GLN L 410 -35.14 45.75 54.39
CA GLN L 410 -36.24 44.80 54.45
C GLN L 410 -35.78 43.41 54.81
N HIS L 411 -34.58 43.03 54.36
CA HIS L 411 -34.00 41.77 54.82
C HIS L 411 -32.92 42.10 55.84
N PRO L 412 -33.20 41.94 57.15
CA PRO L 412 -32.26 42.45 58.15
C PRO L 412 -30.98 41.61 58.28
N LEU L 413 -30.94 40.38 57.74
CA LEU L 413 -29.85 39.48 57.97
C LEU L 413 -29.00 39.32 56.72
N ALA L 414 -27.68 39.41 56.87
CA ALA L 414 -26.78 39.10 55.80
C ALA L 414 -26.57 37.59 55.66
N ALA L 415 -26.71 36.83 56.74
CA ALA L 415 -26.59 35.39 56.71
C ALA L 415 -27.29 34.81 57.91
N ALA L 416 -27.58 33.51 57.85
CA ALA L 416 -28.29 32.82 58.92
C ALA L 416 -27.82 31.40 59.03
N GLU L 417 -27.67 30.92 60.26
CA GLU L 417 -27.16 29.56 60.51
C GLU L 417 -27.94 28.97 61.65
N VAL L 418 -28.39 27.74 61.48
CA VAL L 418 -29.28 27.07 62.45
C VAL L 418 -28.57 25.76 62.83
N VAL L 419 -28.47 25.52 64.14
CA VAL L 419 -28.01 24.25 64.67
C VAL L 419 -29.12 23.67 65.51
N VAL L 420 -29.67 22.54 65.10
CA VAL L 420 -30.79 21.89 65.77
C VAL L 420 -30.21 20.67 66.51
N GLU L 421 -30.69 20.47 67.74
CA GLU L 421 -30.28 19.33 68.54
C GLU L 421 -31.49 18.79 69.26
N GLU L 422 -31.70 17.48 69.16
CA GLU L 422 -32.83 16.85 69.82
C GLU L 422 -32.51 16.62 71.30
N VAL L 423 -33.46 16.95 72.18
CA VAL L 423 -33.26 16.76 73.60
C VAL L 423 -33.26 15.25 73.89
N GLU L 424 -32.20 14.77 74.52
CA GLU L 424 -32.08 13.35 74.85
C GLU L 424 -33.07 12.99 75.95
N GLY L 425 -33.57 11.75 75.93
CA GLY L 425 -34.50 11.34 76.93
C GLY L 425 -35.89 11.95 76.77
N ASN L 426 -36.32 12.18 75.53
CA ASN L 426 -37.61 12.81 75.27
C ASN L 426 -37.83 12.84 73.75
N PRO L 427 -38.99 12.43 73.26
CA PRO L 427 -39.32 12.63 71.86
C PRO L 427 -39.89 14.01 71.61
N GLY L 428 -39.77 14.46 70.35
CA GLY L 428 -40.55 15.65 69.94
C GLY L 428 -40.07 16.96 70.54
N TYR L 429 -39.07 16.95 71.45
CA TYR L 429 -38.52 18.18 72.01
C TYR L 429 -37.15 18.40 71.42
N TYR L 430 -36.90 19.65 70.97
CA TYR L 430 -35.61 19.96 70.33
C TYR L 430 -35.04 21.24 70.90
N ASN L 431 -33.74 21.41 70.80
CA ASN L 431 -33.04 22.65 71.11
C ASN L 431 -32.41 23.19 69.84
N SER L 432 -32.57 24.48 69.61
CA SER L 432 -32.06 25.12 68.40
C SER L 432 -31.25 26.33 68.74
N LYS L 433 -30.30 26.67 67.87
CA LYS L 433 -29.48 27.88 67.98
C LYS L 433 -29.55 28.60 66.66
N PHE L 434 -29.93 29.85 66.67
CA PHE L 434 -30.00 30.68 65.48
C PHE L 434 -28.84 31.66 65.49
N PHE L 435 -27.90 31.49 64.57
CA PHE L 435 -26.81 32.43 64.37
C PHE L 435 -27.16 33.28 63.17
N LEU L 436 -27.50 34.55 63.42
CA LEU L 436 -27.91 35.43 62.33
C LEU L 436 -27.01 36.68 62.33
N ARG L 437 -26.38 36.94 61.18
CA ARG L 437 -25.46 38.05 61.04
C ARG L 437 -26.18 39.24 60.45
N PRO L 438 -26.37 40.32 61.21
CA PRO L 438 -27.08 41.47 60.71
C PRO L 438 -26.25 42.28 59.72
N HIS L 439 -26.90 43.17 59.00
CA HIS L 439 -26.19 44.12 58.16
C HIS L 439 -25.57 45.21 59.02
N TYR L 440 -24.25 45.36 58.91
CA TYR L 440 -23.55 46.36 59.72
C TYR L 440 -24.00 47.76 59.36
N GLN L 441 -23.91 48.69 60.30
CA GLN L 441 -24.23 50.08 60.07
C GLN L 441 -23.05 50.96 60.39
N LEU L 442 -22.81 51.98 59.58
CA LEU L 442 -21.64 52.85 59.82
C LEU L 442 -21.77 53.52 61.18
N GLU L 443 -20.81 53.31 62.05
CA GLU L 443 -20.80 53.86 63.39
C GLU L 443 -19.87 55.05 63.59
N GLY L 444 -18.67 54.95 63.07
CA GLY L 444 -17.71 56.06 63.14
C GLY L 444 -16.61 55.91 62.14
N LEU L 445 -15.85 56.97 61.93
CA LEU L 445 -14.76 56.87 60.95
C LEU L 445 -13.68 57.84 61.36
N THR L 446 -12.44 57.33 61.49
CA THR L 446 -11.28 58.19 61.74
C THR L 446 -10.52 58.27 60.44
N VAL L 447 -10.29 59.49 59.94
CA VAL L 447 -9.58 59.70 58.68
C VAL L 447 -8.31 60.43 58.95
N SER L 448 -7.20 59.95 58.42
CA SER L 448 -5.91 60.67 58.41
C SER L 448 -5.56 61.01 56.99
N LEU L 449 -5.60 62.28 56.66
CA LEU L 449 -5.29 62.74 55.28
C LEU L 449 -3.77 62.93 55.21
N ARG L 450 -3.20 62.57 54.07
CA ARG L 450 -1.74 62.68 53.90
C ARG L 450 -1.39 63.36 52.58
N LEU L 451 -0.71 64.50 52.64
CA LEU L 451 -0.19 65.09 51.44
C LEU L 451 1.06 64.36 50.98
N VAL L 452 1.03 63.77 49.80
CA VAL L 452 2.01 62.81 49.36
C VAL L 452 2.49 63.22 47.98
N SER L 453 3.82 63.21 47.80
CA SER L 453 4.39 63.50 46.49
C SER L 453 4.34 62.31 45.57
N LYS L 454 4.55 61.10 46.10
CA LYS L 454 4.53 59.87 45.28
C LYS L 454 3.64 58.87 45.99
N LEU L 455 2.53 58.49 45.35
CA LEU L 455 1.54 57.62 45.97
C LEU L 455 2.16 56.36 46.55
N PRO L 456 1.97 56.07 47.82
CA PRO L 456 2.67 54.89 48.41
C PRO L 456 2.14 53.58 47.90
N SER L 457 0.86 53.53 47.49
CA SER L 457 0.30 52.26 47.04
C SER L 457 0.86 51.88 45.68
N ALA L 458 0.66 52.76 44.68
CA ALA L 458 1.10 52.41 43.33
C ALA L 458 2.39 53.06 42.78
N LYS L 459 2.52 54.39 42.91
CA LYS L 459 3.65 55.08 42.38
C LYS L 459 4.98 54.62 43.02
N GLU L 460 4.92 54.40 44.34
CA GLU L 460 6.08 53.97 45.08
C GLU L 460 5.97 52.48 45.39
N ALA L 461 6.80 51.68 44.71
CA ALA L 461 6.74 50.22 44.82
C ALA L 461 7.91 49.69 43.92
N THR M 1 -65.32 -35.95 4.94
CA THR M 1 -66.06 -37.19 5.12
C THR M 1 -65.66 -38.24 4.08
N THR M 2 -64.37 -38.25 3.75
CA THR M 2 -63.77 -39.17 2.77
C THR M 2 -64.56 -39.37 1.46
N SER M 3 -64.43 -38.40 0.57
CA SER M 3 -65.10 -38.42 -0.73
C SER M 3 -64.93 -39.73 -1.50
N SER M 4 -66.03 -40.17 -2.11
CA SER M 4 -66.03 -41.44 -2.87
C SER M 4 -64.85 -41.55 -3.78
N GLN M 5 -64.26 -40.45 -4.20
CA GLN M 5 -63.00 -40.49 -4.96
C GLN M 5 -61.92 -41.14 -4.16
N LYS M 6 -61.91 -40.97 -2.85
CA LYS M 6 -60.98 -41.68 -1.98
C LYS M 6 -61.29 -43.14 -1.91
N PHE M 7 -62.55 -43.53 -1.92
CA PHE M 7 -62.91 -44.96 -1.99
C PHE M 7 -62.38 -45.55 -3.26
N ILE M 8 -62.57 -44.89 -4.40
CA ILE M 8 -62.03 -45.39 -5.66
C ILE M 8 -60.51 -45.43 -5.60
N ALA M 9 -59.90 -44.50 -4.88
CA ALA M 9 -58.44 -44.43 -4.82
C ALA M 9 -57.87 -45.55 -4.03
N ARG M 10 -58.36 -45.79 -2.82
CA ARG M 10 -57.80 -46.81 -1.95
C ARG M 10 -58.27 -48.18 -2.27
N ASN M 11 -59.46 -48.35 -2.81
CA ASN M 11 -60.04 -49.67 -3.00
C ASN M 11 -59.63 -50.44 -4.22
N ARG M 12 -59.87 -49.91 -5.39
CA ARG M 12 -59.29 -50.49 -6.66
C ARG M 12 -58.99 -49.25 -7.47
N ALA M 13 -57.72 -49.00 -7.63
CA ALA M 13 -57.30 -47.72 -8.17
C ALA M 13 -56.99 -47.84 -9.62
N PRO M 14 -57.54 -46.96 -10.48
CA PRO M 14 -57.08 -46.87 -11.83
C PRO M 14 -55.63 -46.39 -11.84
N ARG M 15 -54.90 -46.67 -12.94
CA ARG M 15 -53.57 -46.15 -13.07
C ARG M 15 -53.58 -44.63 -13.00
N VAL M 16 -54.61 -43.99 -13.59
CA VAL M 16 -54.81 -42.56 -13.48
C VAL M 16 -55.97 -42.33 -12.54
N GLN M 17 -55.72 -41.83 -11.35
CA GLN M 17 -56.76 -41.59 -10.33
C GLN M 17 -56.76 -40.13 -10.03
N ILE M 18 -57.90 -39.48 -10.27
CA ILE M 18 -57.99 -38.01 -10.13
C ILE M 18 -59.03 -37.72 -9.06
N GLU M 19 -58.60 -37.11 -7.98
CA GLU M 19 -59.45 -36.71 -6.88
C GLU M 19 -59.43 -35.20 -6.73
N TYR M 20 -60.48 -34.66 -6.12
CA TYR M 20 -60.52 -33.26 -5.78
C TYR M 20 -60.62 -33.10 -4.30
N ASP M 21 -59.71 -32.34 -3.71
CA ASP M 21 -59.73 -32.07 -2.27
C ASP M 21 -59.60 -30.61 -2.00
N VAL M 22 -60.41 -30.11 -1.07
CA VAL M 22 -60.41 -28.68 -0.71
C VAL M 22 -59.04 -28.42 0.01
N GLU M 23 -58.45 -27.27 -0.32
CA GLU M 23 -57.23 -26.89 0.28
C GLU M 23 -57.41 -26.02 1.49
N LEU M 24 -57.05 -26.51 2.67
CA LEU M 24 -57.07 -25.76 3.92
C LEU M 24 -55.69 -25.87 4.55
N TYR M 25 -54.96 -24.77 4.59
CA TYR M 25 -53.61 -24.77 5.12
C TYR M 25 -53.51 -25.14 6.57
N GLY M 26 -54.29 -24.46 7.39
CA GLY M 26 -54.30 -24.71 8.82
C GLY M 26 -55.48 -25.43 9.39
N ALA M 27 -56.46 -25.78 8.55
CA ALA M 27 -57.67 -26.49 8.98
C ALA M 27 -58.32 -25.71 10.13
N GLU M 28 -58.63 -26.41 11.22
CA GLU M 28 -59.20 -25.77 12.40
C GLU M 28 -60.45 -24.91 12.18
N LYS M 29 -61.53 -25.53 11.72
CA LYS M 29 -62.79 -24.84 11.46
C LYS M 29 -63.41 -24.22 12.73
N LYS M 30 -64.18 -23.15 12.54
CA LYS M 30 -64.81 -22.42 13.65
C LYS M 30 -65.78 -23.25 14.49
N VAL M 31 -65.89 -22.89 15.76
CA VAL M 31 -66.65 -23.66 16.73
C VAL M 31 -68.15 -23.40 16.64
N GLN M 32 -68.59 -22.30 16.02
CA GLN M 32 -70.01 -22.00 15.93
C GLN M 32 -70.52 -21.67 17.32
N LEU M 33 -71.40 -22.53 17.87
CA LEU M 33 -71.93 -22.38 19.22
C LEU M 33 -72.76 -21.11 19.37
N PRO M 34 -73.99 -21.11 18.87
CA PRO M 34 -74.85 -19.93 19.03
C PRO M 34 -75.12 -19.59 20.48
N PHE M 35 -75.57 -18.35 20.68
CA PHE M 35 -75.89 -17.83 22.01
C PHE M 35 -77.37 -18.03 22.29
N VAL M 36 -77.68 -18.91 23.22
CA VAL M 36 -79.05 -19.14 23.65
C VAL M 36 -79.24 -18.44 24.99
N MET M 37 -80.43 -17.89 25.21
CA MET M 37 -80.77 -17.25 26.47
C MET M 37 -81.99 -17.93 27.06
N GLY M 38 -81.81 -18.66 28.17
CA GLY M 38 -82.91 -19.33 28.82
C GLY M 38 -83.64 -18.36 29.71
N VAL M 39 -84.96 -18.32 29.63
CA VAL M 39 -85.73 -17.40 30.45
C VAL M 39 -86.71 -18.14 31.36
N MET M 40 -86.72 -17.77 32.63
CA MET M 40 -87.61 -18.38 33.60
C MET M 40 -88.57 -17.31 34.05
N ALA M 41 -89.86 -17.62 34.07
CA ALA M 41 -90.83 -16.61 34.45
C ALA M 41 -92.08 -17.30 34.95
N ASP M 42 -92.93 -16.56 35.65
CA ASP M 42 -94.19 -17.08 36.15
C ASP M 42 -95.27 -16.78 35.10
N LEU M 43 -95.75 -17.83 34.43
CA LEU M 43 -96.74 -17.71 33.40
C LEU M 43 -97.88 -18.69 33.68
N ALA M 44 -99.06 -18.35 33.17
CA ALA M 44 -100.28 -19.11 33.43
C ALA M 44 -100.55 -19.20 34.94
N GLY M 45 -100.53 -18.03 35.57
CA GLY M 45 -100.76 -17.95 37.00
C GLY M 45 -102.15 -18.42 37.36
N LYS M 46 -102.25 -19.28 38.37
CA LYS M 46 -103.51 -19.88 38.79
C LYS M 46 -104.17 -20.60 37.61
N PRO M 47 -103.60 -21.69 37.13
CA PRO M 47 -104.21 -22.42 36.02
C PRO M 47 -105.43 -23.20 36.48
N ALA M 48 -106.26 -23.57 35.50
CA ALA M 48 -107.47 -24.32 35.81
C ALA M 48 -107.26 -25.81 36.03
N GLU M 49 -106.16 -26.36 35.54
CA GLU M 49 -105.89 -27.79 35.62
C GLU M 49 -104.67 -27.96 36.50
N PRO M 50 -104.27 -29.20 36.83
CA PRO M 50 -102.96 -29.41 37.49
C PRO M 50 -101.78 -28.92 36.68
N GLN M 51 -101.96 -28.60 35.39
CA GLN M 51 -100.89 -28.21 34.49
C GLN M 51 -99.91 -29.36 34.31
N ALA M 52 -98.63 -29.13 34.60
CA ALA M 52 -97.62 -30.15 34.37
C ALA M 52 -96.67 -30.19 35.56
N ALA M 53 -96.21 -31.40 35.88
CA ALA M 53 -95.23 -31.55 36.93
C ALA M 53 -93.87 -31.02 36.47
N VAL M 54 -93.03 -30.70 37.45
CA VAL M 54 -91.70 -30.19 37.15
C VAL M 54 -90.88 -31.33 36.52
N ALA M 55 -89.82 -30.94 35.80
CA ALA M 55 -88.94 -31.82 35.04
C ALA M 55 -89.62 -32.29 33.76
N ASP M 56 -90.95 -32.13 33.68
CA ASP M 56 -91.68 -32.35 32.44
C ASP M 56 -91.99 -31.06 31.69
N ARG M 57 -91.64 -29.89 32.26
CA ARG M 57 -91.93 -28.63 31.61
C ARG M 57 -90.90 -28.26 30.55
N LYS M 58 -89.65 -28.60 30.80
CA LYS M 58 -88.59 -28.33 29.82
C LYS M 58 -88.44 -26.83 29.56
N PHE M 59 -87.76 -26.51 28.48
CA PHE M 59 -87.56 -25.14 28.05
C PHE M 59 -88.07 -25.13 26.62
N LEU M 60 -88.95 -24.20 26.29
CA LEU M 60 -89.50 -24.15 24.94
C LEU M 60 -88.99 -22.95 24.19
N GLU M 61 -88.48 -23.17 22.99
CA GLU M 61 -87.96 -22.08 22.21
C GLU M 61 -89.08 -21.13 21.86
N ILE M 62 -88.78 -19.84 21.92
CA ILE M 62 -89.74 -18.79 21.65
C ILE M 62 -89.07 -17.76 20.72
N ASP M 63 -89.88 -17.07 19.96
CA ASP M 63 -89.46 -16.06 19.01
C ASP M 63 -90.69 -15.27 18.61
N VAL M 64 -90.54 -14.38 17.63
CA VAL M 64 -91.65 -13.59 17.16
C VAL M 64 -92.63 -14.44 16.36
N ASP M 65 -92.21 -15.61 15.88
CA ASP M 65 -93.06 -16.44 15.04
C ASP M 65 -94.07 -17.21 15.86
N ASN M 66 -93.65 -17.88 16.93
CA ASN M 66 -94.51 -18.75 17.71
C ASN M 66 -95.05 -18.10 18.97
N PHE M 67 -94.80 -16.82 19.17
CA PHE M 67 -95.15 -16.17 20.44
C PHE M 67 -96.62 -16.37 20.79
N ASP M 68 -97.49 -16.02 19.90
CA ASP M 68 -98.92 -16.24 20.11
C ASP M 68 -99.26 -17.71 20.23
N ALA M 69 -98.53 -18.58 19.53
CA ALA M 69 -98.73 -20.01 19.71
C ALA M 69 -98.22 -20.46 21.04
N ARG M 70 -97.25 -19.76 21.62
CA ARG M 70 -96.78 -20.08 22.96
C ARG M 70 -97.80 -19.63 24.03
N LEU M 71 -98.46 -18.49 23.84
CA LEU M 71 -99.52 -18.13 24.73
C LEU M 71 -100.70 -19.11 24.61
N LYS M 72 -101.21 -19.30 23.40
CA LYS M 72 -102.35 -20.17 23.22
C LYS M 72 -102.06 -21.58 23.65
N ALA M 73 -100.83 -22.04 23.48
CA ALA M 73 -100.46 -23.36 23.96
C ALA M 73 -100.36 -23.40 25.46
N MET M 74 -99.81 -22.34 26.08
CA MET M 74 -99.63 -22.32 27.51
C MET M 74 -100.89 -22.00 28.26
N LYS M 75 -101.84 -21.35 27.62
CA LYS M 75 -103.15 -20.95 28.18
C LYS M 75 -103.00 -20.20 29.52
N PRO M 76 -102.36 -19.03 29.53
CA PRO M 76 -102.36 -18.21 30.70
C PRO M 76 -103.69 -17.67 31.08
N ARG M 77 -104.07 -17.85 32.36
CA ARG M 77 -105.43 -17.43 32.75
C ARG M 77 -105.41 -16.68 34.05
N VAL M 78 -106.49 -16.02 34.40
CA VAL M 78 -106.62 -15.27 35.61
C VAL M 78 -108.03 -15.34 36.09
N ALA M 79 -108.22 -15.59 37.38
CA ALA M 79 -109.57 -15.68 37.97
C ALA M 79 -109.54 -14.98 39.31
N PHE M 80 -110.37 -13.95 39.48
CA PHE M 80 -110.49 -13.27 40.73
C PHE M 80 -111.77 -12.53 40.84
N ASN M 81 -112.12 -12.15 42.08
CA ASN M 81 -113.34 -11.35 42.34
C ASN M 81 -112.97 -9.90 42.26
N VAL M 82 -113.88 -9.10 41.69
CA VAL M 82 -113.62 -7.65 41.56
C VAL M 82 -114.92 -6.94 41.85
N PRO M 83 -114.90 -5.79 42.53
CA PRO M 83 -116.14 -5.06 42.79
C PRO M 83 -116.86 -4.72 41.50
N ASN M 84 -118.18 -4.86 41.53
CA ASN M 84 -119.00 -4.63 40.34
C ASN M 84 -119.52 -3.20 40.43
N VAL M 85 -119.03 -2.34 39.55
CA VAL M 85 -119.48 -0.96 39.54
C VAL M 85 -120.68 -0.75 38.60
N LEU M 86 -120.96 -1.75 37.76
CA LEU M 86 -122.07 -1.61 36.81
C LEU M 86 -123.46 -1.47 37.43
N THR M 87 -123.81 -2.32 38.39
CA THR M 87 -125.13 -2.27 39.02
C THR M 87 -125.12 -2.57 40.53
N GLY M 88 -124.40 -1.77 41.32
CA GLY M 88 -124.35 -2.01 42.76
C GLY M 88 -123.87 -3.42 43.04
N GLU M 89 -124.61 -4.16 43.86
CA GLU M 89 -124.24 -5.57 44.11
C GLU M 89 -122.95 -5.60 44.95
N GLY M 90 -121.89 -6.21 44.46
CA GLY M 90 -120.75 -6.59 45.26
C GLY M 90 -119.72 -7.15 44.22
N ASN M 91 -118.78 -7.93 44.78
CA ASN M 91 -117.77 -8.56 44.02
C ASN M 91 -118.33 -9.28 42.79
N LEU M 92 -117.64 -9.14 41.66
CA LEU M 92 -117.93 -9.85 40.43
C LEU M 92 -116.78 -10.80 40.09
N SER M 93 -117.03 -12.09 40.13
CA SER M 93 -116.03 -13.10 39.79
C SER M 93 -115.90 -13.24 38.32
N LEU M 94 -114.69 -13.01 37.80
CA LEU M 94 -114.43 -13.11 36.35
C LEU M 94 -113.39 -14.17 36.11
N ASP M 95 -113.55 -14.90 35.01
CA ASP M 95 -112.59 -15.92 34.64
C ASP M 95 -112.09 -15.56 33.26
N ILE M 96 -110.78 -15.33 33.15
CA ILE M 96 -110.20 -14.97 31.86
C ILE M 96 -108.97 -15.78 31.50
N THR M 97 -108.97 -16.30 30.28
CA THR M 97 -107.81 -17.04 29.79
C THR M 97 -107.35 -16.33 28.51
N PHE M 98 -106.10 -15.88 28.50
CA PHE M 98 -105.61 -15.05 27.43
C PHE M 98 -104.91 -15.95 26.38
N GLU M 99 -105.48 -15.98 25.18
CA GLU M 99 -104.94 -16.78 24.10
C GLU M 99 -104.08 -16.01 23.10
N SER M 100 -103.88 -14.72 23.34
CA SER M 100 -103.05 -13.93 22.39
C SER M 100 -102.57 -12.69 23.09
N MET M 101 -101.52 -12.08 22.57
CA MET M 101 -100.98 -10.90 23.20
C MET M 101 -101.93 -9.73 23.15
N ASP M 102 -102.91 -9.81 22.26
CA ASP M 102 -103.92 -8.78 22.13
C ASP M 102 -105.02 -8.95 23.19
N ASP M 103 -105.03 -10.09 23.89
CA ASP M 103 -106.05 -10.34 24.88
C ASP M 103 -105.77 -9.62 26.18
N PHE M 104 -104.63 -8.96 26.34
CA PHE M 104 -104.38 -8.11 27.47
C PHE M 104 -104.86 -6.68 27.25
N SER M 105 -105.24 -6.34 26.03
CA SER M 105 -105.79 -5.02 25.76
C SER M 105 -107.15 -4.88 26.41
N PRO M 106 -107.56 -3.66 26.76
CA PRO M 106 -108.83 -3.51 27.50
C PRO M 106 -110.05 -3.91 26.64
N ALA M 107 -109.99 -3.76 25.34
CA ALA M 107 -111.07 -4.19 24.50
C ALA M 107 -111.31 -5.69 24.59
N ALA M 108 -110.26 -6.47 24.42
CA ALA M 108 -110.35 -7.92 24.52
C ALA M 108 -110.72 -8.36 25.93
N VAL M 109 -110.23 -7.64 26.95
CA VAL M 109 -110.65 -7.92 28.31
C VAL M 109 -112.15 -7.76 28.43
N ALA M 110 -112.71 -6.71 27.85
CA ALA M 110 -114.14 -6.50 27.90
C ALA M 110 -114.89 -7.59 27.11
N ARG M 111 -114.32 -8.05 26.00
CA ARG M 111 -114.97 -9.06 25.20
C ARG M 111 -114.97 -10.42 25.89
N LYS M 112 -113.97 -10.68 26.76
CA LYS M 112 -113.90 -11.99 27.40
C LYS M 112 -114.85 -12.10 28.56
N VAL M 113 -114.97 -11.06 29.39
CA VAL M 113 -115.96 -11.11 30.47
C VAL M 113 -117.36 -10.99 29.82
N ASP M 114 -118.25 -11.93 30.20
CA ASP M 114 -119.51 -12.08 29.45
C ASP M 114 -120.44 -10.85 29.66
N SER M 115 -120.52 -10.34 30.88
CA SER M 115 -121.33 -9.18 31.13
C SER M 115 -120.82 -7.98 30.33
N LEU M 116 -119.54 -7.66 30.49
CA LEU M 116 -118.93 -6.59 29.71
C LEU M 116 -119.01 -6.88 28.22
N ASN M 117 -119.11 -8.16 27.82
CA ASN M 117 -119.35 -8.47 26.42
C ASN M 117 -120.73 -8.01 26.00
N LYS M 118 -121.73 -8.23 26.85
CA LYS M 118 -123.09 -7.80 26.51
C LYS M 118 -123.16 -6.27 26.46
N LEU M 119 -122.51 -5.59 27.40
CA LEU M 119 -122.50 -4.14 27.36
C LEU M 119 -121.76 -3.59 26.15
N LEU M 120 -120.62 -4.18 25.84
CA LEU M 120 -119.85 -3.72 24.69
C LEU M 120 -120.62 -3.96 23.39
N GLU M 121 -121.29 -5.12 23.27
CA GLU M 121 -122.11 -5.36 22.11
C GLU M 121 -123.27 -4.36 22.04
N ALA M 122 -123.84 -4.00 23.19
CA ALA M 122 -124.86 -2.97 23.21
C ALA M 122 -124.32 -1.66 22.65
N ARG M 123 -123.09 -1.31 23.05
CA ARG M 123 -122.53 -0.06 22.59
C ARG M 123 -122.24 -0.11 21.08
N THR M 124 -121.76 -1.24 20.57
CA THR M 124 -121.50 -1.32 19.15
C THR M 124 -122.79 -1.31 18.35
N GLN M 125 -123.88 -1.85 18.92
CA GLN M 125 -125.15 -1.83 18.22
C GLN M 125 -125.76 -0.43 18.21
N LEU M 126 -125.56 0.34 19.29
CA LEU M 126 -126.10 1.70 19.32
C LEU M 126 -125.26 2.65 18.49
N ALA M 127 -123.94 2.57 18.60
CA ALA M 127 -123.06 3.42 17.79
C ALA M 127 -123.15 3.06 16.32
N ASN M 128 -123.33 1.77 16.03
CA ASN M 128 -123.61 1.35 14.66
C ASN M 128 -125.04 1.71 14.25
N LEU M 129 -125.92 1.96 15.22
CA LEU M 129 -127.29 2.35 14.92
C LEU M 129 -127.39 3.82 14.56
N LEU M 130 -126.63 4.69 15.27
CA LEU M 130 -126.67 6.11 14.99
C LEU M 130 -126.18 6.41 13.57
N THR M 131 -125.30 5.56 13.04
CA THR M 131 -124.84 5.70 11.67
C THR M 131 -125.59 4.69 10.80
N TYR M 132 -126.54 5.19 10.01
CA TYR M 132 -127.34 4.40 9.07
C TYR M 132 -127.60 2.94 9.50
N ARG N 1 -143.30 39.23 -2.08
CA ARG N 1 -143.41 39.51 -0.59
C ARG N 1 -143.32 38.15 0.15
N GLU N 2 -144.46 37.74 0.67
CA GLU N 2 -144.61 36.45 1.32
C GLU N 2 -145.10 35.39 0.32
N ALA N 3 -145.47 35.80 -0.90
CA ALA N 3 -145.91 34.84 -1.89
C ALA N 3 -144.74 33.93 -2.34
N VAL N 4 -143.55 34.53 -2.53
CA VAL N 4 -142.40 33.70 -2.84
C VAL N 4 -142.09 32.75 -1.68
N GLU N 5 -142.36 33.19 -0.44
CA GLU N 5 -142.16 32.32 0.70
C GLU N 5 -143.14 31.14 0.69
N THR N 6 -144.35 31.35 0.16
CA THR N 6 -145.28 30.25 0.03
C THR N 6 -144.86 29.31 -1.10
N ALA N 7 -144.32 29.86 -2.20
CA ALA N 7 -143.88 29.02 -3.30
C ALA N 7 -142.69 28.14 -2.87
N VAL N 8 -141.70 28.74 -2.17
CA VAL N 8 -140.61 27.92 -1.68
C VAL N 8 -141.04 27.06 -0.49
N ARG N 9 -142.17 27.41 0.15
CA ARG N 9 -142.71 26.52 1.17
C ARG N 9 -143.21 25.22 0.52
N THR N 10 -144.10 25.35 -0.46
CA THR N 10 -144.66 24.15 -1.09
C THR N 10 -143.58 23.37 -1.81
N LEU N 11 -142.71 24.08 -2.57
CA LEU N 11 -141.64 23.39 -3.28
C LEU N 11 -140.65 22.72 -2.33
N ALA N 12 -140.18 23.45 -1.32
CA ALA N 12 -139.17 22.92 -0.43
C ALA N 12 -139.71 21.75 0.37
N GLU N 13 -140.92 21.87 0.91
CA GLU N 13 -141.49 20.79 1.70
C GLU N 13 -141.78 19.58 0.81
N HIS N 14 -142.53 19.78 -0.29
CA HIS N 14 -142.92 18.67 -1.14
C HIS N 14 -141.68 17.92 -1.66
N ALA N 15 -140.70 18.67 -2.16
CA ALA N 15 -139.49 18.02 -2.64
C ALA N 15 -138.74 17.33 -1.51
N LEU N 16 -138.64 18.01 -0.36
CA LEU N 16 -137.80 17.51 0.73
C LEU N 16 -138.29 16.23 1.38
N GLU N 17 -139.55 16.18 1.79
CA GLU N 17 -140.06 15.05 2.54
C GLU N 17 -140.92 14.01 1.79
N GLN N 18 -141.20 14.22 0.51
CA GLN N 18 -142.10 13.31 -0.20
C GLN N 18 -141.72 11.83 -0.28
N THR N 19 -140.43 11.57 -0.46
CA THR N 19 -139.90 10.23 -0.65
C THR N 19 -138.61 10.03 0.12
N SER N 20 -137.56 10.74 -0.27
CA SER N 20 -136.25 10.55 0.33
C SER N 20 -136.21 11.14 1.74
N LEU N 21 -135.03 11.07 2.36
CA LEU N 21 -134.80 11.55 3.71
C LEU N 21 -135.75 10.88 4.69
N ILE N 22 -135.74 9.54 4.66
CA ILE N 22 -136.69 8.75 5.43
C ILE N 22 -136.43 8.96 6.93
N SER N 23 -137.48 9.37 7.65
CA SER N 23 -137.49 9.54 9.10
C SER N 23 -136.58 10.67 9.58
N ASN N 24 -135.69 11.15 8.70
CA ASN N 24 -134.78 12.25 8.99
C ASN N 24 -134.10 12.09 10.34
N ASP N 25 -134.02 13.18 11.11
CA ASP N 25 -133.56 13.16 12.48
C ASP N 25 -134.15 14.33 13.23
N ALA N 26 -134.33 14.17 14.54
CA ALA N 26 -134.84 15.25 15.37
C ALA N 26 -133.87 15.55 16.50
N ILE N 27 -133.83 14.68 17.51
CA ILE N 27 -132.88 14.79 18.61
C ILE N 27 -131.99 13.56 18.52
N LYS N 28 -130.73 13.76 18.16
CA LYS N 28 -129.74 12.70 18.15
C LYS N 28 -128.94 12.66 19.45
N SER N 29 -129.22 13.56 20.39
CA SER N 29 -128.54 13.56 21.69
C SER N 29 -128.90 12.34 22.53
N ILE N 30 -129.90 11.56 22.14
CA ILE N 30 -130.22 10.33 22.85
C ILE N 30 -129.08 9.33 22.73
N GLU N 31 -128.23 9.47 21.71
CA GLU N 31 -127.07 8.63 21.54
C GLU N 31 -125.96 8.96 22.53
N SER N 32 -126.11 10.02 23.32
CA SER N 32 -125.18 10.30 24.40
C SER N 32 -125.21 9.24 25.49
N ILE N 33 -126.16 8.31 25.44
CA ILE N 33 -126.16 7.17 26.35
C ILE N 33 -124.91 6.33 26.14
N ILE N 34 -124.43 6.35 24.89
CA ILE N 34 -123.17 5.64 24.66
C ILE N 34 -122.07 6.25 25.53
N ALA N 35 -122.15 7.53 25.87
CA ALA N 35 -121.18 8.11 26.78
C ALA N 35 -121.30 7.48 28.17
N ALA N 36 -122.53 7.21 28.63
CA ALA N 36 -122.72 6.60 29.93
C ALA N 36 -122.33 5.12 29.90
N LEU N 37 -122.68 4.42 28.82
CA LEU N 37 -122.33 3.01 28.69
C LEU N 37 -120.79 2.85 28.68
N ASP N 38 -120.14 3.69 27.88
CA ASP N 38 -118.69 3.68 27.77
C ASP N 38 -118.10 4.04 29.12
N ALA N 39 -118.72 5.00 29.81
CA ALA N 39 -118.23 5.39 31.11
C ALA N 39 -118.26 4.22 32.08
N LYS N 40 -119.33 3.43 32.03
CA LYS N 40 -119.41 2.24 32.87
C LYS N 40 -118.36 1.22 32.48
N LEU N 41 -118.09 1.09 31.18
CA LEU N 41 -117.05 0.14 30.75
C LEU N 41 -115.66 0.62 31.17
N THR N 42 -115.44 1.92 31.24
CA THR N 42 -114.17 2.40 31.80
C THR N 42 -114.09 2.13 33.29
N ALA N 43 -115.19 2.36 34.01
CA ALA N 43 -115.18 2.15 35.45
C ALA N 43 -114.94 0.67 35.76
N GLN N 44 -115.49 -0.24 34.95
CA GLN N 44 -115.28 -1.65 35.22
C GLN N 44 -113.93 -2.14 34.73
N VAL N 45 -113.55 -1.80 33.51
CA VAL N 45 -112.30 -2.31 32.93
C VAL N 45 -111.13 -1.74 33.69
N ASN N 46 -111.25 -0.55 34.25
CA ASN N 46 -110.19 -0.06 35.15
C ASN N 46 -109.96 -1.03 36.29
N LEU N 47 -111.02 -1.52 36.91
CA LEU N 47 -110.87 -2.46 38.02
C LEU N 47 -110.41 -3.82 37.58
N ILE N 48 -110.84 -4.27 36.42
CA ILE N 48 -110.43 -5.61 35.94
C ILE N 48 -108.95 -5.60 35.59
N MET N 49 -108.49 -4.55 34.91
CA MET N 49 -107.12 -4.51 34.45
C MET N 49 -106.15 -4.14 35.57
N HIS N 50 -106.56 -3.31 36.51
CA HIS N 50 -105.68 -2.83 37.55
C HIS N 50 -105.61 -3.75 38.76
N HIS N 51 -106.28 -4.90 38.73
CA HIS N 51 -106.17 -5.84 39.81
C HIS N 51 -104.79 -6.40 39.93
N ALA N 52 -104.43 -6.87 41.13
CA ALA N 52 -103.09 -7.36 41.37
C ALA N 52 -102.77 -8.54 40.45
N ASP N 53 -103.74 -9.45 40.24
CA ASP N 53 -103.52 -10.60 39.43
C ASP N 53 -103.30 -10.24 37.98
N PHE N 54 -104.21 -9.45 37.42
CA PHE N 54 -104.08 -9.04 36.02
C PHE N 54 -102.84 -8.22 35.80
N GLN N 55 -102.43 -7.40 36.77
CA GLN N 55 -101.20 -6.64 36.63
C GLN N 55 -99.98 -7.54 36.68
N GLN N 56 -100.05 -8.61 37.47
CA GLN N 56 -98.91 -9.52 37.55
C GLN N 56 -98.75 -10.31 36.28
N LEU N 57 -99.82 -10.95 35.82
CA LEU N 57 -99.74 -11.69 34.56
C LEU N 57 -99.43 -10.78 33.37
N GLU N 58 -100.14 -9.67 33.27
CA GLU N 58 -99.89 -8.68 32.23
C GLU N 58 -98.47 -8.26 32.22
N SER N 59 -97.87 -8.03 33.41
CA SER N 59 -96.47 -7.60 33.46
C SER N 59 -95.55 -8.72 33.05
N ALA N 60 -95.90 -9.96 33.37
CA ALA N 60 -95.07 -11.10 32.97
C ALA N 60 -95.03 -11.27 31.47
N TRP N 61 -96.18 -11.42 30.85
CA TRP N 61 -96.26 -11.60 29.40
C TRP N 61 -95.82 -10.36 28.66
N ARG N 62 -96.03 -9.20 29.23
CA ARG N 62 -95.60 -7.95 28.60
C ARG N 62 -94.12 -7.81 28.63
N GLY N 63 -93.49 -8.19 29.71
CA GLY N 63 -92.02 -8.21 29.76
C GLY N 63 -91.43 -9.23 28.83
N LEU N 64 -91.97 -10.42 28.84
CA LEU N 64 -91.50 -11.47 27.91
C LEU N 64 -91.68 -11.03 26.49
N HIS N 65 -92.80 -10.41 26.15
CA HIS N 65 -93.02 -9.90 24.81
C HIS N 65 -92.05 -8.84 24.46
N TYR N 66 -91.71 -7.95 25.40
CA TYR N 66 -90.65 -6.98 25.16
C TYR N 66 -89.38 -7.64 24.84
N LEU N 67 -89.02 -8.69 25.55
CA LEU N 67 -87.76 -9.39 25.29
C LEU N 67 -87.75 -10.04 23.97
N VAL N 68 -88.88 -10.59 23.55
CA VAL N 68 -88.95 -11.36 22.28
C VAL N 68 -88.90 -10.40 21.11
N ASN N 69 -89.74 -9.37 21.11
CA ASN N 69 -89.87 -8.47 19.97
C ASN N 69 -88.66 -7.64 19.76
N ASN N 70 -87.98 -7.25 20.82
CA ASN N 70 -86.79 -6.39 20.72
C ASN N 70 -85.53 -7.16 20.49
N THR N 71 -85.60 -8.48 20.36
CA THR N 71 -84.44 -9.33 20.10
C THR N 71 -84.46 -9.77 18.64
N GLU N 72 -83.32 -9.75 17.99
CA GLU N 72 -83.18 -10.20 16.62
C GLU N 72 -82.76 -11.67 16.68
N THR N 73 -83.71 -12.57 16.47
CA THR N 73 -83.47 -13.98 16.62
C THR N 73 -83.21 -14.66 15.29
N ASP N 74 -82.17 -15.48 15.30
CA ASP N 74 -81.75 -16.26 14.16
C ASP N 74 -81.10 -17.53 14.64
N GLU N 75 -80.23 -18.08 13.81
CA GLU N 75 -79.54 -19.30 14.14
C GLU N 75 -78.71 -19.09 15.40
N GLN N 76 -78.04 -17.94 15.44
CA GLN N 76 -77.21 -17.55 16.59
C GLN N 76 -77.91 -17.22 17.92
N LEU N 77 -79.03 -16.50 17.85
CA LEU N 77 -79.77 -16.09 19.03
C LEU N 77 -81.02 -16.93 19.17
N LYS N 78 -81.23 -17.50 20.33
CA LYS N 78 -82.40 -18.18 20.71
C LYS N 78 -82.89 -17.70 22.07
N ILE N 79 -84.15 -17.89 22.36
CA ILE N 79 -84.76 -17.57 23.59
C ILE N 79 -85.64 -18.75 23.96
N ARG N 80 -85.32 -19.44 25.08
CA ARG N 80 -86.08 -20.50 25.60
C ARG N 80 -86.74 -20.18 26.88
N VAL N 81 -88.01 -20.29 26.99
CA VAL N 81 -88.81 -19.92 28.19
C VAL N 81 -89.18 -21.16 28.97
N LEU N 82 -89.08 -21.14 30.26
CA LEU N 82 -89.63 -22.10 31.19
C LEU N 82 -90.58 -21.50 32.15
N ASN N 83 -91.84 -21.89 32.14
CA ASN N 83 -92.79 -21.27 33.03
C ASN N 83 -92.80 -22.01 34.34
N ILE N 84 -92.29 -21.32 35.35
CA ILE N 84 -92.20 -21.84 36.68
C ILE N 84 -92.37 -20.70 37.66
N SER N 85 -93.34 -20.82 38.55
CA SER N 85 -93.56 -19.76 39.53
C SER N 85 -92.43 -19.77 40.51
N LYS N 86 -92.24 -18.64 41.17
CA LYS N 86 -91.18 -18.50 42.18
C LYS N 86 -91.37 -19.51 43.31
N PRO N 87 -92.60 -19.76 43.83
CA PRO N 87 -92.78 -20.83 44.74
C PRO N 87 -92.41 -22.22 44.27
N GLU N 88 -92.66 -22.50 43.00
CA GLU N 88 -92.30 -23.82 42.44
C GLU N 88 -90.82 -23.93 42.27
N LEU N 89 -90.16 -22.85 41.86
CA LEU N 89 -88.70 -22.89 41.72
C LEU N 89 -88.03 -23.03 43.06
N HIS N 90 -88.47 -22.28 44.06
CA HIS N 90 -87.93 -22.44 45.40
C HIS N 90 -88.23 -23.79 45.97
N LYS N 91 -89.38 -24.38 45.59
CA LYS N 91 -89.73 -25.70 46.10
C LYS N 91 -88.82 -26.77 45.52
N THR N 92 -88.70 -26.82 44.20
CA THR N 92 -87.89 -27.86 43.56
C THR N 92 -86.43 -27.68 43.86
N LEU N 93 -85.98 -26.43 44.03
CA LEU N 93 -84.60 -26.21 44.44
C LEU N 93 -84.41 -26.45 45.92
N LYS N 94 -85.47 -26.46 46.69
CA LYS N 94 -85.38 -26.84 48.10
C LYS N 94 -85.35 -28.33 48.29
N LYS N 95 -86.03 -29.09 47.45
CA LYS N 95 -85.99 -30.56 47.53
C LYS N 95 -84.60 -31.09 47.41
N PHE N 96 -83.81 -30.52 46.53
CA PHE N 96 -82.41 -30.96 46.30
C PHE N 96 -81.51 -29.85 46.77
N LYS N 97 -80.84 -30.06 47.87
CA LYS N 97 -79.95 -29.06 48.43
C LYS N 97 -78.75 -29.82 49.07
N GLY N 98 -77.65 -29.10 49.20
CA GLY N 98 -76.46 -29.77 49.65
C GLY N 98 -75.92 -30.76 48.67
N THR N 99 -75.80 -32.04 48.99
CA THR N 99 -75.22 -33.01 48.11
C THR N 99 -76.11 -33.22 46.88
N THR N 100 -77.44 -33.28 47.10
CA THR N 100 -78.29 -33.73 46.00
C THR N 100 -78.49 -32.66 44.95
N TRP N 101 -77.92 -31.46 45.12
CA TRP N 101 -78.15 -30.37 44.16
C TRP N 101 -77.77 -30.71 42.78
N ASP N 102 -76.77 -31.58 42.60
CA ASP N 102 -76.36 -32.04 41.25
C ASP N 102 -77.48 -32.71 40.54
N GLN N 103 -78.49 -33.21 41.23
CA GLN N 103 -79.69 -33.81 40.66
C GLN N 103 -80.84 -32.94 40.99
N SER N 104 -81.39 -32.26 40.01
CA SER N 104 -82.56 -31.37 40.12
C SER N 104 -83.20 -31.20 38.79
N PRO N 105 -84.47 -30.88 38.73
CA PRO N 105 -85.12 -30.65 37.44
C PRO N 105 -84.48 -29.47 36.71
N ILE N 106 -84.15 -28.43 37.47
CA ILE N 106 -83.55 -27.21 36.98
C ILE N 106 -82.13 -27.43 36.58
N PHE N 107 -81.37 -28.16 37.35
CA PHE N 107 -79.99 -28.46 36.98
C PHE N 107 -79.93 -29.43 35.82
N LYS N 108 -80.84 -30.40 35.76
CA LYS N 108 -80.89 -31.29 34.63
C LYS N 108 -81.09 -30.47 33.34
N LYS N 109 -82.14 -29.63 33.30
CA LYS N 109 -82.44 -28.85 32.13
C LYS N 109 -81.34 -27.93 31.77
N LEU N 110 -80.83 -27.17 32.72
CA LEU N 110 -79.87 -26.12 32.43
C LEU N 110 -78.51 -26.64 32.10
N TYR N 111 -78.06 -27.66 32.82
CA TYR N 111 -76.72 -28.21 32.65
C TYR N 111 -76.58 -29.49 31.90
N GLU N 112 -77.42 -30.48 32.15
CA GLU N 112 -77.22 -31.82 31.65
C GLU N 112 -77.66 -31.78 30.18
N GLU N 113 -78.90 -31.41 29.90
CA GLU N 113 -79.42 -31.52 28.57
C GLU N 113 -78.79 -30.59 27.56
N GLU N 114 -78.01 -29.63 27.99
CA GLU N 114 -77.49 -28.62 27.08
C GLU N 114 -75.99 -28.43 27.24
N TYR N 115 -75.54 -27.91 28.35
CA TYR N 115 -74.11 -27.72 28.55
C TYR N 115 -73.40 -29.00 28.79
N GLY N 116 -74.06 -30.00 29.33
CA GLY N 116 -73.44 -31.30 29.55
C GLY N 116 -73.63 -32.22 28.42
N GLN N 117 -74.67 -32.02 27.62
CA GLN N 117 -74.95 -32.91 26.49
C GLN N 117 -73.95 -32.78 25.34
N PHE N 118 -73.73 -33.86 24.58
CA PHE N 118 -72.83 -33.77 23.44
C PHE N 118 -73.55 -33.13 22.27
N GLY N 119 -73.00 -32.02 21.78
CA GLY N 119 -73.65 -31.28 20.71
C GLY N 119 -74.90 -30.53 21.12
N GLY N 120 -74.90 -29.94 22.32
CA GLY N 120 -76.02 -29.19 22.81
C GLY N 120 -75.74 -27.69 22.80
N GLU N 121 -76.60 -26.95 23.49
CA GLU N 121 -76.47 -25.51 23.55
C GLU N 121 -76.05 -25.08 24.95
N PRO N 122 -74.86 -24.50 25.14
CA PRO N 122 -74.37 -24.18 26.48
C PRO N 122 -75.22 -23.16 27.25
N TYR N 123 -76.30 -22.65 26.64
CA TYR N 123 -77.35 -21.86 27.28
C TYR N 123 -77.04 -20.41 27.60
N GLY N 124 -75.82 -19.94 27.36
CA GLY N 124 -75.59 -18.51 27.39
C GLY N 124 -75.91 -17.83 28.71
N CYS N 125 -76.85 -16.89 28.69
CA CYS N 125 -77.29 -16.15 29.85
C CYS N 125 -78.69 -16.59 30.25
N LEU N 126 -79.00 -16.45 31.54
CA LEU N 126 -80.28 -16.84 32.08
C LEU N 126 -80.97 -15.60 32.67
N VAL N 127 -82.29 -15.51 32.50
CA VAL N 127 -83.01 -14.36 33.02
C VAL N 127 -84.09 -14.80 33.98
N GLY N 128 -83.98 -14.36 35.22
CA GLY N 128 -84.94 -14.75 36.24
C GLY N 128 -86.39 -14.30 36.18
N ASP N 129 -86.64 -13.03 35.88
CA ASP N 129 -87.99 -12.44 35.89
C ASP N 129 -88.71 -12.61 37.23
N TYR N 130 -87.96 -12.46 38.34
CA TYR N 130 -88.49 -12.59 39.69
C TYR N 130 -87.99 -11.45 40.54
N TYR N 131 -88.71 -11.17 41.62
CA TYR N 131 -88.33 -10.11 42.54
C TYR N 131 -87.82 -10.73 43.84
N PHE N 132 -86.53 -10.64 44.08
CA PHE N 132 -85.89 -11.27 45.22
C PHE N 132 -85.60 -10.26 46.32
N ASP N 133 -86.08 -10.53 47.54
CA ASP N 133 -85.79 -9.75 48.71
C ASP N 133 -84.81 -10.50 49.61
N GLN N 134 -84.47 -9.95 50.77
CA GLN N 134 -83.55 -10.58 51.70
C GLN N 134 -84.16 -11.72 52.52
N SER N 135 -85.41 -12.07 52.29
CA SER N 135 -86.07 -13.13 53.04
C SER N 135 -85.36 -14.41 52.95
N PRO N 136 -85.53 -15.32 53.94
CA PRO N 136 -84.84 -16.62 53.92
C PRO N 136 -85.10 -17.40 52.62
N PRO N 137 -86.37 -17.50 52.15
CA PRO N 137 -86.59 -18.27 50.95
C PRO N 137 -85.89 -17.70 49.71
N ASP N 138 -85.82 -16.38 49.59
CA ASP N 138 -85.19 -15.77 48.44
C ASP N 138 -83.68 -15.87 48.52
N VAL N 139 -83.11 -15.88 49.73
CA VAL N 139 -81.70 -16.10 49.87
C VAL N 139 -81.36 -17.54 49.52
N GLU N 140 -82.23 -18.49 49.86
CA GLU N 140 -82.02 -19.86 49.44
C GLU N 140 -82.10 -20.00 47.95
N LEU N 141 -83.12 -19.40 47.34
CA LEU N 141 -83.28 -19.49 45.89
C LEU N 141 -82.11 -18.88 45.17
N LEU N 142 -81.62 -17.76 45.64
CA LEU N 142 -80.44 -17.14 45.01
C LEU N 142 -79.21 -17.96 45.23
N GLY N 143 -79.07 -18.59 46.39
CA GLY N 143 -77.92 -19.45 46.61
C GLY N 143 -77.89 -20.62 45.64
N GLU N 144 -79.04 -21.27 45.47
CA GLU N 144 -79.12 -22.42 44.60
C GLU N 144 -78.94 -22.02 43.13
N MET N 145 -79.67 -21.02 42.68
CA MET N 145 -79.52 -20.55 41.30
C MET N 145 -78.11 -20.05 41.05
N ALA N 146 -77.40 -19.61 42.09
CA ALA N 146 -76.01 -19.25 41.93
C ALA N 146 -75.14 -20.47 41.79
N LYS N 147 -75.51 -21.58 42.45
CA LYS N 147 -74.78 -22.84 42.24
C LYS N 147 -74.99 -23.34 40.83
N ILE N 148 -76.22 -23.43 40.37
CA ILE N 148 -76.50 -23.90 39.01
C ILE N 148 -75.84 -23.01 37.99
N SER N 149 -76.19 -21.73 38.01
CA SER N 149 -75.63 -20.77 37.05
C SER N 149 -74.15 -20.73 37.10
N ALA N 150 -73.55 -20.98 38.25
CA ALA N 150 -72.09 -21.04 38.34
C ALA N 150 -71.57 -22.27 37.72
N ALA N 151 -72.29 -23.38 37.81
CA ALA N 151 -71.82 -24.67 37.24
C ALA N 151 -71.89 -24.64 35.76
N MET N 152 -72.95 -24.10 35.17
CA MET N 152 -73.16 -24.04 33.73
C MET N 152 -72.53 -22.83 33.10
N HIS N 153 -71.91 -21.94 33.85
CA HIS N 153 -71.32 -20.69 33.35
C HIS N 153 -72.36 -19.84 32.65
N ALA N 154 -73.50 -19.63 33.29
CA ALA N 154 -74.62 -18.90 32.70
C ALA N 154 -75.13 -17.89 33.70
N PRO N 155 -74.57 -16.63 33.68
CA PRO N 155 -75.00 -15.63 34.62
C PRO N 155 -76.48 -15.50 34.78
N PHE N 156 -76.96 -15.41 36.01
CA PHE N 156 -78.36 -15.29 36.33
C PHE N 156 -78.72 -13.82 36.49
N ILE N 157 -79.78 -13.37 35.83
CA ILE N 157 -80.20 -11.98 35.84
C ILE N 157 -81.66 -11.94 36.30
N SER N 158 -81.96 -11.13 37.29
CA SER N 158 -83.31 -10.95 37.76
C SER N 158 -83.45 -9.58 38.38
N ALA N 159 -84.58 -9.28 38.97
CA ALA N 159 -84.84 -7.97 39.54
C ALA N 159 -84.91 -8.06 41.06
N ALA N 160 -84.39 -7.04 41.71
CA ALA N 160 -84.39 -6.93 43.15
C ALA N 160 -85.65 -6.25 43.60
N SER N 161 -86.37 -6.88 44.52
CA SER N 161 -87.63 -6.37 45.00
C SER N 161 -87.42 -5.07 45.72
N PRO N 162 -88.47 -4.19 45.76
CA PRO N 162 -88.38 -3.00 46.56
C PRO N 162 -88.26 -3.31 48.07
N THR N 163 -88.58 -4.52 48.49
CA THR N 163 -88.50 -4.92 49.87
C THR N 163 -87.10 -5.24 50.33
N VAL N 164 -86.12 -5.27 49.45
CA VAL N 164 -84.74 -5.49 49.88
C VAL N 164 -84.30 -4.31 50.75
N MET N 165 -84.73 -3.11 50.43
CA MET N 165 -84.38 -1.92 51.15
C MET N 165 -85.28 -1.67 52.36
N GLY N 166 -86.21 -2.57 52.64
CA GLY N 166 -87.19 -2.32 53.66
C GLY N 166 -88.02 -1.12 53.22
N MET N 167 -88.55 -1.24 52.00
CA MET N 167 -89.17 -0.11 51.34
C MET N 167 -90.51 -0.49 50.79
N GLY N 168 -90.56 -1.34 49.81
CA GLY N 168 -91.81 -1.80 49.22
C GLY N 168 -92.38 -0.89 48.20
N SER N 169 -91.62 0.10 47.71
CA SER N 169 -92.11 1.02 46.71
C SER N 169 -91.14 1.15 45.54
N TRP N 170 -89.90 1.60 45.85
CA TRP N 170 -88.94 2.18 44.92
C TRP N 170 -89.33 3.59 44.64
N GLN N 171 -90.41 4.08 45.24
CA GLN N 171 -90.74 5.48 45.21
C GLN N 171 -90.06 6.14 46.39
N GLU N 172 -89.67 5.37 47.42
CA GLU N 172 -89.02 5.87 48.59
C GLU N 172 -87.51 5.80 48.51
N LEU N 173 -86.95 5.39 47.38
CA LEU N 173 -85.52 5.19 47.28
C LEU N 173 -84.74 6.42 47.61
N SER N 174 -85.33 7.60 47.45
CA SER N 174 -84.63 8.85 47.78
C SER N 174 -84.69 9.19 49.25
N ASN N 175 -85.53 8.51 50.04
CA ASN N 175 -85.70 8.87 51.44
C ASN N 175 -84.46 8.54 52.29
N PRO N 176 -83.89 7.32 52.27
CA PRO N 176 -82.79 7.01 53.15
C PRO N 176 -81.53 7.85 52.82
N ARG N 177 -80.79 8.21 53.86
CA ARG N 177 -79.59 8.93 53.71
C ARG N 177 -78.44 8.09 53.23
N ASP N 178 -78.37 6.86 53.71
CA ASP N 178 -77.26 5.93 53.38
C ASP N 178 -77.89 4.58 53.15
N LEU N 179 -77.67 4.01 51.96
CA LEU N 179 -78.14 2.67 51.66
C LEU N 179 -77.22 1.61 52.24
N THR N 180 -75.92 1.89 52.34
CA THR N 180 -74.99 0.93 52.91
C THR N 180 -75.30 0.60 54.34
N LYS N 181 -75.97 1.49 55.06
CA LYS N 181 -76.38 1.21 56.44
C LYS N 181 -77.54 0.26 56.49
N ILE N 182 -78.34 0.15 55.44
CA ILE N 182 -79.52 -0.73 55.46
C ILE N 182 -79.09 -2.15 55.63
N PHE N 183 -78.03 -2.57 54.95
CA PHE N 183 -77.63 -3.96 54.87
C PHE N 183 -76.78 -4.40 56.03
N THR N 184 -76.53 -3.53 57.00
CA THR N 184 -75.74 -3.90 58.18
C THR N 184 -76.51 -4.71 59.18
N THR N 185 -77.80 -4.48 59.32
CA THR N 185 -78.59 -5.10 60.38
C THR N 185 -78.54 -6.60 60.32
N PRO N 186 -78.79 -7.30 61.42
CA PRO N 186 -78.82 -8.77 61.39
C PRO N 186 -79.93 -9.35 60.55
N GLU N 187 -80.88 -8.51 60.14
CA GLU N 187 -81.97 -8.97 59.30
C GLU N 187 -81.40 -9.50 57.99
N TYR N 188 -80.34 -8.84 57.51
CA TYR N 188 -79.70 -9.18 56.26
C TYR N 188 -78.58 -10.21 56.40
N ALA N 189 -78.37 -10.75 57.59
CA ALA N 189 -77.30 -11.73 57.79
C ALA N 189 -77.24 -12.75 56.65
N GLY N 190 -78.37 -13.25 56.22
CA GLY N 190 -78.42 -14.17 55.11
C GLY N 190 -78.00 -13.53 53.80
N TRP N 191 -78.39 -12.27 53.60
CA TRP N 191 -78.01 -11.56 52.39
C TRP N 191 -76.50 -11.34 52.34
N ARG N 192 -75.92 -10.81 53.40
CA ARG N 192 -74.48 -10.63 53.46
C ARG N 192 -73.77 -11.93 53.28
N SER N 193 -74.27 -13.01 53.89
CA SER N 193 -73.64 -14.31 53.70
C SER N 193 -73.73 -14.76 52.27
N LEU N 194 -74.76 -14.35 51.57
CA LEU N 194 -74.87 -14.67 50.13
C LEU N 194 -73.92 -13.89 49.30
N ARG N 195 -73.81 -12.59 49.52
CA ARG N 195 -72.90 -11.76 48.72
C ARG N 195 -71.46 -12.15 48.93
N GLU N 196 -71.10 -12.63 50.13
CA GLU N 196 -69.73 -13.04 50.37
C GLU N 196 -69.38 -14.31 49.59
N SER N 197 -70.38 -15.09 49.15
CA SER N 197 -70.12 -16.31 48.44
C SER N 197 -69.39 -16.11 47.15
N GLU N 198 -68.67 -17.13 46.71
CA GLU N 198 -67.94 -17.03 45.46
C GLU N 198 -68.81 -17.37 44.24
N ASP N 199 -69.98 -17.94 44.49
CA ASP N 199 -70.90 -18.31 43.42
C ASP N 199 -71.92 -17.22 43.11
N SER N 200 -71.90 -16.15 43.90
CA SER N 200 -72.84 -15.07 43.73
C SER N 200 -72.47 -14.09 42.67
N ARG N 201 -71.25 -14.12 42.16
CA ARG N 201 -70.86 -13.27 41.05
C ARG N 201 -71.61 -13.60 39.79
N TYR N 202 -72.38 -14.69 39.75
CA TYR N 202 -73.20 -15.05 38.63
C TYR N 202 -74.60 -14.54 38.74
N ILE N 203 -74.87 -13.70 39.73
CA ILE N 203 -76.20 -13.16 39.84
C ILE N 203 -76.26 -11.65 39.81
N GLY N 204 -76.88 -11.12 38.76
CA GLY N 204 -77.15 -9.69 38.69
C GLY N 204 -78.55 -9.39 39.16
N LEU N 205 -78.77 -8.16 39.63
CA LEU N 205 -80.08 -7.71 40.09
C LEU N 205 -80.32 -6.29 39.59
N THR N 206 -81.42 -6.10 38.86
CA THR N 206 -81.80 -4.76 38.37
C THR N 206 -83.03 -4.33 39.15
N MET N 207 -82.84 -3.37 40.07
CA MET N 207 -83.93 -3.04 41.01
C MET N 207 -85.11 -2.35 40.33
N PRO N 208 -84.92 -1.18 39.74
CA PRO N 208 -86.05 -0.48 39.10
C PRO N 208 -86.62 -1.22 37.88
N ARG N 209 -87.95 -1.24 37.75
CA ARG N 209 -88.56 -1.88 36.59
C ARG N 209 -89.16 -0.82 35.67
N PHE N 210 -88.81 -0.94 34.40
CA PHE N 210 -89.26 0.03 33.42
C PHE N 210 -90.70 -0.11 33.07
N LEU N 211 -91.26 0.94 32.51
CA LEU N 211 -92.68 0.97 32.14
C LEU N 211 -92.93 0.13 30.92
N ALA N 212 -93.91 -0.75 31.01
CA ALA N 212 -94.20 -1.71 29.92
C ALA N 212 -94.91 -1.08 28.78
N ARG N 213 -95.99 -0.37 29.01
CA ARG N 213 -96.82 0.24 27.95
C ARG N 213 -97.36 1.56 28.41
N LEU N 214 -97.76 2.36 27.46
CA LEU N 214 -98.35 3.67 27.72
C LEU N 214 -99.82 3.51 28.09
N PRO N 215 -100.29 4.22 29.13
CA PRO N 215 -101.67 4.05 29.57
C PRO N 215 -102.68 4.35 28.50
N TYR N 216 -103.66 3.47 28.35
CA TYR N 216 -104.72 3.66 27.35
C TYR N 216 -105.52 4.89 27.62
N GLY N 217 -105.95 5.55 26.56
CA GLY N 217 -106.67 6.83 26.69
C GLY N 217 -106.73 7.51 25.36
N ALA N 218 -107.59 8.51 25.24
CA ALA N 218 -107.73 9.18 23.96
C ALA N 218 -106.45 9.88 23.54
N LYS N 219 -105.84 10.58 24.49
CA LYS N 219 -104.60 11.29 24.22
C LYS N 219 -103.45 10.35 23.88
N THR N 220 -103.36 9.26 24.62
CA THR N 220 -102.31 8.27 24.42
C THR N 220 -102.85 6.86 24.25
N ASP N 221 -102.39 6.17 23.21
CA ASP N 221 -102.78 4.78 22.97
C ASP N 221 -104.28 4.49 22.97
N PRO N 222 -105.06 5.23 22.20
CA PRO N 222 -106.51 5.02 22.18
C PRO N 222 -106.86 3.59 21.76
N VAL N 223 -107.83 3.02 22.46
CA VAL N 223 -108.24 1.64 22.25
C VAL N 223 -108.94 1.43 20.92
N GLU N 224 -109.81 2.39 20.58
CA GLU N 224 -110.61 2.48 19.35
C GLU N 224 -111.78 1.49 19.24
N GLU N 225 -112.07 0.76 20.32
CA GLU N 225 -113.19 -0.17 20.35
C GLU N 225 -114.38 0.55 20.96
N PHE N 226 -114.09 1.29 22.03
CA PHE N 226 -115.05 2.11 22.76
C PHE N 226 -114.30 3.21 23.48
N ALA N 227 -114.97 4.31 23.84
CA ALA N 227 -114.25 5.38 24.51
C ALA N 227 -113.74 4.87 25.85
N PHE N 228 -112.42 4.84 26.05
CA PHE N 228 -111.85 4.29 27.27
C PHE N 228 -110.84 5.17 28.00
N GLU N 229 -110.97 5.26 29.32
CA GLU N 229 -110.05 6.01 30.17
C GLU N 229 -109.41 5.03 31.16
N GLU N 230 -108.10 5.09 31.29
CA GLU N 230 -107.37 4.19 32.18
C GLU N 230 -107.15 4.78 33.57
N GLU N 231 -107.77 5.93 33.87
CA GLU N 231 -107.50 6.61 35.13
C GLU N 231 -106.02 6.94 35.21
N THR N 232 -105.28 6.25 36.09
CA THR N 232 -103.82 6.37 36.24
C THR N 232 -103.40 7.83 36.40
N ASP N 233 -103.99 8.47 37.41
CA ASP N 233 -103.57 9.81 37.77
C ASP N 233 -102.13 9.79 38.28
N GLY N 234 -101.51 10.96 38.32
CA GLY N 234 -100.07 11.08 38.46
C GLY N 234 -99.43 10.25 39.54
N ALA N 235 -98.36 9.54 39.16
CA ALA N 235 -97.60 8.65 40.03
C ALA N 235 -98.45 7.59 40.71
N ASP N 236 -98.15 7.32 41.97
CA ASP N 236 -98.76 6.28 42.82
C ASP N 236 -98.32 4.89 42.39
N SER N 237 -97.80 4.76 41.17
CA SER N 237 -97.09 3.61 40.64
C SER N 237 -97.93 2.33 40.55
N SER N 238 -99.11 2.29 41.18
CA SER N 238 -99.94 1.09 41.16
C SER N 238 -100.79 0.97 39.92
N LYS N 239 -101.10 2.09 39.25
CA LYS N 239 -101.95 2.07 38.07
C LYS N 239 -101.20 1.67 36.80
N TYR N 240 -99.92 2.04 36.70
CA TYR N 240 -99.10 1.75 35.52
C TYR N 240 -98.67 0.30 35.34
N ALA N 241 -98.48 -0.12 34.08
CA ALA N 241 -98.02 -1.46 33.79
C ALA N 241 -96.52 -1.52 33.77
N TRP N 242 -95.90 -2.16 34.74
CA TRP N 242 -94.46 -2.16 34.94
C TRP N 242 -93.87 -3.48 34.53
N ALA N 243 -93.04 -3.48 33.49
CA ALA N 243 -92.32 -4.65 33.07
C ALA N 243 -91.03 -4.80 33.84
N ASN N 244 -90.66 -6.04 34.14
CA ASN N 244 -89.40 -6.31 34.83
C ASN N 244 -88.25 -5.80 34.06
N SER N 245 -87.29 -5.20 34.74
CA SER N 245 -86.12 -4.65 34.05
C SER N 245 -85.03 -5.65 33.87
N ALA N 246 -85.18 -6.87 34.34
CA ALA N 246 -84.29 -7.94 33.91
C ALA N 246 -84.39 -8.14 32.45
N TYR N 247 -85.52 -7.82 31.83
CA TYR N 247 -85.71 -7.99 30.39
C TYR N 247 -85.03 -6.93 29.61
N ALA N 248 -84.91 -5.73 30.13
CA ALA N 248 -84.12 -4.68 29.46
C ALA N 248 -82.68 -5.02 29.47
N MET N 249 -82.17 -5.54 30.58
CA MET N 249 -80.79 -6.05 30.63
C MET N 249 -80.65 -7.19 29.67
N ALA N 250 -81.65 -8.07 29.58
CA ALA N 250 -81.60 -9.21 28.65
C ALA N 250 -81.52 -8.73 27.24
N VAL N 251 -82.38 -7.82 26.82
CA VAL N 251 -82.33 -7.19 25.49
C VAL N 251 -81.00 -6.60 25.25
N ASN N 252 -80.37 -6.01 26.26
CA ASN N 252 -79.03 -5.46 26.09
C ASN N 252 -78.02 -6.53 25.85
N ILE N 253 -78.17 -7.68 26.49
CA ILE N 253 -77.24 -8.80 26.33
C ILE N 253 -77.38 -9.38 24.93
N ASN N 254 -78.60 -9.68 24.51
CA ASN N 254 -78.85 -10.17 23.17
C ASN N 254 -78.38 -9.21 22.13
N ARG N 255 -78.61 -7.93 22.31
CA ARG N 255 -78.09 -6.91 21.39
C ARG N 255 -76.62 -6.94 21.31
N SER N 256 -75.95 -6.96 22.45
CA SER N 256 -74.49 -6.99 22.50
C SER N 256 -73.97 -8.18 21.73
N PHE N 257 -74.58 -9.36 21.92
CA PHE N 257 -74.12 -10.53 21.21
C PHE N 257 -74.38 -10.40 19.74
N LYS N 258 -75.59 -10.04 19.33
CA LYS N 258 -75.92 -9.89 17.91
C LYS N 258 -74.97 -9.02 17.21
N LEU N 259 -74.69 -7.82 17.74
CA LEU N 259 -73.79 -6.89 17.08
C LEU N 259 -72.34 -7.33 17.14
N TYR N 260 -71.82 -7.53 18.34
CA TYR N 260 -70.38 -7.72 18.54
C TYR N 260 -69.96 -9.16 18.70
N GLY N 261 -70.89 -10.10 18.69
CA GLY N 261 -70.55 -11.48 18.95
C GLY N 261 -70.28 -11.84 20.36
N TRP N 262 -70.19 -10.88 21.24
CA TRP N 262 -69.93 -11.08 22.67
C TRP N 262 -70.85 -10.21 23.48
N CYS N 263 -71.04 -10.63 24.73
CA CYS N 263 -71.85 -9.89 25.68
C CYS N 263 -71.01 -8.86 26.44
N SER N 264 -69.83 -8.55 25.94
CA SER N 264 -68.92 -7.67 26.65
C SER N 264 -69.47 -6.28 26.93
N ARG N 265 -70.15 -5.66 25.97
CA ARG N 265 -70.70 -4.35 26.25
C ARG N 265 -72.21 -4.40 26.41
N ILE N 266 -72.64 -4.44 27.66
CA ILE N 266 -74.05 -4.47 28.01
C ILE N 266 -74.35 -3.34 28.98
N ARG N 267 -73.39 -2.44 29.17
CA ARG N 267 -73.56 -1.36 30.12
C ARG N 267 -73.25 0.02 29.52
N GLY N 268 -73.27 1.06 30.33
CA GLY N 268 -72.90 2.38 29.90
C GLY N 268 -73.99 3.08 29.13
N VAL N 269 -73.92 4.42 29.08
CA VAL N 269 -74.88 5.20 28.33
C VAL N 269 -74.64 5.02 26.82
N GLU N 270 -73.42 5.34 26.38
CA GLU N 270 -73.05 5.22 24.98
C GLU N 270 -72.30 3.93 24.62
N SER N 271 -72.08 3.06 25.60
CA SER N 271 -71.37 1.82 25.37
C SER N 271 -72.26 0.65 25.16
N GLY N 272 -73.55 0.85 25.00
CA GLY N 272 -74.48 -0.23 24.69
C GLY N 272 -75.39 -0.66 25.83
N GLY N 273 -75.43 0.05 26.92
CA GLY N 273 -76.35 -0.27 27.99
C GLY N 273 -77.58 0.59 27.99
N GLU N 274 -77.93 1.17 26.85
CA GLU N 274 -79.06 2.08 26.74
C GLU N 274 -80.35 1.35 26.54
N VAL N 275 -81.40 1.81 27.21
CA VAL N 275 -82.76 1.31 27.03
C VAL N 275 -83.57 2.50 26.44
N GLN N 276 -83.91 2.40 25.16
CA GLN N 276 -84.53 3.49 24.45
C GLN N 276 -86.00 3.28 24.23
N GLY N 277 -86.67 4.28 23.70
CA GLY N 277 -88.08 4.13 23.31
C GLY N 277 -89.00 3.87 24.47
N LEU N 278 -88.63 4.19 25.68
CA LEU N 278 -89.47 3.94 26.83
C LEU N 278 -90.71 4.76 26.75
N PRO N 279 -91.87 4.19 27.11
CA PRO N 279 -93.12 4.98 27.10
C PRO N 279 -93.03 6.16 28.02
N ALA N 280 -93.33 7.34 27.49
CA ALA N 280 -93.28 8.58 28.27
C ALA N 280 -94.71 9.08 28.40
N HIS N 281 -95.31 9.00 29.58
CA HIS N 281 -96.68 9.42 29.82
C HIS N 281 -96.65 10.83 30.38
N THR N 282 -97.12 11.80 29.59
CA THR N 282 -97.13 13.20 30.00
C THR N 282 -98.52 13.61 30.43
N PHE N 283 -98.63 14.09 31.66
CA PHE N 283 -99.91 14.54 32.19
C PHE N 283 -99.78 15.98 32.67
N PRO N 284 -100.82 16.79 32.50
CA PRO N 284 -100.73 18.19 32.93
C PRO N 284 -100.78 18.30 34.45
N THR N 285 -100.03 19.27 34.98
CA THR N 285 -100.06 19.57 36.41
C THR N 285 -100.35 21.05 36.61
N ASP N 286 -100.28 21.51 37.85
CA ASP N 286 -100.61 22.90 38.15
C ASP N 286 -99.63 23.85 37.48
N ASP N 287 -100.08 25.10 37.29
CA ASP N 287 -99.30 26.16 36.67
C ASP N 287 -98.89 25.78 35.25
N GLY N 288 -97.58 25.76 34.98
CA GLY N 288 -97.12 25.51 33.62
C GLY N 288 -97.50 24.14 33.11
N GLY N 289 -97.66 23.16 33.99
CA GLY N 289 -98.02 21.83 33.60
C GLY N 289 -96.91 21.12 32.86
N VAL N 290 -97.30 20.08 32.14
CA VAL N 290 -96.42 19.30 31.28
C VAL N 290 -95.27 18.72 32.09
N ASP N 291 -95.57 17.73 32.92
CA ASP N 291 -94.57 16.90 33.57
C ASP N 291 -94.91 15.44 33.30
N MET N 292 -93.89 14.64 32.97
CA MET N 292 -94.12 13.27 32.53
C MET N 292 -93.76 12.28 33.61
N LYS N 293 -94.49 11.18 33.63
CA LYS N 293 -94.18 10.08 34.53
C LYS N 293 -92.84 9.45 34.15
N CYS N 294 -91.99 9.23 35.15
CA CYS N 294 -90.68 8.67 34.90
C CYS N 294 -90.84 7.23 34.40
N PRO N 295 -90.15 6.84 33.31
CA PRO N 295 -90.31 5.49 32.75
C PRO N 295 -89.84 4.39 33.70
N THR N 296 -88.65 4.56 34.30
CA THR N 296 -88.30 3.75 35.44
C THR N 296 -88.97 4.35 36.69
N GLU N 297 -89.22 3.53 37.70
CA GLU N 297 -90.11 3.93 38.78
C GLU N 297 -89.71 5.19 39.45
N ILE N 298 -88.41 5.47 39.52
CA ILE N 298 -87.94 6.70 40.18
C ILE N 298 -86.59 7.07 39.58
N ALA N 299 -86.28 8.36 39.67
CA ALA N 299 -85.01 8.88 39.22
C ALA N 299 -83.95 8.62 40.22
N ILE N 300 -82.79 8.15 39.77
CA ILE N 300 -81.69 7.76 40.69
C ILE N 300 -80.56 8.73 40.34
N SER N 301 -80.12 9.47 41.36
CA SER N 301 -78.95 10.31 41.20
C SER N 301 -77.69 9.56 41.12
N ASP N 302 -76.62 10.17 40.60
CA ASP N 302 -75.34 9.51 40.46
C ASP N 302 -74.83 8.98 41.77
N ARG N 303 -75.12 9.69 42.87
CA ARG N 303 -74.74 9.24 44.22
C ARG N 303 -75.51 7.97 44.63
N ARG N 304 -76.82 7.98 44.42
CA ARG N 304 -77.65 6.80 44.61
C ARG N 304 -77.21 5.68 43.69
N GLU N 305 -76.86 6.00 42.45
CA GLU N 305 -76.43 4.97 41.52
C GLU N 305 -75.18 4.28 42.01
N ALA N 306 -74.15 5.03 42.31
CA ALA N 306 -72.92 4.42 42.80
C ALA N 306 -73.14 3.68 44.08
N GLU N 307 -74.02 4.19 44.91
CA GLU N 307 -74.31 3.56 46.21
C GLU N 307 -75.05 2.25 46.04
N LEU N 308 -75.83 2.11 44.99
CA LEU N 308 -76.51 0.86 44.68
C LEU N 308 -75.54 -0.11 44.01
N ALA N 309 -74.69 0.38 43.12
CA ALA N 309 -73.72 -0.49 42.49
C ALA N 309 -72.69 -0.99 43.49
N LYS N 310 -72.48 -0.27 44.59
CA LYS N 310 -71.63 -0.80 45.66
C LYS N 310 -72.29 -1.90 46.39
N ASN N 311 -73.61 -1.90 46.46
CA ASN N 311 -74.39 -2.92 47.17
C ASN N 311 -74.75 -4.08 46.31
N GLY N 312 -74.22 -4.15 45.09
CA GLY N 312 -74.45 -5.31 44.23
C GLY N 312 -75.78 -5.28 43.53
N PHE N 313 -76.18 -4.11 42.99
CA PHE N 313 -77.38 -3.98 42.20
C PHE N 313 -76.97 -3.43 40.84
N MET N 314 -77.89 -3.55 39.88
CA MET N 314 -77.73 -3.00 38.56
C MET N 314 -78.85 -1.99 38.36
N PRO N 315 -78.65 -0.73 38.75
CA PRO N 315 -79.72 0.23 38.64
C PRO N 315 -80.01 0.57 37.20
N LEU N 316 -81.26 0.71 36.84
CA LEU N 316 -81.67 1.30 35.58
C LEU N 316 -82.11 2.71 35.87
N LEU N 317 -81.32 3.69 35.52
CA LEU N 317 -81.64 5.08 35.80
C LEU N 317 -82.09 5.78 34.58
N HIS N 318 -83.11 6.62 34.75
CA HIS N 318 -83.74 7.32 33.65
C HIS N 318 -83.19 8.73 33.44
N LYS N 319 -82.80 9.03 32.21
CA LYS N 319 -82.27 10.35 31.88
C LYS N 319 -83.41 11.34 32.02
N LYS N 320 -83.14 12.48 32.65
CA LYS N 320 -84.19 13.47 32.88
C LYS N 320 -84.79 14.10 31.62
N ASN N 321 -86.11 14.28 31.63
CA ASN N 321 -86.82 14.91 30.51
C ASN N 321 -86.68 14.23 29.17
N THR N 322 -86.44 12.92 29.18
CA THR N 322 -86.26 12.13 27.96
C THR N 322 -86.76 10.72 28.21
N ASP N 323 -87.15 10.04 27.14
CA ASP N 323 -87.55 8.69 27.24
C ASP N 323 -86.36 7.70 27.30
N PHE N 324 -85.18 8.19 27.14
CA PHE N 324 -83.94 7.41 27.24
C PHE N 324 -83.70 6.96 28.65
N ALA N 325 -83.04 5.82 28.80
CA ALA N 325 -82.60 5.28 30.11
C ALA N 325 -81.46 4.35 29.87
N ALA N 326 -80.65 4.09 30.89
CA ALA N 326 -79.45 3.30 30.70
C ALA N 326 -79.05 2.58 31.96
N PHE N 327 -78.24 1.54 31.80
CA PHE N 327 -77.51 0.88 32.87
C PHE N 327 -76.12 1.43 32.91
N ILE N 328 -75.77 2.15 33.97
CA ILE N 328 -74.47 2.80 34.05
C ILE N 328 -73.38 1.78 34.24
N GLY N 329 -73.64 0.75 35.04
CA GLY N 329 -72.68 -0.32 35.25
C GLY N 329 -73.43 -1.58 35.59
N ALA N 330 -72.75 -2.71 35.30
CA ALA N 330 -73.28 -4.04 35.62
C ALA N 330 -72.39 -4.63 36.67
N GLN N 331 -72.90 -4.72 37.89
CA GLN N 331 -72.17 -5.28 39.03
C GLN N 331 -72.97 -6.45 39.53
N SER N 332 -72.32 -7.60 39.68
CA SER N 332 -73.01 -8.78 40.14
C SER N 332 -73.34 -8.66 41.61
N LEU N 333 -74.01 -9.65 42.18
CA LEU N 333 -74.37 -9.61 43.58
C LEU N 333 -73.20 -9.78 44.48
N GLN N 334 -72.10 -10.31 43.96
CA GLN N 334 -70.95 -10.55 44.81
C GLN N 334 -70.19 -9.30 45.26
N LYS N 335 -69.92 -9.25 46.57
CA LYS N 335 -69.11 -8.20 47.15
C LYS N 335 -67.66 -8.60 47.05
N PRO N 336 -66.87 -7.98 46.18
CA PRO N 336 -65.48 -8.42 46.01
C PRO N 336 -64.66 -8.15 47.24
N ALA N 337 -63.91 -9.10 47.72
CA ALA N 337 -63.12 -8.92 48.93
C ALA N 337 -61.85 -8.18 48.67
N GLU N 338 -61.44 -7.35 49.62
CA GLU N 338 -60.19 -6.61 49.52
C GLU N 338 -59.00 -7.53 49.81
N TYR N 339 -57.84 -7.22 49.23
CA TYR N 339 -56.64 -8.02 49.45
C TYR N 339 -55.47 -7.11 49.71
N ASP N 340 -54.38 -7.68 50.21
CA ASP N 340 -53.17 -6.92 50.44
C ASP N 340 -52.59 -6.39 49.14
N ASP N 341 -52.32 -7.28 48.20
CA ASP N 341 -51.76 -6.88 46.93
C ASP N 341 -52.81 -6.17 46.11
N PRO N 342 -52.54 -5.01 45.54
CA PRO N 342 -53.52 -4.33 44.70
C PRO N 342 -53.85 -5.14 43.44
N ASP N 343 -52.95 -6.01 42.97
CA ASP N 343 -53.25 -6.83 41.83
C ASP N 343 -54.31 -7.86 42.15
N ALA N 344 -54.22 -8.48 43.33
CA ALA N 344 -55.24 -9.43 43.77
C ALA N 344 -56.56 -8.75 43.99
N THR N 345 -56.54 -7.52 44.46
CA THR N 345 -57.79 -6.75 44.64
C THR N 345 -58.38 -6.43 43.28
N ALA N 346 -57.54 -6.12 42.29
CA ALA N 346 -58.04 -5.87 40.94
C ALA N 346 -58.70 -7.12 40.38
N ASN N 347 -58.00 -8.25 40.43
CA ASN N 347 -58.57 -9.50 39.96
C ASN N 347 -59.82 -9.85 40.70
N ALA N 348 -59.91 -9.49 41.98
CA ALA N 348 -61.12 -9.77 42.74
C ALA N 348 -62.25 -8.85 42.34
N ASN N 349 -61.95 -7.63 41.87
CA ASN N 349 -63.00 -6.73 41.43
C ASN N 349 -63.51 -7.09 40.03
N LEU N 350 -62.63 -7.55 39.16
CA LEU N 350 -63.01 -7.91 37.80
C LEU N 350 -64.03 -9.03 37.80
N ALA N 351 -63.86 -10.01 38.69
CA ALA N 351 -64.72 -11.14 38.76
C ALA N 351 -66.13 -10.78 39.18
N ALA N 352 -66.31 -9.65 39.87
CA ALA N 352 -67.64 -9.26 40.33
C ALA N 352 -68.44 -8.52 39.30
N ARG N 353 -67.89 -8.23 38.14
CA ARG N 353 -68.55 -7.43 37.11
C ARG N 353 -69.02 -8.34 35.98
N LEU N 354 -70.30 -8.30 35.66
CA LEU N 354 -70.89 -9.12 34.65
C LEU N 354 -70.28 -8.97 33.26
N PRO N 355 -69.89 -7.73 32.81
CA PRO N 355 -69.31 -7.61 31.49
C PRO N 355 -68.14 -8.56 31.24
N TYR N 356 -67.32 -8.83 32.25
CA TYR N 356 -66.24 -9.75 32.10
C TYR N 356 -66.67 -11.20 32.26
N LEU N 357 -67.54 -11.47 33.21
CA LEU N 357 -68.01 -12.84 33.42
C LEU N 357 -68.71 -13.38 32.19
N PHE N 358 -69.33 -12.53 31.39
CA PHE N 358 -69.89 -13.00 30.13
C PHE N 358 -68.80 -13.44 29.19
N ALA N 359 -67.68 -12.74 29.19
CA ALA N 359 -66.55 -13.13 28.36
C ALA N 359 -66.03 -14.50 28.78
N THR N 360 -65.71 -14.67 30.07
CA THR N 360 -65.15 -15.93 30.51
C THR N 360 -66.16 -17.07 30.38
N CYS N 361 -67.41 -16.80 30.57
CA CYS N 361 -68.44 -17.82 30.36
C CYS N 361 -68.47 -18.25 28.90
N ARG N 362 -68.40 -17.29 27.97
CA ARG N 362 -68.36 -17.64 26.56
C ARG N 362 -67.16 -18.49 26.24
N PHE N 363 -65.99 -18.14 26.77
CA PHE N 363 -64.80 -18.97 26.56
C PHE N 363 -64.98 -20.35 27.17
N ALA N 364 -65.77 -20.48 28.24
CA ALA N 364 -66.05 -21.77 28.80
C ALA N 364 -66.88 -22.61 27.86
N HIS N 365 -67.88 -22.01 27.23
CA HIS N 365 -68.70 -22.71 26.25
C HIS N 365 -67.84 -23.17 25.08
N TYR N 366 -67.10 -22.25 24.48
CA TYR N 366 -66.24 -22.60 23.37
C TYR N 366 -65.31 -23.72 23.73
N LEU N 367 -64.57 -23.56 24.82
CA LEU N 367 -63.58 -24.57 25.25
C LEU N 367 -64.22 -25.90 25.47
N LYS N 368 -65.39 -25.91 26.08
CA LYS N 368 -66.13 -27.18 26.29
C LYS N 368 -66.38 -27.88 24.98
N CYS N 369 -66.94 -27.18 24.02
CA CYS N 369 -67.31 -27.82 22.75
C CYS N 369 -66.07 -28.27 21.98
N ILE N 370 -65.07 -27.37 21.83
CA ILE N 370 -63.95 -27.68 20.99
C ILE N 370 -63.08 -28.77 21.60
N VAL N 371 -62.89 -28.75 22.92
CA VAL N 371 -62.09 -29.80 23.55
C VAL N 371 -62.85 -31.10 23.53
N ARG N 372 -64.15 -31.06 23.79
CA ARG N 372 -64.97 -32.27 23.69
C ARG N 372 -64.87 -32.89 22.33
N ASP N 373 -64.74 -32.10 21.28
CA ASP N 373 -64.55 -32.64 19.94
C ASP N 373 -63.12 -33.07 19.69
N LYS N 374 -62.15 -32.55 20.45
CA LYS N 374 -60.75 -32.92 20.28
C LYS N 374 -60.35 -34.14 21.09
N ILE N 375 -61.26 -34.72 21.87
CA ILE N 375 -60.95 -35.90 22.66
C ILE N 375 -60.69 -37.07 21.72
N GLY N 376 -59.52 -37.74 21.92
CA GLY N 376 -59.18 -38.84 21.06
C GLY N 376 -58.13 -38.56 20.02
N SER N 377 -57.70 -37.35 19.91
CA SER N 377 -56.62 -36.95 19.00
C SER N 377 -55.28 -37.03 19.66
N PHE N 378 -54.27 -37.39 18.93
CA PHE N 378 -52.93 -37.55 19.49
C PHE N 378 -52.40 -36.22 19.99
N LYS N 379 -52.12 -36.13 21.27
CA LYS N 379 -51.77 -34.88 21.93
C LYS N 379 -50.75 -35.16 23.02
N GLU N 380 -49.68 -34.35 23.03
CA GLU N 380 -48.73 -34.31 24.12
C GLU N 380 -48.95 -33.02 24.91
N LYS N 381 -48.14 -32.81 25.96
CA LYS N 381 -48.23 -31.56 26.69
C LYS N 381 -47.91 -30.39 25.75
N ASP N 382 -46.87 -30.54 24.91
CA ASP N 382 -46.50 -29.47 24.01
C ASP N 382 -47.58 -29.27 22.93
N GLU N 383 -48.18 -30.38 22.45
CA GLU N 383 -49.23 -30.25 21.46
C GLU N 383 -50.43 -29.50 22.02
N MET N 384 -50.87 -29.86 23.22
CA MET N 384 -51.95 -29.13 23.88
C MET N 384 -51.57 -27.68 24.15
N GLN N 385 -50.30 -27.43 24.48
CA GLN N 385 -49.87 -26.05 24.69
C GLN N 385 -50.00 -25.23 23.42
N ARG N 386 -49.61 -25.80 22.28
CA ARG N 386 -49.68 -25.06 21.03
C ARG N 386 -51.11 -24.90 20.58
N TRP N 387 -51.95 -25.91 20.80
CA TRP N 387 -53.32 -25.83 20.32
C TRP N 387 -54.16 -24.91 21.16
N LEU N 388 -54.00 -24.95 22.48
CA LEU N 388 -54.73 -24.01 23.37
C LEU N 388 -54.17 -22.61 23.26
N GLN N 389 -52.84 -22.50 23.21
CA GLN N 389 -52.20 -21.18 23.08
C GLN N 389 -52.58 -20.51 21.80
N ASP N 390 -52.60 -21.25 20.69
CA ASP N 390 -52.99 -20.67 19.41
C ASP N 390 -54.49 -20.61 19.23
N TRP N 391 -55.27 -21.33 20.04
CA TRP N 391 -56.71 -21.19 19.95
C TRP N 391 -57.20 -19.95 20.68
N ILE N 392 -56.67 -19.70 21.88
CA ILE N 392 -57.09 -18.52 22.63
C ILE N 392 -56.59 -17.25 22.01
N LEU N 393 -55.57 -17.34 21.12
CA LEU N 393 -54.88 -16.16 20.63
C LEU N 393 -55.56 -15.52 19.44
N ASN N 394 -56.64 -16.12 18.91
CA ASN N 394 -57.38 -15.49 17.85
C ASN N 394 -58.51 -14.63 18.36
N TYR N 395 -58.79 -14.67 19.65
CA TYR N 395 -59.71 -13.71 20.29
C TYR N 395 -58.99 -12.52 20.91
N VAL N 396 -57.67 -12.43 20.72
CA VAL N 396 -56.87 -11.35 21.27
C VAL N 396 -56.31 -10.54 20.11
N ASP N 397 -56.44 -9.21 20.23
CA ASP N 397 -55.86 -8.31 19.20
C ASP N 397 -54.57 -7.70 19.76
N GLY N 398 -53.43 -8.16 19.30
CA GLY N 398 -52.15 -7.83 19.91
C GLY N 398 -51.58 -6.48 19.45
N ASP N 399 -51.46 -6.32 18.14
CA ASP N 399 -50.94 -5.09 17.55
C ASP N 399 -51.79 -3.82 17.76
N PRO N 400 -53.12 -3.97 17.68
CA PRO N 400 -54.03 -2.82 17.76
C PRO N 400 -54.63 -2.52 19.13
N ALA N 401 -54.16 -3.15 20.19
CA ALA N 401 -54.70 -2.91 21.52
C ALA N 401 -54.93 -1.44 21.94
N HIS N 402 -53.99 -0.53 21.69
CA HIS N 402 -54.26 0.86 22.06
C HIS N 402 -55.17 1.58 21.04
N SER N 403 -54.98 1.27 19.76
CA SER N 403 -55.77 1.94 18.71
C SER N 403 -56.71 0.93 18.07
N THR N 404 -57.96 0.99 18.52
CA THR N 404 -59.07 0.17 18.00
C THR N 404 -60.41 0.72 18.56
N GLU N 405 -61.55 0.39 17.95
CA GLU N 405 -62.79 0.90 18.55
C GLU N 405 -63.83 -0.20 18.77
N THR N 406 -64.36 -0.75 17.68
CA THR N 406 -65.32 -1.83 17.75
C THR N 406 -64.64 -3.18 17.93
N THR N 407 -63.39 -3.35 17.43
CA THR N 407 -62.77 -4.68 17.56
C THR N 407 -62.47 -5.00 19.02
N LYS N 408 -62.29 -3.97 19.86
CA LYS N 408 -62.12 -4.24 21.29
C LYS N 408 -63.37 -4.89 21.88
N ALA N 409 -64.53 -4.62 21.30
CA ALA N 409 -65.75 -5.32 21.69
C ALA N 409 -65.81 -6.70 21.09
N GLN N 410 -65.31 -6.86 19.86
CA GLN N 410 -65.34 -8.18 19.23
C GLN N 410 -64.24 -9.08 19.74
N HIS N 411 -63.07 -8.52 20.05
CA HIS N 411 -62.04 -9.30 20.71
C HIS N 411 -62.02 -8.91 22.18
N PRO N 412 -62.59 -9.73 23.07
CA PRO N 412 -62.78 -9.29 24.46
C PRO N 412 -61.47 -9.25 25.27
N LEU N 413 -60.39 -9.89 24.80
CA LEU N 413 -59.19 -10.04 25.58
C LEU N 413 -58.08 -9.16 25.05
N ALA N 414 -57.40 -8.44 25.95
CA ALA N 414 -56.21 -7.71 25.59
C ALA N 414 -54.98 -8.62 25.53
N ALA N 415 -54.98 -9.71 26.29
CA ALA N 415 -53.89 -10.67 26.27
C ALA N 415 -54.38 -11.98 26.82
N ALA N 416 -53.64 -13.05 26.55
CA ALA N 416 -54.02 -14.39 26.97
C ALA N 416 -52.79 -15.20 27.27
N GLU N 417 -52.85 -15.99 28.33
CA GLU N 417 -51.70 -16.80 28.77
C GLU N 417 -52.22 -18.15 29.22
N VAL N 418 -51.57 -19.20 28.76
CA VAL N 418 -52.03 -20.59 29.00
C VAL N 418 -50.85 -21.31 29.67
N VAL N 419 -51.14 -22.00 30.78
CA VAL N 419 -50.18 -22.88 31.42
C VAL N 419 -50.79 -24.27 31.43
N VAL N 420 -50.18 -25.20 30.72
CA VAL N 420 -50.67 -26.57 30.58
C VAL N 420 -49.77 -27.45 31.47
N GLU N 421 -50.40 -28.38 32.19
CA GLU N 421 -49.69 -29.33 33.03
C GLU N 421 -50.32 -30.69 32.88
N GLU N 422 -49.50 -31.70 32.62
CA GLU N 422 -50.01 -33.05 32.47
C GLU N 422 -50.24 -33.68 33.85
N VAL N 423 -51.38 -34.33 34.03
CA VAL N 423 -51.70 -34.97 35.29
C VAL N 423 -50.77 -36.19 35.45
N GLU N 424 -50.04 -36.23 36.56
CA GLU N 424 -49.12 -37.32 36.83
C GLU N 424 -49.90 -38.59 37.14
N GLY N 425 -49.34 -39.75 36.79
CA GLY N 425 -50.02 -40.98 37.03
C GLY N 425 -51.21 -41.23 36.12
N ASN N 426 -51.14 -40.77 34.88
CA ASN N 426 -52.25 -40.91 33.93
C ASN N 426 -51.81 -40.35 32.57
N PRO N 427 -52.02 -41.07 31.48
CA PRO N 427 -51.81 -40.50 30.16
C PRO N 427 -53.01 -39.71 29.69
N GLY N 428 -52.76 -38.78 28.75
CA GLY N 428 -53.88 -38.17 28.03
C GLY N 428 -54.74 -37.23 28.84
N TYR N 429 -54.49 -37.08 30.17
CA TYR N 429 -55.23 -36.14 30.99
C TYR N 429 -54.32 -34.98 31.32
N TYR N 430 -54.86 -33.75 31.16
CA TYR N 430 -54.04 -32.54 31.40
C TYR N 430 -54.82 -31.56 32.25
N ASN N 431 -54.10 -30.68 32.93
CA ASN N 431 -54.66 -29.54 33.65
C ASN N 431 -54.15 -28.27 33.01
N SER N 432 -55.05 -27.32 32.78
CA SER N 432 -54.70 -26.06 32.13
C SER N 432 -55.19 -24.90 32.93
N LYS N 433 -54.50 -23.77 32.79
CA LYS N 433 -54.90 -22.50 33.41
C LYS N 433 -54.90 -21.45 32.33
N PHE N 434 -56.01 -20.75 32.17
CA PHE N 434 -56.15 -19.68 31.20
C PHE N 434 -56.14 -18.35 31.94
N PHE N 435 -55.08 -17.56 31.73
CA PHE N 435 -55.00 -16.21 32.24
C PHE N 435 -55.33 -15.28 31.09
N LEU N 436 -56.51 -14.65 31.16
CA LEU N 436 -56.95 -13.77 30.07
C LEU N 436 -57.26 -12.38 30.65
N ARG N 437 -56.61 -11.36 30.09
CA ARG N 437 -56.76 -10.00 30.56
C ARG N 437 -57.79 -9.28 29.71
N PRO N 438 -58.95 -8.93 30.28
CA PRO N 438 -59.98 -8.27 29.50
C PRO N 438 -59.65 -6.81 29.22
N HIS N 439 -60.37 -6.22 28.29
CA HIS N 439 -60.27 -4.78 28.06
C HIS N 439 -60.98 -4.03 29.18
N TYR N 440 -60.25 -3.15 29.86
CA TYR N 440 -60.84 -2.41 30.97
C TYR N 440 -61.93 -1.49 30.47
N GLN N 441 -62.89 -1.18 31.34
CA GLN N 441 -63.98 -0.25 31.03
C GLN N 441 -63.99 0.89 32.01
N LEU N 442 -64.23 2.11 31.54
CA LEU N 442 -64.23 3.27 32.45
C LEU N 442 -65.30 3.09 33.51
N GLU N 443 -64.93 3.09 34.76
CA GLU N 443 -65.83 2.92 35.88
C GLU N 443 -66.17 4.20 36.63
N GLY N 444 -65.17 5.01 36.91
CA GLY N 444 -65.39 6.29 37.57
C GLY N 444 -64.23 7.22 37.39
N LEU N 445 -64.40 8.49 37.71
CA LEU N 445 -63.31 9.43 37.56
C LEU N 445 -63.48 10.54 38.54
N THR N 446 -62.43 10.79 39.36
CA THR N 446 -62.42 11.93 40.27
C THR N 446 -61.51 12.96 39.65
N VAL N 447 -62.01 14.19 39.45
CA VAL N 447 -61.23 15.26 38.84
C VAL N 447 -61.08 16.36 39.83
N SER N 448 -59.87 16.84 40.02
CA SER N 448 -59.58 18.08 40.81
C SER N 448 -59.05 19.12 39.88
N LEU N 449 -59.81 20.15 39.63
CA LEU N 449 -59.41 21.26 38.71
C LEU N 449 -58.59 22.24 39.55
N ARG N 450 -57.55 22.78 38.93
CA ARG N 450 -56.67 23.72 39.66
C ARG N 450 -56.42 24.97 38.82
N LEU N 451 -56.81 26.15 39.31
CA LEU N 451 -56.44 27.38 38.67
C LEU N 451 -55.00 27.72 38.99
N VAL N 452 -54.14 27.79 37.99
CA VAL N 452 -52.71 27.82 38.16
C VAL N 452 -52.15 28.96 37.33
N SER N 453 -51.27 29.76 37.96
CA SER N 453 -50.62 30.85 37.24
C SER N 453 -49.45 30.34 36.42
N LYS N 454 -48.70 29.37 36.92
CA LYS N 454 -47.53 28.83 36.18
C LYS N 454 -47.66 27.32 36.20
N LEU N 455 -47.81 26.71 35.03
CA LEU N 455 -48.06 25.28 34.92
C LEU N 455 -47.03 24.46 35.68
N PRO N 456 -47.45 23.60 36.58
CA PRO N 456 -46.45 22.88 37.44
C PRO N 456 -45.66 21.86 36.65
N SER N 457 -46.23 21.31 35.57
CA SER N 457 -45.51 20.28 34.82
C SER N 457 -44.39 20.90 34.02
N ALA N 458 -44.71 21.86 33.14
CA ALA N 458 -43.67 22.42 32.27
C ALA N 458 -43.13 23.83 32.61
N LYS N 459 -44.02 24.79 32.85
CA LYS N 459 -43.61 26.15 33.10
C LYS N 459 -42.74 26.26 34.38
N GLU N 460 -43.14 25.51 35.42
CA GLU N 460 -42.44 25.51 36.67
C GLU N 460 -41.60 24.25 36.78
N ALA N 461 -40.27 24.40 36.69
CA ALA N 461 -39.34 23.28 36.68
C ALA N 461 -37.91 23.92 36.60
N THR O 1 -7.40 -60.91 -41.45
CA THR O 1 -7.06 -62.29 -41.78
C THR O 1 -5.68 -62.37 -42.43
N THR O 2 -4.76 -61.54 -41.94
CA THR O 2 -3.38 -61.45 -42.43
C THR O 2 -3.19 -61.46 -43.97
N SER O 3 -3.44 -60.31 -44.58
CA SER O 3 -3.31 -60.14 -46.02
C SER O 3 -2.00 -60.66 -46.60
N SER O 4 -2.12 -61.31 -47.75
CA SER O 4 -0.94 -61.89 -48.44
C SER O 4 0.21 -60.95 -48.49
N GLN O 5 -0.03 -59.65 -48.44
CA GLN O 5 1.05 -58.67 -48.32
C GLN O 5 1.85 -58.89 -47.07
N LYS O 6 1.22 -59.33 -46.00
CA LYS O 6 1.93 -59.71 -44.78
C LYS O 6 2.73 -60.96 -44.96
N PHE O 7 2.23 -61.91 -45.71
CA PHE O 7 3.03 -63.11 -46.05
C PHE O 7 4.26 -62.70 -46.80
N ILE O 8 4.15 -61.85 -47.81
CA ILE O 8 5.32 -61.36 -48.55
C ILE O 8 6.25 -60.59 -47.61
N ALA O 9 5.68 -59.90 -46.63
CA ALA O 9 6.49 -59.09 -45.73
C ALA O 9 7.31 -59.92 -44.81
N ARG O 10 6.68 -60.89 -44.12
CA ARG O 10 7.39 -61.68 -43.13
C ARG O 10 8.17 -62.79 -43.72
N ASN O 11 7.79 -63.32 -44.86
CA ASN O 11 8.42 -64.51 -45.41
C ASN O 11 9.69 -64.31 -46.19
N ARG O 12 9.64 -63.56 -47.25
CA ARG O 12 10.90 -63.13 -47.98
C ARG O 12 10.54 -61.72 -48.41
N ALA O 13 11.20 -60.77 -47.79
CA ALA O 13 10.77 -59.40 -47.93
C ALA O 13 11.62 -58.69 -48.93
N PRO O 14 11.01 -57.98 -49.92
CA PRO O 14 11.77 -57.09 -50.73
C PRO O 14 12.32 -55.94 -49.89
N ARG O 15 13.39 -55.28 -50.36
CA ARG O 15 13.88 -54.12 -49.66
C ARG O 15 12.79 -53.06 -49.55
N VAL O 16 11.97 -52.92 -50.60
CA VAL O 16 10.81 -52.03 -50.56
C VAL O 16 9.58 -52.91 -50.46
N GLN O 17 8.91 -52.93 -49.32
CA GLN O 17 7.72 -53.75 -49.10
C GLN O 17 6.58 -52.83 -48.79
N ILE O 18 5.54 -52.89 -49.61
CA ILE O 18 4.42 -51.93 -49.50
C ILE O 18 3.16 -52.74 -49.21
N GLU O 19 2.57 -52.54 -48.07
CA GLU O 19 1.35 -53.19 -47.65
C GLU O 19 0.26 -52.15 -47.45
N TYR O 20 -0.99 -52.60 -47.54
CA TYR O 20 -2.12 -51.76 -47.23
C TYR O 20 -2.87 -52.33 -46.08
N ASP O 21 -3.08 -51.54 -45.03
CA ASP O 21 -3.85 -51.99 -43.87
C ASP O 21 -4.89 -50.96 -43.50
N VAL O 22 -6.10 -51.44 -43.20
CA VAL O 22 -7.23 -50.57 -42.84
C VAL O 22 -6.87 -49.96 -41.46
N GLU O 23 -7.18 -48.66 -41.33
CA GLU O 23 -6.93 -47.98 -40.11
C GLU O 23 -8.13 -47.97 -39.19
N LEU O 24 -8.05 -48.64 -38.05
CA LEU O 24 -9.06 -48.64 -37.01
C LEU O 24 -8.40 -48.23 -35.71
N TYR O 25 -8.74 -47.06 -35.19
CA TYR O 25 -8.13 -46.55 -33.98
C TYR O 25 -8.38 -47.38 -32.76
N GLY O 26 -9.66 -47.67 -32.53
CA GLY O 26 -10.06 -48.47 -31.38
C GLY O 26 -10.51 -49.89 -31.63
N ALA O 27 -10.52 -50.30 -32.90
CA ALA O 27 -10.93 -51.66 -33.29
C ALA O 27 -12.31 -51.96 -32.70
N GLU O 28 -12.44 -53.09 -32.02
CA GLU O 28 -13.70 -53.45 -31.37
C GLU O 28 -14.96 -53.41 -32.24
N LYS O 29 -15.00 -54.26 -33.27
CA LYS O 29 -16.14 -54.33 -34.18
C LYS O 29 -17.43 -54.77 -33.49
N LYS O 30 -18.58 -54.34 -34.04
CA LYS O 30 -19.90 -54.62 -33.46
C LYS O 30 -20.24 -56.10 -33.40
N VAL O 31 -21.07 -56.46 -32.40
CA VAL O 31 -21.37 -57.85 -32.09
C VAL O 31 -22.42 -58.44 -33.03
N GLN O 32 -23.19 -57.61 -33.75
CA GLN O 32 -24.23 -58.12 -34.64
C GLN O 32 -25.31 -58.78 -33.79
N LEU O 33 -25.46 -60.10 -33.90
CA LEU O 33 -26.42 -60.87 -33.10
C LEU O 33 -27.86 -60.46 -33.40
N PRO O 34 -28.41 -60.92 -34.52
CA PRO O 34 -29.80 -60.61 -34.85
C PRO O 34 -30.78 -61.13 -33.81
N PHE O 35 -31.99 -60.57 -33.85
CA PHE O 35 -33.07 -60.94 -32.93
C PHE O 35 -33.92 -62.00 -33.59
N VAL O 36 -33.88 -63.22 -33.05
CA VAL O 36 -34.73 -64.31 -33.50
C VAL O 36 -35.85 -64.48 -32.51
N MET O 37 -37.04 -64.83 -32.99
CA MET O 37 -38.18 -65.10 -32.13
C MET O 37 -38.68 -66.51 -32.39
N GLY O 38 -38.51 -67.40 -31.42
CA GLY O 38 -38.96 -68.77 -31.56
C GLY O 38 -40.43 -68.85 -31.21
N VAL O 39 -41.23 -69.50 -32.05
CA VAL O 39 -42.65 -69.62 -31.79
C VAL O 39 -43.09 -71.06 -31.67
N MET O 40 -43.84 -71.36 -30.61
CA MET O 40 -44.35 -72.69 -30.38
C MET O 40 -45.86 -72.65 -30.52
N ALA O 41 -46.42 -73.58 -31.26
CA ALA O 41 -47.86 -73.55 -31.48
C ALA O 41 -48.34 -74.95 -31.83
N ASP O 42 -49.64 -75.16 -31.72
CA ASP O 42 -50.22 -76.44 -32.09
C ASP O 42 -50.67 -76.36 -33.54
N LEU O 43 -49.97 -77.09 -34.41
CA LEU O 43 -50.25 -77.10 -35.83
C LEU O 43 -50.37 -78.54 -36.31
N ALA O 44 -51.11 -78.73 -37.40
CA ALA O 44 -51.42 -80.06 -37.92
C ALA O 44 -52.13 -80.90 -36.86
N GLY O 45 -53.17 -80.32 -36.27
CA GLY O 45 -53.93 -81.00 -35.24
C GLY O 45 -54.59 -82.26 -35.78
N LYS O 46 -54.46 -83.37 -35.06
CA LYS O 46 -54.96 -84.68 -35.49
C LYS O 46 -54.40 -85.04 -36.85
N PRO O 47 -53.11 -85.30 -36.96
CA PRO O 47 -52.53 -85.69 -38.26
C PRO O 47 -52.90 -87.11 -38.63
N ALA O 48 -52.77 -87.42 -39.92
CA ALA O 48 -53.10 -88.74 -40.40
C ALA O 48 -52.03 -89.80 -40.17
N GLU O 49 -50.79 -89.38 -39.95
CA GLU O 49 -49.67 -90.30 -39.79
C GLU O 49 -49.16 -90.13 -38.36
N PRO O 50 -48.19 -90.95 -37.93
CA PRO O 50 -47.53 -90.67 -36.64
C PRO O 50 -46.83 -89.33 -36.58
N GLN O 51 -46.65 -88.65 -37.72
CA GLN O 51 -45.91 -87.39 -37.81
C GLN O 51 -44.46 -87.61 -37.44
N ALA O 52 -43.96 -86.88 -36.45
CA ALA O 52 -42.56 -86.96 -36.09
C ALA O 52 -42.42 -86.98 -34.58
N ALA O 53 -41.43 -87.74 -34.10
CA ALA O 53 -41.15 -87.77 -32.68
C ALA O 53 -40.52 -86.45 -32.24
N VAL O 54 -40.62 -86.17 -30.95
CA VAL O 54 -40.04 -84.96 -30.39
C VAL O 54 -38.52 -85.06 -30.47
N ALA O 55 -37.86 -83.89 -30.42
CA ALA O 55 -36.43 -83.72 -30.57
C ALA O 55 -36.00 -83.89 -32.03
N ASP O 56 -36.87 -84.46 -32.85
CA ASP O 56 -36.68 -84.48 -34.30
C ASP O 56 -37.47 -83.40 -35.02
N ARG O 57 -38.28 -82.62 -34.32
CA ARG O 57 -39.08 -81.57 -34.96
C ARG O 57 -38.29 -80.30 -35.20
N LYS O 58 -37.40 -79.97 -34.28
CA LYS O 58 -36.57 -78.78 -34.45
C LYS O 58 -37.41 -77.50 -34.50
N PHE O 59 -36.78 -76.43 -34.97
CA PHE O 59 -37.44 -75.16 -35.15
C PHE O 59 -37.19 -74.81 -36.60
N LEU O 60 -38.24 -74.48 -37.34
CA LEU O 60 -38.08 -74.17 -38.76
C LEU O 60 -38.30 -72.71 -39.02
N GLU O 61 -37.36 -72.07 -39.70
CA GLU O 61 -37.49 -70.66 -39.98
C GLU O 61 -38.69 -70.44 -40.88
N ILE O 62 -39.43 -69.37 -40.59
CA ILE O 62 -40.62 -69.02 -41.33
C ILE O 62 -40.56 -67.52 -41.65
N ASP O 63 -41.24 -67.13 -42.71
CA ASP O 63 -41.30 -65.78 -43.20
C ASP O 63 -42.43 -65.69 -44.20
N VAL O 64 -42.58 -64.55 -44.86
CA VAL O 64 -43.60 -64.39 -45.86
C VAL O 64 -43.29 -65.19 -47.12
N ASP O 65 -42.04 -65.59 -47.32
CA ASP O 65 -41.65 -66.29 -48.53
C ASP O 65 -42.05 -67.75 -48.49
N ASN O 66 -41.75 -68.47 -47.40
CA ASN O 66 -41.98 -69.89 -47.30
C ASN O 66 -43.25 -70.27 -46.57
N PHE O 67 -44.06 -69.30 -46.20
CA PHE O 67 -45.23 -69.56 -45.35
C PHE O 67 -46.12 -70.65 -45.93
N ASP O 68 -46.53 -70.50 -47.15
CA ASP O 68 -47.33 -71.53 -47.82
C ASP O 68 -46.56 -72.82 -47.98
N ALA O 69 -45.24 -72.75 -48.17
CA ALA O 69 -44.45 -73.96 -48.20
C ALA O 69 -44.34 -74.59 -46.84
N ARG O 70 -44.48 -73.80 -45.77
CA ARG O 70 -44.50 -74.36 -44.43
C ARG O 70 -45.85 -75.04 -44.14
N LEU O 71 -46.96 -74.50 -44.63
CA LEU O 71 -48.21 -75.20 -44.50
C LEU O 71 -48.18 -76.48 -45.33
N LYS O 72 -47.90 -76.39 -46.61
CA LYS O 72 -47.90 -77.56 -47.46
C LYS O 72 -46.93 -78.60 -47.01
N ALA O 73 -45.81 -78.19 -46.44
CA ALA O 73 -44.84 -79.14 -45.90
C ALA O 73 -45.36 -79.76 -44.62
N MET O 74 -46.01 -78.96 -43.76
CA MET O 74 -46.47 -79.47 -42.50
C MET O 74 -47.75 -80.24 -42.60
N LYS O 75 -48.53 -80.01 -43.65
CA LYS O 75 -49.81 -80.69 -43.93
C LYS O 75 -50.77 -80.64 -42.73
N PRO O 76 -51.19 -79.45 -42.29
CA PRO O 76 -52.22 -79.37 -41.31
C PRO O 76 -53.55 -79.87 -41.75
N ARG O 77 -54.18 -80.74 -40.95
CA ARG O 77 -55.43 -81.36 -41.40
C ARG O 77 -56.44 -81.36 -40.30
N VAL O 78 -57.69 -81.62 -40.61
CA VAL O 78 -58.78 -81.67 -39.68
C VAL O 78 -59.78 -82.69 -40.12
N ALA O 79 -60.23 -83.54 -39.18
CA ALA O 79 -61.21 -84.60 -39.49
C ALA O 79 -62.20 -84.64 -38.36
N PHE O 80 -63.48 -84.44 -38.66
CA PHE O 80 -64.52 -84.53 -37.69
C PHE O 80 -65.85 -84.76 -38.30
N ASN O 81 -66.82 -85.20 -37.49
CA ASN O 81 -68.21 -85.40 -37.95
C ASN O 81 -68.96 -84.11 -37.74
N VAL O 82 -69.83 -83.79 -38.69
CA VAL O 82 -70.62 -82.55 -38.58
C VAL O 82 -72.02 -82.87 -39.07
N PRO O 83 -73.07 -82.33 -38.45
CA PRO O 83 -74.42 -82.58 -38.94
C PRO O 83 -74.58 -82.18 -40.39
N ASN O 84 -75.31 -83.02 -41.14
CA ASN O 84 -75.49 -82.78 -42.57
C ASN O 84 -76.83 -82.07 -42.75
N VAL O 85 -76.78 -80.81 -43.13
CA VAL O 85 -78.01 -80.06 -43.35
C VAL O 85 -78.49 -80.16 -44.79
N LEU O 86 -77.65 -80.66 -45.69
CA LEU O 86 -78.04 -80.76 -47.09
C LEU O 86 -79.22 -81.68 -47.40
N THR O 87 -79.21 -82.89 -46.85
CA THR O 87 -80.30 -83.85 -47.11
C THR O 87 -80.68 -84.72 -45.89
N GLY O 88 -81.11 -84.09 -44.79
CA GLY O 88 -81.49 -84.85 -43.61
C GLY O 88 -80.34 -85.72 -43.17
N GLU O 89 -80.60 -87.01 -42.96
CA GLU O 89 -79.49 -87.93 -42.61
C GLU O 89 -79.03 -87.61 -41.19
N GLY O 90 -77.76 -87.26 -40.98
CA GLY O 90 -77.14 -87.26 -39.69
C GLY O 90 -75.71 -86.66 -39.96
N ASN O 91 -74.83 -86.95 -38.99
CA ASN O 91 -73.48 -86.52 -39.04
C ASN O 91 -72.83 -86.82 -40.39
N LEU O 92 -72.07 -85.85 -40.91
CA LEU O 92 -71.26 -86.00 -42.10
C LEU O 92 -69.78 -85.91 -41.76
N SER O 93 -69.05 -86.99 -41.93
CA SER O 93 -67.61 -87.03 -41.66
C SER O 93 -66.85 -86.43 -42.78
N LEU O 94 -66.09 -85.37 -42.49
CA LEU O 94 -65.28 -84.68 -43.52
C LEU O 94 -63.82 -84.77 -43.17
N ASP O 95 -62.98 -84.92 -44.18
CA ASP O 95 -61.54 -84.98 -43.96
C ASP O 95 -60.94 -83.85 -44.78
N ILE O 96 -60.27 -82.93 -44.10
CA ILE O 96 -59.67 -81.80 -44.79
C ILE O 96 -58.22 -81.57 -44.41
N THR O 97 -57.37 -81.41 -45.41
CA THR O 97 -55.97 -81.09 -45.18
C THR O 97 -55.67 -79.78 -45.91
N PHE O 98 -55.23 -78.77 -45.17
CA PHE O 98 -55.08 -77.45 -45.73
C PHE O 98 -53.62 -77.28 -46.21
N GLU O 99 -53.46 -77.08 -47.51
CA GLU O 99 -52.15 -76.90 -48.11
C GLU O 99 -51.79 -75.45 -48.39
N SER O 100 -52.65 -74.51 -48.02
CA SER O 100 -52.32 -73.09 -48.27
C SER O 100 -53.16 -72.23 -47.37
N MET O 101 -52.75 -71.00 -47.16
CA MET O 101 -53.49 -70.12 -46.28
C MET O 101 -54.86 -69.77 -46.82
N ASP O 102 -55.03 -69.99 -48.11
CA ASP O 102 -56.31 -69.74 -48.76
C ASP O 102 -57.27 -70.91 -48.56
N ASP O 103 -56.77 -72.03 -48.04
CA ASP O 103 -57.60 -73.20 -47.84
C ASP O 103 -58.45 -73.10 -46.59
N PHE O 104 -58.27 -72.07 -45.76
CA PHE O 104 -59.15 -71.80 -44.67
C PHE O 104 -60.35 -70.93 -45.06
N SER O 105 -60.33 -70.38 -46.26
CA SER O 105 -61.48 -69.61 -46.74
C SER O 105 -62.64 -70.53 -47.00
N PRO O 106 -63.88 -70.01 -46.89
CA PRO O 106 -65.04 -70.92 -47.02
C PRO O 106 -65.15 -71.51 -48.45
N ALA O 107 -64.72 -70.81 -49.47
CA ALA O 107 -64.73 -71.34 -50.81
C ALA O 107 -63.88 -72.59 -50.93
N ALA O 108 -62.63 -72.50 -50.49
CA ALA O 108 -61.73 -73.65 -50.53
C ALA O 108 -62.21 -74.76 -49.62
N VAL O 109 -62.81 -74.42 -48.48
CA VAL O 109 -63.42 -75.44 -47.63
C VAL O 109 -64.47 -76.19 -48.39
N ALA O 110 -65.30 -75.48 -49.14
CA ALA O 110 -66.33 -76.15 -49.94
C ALA O 110 -65.71 -77.00 -51.06
N ARG O 111 -64.62 -76.53 -51.64
CA ARG O 111 -64.00 -77.29 -52.72
C ARG O 111 -63.32 -78.55 -52.22
N LYS O 112 -62.89 -78.57 -50.93
CA LYS O 112 -62.19 -79.74 -50.43
C LYS O 112 -63.15 -80.85 -50.05
N VAL O 113 -64.28 -80.53 -49.40
CA VAL O 113 -65.27 -81.56 -49.11
C VAL O 113 -65.93 -81.95 -50.44
N ASP O 114 -65.97 -83.28 -50.70
CA ASP O 114 -66.33 -83.75 -52.04
C ASP O 114 -67.82 -83.46 -52.37
N SER O 115 -68.71 -83.67 -51.39
CA SER O 115 -70.10 -83.37 -51.61
C SER O 115 -70.30 -81.89 -51.90
N LEU O 116 -69.82 -81.03 -51.01
CA LEU O 116 -69.87 -79.59 -51.25
C LEU O 116 -69.14 -79.21 -52.52
N ASN O 117 -68.16 -80.01 -52.96
CA ASN O 117 -67.53 -79.76 -54.25
C ASN O 117 -68.52 -80.01 -55.37
N LYS O 118 -69.30 -81.07 -55.27
CA LYS O 118 -70.30 -81.36 -56.32
C LYS O 118 -71.37 -80.27 -56.35
N LEU O 119 -71.83 -79.82 -55.17
CA LEU O 119 -72.80 -78.77 -55.13
C LEU O 119 -72.26 -77.45 -55.66
N LEU O 120 -71.04 -77.11 -55.27
CA LEU O 120 -70.44 -75.87 -55.74
C LEU O 120 -70.22 -75.90 -57.25
N GLU O 121 -69.78 -77.05 -57.78
CA GLU O 121 -69.65 -77.17 -59.23
C GLU O 121 -71.01 -77.05 -59.90
N ALA O 122 -72.05 -77.59 -59.30
CA ALA O 122 -73.40 -77.43 -59.82
C ALA O 122 -73.76 -75.95 -59.90
N ARG O 123 -73.42 -75.19 -58.84
CA ARG O 123 -73.76 -73.78 -58.85
C ARG O 123 -72.95 -73.00 -59.90
N THR O 124 -71.67 -73.36 -60.08
CA THR O 124 -70.90 -72.65 -61.09
C THR O 124 -71.37 -73.02 -62.49
N GLN O 125 -71.88 -74.23 -62.68
CA GLN O 125 -72.38 -74.62 -63.99
C GLN O 125 -73.72 -73.94 -64.29
N LEU O 126 -74.56 -73.73 -63.27
CA LEU O 126 -75.83 -73.07 -63.50
C LEU O 126 -75.66 -71.56 -63.64
N ALA O 127 -74.85 -70.95 -62.79
CA ALA O 127 -74.59 -69.51 -62.89
C ALA O 127 -73.81 -69.19 -64.16
N ASN O 128 -72.91 -70.09 -64.56
CA ASN O 128 -72.25 -69.96 -65.84
C ASN O 128 -73.19 -70.30 -66.99
N LEU O 129 -74.29 -71.01 -66.70
CA LEU O 129 -75.26 -71.35 -67.73
C LEU O 129 -76.19 -70.19 -68.02
N LEU O 130 -76.62 -69.45 -66.96
CA LEU O 130 -77.53 -68.34 -67.16
C LEU O 130 -76.87 -67.25 -68.00
N THR O 131 -75.55 -67.14 -67.97
CA THR O 131 -74.82 -66.20 -68.81
C THR O 131 -74.23 -66.97 -69.99
N TYR O 132 -74.83 -66.79 -71.16
CA TYR O 132 -74.39 -67.39 -72.41
C TYR O 132 -73.72 -68.77 -72.28
N ARG P 1 -103.73 -46.20 -89.25
CA ARG P 1 -104.58 -46.69 -88.09
C ARG P 1 -103.88 -47.95 -87.49
N GLU P 2 -104.49 -49.09 -87.74
CA GLU P 2 -103.94 -50.38 -87.36
C GLU P 2 -103.11 -50.97 -88.51
N ALA P 3 -103.13 -50.35 -89.69
CA ALA P 3 -102.34 -50.86 -90.80
C ALA P 3 -100.83 -50.69 -90.53
N VAL P 4 -100.45 -49.53 -89.97
CA VAL P 4 -99.07 -49.37 -89.58
C VAL P 4 -98.68 -50.39 -88.49
N GLU P 5 -99.64 -50.75 -87.62
CA GLU P 5 -99.36 -51.76 -86.62
C GLU P 5 -99.14 -53.13 -87.26
N THR P 6 -99.81 -53.40 -88.38
CA THR P 6 -99.54 -54.65 -89.08
C THR P 6 -98.18 -54.62 -89.80
N ALA P 7 -97.81 -53.45 -90.34
CA ALA P 7 -96.54 -53.35 -91.02
C ALA P 7 -95.37 -53.52 -90.01
N VAL P 8 -95.47 -52.85 -88.84
CA VAL P 8 -94.44 -53.06 -87.85
C VAL P 8 -94.57 -54.42 -87.18
N ARG P 9 -95.74 -55.06 -87.29
CA ARG P 9 -95.86 -56.43 -86.81
C ARG P 9 -95.02 -57.36 -87.69
N THR P 10 -95.25 -57.33 -89.00
CA THR P 10 -94.51 -58.22 -89.89
C THR P 10 -93.02 -57.88 -89.88
N LEU P 11 -92.69 -56.58 -89.95
CA LEU P 11 -91.29 -56.19 -89.94
C LEU P 11 -90.60 -56.55 -88.62
N ALA P 12 -91.22 -56.18 -87.50
CA ALA P 12 -90.60 -56.40 -86.21
C ALA P 12 -90.43 -57.89 -85.92
N GLU P 13 -91.47 -58.69 -86.18
CA GLU P 13 -91.37 -60.13 -85.93
C GLU P 13 -90.35 -60.77 -86.87
N HIS P 14 -90.51 -60.56 -88.19
CA HIS P 14 -89.64 -61.21 -89.15
C HIS P 14 -88.17 -60.84 -88.89
N ALA P 15 -87.90 -59.56 -88.69
CA ALA P 15 -86.53 -59.17 -88.41
C ALA P 15 -86.05 -59.74 -87.08
N LEU P 16 -86.91 -59.69 -86.05
CA LEU P 16 -86.49 -60.06 -84.71
C LEU P 16 -86.15 -61.53 -84.53
N GLU P 17 -87.05 -62.41 -84.92
CA GLU P 17 -86.87 -63.85 -84.66
C GLU P 17 -86.38 -64.74 -85.81
N GLN P 18 -86.17 -64.20 -87.01
CA GLN P 18 -85.81 -65.03 -88.16
C GLN P 18 -84.52 -65.85 -88.06
N THR P 19 -83.49 -65.26 -87.47
CA THR P 19 -82.17 -65.85 -87.38
C THR P 19 -81.55 -65.63 -86.00
N SER P 20 -81.25 -64.37 -85.68
CA SER P 20 -80.58 -64.05 -84.43
C SER P 20 -81.52 -64.22 -83.25
N LEU P 21 -81.00 -63.88 -82.06
CA LEU P 21 -81.74 -63.99 -80.80
C LEU P 21 -82.23 -65.43 -80.59
N ILE P 22 -81.28 -66.36 -80.67
CA ILE P 22 -81.62 -67.79 -80.62
C ILE P 22 -82.19 -68.13 -79.26
N SER P 23 -83.40 -68.71 -79.26
CA SER P 23 -84.09 -69.23 -78.08
C SER P 23 -84.52 -68.12 -77.12
N ASN P 24 -83.96 -66.92 -77.29
CA ASN P 24 -84.29 -65.75 -76.48
C ASN P 24 -84.30 -66.08 -74.98
N ASP P 25 -85.31 -65.58 -74.27
CA ASP P 25 -85.56 -65.94 -72.89
C ASP P 25 -87.04 -65.74 -72.58
N ALA P 26 -87.55 -66.51 -71.62
CA ALA P 26 -88.93 -66.36 -71.20
C ALA P 26 -89.00 -66.10 -69.70
N ILE P 27 -88.77 -67.13 -68.91
CA ILE P 27 -88.71 -67.02 -67.46
C ILE P 27 -87.29 -67.39 -67.05
N LYS P 28 -86.52 -66.39 -66.61
CA LYS P 28 -85.18 -66.62 -66.08
C LYS P 28 -85.18 -66.77 -64.56
N SER P 29 -86.35 -66.68 -63.92
CA SER P 29 -86.46 -66.86 -62.48
C SER P 29 -86.17 -68.30 -62.05
N ILE P 30 -86.08 -69.24 -62.99
CA ILE P 30 -85.69 -70.60 -62.66
C ILE P 30 -84.27 -70.65 -62.13
N GLU P 31 -83.45 -69.65 -62.47
CA GLU P 31 -82.09 -69.55 -61.96
C GLU P 31 -82.04 -69.13 -60.49
N SER P 32 -83.19 -68.79 -59.89
CA SER P 32 -83.24 -68.54 -58.45
C SER P 32 -82.95 -69.80 -57.64
N ILE P 33 -82.87 -70.96 -58.28
CA ILE P 33 -82.44 -72.17 -57.58
C ILE P 33 -81.02 -72.01 -57.07
N ILE P 34 -80.24 -71.19 -57.80
CA ILE P 34 -78.91 -70.92 -57.28
C ILE P 34 -79.01 -70.27 -55.91
N ALA P 35 -80.08 -69.52 -55.63
CA ALA P 35 -80.26 -68.96 -54.30
C ALA P 35 -80.45 -70.09 -53.26
N ALA P 36 -81.19 -71.14 -53.63
CA ALA P 36 -81.39 -72.24 -52.70
C ALA P 36 -80.11 -73.09 -52.56
N LEU P 37 -79.41 -73.32 -53.67
CA LEU P 37 -78.17 -74.09 -53.64
C LEU P 37 -77.12 -73.35 -52.76
N ASP P 38 -76.99 -72.05 -53.00
CA ASP P 38 -76.08 -71.22 -52.24
C ASP P 38 -76.50 -71.23 -50.78
N ALA P 39 -77.81 -71.17 -50.54
CA ALA P 39 -78.30 -71.17 -49.18
C ALA P 39 -77.90 -72.46 -48.46
N LYS P 40 -77.97 -73.59 -49.16
CA LYS P 40 -77.52 -74.85 -48.58
C LYS P 40 -76.03 -74.83 -48.32
N LEU P 41 -75.26 -74.23 -49.24
CA LEU P 41 -73.81 -74.16 -49.02
C LEU P 41 -73.47 -73.24 -47.84
N THR P 42 -74.26 -72.22 -47.60
CA THR P 42 -74.05 -71.42 -46.39
C THR P 42 -74.40 -72.21 -45.14
N ALA P 43 -75.51 -72.94 -45.19
CA ALA P 43 -75.93 -73.73 -44.03
C ALA P 43 -74.88 -74.79 -43.70
N GLN P 44 -74.27 -75.39 -44.72
CA GLN P 44 -73.28 -76.42 -44.44
C GLN P 44 -71.92 -75.83 -44.07
N VAL P 45 -71.45 -74.84 -44.82
CA VAL P 45 -70.12 -74.28 -44.58
C VAL P 45 -70.10 -73.56 -43.26
N ASN P 46 -71.22 -73.01 -42.83
CA ASN P 46 -71.28 -72.46 -41.47
C ASN P 46 -70.91 -73.53 -40.44
N LEU P 47 -71.47 -74.72 -40.58
CA LEU P 47 -71.16 -75.79 -39.63
C LEU P 47 -69.77 -76.33 -39.79
N ILE P 48 -69.25 -76.39 -40.99
CA ILE P 48 -67.90 -76.92 -41.21
C ILE P 48 -66.87 -75.97 -40.62
N MET P 49 -67.05 -74.67 -40.87
CA MET P 49 -66.06 -73.70 -40.44
C MET P 49 -66.18 -73.39 -38.94
N HIS P 50 -67.37 -73.41 -38.38
CA HIS P 50 -67.59 -73.03 -37.00
C HIS P 50 -67.38 -74.17 -36.02
N HIS P 51 -66.98 -75.35 -36.49
CA HIS P 51 -66.70 -76.44 -35.58
C HIS P 51 -65.52 -76.15 -34.71
N ALA P 52 -65.44 -76.79 -33.55
CA ALA P 52 -64.40 -76.52 -32.60
C ALA P 52 -63.02 -76.81 -33.21
N ASP P 53 -62.91 -77.90 -33.98
CA ASP P 53 -61.65 -78.27 -34.56
C ASP P 53 -61.20 -77.25 -35.60
N PHE P 54 -62.06 -76.94 -36.54
CA PHE P 54 -61.71 -75.97 -37.59
C PHE P 54 -61.45 -74.61 -37.01
N GLN P 55 -62.16 -74.22 -35.95
CA GLN P 55 -61.88 -72.94 -35.32
C GLN P 55 -60.54 -72.96 -34.60
N GLN P 56 -60.14 -74.09 -34.05
CA GLN P 56 -58.87 -74.16 -33.36
C GLN P 56 -57.72 -74.11 -34.33
N LEU P 57 -57.74 -74.94 -35.36
CA LEU P 57 -56.68 -74.89 -36.37
C LEU P 57 -56.66 -73.56 -37.11
N GLU P 58 -57.82 -73.11 -37.55
CA GLU P 58 -57.93 -71.81 -38.21
C GLU P 58 -57.36 -70.73 -37.37
N SER P 59 -57.63 -70.75 -36.06
CA SER P 59 -57.10 -69.71 -35.17
C SER P 59 -55.61 -69.84 -35.02
N ALA P 60 -55.10 -71.05 -35.03
CA ALA P 60 -53.65 -71.25 -34.90
C ALA P 60 -52.91 -70.71 -36.12
N TRP P 61 -53.25 -71.17 -37.29
CA TRP P 61 -52.61 -70.72 -38.52
C TRP P 61 -52.90 -69.28 -38.81
N ARG P 62 -54.05 -68.79 -38.41
CA ARG P 62 -54.42 -67.39 -38.64
C ARG P 62 -53.63 -66.49 -37.74
N GLY P 63 -53.42 -66.89 -36.51
CA GLY P 63 -52.54 -66.13 -35.62
C GLY P 63 -51.11 -66.14 -36.07
N LEU P 64 -50.61 -67.30 -36.43
CA LEU P 64 -49.23 -67.39 -36.95
C LEU P 64 -49.08 -66.56 -38.20
N HIS P 65 -50.05 -66.58 -39.09
CA HIS P 65 -50.02 -65.76 -40.28
C HIS P 65 -50.02 -64.32 -39.96
N TYR P 66 -50.80 -63.90 -38.97
CA TYR P 66 -50.74 -62.51 -38.51
C TYR P 66 -49.38 -62.16 -38.04
N LEU P 67 -48.72 -63.03 -37.31
CA LEU P 67 -47.37 -62.73 -36.80
C LEU P 67 -46.40 -62.63 -37.91
N VAL P 68 -46.53 -63.47 -38.93
CA VAL P 68 -45.55 -63.51 -40.04
C VAL P 68 -45.72 -62.28 -40.92
N ASN P 69 -46.93 -62.00 -41.36
CA ASN P 69 -47.18 -60.94 -42.33
C ASN P 69 -46.94 -59.59 -41.75
N ASN P 70 -47.22 -59.39 -40.48
CA ASN P 70 -47.05 -58.08 -39.82
C ASN P 70 -45.68 -57.85 -39.32
N THR P 71 -44.76 -58.79 -39.51
CA THR P 71 -43.36 -58.64 -39.10
C THR P 71 -42.50 -58.35 -40.31
N GLU P 72 -41.56 -57.43 -40.17
CA GLU P 72 -40.63 -57.10 -41.23
C GLU P 72 -39.37 -57.96 -40.99
N THR P 73 -39.25 -59.03 -41.75
CA THR P 73 -38.18 -59.98 -41.55
C THR P 73 -37.03 -59.76 -42.51
N ASP P 74 -35.83 -59.79 -41.94
CA ASP P 74 -34.60 -59.64 -42.65
C ASP P 74 -33.51 -60.40 -41.94
N GLU P 75 -32.28 -59.96 -42.13
CA GLU P 75 -31.15 -60.61 -41.51
C GLU P 75 -31.30 -60.54 -40.01
N GLN P 76 -31.70 -59.37 -39.52
CA GLN P 76 -31.92 -59.14 -38.09
C GLN P 76 -33.10 -59.85 -37.40
N LEU P 77 -34.24 -59.91 -38.08
CA LEU P 77 -35.44 -60.53 -37.54
C LEU P 77 -35.67 -61.87 -38.19
N LYS P 78 -35.86 -62.89 -37.39
CA LYS P 78 -36.24 -64.19 -37.79
C LYS P 78 -37.42 -64.69 -36.95
N ILE P 79 -38.16 -65.63 -37.46
CA ILE P 79 -39.24 -66.27 -36.80
C ILE P 79 -39.09 -67.76 -37.06
N ARG P 80 -38.87 -68.56 -36.01
CA ARG P 80 -38.80 -69.96 -36.07
C ARG P 80 -39.92 -70.63 -35.40
N VAL P 81 -40.65 -71.45 -36.06
CA VAL P 81 -41.87 -72.13 -35.53
C VAL P 81 -41.54 -73.57 -35.17
N LEU P 82 -42.00 -74.06 -34.06
CA LEU P 82 -42.04 -75.44 -33.66
C LEU P 82 -43.42 -75.94 -33.41
N ASN P 83 -43.89 -76.91 -34.18
CA ASN P 83 -45.25 -77.36 -33.97
C ASN P 83 -45.27 -78.45 -32.95
N ILE P 84 -45.84 -78.11 -31.81
CA ILE P 84 -45.95 -79.02 -30.70
C ILE P 84 -47.23 -78.70 -29.95
N SER P 85 -48.07 -79.70 -29.80
CA SER P 85 -49.33 -79.47 -29.08
C SER P 85 -49.04 -79.29 -27.63
N LYS P 86 -49.97 -78.66 -26.93
CA LYS P 86 -49.82 -78.41 -25.49
C LYS P 86 -49.68 -79.74 -24.73
N PRO P 87 -50.45 -80.80 -25.03
CA PRO P 87 -50.18 -82.06 -24.44
C PRO P 87 -48.81 -82.66 -24.68
N GLU P 88 -48.27 -82.46 -25.86
CA GLU P 88 -46.92 -82.97 -26.16
C GLU P 88 -45.87 -82.17 -25.45
N LEU P 89 -46.07 -80.86 -25.34
CA LEU P 89 -45.10 -80.02 -24.61
C LEU P 89 -45.13 -80.34 -23.15
N HIS P 90 -46.32 -80.47 -22.56
CA HIS P 90 -46.41 -80.86 -21.16
C HIS P 90 -45.88 -82.24 -20.93
N LYS P 91 -46.01 -83.13 -21.93
CA LYS P 91 -45.51 -84.49 -21.78
C LYS P 91 -43.99 -84.51 -21.77
N THR P 92 -43.36 -83.93 -22.78
CA THR P 92 -41.90 -83.96 -22.87
C THR P 92 -41.27 -83.16 -21.76
N LEU P 93 -41.92 -82.10 -21.31
CA LEU P 93 -41.40 -81.36 -20.17
C LEU P 93 -41.71 -82.06 -18.86
N LYS P 94 -42.65 -82.98 -18.86
CA LYS P 94 -42.89 -83.81 -17.67
C LYS P 94 -41.91 -84.95 -17.57
N LYS P 95 -41.46 -85.51 -18.68
CA LYS P 95 -40.44 -86.57 -18.65
C LYS P 95 -39.21 -86.15 -17.97
N PHE P 96 -38.77 -84.92 -18.20
CA PHE P 96 -37.53 -84.39 -17.59
C PHE P 96 -37.94 -83.30 -16.64
N LYS P 97 -37.82 -83.56 -15.36
CA LYS P 97 -38.20 -82.59 -14.34
C LYS P 97 -37.21 -82.74 -13.16
N GLY P 98 -37.09 -81.70 -12.38
CA GLY P 98 -36.09 -81.73 -11.36
C GLY P 98 -34.68 -81.73 -11.88
N THR P 99 -33.86 -82.71 -11.60
CA THR P 99 -32.49 -82.72 -12.03
C THR P 99 -32.39 -82.83 -13.54
N THR P 100 -33.23 -83.70 -14.15
CA THR P 100 -33.01 -84.01 -15.55
C THR P 100 -33.45 -82.89 -16.47
N TRP P 101 -34.01 -81.79 -15.96
CA TRP P 101 -34.52 -80.72 -16.81
C TRP P 101 -33.50 -80.17 -17.73
N ASP P 102 -32.23 -80.18 -17.34
CA ASP P 102 -31.13 -79.70 -18.21
C ASP P 102 -31.06 -80.49 -19.47
N GLN P 103 -31.60 -81.69 -19.52
CA GLN P 103 -31.68 -82.53 -20.71
C GLN P 103 -33.11 -82.68 -21.07
N SER P 104 -33.52 -82.06 -22.16
CA SER P 104 -34.89 -82.11 -22.70
C SER P 104 -34.87 -81.76 -24.15
N PRO P 105 -35.83 -82.19 -24.93
CA PRO P 105 -35.87 -81.83 -26.34
C PRO P 105 -36.01 -80.32 -26.50
N ILE P 106 -36.83 -79.72 -25.66
CA ILE P 106 -37.12 -78.30 -25.66
C ILE P 106 -35.96 -77.50 -25.16
N PHE P 107 -35.29 -77.96 -24.13
CA PHE P 107 -34.11 -77.26 -23.63
C PHE P 107 -32.94 -77.43 -24.59
N LYS P 108 -32.80 -78.60 -25.20
CA LYS P 108 -31.77 -78.78 -26.20
C LYS P 108 -31.95 -77.75 -27.32
N LYS P 109 -33.14 -77.70 -27.94
CA LYS P 109 -33.40 -76.80 -29.02
C LYS P 109 -33.23 -75.38 -28.63
N LEU P 110 -33.82 -74.96 -27.52
CA LEU P 110 -33.86 -73.55 -27.17
C LEU P 110 -32.55 -73.05 -26.66
N TYR P 111 -31.86 -73.84 -25.85
CA TYR P 111 -30.59 -73.44 -25.23
C TYR P 111 -29.33 -73.96 -25.82
N GLU P 112 -29.26 -75.25 -26.14
CA GLU P 112 -28.01 -75.88 -26.51
C GLU P 112 -27.71 -75.46 -27.94
N GLU P 113 -28.61 -75.75 -28.87
CA GLU P 113 -28.32 -75.54 -30.26
C GLU P 113 -28.19 -74.10 -30.68
N GLU P 114 -28.56 -73.17 -29.83
CA GLU P 114 -28.57 -71.76 -30.22
C GLU P 114 -27.86 -70.87 -29.21
N TYR P 115 -28.39 -70.74 -28.02
CA TYR P 115 -27.74 -69.91 -27.02
C TYR P 115 -26.53 -70.55 -26.47
N GLY P 116 -26.44 -71.85 -26.46
CA GLY P 116 -25.25 -72.55 -25.97
C GLY P 116 -24.29 -72.83 -27.05
N GLN P 117 -24.73 -72.91 -28.29
CA GLN P 117 -23.83 -73.22 -29.41
C GLN P 117 -22.87 -72.09 -29.76
N PHE P 118 -21.69 -72.42 -30.29
CA PHE P 118 -20.75 -71.37 -30.69
C PHE P 118 -21.18 -70.80 -32.03
N GLY P 119 -21.42 -69.49 -32.06
CA GLY P 119 -21.89 -68.85 -33.28
C GLY P 119 -23.33 -69.18 -33.63
N GLY P 120 -24.21 -69.26 -32.63
CA GLY P 120 -25.60 -69.54 -32.86
C GLY P 120 -26.47 -68.31 -32.64
N GLU P 121 -27.77 -68.54 -32.55
CA GLU P 121 -28.72 -67.45 -32.35
C GLU P 121 -29.32 -67.52 -30.95
N PRO P 122 -29.07 -66.53 -30.09
CA PRO P 122 -29.53 -66.61 -28.70
C PRO P 122 -31.04 -66.67 -28.53
N TYR P 123 -31.81 -66.62 -29.62
CA TYR P 123 -33.26 -66.91 -29.68
C TYR P 123 -34.19 -65.83 -29.17
N GLY P 124 -33.69 -64.72 -28.64
CA GLY P 124 -34.54 -63.57 -28.41
C GLY P 124 -35.72 -63.83 -27.50
N CYS P 125 -36.93 -63.66 -28.03
CA CYS P 125 -38.18 -63.86 -27.31
C CYS P 125 -38.88 -65.11 -27.83
N LEU P 126 -39.66 -65.73 -26.95
CA LEU P 126 -40.40 -66.95 -27.27
C LEU P 126 -41.89 -66.68 -27.14
N VAL P 127 -42.68 -67.26 -28.04
CA VAL P 127 -44.13 -67.05 -27.99
C VAL P 127 -44.86 -68.36 -27.86
N GLY P 128 -45.59 -68.52 -26.77
CA GLY P 128 -46.30 -69.75 -26.52
C GLY P 128 -47.45 -70.21 -27.39
N ASP P 129 -48.37 -69.31 -27.72
CA ASP P 129 -49.60 -69.61 -28.48
C ASP P 129 -50.44 -70.70 -27.81
N TYR P 130 -50.53 -70.66 -26.48
CA TYR P 130 -51.29 -71.63 -25.70
C TYR P 130 -52.13 -70.90 -24.65
N TYR P 131 -53.19 -71.55 -24.19
CA TYR P 131 -54.05 -70.97 -23.17
C TYR P 131 -53.82 -71.69 -21.85
N PHE P 132 -53.21 -71.04 -20.89
CA PHE P 132 -52.82 -71.63 -19.63
C PHE P 132 -53.79 -71.22 -18.52
N ASP P 133 -54.38 -72.19 -17.83
CA ASP P 133 -55.20 -71.98 -16.67
C ASP P 133 -54.45 -72.37 -15.41
N GLN P 134 -55.09 -72.29 -14.25
CA GLN P 134 -54.46 -72.64 -12.98
C GLN P 134 -54.36 -74.15 -12.72
N SER P 135 -54.79 -74.99 -13.65
CA SER P 135 -54.74 -76.42 -13.47
C SER P 135 -53.40 -76.93 -13.18
N PRO P 136 -53.26 -78.09 -12.52
CA PRO P 136 -51.93 -78.64 -12.19
C PRO P 136 -51.04 -78.78 -13.43
N PRO P 137 -51.56 -79.36 -14.55
CA PRO P 137 -50.68 -79.51 -15.68
C PRO P 137 -50.16 -78.18 -16.27
N ASP P 138 -50.99 -77.14 -16.27
CA ASP P 138 -50.58 -75.88 -16.81
C ASP P 138 -49.62 -75.15 -15.86
N VAL P 139 -49.75 -75.38 -14.56
CA VAL P 139 -48.80 -74.83 -13.62
C VAL P 139 -47.46 -75.53 -13.78
N GLU P 140 -47.45 -76.82 -14.04
CA GLU P 140 -46.22 -77.52 -14.32
C GLU P 140 -45.58 -77.03 -15.58
N LEU P 141 -46.38 -76.89 -16.65
CA LEU P 141 -45.83 -76.42 -17.92
C LEU P 141 -45.25 -75.03 -17.80
N LEU P 142 -45.93 -74.15 -17.09
CA LEU P 142 -45.40 -72.81 -16.88
C LEU P 142 -44.16 -72.81 -16.01
N GLY P 143 -44.11 -73.69 -15.03
CA GLY P 143 -42.90 -73.79 -14.22
C GLY P 143 -41.69 -74.19 -15.04
N GLU P 144 -41.88 -75.21 -15.87
CA GLU P 144 -40.78 -75.70 -16.68
C GLU P 144 -40.37 -74.70 -17.74
N MET P 145 -41.32 -74.17 -18.50
CA MET P 145 -41.02 -73.16 -19.50
C MET P 145 -40.40 -71.92 -18.87
N ALA P 146 -40.70 -71.67 -17.58
CA ALA P 146 -40.04 -70.58 -16.89
C ALA P 146 -38.61 -70.93 -16.56
N LYS P 147 -38.33 -72.21 -16.28
CA LYS P 147 -36.94 -72.64 -16.09
C LYS P 147 -36.16 -72.50 -17.37
N ILE P 148 -36.65 -73.04 -18.47
CA ILE P 148 -35.96 -72.95 -19.75
C ILE P 148 -35.78 -71.51 -20.16
N SER P 149 -36.87 -70.78 -20.28
CA SER P 149 -36.83 -69.38 -20.70
C SER P 149 -35.98 -68.56 -19.80
N ALA P 150 -35.91 -68.91 -18.53
CA ALA P 150 -35.02 -68.20 -17.60
C ALA P 150 -33.61 -68.54 -17.86
N ALA P 151 -33.30 -69.76 -18.25
CA ALA P 151 -31.92 -70.20 -18.50
C ALA P 151 -31.38 -69.56 -19.75
N MET P 152 -32.17 -69.51 -20.81
CA MET P 152 -31.76 -68.97 -22.10
C MET P 152 -31.97 -67.48 -22.20
N HIS P 153 -32.51 -66.82 -21.18
CA HIS P 153 -32.82 -65.38 -21.20
C HIS P 153 -33.76 -65.04 -22.33
N ALA P 154 -34.84 -65.78 -22.47
CA ALA P 154 -35.79 -65.62 -23.56
C ALA P 154 -37.20 -65.59 -23.00
N PRO P 155 -37.73 -64.37 -22.64
CA PRO P 155 -39.04 -64.29 -22.08
C PRO P 155 -40.08 -65.07 -22.81
N PHE P 156 -40.93 -65.79 -22.08
CA PHE P 156 -42.00 -66.60 -22.65
C PHE P 156 -43.29 -65.81 -22.65
N ILE P 157 -43.97 -65.76 -23.78
CA ILE P 157 -45.20 -65.02 -23.96
C ILE P 157 -46.29 -65.97 -24.43
N SER P 158 -47.41 -65.98 -23.78
CA SER P 158 -48.54 -66.80 -24.17
C SER P 158 -49.82 -66.14 -23.68
N ALA P 159 -50.95 -66.81 -23.85
CA ALA P 159 -52.23 -66.25 -23.48
C ALA P 159 -52.81 -66.98 -22.29
N ALA P 160 -53.47 -66.25 -21.43
CA ALA P 160 -54.11 -66.79 -20.25
C ALA P 160 -55.52 -67.18 -20.59
N SER P 161 -55.88 -68.43 -20.28
CA SER P 161 -57.18 -68.95 -20.61
C SER P 161 -58.25 -68.21 -19.85
N PRO P 162 -59.50 -68.16 -20.39
CA PRO P 162 -60.59 -67.60 -19.62
C PRO P 162 -60.89 -68.40 -18.35
N THR P 163 -60.42 -69.63 -18.25
CA THR P 163 -60.64 -70.47 -17.09
C THR P 163 -59.75 -70.13 -15.92
N VAL P 164 -58.80 -69.25 -16.06
CA VAL P 164 -57.98 -68.83 -14.92
C VAL P 164 -58.87 -68.12 -13.91
N MET P 165 -59.83 -67.34 -14.37
CA MET P 165 -60.74 -66.61 -13.52
C MET P 165 -61.93 -67.45 -13.06
N GLY P 166 -61.98 -68.73 -13.41
CA GLY P 166 -63.14 -69.51 -13.13
C GLY P 166 -64.30 -68.91 -13.92
N MET P 167 -64.06 -68.77 -15.24
CA MET P 167 -64.96 -68.01 -16.09
C MET P 167 -65.29 -68.77 -17.32
N GLY P 168 -64.34 -69.00 -18.19
CA GLY P 168 -64.54 -69.74 -19.42
C GLY P 168 -65.11 -68.97 -20.54
N SER P 169 -65.14 -67.62 -20.45
CA SER P 169 -65.68 -66.80 -21.51
C SER P 169 -64.72 -65.68 -21.88
N TRP P 170 -64.41 -64.81 -20.89
CA TRP P 170 -63.85 -63.47 -21.06
C TRP P 170 -64.97 -62.54 -21.45
N GLN P 171 -66.19 -63.05 -21.57
CA GLN P 171 -67.35 -62.20 -21.72
C GLN P 171 -67.86 -61.86 -20.35
N GLU P 172 -67.49 -62.64 -19.32
CA GLU P 172 -67.92 -62.43 -17.96
C GLU P 172 -66.93 -61.63 -17.15
N LEU P 173 -65.87 -61.13 -17.76
CA LEU P 173 -64.81 -60.46 -17.02
C LEU P 173 -65.33 -59.28 -16.25
N SER P 174 -66.43 -58.69 -16.66
CA SER P 174 -67.00 -57.55 -15.93
C SER P 174 -67.86 -57.97 -14.76
N ASN P 175 -68.21 -59.25 -14.64
CA ASN P 175 -69.11 -59.68 -13.58
C ASN P 175 -68.47 -59.61 -12.19
N PRO P 176 -67.28 -60.17 -11.93
CA PRO P 176 -66.75 -60.17 -10.59
C PRO P 176 -66.45 -58.75 -10.08
N ARG P 177 -66.66 -58.53 -8.79
CA ARG P 177 -66.36 -57.29 -8.18
C ARG P 177 -64.90 -57.06 -7.94
N ASP P 178 -64.19 -58.10 -7.57
CA ASP P 178 -62.76 -58.06 -7.23
C ASP P 178 -62.11 -59.25 -7.84
N LEU P 179 -61.11 -59.03 -8.71
CA LEU P 179 -60.35 -60.13 -9.27
C LEU P 179 -59.29 -60.64 -8.32
N THR P 180 -58.74 -59.78 -7.47
CA THR P 180 -57.74 -60.21 -6.50
C THR P 180 -58.26 -61.22 -5.53
N LYS P 181 -59.57 -61.26 -5.30
CA LYS P 181 -60.17 -62.27 -4.44
C LYS P 181 -60.23 -63.61 -5.11
N ILE P 182 -60.21 -63.69 -6.43
CA ILE P 182 -60.34 -64.97 -7.13
C ILE P 182 -59.16 -65.83 -6.81
N PHE P 183 -57.95 -65.26 -6.77
CA PHE P 183 -56.72 -66.02 -6.66
C PHE P 183 -56.36 -66.35 -5.25
N THR P 184 -57.20 -66.02 -4.27
CA THR P 184 -56.93 -66.35 -2.88
C THR P 184 -57.22 -67.79 -2.54
N THR P 185 -58.22 -68.39 -3.17
CA THR P 185 -58.70 -69.72 -2.79
C THR P 185 -57.60 -70.74 -2.87
N PRO P 186 -57.70 -71.86 -2.17
CA PRO P 186 -56.69 -72.92 -2.28
C PRO P 186 -56.63 -73.58 -3.63
N GLU P 187 -57.61 -73.32 -4.48
CA GLU P 187 -57.62 -73.89 -5.82
C GLU P 187 -56.40 -73.39 -6.57
N TYR P 188 -56.03 -72.14 -6.32
CA TYR P 188 -54.90 -71.49 -6.97
C TYR P 188 -53.57 -71.68 -6.26
N ALA P 189 -53.55 -72.47 -5.19
CA ALA P 189 -52.29 -72.68 -4.44
C ALA P 189 -51.11 -72.89 -5.38
N GLY P 190 -51.27 -73.69 -6.40
CA GLY P 190 -50.23 -73.90 -7.38
C GLY P 190 -49.90 -72.64 -8.17
N TRP P 191 -50.92 -71.86 -8.51
CA TRP P 191 -50.71 -70.62 -9.22
C TRP P 191 -49.93 -69.63 -8.39
N ARG P 192 -50.36 -69.38 -7.17
CA ARG P 192 -49.64 -68.49 -6.28
C ARG P 192 -48.25 -68.96 -6.07
N SER P 193 -48.05 -70.27 -5.90
CA SER P 193 -46.68 -70.78 -5.74
C SER P 193 -45.86 -70.54 -6.98
N LEU P 194 -46.49 -70.51 -8.14
CA LEU P 194 -45.77 -70.19 -9.38
C LEU P 194 -45.41 -68.74 -9.46
N ARG P 195 -46.32 -67.84 -9.17
CA ARG P 195 -46.04 -66.41 -9.25
C ARG P 195 -44.98 -65.99 -8.26
N GLU P 196 -44.90 -66.66 -7.09
CA GLU P 196 -43.88 -66.32 -6.11
C GLU P 196 -42.50 -66.70 -6.60
N SER P 197 -42.38 -67.62 -7.57
CA SER P 197 -41.09 -68.05 -8.05
C SER P 197 -40.29 -66.96 -8.66
N GLU P 198 -38.97 -67.11 -8.66
CA GLU P 198 -38.11 -66.10 -9.24
C GLU P 198 -37.91 -66.29 -10.75
N ASP P 199 -38.32 -67.45 -11.26
CA ASP P 199 -38.20 -67.76 -12.68
C ASP P 199 -39.44 -67.40 -13.46
N SER P 200 -40.48 -66.95 -12.77
CA SER P 200 -41.74 -66.62 -13.41
C SER P 200 -41.77 -65.25 -14.01
N ARG P 201 -40.81 -64.40 -13.72
CA ARG P 201 -40.73 -63.09 -14.35
C ARG P 201 -40.46 -63.19 -15.83
N TYR P 202 -40.15 -64.38 -16.35
CA TYR P 202 -39.94 -64.61 -17.76
C TYR P 202 -41.19 -65.06 -18.46
N ILE P 203 -42.32 -65.03 -17.78
CA ILE P 203 -43.54 -65.41 -18.44
C ILE P 203 -44.61 -64.34 -18.43
N GLY P 204 -44.95 -63.84 -19.61
CA GLY P 204 -46.06 -62.92 -19.78
C GLY P 204 -47.31 -63.68 -20.19
N LEU P 205 -48.47 -63.11 -19.88
CA LEU P 205 -49.76 -63.70 -20.26
C LEU P 205 -50.68 -62.59 -20.74
N THR P 206 -51.20 -62.73 -21.96
CA THR P 206 -52.15 -61.78 -22.52
C THR P 206 -53.51 -62.46 -22.59
N MET P 207 -54.43 -62.07 -21.69
CA MET P 207 -55.67 -62.83 -21.55
C MET P 207 -56.60 -62.68 -22.75
N PRO P 208 -57.06 -61.48 -23.08
CA PRO P 208 -57.97 -61.32 -24.22
C PRO P 208 -57.32 -61.64 -25.57
N ARG P 209 -58.06 -62.31 -26.46
CA ARG P 209 -57.53 -62.61 -27.78
C ARG P 209 -58.26 -61.79 -28.83
N PHE P 210 -57.47 -61.13 -29.66
CA PHE P 210 -58.01 -60.25 -30.67
C PHE P 210 -58.66 -60.99 -31.81
N LEU P 211 -59.50 -60.30 -32.53
CA LEU P 211 -60.24 -60.89 -33.66
C LEU P 211 -59.32 -61.11 -34.85
N ALA P 212 -59.33 -62.31 -35.38
CA ALA P 212 -58.40 -62.69 -36.46
C ALA P 212 -58.83 -62.13 -37.78
N ARG P 213 -60.06 -62.31 -38.19
CA ARG P 213 -60.56 -61.87 -39.50
C ARG P 213 -61.99 -61.41 -39.39
N LEU P 214 -62.40 -60.65 -40.37
CA LEU P 214 -63.77 -60.14 -40.43
C LEU P 214 -64.69 -61.21 -40.99
N PRO P 215 -65.87 -61.40 -40.39
CA PRO P 215 -66.76 -62.47 -40.85
C PRO P 215 -67.16 -62.34 -42.28
N TYR P 216 -67.09 -63.45 -43.02
CA TYR P 216 -67.47 -63.46 -44.46
C TYR P 216 -68.90 -63.10 -44.64
N GLY P 217 -69.20 -62.42 -45.72
CA GLY P 217 -70.58 -61.94 -45.98
C GLY P 217 -70.55 -60.92 -47.06
N ALA P 218 -71.71 -60.62 -47.62
CA ALA P 218 -71.76 -59.65 -48.71
C ALA P 218 -71.31 -58.28 -48.27
N LYS P 219 -71.79 -57.85 -47.12
CA LYS P 219 -71.43 -56.54 -46.59
C LYS P 219 -69.96 -56.45 -46.23
N THR P 220 -69.44 -57.52 -45.62
CA THR P 220 -68.04 -57.57 -45.21
C THR P 220 -67.32 -58.80 -45.73
N ASP P 221 -66.16 -58.60 -46.34
CA ASP P 221 -65.34 -59.71 -46.82
C ASP P 221 -66.04 -60.74 -47.71
N PRO P 222 -66.72 -60.30 -48.76
CA PRO P 222 -67.45 -61.23 -49.62
C PRO P 222 -66.50 -62.26 -50.22
N VAL P 223 -66.97 -63.51 -50.26
CA VAL P 223 -66.16 -64.64 -50.73
C VAL P 223 -65.92 -64.60 -52.22
N GLU P 224 -66.97 -64.23 -52.95
CA GLU P 224 -67.03 -64.08 -54.42
C GLU P 224 -67.00 -65.38 -55.24
N GLU P 225 -67.11 -66.51 -54.56
CA GLU P 225 -67.15 -67.81 -55.22
C GLU P 225 -68.61 -68.21 -55.39
N PHE P 226 -69.37 -67.97 -54.33
CA PHE P 226 -70.81 -68.22 -54.27
C PHE P 226 -71.42 -67.33 -53.18
N ALA P 227 -72.71 -67.06 -53.24
CA ALA P 227 -73.29 -66.18 -52.22
C ALA P 227 -73.15 -66.85 -50.86
N PHE P 228 -72.41 -66.24 -49.94
CA PHE P 228 -72.17 -66.85 -48.63
C PHE P 228 -72.46 -65.97 -47.41
N GLU P 229 -73.11 -66.56 -46.41
CA GLU P 229 -73.42 -65.88 -45.16
C GLU P 229 -72.76 -66.66 -44.03
N GLU P 230 -72.05 -65.95 -43.14
CA GLU P 230 -71.34 -66.59 -42.04
C GLU P 230 -72.16 -66.64 -40.76
N GLU P 231 -73.45 -66.28 -40.82
CA GLU P 231 -74.27 -66.19 -39.61
C GLU P 231 -73.62 -65.17 -38.67
N THR P 232 -73.05 -65.65 -37.57
CA THR P 232 -72.32 -64.84 -36.59
C THR P 232 -73.13 -63.62 -36.15
N ASP P 233 -74.33 -63.90 -35.65
CA ASP P 233 -75.15 -62.87 -35.04
C ASP P 233 -74.47 -62.33 -33.79
N GLY P 234 -74.92 -61.15 -33.35
CA GLY P 234 -74.19 -60.34 -32.39
C GLY P 234 -73.66 -61.06 -31.17
N ALA P 235 -72.37 -60.83 -30.89
CA ALA P 235 -71.64 -61.42 -29.78
C ALA P 235 -71.69 -62.94 -29.78
N ASP P 236 -71.81 -63.52 -28.58
CA ASP P 236 -71.80 -64.96 -28.31
C ASP P 236 -70.40 -65.54 -28.45
N SER P 237 -69.51 -64.83 -29.15
CA SER P 237 -68.07 -65.04 -29.22
C SER P 237 -67.68 -66.38 -29.84
N SER P 238 -68.60 -67.32 -30.01
CA SER P 238 -68.26 -68.63 -30.56
C SER P 238 -68.20 -68.65 -32.08
N LYS P 239 -68.89 -67.71 -32.74
CA LYS P 239 -68.92 -67.69 -34.19
C LYS P 239 -67.70 -67.03 -34.80
N TYR P 240 -67.15 -66.02 -34.13
CA TYR P 240 -65.98 -65.27 -34.63
C TYR P 240 -64.65 -66.01 -34.59
N ALA P 241 -63.74 -65.67 -35.51
CA ALA P 241 -62.41 -66.25 -35.53
C ALA P 241 -61.46 -65.48 -34.68
N TRP P 242 -61.03 -66.01 -33.57
CA TRP P 242 -60.25 -65.31 -32.57
C TRP P 242 -58.81 -65.77 -32.61
N ALA P 243 -57.89 -64.87 -32.98
CA ALA P 243 -56.49 -65.13 -32.95
C ALA P 243 -55.92 -64.88 -31.58
N ASN P 244 -54.94 -65.70 -31.18
CA ASN P 244 -54.27 -65.50 -29.90
C ASN P 244 -53.63 -64.19 -29.82
N SER P 245 -53.74 -63.52 -28.69
CA SER P 245 -53.13 -62.19 -28.54
C SER P 245 -51.71 -62.24 -28.10
N ALA P 246 -51.14 -63.40 -27.86
CA ALA P 246 -49.69 -63.50 -27.74
C ALA P 246 -49.04 -63.07 -28.99
N TYR P 247 -49.69 -63.19 -30.13
CA TYR P 247 -49.14 -62.80 -31.43
C TYR P 247 -49.15 -61.32 -31.61
N ALA P 248 -50.11 -60.63 -31.07
CA ALA P 248 -50.09 -59.15 -31.10
C ALA P 248 -48.99 -58.61 -30.27
N MET P 249 -48.76 -59.19 -29.09
CA MET P 249 -47.59 -58.83 -28.27
C MET P 249 -46.35 -59.16 -29.02
N ALA P 250 -46.30 -60.30 -29.71
CA ALA P 250 -45.11 -60.69 -30.49
C ALA P 250 -44.84 -59.69 -31.57
N VAL P 251 -45.83 -59.33 -32.36
CA VAL P 251 -45.70 -58.28 -33.39
C VAL P 251 -45.22 -57.01 -32.79
N ASN P 252 -45.64 -56.69 -31.57
CA ASN P 252 -45.14 -55.48 -30.91
C ASN P 252 -43.69 -55.61 -30.56
N ILE P 253 -43.25 -56.80 -30.19
CA ILE P 253 -41.84 -57.03 -29.83
C ILE P 253 -40.98 -56.91 -31.07
N ASN P 254 -41.34 -57.62 -32.13
CA ASN P 254 -40.61 -57.53 -33.37
C ASN P 254 -40.59 -56.13 -33.92
N ARG P 255 -41.69 -55.41 -33.83
CA ARG P 255 -41.71 -54.01 -34.24
C ARG P 255 -40.78 -53.20 -33.45
N SER P 256 -40.81 -53.33 -32.13
CA SER P 256 -39.91 -52.58 -31.25
C SER P 256 -38.48 -52.82 -31.62
N PHE P 257 -38.11 -54.08 -31.87
CA PHE P 257 -36.74 -54.38 -32.23
C PHE P 257 -36.40 -53.79 -33.57
N LYS P 258 -37.23 -54.00 -34.59
CA LYS P 258 -36.95 -53.47 -35.93
C LYS P 258 -36.71 -52.03 -35.91
N LEU P 259 -37.58 -51.24 -35.26
CA LEU P 259 -37.42 -49.79 -35.24
C LEU P 259 -36.27 -49.35 -34.37
N TYR P 260 -36.28 -49.72 -33.10
CA TYR P 260 -35.38 -49.17 -32.10
C TYR P 260 -34.19 -50.04 -31.79
N GLY P 261 -34.08 -51.22 -32.39
CA GLY P 261 -33.02 -52.15 -32.04
C GLY P 261 -33.18 -52.86 -30.74
N TRP P 262 -34.13 -52.50 -29.94
CA TRP P 262 -34.41 -53.12 -28.63
C TRP P 262 -35.89 -53.34 -28.47
N CYS P 263 -36.20 -54.28 -27.60
CA CYS P 263 -37.59 -54.61 -27.25
C CYS P 263 -38.09 -53.73 -26.12
N SER P 264 -37.38 -52.65 -25.81
CA SER P 264 -37.74 -51.82 -24.67
C SER P 264 -39.14 -51.24 -24.71
N ARG P 265 -39.59 -50.75 -25.85
CA ARG P 265 -40.95 -50.22 -25.89
C ARG P 265 -41.89 -51.14 -26.64
N ILE P 266 -42.62 -51.95 -25.88
CA ILE P 266 -43.58 -52.89 -26.41
C ILE P 266 -44.93 -52.66 -25.75
N ARG P 267 -45.05 -51.56 -25.00
CA ARG P 267 -46.27 -51.29 -24.28
C ARG P 267 -46.80 -49.87 -24.53
N GLY P 268 -47.85 -49.47 -23.83
CA GLY P 268 -48.38 -48.14 -23.91
C GLY P 268 -49.21 -47.89 -25.13
N VAL P 269 -50.08 -46.88 -25.08
CA VAL P 269 -50.90 -46.52 -26.21
C VAL P 269 -50.04 -45.87 -27.29
N GLU P 270 -49.35 -44.79 -26.93
CA GLU P 270 -48.49 -44.06 -27.86
C GLU P 270 -47.00 -44.43 -27.77
N SER P 271 -46.66 -45.36 -26.89
CA SER P 271 -45.27 -45.77 -26.71
C SER P 271 -44.91 -47.00 -27.46
N GLY P 272 -45.78 -47.49 -28.33
CA GLY P 272 -45.47 -48.65 -29.16
C GLY P 272 -46.16 -49.94 -28.80
N GLY P 273 -47.12 -49.92 -27.90
CA GLY P 273 -47.87 -51.11 -27.58
C GLY P 273 -49.21 -51.15 -28.26
N GLU P 274 -49.37 -50.44 -29.36
CA GLU P 274 -50.63 -50.35 -30.07
C GLU P 274 -50.84 -51.51 -31.02
N VAL P 275 -52.04 -52.02 -31.07
CA VAL P 275 -52.46 -53.05 -32.03
C VAL P 275 -53.53 -52.39 -32.92
N GLN P 276 -53.17 -52.09 -34.16
CA GLN P 276 -54.01 -51.34 -35.05
C GLN P 276 -54.67 -52.20 -36.09
N GLY P 277 -55.55 -51.60 -36.88
CA GLY P 277 -56.13 -52.32 -38.01
C GLY P 277 -56.97 -53.50 -37.62
N LEU P 278 -57.44 -53.59 -36.41
CA LEU P 278 -58.25 -54.72 -35.98
C LEU P 278 -59.53 -54.78 -36.73
N PRO P 279 -59.98 -55.97 -37.13
CA PRO P 279 -61.28 -56.08 -37.82
C PRO P 279 -62.40 -55.57 -36.98
N ALA P 280 -63.20 -54.66 -37.54
CA ALA P 280 -64.33 -54.07 -36.83
C ALA P 280 -65.58 -54.54 -37.52
N HIS P 281 -66.35 -55.44 -36.92
CA HIS P 281 -67.57 -55.99 -37.50
C HIS P 281 -68.76 -55.19 -36.96
N THR P 282 -69.40 -54.42 -37.84
CA THR P 282 -70.52 -53.58 -37.45
C THR P 282 -71.82 -54.24 -37.90
N PHE P 283 -72.72 -54.48 -36.95
CA PHE P 283 -74.00 -55.07 -37.23
C PHE P 283 -75.12 -54.18 -36.71
N PRO P 284 -76.24 -54.07 -37.42
CA PRO P 284 -77.33 -53.21 -36.95
C PRO P 284 -78.02 -53.81 -35.75
N THR P 285 -78.45 -52.94 -34.84
CA THR P 285 -79.25 -53.34 -33.69
C THR P 285 -80.53 -52.52 -33.62
N ASP P 286 -81.30 -52.68 -32.55
CA ASP P 286 -82.57 -51.99 -32.43
C ASP P 286 -82.37 -50.48 -32.38
N ASP P 287 -83.43 -49.76 -32.74
CA ASP P 287 -83.44 -48.29 -32.74
C ASP P 287 -82.38 -47.72 -33.67
N GLY P 288 -81.46 -46.92 -33.13
CA GLY P 288 -80.47 -46.27 -33.97
C GLY P 288 -79.55 -47.24 -34.68
N GLY P 289 -79.34 -48.41 -34.09
CA GLY P 289 -78.47 -49.40 -34.69
C GLY P 289 -77.01 -48.99 -34.66
N VAL P 290 -76.24 -49.65 -35.53
CA VAL P 290 -74.83 -49.35 -35.74
C VAL P 290 -74.06 -49.49 -34.44
N ASP P 291 -73.87 -50.73 -33.98
CA ASP P 291 -72.96 -51.06 -32.90
C ASP P 291 -72.05 -52.18 -33.38
N MET P 292 -70.75 -52.06 -33.10
CA MET P 292 -69.77 -52.97 -33.65
C MET P 292 -69.28 -53.96 -32.60
N LYS P 293 -68.98 -55.17 -33.06
CA LYS P 293 -68.38 -56.18 -32.19
C LYS P 293 -66.99 -55.73 -31.75
N CYS P 294 -66.73 -55.86 -30.47
CA CYS P 294 -65.43 -55.45 -29.92
C CYS P 294 -64.34 -56.34 -30.49
N PRO P 295 -63.22 -55.79 -30.99
CA PRO P 295 -62.16 -56.60 -31.59
C PRO P 295 -61.50 -57.55 -30.59
N THR P 296 -61.13 -57.05 -29.41
CA THR P 296 -60.82 -57.92 -28.30
C THR P 296 -62.12 -58.38 -27.67
N GLU P 297 -62.12 -59.54 -27.03
CA GLU P 297 -63.34 -60.21 -26.65
C GLU P 297 -64.24 -59.37 -25.81
N ILE P 298 -63.69 -58.49 -24.99
CA ILE P 298 -64.51 -57.63 -24.12
C ILE P 298 -63.72 -56.39 -23.81
N ALA P 299 -64.45 -55.32 -23.50
CA ALA P 299 -63.88 -54.05 -23.10
C ALA P 299 -63.45 -54.09 -21.69
N ILE P 300 -62.25 -53.61 -21.40
CA ILE P 300 -61.66 -53.68 -20.04
C ILE P 300 -61.52 -52.22 -19.60
N SER P 301 -62.18 -51.88 -18.50
CA SER P 301 -61.99 -50.58 -17.90
C SER P 301 -60.66 -50.39 -17.27
N ASP P 302 -60.25 -49.15 -17.05
CA ASP P 302 -58.97 -48.86 -16.45
C ASP P 302 -58.80 -49.54 -15.10
N ARG P 303 -59.91 -49.64 -14.35
CA ARG P 303 -59.89 -50.35 -13.05
C ARG P 303 -59.65 -51.85 -13.23
N ARG P 304 -60.37 -52.48 -14.16
CA ARG P 304 -60.12 -53.87 -14.53
C ARG P 304 -58.71 -54.02 -15.07
N GLU P 305 -58.24 -53.08 -15.86
CA GLU P 305 -56.90 -53.18 -16.42
C GLU P 305 -55.86 -53.22 -15.33
N ALA P 306 -55.87 -52.24 -14.44
CA ALA P 306 -54.90 -52.22 -13.36
C ALA P 306 -55.04 -53.42 -12.48
N GLU P 307 -56.25 -53.90 -12.29
CA GLU P 307 -56.49 -55.07 -11.43
C GLU P 307 -55.97 -56.33 -12.07
N LEU P 308 -55.93 -56.41 -13.38
CA LEU P 308 -55.34 -57.54 -14.06
C LEU P 308 -53.83 -57.43 -14.10
N ALA P 309 -53.30 -56.24 -14.29
CA ALA P 309 -51.86 -56.05 -14.29
C ALA P 309 -51.29 -56.29 -12.91
N LYS P 310 -52.09 -56.13 -11.85
CA LYS P 310 -51.65 -56.50 -10.52
C LYS P 310 -51.57 -57.98 -10.35
N ASN P 311 -52.39 -58.72 -11.06
CA ASN P 311 -52.44 -60.19 -10.98
C ASN P 311 -51.52 -60.85 -11.95
N GLY P 312 -50.66 -60.09 -12.64
CA GLY P 312 -49.66 -60.67 -13.52
C GLY P 312 -50.21 -61.08 -14.85
N PHE P 313 -51.05 -60.24 -15.47
CA PHE P 313 -51.53 -60.44 -16.80
C PHE P 313 -51.14 -59.25 -17.66
N MET P 314 -51.22 -59.42 -18.97
CA MET P 314 -51.00 -58.36 -19.93
C MET P 314 -52.28 -58.16 -20.70
N PRO P 315 -53.19 -57.32 -20.20
CA PRO P 315 -54.46 -57.16 -20.88
C PRO P 315 -54.31 -56.45 -22.20
N LEU P 316 -55.01 -56.88 -23.23
CA LEU P 316 -55.17 -56.14 -24.44
C LEU P 316 -56.53 -55.49 -24.40
N LEU P 317 -56.59 -54.19 -24.19
CA LEU P 317 -57.85 -53.50 -24.08
C LEU P 317 -58.13 -52.71 -25.32
N HIS P 318 -59.39 -52.73 -25.73
CA HIS P 318 -59.82 -52.09 -26.96
C HIS P 318 -60.38 -50.70 -26.74
N LYS P 319 -59.87 -49.73 -27.50
CA LYS P 319 -60.33 -48.35 -27.41
C LYS P 319 -61.76 -48.31 -27.91
N LYS P 320 -62.64 -47.63 -27.20
CA LYS P 320 -64.05 -47.58 -27.57
C LYS P 320 -64.35 -46.92 -28.91
N ASN P 321 -65.26 -47.51 -29.67
CA ASN P 321 -65.69 -46.95 -30.97
C ASN P 321 -64.61 -46.80 -32.00
N THR P 322 -63.57 -47.61 -31.92
CA THR P 322 -62.42 -47.56 -32.83
C THR P 322 -61.85 -48.95 -32.98
N ASP P 323 -61.19 -49.19 -34.11
CA ASP P 323 -60.53 -50.44 -34.32
C ASP P 323 -59.16 -50.51 -33.61
N PHE P 324 -58.71 -49.45 -33.04
CA PHE P 324 -57.48 -49.39 -32.28
C PHE P 324 -57.58 -50.19 -31.00
N ALA P 325 -56.45 -50.72 -30.55
CA ALA P 325 -56.32 -51.42 -29.26
C ALA P 325 -54.90 -51.37 -28.84
N ALA P 326 -54.63 -51.56 -27.55
CA ALA P 326 -53.29 -51.39 -27.03
C ALA P 326 -53.04 -52.23 -25.80
N PHE P 327 -51.77 -52.47 -25.51
CA PHE P 327 -51.29 -53.00 -24.24
C PHE P 327 -50.85 -51.87 -23.37
N ILE P 328 -51.57 -51.62 -22.28
CA ILE P 328 -51.26 -50.48 -21.42
C ILE P 328 -49.97 -50.70 -20.68
N GLY P 329 -49.73 -51.93 -20.24
CA GLY P 329 -48.48 -52.26 -19.55
C GLY P 329 -48.21 -53.73 -19.76
N ALA P 330 -46.91 -54.04 -19.66
CA ALA P 330 -46.43 -55.43 -19.77
C ALA P 330 -45.90 -55.82 -18.42
N GLN P 331 -46.62 -56.69 -17.72
CA GLN P 331 -46.23 -57.18 -16.41
C GLN P 331 -46.12 -58.68 -16.51
N SER P 332 -44.98 -59.21 -16.07
CA SER P 332 -44.76 -60.65 -16.15
C SER P 332 -45.63 -61.37 -15.13
N LEU P 333 -45.58 -62.68 -15.11
CA LEU P 333 -46.38 -63.45 -14.18
C LEU P 333 -45.91 -63.32 -12.78
N GLN P 334 -44.67 -62.89 -12.59
CA GLN P 334 -44.15 -62.80 -11.23
C GLN P 334 -44.73 -61.68 -10.36
N LYS P 335 -45.12 -62.05 -9.15
CA LYS P 335 -45.59 -61.10 -8.15
C LYS P 335 -44.41 -60.55 -7.41
N PRO P 336 -44.00 -59.32 -7.63
CA PRO P 336 -42.79 -58.80 -6.98
C PRO P 336 -42.98 -58.69 -5.49
N ALA P 337 -42.05 -59.16 -4.71
CA ALA P 337 -42.17 -59.13 -3.26
C ALA P 337 -41.81 -57.79 -2.69
N GLU P 338 -42.52 -57.37 -1.65
CA GLU P 338 -42.23 -56.12 -0.97
C GLU P 338 -41.00 -56.26 -0.09
N TYR P 339 -40.29 -55.15 0.14
CA TYR P 339 -39.10 -55.17 0.98
C TYR P 339 -39.13 -53.99 1.91
N ASP P 340 -38.26 -54.02 2.93
CA ASP P 340 -38.16 -52.92 3.85
C ASP P 340 -37.66 -51.66 3.15
N ASP P 341 -36.51 -51.75 2.52
CA ASP P 341 -35.94 -50.61 1.83
C ASP P 341 -36.73 -50.31 0.57
N PRO P 342 -37.16 -49.09 0.33
CA PRO P 342 -37.88 -48.77 -0.90
C PRO P 342 -37.03 -49.01 -2.16
N ASP P 343 -35.70 -48.92 -2.04
CA ASP P 343 -34.85 -49.20 -3.18
C ASP P 343 -34.90 -50.66 -3.59
N ALA P 344 -34.89 -51.55 -2.60
CA ALA P 344 -35.02 -52.98 -2.89
C ALA P 344 -36.37 -53.31 -3.43
N THR P 345 -37.42 -52.62 -3.00
CA THR P 345 -38.75 -52.82 -3.54
C THR P 345 -38.80 -52.32 -4.98
N ALA P 346 -38.13 -51.23 -5.28
CA ALA P 346 -38.07 -50.74 -6.65
C ALA P 346 -37.39 -51.75 -7.53
N ASN P 347 -36.19 -52.21 -7.14
CA ASN P 347 -35.49 -53.21 -7.91
C ASN P 347 -36.29 -54.48 -8.06
N ALA P 348 -37.10 -54.81 -7.06
CA ALA P 348 -37.94 -55.99 -7.16
C ALA P 348 -39.10 -55.78 -8.10
N ASN P 349 -39.58 -54.53 -8.26
CA ASN P 349 -40.65 -54.27 -9.18
C ASN P 349 -40.16 -54.21 -10.62
N LEU P 350 -38.97 -53.67 -10.84
CA LEU P 350 -38.42 -53.56 -12.19
C LEU P 350 -38.25 -54.93 -12.83
N ALA P 351 -37.81 -55.91 -12.04
CA ALA P 351 -37.59 -57.24 -12.55
C ALA P 351 -38.85 -57.92 -13.01
N ALA P 352 -40.02 -57.49 -12.50
CA ALA P 352 -41.26 -58.14 -12.88
C ALA P 352 -41.86 -57.61 -14.15
N ARG P 353 -41.27 -56.59 -14.77
CA ARG P 353 -41.82 -55.93 -15.96
C ARG P 353 -41.02 -56.37 -17.18
N LEU P 354 -41.69 -56.90 -18.18
CA LEU P 354 -41.09 -57.37 -19.39
C LEU P 354 -40.27 -56.32 -20.15
N PRO P 355 -40.71 -55.04 -20.24
CA PRO P 355 -39.93 -54.07 -20.97
C PRO P 355 -38.45 -54.01 -20.53
N TYR P 356 -38.18 -54.19 -19.23
CA TYR P 356 -36.83 -54.19 -18.77
C TYR P 356 -36.15 -55.55 -18.96
N LEU P 357 -36.86 -56.64 -18.70
CA LEU P 357 -36.29 -57.95 -18.87
C LEU P 357 -35.84 -58.21 -20.29
N PHE P 358 -36.49 -57.58 -21.27
CA PHE P 358 -36.00 -57.67 -22.63
C PHE P 358 -34.67 -57.00 -22.79
N ALA P 359 -34.47 -55.89 -22.10
CA ALA P 359 -33.20 -55.19 -22.13
C ALA P 359 -32.10 -56.08 -21.55
N THR P 360 -32.30 -56.58 -20.32
CA THR P 360 -31.26 -57.38 -19.70
C THR P 360 -31.03 -58.69 -20.44
N CYS P 361 -32.06 -59.26 -21.00
CA CYS P 361 -31.89 -60.46 -21.83
C CYS P 361 -31.02 -60.16 -23.04
N ARG P 362 -31.27 -59.03 -23.71
CA ARG P 362 -30.46 -58.66 -24.85
C ARG P 362 -29.02 -58.47 -24.45
N PHE P 363 -28.77 -57.81 -23.32
CA PHE P 363 -27.39 -57.68 -22.83
C PHE P 363 -26.78 -59.03 -22.50
N ALA P 364 -27.60 -60.00 -22.10
CA ALA P 364 -27.08 -61.34 -21.86
C ALA P 364 -26.64 -62.00 -23.15
N HIS P 365 -27.41 -61.83 -24.21
CA HIS P 365 -27.02 -62.36 -25.52
C HIS P 365 -25.74 -61.73 -25.99
N TYR P 366 -25.68 -60.39 -26.01
CA TYR P 366 -24.48 -59.71 -26.42
C TYR P 366 -23.29 -60.16 -25.63
N LEU P 367 -23.38 -60.12 -24.31
CA LEU P 367 -22.25 -60.48 -23.44
C LEU P 367 -21.81 -61.89 -23.69
N LYS P 368 -22.75 -62.79 -23.88
CA LYS P 368 -22.41 -64.20 -24.19
C LYS P 368 -21.55 -64.27 -25.43
N CYS P 369 -21.99 -63.67 -26.52
CA CYS P 369 -21.27 -63.79 -27.78
C CYS P 369 -19.91 -63.10 -27.70
N ILE P 370 -19.87 -61.85 -27.20
CA ILE P 370 -18.64 -61.10 -27.25
C ILE P 370 -17.61 -61.67 -26.30
N VAL P 371 -18.02 -62.11 -25.10
CA VAL P 371 -17.06 -62.71 -24.18
C VAL P 371 -16.62 -64.06 -24.69
N ARG P 372 -17.53 -64.84 -25.24
CA ARG P 372 -17.15 -66.12 -25.84
C ARG P 372 -16.12 -65.93 -26.92
N ASP P 373 -16.18 -64.83 -27.67
CA ASP P 373 -15.15 -64.55 -28.66
C ASP P 373 -13.89 -63.98 -28.05
N LYS P 374 -13.97 -63.40 -26.84
CA LYS P 374 -12.80 -62.82 -26.18
C LYS P 374 -12.04 -63.83 -25.35
N ILE P 375 -12.49 -65.09 -25.27
CA ILE P 375 -11.80 -66.10 -24.51
C ILE P 375 -10.46 -66.40 -25.16
N GLY P 376 -9.37 -66.34 -24.36
CA GLY P 376 -8.06 -66.58 -24.90
C GLY P 376 -7.21 -65.36 -25.13
N SER P 377 -7.75 -64.19 -24.92
CA SER P 377 -7.01 -62.93 -25.00
C SER P 377 -6.41 -62.55 -23.69
N PHE P 378 -5.26 -61.94 -23.70
CA PHE P 378 -4.57 -61.56 -22.47
C PHE P 378 -5.36 -60.53 -21.71
N LYS P 379 -5.76 -60.87 -20.50
CA LYS P 379 -6.67 -60.05 -19.70
C LYS P 379 -6.30 -60.17 -18.23
N GLU P 380 -6.21 -59.01 -17.58
CA GLU P 380 -6.10 -58.92 -16.14
C GLU P 380 -7.43 -58.46 -15.56
N LYS P 381 -7.51 -58.32 -14.24
CA LYS P 381 -8.72 -57.78 -13.64
C LYS P 381 -8.97 -56.36 -14.16
N ASP P 382 -7.90 -55.54 -14.24
CA ASP P 382 -8.06 -54.18 -14.72
C ASP P 382 -8.42 -54.16 -16.21
N GLU P 383 -7.83 -55.08 -17.00
CA GLU P 383 -8.16 -55.14 -18.40
C GLU P 383 -9.63 -55.50 -18.62
N MET P 384 -10.12 -56.50 -17.90
CA MET P 384 -11.53 -56.85 -17.97
C MET P 384 -12.41 -55.71 -17.47
N GLN P 385 -11.95 -54.99 -16.46
CA GLN P 385 -12.73 -53.84 -15.98
C GLN P 385 -12.87 -52.78 -17.03
N ARG P 386 -11.80 -52.49 -17.76
CA ARG P 386 -11.86 -51.46 -18.80
C ARG P 386 -12.65 -51.93 -19.98
N TRP P 387 -12.55 -53.21 -20.33
CA TRP P 387 -13.25 -53.70 -21.52
C TRP P 387 -14.72 -53.84 -21.29
N LEU P 388 -15.11 -54.35 -20.13
CA LEU P 388 -16.55 -54.44 -19.79
C LEU P 388 -17.14 -53.09 -19.48
N GLN P 389 -16.40 -52.26 -18.75
CA GLN P 389 -16.87 -50.92 -18.43
C GLN P 389 -17.06 -50.09 -19.67
N ASP P 390 -16.12 -50.16 -20.60
CA ASP P 390 -16.25 -49.40 -21.83
C ASP P 390 -17.13 -50.10 -22.86
N TRP P 391 -17.43 -51.39 -22.68
CA TRP P 391 -18.35 -52.03 -23.58
C TRP P 391 -19.79 -51.72 -23.22
N ILE P 392 -20.11 -51.76 -21.94
CA ILE P 392 -21.49 -51.47 -21.51
C ILE P 392 -21.81 -50.01 -21.67
N LEU P 393 -20.78 -49.15 -21.81
CA LEU P 393 -21.01 -47.70 -21.75
C LEU P 393 -21.37 -47.10 -23.08
N ASN P 394 -21.41 -47.90 -24.17
CA ASN P 394 -21.87 -47.38 -25.44
C ASN P 394 -23.35 -47.60 -25.63
N TYR P 395 -24.01 -48.34 -24.76
CA TYR P 395 -25.47 -48.43 -24.73
C TYR P 395 -26.10 -47.45 -23.76
N VAL P 396 -25.30 -46.58 -23.13
CA VAL P 396 -25.78 -45.58 -22.18
C VAL P 396 -25.55 -44.21 -22.77
N ASP P 397 -26.59 -43.38 -22.68
CA ASP P 397 -26.45 -41.97 -23.13
C ASP P 397 -26.32 -41.06 -21.90
N GLY P 398 -25.12 -40.58 -21.64
CA GLY P 398 -24.83 -39.91 -20.39
C GLY P 398 -25.23 -38.43 -20.37
N ASP P 399 -24.76 -37.68 -21.35
CA ASP P 399 -25.07 -36.27 -21.47
C ASP P 399 -26.54 -35.90 -21.74
N PRO P 400 -27.20 -36.69 -22.59
CA PRO P 400 -28.58 -36.40 -23.00
C PRO P 400 -29.70 -37.10 -22.23
N ALA P 401 -29.39 -37.75 -21.11
CA ALA P 401 -30.41 -38.44 -20.33
C ALA P 401 -31.74 -37.69 -20.07
N HIS P 402 -31.70 -36.41 -19.70
CA HIS P 402 -32.97 -35.72 -19.49
C HIS P 402 -33.61 -35.26 -20.80
N SER P 403 -32.78 -34.82 -21.76
CA SER P 403 -33.29 -34.32 -23.04
C SER P 403 -32.92 -35.29 -24.15
N THR P 404 -33.88 -36.12 -24.51
CA THR P 404 -33.80 -37.10 -25.62
C THR P 404 -35.21 -37.66 -25.91
N GLU P 405 -35.41 -38.26 -27.08
CA GLU P 405 -36.77 -38.82 -27.30
C GLU P 405 -36.71 -40.28 -27.77
N THR P 406 -36.22 -40.50 -29.00
CA THR P 406 -36.08 -41.83 -29.54
C THR P 406 -34.80 -42.50 -29.06
N THR P 407 -33.74 -41.74 -28.74
CA THR P 407 -32.49 -42.42 -28.34
C THR P 407 -32.67 -43.11 -26.98
N LYS P 408 -33.60 -42.62 -26.15
CA LYS P 408 -33.88 -43.34 -24.92
C LYS P 408 -34.42 -44.74 -25.19
N ALA P 409 -35.08 -44.93 -26.33
CA ALA P 409 -35.49 -46.27 -26.74
C ALA P 409 -34.33 -47.04 -27.34
N GLN P 410 -33.42 -46.36 -28.04
CA GLN P 410 -32.29 -47.05 -28.63
C GLN P 410 -31.20 -47.32 -27.62
N HIS P 411 -31.00 -46.41 -26.66
CA HIS P 411 -30.10 -46.69 -25.55
C HIS P 411 -30.95 -47.03 -24.34
N PRO P 412 -31.07 -48.32 -23.98
CA PRO P 412 -32.03 -48.70 -22.94
C PRO P 412 -31.60 -48.29 -21.52
N LEU P 413 -30.31 -47.98 -21.30
CA LEU P 413 -29.80 -47.76 -19.98
C LEU P 413 -29.52 -46.30 -19.72
N ALA P 414 -29.97 -45.80 -18.57
CA ALA P 414 -29.61 -44.47 -18.13
C ALA P 414 -28.22 -44.43 -17.51
N ALA P 415 -27.77 -45.53 -16.93
CA ALA P 415 -26.44 -45.63 -16.36
C ALA P 415 -26.03 -47.08 -16.25
N ALA P 416 -24.74 -47.33 -16.09
CA ALA P 416 -24.21 -48.68 -16.03
C ALA P 416 -23.02 -48.73 -15.10
N GLU P 417 -22.92 -49.79 -14.31
CA GLU P 417 -21.85 -49.94 -13.32
C GLU P 417 -21.41 -51.37 -13.32
N VAL P 418 -20.12 -51.58 -13.36
CA VAL P 418 -19.52 -52.94 -13.49
C VAL P 418 -18.57 -53.10 -12.29
N VAL P 419 -18.71 -54.22 -11.59
CA VAL P 419 -17.78 -54.62 -10.55
C VAL P 419 -17.19 -55.96 -10.96
N VAL P 420 -15.90 -55.99 -11.21
CA VAL P 420 -15.19 -57.19 -11.67
C VAL P 420 -14.39 -57.71 -10.46
N GLU P 421 -14.40 -59.04 -10.30
CA GLU P 421 -13.66 -59.69 -9.23
C GLU P 421 -13.04 -60.93 -9.79
N GLU P 422 -11.74 -61.11 -9.56
CA GLU P 422 -11.05 -62.31 -10.04
C GLU P 422 -11.29 -63.47 -9.09
N VAL P 423 -11.62 -64.64 -9.64
CA VAL P 423 -11.86 -65.82 -8.82
C VAL P 423 -10.52 -66.25 -8.21
N GLU P 424 -10.49 -66.36 -6.88
CA GLU P 424 -9.28 -66.78 -6.17
C GLU P 424 -8.99 -68.24 -6.43
N GLY P 425 -7.72 -68.62 -6.44
CA GLY P 425 -7.37 -69.98 -6.69
C GLY P 425 -7.56 -70.43 -8.14
N ASN P 426 -7.35 -69.51 -9.09
CA ASN P 426 -7.55 -69.82 -10.50
C ASN P 426 -7.12 -68.58 -11.33
N PRO P 427 -6.33 -68.76 -12.37
CA PRO P 427 -6.08 -67.66 -13.29
C PRO P 427 -7.16 -67.55 -14.34
N GLY P 428 -7.28 -66.33 -14.92
CA GLY P 428 -8.10 -66.19 -16.13
C GLY P 428 -9.59 -66.34 -15.93
N TYR P 429 -10.06 -66.66 -14.70
CA TYR P 429 -11.47 -66.74 -14.42
C TYR P 429 -11.87 -65.55 -13.56
N TYR P 430 -12.97 -64.88 -13.96
CA TYR P 430 -13.41 -63.68 -13.24
C TYR P 430 -14.90 -63.75 -12.95
N ASN P 431 -15.34 -63.02 -11.95
CA ASN P 431 -16.75 -62.82 -11.64
C ASN P 431 -17.08 -61.35 -11.82
N SER P 432 -18.18 -61.06 -12.48
CA SER P 432 -18.58 -59.68 -12.75
C SER P 432 -20.01 -59.45 -12.32
N LYS P 433 -20.31 -58.20 -11.99
CA LYS P 433 -21.68 -57.77 -11.67
C LYS P 433 -21.99 -56.55 -12.50
N PHE P 434 -23.07 -56.58 -13.24
CA PHE P 434 -23.51 -55.48 -14.06
C PHE P 434 -24.71 -54.82 -13.41
N PHE P 435 -24.54 -53.59 -12.93
CA PHE P 435 -25.63 -52.79 -12.41
C PHE P 435 -26.01 -51.80 -13.48
N LEU P 436 -27.20 -52.03 -14.09
CA LEU P 436 -27.64 -51.16 -15.19
C LEU P 436 -29.01 -50.58 -14.84
N ARG P 437 -29.11 -49.26 -14.86
CA ARG P 437 -30.32 -48.55 -14.51
C ARG P 437 -31.11 -48.23 -15.76
N PRO P 438 -32.28 -48.86 -15.97
CA PRO P 438 -33.05 -48.61 -17.18
C PRO P 438 -33.74 -47.26 -17.14
N HIS P 439 -34.23 -46.82 -18.30
CA HIS P 439 -35.07 -45.64 -18.36
C HIS P 439 -36.46 -45.96 -17.83
N TYR P 440 -36.90 -45.22 -16.81
CA TYR P 440 -38.21 -45.49 -16.23
C TYR P 440 -39.31 -45.20 -17.23
N GLN P 441 -40.44 -45.87 -17.08
CA GLN P 441 -41.61 -45.65 -17.91
C GLN P 441 -42.80 -45.27 -17.08
N LEU P 442 -43.60 -44.32 -17.54
CA LEU P 442 -44.77 -43.87 -16.75
C LEU P 442 -45.71 -45.04 -16.53
N GLU P 443 -45.97 -45.37 -15.28
CA GLU P 443 -46.85 -46.47 -14.92
C GLU P 443 -48.24 -46.05 -14.45
N GLY P 444 -48.30 -45.05 -13.59
CA GLY P 444 -49.58 -44.53 -13.13
C GLY P 444 -49.45 -43.14 -12.56
N LEU P 445 -50.56 -42.48 -12.36
CA LEU P 445 -50.49 -41.12 -11.80
C LEU P 445 -51.76 -40.84 -11.04
N THR P 446 -51.62 -40.45 -9.76
CA THR P 446 -52.76 -40.01 -8.97
C THR P 446 -52.68 -38.50 -8.89
N VAL P 447 -53.76 -37.81 -9.30
CA VAL P 447 -53.78 -36.35 -9.28
C VAL P 447 -54.85 -35.89 -8.35
N SER P 448 -54.53 -34.97 -7.47
CA SER P 448 -55.51 -34.27 -6.61
C SER P 448 -55.55 -32.82 -7.01
N LEU P 449 -56.64 -32.39 -7.61
CA LEU P 449 -56.77 -30.98 -8.07
C LEU P 449 -57.30 -30.18 -6.87
N ARG P 450 -56.80 -28.96 -6.74
CA ARG P 450 -57.22 -28.12 -5.59
C ARG P 450 -57.60 -26.72 -6.08
N LEU P 451 -58.85 -26.30 -5.85
CA LEU P 451 -59.21 -24.94 -6.10
C LEU P 451 -58.71 -24.05 -5.00
N VAL P 452 -57.83 -23.09 -5.31
CA VAL P 452 -57.07 -22.37 -4.33
C VAL P 452 -57.19 -20.88 -4.63
N SER P 453 -57.46 -20.09 -3.57
CA SER P 453 -57.54 -18.64 -3.73
C SER P 453 -56.16 -18.02 -3.74
N LYS P 454 -55.22 -18.53 -2.94
CA LYS P 454 -53.86 -17.98 -2.88
C LYS P 454 -52.89 -19.13 -3.00
N LEU P 455 -52.09 -19.15 -4.08
CA LEU P 455 -51.21 -20.27 -4.37
C LEU P 455 -50.32 -20.63 -3.19
N PRO P 456 -50.35 -21.87 -2.73
CA PRO P 456 -49.58 -22.20 -1.49
C PRO P 456 -48.09 -22.17 -1.72
N SER P 457 -47.62 -22.42 -2.95
CA SER P 457 -46.18 -22.45 -3.19
C SER P 457 -45.61 -21.03 -3.15
N ALA P 458 -46.12 -20.15 -4.02
CA ALA P 458 -45.54 -18.80 -4.09
C ALA P 458 -46.31 -17.64 -3.43
N LYS P 459 -47.62 -17.54 -3.72
CA LYS P 459 -48.41 -16.44 -3.21
C LYS P 459 -48.47 -16.44 -1.67
N GLU P 460 -48.60 -17.64 -1.08
CA GLU P 460 -48.67 -17.80 0.34
C GLU P 460 -47.33 -18.30 0.86
N ALA P 461 -46.60 -17.41 1.56
CA ALA P 461 -45.27 -17.72 2.05
C ALA P 461 -44.81 -16.45 2.86
N THR Q 1 63.18 -27.43 -46.46
CA THR Q 1 64.47 -28.09 -46.59
C THR Q 1 65.61 -27.13 -46.33
N THR Q 2 65.40 -26.23 -45.37
CA THR Q 2 66.37 -25.21 -44.96
C THR Q 2 67.09 -24.45 -46.09
N SER Q 3 66.39 -23.50 -46.68
CA SER Q 3 66.91 -22.68 -47.77
C SER Q 3 68.30 -22.10 -47.51
N SER Q 4 69.14 -22.14 -48.53
CA SER Q 4 70.52 -21.63 -48.43
C SER Q 4 70.57 -20.29 -47.76
N GLN Q 5 69.52 -19.51 -47.80
CA GLN Q 5 69.44 -18.26 -47.03
C GLN Q 5 69.58 -18.53 -45.56
N LYS Q 6 69.09 -19.65 -45.07
CA LYS Q 6 69.29 -20.06 -43.69
C LYS Q 6 70.71 -20.44 -43.43
N PHE Q 7 71.37 -21.07 -44.37
CA PHE Q 7 72.82 -21.35 -44.23
C PHE Q 7 73.58 -20.07 -44.11
N ILE Q 8 73.32 -19.08 -44.96
CA ILE Q 8 73.97 -17.79 -44.85
C ILE Q 8 73.62 -17.13 -43.51
N ALA Q 9 72.42 -17.35 -43.02
CA ALA Q 9 71.99 -16.72 -41.78
C ALA Q 9 72.70 -17.27 -40.60
N ARG Q 10 72.72 -18.59 -40.44
CA ARG Q 10 73.30 -19.21 -39.26
C ARG Q 10 74.78 -19.33 -39.33
N ASN Q 11 75.36 -19.43 -40.51
CA ASN Q 11 76.79 -19.70 -40.64
C ASN Q 11 77.72 -18.53 -40.52
N ARG Q 12 77.59 -17.56 -41.38
CA ARG Q 12 78.34 -16.25 -41.22
C ARG Q 12 77.31 -15.25 -41.72
N ALA Q 13 76.81 -14.48 -40.79
CA ALA Q 13 75.66 -13.65 -41.08
C ALA Q 13 76.08 -12.25 -41.37
N PRO Q 14 75.61 -11.66 -42.51
CA PRO Q 14 75.77 -10.25 -42.68
C PRO Q 14 74.98 -9.49 -41.63
N ARG Q 15 75.34 -8.22 -41.36
CA ARG Q 15 74.57 -7.43 -40.45
C ARG Q 15 73.14 -7.29 -40.94
N VAL Q 16 72.95 -7.20 -42.27
CA VAL Q 16 71.63 -7.21 -42.89
C VAL Q 16 71.44 -8.55 -43.55
N GLN Q 17 70.60 -9.41 -43.02
CA GLN Q 17 70.37 -10.76 -43.57
C GLN Q 17 68.93 -10.85 -43.94
N ILE Q 18 68.67 -11.09 -45.22
CA ILE Q 18 67.28 -11.07 -45.73
C ILE Q 18 66.97 -12.46 -46.27
N GLU Q 19 66.01 -13.13 -45.68
CA GLU Q 19 65.57 -14.44 -46.07
C GLU Q 19 64.11 -14.37 -46.50
N TYR Q 20 63.71 -15.33 -47.33
CA TYR Q 20 62.31 -15.48 -47.69
C TYR Q 20 61.80 -16.80 -47.22
N ASP Q 21 60.71 -16.79 -46.45
CA ASP Q 21 60.10 -18.03 -45.98
C ASP Q 21 58.62 -18.02 -46.25
N VAL Q 22 58.10 -19.15 -46.72
CA VAL Q 22 56.67 -19.30 -47.06
C VAL Q 22 55.90 -19.25 -45.69
N GLU Q 23 54.78 -18.54 -45.71
CA GLU Q 23 53.98 -18.44 -44.55
C GLU Q 23 52.88 -19.48 -44.50
N LEU Q 24 52.95 -20.40 -43.55
CA LEU Q 24 51.93 -21.41 -43.29
C LEU Q 24 51.52 -21.32 -41.84
N TYR Q 25 50.31 -20.87 -41.57
CA TYR Q 25 49.85 -20.69 -40.21
C TYR Q 25 49.78 -21.96 -39.39
N GLY Q 26 49.12 -22.96 -39.96
CA GLY Q 26 48.98 -24.24 -39.29
C GLY Q 26 49.79 -25.40 -39.82
N ALA Q 27 50.58 -25.17 -40.88
CA ALA Q 27 51.41 -26.20 -41.49
C ALA Q 27 50.56 -27.42 -41.84
N GLU Q 28 50.99 -28.59 -41.41
CA GLU Q 28 50.22 -29.82 -41.63
C GLU Q 28 49.78 -30.10 -43.06
N LYS Q 29 50.74 -30.29 -43.95
CA LYS Q 29 50.47 -30.57 -45.36
C LYS Q 29 49.71 -31.89 -45.57
N LYS Q 30 48.95 -31.97 -46.67
CA LYS Q 30 48.13 -33.14 -46.99
C LYS Q 30 48.92 -34.43 -47.20
N VAL Q 31 48.27 -35.54 -46.89
CA VAL Q 31 48.92 -36.85 -46.87
C VAL Q 31 49.07 -37.45 -48.27
N GLN Q 32 48.32 -36.97 -49.26
CA GLN Q 32 48.39 -37.51 -50.62
C GLN Q 32 47.85 -38.94 -50.59
N LEU Q 33 48.73 -39.94 -50.82
CA LEU Q 33 48.37 -41.35 -50.76
C LEU Q 33 47.33 -41.72 -51.83
N PRO Q 34 47.76 -41.86 -53.08
CA PRO Q 34 46.84 -42.26 -54.14
C PRO Q 34 46.20 -43.61 -53.89
N PHE Q 35 45.10 -43.85 -54.60
CA PHE Q 35 44.34 -45.09 -54.50
C PHE Q 35 44.81 -46.06 -55.57
N VAL Q 36 45.46 -47.12 -55.16
CA VAL Q 36 45.89 -48.18 -56.07
C VAL Q 36 44.94 -49.35 -55.92
N MET Q 37 44.66 -50.04 -57.02
CA MET Q 37 43.81 -51.22 -57.01
C MET Q 37 44.59 -52.40 -57.57
N GLY Q 38 44.93 -53.36 -56.72
CA GLY Q 38 45.66 -54.53 -57.16
C GLY Q 38 44.68 -55.54 -57.74
N VAL Q 39 44.99 -56.08 -58.91
CA VAL Q 39 44.11 -57.05 -59.53
C VAL Q 39 44.79 -58.39 -59.74
N MET Q 40 44.12 -59.47 -59.35
CA MET Q 40 44.65 -60.81 -59.51
C MET Q 40 43.77 -61.54 -60.49
N ALA Q 41 44.36 -62.19 -61.47
CA ALA Q 41 43.55 -62.86 -62.49
C ALA Q 41 44.38 -63.97 -63.11
N ASP Q 42 43.70 -64.89 -63.78
CA ASP Q 42 44.37 -65.98 -64.48
C ASP Q 42 44.63 -65.53 -65.92
N LEU Q 43 45.89 -65.29 -66.24
CA LEU Q 43 46.29 -64.85 -67.56
C LEU Q 43 47.41 -65.75 -68.07
N ALA Q 44 47.53 -65.82 -69.40
CA ALA Q 44 48.47 -66.72 -70.07
C ALA Q 44 48.21 -68.17 -69.66
N GLY Q 45 46.94 -68.57 -69.76
CA GLY Q 45 46.54 -69.92 -69.40
C GLY Q 45 47.22 -70.95 -70.28
N LYS Q 46 47.79 -71.99 -69.66
CA LYS Q 46 48.55 -73.02 -70.36
C LYS Q 46 49.69 -72.39 -71.16
N PRO Q 47 50.70 -71.83 -70.51
CA PRO Q 47 51.82 -71.23 -71.24
C PRO Q 47 52.73 -72.31 -71.81
N ALA Q 48 53.53 -71.90 -72.80
CA ALA Q 48 54.44 -72.83 -73.45
C ALA Q 48 55.73 -73.10 -72.68
N GLU Q 49 56.10 -72.22 -71.76
CA GLU Q 49 57.34 -72.34 -71.02
C GLU Q 49 56.97 -72.56 -69.56
N PRO Q 50 57.95 -72.80 -68.68
CA PRO Q 50 57.66 -72.80 -67.23
C PRO Q 50 57.12 -71.47 -66.72
N GLN Q 51 57.21 -70.39 -67.51
CA GLN Q 51 56.81 -69.05 -67.10
C GLN Q 51 57.70 -68.57 -65.96
N ALA Q 52 57.10 -68.20 -64.83
CA ALA Q 52 57.87 -67.64 -63.73
C ALA Q 52 57.37 -68.24 -62.42
N ALA Q 53 58.29 -68.46 -61.50
CA ALA Q 53 57.93 -68.93 -60.18
C ALA Q 53 57.22 -67.82 -59.39
N VAL Q 54 56.46 -68.24 -58.39
CA VAL Q 54 55.75 -67.29 -57.55
C VAL Q 54 56.77 -66.49 -56.74
N ALA Q 55 56.34 -65.32 -56.26
CA ALA Q 55 57.15 -64.34 -55.53
C ALA Q 55 58.09 -63.61 -56.48
N ASP Q 56 58.28 -64.14 -57.68
CA ASP Q 56 58.99 -63.43 -58.75
C ASP Q 56 58.05 -62.77 -59.74
N ARG Q 57 56.74 -62.95 -59.61
CA ARG Q 57 55.79 -62.36 -60.55
C ARG Q 57 55.49 -60.91 -60.23
N LYS Q 58 55.42 -60.57 -58.95
CA LYS Q 58 55.17 -59.20 -58.56
C LYS Q 58 53.80 -58.71 -59.02
N PHE Q 59 53.63 -57.40 -59.00
CA PHE Q 59 52.41 -56.77 -59.47
C PHE Q 59 52.89 -55.76 -60.49
N LEU Q 60 52.33 -55.77 -61.70
CA LEU Q 60 52.77 -54.86 -62.73
C LEU Q 60 51.73 -53.81 -63.00
N GLU Q 61 52.12 -52.54 -62.98
CA GLU Q 61 51.17 -51.48 -63.23
C GLU Q 61 50.66 -51.59 -64.65
N ILE Q 62 49.36 -51.34 -64.79
CA ILE Q 62 48.69 -51.42 -66.08
C ILE Q 62 47.81 -50.17 -66.23
N ASP Q 63 47.55 -49.81 -67.47
CA ASP Q 63 46.78 -48.65 -67.84
C ASP Q 63 46.43 -48.78 -69.31
N VAL Q 64 45.81 -47.74 -69.88
CA VAL Q 64 45.48 -47.75 -71.28
C VAL Q 64 46.71 -47.63 -72.16
N ASP Q 65 47.83 -47.16 -71.60
CA ASP Q 65 49.03 -46.93 -72.38
C ASP Q 65 49.78 -48.22 -72.65
N ASN Q 66 50.03 -49.03 -71.63
CA ASN Q 66 50.84 -50.22 -71.75
C ASN Q 66 50.04 -51.50 -71.91
N PHE Q 67 48.73 -51.41 -72.04
CA PHE Q 67 47.87 -52.60 -72.04
C PHE Q 67 48.32 -53.62 -73.07
N ASP Q 68 48.45 -53.20 -74.30
CA ASP Q 68 48.93 -54.10 -75.35
C ASP Q 68 50.36 -54.54 -75.09
N ALA Q 69 51.18 -53.69 -74.46
CA ALA Q 69 52.51 -54.11 -74.10
C ALA Q 69 52.47 -55.09 -72.96
N ARG Q 70 51.43 -55.06 -72.13
CA ARG Q 70 51.26 -56.05 -71.08
C ARG Q 70 50.81 -57.40 -71.66
N LEU Q 71 49.96 -57.41 -72.68
CA LEU Q 71 49.65 -58.64 -73.33
C LEU Q 71 50.87 -59.20 -74.05
N LYS Q 72 51.49 -58.42 -74.92
CA LYS Q 72 52.63 -58.91 -75.66
C LYS Q 72 53.76 -59.31 -74.77
N ALA Q 73 53.93 -58.65 -73.64
CA ALA Q 73 54.96 -59.05 -72.68
C ALA Q 73 54.56 -60.32 -71.96
N MET Q 74 53.29 -60.47 -71.61
CA MET Q 74 52.85 -61.64 -70.87
C MET Q 74 52.66 -62.85 -71.75
N LYS Q 75 52.45 -62.66 -73.03
CA LYS Q 75 52.24 -63.72 -74.04
C LYS Q 75 51.16 -64.72 -73.62
N PRO Q 76 49.91 -64.28 -73.46
CA PRO Q 76 48.84 -65.20 -73.26
C PRO Q 76 48.56 -66.10 -74.42
N ARG Q 77 48.48 -67.42 -74.16
CA ARG Q 77 48.31 -68.34 -75.29
C ARG Q 77 47.27 -69.37 -74.98
N VAL Q 78 46.82 -70.10 -75.98
CA VAL Q 78 45.83 -71.15 -75.85
C VAL Q 78 46.11 -72.23 -76.83
N ALA Q 79 46.05 -73.48 -76.37
CA ALA Q 79 46.31 -74.64 -77.24
C ALA Q 79 45.31 -75.71 -76.90
N PHE Q 80 44.50 -76.12 -77.89
CA PHE Q 80 43.56 -77.18 -77.70
C PHE Q 80 43.16 -77.80 -78.99
N ASN Q 81 42.56 -79.00 -78.92
CA ASN Q 81 42.04 -79.70 -80.10
C ASN Q 81 40.61 -79.27 -80.31
N VAL Q 82 40.24 -79.11 -81.58
CA VAL Q 82 38.86 -78.70 -81.89
C VAL Q 82 38.44 -79.48 -83.12
N PRO Q 83 37.17 -79.91 -83.21
CA PRO Q 83 36.73 -80.64 -84.40
C PRO Q 83 36.93 -79.80 -85.66
N ASN Q 84 37.37 -80.48 -86.71
CA ASN Q 84 37.67 -79.80 -87.98
C ASN Q 84 36.43 -79.94 -88.87
N VAL Q 85 35.73 -78.83 -89.10
CA VAL Q 85 34.56 -78.87 -89.95
C VAL Q 85 34.91 -78.58 -91.42
N LEU Q 86 36.12 -78.11 -91.67
CA LEU Q 86 36.51 -77.79 -93.04
C LEU Q 86 36.56 -78.96 -94.02
N THR Q 87 37.18 -80.07 -93.63
CA THR Q 87 37.30 -81.23 -94.51
C THR Q 87 37.17 -82.59 -93.79
N GLY Q 88 36.05 -82.84 -93.11
CA GLY Q 88 35.88 -84.10 -92.40
C GLY Q 88 37.01 -84.29 -91.41
N GLU Q 89 37.66 -85.46 -91.45
CA GLU Q 89 38.82 -85.66 -90.56
C GLU Q 89 38.31 -85.79 -89.12
N GLY Q 90 38.76 -84.95 -88.21
CA GLY Q 90 38.62 -85.16 -86.79
C GLY Q 90 39.17 -83.83 -86.15
N ASN Q 91 39.52 -83.98 -84.86
CA ASN Q 91 40.06 -82.91 -84.12
C ASN Q 91 41.20 -82.19 -84.85
N LEU Q 92 41.20 -80.86 -84.76
CA LEU Q 92 42.25 -80.01 -85.27
C LEU Q 92 42.95 -79.29 -84.13
N SER Q 93 44.21 -79.60 -83.89
CA SER Q 93 44.99 -78.95 -82.83
C SER Q 93 45.48 -77.62 -83.28
N LEU Q 94 45.10 -76.58 -82.55
CA LEU Q 94 45.51 -75.19 -82.89
C LEU Q 94 46.31 -74.61 -81.74
N ASP Q 95 47.32 -73.83 -82.10
CA ASP Q 95 48.14 -73.19 -81.09
C ASP Q 95 48.05 -71.69 -81.35
N ILE Q 96 47.55 -70.96 -80.37
CA ILE Q 96 47.40 -69.52 -80.53
C ILE Q 96 47.97 -68.72 -79.36
N THR Q 97 48.77 -67.72 -79.68
CA THR Q 97 49.31 -66.82 -78.65
C THR Q 97 48.86 -65.40 -79.02
N PHE Q 98 48.14 -64.76 -78.11
CA PHE Q 98 47.54 -63.49 -78.42
C PHE Q 98 48.49 -62.36 -77.96
N GLU Q 99 48.96 -61.57 -78.91
CA GLU Q 99 49.86 -60.47 -78.63
C GLU Q 99 49.19 -59.10 -78.57
N SER Q 100 47.88 -59.06 -78.74
CA SER Q 100 47.19 -57.74 -78.68
C SER Q 100 45.73 -57.98 -78.42
N MET Q 101 45.05 -56.95 -77.94
CA MET Q 101 43.64 -57.10 -77.62
C MET Q 101 42.79 -57.36 -78.84
N ASP Q 102 43.34 -57.05 -80.01
CA ASP Q 102 42.66 -57.29 -81.26
C ASP Q 102 42.81 -58.75 -81.70
N ASP Q 103 43.68 -59.52 -81.05
CA ASP Q 103 43.90 -60.89 -81.42
C ASP Q 103 42.82 -61.82 -80.90
N PHE Q 104 41.89 -61.33 -80.08
CA PHE Q 104 40.74 -62.08 -79.69
C PHE Q 104 39.58 -61.95 -80.67
N SER Q 105 39.68 -61.02 -81.60
CA SER Q 105 38.65 -60.89 -82.63
C SER Q 105 38.68 -62.07 -83.56
N PRO Q 106 37.53 -62.42 -84.17
CA PRO Q 106 37.51 -63.64 -85.00
C PRO Q 106 38.42 -63.52 -86.24
N ALA Q 107 38.60 -62.34 -86.78
CA ALA Q 107 39.49 -62.16 -87.90
C ALA Q 107 40.91 -62.54 -87.56
N ALA Q 108 41.43 -61.99 -86.48
CA ALA Q 108 42.79 -62.31 -86.03
C ALA Q 108 42.91 -63.76 -85.61
N VAL Q 109 41.86 -64.34 -85.03
CA VAL Q 109 41.86 -65.76 -84.73
C VAL Q 109 42.05 -66.55 -85.99
N ALA Q 110 41.35 -66.17 -87.06
CA ALA Q 110 41.50 -66.87 -88.33
C ALA Q 110 42.91 -66.65 -88.92
N ARG Q 111 43.48 -65.47 -88.74
CA ARG Q 111 44.81 -65.22 -89.28
C ARG Q 111 45.89 -65.99 -88.54
N LYS Q 112 45.66 -66.31 -87.24
CA LYS Q 112 46.68 -66.99 -86.49
C LYS Q 112 46.72 -68.48 -86.78
N VAL Q 113 45.57 -69.13 -86.89
CA VAL Q 113 45.57 -70.54 -87.28
C VAL Q 113 45.96 -70.61 -88.77
N ASP Q 114 46.96 -71.47 -89.05
CA ASP Q 114 47.60 -71.44 -90.38
C ASP Q 114 46.63 -71.91 -91.49
N SER Q 115 45.85 -72.95 -91.23
CA SER Q 115 44.89 -73.40 -92.21
C SER Q 115 43.86 -72.32 -92.50
N LEU Q 116 43.21 -71.82 -91.45
CA LEU Q 116 42.26 -70.72 -91.61
C LEU Q 116 42.95 -69.49 -92.20
N ASN Q 117 44.27 -69.34 -92.02
CA ASN Q 117 44.98 -68.27 -92.69
C ASN Q 117 45.01 -68.50 -94.18
N LYS Q 118 45.23 -69.74 -94.62
CA LYS Q 118 45.24 -70.04 -96.05
C LYS Q 118 43.85 -69.83 -96.65
N LEU Q 119 42.79 -70.26 -95.94
CA LEU Q 119 41.46 -70.05 -96.44
C LEU Q 119 41.08 -68.57 -96.48
N LEU Q 120 41.44 -67.83 -95.45
CA LEU Q 120 41.12 -66.41 -95.42
C LEU Q 120 41.88 -65.66 -96.53
N GLU Q 121 43.15 -66.03 -96.76
CA GLU Q 121 43.88 -65.42 -97.85
C GLU Q 121 43.24 -65.78 -99.20
N ALA Q 122 42.76 -67.01 -99.32
CA ALA Q 122 42.03 -67.38 -100.53
C ALA Q 122 40.81 -66.49 -100.74
N ARG Q 123 40.09 -66.20 -99.65
CA ARG Q 123 38.91 -65.38 -99.78
C ARG Q 123 39.28 -63.93 -100.14
N THR Q 124 40.35 -63.41 -99.56
CA THR Q 124 40.74 -62.05 -99.91
C THR Q 124 41.26 -61.96 -101.32
N GLN Q 125 41.87 -63.04 -101.83
CA GLN Q 125 42.35 -63.02 -103.21
C GLN Q 125 41.18 -63.13 -104.19
N LEU Q 126 40.14 -63.88 -103.84
CA LEU Q 126 39.00 -63.99 -104.74
C LEU Q 126 38.12 -62.75 -104.69
N ALA Q 127 37.84 -62.24 -103.50
CA ALA Q 127 37.05 -61.01 -103.37
C ALA Q 127 37.80 -59.82 -103.94
N ASN Q 128 39.12 -59.81 -103.77
CA ASN Q 128 39.94 -58.80 -104.43
C ASN Q 128 40.05 -59.06 -105.92
N LEU Q 129 39.78 -60.29 -106.36
CA LEU Q 129 39.83 -60.63 -107.78
C LEU Q 129 38.58 -60.18 -108.50
N LEU Q 130 37.39 -60.34 -107.85
CA LEU Q 130 36.15 -59.94 -108.49
C LEU Q 130 36.12 -58.43 -108.75
N THR Q 131 36.84 -57.66 -107.95
CA THR Q 131 36.95 -56.23 -108.16
C THR Q 131 38.31 -55.94 -108.80
N TYR Q 132 38.29 -55.64 -110.11
CA TYR Q 132 39.46 -55.30 -110.90
C TYR Q 132 40.77 -55.97 -110.46
N ARG R 1 13.73 -48.79 -140.71
CA ARG R 1 13.11 -50.10 -140.28
C ARG R 1 14.16 -50.89 -139.44
N GLU R 2 14.69 -51.93 -140.06
CA GLU R 2 15.76 -52.72 -139.48
C GLU R 2 17.13 -52.20 -139.95
N ALA R 3 17.15 -51.27 -140.90
CA ALA R 3 18.41 -50.72 -141.37
C ALA R 3 19.10 -49.89 -140.25
N VAL R 4 18.31 -49.09 -139.53
CA VAL R 4 18.88 -48.38 -138.40
C VAL R 4 19.39 -49.37 -137.33
N GLU R 5 18.71 -50.53 -137.21
CA GLU R 5 19.18 -51.54 -136.28
C GLU R 5 20.52 -52.13 -136.73
N THR R 6 20.75 -52.21 -138.03
CA THR R 6 22.05 -52.66 -138.50
C THR R 6 23.12 -51.60 -138.30
N ALA R 7 22.76 -50.31 -138.47
CA ALA R 7 23.73 -49.26 -138.28
C ALA R 7 24.16 -49.18 -136.78
N VAL R 8 23.17 -49.25 -135.87
CA VAL R 8 23.53 -49.26 -134.47
C VAL R 8 24.13 -50.61 -134.05
N ARG R 9 23.92 -51.65 -134.85
CA ARG R 9 24.61 -52.91 -134.60
C ARG R 9 26.11 -52.75 -134.86
N THR R 10 26.46 -52.29 -136.06
CA THR R 10 27.88 -52.15 -136.39
C THR R 10 28.54 -51.10 -135.51
N LEU R 11 27.87 -49.94 -135.30
CA LEU R 11 28.43 -48.91 -134.48
C LEU R 11 28.58 -49.34 -133.02
N ALA R 12 27.51 -49.92 -132.45
CA ALA R 12 27.53 -50.29 -131.04
C ALA R 12 28.54 -51.39 -130.77
N GLU R 13 28.57 -52.42 -131.63
CA GLU R 13 29.53 -53.50 -131.43
C GLU R 13 30.96 -53.02 -131.63
N HIS R 14 31.24 -52.38 -132.79
CA HIS R 14 32.60 -51.96 -133.08
C HIS R 14 33.13 -51.01 -132.00
N ALA R 15 32.32 -50.03 -131.63
CA ALA R 15 32.76 -49.11 -130.59
C ALA R 15 32.93 -49.83 -129.25
N LEU R 16 31.97 -50.71 -128.92
CA LEU R 16 31.96 -51.33 -127.60
C LEU R 16 33.10 -52.28 -127.31
N GLU R 17 33.32 -53.24 -128.20
CA GLU R 17 34.32 -54.28 -127.95
C GLU R 17 35.68 -54.15 -128.63
N GLN R 18 35.90 -53.14 -129.46
CA GLN R 18 37.15 -53.06 -130.22
C GLN R 18 38.47 -52.98 -129.43
N THR R 19 38.45 -52.25 -128.32
CA THR R 19 39.63 -52.00 -127.50
C THR R 19 39.30 -52.09 -126.02
N SER R 20 38.47 -51.17 -125.53
CA SER R 20 38.16 -51.10 -124.11
C SER R 20 37.24 -52.25 -123.69
N LEU R 21 36.86 -52.23 -122.42
CA LEU R 21 36.00 -53.26 -121.83
C LEU R 21 36.61 -54.64 -122.00
N ILE R 22 37.86 -54.77 -121.56
CA ILE R 22 38.62 -56.00 -121.78
C ILE R 22 37.97 -57.15 -121.03
N SER R 23 37.65 -58.21 -121.75
CA SER R 23 37.12 -59.47 -121.22
C SER R 23 35.71 -59.32 -120.64
N ASN R 24 35.28 -58.08 -120.40
CA ASN R 24 33.96 -57.77 -119.88
C ASN R 24 33.59 -58.64 -118.70
N ASP R 25 32.35 -59.14 -118.69
CA ASP R 25 31.90 -60.13 -117.71
C ASP R 25 30.75 -60.91 -118.32
N ALA R 26 30.60 -62.16 -117.88
CA ALA R 26 29.50 -63.00 -118.32
C ALA R 26 28.68 -63.49 -117.13
N ILE R 27 29.22 -64.45 -116.40
CA ILE R 27 28.60 -64.96 -115.19
C ILE R 27 29.56 -64.62 -114.04
N LYS R 28 29.15 -63.68 -113.19
CA LYS R 28 29.91 -63.34 -112.00
C LYS R 28 29.42 -64.10 -110.77
N SER R 29 28.40 -64.95 -110.93
CA SER R 29 27.90 -65.75 -109.83
C SER R 29 28.89 -66.82 -109.38
N ILE R 30 29.97 -67.03 -110.13
CA ILE R 30 31.00 -67.95 -109.68
C ILE R 30 31.69 -67.44 -108.44
N GLU R 31 31.63 -66.13 -108.19
CA GLU R 31 32.18 -65.54 -106.98
C GLU R 31 31.33 -65.84 -105.74
N SER R 32 30.17 -66.47 -105.91
CA SER R 32 29.40 -66.94 -104.76
C SER R 32 30.11 -68.05 -103.99
N ILE R 33 31.23 -68.55 -104.51
CA ILE R 33 32.06 -69.49 -103.75
C ILE R 33 32.59 -68.83 -102.49
N ILE R 34 32.78 -67.50 -102.59
CA ILE R 34 33.19 -66.80 -101.39
C ILE R 34 32.13 -66.97 -100.30
N ALA R 35 30.87 -67.14 -100.67
CA ALA R 35 29.86 -67.41 -99.67
C ALA R 35 30.10 -68.75 -98.98
N ALA R 36 30.53 -69.76 -99.75
CA ALA R 36 30.81 -71.07 -99.17
C ALA R 36 32.10 -71.04 -98.35
N LEU R 37 33.13 -70.35 -98.85
CA LEU R 37 34.40 -70.25 -98.14
C LEU R 37 34.17 -69.52 -96.79
N ASP R 38 33.45 -68.41 -96.85
CA ASP R 38 33.13 -67.64 -95.66
C ASP R 38 32.29 -68.50 -94.72
N ALA R 39 31.37 -69.27 -95.28
CA ALA R 39 30.54 -70.13 -94.47
C ALA R 39 31.39 -71.14 -93.70
N LYS R 40 32.40 -71.69 -94.37
CA LYS R 40 33.32 -72.61 -93.69
C LYS R 40 34.10 -71.89 -92.62
N LEU R 41 34.52 -70.66 -92.88
CA LEU R 41 35.25 -69.91 -91.86
C LEU R 41 34.36 -69.56 -90.66
N THR R 42 33.07 -69.35 -90.88
CA THR R 42 32.17 -69.19 -89.75
C THR R 42 32.01 -70.49 -88.97
N ALA R 43 31.87 -71.60 -89.68
CA ALA R 43 31.69 -72.89 -89.01
C ALA R 43 32.94 -73.23 -88.19
N GLN R 44 34.12 -72.89 -88.68
CA GLN R 44 35.33 -73.20 -87.93
C GLN R 44 35.58 -72.20 -86.82
N VAL R 45 35.48 -70.90 -87.11
CA VAL R 45 35.80 -69.88 -86.12
C VAL R 45 34.79 -69.92 -85.00
N ASN R 46 33.57 -70.33 -85.27
CA ASN R 46 32.62 -70.54 -84.17
C ASN R 46 33.17 -71.56 -83.17
N LEU R 47 33.72 -72.66 -83.67
CA LEU R 47 34.27 -73.66 -82.76
C LEU R 47 35.54 -73.23 -82.10
N ILE R 48 36.38 -72.47 -82.78
CA ILE R 48 37.64 -72.03 -82.19
C ILE R 48 37.37 -71.03 -81.08
N MET R 49 36.46 -70.09 -81.32
CA MET R 49 36.21 -69.04 -80.35
C MET R 49 35.34 -69.51 -79.19
N HIS R 50 34.42 -70.43 -79.43
CA HIS R 50 33.48 -70.86 -78.43
C HIS R 50 34.00 -71.98 -77.56
N HIS R 51 35.25 -72.42 -77.76
CA HIS R 51 35.81 -73.44 -76.91
C HIS R 51 35.98 -72.96 -75.51
N ALA R 52 36.01 -73.89 -74.54
CA ALA R 52 36.08 -73.53 -73.15
C ALA R 52 37.35 -72.72 -72.85
N ASP R 53 38.48 -73.12 -73.46
CA ASP R 53 39.72 -72.44 -73.22
C ASP R 53 39.70 -71.02 -73.76
N PHE R 54 39.34 -70.86 -75.01
CA PHE R 54 39.29 -69.53 -75.61
C PHE R 54 38.28 -68.65 -74.93
N GLN R 55 37.16 -69.21 -74.46
CA GLN R 55 36.19 -68.41 -73.73
C GLN R 55 36.72 -67.99 -72.37
N GLN R 56 37.53 -68.84 -71.74
CA GLN R 56 38.08 -68.49 -70.44
C GLN R 56 39.12 -67.40 -70.56
N LEU R 57 40.09 -67.58 -71.44
CA LEU R 57 41.10 -66.54 -71.65
C LEU R 57 40.48 -65.24 -72.17
N GLU R 58 39.65 -65.36 -73.19
CA GLU R 58 38.94 -64.21 -73.73
C GLU R 58 38.20 -63.47 -72.68
N SER R 59 37.54 -64.20 -71.76
CA SER R 59 36.77 -63.53 -70.69
C SER R 59 37.70 -62.88 -69.71
N ALA R 60 38.86 -63.47 -69.46
CA ALA R 60 39.83 -62.88 -68.53
C ALA R 60 40.37 -61.57 -69.07
N TRP R 61 40.95 -61.60 -70.23
CA TRP R 61 41.52 -60.38 -70.84
C TRP R 61 40.46 -59.38 -71.18
N ARG R 62 39.27 -59.83 -71.52
CA ARG R 62 38.16 -58.93 -71.84
C ARG R 62 37.66 -58.22 -70.61
N GLY R 63 37.58 -58.93 -69.50
CA GLY R 63 37.23 -58.28 -68.23
C GLY R 63 38.28 -57.31 -67.77
N LEU R 64 39.53 -57.72 -67.83
CA LEU R 64 40.63 -56.82 -67.46
C LEU R 64 40.65 -55.61 -68.34
N HIS R 65 40.42 -55.77 -69.63
CA HIS R 65 40.35 -54.64 -70.55
C HIS R 65 39.22 -53.74 -70.22
N TYR R 66 38.07 -54.29 -69.85
CA TYR R 66 36.96 -53.46 -69.38
C TYR R 66 37.35 -52.67 -68.20
N LEU R 67 38.06 -53.25 -67.26
CA LEU R 67 38.48 -52.51 -66.05
C LEU R 67 39.43 -51.44 -66.38
N VAL R 68 40.33 -51.67 -67.32
CA VAL R 68 41.39 -50.69 -67.65
C VAL R 68 40.79 -49.52 -68.40
N ASN R 69 40.04 -49.79 -69.46
CA ASN R 69 39.52 -48.75 -70.34
C ASN R 69 38.50 -47.90 -69.68
N ASN R 70 37.70 -48.45 -68.80
CA ASN R 70 36.64 -47.69 -68.11
C ASN R 70 37.11 -47.00 -66.89
N THR R 71 38.39 -47.09 -66.56
CA THR R 71 38.97 -46.41 -65.39
C THR R 71 39.77 -45.20 -65.86
N GLU R 72 39.65 -44.09 -65.16
CA GLU R 72 40.40 -42.89 -65.46
C GLU R 72 41.64 -42.92 -64.58
N THR R 73 42.77 -43.30 -65.17
CA THR R 73 44.00 -43.49 -64.43
C THR R 73 44.91 -42.29 -64.53
N ASP R 74 45.43 -41.90 -63.37
CA ASP R 74 46.35 -40.81 -63.23
C ASP R 74 47.26 -41.08 -62.05
N GLU R 75 47.78 -40.00 -61.47
CA GLU R 75 48.66 -40.13 -60.33
C GLU R 75 47.92 -40.80 -59.19
N GLN R 76 46.68 -40.39 -58.98
CA GLN R 76 45.82 -40.96 -57.94
C GLN R 76 45.33 -42.40 -58.10
N LEU R 77 44.96 -42.78 -59.32
CA LEU R 77 44.44 -44.11 -59.60
C LEU R 77 45.49 -44.92 -60.32
N LYS R 78 45.76 -46.10 -59.83
CA LYS R 78 46.58 -47.08 -60.43
C LYS R 78 45.90 -48.43 -60.46
N ILE R 79 46.30 -49.30 -61.34
CA ILE R 79 45.83 -50.63 -61.47
C ILE R 79 47.05 -51.51 -61.66
N ARG R 80 47.32 -52.42 -60.71
CA ARG R 80 48.36 -53.36 -60.78
C ARG R 80 47.88 -54.75 -60.92
N VAL R 81 48.27 -55.46 -61.92
CA VAL R 81 47.81 -56.84 -62.22
C VAL R 81 48.85 -57.84 -61.80
N LEU R 82 48.46 -58.93 -61.20
CA LEU R 82 49.25 -60.11 -60.95
C LEU R 82 48.66 -61.33 -61.57
N ASN R 83 49.35 -61.95 -62.51
CA ASN R 83 48.76 -63.11 -63.16
C ASN R 83 49.10 -64.35 -62.38
N ILE R 84 48.07 -64.90 -61.77
CA ILE R 84 48.19 -66.09 -60.98
C ILE R 84 46.90 -66.88 -61.10
N SER R 85 47.02 -68.13 -61.51
CA SER R 85 45.82 -68.96 -61.65
C SER R 85 45.30 -69.29 -60.30
N LYS R 86 44.03 -69.64 -60.24
CA LYS R 86 43.38 -69.99 -58.97
C LYS R 86 44.08 -71.21 -58.34
N PRO R 87 44.47 -72.26 -59.07
CA PRO R 87 45.26 -73.28 -58.50
C PRO R 87 46.59 -72.87 -57.91
N GLU R 88 47.25 -71.91 -58.55
CA GLU R 88 48.55 -71.41 -58.03
C GLU R 88 48.35 -70.57 -56.81
N LEU R 89 47.28 -69.78 -56.78
CA LEU R 89 46.99 -68.97 -55.59
C LEU R 89 46.61 -69.85 -54.43
N HIS R 90 45.75 -70.83 -54.63
CA HIS R 90 45.42 -71.76 -53.57
C HIS R 90 46.61 -72.57 -53.14
N LYS R 91 47.53 -72.85 -54.08
CA LYS R 91 48.71 -73.63 -53.72
C LYS R 91 49.64 -72.82 -52.82
N THR R 92 50.02 -71.62 -53.25
CA THR R 92 50.95 -70.81 -52.48
C THR R 92 50.35 -70.36 -51.17
N LEU R 93 49.04 -70.14 -51.15
CA LEU R 93 48.39 -69.82 -49.88
C LEU R 93 48.18 -71.05 -49.03
N LYS R 94 48.25 -72.23 -49.61
CA LYS R 94 48.20 -73.46 -48.83
C LYS R 94 49.54 -73.81 -48.22
N LYS R 95 50.64 -73.48 -48.90
CA LYS R 95 51.98 -73.71 -48.32
C LYS R 95 52.16 -73.02 -47.03
N PHE R 96 51.67 -71.81 -46.91
CA PHE R 96 51.81 -71.00 -45.67
C PHE R 96 50.43 -70.85 -45.08
N LYS R 97 50.18 -71.52 -43.99
CA LYS R 97 48.87 -71.46 -43.34
C LYS R 97 49.12 -71.55 -41.81
N GLY R 98 48.15 -71.06 -41.07
CA GLY R 98 48.37 -70.97 -39.65
C GLY R 98 49.43 -69.99 -39.26
N THR R 99 50.50 -70.37 -38.60
CA THR R 99 51.50 -69.45 -38.15
C THR R 99 52.23 -68.81 -39.32
N THR R 100 52.56 -69.64 -40.34
CA THR R 100 53.47 -69.14 -41.36
C THR R 100 52.78 -68.18 -42.32
N TRP R 101 51.49 -67.91 -42.18
CA TRP R 101 50.78 -67.06 -43.13
C TRP R 101 51.37 -65.70 -43.25
N ASP R 102 51.99 -65.19 -42.19
CA ASP R 102 52.67 -63.88 -42.24
C ASP R 102 53.76 -63.86 -43.26
N GLN R 103 54.29 -65.00 -43.67
CA GLN R 103 55.29 -65.14 -44.71
C GLN R 103 54.67 -65.87 -45.85
N SER R 104 54.42 -65.18 -46.94
CA SER R 104 53.84 -65.72 -48.18
C SER R 104 54.19 -64.84 -49.33
N PRO R 105 54.22 -65.34 -50.54
CA PRO R 105 54.50 -64.50 -51.70
C PRO R 105 53.43 -63.42 -51.84
N ILE R 106 52.19 -63.79 -51.61
CA ILE R 106 51.03 -62.93 -51.71
C ILE R 106 50.99 -61.93 -50.61
N PHE R 107 51.29 -62.35 -49.40
CA PHE R 107 51.33 -61.41 -48.27
C PHE R 107 52.53 -60.50 -48.38
N LYS R 108 53.66 -60.99 -48.84
CA LYS R 108 54.81 -60.12 -49.06
C LYS R 108 54.44 -59.00 -50.03
N LYS R 109 53.92 -59.36 -51.22
CA LYS R 109 53.57 -58.38 -52.21
C LYS R 109 52.52 -57.43 -51.73
N LEU R 110 51.45 -57.93 -51.17
CA LEU R 110 50.31 -57.09 -50.82
C LEU R 110 50.56 -56.22 -49.64
N TYR R 111 51.20 -56.77 -48.61
CA TYR R 111 51.44 -56.06 -47.35
C TYR R 111 52.80 -55.49 -47.12
N GLU R 112 53.86 -56.24 -47.40
CA GLU R 112 55.19 -55.86 -46.99
C GLU R 112 55.64 -54.78 -47.96
N GLU R 113 55.68 -55.08 -49.25
CA GLU R 113 56.26 -54.17 -50.21
C GLU R 113 55.50 -52.88 -50.41
N GLU R 114 54.30 -52.78 -49.89
CA GLU R 114 53.47 -51.61 -50.15
C GLU R 114 52.89 -51.01 -48.89
N TYR R 115 52.00 -51.71 -48.22
CA TYR R 115 51.42 -51.19 -46.99
C TYR R 115 52.38 -51.22 -45.86
N GLY R 116 53.33 -52.12 -45.86
CA GLY R 116 54.34 -52.19 -44.81
C GLY R 116 55.55 -51.39 -45.13
N GLN R 117 55.82 -51.17 -46.41
CA GLN R 117 57.02 -50.42 -46.80
C GLN R 117 56.96 -48.93 -46.47
N PHE R 118 58.11 -48.30 -46.24
CA PHE R 118 58.10 -46.87 -45.97
C PHE R 118 57.98 -46.10 -47.29
N GLY R 119 56.95 -45.28 -47.40
CA GLY R 119 56.69 -44.56 -48.62
C GLY R 119 56.20 -45.42 -49.76
N GLY R 120 55.32 -46.39 -49.47
CA GLY R 120 54.76 -47.26 -50.47
C GLY R 120 53.31 -46.93 -50.74
N GLU R 121 52.65 -47.84 -51.44
CA GLU R 121 51.24 -47.66 -51.78
C GLU R 121 50.38 -48.64 -51.00
N PRO R 122 49.50 -48.16 -50.11
CA PRO R 122 48.71 -49.07 -49.25
C PRO R 122 47.78 -50.01 -50.00
N TYR R 123 47.71 -49.93 -51.33
CA TYR R 123 47.07 -50.88 -52.23
C TYR R 123 45.55 -50.85 -52.32
N GLY R 124 44.88 -50.00 -51.54
CA GLY R 124 43.48 -49.73 -51.80
C GLY R 124 42.58 -50.96 -51.77
N CYS R 125 41.94 -51.25 -52.88
CA CYS R 125 41.05 -52.39 -53.03
C CYS R 125 41.70 -53.46 -53.92
N LEU R 126 41.30 -54.71 -53.70
CA LEU R 126 41.83 -55.85 -54.44
C LEU R 126 40.70 -56.53 -55.19
N VAL R 127 40.97 -56.99 -56.41
CA VAL R 127 39.93 -57.64 -57.19
C VAL R 127 40.35 -59.04 -57.56
N GLY R 128 39.59 -60.03 -57.11
CA GLY R 128 39.92 -61.41 -57.38
C GLY R 128 39.87 -61.99 -58.78
N ASP R 129 38.83 -61.69 -59.54
CA ASP R 129 38.60 -62.26 -60.89
C ASP R 129 38.57 -63.80 -60.89
N TYR R 130 37.97 -64.38 -59.85
CA TYR R 130 37.86 -65.82 -59.70
C TYR R 130 36.45 -66.20 -59.31
N TYR R 131 36.07 -67.45 -59.57
CA TYR R 131 34.76 -67.94 -59.23
C TYR R 131 34.87 -68.90 -58.05
N PHE R 132 34.41 -68.51 -56.88
CA PHE R 132 34.55 -69.26 -55.67
C PHE R 132 33.24 -69.97 -55.31
N ASP R 133 33.28 -71.30 -55.13
CA ASP R 133 32.18 -72.08 -54.66
C ASP R 133 32.41 -72.50 -53.22
N GLN R 134 31.51 -73.29 -52.64
CA GLN R 134 31.63 -73.74 -51.27
C GLN R 134 32.63 -74.88 -51.06
N SER R 135 33.32 -75.33 -52.10
CA SER R 135 34.27 -76.41 -51.99
C SER R 135 35.32 -76.16 -51.00
N PRO R 136 35.95 -77.21 -50.43
CA PRO R 136 37.00 -77.03 -49.41
C PRO R 136 38.13 -76.11 -49.90
N PRO R 137 38.66 -76.33 -51.14
CA PRO R 137 39.74 -75.47 -51.57
C PRO R 137 39.37 -73.98 -51.67
N ASP R 138 38.15 -73.69 -52.11
CA ASP R 138 37.73 -72.31 -52.26
C ASP R 138 37.43 -71.67 -50.89
N VAL R 139 36.99 -72.47 -49.91
CA VAL R 139 36.81 -71.96 -48.59
C VAL R 139 38.17 -71.67 -47.96
N GLU R 140 39.17 -72.48 -48.23
CA GLU R 140 40.51 -72.19 -47.77
C GLU R 140 41.06 -70.95 -48.41
N LEU R 141 40.91 -70.83 -49.72
CA LEU R 141 41.42 -69.64 -50.41
C LEU R 141 40.75 -68.38 -49.92
N LEU R 142 39.45 -68.43 -49.69
CA LEU R 142 38.76 -67.25 -49.16
C LEU R 142 39.17 -66.95 -47.74
N GLY R 143 39.42 -67.98 -46.95
CA GLY R 143 39.89 -67.74 -45.58
C GLY R 143 41.23 -67.02 -45.58
N GLU R 144 42.15 -67.51 -46.41
CA GLU R 144 43.48 -66.92 -46.44
C GLU R 144 43.45 -65.50 -47.02
N MET R 145 42.81 -65.32 -48.17
CA MET R 145 42.69 -64.00 -48.75
C MET R 145 41.94 -63.05 -47.83
N ALA R 146 41.09 -63.57 -46.95
CA ALA R 146 40.45 -62.73 -45.96
C ALA R 146 41.43 -62.34 -44.87
N LYS R 147 42.38 -63.23 -44.54
CA LYS R 147 43.44 -62.86 -43.59
C LYS R 147 44.32 -61.79 -44.17
N ILE R 148 44.83 -61.97 -45.37
CA ILE R 148 45.69 -60.98 -46.01
C ILE R 148 44.96 -59.67 -46.17
N SER R 149 43.85 -59.69 -46.88
CA SER R 149 43.07 -58.48 -47.13
C SER R 149 42.66 -57.82 -45.86
N ALA R 150 42.44 -58.57 -44.81
CA ALA R 150 42.12 -57.97 -43.50
C ALA R 150 43.31 -57.33 -42.91
N ALA R 151 44.51 -57.88 -43.11
CA ALA R 151 45.74 -57.33 -42.52
C ALA R 151 46.12 -56.05 -43.18
N MET R 152 46.01 -55.98 -44.51
CA MET R 152 46.40 -54.81 -45.29
C MET R 152 45.28 -53.81 -45.43
N HIS R 153 44.10 -54.07 -44.89
CA HIS R 153 42.93 -53.21 -45.02
C HIS R 153 42.57 -52.98 -46.47
N ALA R 154 42.48 -54.04 -47.25
CA ALA R 154 42.23 -53.97 -48.69
C ALA R 154 41.13 -54.95 -49.05
N PRO R 155 39.83 -54.52 -49.00
CA PRO R 155 38.75 -55.42 -49.32
C PRO R 155 38.95 -56.24 -50.55
N PHE R 156 38.66 -57.53 -50.48
CA PHE R 156 38.80 -58.46 -51.59
C PHE R 156 37.47 -58.58 -52.31
N ILE R 157 37.48 -58.44 -53.63
CA ILE R 157 36.29 -58.49 -54.46
C ILE R 157 36.49 -59.58 -55.51
N SER R 158 35.54 -60.47 -55.63
CA SER R 158 35.58 -61.50 -56.65
C SER R 158 34.16 -61.94 -56.97
N ALA R 159 34.01 -62.95 -57.79
CA ALA R 159 32.71 -63.41 -58.22
C ALA R 159 32.39 -64.78 -57.62
N ALA R 160 31.15 -64.98 -57.27
CA ALA R 160 30.68 -66.22 -56.70
C ALA R 160 30.22 -67.12 -57.82
N SER R 161 30.75 -68.35 -57.83
CA SER R 161 30.45 -69.29 -58.87
C SER R 161 29.00 -69.66 -58.85
N PRO R 162 28.42 -70.08 -60.01
CA PRO R 162 27.07 -70.59 -60.01
C PRO R 162 26.94 -71.89 -59.18
N THR R 163 28.03 -72.56 -58.87
CA THR R 163 28.02 -73.77 -58.11
C THR R 163 27.86 -73.56 -56.62
N VAL R 164 27.88 -72.34 -56.15
CA VAL R 164 27.63 -72.09 -54.72
C VAL R 164 26.21 -72.49 -54.39
N MET R 165 25.27 -72.26 -55.29
CA MET R 165 23.89 -72.58 -55.09
C MET R 165 23.56 -74.04 -55.45
N GLY R 166 24.55 -74.84 -55.82
CA GLY R 166 24.29 -76.16 -56.30
C GLY R 166 23.48 -76.02 -57.60
N MET R 167 24.04 -75.22 -58.51
CA MET R 167 23.32 -74.79 -59.69
C MET R 167 24.13 -74.99 -60.92
N GLY R 168 25.21 -74.25 -61.07
CA GLY R 168 26.09 -74.38 -62.23
C GLY R 168 25.65 -73.65 -63.44
N SER R 169 24.67 -72.74 -63.33
CA SER R 169 24.19 -71.99 -64.46
C SER R 169 24.14 -70.49 -64.16
N TRP R 170 23.34 -70.12 -63.13
CA TRP R 170 22.81 -68.79 -62.90
C TRP R 170 21.65 -68.55 -63.81
N GLN R 171 21.31 -69.54 -64.65
CA GLN R 171 20.08 -69.49 -65.41
C GLN R 171 18.99 -70.11 -64.57
N GLU R 172 19.35 -70.92 -63.56
CA GLU R 172 18.41 -71.59 -62.69
C GLU R 172 18.13 -70.81 -61.42
N LEU R 173 18.68 -69.61 -61.28
CA LEU R 173 18.55 -68.87 -60.03
C LEU R 173 17.11 -68.64 -59.66
N SER R 174 16.20 -68.64 -60.61
CA SER R 174 14.79 -68.44 -60.30
C SER R 174 14.09 -69.71 -59.87
N ASN R 175 14.72 -70.88 -60.03
CA ASN R 175 14.05 -72.14 -59.71
C ASN R 175 13.84 -72.32 -58.20
N PRO R 176 14.84 -72.20 -57.33
CA PRO R 176 14.64 -72.48 -55.93
C PRO R 176 13.64 -71.51 -55.27
N ARG R 177 12.85 -72.02 -54.34
CA ARG R 177 11.93 -71.23 -53.63
C ARG R 177 12.56 -70.37 -52.56
N ASP R 178 13.56 -70.90 -51.90
CA ASP R 178 14.24 -70.23 -50.78
C ASP R 178 15.72 -70.48 -50.95
N LEU R 179 16.50 -69.40 -51.07
CA LEU R 179 17.96 -69.53 -51.13
C LEU R 179 18.57 -69.73 -49.76
N THR R 180 17.96 -69.18 -48.72
CA THR R 180 18.49 -69.36 -47.36
C THR R 180 18.49 -70.79 -46.92
N LYS R 181 17.64 -71.63 -47.50
CA LYS R 181 17.63 -73.05 -47.20
C LYS R 181 18.79 -73.77 -47.83
N ILE R 182 19.36 -73.24 -48.90
CA ILE R 182 20.46 -73.92 -49.60
C ILE R 182 21.64 -74.05 -48.70
N PHE R 183 21.95 -72.99 -47.93
CA PHE R 183 23.19 -72.92 -47.15
C PHE R 183 23.08 -73.57 -45.82
N THR R 184 21.95 -74.21 -45.49
CA THR R 184 21.80 -74.90 -44.22
C THR R 184 22.47 -76.24 -44.19
N THR R 185 22.54 -76.94 -45.30
CA THR R 185 23.03 -78.32 -45.33
C THR R 185 24.43 -78.43 -44.80
N PRO R 186 24.86 -79.59 -44.34
CA PRO R 186 26.25 -79.75 -43.88
C PRO R 186 27.27 -79.62 -44.98
N GLU R 187 26.83 -79.61 -46.23
CA GLU R 187 27.75 -79.44 -47.34
C GLU R 187 28.45 -78.08 -47.22
N TYR R 188 27.70 -77.10 -46.75
CA TYR R 188 28.20 -75.74 -46.59
C TYR R 188 28.84 -75.45 -45.24
N ALA R 189 28.98 -76.46 -44.39
CA ALA R 189 29.58 -76.26 -43.07
C ALA R 189 30.82 -75.36 -43.15
N GLY R 190 31.68 -75.59 -44.11
CA GLY R 190 32.84 -74.75 -44.31
C GLY R 190 32.49 -73.32 -44.70
N TRP R 191 31.46 -73.18 -45.54
CA TRP R 191 31.01 -71.86 -45.94
C TRP R 191 30.47 -71.08 -44.77
N ARG R 192 29.55 -71.66 -44.01
CA ARG R 192 29.02 -71.01 -42.84
C ARG R 192 30.10 -70.67 -41.87
N SER R 193 31.07 -71.58 -41.68
CA SER R 193 32.18 -71.27 -40.78
C SER R 193 32.99 -70.13 -41.29
N LEU R 194 33.05 -69.95 -42.60
CA LEU R 194 33.76 -68.79 -43.18
C LEU R 194 33.02 -67.52 -42.96
N ARG R 195 31.72 -67.49 -43.22
CA ARG R 195 30.93 -66.27 -43.06
C ARG R 195 30.89 -65.83 -41.62
N GLU R 196 30.94 -66.76 -40.66
CA GLU R 196 30.92 -66.38 -39.25
C GLU R 196 32.22 -65.69 -38.85
N SER R 197 33.32 -65.87 -39.62
CA SER R 197 34.58 -65.27 -39.28
C SER R 197 34.54 -63.79 -39.25
N GLU R 198 35.45 -63.18 -38.49
CA GLU R 198 35.51 -61.73 -38.42
C GLU R 198 36.35 -61.12 -39.54
N ASP R 199 37.11 -61.96 -40.24
CA ASP R 199 37.96 -61.50 -41.33
C ASP R 199 37.26 -61.58 -42.69
N SER R 200 36.06 -62.12 -42.71
CA SER R 200 35.32 -62.29 -43.94
C SER R 200 34.59 -61.07 -44.39
N ARG R 201 34.45 -60.05 -43.56
CA ARG R 201 33.86 -58.80 -43.96
C ARG R 201 34.67 -58.09 -45.01
N TYR R 202 35.89 -58.55 -45.31
CA TYR R 202 36.73 -58.00 -46.34
C TYR R 202 36.56 -58.70 -47.66
N ILE R 203 35.58 -59.58 -47.76
CA ILE R 203 35.38 -60.24 -49.03
C ILE R 203 33.99 -60.06 -49.60
N GLY R 204 33.90 -59.37 -50.73
CA GLY R 204 32.66 -59.25 -51.47
C GLY R 204 32.60 -60.30 -52.56
N LEU R 205 31.38 -60.65 -52.97
CA LEU R 205 31.17 -61.62 -54.04
C LEU R 205 30.03 -61.12 -54.93
N THR R 206 30.30 -60.97 -56.22
CA THR R 206 29.28 -60.56 -57.18
C THR R 206 28.96 -61.77 -58.07
N MET R 207 27.78 -62.37 -57.85
CA MET R 207 27.49 -63.65 -58.50
C MET R 207 27.31 -63.54 -60.00
N PRO R 208 26.33 -62.77 -60.48
CA PRO R 208 26.12 -62.68 -61.93
C PRO R 208 27.26 -61.98 -62.68
N ARG R 209 27.64 -62.48 -63.85
CA ARG R 209 28.69 -61.84 -64.62
C ARG R 209 28.08 -61.19 -65.86
N PHE R 210 28.44 -59.93 -66.05
CA PHE R 210 27.90 -59.16 -67.15
C PHE R 210 28.47 -59.55 -68.48
N LEU R 211 27.79 -59.20 -69.53
CA LEU R 211 28.19 -59.55 -70.89
C LEU R 211 29.36 -58.70 -71.34
N ALA R 212 30.41 -59.34 -71.83
CA ALA R 212 31.64 -58.64 -72.19
C ALA R 212 31.53 -57.91 -73.48
N ARG R 213 31.06 -58.53 -74.54
CA ARG R 213 30.98 -57.92 -75.88
C ARG R 213 29.76 -58.41 -76.60
N LEU R 214 29.36 -57.67 -77.59
CA LEU R 214 28.21 -58.02 -78.42
C LEU R 214 28.62 -59.05 -79.47
N PRO R 215 27.80 -60.09 -79.68
CA PRO R 215 28.18 -61.15 -80.61
C PRO R 215 28.42 -60.66 -82.01
N TYR R 216 29.52 -61.10 -82.60
CA TYR R 216 29.86 -60.70 -83.99
C TYR R 216 28.83 -61.15 -84.96
N GLY R 217 28.61 -60.35 -85.98
CA GLY R 217 27.55 -60.65 -86.97
C GLY R 217 27.28 -59.43 -87.79
N ALA R 218 26.58 -59.61 -88.91
CA ALA R 218 26.33 -58.48 -89.78
C ALA R 218 25.48 -57.42 -89.10
N LYS R 219 24.42 -57.87 -88.41
CA LYS R 219 23.53 -56.96 -87.72
C LYS R 219 24.22 -56.25 -86.57
N THR R 220 25.03 -56.99 -85.82
CA THR R 220 25.74 -56.44 -84.68
C THR R 220 27.24 -56.72 -84.73
N ASP R 221 28.04 -55.68 -84.55
CA ASP R 221 29.49 -55.82 -84.50
C ASP R 221 30.13 -56.56 -85.68
N PRO R 222 29.82 -56.17 -86.91
CA PRO R 222 30.38 -56.85 -88.08
C PRO R 222 31.91 -56.84 -88.06
N VAL R 223 32.51 -57.97 -88.40
CA VAL R 223 33.96 -58.15 -88.37
C VAL R 223 34.66 -57.34 -89.45
N GLU R 224 34.06 -57.34 -90.64
CA GLU R 224 34.51 -56.62 -91.86
C GLU R 224 35.74 -57.20 -92.56
N GLU R 225 36.19 -58.37 -92.11
CA GLU R 225 37.32 -59.04 -92.74
C GLU R 225 36.78 -60.04 -93.74
N PHE R 226 35.75 -60.75 -93.31
CA PHE R 226 35.03 -61.74 -94.11
C PHE R 226 33.61 -61.89 -93.54
N ALA R 227 32.67 -62.37 -94.33
CA ALA R 227 31.31 -62.50 -93.80
C ALA R 227 31.31 -63.48 -92.65
N PHE R 228 30.98 -63.04 -91.44
CA PHE R 228 31.02 -63.92 -90.28
C PHE R 228 29.77 -63.96 -89.40
N GLU R 229 29.37 -65.17 -89.01
CA GLU R 229 28.23 -65.38 -88.12
C GLU R 229 28.72 -66.06 -86.86
N GLU R 230 28.31 -65.55 -85.70
CA GLU R 230 28.74 -66.10 -84.43
C GLU R 230 27.78 -67.14 -83.87
N GLU R 231 26.77 -67.56 -84.64
CA GLU R 231 25.74 -68.45 -84.13
C GLU R 231 25.05 -67.77 -82.96
N THR R 232 25.29 -68.28 -81.74
CA THR R 232 24.78 -67.71 -80.49
C THR R 232 23.27 -67.47 -80.55
N ASP R 233 22.55 -68.54 -80.85
CA ASP R 233 21.10 -68.51 -80.79
C ASP R 233 20.65 -68.27 -79.35
N GLY R 234 19.38 -67.86 -79.21
CA GLY R 234 18.88 -67.30 -77.97
C GLY R 234 19.22 -68.05 -76.70
N ALA R 235 19.73 -67.30 -75.72
CA ALA R 235 20.13 -67.81 -74.41
C ALA R 235 21.16 -68.93 -74.50
N ASP R 236 21.01 -69.93 -73.63
CA ASP R 236 21.90 -71.08 -73.47
C ASP R 236 23.22 -70.67 -72.80
N SER R 237 23.52 -69.37 -72.82
CA SER R 237 24.57 -68.71 -72.04
C SER R 237 25.98 -69.19 -72.36
N SER R 238 26.15 -70.29 -73.09
CA SER R 238 27.47 -70.82 -73.39
C SER R 238 28.12 -70.16 -74.60
N LYS R 239 27.33 -69.57 -75.50
CA LYS R 239 27.86 -68.94 -76.69
C LYS R 239 28.38 -67.54 -76.45
N TYR R 240 27.75 -66.80 -75.53
CA TYR R 240 28.14 -65.42 -75.23
C TYR R 240 29.44 -65.24 -74.45
N ALA R 241 30.11 -64.11 -74.65
CA ALA R 241 31.32 -63.80 -73.92
C ALA R 241 31.02 -63.07 -72.65
N TRP R 242 31.22 -63.70 -71.51
CA TRP R 242 30.82 -63.21 -70.22
C TRP R 242 32.02 -62.73 -69.44
N ALA R 243 32.09 -61.43 -69.15
CA ALA R 243 33.11 -60.87 -68.33
C ALA R 243 32.73 -60.96 -66.87
N ASN R 244 33.73 -61.19 -66.01
CA ASN R 244 33.49 -61.23 -64.57
C ASN R 244 32.94 -59.97 -64.08
N SER R 245 31.97 -60.03 -63.19
CA SER R 245 31.34 -58.81 -62.67
C SER R 245 32.07 -58.26 -61.48
N ALA R 246 33.12 -58.89 -61.00
CA ALA R 246 34.02 -58.23 -60.07
C ALA R 246 34.61 -57.02 -60.69
N TYR R 247 34.76 -56.98 -62.00
CA TYR R 247 35.33 -55.83 -62.71
C TYR R 247 34.37 -54.70 -62.80
N ALA R 248 33.10 -54.96 -62.89
CA ALA R 248 32.09 -53.85 -62.84
C ALA R 248 32.06 -53.23 -61.50
N MET R 249 32.14 -54.03 -60.45
CA MET R 249 32.27 -53.49 -59.08
C MET R 249 33.54 -52.72 -58.98
N ALA R 250 34.63 -53.22 -59.56
CA ALA R 250 35.93 -52.52 -59.52
C ALA R 250 35.83 -51.20 -60.19
N VAL R 251 35.29 -51.13 -61.39
CA VAL R 251 35.05 -49.86 -62.11
C VAL R 251 34.23 -48.95 -61.28
N ASN R 252 33.27 -49.46 -60.53
CA ASN R 252 32.47 -48.61 -59.64
C ASN R 252 33.30 -48.06 -58.52
N ILE R 253 34.24 -48.84 -58.01
CA ILE R 253 35.10 -48.39 -56.90
C ILE R 253 36.05 -47.30 -57.41
N ASN R 254 36.73 -47.55 -58.52
CA ASN R 254 37.60 -46.56 -59.11
C ASN R 254 36.85 -45.31 -59.47
N ARG R 255 35.66 -45.42 -60.01
CA ARG R 255 34.83 -44.25 -60.29
C ARG R 255 34.52 -43.49 -59.07
N SER R 256 34.08 -44.18 -58.03
CA SER R 256 33.74 -43.52 -56.75
C SER R 256 34.93 -42.76 -56.22
N PHE R 257 36.13 -43.35 -56.27
CA PHE R 257 37.30 -42.67 -55.79
C PHE R 257 37.63 -41.48 -56.64
N LYS R 258 37.68 -41.65 -57.97
CA LYS R 258 38.01 -40.54 -58.87
C LYS R 258 37.14 -39.38 -58.64
N LEU R 259 35.81 -39.57 -58.59
CA LEU R 259 34.90 -38.46 -58.41
C LEU R 259 34.95 -37.88 -57.02
N TYR R 260 34.70 -38.70 -56.02
CA TYR R 260 34.46 -38.23 -54.65
C TYR R 260 35.67 -38.34 -53.74
N GLY R 261 36.77 -38.89 -54.22
CA GLY R 261 37.92 -39.12 -53.36
C GLY R 261 37.81 -40.28 -52.44
N TRP R 262 36.66 -40.88 -52.31
CA TRP R 262 36.41 -42.04 -51.44
C TRP R 262 35.62 -43.07 -52.19
N CYS R 263 35.72 -44.30 -51.69
CA CYS R 263 34.97 -45.42 -52.24
C CYS R 263 33.61 -45.57 -51.57
N SER R 264 33.18 -44.53 -50.87
CA SER R 264 31.94 -44.62 -50.10
C SER R 264 30.71 -44.95 -50.93
N ARG R 265 30.54 -44.34 -52.09
CA ARG R 265 29.37 -44.70 -52.90
C ARG R 265 29.74 -45.55 -54.09
N ILE R 266 29.56 -46.85 -53.93
CA ILE R 266 29.83 -47.83 -54.96
C ILE R 266 28.60 -48.68 -55.21
N ARG R 267 27.48 -48.27 -54.62
CA ARG R 267 26.25 -49.05 -54.74
C ARG R 267 25.06 -48.21 -55.17
N GLY R 268 23.88 -48.80 -55.21
CA GLY R 268 22.66 -48.09 -55.52
C GLY R 268 22.47 -47.84 -56.99
N VAL R 269 21.23 -47.61 -57.41
CA VAL R 269 20.93 -47.31 -58.79
C VAL R 269 21.43 -45.90 -59.14
N GLU R 270 20.96 -44.91 -58.39
CA GLU R 270 21.34 -43.51 -58.62
C GLU R 270 22.46 -43.00 -57.70
N SER R 271 22.96 -43.87 -56.82
CA SER R 271 24.01 -43.48 -55.89
C SER R 271 25.38 -43.86 -56.34
N GLY R 272 25.54 -44.31 -57.57
CA GLY R 272 26.85 -44.62 -58.13
C GLY R 272 27.18 -46.08 -58.28
N GLY R 273 26.24 -46.97 -58.11
CA GLY R 273 26.48 -48.37 -58.33
C GLY R 273 25.97 -48.85 -59.67
N GLU R 274 25.82 -47.95 -60.63
CA GLU R 274 25.27 -48.27 -61.93
C GLU R 274 26.32 -48.80 -62.88
N VAL R 275 25.97 -49.81 -63.64
CA VAL R 275 26.81 -50.36 -64.70
C VAL R 275 26.06 -50.09 -66.03
N GLN R 276 26.57 -49.14 -66.81
CA GLN R 276 25.88 -48.68 -67.98
C GLN R 276 26.49 -49.21 -69.26
N GLY R 277 25.86 -48.93 -70.38
CA GLY R 277 26.44 -49.26 -71.67
C GLY R 277 26.61 -50.75 -71.89
N LEU R 278 25.90 -51.59 -71.20
CA LEU R 278 26.03 -53.02 -71.35
C LEU R 278 25.60 -53.44 -72.72
N PRO R 279 26.30 -54.37 -73.36
CA PRO R 279 25.88 -54.86 -74.68
C PRO R 279 24.52 -55.47 -74.63
N ALA R 280 23.62 -55.00 -75.50
CA ALA R 280 22.24 -55.50 -75.55
C ALA R 280 22.10 -56.22 -76.88
N HIS R 281 22.01 -57.56 -76.87
CA HIS R 281 21.88 -58.36 -78.08
C HIS R 281 20.41 -58.66 -78.29
N THR R 282 19.84 -58.08 -79.34
CA THR R 282 18.41 -58.25 -79.65
C THR R 282 18.27 -59.25 -80.80
N PHE R 283 17.52 -60.31 -80.55
CA PHE R 283 17.26 -61.32 -81.57
C PHE R 283 15.76 -61.50 -81.74
N PRO R 284 15.30 -61.73 -82.97
CA PRO R 284 13.86 -61.91 -83.18
C PRO R 284 13.37 -63.24 -82.64
N THR R 285 12.14 -63.24 -82.12
CA THR R 285 11.50 -64.45 -81.65
C THR R 285 10.13 -64.59 -82.32
N ASP R 286 9.35 -65.58 -81.90
CA ASP R 286 8.06 -65.83 -82.52
C ASP R 286 7.11 -64.65 -82.29
N ASP R 287 6.10 -64.56 -83.16
CA ASP R 287 5.09 -63.51 -83.10
C ASP R 287 5.71 -62.12 -83.23
N GLY R 288 5.49 -61.28 -82.22
CA GLY R 288 5.97 -59.90 -82.29
C GLY R 288 7.48 -59.80 -82.37
N GLY R 289 8.19 -60.78 -81.82
CA GLY R 289 9.63 -60.76 -81.84
C GLY R 289 10.21 -59.68 -80.96
N VAL R 290 11.47 -59.36 -81.24
CA VAL R 290 12.21 -58.29 -80.58
C VAL R 290 12.26 -58.53 -79.07
N ASP R 291 13.05 -59.52 -78.66
CA ASP R 291 13.41 -59.73 -77.26
C ASP R 291 14.92 -59.83 -77.17
N MET R 292 15.51 -59.15 -76.18
CA MET R 292 16.95 -59.04 -76.09
C MET R 292 17.52 -59.94 -75.00
N LYS R 293 18.72 -60.44 -75.25
CA LYS R 293 19.43 -61.22 -74.24
C LYS R 293 19.78 -60.33 -73.06
N CYS R 294 19.52 -60.83 -71.86
CA CYS R 294 19.80 -60.06 -70.65
C CYS R 294 21.30 -59.87 -70.51
N PRO R 295 21.79 -58.64 -70.25
CA PRO R 295 23.24 -58.40 -70.16
C PRO R 295 23.90 -59.15 -69.00
N THR R 296 23.30 -59.09 -67.80
CA THR R 296 23.67 -60.02 -66.77
C THR R 296 22.94 -61.35 -67.02
N GLU R 297 23.50 -62.45 -66.55
CA GLU R 297 23.07 -63.76 -67.00
C GLU R 297 21.62 -64.00 -66.80
N ILE R 298 21.01 -63.41 -65.76
CA ILE R 298 19.58 -63.63 -65.50
C ILE R 298 19.07 -62.43 -64.73
N ALA R 299 17.77 -62.19 -64.86
CA ALA R 299 17.08 -61.14 -64.15
C ALA R 299 16.80 -61.54 -62.75
N ILE R 300 17.09 -60.66 -61.80
CA ILE R 300 16.95 -60.99 -60.36
C ILE R 300 15.84 -60.04 -59.86
N SER R 301 14.78 -60.63 -59.32
CA SER R 301 13.76 -59.85 -58.68
C SER R 301 14.17 -59.25 -57.38
N ASP R 302 13.49 -58.23 -56.91
CA ASP R 302 13.82 -57.58 -55.66
C ASP R 302 13.86 -58.56 -54.50
N ARG R 303 12.97 -59.56 -54.54
CA ARG R 303 12.95 -60.61 -53.50
C ARG R 303 14.21 -61.49 -53.57
N ARG R 304 14.57 -61.93 -54.78
CA ARG R 304 15.83 -62.64 -54.99
C ARG R 304 17.00 -61.75 -54.62
N GLU R 305 16.95 -60.48 -54.94
CA GLU R 305 18.05 -59.58 -54.62
C GLU R 305 18.27 -59.50 -53.13
N ALA R 306 17.24 -59.19 -52.38
CA ALA R 306 17.38 -59.11 -50.93
C ALA R 306 17.78 -60.43 -50.35
N GLU R 307 17.30 -61.51 -50.92
CA GLU R 307 17.63 -62.86 -50.41
C GLU R 307 19.07 -63.22 -50.69
N LEU R 308 19.66 -62.68 -51.73
CA LEU R 308 21.08 -62.89 -52.00
C LEU R 308 21.93 -61.96 -51.14
N ALA R 309 21.50 -60.73 -50.94
CA ALA R 309 22.23 -59.83 -50.08
C ALA R 309 22.19 -60.27 -48.64
N LYS R 310 21.19 -61.04 -48.25
CA LYS R 310 21.19 -61.65 -46.92
C LYS R 310 22.18 -62.74 -46.80
N ASN R 311 22.49 -63.42 -47.88
CA ASN R 311 23.45 -64.54 -47.92
C ASN R 311 24.84 -64.09 -48.20
N GLY R 312 25.10 -62.79 -48.22
CA GLY R 312 26.45 -62.28 -48.38
C GLY R 312 26.94 -62.30 -49.81
N PHE R 313 26.10 -61.87 -50.76
CA PHE R 313 26.47 -61.72 -52.14
C PHE R 313 26.21 -60.28 -52.54
N MET R 314 26.80 -59.89 -53.67
CA MET R 314 26.59 -58.59 -54.26
C MET R 314 25.97 -58.82 -55.63
N PRO R 315 24.64 -58.91 -55.72
CA PRO R 315 24.04 -59.20 -57.00
C PRO R 315 24.16 -58.04 -57.95
N LEU R 316 24.44 -58.30 -59.21
CA LEU R 316 24.31 -57.32 -60.26
C LEU R 316 23.03 -57.62 -60.99
N LEU R 317 22.02 -56.80 -60.80
CA LEU R 317 20.72 -57.03 -61.42
C LEU R 317 20.50 -56.09 -62.54
N HIS R 318 19.91 -56.62 -63.61
CA HIS R 318 19.70 -55.86 -64.83
C HIS R 318 18.31 -55.25 -64.93
N LYS R 319 18.25 -53.95 -65.20
CA LYS R 319 16.97 -53.25 -65.33
C LYS R 319 16.29 -53.79 -66.56
N LYS R 320 14.99 -54.08 -66.47
CA LYS R 320 14.26 -54.65 -67.59
C LYS R 320 14.15 -53.75 -68.83
N ASN R 321 14.31 -54.36 -70.01
CA ASN R 321 14.18 -53.64 -71.28
C ASN R 321 15.13 -52.49 -71.48
N THR R 322 16.30 -52.54 -70.84
CA THR R 322 17.30 -51.49 -70.92
C THR R 322 18.69 -52.12 -70.77
N ASP R 323 19.69 -51.45 -71.30
CA ASP R 323 21.04 -51.90 -71.15
C ASP R 323 21.64 -51.51 -69.78
N PHE R 324 20.94 -50.75 -69.00
CA PHE R 324 21.35 -50.35 -67.67
C PHE R 324 21.34 -51.53 -66.73
N ALA R 325 22.21 -51.48 -65.73
CA ALA R 325 22.25 -52.48 -64.63
C ALA R 325 22.91 -51.85 -63.45
N ALA R 326 22.70 -52.40 -62.26
CA ALA R 326 23.19 -51.76 -61.06
C ALA R 326 23.43 -52.76 -59.96
N PHE R 327 24.24 -52.37 -58.99
CA PHE R 327 24.41 -53.04 -57.70
C PHE R 327 23.55 -52.35 -56.69
N ILE R 328 22.50 -53.03 -56.21
CA ILE R 328 21.56 -52.41 -55.28
C ILE R 328 22.21 -52.19 -53.94
N GLY R 329 23.02 -53.13 -53.50
CA GLY R 329 23.73 -52.99 -52.23
C GLY R 329 24.99 -53.81 -52.30
N ALA R 330 25.96 -53.36 -51.47
CA ALA R 330 27.26 -54.06 -51.35
C ALA R 330 27.31 -54.63 -49.96
N GLN R 331 27.20 -55.95 -49.85
CA GLN R 331 27.25 -56.66 -48.58
C GLN R 331 28.40 -57.62 -48.65
N SER R 332 29.28 -57.58 -47.67
CA SER R 332 30.43 -58.47 -47.67
C SER R 332 30.01 -59.89 -47.38
N LEU R 333 30.93 -60.82 -47.38
CA LEU R 333 30.63 -62.21 -47.13
C LEU R 333 30.26 -62.46 -45.71
N GLN R 334 30.63 -61.56 -44.82
CA GLN R 334 30.35 -61.79 -43.41
C GLN R 334 28.89 -61.67 -42.99
N LYS R 335 28.44 -62.67 -42.25
CA LYS R 335 27.09 -62.67 -41.68
C LYS R 335 27.14 -61.95 -40.36
N PRO R 336 26.62 -60.74 -40.25
CA PRO R 336 26.72 -60.00 -38.99
C PRO R 336 25.94 -60.65 -37.87
N ALA R 337 26.52 -60.83 -36.73
CA ALA R 337 25.86 -61.50 -35.63
C ALA R 337 24.92 -60.57 -34.90
N GLU R 338 23.79 -61.11 -34.45
CA GLU R 338 22.82 -60.34 -33.68
C GLU R 338 23.32 -60.15 -32.24
N TYR R 339 22.90 -59.06 -31.59
CA TYR R 339 23.29 -58.79 -30.22
C TYR R 339 22.09 -58.35 -29.43
N ASP R 340 22.23 -58.34 -28.10
CA ASP R 340 21.17 -57.88 -27.24
C ASP R 340 20.87 -56.41 -27.47
N ASP R 341 21.88 -55.57 -27.32
CA ASP R 341 21.70 -54.15 -27.49
C ASP R 341 21.52 -53.83 -28.97
N PRO R 342 20.51 -53.06 -29.36
CA PRO R 342 20.34 -52.71 -30.76
C PRO R 342 21.51 -51.88 -31.29
N ASP R 343 22.21 -51.15 -30.42
CA ASP R 343 23.36 -50.39 -30.88
C ASP R 343 24.51 -51.29 -31.28
N ALA R 344 24.75 -52.35 -30.53
CA ALA R 344 25.76 -53.34 -30.89
C ALA R 344 25.39 -54.07 -32.14
N THR R 345 24.11 -54.32 -32.36
CA THR R 345 23.65 -54.96 -33.59
C THR R 345 23.86 -54.02 -34.76
N ALA R 346 23.62 -52.72 -34.56
CA ALA R 346 23.87 -51.76 -35.61
C ALA R 346 25.33 -51.72 -35.99
N ASN R 347 26.21 -51.58 -34.99
CA ASN R 347 27.63 -51.59 -35.26
C ASN R 347 28.08 -52.87 -35.89
N ALA R 348 27.43 -53.98 -35.57
CA ALA R 348 27.78 -55.25 -36.19
C ALA R 348 27.31 -55.34 -37.61
N ASN R 349 26.21 -54.62 -37.96
CA ASN R 349 25.75 -54.62 -39.34
C ASN R 349 26.57 -53.68 -40.22
N LEU R 350 27.02 -52.56 -39.67
CA LEU R 350 27.80 -51.60 -40.44
C LEU R 350 29.10 -52.22 -40.93
N ALA R 351 29.73 -53.03 -40.08
CA ALA R 351 30.98 -53.64 -40.41
C ALA R 351 30.87 -54.62 -41.56
N ALA R 352 29.68 -55.18 -41.80
CA ALA R 352 29.52 -56.16 -42.87
C ALA R 352 29.30 -55.55 -44.22
N ARG R 353 29.20 -54.23 -44.33
CA ARG R 353 28.87 -53.54 -45.58
C ARG R 353 30.14 -52.89 -46.13
N LEU R 354 30.50 -53.21 -47.36
CA LEU R 354 31.67 -52.71 -48.01
C LEU R 354 31.74 -51.19 -48.10
N PRO R 355 30.62 -50.46 -48.38
CA PRO R 355 30.70 -49.02 -48.47
C PRO R 355 31.38 -48.36 -47.27
N TYR R 356 31.16 -48.90 -46.06
CA TYR R 356 31.79 -48.37 -44.89
C TYR R 356 33.22 -48.89 -44.71
N LEU R 357 33.44 -50.17 -44.97
CA LEU R 357 34.77 -50.74 -44.82
C LEU R 357 35.77 -50.06 -45.74
N PHE R 358 35.33 -49.54 -46.87
CA PHE R 358 36.23 -48.76 -47.70
C PHE R 358 36.63 -47.49 -47.02
N ALA R 359 35.70 -46.87 -46.30
CA ALA R 359 36.01 -45.66 -45.56
C ALA R 359 37.06 -45.95 -44.48
N THR R 360 36.79 -46.94 -43.62
CA THR R 360 37.72 -47.23 -42.55
C THR R 360 39.07 -47.73 -43.07
N CYS R 361 39.06 -48.46 -44.15
CA CYS R 361 40.33 -48.88 -44.77
C CYS R 361 41.12 -47.67 -45.25
N ARG R 362 40.45 -46.71 -45.88
CA ARG R 362 41.13 -45.51 -46.31
C ARG R 362 41.72 -44.75 -45.15
N PHE R 363 40.97 -44.62 -44.05
CA PHE R 363 41.51 -43.99 -42.85
C PHE R 363 42.68 -44.78 -42.29
N ALA R 364 42.71 -46.09 -42.48
CA ALA R 364 43.85 -46.87 -42.05
C ALA R 364 45.08 -46.55 -42.86
N HIS R 365 44.92 -46.39 -44.17
CA HIS R 365 46.04 -46.01 -45.02
C HIS R 365 46.56 -44.65 -44.62
N TYR R 366 45.68 -43.65 -44.55
CA TYR R 366 46.09 -42.33 -44.16
C TYR R 366 46.81 -42.33 -42.84
N LEU R 367 46.21 -42.94 -41.83
CA LEU R 367 46.79 -42.95 -40.47
C LEU R 367 48.13 -43.61 -40.48
N LYS R 368 48.27 -44.69 -41.23
CA LYS R 368 49.57 -45.39 -41.33
C LYS R 368 50.63 -44.44 -41.86
N CYS R 369 50.38 -43.78 -42.96
CA CYS R 369 51.39 -42.93 -43.57
C CYS R 369 51.71 -41.73 -42.69
N ILE R 370 50.67 -41.02 -42.20
CA ILE R 370 50.91 -39.79 -41.49
C ILE R 370 51.55 -40.05 -40.14
N VAL R 371 51.14 -41.10 -39.44
CA VAL R 371 51.76 -41.42 -38.16
C VAL R 371 53.16 -41.92 -38.37
N ARG R 372 53.37 -42.74 -39.38
CA ARG R 372 54.73 -43.20 -39.70
C ARG R 372 55.65 -42.04 -39.97
N ASP R 373 55.15 -40.96 -40.57
CA ASP R 373 55.96 -39.77 -40.76
C ASP R 373 56.08 -38.93 -39.50
N LYS R 374 55.16 -39.07 -38.55
CA LYS R 374 55.20 -38.30 -37.31
C LYS R 374 56.03 -38.98 -36.22
N ILE R 375 56.60 -40.16 -36.48
CA ILE R 375 57.42 -40.84 -35.50
C ILE R 375 58.69 -40.05 -35.27
N GLY R 376 58.99 -39.76 -33.97
CA GLY R 376 60.15 -38.98 -33.67
C GLY R 376 59.91 -37.54 -33.31
N SER R 377 58.70 -37.09 -33.40
CA SER R 377 58.31 -35.73 -32.99
C SER R 377 57.88 -35.69 -31.55
N PHE R 378 58.17 -34.63 -30.86
CA PHE R 378 57.83 -34.51 -29.45
C PHE R 378 56.34 -34.53 -29.24
N LYS R 379 55.85 -35.51 -28.50
CA LYS R 379 54.42 -35.76 -28.35
C LYS R 379 54.15 -36.27 -26.94
N GLU R 380 53.14 -35.67 -26.31
CA GLU R 380 52.57 -36.17 -25.08
C GLU R 380 51.22 -36.80 -25.37
N LYS R 381 50.55 -37.31 -24.33
CA LYS R 381 49.22 -37.84 -24.52
C LYS R 381 48.28 -36.73 -25.02
N ASP R 382 48.40 -35.53 -24.44
CA ASP R 382 47.56 -34.43 -24.86
C ASP R 382 47.91 -33.96 -26.28
N GLU R 383 49.21 -33.97 -26.61
CA GLU R 383 49.61 -33.58 -27.95
C GLU R 383 49.06 -34.56 -28.99
N MET R 384 49.18 -35.85 -28.74
CA MET R 384 48.59 -36.84 -29.64
C MET R 384 47.07 -36.72 -29.69
N GLN R 385 46.45 -36.38 -28.57
CA GLN R 385 44.99 -36.18 -28.57
C GLN R 385 44.60 -35.05 -29.48
N ARG R 386 45.32 -33.93 -29.43
CA ARG R 386 44.98 -32.78 -30.26
C ARG R 386 45.30 -33.04 -31.71
N TRP R 387 46.39 -33.76 -31.98
CA TRP R 387 46.78 -33.98 -33.37
C TRP R 387 45.89 -34.99 -34.05
N LEU R 388 45.55 -36.06 -33.37
CA LEU R 388 44.62 -37.06 -33.93
C LEU R 388 43.20 -36.54 -33.96
N GLN R 389 42.78 -35.85 -32.90
CA GLN R 389 41.44 -35.28 -32.85
C GLN R 389 41.24 -34.25 -33.93
N ASP R 390 42.22 -33.39 -34.15
CA ASP R 390 42.11 -32.39 -35.19
C ASP R 390 42.46 -32.93 -36.56
N TRP R 391 43.12 -34.09 -36.65
CA TRP R 391 43.35 -34.68 -37.95
C TRP R 391 42.14 -35.38 -38.48
N ILE R 392 41.45 -36.15 -37.63
CA ILE R 392 40.25 -36.87 -38.07
C ILE R 392 39.11 -35.93 -38.33
N LEU R 393 39.19 -34.68 -37.80
CA LEU R 393 38.03 -33.78 -37.82
C LEU R 393 37.92 -33.00 -39.09
N ASN R 394 38.88 -33.11 -40.02
CA ASN R 394 38.75 -32.44 -41.30
C ASN R 394 38.09 -33.32 -42.33
N TYR R 395 37.84 -34.60 -42.03
CA TYR R 395 37.01 -35.46 -42.87
C TYR R 395 35.57 -35.52 -42.40
N VAL R 396 35.21 -34.72 -41.39
CA VAL R 396 33.86 -34.69 -40.84
C VAL R 396 33.28 -33.32 -41.13
N ASP R 397 32.03 -33.32 -41.63
CA ASP R 397 31.32 -32.03 -41.86
C ASP R 397 30.29 -31.84 -40.74
N GLY R 398 30.58 -30.95 -39.82
CA GLY R 398 29.79 -30.84 -38.59
C GLY R 398 28.51 -30.02 -38.75
N ASP R 399 28.68 -28.80 -39.24
CA ASP R 399 27.55 -27.88 -39.45
C ASP R 399 26.52 -28.31 -40.52
N PRO R 400 27.00 -28.88 -41.62
CA PRO R 400 26.13 -29.24 -42.75
C PRO R 400 25.63 -30.68 -42.80
N ALA R 401 25.83 -31.46 -41.74
CA ALA R 401 25.38 -32.85 -41.74
C ALA R 401 23.96 -33.14 -42.26
N HIS R 402 22.95 -32.36 -41.88
CA HIS R 402 21.62 -32.65 -42.42
C HIS R 402 21.44 -32.10 -43.84
N SER R 403 22.02 -30.93 -44.11
CA SER R 403 21.86 -30.30 -45.43
C SER R 403 23.20 -30.31 -46.15
N THR R 404 23.33 -31.29 -47.05
CA THR R 404 24.50 -31.46 -47.93
C THR R 404 24.15 -32.51 -49.02
N GLU R 405 24.91 -32.55 -50.12
CA GLU R 405 24.56 -33.60 -51.10
C GLU R 405 25.79 -34.41 -51.52
N THR R 406 26.72 -33.78 -52.24
CA THR R 406 27.95 -34.42 -52.66
C THR R 406 28.99 -34.43 -51.56
N THR R 407 28.98 -33.43 -50.64
CA THR R 407 30.04 -33.41 -49.62
C THR R 407 29.88 -34.59 -48.66
N LYS R 408 28.65 -35.11 -48.50
CA LYS R 408 28.49 -36.30 -47.70
C LYS R 408 29.24 -37.49 -48.28
N ALA R 409 29.43 -37.50 -49.60
CA ALA R 409 30.27 -38.50 -50.23
C ALA R 409 31.74 -38.18 -50.08
N GLN R 410 32.09 -36.88 -50.09
CA GLN R 410 33.49 -36.51 -49.95
C GLN R 410 33.94 -36.55 -48.50
N HIS R 411 33.04 -36.19 -47.56
CA HIS R 411 33.34 -36.38 -46.15
C HIS R 411 32.60 -37.61 -45.67
N PRO R 412 33.27 -38.76 -45.51
CA PRO R 412 32.54 -40.01 -45.25
C PRO R 412 31.97 -40.09 -43.82
N LEU R 413 32.42 -39.25 -42.88
CA LEU R 413 32.06 -39.39 -41.50
C LEU R 413 31.11 -38.29 -41.06
N ALA R 414 30.04 -38.67 -40.37
CA ALA R 414 29.17 -37.71 -39.75
C ALA R 414 29.73 -37.19 -38.43
N ALA R 415 30.55 -37.99 -37.74
CA ALA R 415 31.18 -37.56 -36.51
C ALA R 415 32.40 -38.44 -36.25
N ALA R 416 33.28 -37.99 -35.39
CA ALA R 416 34.52 -38.70 -35.07
C ALA R 416 34.90 -38.49 -33.64
N GLU R 417 35.38 -39.53 -32.99
CA GLU R 417 35.74 -39.47 -31.56
C GLU R 417 36.99 -40.29 -31.37
N VAL R 418 37.94 -39.70 -30.66
CA VAL R 418 39.29 -40.30 -30.48
C VAL R 418 39.50 -40.41 -28.95
N VAL R 419 39.92 -41.60 -28.52
CA VAL R 419 40.34 -41.82 -27.15
C VAL R 419 41.78 -42.29 -27.20
N VAL R 420 42.69 -41.50 -26.65
CA VAL R 420 44.13 -41.78 -26.67
C VAL R 420 44.49 -42.24 -25.24
N GLU R 421 45.33 -43.28 -25.17
CA GLU R 421 45.81 -43.80 -23.90
C GLU R 421 47.28 -44.12 -24.05
N GLU R 422 48.09 -43.64 -23.12
CA GLU R 422 49.52 -43.91 -23.15
C GLU R 422 49.81 -45.30 -22.57
N VAL R 423 50.64 -46.08 -23.26
CA VAL R 423 50.98 -47.41 -22.79
C VAL R 423 51.85 -47.26 -21.53
N GLU R 424 51.42 -47.89 -20.44
CA GLU R 424 52.16 -47.83 -19.18
C GLU R 424 53.45 -48.62 -19.28
N GLY R 425 54.48 -48.19 -18.57
CA GLY R 425 55.73 -48.87 -18.63
C GLY R 425 56.50 -48.68 -19.94
N ASN R 426 56.38 -47.49 -20.54
CA ASN R 426 57.02 -47.22 -21.82
C ASN R 426 56.75 -45.74 -22.20
N PRO R 427 57.75 -44.98 -22.58
CA PRO R 427 57.52 -43.66 -23.14
C PRO R 427 57.21 -43.72 -24.61
N GLY R 428 56.51 -42.67 -25.09
CA GLY R 428 56.41 -42.48 -26.54
C GLY R 428 55.52 -43.49 -27.25
N TYR R 429 54.98 -44.51 -26.56
CA TYR R 429 54.06 -45.46 -27.15
C TYR R 429 52.67 -45.18 -26.63
N TYR R 430 51.69 -45.14 -27.57
CA TYR R 430 50.31 -44.82 -27.19
C TYR R 430 49.35 -45.81 -27.83
N ASN R 431 48.19 -45.95 -27.23
CA ASN R 431 47.06 -46.70 -27.80
C ASN R 431 45.92 -45.74 -28.06
N SER R 432 45.31 -45.86 -29.23
CA SER R 432 44.22 -44.97 -29.62
C SER R 432 43.04 -45.76 -30.10
N LYS R 433 41.85 -45.17 -29.95
CA LYS R 433 40.61 -45.74 -30.46
C LYS R 433 39.91 -44.67 -31.26
N PHE R 434 39.56 -44.97 -32.50
CA PHE R 434 38.86 -44.06 -33.37
C PHE R 434 37.42 -44.52 -33.52
N PHE R 435 36.49 -43.75 -32.97
CA PHE R 435 35.07 -43.98 -33.14
C PHE R 435 34.57 -43.03 -34.20
N LEU R 436 34.26 -43.57 -35.39
CA LEU R 436 33.83 -42.71 -36.49
C LEU R 436 32.46 -43.20 -36.99
N ARG R 437 31.50 -42.28 -37.01
CA ARG R 437 30.14 -42.59 -37.40
C ARG R 437 29.94 -42.25 -38.87
N PRO R 438 29.74 -43.24 -39.74
CA PRO R 438 29.58 -42.97 -41.15
C PRO R 438 28.21 -42.39 -41.47
N HIS R 439 28.08 -41.84 -42.67
CA HIS R 439 26.78 -41.42 -43.16
C HIS R 439 25.95 -42.63 -43.56
N TYR R 440 24.77 -42.78 -42.96
CA TYR R 440 23.93 -43.93 -43.25
C TYR R 440 23.46 -43.91 -44.69
N GLN R 441 23.19 -45.07 -45.25
CA GLN R 441 22.65 -45.19 -46.60
C GLN R 441 21.35 -45.92 -46.60
N LEU R 442 20.38 -45.47 -47.40
CA LEU R 442 19.06 -46.13 -47.42
C LEU R 442 19.21 -47.57 -47.84
N GLU R 443 18.79 -48.49 -47.00
CA GLU R 443 18.88 -49.91 -47.26
C GLU R 443 17.56 -50.57 -47.66
N GLY R 444 16.50 -50.25 -46.96
CA GLY R 444 15.18 -50.77 -47.31
C GLY R 444 14.07 -49.95 -46.71
N LEU R 445 12.85 -50.15 -47.16
CA LEU R 445 11.74 -49.39 -46.61
C LEU R 445 10.48 -50.20 -46.72
N THR R 446 9.79 -50.39 -45.58
CA THR R 446 8.48 -51.04 -45.59
C THR R 446 7.46 -49.95 -45.42
N VAL R 447 6.49 -49.85 -46.34
CA VAL R 447 5.46 -48.81 -46.28
C VAL R 447 4.13 -49.47 -46.12
N SER R 448 3.33 -49.01 -45.17
CA SER R 448 1.91 -49.42 -45.02
C SER R 448 1.05 -48.21 -45.30
N LEU R 449 0.34 -48.24 -46.40
CA LEU R 449 -0.55 -47.11 -46.80
C LEU R 449 -1.89 -47.33 -46.09
N ARG R 450 -2.49 -46.24 -45.64
CA ARG R 450 -3.77 -46.35 -44.92
C ARG R 450 -4.78 -45.34 -45.47
N LEU R 451 -5.91 -45.82 -45.99
CA LEU R 451 -6.98 -44.92 -46.35
C LEU R 451 -7.73 -44.48 -45.12
N VAL R 452 -7.74 -43.19 -44.82
CA VAL R 452 -8.16 -42.68 -43.55
C VAL R 452 -9.15 -41.54 -43.81
N SER R 453 -10.28 -41.57 -43.07
CA SER R 453 -11.26 -40.50 -43.16
C SER R 453 -10.85 -39.30 -42.34
N LYS R 454 -10.25 -39.49 -41.18
CA LYS R 454 -9.84 -38.38 -40.31
C LYS R 454 -8.40 -38.64 -39.91
N LEU R 455 -7.49 -37.75 -40.31
CA LEU R 455 -6.07 -37.95 -40.08
C LEU R 455 -5.75 -38.23 -38.62
N PRO R 456 -5.08 -39.33 -38.32
CA PRO R 456 -4.88 -39.68 -36.88
C PRO R 456 -3.92 -38.76 -36.19
N SER R 457 -2.97 -38.15 -36.93
CA SER R 457 -1.99 -37.29 -36.29
C SER R 457 -2.64 -35.97 -35.87
N ALA R 458 -3.21 -35.24 -36.82
CA ALA R 458 -3.77 -33.92 -36.49
C ALA R 458 -5.31 -33.79 -36.36
N LYS R 459 -6.05 -34.30 -37.34
CA LYS R 459 -7.48 -34.16 -37.34
C LYS R 459 -8.14 -34.86 -36.13
N GLU R 460 -7.61 -36.05 -35.78
CA GLU R 460 -8.11 -36.81 -34.67
C GLU R 460 -7.15 -36.66 -33.49
N ALA R 461 -7.60 -35.93 -32.46
CA ALA R 461 -6.78 -35.63 -31.29
C ALA R 461 -7.70 -34.81 -30.32
N THR S 1 84.59 37.28 -7.97
CA THR S 1 85.89 37.57 -7.35
C THR S 1 85.81 38.78 -6.43
N THR S 2 84.68 38.89 -5.73
CA THR S 2 84.39 39.97 -4.78
C THR S 2 84.76 41.40 -5.25
N SER S 3 83.90 41.96 -6.10
CA SER S 3 84.09 43.31 -6.65
C SER S 3 84.42 44.36 -5.60
N SER S 4 85.35 45.24 -5.94
CA SER S 4 85.79 46.31 -5.03
C SER S 4 84.63 47.02 -4.40
N GLN S 5 83.47 47.02 -5.02
CA GLN S 5 82.25 47.55 -4.38
C GLN S 5 81.95 46.80 -3.12
N LYS S 6 82.24 45.52 -3.06
CA LYS S 6 82.08 44.74 -1.83
C LYS S 6 83.10 45.12 -0.82
N PHE S 7 84.32 45.43 -1.22
CA PHE S 7 85.32 45.96 -0.27
C PHE S 7 84.85 47.24 0.32
N ILE S 8 84.34 48.17 -0.48
CA ILE S 8 83.80 49.42 0.05
C ILE S 8 82.61 49.13 0.96
N ALA S 9 81.85 48.09 0.65
CA ALA S 9 80.65 47.80 1.44
C ALA S 9 80.99 47.27 2.79
N ARG S 10 81.85 46.26 2.86
CA ARG S 10 82.17 45.63 4.13
C ARG S 10 83.17 46.37 4.93
N ASN S 11 84.05 47.13 4.32
CA ASN S 11 85.16 47.76 5.03
C ASN S 11 84.88 49.07 5.71
N ARG S 12 84.46 50.07 4.99
CA ARG S 12 83.94 51.35 5.61
C ARG S 12 82.83 51.72 4.65
N ALA S 13 81.62 51.61 5.15
CA ALA S 13 80.48 51.70 4.28
C ALA S 13 79.87 53.06 4.34
N PRO S 14 79.62 53.72 3.19
CA PRO S 14 78.81 54.90 3.19
C PRO S 14 77.38 54.55 3.62
N ARG S 15 76.63 55.55 4.10
CA ARG S 15 75.25 55.32 4.42
C ARG S 15 74.49 54.84 3.20
N VAL S 16 74.83 55.38 2.01
CA VAL S 16 74.29 54.91 0.74
C VAL S 16 75.37 54.15 0.04
N GLN S 17 75.25 52.83 -0.06
CA GLN S 17 76.25 51.97 -0.70
C GLN S 17 75.58 51.28 -1.84
N ILE S 18 76.11 51.51 -3.05
CA ILE S 18 75.46 50.99 -4.28
C ILE S 18 76.45 50.06 -4.95
N GLU S 19 76.10 48.80 -5.05
CA GLU S 19 76.89 47.77 -5.69
C GLU S 19 76.13 47.22 -6.89
N TYR S 20 76.88 46.65 -7.83
CA TYR S 20 76.28 45.95 -8.95
C TYR S 20 76.71 44.52 -8.92
N ASP S 21 75.74 43.60 -8.93
CA ASP S 21 76.04 42.17 -8.96
C ASP S 21 75.24 41.48 -10.04
N VAL S 22 75.90 40.59 -10.77
CA VAL S 22 75.27 39.86 -11.88
C VAL S 22 74.24 38.89 -11.22
N GLU S 23 73.07 38.79 -11.86
CA GLU S 23 72.06 37.93 -11.38
C GLU S 23 72.10 36.57 -12.02
N LEU S 24 72.40 35.53 -11.25
CA LEU S 24 72.39 34.14 -11.68
C LEU S 24 71.51 33.36 -10.73
N TYR S 25 70.35 32.90 -11.20
CA TYR S 25 69.41 32.19 -10.37
C TYR S 25 69.93 30.89 -9.79
N GLY S 26 70.46 30.06 -10.68
CA GLY S 26 70.98 28.77 -10.28
C GLY S 26 72.49 28.61 -10.28
N ALA S 27 73.21 29.65 -10.67
CA ALA S 27 74.68 29.63 -10.73
C ALA S 27 75.14 28.44 -11.56
N GLU S 28 76.05 27.65 -11.01
CA GLU S 28 76.52 26.44 -11.70
C GLU S 28 77.02 26.61 -13.13
N LYS S 29 78.09 27.38 -13.30
CA LYS S 29 78.68 27.63 -14.62
C LYS S 29 79.22 26.36 -15.28
N LYS S 30 79.23 26.36 -16.62
CA LYS S 30 79.67 25.20 -17.41
C LYS S 30 81.13 24.80 -17.18
N VAL S 31 81.39 23.50 -17.35
CA VAL S 31 82.68 22.91 -17.01
C VAL S 31 83.73 23.16 -18.09
N GLN S 32 83.34 23.53 -19.31
CA GLN S 32 84.31 23.75 -20.38
C GLN S 32 84.94 22.41 -20.74
N LEU S 33 86.25 22.28 -20.47
CA LEU S 33 87.00 21.04 -20.70
C LEU S 33 87.05 20.67 -22.18
N PRO S 34 87.89 21.33 -22.95
CA PRO S 34 88.04 21.01 -24.37
C PRO S 34 88.49 19.57 -24.60
N PHE S 35 88.26 19.11 -25.82
CA PHE S 35 88.64 17.74 -26.23
C PHE S 35 90.01 17.78 -26.87
N VAL S 36 90.99 17.19 -26.21
CA VAL S 36 92.33 17.05 -26.74
C VAL S 36 92.51 15.62 -27.23
N MET S 37 93.25 15.45 -28.31
CA MET S 37 93.55 14.13 -28.84
C MET S 37 95.05 13.95 -28.89
N GLY S 38 95.59 13.07 -28.06
CA GLY S 38 97.01 12.82 -28.05
C GLY S 38 97.36 11.80 -29.11
N VAL S 39 98.38 12.09 -29.91
CA VAL S 39 98.77 11.17 -30.98
C VAL S 39 100.18 10.67 -30.81
N MET S 40 100.36 9.36 -30.93
CA MET S 40 101.68 8.76 -30.81
C MET S 40 102.03 8.17 -32.15
N ALA S 41 103.24 8.45 -32.63
CA ALA S 41 103.62 7.96 -33.95
C ALA S 41 105.14 7.88 -34.02
N ASP S 42 105.62 7.13 -35.01
CA ASP S 42 107.05 7.02 -35.23
C ASP S 42 107.47 8.09 -36.23
N LEU S 43 108.21 9.08 -35.75
CA LEU S 43 108.65 10.20 -36.57
C LEU S 43 110.15 10.38 -36.37
N ALA S 44 110.79 10.96 -37.39
CA ALA S 44 112.25 11.11 -37.42
C ALA S 44 112.94 9.75 -37.30
N GLY S 45 112.49 8.81 -38.14
CA GLY S 45 113.04 7.47 -38.13
C GLY S 45 114.52 7.48 -38.49
N LYS S 46 115.34 6.77 -37.71
CA LYS S 46 116.78 6.74 -37.87
C LYS S 46 117.35 8.16 -37.83
N PRO S 47 117.31 8.83 -36.70
CA PRO S 47 117.87 10.19 -36.60
C PRO S 47 119.39 10.16 -36.59
N ALA S 48 119.97 11.31 -36.91
CA ALA S 48 121.43 11.41 -36.94
C ALA S 48 122.09 11.59 -35.58
N GLU S 49 121.34 12.04 -34.58
CA GLU S 49 121.89 12.30 -33.26
C GLU S 49 121.23 11.32 -32.30
N PRO S 50 121.64 11.29 -31.02
CA PRO S 50 120.89 10.52 -30.03
C PRO S 50 119.44 10.97 -29.85
N GLN S 51 119.06 12.12 -30.41
CA GLN S 51 117.73 12.70 -30.24
C GLN S 51 117.49 13.04 -28.78
N ALA S 52 116.42 12.50 -28.20
CA ALA S 52 116.07 12.84 -26.83
C ALA S 52 115.65 11.58 -26.08
N ALA S 53 116.00 11.53 -24.81
CA ALA S 53 115.58 10.42 -23.96
C ALA S 53 114.08 10.50 -23.70
N VAL S 54 113.51 9.35 -23.35
CA VAL S 54 112.09 9.29 -23.03
C VAL S 54 111.83 10.06 -21.75
N ALA S 55 110.57 10.47 -21.57
CA ALA S 55 110.10 11.30 -20.46
C ALA S 55 110.53 12.75 -20.64
N ASP S 56 111.49 13.00 -21.53
CA ASP S 56 111.85 14.34 -21.95
C ASP S 56 111.22 14.74 -23.28
N ARG S 57 110.50 13.83 -23.94
CA ARG S 57 109.89 14.15 -25.23
C ARG S 57 108.58 14.89 -25.08
N LYS S 58 107.80 14.54 -24.07
CA LYS S 58 106.54 15.24 -23.83
C LYS S 58 105.56 15.04 -24.98
N PHE S 59 104.54 15.88 -25.02
CA PHE S 59 103.55 15.88 -26.08
C PHE S 59 103.55 17.31 -26.59
N LEU S 60 103.69 17.50 -27.88
CA LEU S 60 103.74 18.85 -28.42
C LEU S 60 102.49 19.16 -29.22
N GLU S 61 101.85 20.27 -28.91
CA GLU S 61 100.63 20.63 -29.62
C GLU S 61 100.96 20.87 -31.07
N ILE S 62 100.07 20.41 -31.93
CA ILE S 62 100.22 20.53 -33.38
C ILE S 62 98.88 21.02 -33.95
N ASP S 63 98.97 21.67 -35.09
CA ASP S 63 97.84 22.24 -35.79
C ASP S 63 98.31 22.60 -37.19
N VAL S 64 97.44 23.25 -37.98
CA VAL S 64 97.80 23.66 -39.31
C VAL S 64 98.81 24.81 -39.30
N ASP S 65 98.94 25.51 -38.18
CA ASP S 65 99.81 26.67 -38.10
C ASP S 65 101.27 26.27 -37.94
N ASN S 66 101.57 25.37 -37.01
CA ASN S 66 102.93 25.00 -36.68
C ASN S 66 103.40 23.73 -37.33
N PHE S 67 102.59 23.14 -38.20
CA PHE S 67 102.89 21.80 -38.74
C PHE S 67 104.28 21.76 -39.36
N ASP S 68 104.56 22.66 -40.27
CA ASP S 68 105.89 22.73 -40.88
C ASP S 68 106.96 23.08 -39.86
N ALA S 69 106.62 23.87 -38.84
CA ALA S 69 107.56 24.12 -37.78
C ALA S 69 107.77 22.90 -36.91
N ARG S 70 106.78 22.00 -36.86
CA ARG S 70 106.95 20.75 -36.13
C ARG S 70 107.85 19.78 -36.93
N LEU S 71 107.74 19.76 -38.26
CA LEU S 71 108.66 18.97 -39.02
C LEU S 71 110.08 19.54 -38.91
N LYS S 72 110.25 20.81 -39.22
CA LYS S 72 111.58 21.40 -39.18
C LYS S 72 112.18 21.34 -37.83
N ALA S 73 111.38 21.42 -36.78
CA ALA S 73 111.90 21.28 -35.42
C ALA S 73 112.26 19.86 -35.13
N MET S 74 111.45 18.90 -35.59
CA MET S 74 111.70 17.50 -35.30
C MET S 74 112.76 16.90 -36.16
N LYS S 75 113.02 17.48 -37.32
CA LYS S 75 114.03 17.04 -38.30
C LYS S 75 113.91 15.54 -38.64
N PRO S 76 112.78 15.11 -39.22
CA PRO S 76 112.70 13.77 -39.72
C PRO S 76 113.59 13.48 -40.86
N ARG S 77 114.36 12.37 -40.76
CA ARG S 77 115.35 12.10 -41.81
C ARG S 77 115.31 10.66 -42.21
N VAL S 78 115.95 10.31 -43.32
CA VAL S 78 116.02 8.97 -43.84
C VAL S 78 117.32 8.76 -44.51
N ALA S 79 117.98 7.63 -44.23
CA ALA S 79 119.28 7.31 -44.83
C ALA S 79 119.27 5.85 -45.20
N PHE S 80 119.46 5.53 -46.48
CA PHE S 80 119.56 4.18 -46.93
C PHE S 80 120.24 4.07 -48.23
N ASN S 81 120.68 2.84 -48.57
CA ASN S 81 121.32 2.56 -49.88
C ASN S 81 120.26 2.18 -50.85
N VAL S 82 120.41 2.65 -52.09
CA VAL S 82 119.42 2.34 -53.13
C VAL S 82 120.19 2.07 -54.41
N PRO S 83 119.77 1.09 -55.23
CA PRO S 83 120.46 0.85 -56.49
C PRO S 83 120.52 2.09 -57.36
N ASN S 84 121.67 2.30 -57.99
CA ASN S 84 121.87 3.51 -58.82
C ASN S 84 121.58 3.10 -60.26
N VAL S 85 120.48 3.62 -60.80
CA VAL S 85 120.14 3.32 -62.18
C VAL S 85 120.73 4.35 -63.16
N LEU S 86 121.23 5.46 -62.63
CA LEU S 86 121.78 6.49 -63.50
C LEU S 86 123.01 6.09 -64.33
N THR S 87 124.00 5.47 -63.69
CA THR S 87 125.23 5.06 -64.39
C THR S 87 125.80 3.71 -63.94
N GLY S 88 125.04 2.63 -64.05
CA GLY S 88 125.53 1.32 -63.64
C GLY S 88 125.95 1.38 -62.18
N GLU S 89 127.17 0.91 -61.88
CA GLU S 89 127.65 1.01 -60.50
C GLU S 89 126.87 0.02 -59.62
N GLY S 90 126.19 0.49 -58.59
CA GLY S 90 125.69 -0.35 -57.53
C GLY S 90 124.85 0.63 -56.63
N ASN S 91 124.65 0.16 -55.39
CA ASN S 91 123.95 0.90 -54.42
C ASN S 91 124.43 2.36 -54.32
N LEU S 92 123.46 3.28 -54.20
CA LEU S 92 123.72 4.68 -53.95
C LEU S 92 123.18 5.08 -52.59
N SER S 93 124.07 5.45 -51.68
CA SER S 93 123.68 5.89 -50.34
C SER S 93 123.24 7.30 -50.36
N LEU S 94 121.98 7.54 -49.94
CA LEU S 94 121.41 8.90 -49.92
C LEU S 94 121.04 9.26 -48.49
N ASP S 95 121.25 10.53 -48.15
CA ASP S 95 120.90 11.01 -46.83
C ASP S 95 119.90 12.14 -47.03
N ILE S 96 118.71 11.97 -46.49
CA ILE S 96 117.69 13.00 -46.65
C ILE S 96 117.02 13.39 -45.34
N THR S 97 116.93 14.68 -45.08
CA THR S 97 116.23 15.17 -43.89
C THR S 97 115.14 16.12 -44.39
N PHE S 98 113.89 15.81 -44.05
CA PHE S 98 112.76 16.52 -44.60
C PHE S 98 112.37 17.65 -43.62
N GLU S 99 112.50 18.88 -44.09
CA GLU S 99 112.17 20.05 -43.28
C GLU S 99 110.78 20.65 -43.56
N SER S 100 110.03 20.04 -44.46
CA SER S 100 108.68 20.59 -44.76
C SER S 100 107.86 19.50 -45.40
N MET S 101 106.54 19.67 -45.37
CA MET S 101 105.67 18.65 -45.94
C MET S 101 105.82 18.53 -47.43
N ASP S 102 106.41 19.55 -48.04
CA ASP S 102 106.65 19.54 -49.47
C ASP S 102 107.92 18.77 -49.81
N ASP S 103 108.72 18.41 -48.80
CA ASP S 103 109.96 17.70 -49.04
C ASP S 103 109.74 16.22 -49.27
N PHE S 104 108.52 15.71 -49.13
CA PHE S 104 108.19 14.37 -49.52
C PHE S 104 107.78 14.26 -50.98
N SER S 105 107.57 15.38 -51.65
CA SER S 105 107.26 15.37 -53.07
C SER S 105 108.46 14.92 -53.86
N PRO S 106 108.26 14.31 -55.04
CA PRO S 106 109.42 13.77 -55.77
C PRO S 106 110.37 14.89 -56.25
N ALA S 107 109.89 16.07 -56.54
CA ALA S 107 110.74 17.16 -56.92
C ALA S 107 111.72 17.52 -55.82
N ALA S 108 111.23 17.73 -54.62
CA ALA S 108 112.09 18.05 -53.49
C ALA S 108 113.00 16.90 -53.14
N VAL S 109 112.54 15.66 -53.30
CA VAL S 109 113.40 14.51 -53.12
C VAL S 109 114.56 14.59 -54.07
N ALA S 110 114.31 14.94 -55.32
CA ALA S 110 115.38 15.05 -56.31
C ALA S 110 116.32 16.22 -55.95
N ARG S 111 115.77 17.31 -55.42
CA ARG S 111 116.61 18.45 -55.08
C ARG S 111 117.49 18.18 -53.88
N LYS S 112 117.07 17.25 -52.98
CA LYS S 112 117.87 17.00 -51.79
C LYS S 112 119.02 16.08 -52.08
N VAL S 113 118.83 15.03 -52.87
CA VAL S 113 119.96 14.16 -53.24
C VAL S 113 120.83 14.97 -54.22
N ASP S 114 122.15 15.01 -53.91
CA ASP S 114 123.03 15.96 -54.61
C ASP S 114 123.21 15.58 -56.10
N SER S 115 123.36 14.28 -56.39
CA SER S 115 123.48 13.85 -57.76
C SER S 115 122.22 14.20 -58.55
N LEU S 116 121.07 13.75 -58.06
CA LEU S 116 119.80 14.11 -58.69
C LEU S 116 119.60 15.61 -58.72
N ASN S 117 120.22 16.36 -57.79
CA ASN S 117 120.18 17.82 -57.88
C ASN S 117 120.94 18.30 -59.09
N LYS S 118 122.10 17.71 -59.36
CA LYS S 118 122.88 18.12 -60.53
C LYS S 118 122.14 17.77 -61.82
N LEU S 119 121.52 16.58 -61.87
CA LEU S 119 120.76 16.23 -63.04
C LEU S 119 119.53 17.10 -63.24
N LEU S 120 118.82 17.38 -62.16
CA LEU S 120 117.65 18.22 -62.26
C LEU S 120 118.02 19.64 -62.68
N GLU S 121 119.13 20.17 -62.15
CA GLU S 121 119.58 21.47 -62.58
C GLU S 121 119.98 21.45 -64.06
N ALA S 122 120.59 20.36 -64.50
CA ALA S 122 120.88 20.21 -65.92
C ALA S 122 119.61 20.28 -66.75
N ARG S 123 118.55 19.62 -66.28
CA ARG S 123 117.31 19.63 -67.05
C ARG S 123 116.68 21.03 -67.06
N THR S 124 116.73 21.74 -65.94
CA THR S 124 116.16 23.08 -65.92
C THR S 124 116.98 24.04 -66.77
N GLN S 125 118.29 23.81 -66.88
CA GLN S 125 119.12 24.68 -67.71
C GLN S 125 118.88 24.39 -69.20
N LEU S 126 118.63 23.12 -69.55
CA LEU S 126 118.37 22.81 -70.95
C LEU S 126 116.97 23.20 -71.37
N ALA S 127 115.97 22.91 -70.54
CA ALA S 127 114.59 23.30 -70.85
C ALA S 127 114.44 24.81 -70.82
N ASN S 128 115.16 25.47 -69.91
CA ASN S 128 115.22 26.93 -69.92
C ASN S 128 116.06 27.43 -71.09
N LEU S 129 116.92 26.59 -71.65
CA LEU S 129 117.75 26.99 -72.78
C LEU S 129 116.96 26.93 -74.09
N LEU S 130 116.10 25.91 -74.26
CA LEU S 130 115.33 25.80 -75.48
C LEU S 130 114.38 26.97 -75.64
N THR S 131 113.95 27.57 -74.54
CA THR S 131 113.12 28.76 -74.58
C THR S 131 113.99 29.98 -74.30
N TYR S 132 114.29 30.75 -75.36
CA TYR S 132 115.07 31.97 -75.30
C TYR S 132 116.15 32.00 -74.21
N ARG T 1 106.84 35.45 -114.20
CA ARG T 1 107.20 33.98 -114.27
C ARG T 1 108.03 33.64 -113.02
N GLU T 2 109.32 33.43 -113.25
CA GLU T 2 110.29 33.19 -112.19
C GLU T 2 110.95 34.51 -111.76
N ALA T 3 110.68 35.61 -112.48
CA ALA T 3 111.25 36.89 -112.09
C ALA T 3 110.65 37.38 -110.75
N VAL T 4 109.33 37.22 -110.59
CA VAL T 4 108.74 37.56 -109.31
C VAL T 4 109.31 36.66 -108.20
N GLU T 5 109.65 35.41 -108.54
CA GLU T 5 110.27 34.54 -107.55
C GLU T 5 111.67 35.03 -107.16
N THR T 6 112.37 35.66 -108.09
CA THR T 6 113.65 36.24 -107.73
C THR T 6 113.49 37.51 -106.89
N ALA T 7 112.46 38.31 -107.20
CA ALA T 7 112.22 39.52 -106.42
C ALA T 7 111.84 39.17 -104.97
N VAL T 8 110.93 38.19 -104.79
CA VAL T 8 110.60 37.77 -103.44
C VAL T 8 111.73 36.94 -102.82
N ARG T 9 112.65 36.42 -103.64
CA ARG T 9 113.83 35.78 -103.09
C ARG T 9 114.73 36.83 -102.42
N THR T 10 115.10 37.87 -103.17
CA THR T 10 115.98 38.88 -102.60
C THR T 10 115.31 39.62 -101.45
N LEU T 11 114.03 40.00 -101.63
CA LEU T 11 113.32 40.69 -100.59
C LEU T 11 113.14 39.83 -99.33
N ALA T 12 112.66 38.59 -99.52
CA ALA T 12 112.36 37.73 -98.38
C ALA T 12 113.65 37.37 -97.63
N GLU T 13 114.70 37.02 -98.35
CA GLU T 13 115.95 36.67 -97.68
C GLU T 13 116.57 37.89 -96.98
N HIS T 14 116.75 38.99 -97.73
CA HIS T 14 117.40 40.17 -97.17
C HIS T 14 116.64 40.68 -95.93
N ALA T 15 115.32 40.79 -96.06
CA ALA T 15 114.54 41.24 -94.91
C ALA T 15 114.61 40.23 -93.77
N LEU T 16 114.51 38.94 -94.10
CA LEU T 16 114.40 37.92 -93.06
C LEU T 16 115.63 37.73 -92.21
N GLU T 17 116.78 37.53 -92.83
CA GLU T 17 118.00 37.23 -92.09
C GLU T 17 119.02 38.35 -91.85
N GLN T 18 118.77 39.56 -92.35
CA GLN T 18 119.77 40.62 -92.24
C GLN T 18 120.20 41.06 -90.82
N THR T 19 119.24 41.10 -89.90
CA THR T 19 119.46 41.56 -88.54
C THR T 19 118.73 40.69 -87.53
N SER T 20 117.40 40.69 -87.58
CA SER T 20 116.61 39.96 -86.60
C SER T 20 116.68 38.46 -86.84
N LEU T 21 115.94 37.71 -86.03
CA LEU T 21 115.88 36.25 -86.10
C LEU T 21 117.29 35.66 -85.95
N ILE T 22 117.95 36.06 -84.86
CA ILE T 22 119.35 35.69 -84.66
C ILE T 22 119.46 34.18 -84.47
N SER T 23 120.29 33.54 -85.30
CA SER T 23 120.63 32.12 -85.23
C SER T 23 119.45 31.22 -85.57
N ASN T 24 118.24 31.77 -85.57
CA ASN T 24 117.01 31.06 -85.91
C ASN T 24 116.92 29.71 -85.20
N ASP T 25 116.52 28.67 -85.93
CA ASP T 25 116.55 27.31 -85.45
C ASP T 25 116.63 26.36 -86.64
N ALA T 26 117.23 25.20 -86.42
CA ALA T 26 117.32 24.19 -87.47
C ALA T 26 116.70 22.88 -87.00
N ILE T 27 117.41 22.16 -86.14
CA ILE T 27 116.90 20.94 -85.53
C ILE T 27 116.79 21.21 -84.03
N LYS T 28 115.56 21.30 -83.54
CA LYS T 28 115.31 21.44 -82.11
C LYS T 28 115.06 20.10 -81.43
N SER T 29 115.08 19.01 -82.20
CA SER T 29 114.90 17.68 -81.63
C SER T 29 116.05 17.26 -80.73
N ILE T 30 117.16 18.01 -80.72
CA ILE T 30 118.25 17.73 -79.79
C ILE T 30 117.81 17.94 -78.36
N GLU T 31 116.76 18.74 -78.13
CA GLU T 31 116.21 18.94 -76.81
C GLU T 31 115.42 17.74 -76.31
N SER T 32 115.23 16.72 -77.15
CA SER T 32 114.63 15.47 -76.70
C SER T 32 115.52 14.74 -75.70
N ILE T 33 116.75 15.19 -75.49
CA ILE T 33 117.59 14.65 -74.43
C ILE T 33 116.96 14.88 -73.08
N ILE T 34 116.19 15.98 -72.99
CA ILE T 34 115.48 16.19 -71.74
C ILE T 34 114.53 15.02 -71.48
N ALA T 35 114.03 14.37 -72.52
CA ALA T 35 113.21 13.19 -72.31
C ALA T 35 114.02 12.07 -71.67
N ALA T 36 115.28 11.90 -72.09
CA ALA T 36 116.12 10.86 -71.52
C ALA T 36 116.56 11.23 -70.10
N LEU T 37 116.89 12.51 -69.88
CA LEU T 37 117.30 12.96 -68.55
C LEU T 37 116.13 12.78 -67.55
N ASP T 38 114.95 13.21 -67.98
CA ASP T 38 113.76 13.08 -67.16
C ASP T 38 113.48 11.61 -66.92
N ALA T 39 113.68 10.79 -67.95
CA ALA T 39 113.45 9.37 -67.81
C ALA T 39 114.37 8.78 -66.75
N LYS T 40 115.62 9.21 -66.71
CA LYS T 40 116.53 8.76 -65.68
C LYS T 40 116.09 9.24 -64.31
N LEU T 41 115.58 10.47 -64.23
CA LEU T 41 115.10 10.97 -62.94
C LEU T 41 113.85 10.23 -62.48
N THR T 42 113.03 9.76 -63.40
CA THR T 42 111.91 8.90 -62.99
C THR T 42 112.41 7.55 -62.51
N ALA T 43 113.38 6.98 -63.22
CA ALA T 43 113.90 5.67 -62.82
C ALA T 43 114.56 5.75 -61.45
N GLN T 44 115.23 6.85 -61.15
CA GLN T 44 115.87 6.95 -59.85
C GLN T 44 114.90 7.34 -58.75
N VAL T 45 114.06 8.35 -58.99
CA VAL T 45 113.15 8.83 -57.95
C VAL T 45 112.12 7.78 -57.63
N ASN T 46 111.77 6.93 -58.59
CA ASN T 46 110.92 5.77 -58.26
C ASN T 46 111.56 4.93 -57.18
N LEU T 47 112.83 4.64 -57.30
CA LEU T 47 113.51 3.82 -56.30
C LEU T 47 113.72 4.55 -54.99
N ILE T 48 113.97 5.84 -55.02
CA ILE T 48 114.20 6.60 -53.79
C ILE T 48 112.90 6.69 -53.00
N MET T 49 111.79 6.98 -53.69
CA MET T 49 110.53 7.19 -53.00
C MET T 49 109.87 5.87 -52.59
N HIS T 50 110.05 4.81 -53.37
CA HIS T 50 109.38 3.55 -53.11
C HIS T 50 110.13 2.65 -52.15
N HIS T 51 111.27 3.11 -51.60
CA HIS T 51 111.98 2.31 -50.64
C HIS T 51 111.18 2.15 -49.37
N ALA T 52 111.46 1.09 -48.61
CA ALA T 52 110.70 0.78 -47.42
C ALA T 52 110.80 1.93 -46.42
N ASP T 53 111.99 2.52 -46.27
CA ASP T 53 112.18 3.57 -45.31
C ASP T 53 111.40 4.82 -45.70
N PHE T 54 111.57 5.28 -46.92
CA PHE T 54 110.86 6.47 -47.37
C PHE T 54 109.37 6.26 -47.38
N GLN T 55 108.89 5.06 -47.67
CA GLN T 55 107.46 4.78 -47.61
C GLN T 55 106.96 4.79 -46.18
N GLN T 56 107.79 4.34 -45.23
CA GLN T 56 107.37 4.34 -43.85
C GLN T 56 107.28 5.73 -43.29
N LEU T 57 108.34 6.52 -43.45
CA LEU T 57 108.31 7.91 -42.98
C LEU T 57 107.25 8.73 -43.71
N GLU T 58 107.22 8.63 -45.02
CA GLU T 58 106.22 9.31 -45.83
C GLU T 58 104.83 8.98 -45.37
N SER T 59 104.58 7.70 -45.05
CA SER T 59 103.24 7.30 -44.59
C SER T 59 102.96 7.85 -43.22
N ALA T 60 103.97 7.96 -42.38
CA ALA T 60 103.78 8.51 -41.03
C ALA T 60 103.40 9.97 -41.09
N TRP T 61 104.23 10.79 -41.69
CA TRP T 61 103.98 12.22 -41.81
C TRP T 61 102.78 12.52 -42.66
N ARG T 62 102.51 11.68 -43.64
CA ARG T 62 101.35 11.88 -44.51
C ARG T 62 100.07 11.58 -43.78
N GLY T 63 100.06 10.56 -42.95
CA GLY T 63 98.91 10.28 -42.10
C GLY T 63 98.70 11.36 -41.08
N LEU T 64 99.75 11.76 -40.40
CA LEU T 64 99.64 12.85 -39.42
C LEU T 64 99.16 14.12 -40.08
N HIS T 65 99.65 14.43 -41.26
CA HIS T 65 99.18 15.60 -42.01
C HIS T 65 97.75 15.48 -42.35
N TYR T 66 97.29 14.30 -42.75
CA TYR T 66 95.86 14.10 -42.97
C TYR T 66 95.08 14.38 -41.75
N LEU T 67 95.54 13.93 -40.60
CA LEU T 67 94.80 14.17 -39.35
C LEU T 67 94.76 15.61 -39.02
N VAL T 68 95.83 16.34 -39.26
CA VAL T 68 95.94 17.77 -38.87
C VAL T 68 95.05 18.60 -39.77
N ASN T 69 95.20 18.45 -41.09
CA ASN T 69 94.53 19.30 -42.05
C ASN T 69 93.05 19.08 -42.08
N ASN T 70 92.60 17.86 -41.85
CA ASN T 70 91.18 17.53 -41.88
C ASN T 70 90.49 17.76 -40.58
N THR T 71 91.19 18.26 -39.58
CA THR T 71 90.62 18.57 -38.26
C THR T 71 90.44 20.08 -38.12
N GLU T 72 89.32 20.51 -37.58
CA GLU T 72 89.06 21.90 -37.33
C GLU T 72 89.50 22.19 -35.89
N THR T 73 90.67 22.79 -35.73
CA THR T 73 91.25 22.99 -34.43
C THR T 73 91.01 24.40 -33.92
N ASP T 74 90.59 24.45 -32.66
CA ASP T 74 90.33 25.68 -31.96
C ASP T 74 90.60 25.48 -30.49
N GLU T 75 89.94 26.29 -29.66
CA GLU T 75 90.12 26.19 -28.23
C GLU T 75 89.69 24.81 -27.77
N GLN T 76 88.56 24.34 -28.31
CA GLN T 76 88.02 23.02 -27.98
C GLN T 76 88.79 21.78 -28.47
N LEU T 77 89.31 21.83 -29.69
CA LEU T 77 90.03 20.71 -30.27
C LEU T 77 91.51 21.00 -30.28
N LYS T 78 92.30 20.09 -29.77
CA LYS T 78 93.71 20.10 -29.84
C LYS T 78 94.24 18.75 -30.31
N ILE T 79 95.43 18.73 -30.83
CA ILE T 79 96.13 17.58 -31.27
C ILE T 79 97.55 17.68 -30.75
N ARG T 80 97.96 16.76 -29.86
CA ARG T 80 99.28 16.68 -29.35
C ARG T 80 99.99 15.48 -29.81
N VAL T 81 101.12 15.62 -30.42
CA VAL T 81 101.92 14.50 -31.00
C VAL T 81 103.07 14.16 -30.09
N LEU T 82 103.35 12.91 -29.88
CA LEU T 82 104.55 12.37 -29.27
C LEU T 82 105.28 11.45 -30.16
N ASN T 83 106.50 11.78 -30.56
CA ASN T 83 107.19 10.91 -31.48
C ASN T 83 107.95 9.87 -30.71
N ILE T 84 107.48 8.65 -30.83
CA ILE T 84 108.06 7.51 -30.16
C ILE T 84 107.87 6.30 -31.05
N SER T 85 108.97 5.63 -31.37
CA SER T 85 108.88 4.45 -32.22
C SER T 85 108.26 3.34 -31.43
N LYS T 86 107.70 2.37 -32.15
CA LYS T 86 107.06 1.22 -31.52
C LYS T 86 108.07 0.45 -30.64
N PRO T 87 109.33 0.22 -31.06
CA PRO T 87 110.29 -0.33 -30.17
C PRO T 87 110.56 0.44 -28.91
N GLU T 88 110.56 1.76 -29.00
CA GLU T 88 110.79 2.60 -27.80
C GLU T 88 109.60 2.57 -26.89
N LEU T 89 108.39 2.55 -27.45
CA LEU T 89 107.19 2.46 -26.62
C LEU T 89 107.12 1.14 -25.93
N HIS T 90 107.36 0.05 -26.65
CA HIS T 90 107.38 -1.27 -26.02
C HIS T 90 108.48 -1.38 -25.01
N LYS T 91 109.60 -0.69 -25.24
CA LYS T 91 110.72 -0.75 -24.30
C LYS T 91 110.37 -0.05 -23.00
N THR T 92 109.93 1.21 -23.07
CA THR T 92 109.63 1.96 -21.86
C THR T 92 108.43 1.40 -21.14
N LEU T 93 107.49 0.82 -21.87
CA LEU T 93 106.37 0.16 -21.21
C LEU T 93 106.76 -1.21 -20.69
N LYS T 94 107.85 -1.76 -21.17
CA LYS T 94 108.36 -3.02 -20.62
C LYS T 94 109.16 -2.80 -19.37
N LYS T 95 109.87 -1.68 -19.26
CA LYS T 95 110.61 -1.35 -18.03
C LYS T 95 109.73 -1.32 -16.83
N PHE T 96 108.55 -0.76 -16.97
CA PHE T 96 107.58 -0.63 -15.84
C PHE T 96 106.41 -1.53 -16.17
N LYS T 97 106.29 -2.62 -15.47
CA LYS T 97 105.21 -3.57 -15.69
C LYS T 97 104.81 -4.15 -14.31
N GLY T 98 103.59 -4.65 -14.25
CA GLY T 98 103.11 -5.07 -12.95
C GLY T 98 102.91 -3.96 -11.99
N THR T 99 103.55 -3.93 -10.84
CA THR T 99 103.34 -2.91 -9.85
C THR T 99 103.81 -1.55 -10.36
N THR T 100 104.98 -1.53 -11.03
CA THR T 100 105.59 -0.23 -11.30
C THR T 100 104.90 0.49 -12.45
N TRP T 101 103.86 -0.09 -13.06
CA TRP T 101 103.22 0.55 -14.21
C TRP T 101 102.70 1.90 -13.91
N ASP T 102 102.29 2.16 -12.67
CA ASP T 102 101.82 3.50 -12.26
C ASP T 102 102.85 4.53 -12.45
N GLN T 103 104.13 4.18 -12.52
CA GLN T 103 105.25 5.07 -12.79
C GLN T 103 105.82 4.69 -14.10
N SER T 104 105.63 5.53 -15.10
CA SER T 104 106.15 5.36 -16.48
C SER T 104 106.20 6.67 -17.16
N PRO T 105 107.04 6.85 -18.16
CA PRO T 105 107.09 8.10 -18.90
C PRO T 105 105.76 8.36 -19.58
N ILE T 106 105.17 7.32 -20.14
CA ILE T 106 103.91 7.35 -20.86
C ILE T 106 102.76 7.57 -19.93
N PHE T 107 102.76 6.92 -18.80
CA PHE T 107 101.68 7.13 -17.82
C PHE T 107 101.81 8.48 -17.17
N LYS T 108 103.02 8.96 -16.91
CA LYS T 108 103.21 10.29 -16.38
C LYS T 108 102.58 11.31 -17.34
N LYS T 109 102.98 11.29 -18.61
CA LYS T 109 102.50 12.22 -19.59
C LYS T 109 101.02 12.13 -19.77
N LEU T 110 100.49 10.95 -19.95
CA LEU T 110 99.08 10.78 -20.31
C LEU T 110 98.17 11.03 -19.15
N TYR T 111 98.53 10.55 -17.97
CA TYR T 111 97.68 10.65 -16.78
C TYR T 111 98.01 11.70 -15.78
N GLU T 112 99.28 11.86 -15.42
CA GLU T 112 99.67 12.69 -14.29
C GLU T 112 99.58 14.13 -14.77
N GLU T 113 100.31 14.49 -15.81
CA GLU T 113 100.42 15.86 -16.20
C GLU T 113 99.14 16.46 -16.76
N GLU T 114 98.13 15.66 -17.03
CA GLU T 114 96.94 16.17 -17.68
C GLU T 114 95.67 15.73 -16.96
N TYR T 115 95.35 14.45 -16.96
CA TYR T 115 94.16 14.00 -16.28
C TYR T 115 94.31 14.01 -14.81
N GLY T 116 95.51 13.89 -14.29
CA GLY T 116 95.74 13.92 -12.86
C GLY T 116 96.05 15.29 -12.37
N GLN T 117 96.57 16.15 -13.25
CA GLN T 117 96.93 17.52 -12.84
C GLN T 117 95.73 18.41 -12.54
N PHE T 118 95.89 19.40 -11.65
CA PHE T 118 94.79 20.31 -11.37
C PHE T 118 94.71 21.35 -12.47
N GLY T 119 93.56 21.43 -13.13
CA GLY T 119 93.39 22.35 -14.24
C GLY T 119 94.14 21.94 -15.50
N GLY T 120 94.17 20.64 -15.81
CA GLY T 120 94.83 20.14 -16.99
C GLY T 120 93.83 19.70 -18.05
N GLU T 121 94.34 18.98 -19.04
CA GLU T 121 93.50 18.50 -20.12
C GLU T 121 93.35 16.98 -20.03
N PRO T 122 92.14 16.46 -19.81
CA PRO T 122 91.95 15.03 -19.60
C PRO T 122 92.34 14.16 -20.79
N TYR T 123 92.76 14.75 -21.91
CA TYR T 123 93.40 14.09 -23.06
C TYR T 123 92.48 13.34 -24.01
N GLY T 124 91.19 13.25 -23.73
CA GLY T 124 90.26 12.78 -24.75
C GLY T 124 90.56 11.39 -25.29
N CYS T 125 90.81 11.32 -26.59
CA CYS T 125 91.13 10.06 -27.28
C CYS T 125 92.60 10.04 -27.66
N LEU T 126 93.14 8.83 -27.77
CA LEU T 126 94.54 8.61 -28.12
C LEU T 126 94.62 7.83 -29.42
N VAL T 127 95.59 8.16 -30.26
CA VAL T 127 95.73 7.47 -31.54
C VAL T 127 97.09 6.85 -31.65
N GLY T 128 97.14 5.53 -31.78
CA GLY T 128 98.40 4.83 -31.87
C GLY T 128 99.33 4.98 -33.05
N ASP T 129 98.78 4.96 -34.27
CA ASP T 129 99.58 5.01 -35.51
C ASP T 129 100.63 3.89 -35.59
N TYR T 130 100.26 2.69 -35.14
CA TYR T 130 101.13 1.52 -35.13
C TYR T 130 100.39 0.31 -35.66
N TYR T 131 101.13 -0.67 -36.14
CA TYR T 131 100.53 -1.90 -36.65
C TYR T 131 100.81 -3.03 -35.68
N PHE T 132 99.79 -3.50 -34.98
CA PHE T 132 99.92 -4.49 -33.94
C PHE T 132 99.48 -5.87 -34.45
N ASP T 133 100.35 -6.87 -34.33
CA ASP T 133 100.04 -8.25 -34.63
C ASP T 133 99.89 -9.04 -33.34
N GLN T 134 99.67 -10.34 -33.44
CA GLN T 134 99.51 -11.19 -32.26
C GLN T 134 100.82 -11.56 -31.56
N SER T 135 101.95 -11.06 -32.03
CA SER T 135 103.24 -11.37 -31.44
C SER T 135 103.30 -11.05 -29.99
N PRO T 136 104.19 -11.70 -29.21
CA PRO T 136 104.30 -11.43 -27.77
C PRO T 136 104.55 -9.94 -27.48
N PRO T 137 105.49 -9.28 -28.19
CA PRO T 137 105.73 -7.89 -27.85
C PRO T 137 104.51 -6.98 -28.10
N ASP T 138 103.74 -7.24 -29.14
CA ASP T 138 102.59 -6.42 -29.45
C ASP T 138 101.44 -6.70 -28.49
N VAL T 139 101.33 -7.93 -27.99
CA VAL T 139 100.35 -8.23 -26.98
C VAL T 139 100.72 -7.55 -25.68
N GLU T 140 102.00 -7.48 -25.36
CA GLU T 140 102.42 -6.75 -24.18
C GLU T 140 102.14 -5.27 -24.33
N LEU T 141 102.48 -4.70 -25.48
CA LEU T 141 102.25 -3.28 -25.70
C LEU T 141 100.77 -2.94 -25.63
N LEU T 142 99.93 -3.78 -26.20
CA LEU T 142 98.49 -3.54 -26.12
C LEU T 142 97.97 -3.72 -24.72
N GLY T 143 98.52 -4.66 -23.97
CA GLY T 143 98.10 -4.81 -22.58
C GLY T 143 98.40 -3.57 -21.77
N GLU T 144 99.62 -3.06 -21.92
CA GLU T 144 100.02 -1.90 -21.15
C GLU T 144 99.26 -0.65 -21.57
N MET T 145 99.20 -0.37 -22.87
CA MET T 145 98.44 0.77 -23.36
C MET T 145 96.97 0.66 -23.00
N ALA T 146 96.48 -0.57 -22.81
CA ALA T 146 95.12 -0.72 -22.33
C ALA T 146 95.01 -0.39 -20.87
N LYS T 147 96.06 -0.65 -20.08
CA LYS T 147 96.07 -0.22 -18.68
C LYS T 147 96.09 1.27 -18.59
N ILE T 148 97.00 1.93 -19.28
CA ILE T 148 97.08 3.40 -19.25
C ILE T 148 95.80 4.02 -19.75
N SER T 149 95.43 3.70 -20.97
CA SER T 149 94.21 4.25 -21.58
C SER T 149 93.01 3.96 -20.76
N ALA T 150 92.98 2.85 -20.06
CA ALA T 150 91.85 2.55 -19.16
C ALA T 150 91.90 3.40 -17.96
N ALA T 151 93.08 3.74 -17.45
CA ALA T 151 93.20 4.55 -16.23
C ALA T 151 92.81 5.96 -16.50
N MET T 152 93.24 6.53 -17.62
CA MET T 152 92.96 7.91 -17.98
C MET T 152 91.65 8.09 -18.70
N HIS T 153 90.91 7.03 -18.96
CA HIS T 153 89.64 7.08 -19.71
C HIS T 153 89.84 7.66 -21.10
N ALA T 154 90.84 7.18 -21.82
CA ALA T 154 91.20 7.71 -23.14
C ALA T 154 91.37 6.57 -24.11
N PRO T 155 90.26 6.15 -24.81
CA PRO T 155 90.36 5.04 -25.73
C PRO T 155 91.54 5.10 -26.65
N PHE T 156 92.22 3.98 -26.82
CA PHE T 156 93.39 3.86 -27.68
C PHE T 156 92.96 3.36 -29.05
N ILE T 157 93.39 4.03 -30.11
CA ILE T 157 93.03 3.69 -31.47
C ILE T 157 94.32 3.48 -32.26
N SER T 158 94.41 2.38 -32.95
CA SER T 158 95.55 2.09 -33.80
C SER T 158 95.13 1.14 -34.90
N ALA T 159 96.07 0.68 -35.71
CA ALA T 159 95.77 -0.19 -36.82
C ALA T 159 96.28 -1.59 -36.59
N ALA T 160 95.53 -2.57 -37.03
CA ALA T 160 95.87 -3.96 -36.91
C ALA T 160 96.67 -4.38 -38.12
N SER T 161 97.84 -4.97 -37.87
CA SER T 161 98.73 -5.37 -38.94
C SER T 161 98.09 -6.43 -39.78
N PRO T 162 98.50 -6.55 -41.08
CA PRO T 162 98.04 -7.66 -41.88
C PRO T 162 98.53 -9.02 -41.35
N THR T 163 99.53 -9.03 -40.48
CA THR T 163 100.07 -10.25 -39.92
C THR T 163 99.23 -10.82 -38.80
N VAL T 164 98.21 -10.13 -38.34
CA VAL T 164 97.33 -10.69 -37.33
C VAL T 164 96.61 -11.91 -37.90
N MET T 165 96.24 -11.86 -39.17
CA MET T 165 95.55 -12.93 -39.83
C MET T 165 96.50 -14.01 -40.36
N GLY T 166 97.80 -13.89 -40.13
CA GLY T 166 98.75 -14.77 -40.73
C GLY T 166 98.67 -14.55 -42.25
N MET T 167 98.83 -13.27 -42.63
CA MET T 167 98.55 -12.86 -43.98
C MET T 167 99.68 -12.02 -44.53
N GLY T 168 99.87 -10.85 -43.99
CA GLY T 168 100.95 -9.97 -44.41
C GLY T 168 100.66 -9.15 -45.63
N SER T 169 99.39 -9.08 -46.07
CA SER T 169 99.02 -8.31 -47.24
C SER T 169 97.85 -7.40 -46.95
N TRP T 170 96.69 -8.01 -46.56
CA TRP T 170 95.36 -7.43 -46.62
C TRP T 170 94.86 -7.51 -48.03
N GLN T 171 95.66 -8.04 -48.96
CA GLN T 171 95.19 -8.35 -50.29
C GLN T 171 94.63 -9.75 -50.27
N GLU T 172 95.00 -10.57 -49.28
CA GLU T 172 94.56 -11.93 -49.14
C GLU T 172 93.35 -12.07 -48.24
N LEU T 173 92.79 -10.97 -47.75
CA LEU T 173 91.71 -11.05 -46.79
C LEU T 173 90.54 -11.82 -47.31
N SER T 174 90.36 -11.90 -48.61
CA SER T 174 89.25 -12.66 -49.17
C SER T 174 89.53 -14.15 -49.29
N ASN T 175 90.79 -14.58 -49.11
CA ASN T 175 91.13 -15.98 -49.28
C ASN T 175 90.54 -16.89 -48.19
N PRO T 176 90.71 -16.62 -46.89
CA PRO T 176 90.23 -17.53 -45.89
C PRO T 176 88.70 -17.66 -45.90
N ARG T 177 88.21 -18.86 -45.62
CA ARG T 177 86.82 -19.11 -45.55
C ARG T 177 86.18 -18.59 -44.28
N ASP T 178 86.89 -18.72 -43.18
CA ASP T 178 86.40 -18.34 -41.84
C ASP T 178 87.52 -17.65 -41.13
N LEU T 179 87.30 -16.38 -40.72
CA LEU T 179 88.29 -15.67 -39.93
C LEU T 179 88.25 -16.07 -38.48
N THR T 180 87.10 -16.44 -37.95
CA THR T 180 87.00 -16.87 -36.56
C THR T 180 87.82 -18.08 -36.26
N LYS T 181 88.12 -18.91 -37.26
CA LYS T 181 88.98 -20.07 -37.09
C LYS T 181 90.42 -19.68 -36.96
N ILE T 182 90.83 -18.52 -37.47
CA ILE T 182 92.24 -18.12 -37.42
C ILE T 182 92.68 -17.96 -36.01
N PHE T 183 91.83 -17.36 -35.16
CA PHE T 183 92.21 -16.96 -33.81
C PHE T 183 92.07 -18.07 -32.82
N THR T 184 91.71 -19.28 -33.24
CA THR T 184 91.59 -20.41 -32.33
C THR T 184 92.92 -21.02 -31.96
N THR T 185 93.88 -21.01 -32.86
CA THR T 185 95.14 -21.73 -32.66
C THR T 185 95.85 -21.27 -31.41
N PRO T 186 96.73 -22.07 -30.84
CA PRO T 186 97.50 -21.63 -29.66
C PRO T 186 98.46 -20.50 -29.96
N GLU T 187 98.68 -20.19 -31.22
CA GLU T 187 99.56 -19.10 -31.59
C GLU T 187 99.00 -17.79 -31.02
N TYR T 188 97.68 -17.69 -31.03
CA TYR T 188 96.98 -16.51 -30.55
C TYR T 188 96.63 -16.53 -29.07
N ALA T 189 97.08 -17.55 -28.35
CA ALA T 189 96.78 -17.64 -26.91
C ALA T 189 96.94 -16.29 -26.22
N GLY T 190 97.99 -15.57 -26.51
CA GLY T 190 98.19 -14.25 -25.95
C GLY T 190 97.14 -13.25 -26.42
N TRP T 191 96.75 -13.34 -27.69
CA TRP T 191 95.73 -12.46 -28.22
C TRP T 191 94.39 -12.70 -27.55
N ARG T 192 93.95 -13.93 -27.50
CA ARG T 192 92.71 -14.27 -26.82
C ARG T 192 92.76 -13.85 -25.40
N SER T 193 93.89 -14.06 -24.72
CA SER T 193 93.99 -13.62 -23.33
C SER T 193 93.90 -12.13 -23.22
N LEU T 194 94.31 -11.41 -24.23
CA LEU T 194 94.17 -9.95 -24.25
C LEU T 194 92.75 -9.52 -24.44
N ARG T 195 92.06 -10.10 -25.41
CA ARG T 195 90.67 -9.72 -25.68
C ARG T 195 89.76 -10.03 -24.52
N GLU T 196 90.06 -11.09 -23.75
CA GLU T 196 89.24 -11.44 -22.60
C GLU T 196 89.38 -10.41 -21.50
N SER T 197 90.47 -9.61 -21.48
CA SER T 197 90.68 -8.63 -20.45
C SER T 197 89.63 -7.60 -20.39
N GLU T 198 89.45 -6.99 -19.21
CA GLU T 198 88.45 -5.94 -19.05
C GLU T 198 88.99 -4.56 -19.44
N ASP T 199 90.30 -4.46 -19.61
CA ASP T 199 90.93 -3.20 -19.99
C ASP T 199 91.11 -3.05 -21.48
N SER T 200 90.75 -4.09 -22.23
CA SER T 200 90.91 -4.08 -23.67
C SER T 200 89.81 -3.41 -24.41
N ARG T 201 88.69 -3.11 -23.75
CA ARG T 201 87.61 -2.36 -24.39
C ARG T 201 88.04 -0.95 -24.73
N TYR T 202 89.21 -0.50 -24.29
CA TYR T 202 89.74 0.80 -24.61
C TYR T 202 90.65 0.78 -25.80
N ILE T 203 90.71 -0.35 -26.49
CA ILE T 203 91.55 -0.39 -27.67
C ILE T 203 90.80 -0.77 -28.94
N GLY T 204 90.73 0.16 -29.88
CA GLY T 204 90.18 -0.10 -31.19
C GLY T 204 91.30 -0.42 -32.16
N LEU T 205 90.98 -1.17 -33.22
CA LEU T 205 91.93 -1.52 -34.26
C LEU T 205 91.25 -1.40 -35.62
N THR T 206 91.83 -0.59 -36.50
CA THR T 206 91.32 -0.44 -37.87
C THR T 206 92.31 -1.10 -38.82
N MET T 207 91.93 -2.27 -39.36
CA MET T 207 92.89 -3.07 -40.10
C MET T 207 93.30 -2.45 -41.43
N PRO T 208 92.37 -2.22 -42.35
CA PRO T 208 92.75 -1.64 -43.65
C PRO T 208 93.25 -0.20 -43.55
N ARG T 209 94.29 0.15 -44.31
CA ARG T 209 94.79 1.52 -44.30
C ARG T 209 94.46 2.19 -45.63
N PHE T 210 93.88 3.37 -45.52
CA PHE T 210 93.46 4.11 -46.69
C PHE T 210 94.59 4.71 -47.45
N LEU T 211 94.36 5.03 -48.69
CA LEU T 211 95.37 5.59 -49.58
C LEU T 211 95.67 7.03 -49.22
N ALA T 212 96.94 7.35 -49.04
CA ALA T 212 97.35 8.68 -48.58
C ALA T 212 97.27 9.70 -49.67
N ARG T 213 97.84 9.45 -50.82
CA ARG T 213 97.91 10.42 -51.93
C ARG T 213 97.80 9.71 -53.25
N LEU T 214 97.43 10.46 -54.26
CA LEU T 214 97.31 9.93 -55.61
C LEU T 214 98.69 9.85 -56.27
N PRO T 215 98.99 8.76 -56.95
CA PRO T 215 100.33 8.60 -57.54
C PRO T 215 100.68 9.68 -58.51
N TYR T 216 101.89 10.22 -58.39
CA TYR T 216 102.37 11.29 -59.28
C TYR T 216 102.44 10.82 -60.70
N GLY T 217 102.15 11.72 -61.61
CA GLY T 217 102.11 11.36 -63.06
C GLY T 217 101.43 12.43 -63.82
N ALA T 218 101.58 12.41 -65.14
CA ALA T 218 100.98 13.46 -65.94
C ALA T 218 99.47 13.46 -65.84
N LYS T 219 98.88 12.27 -65.93
CA LYS T 219 97.44 12.14 -65.84
C LYS T 219 96.89 12.53 -64.48
N THR T 220 97.61 12.12 -63.43
CA THR T 220 97.20 12.42 -62.06
C THR T 220 98.31 13.05 -61.25
N ASP T 221 98.01 14.16 -60.58
CA ASP T 221 98.97 14.83 -59.70
C ASP T 221 100.34 15.14 -60.32
N PRO T 222 100.36 15.79 -61.48
CA PRO T 222 101.63 16.10 -62.13
C PRO T 222 102.54 16.94 -61.23
N VAL T 223 103.82 16.60 -61.21
CA VAL T 223 104.80 17.24 -60.35
C VAL T 223 105.10 18.67 -60.77
N GLU T 224 105.21 18.86 -62.09
CA GLU T 224 105.46 20.14 -62.79
C GLU T 224 106.88 20.69 -62.67
N GLU T 225 107.79 19.90 -62.09
CA GLU T 225 109.18 20.31 -61.97
C GLU T 225 109.95 19.72 -63.14
N PHE T 226 109.64 18.47 -63.43
CA PHE T 226 110.21 17.70 -64.53
C PHE T 226 109.23 16.58 -64.91
N ALA T 227 109.31 16.05 -66.12
CA ALA T 227 108.37 15.00 -66.48
C ALA T 227 108.59 13.80 -65.59
N PHE T 228 107.61 13.42 -64.79
CA PHE T 228 107.77 12.31 -63.85
C PHE T 228 106.71 11.22 -63.88
N GLU T 229 107.15 9.97 -63.83
CA GLU T 229 106.26 8.81 -63.81
C GLU T 229 106.53 8.04 -62.51
N GLU T 230 105.47 7.68 -61.80
CA GLU T 230 105.60 6.98 -60.53
C GLU T 230 105.51 5.47 -60.68
N GLU T 231 105.50 4.95 -61.91
CA GLU T 231 105.29 3.53 -62.14
C GLU T 231 103.95 3.13 -61.56
N THR T 232 103.96 2.38 -60.45
CA THR T 232 102.76 1.97 -59.70
C THR T 232 101.71 1.35 -60.63
N ASP T 233 102.14 0.31 -61.33
CA ASP T 233 101.21 -0.48 -62.14
C ASP T 233 100.21 -1.17 -61.23
N GLY T 234 99.11 -1.63 -61.82
CA GLY T 234 97.93 -2.03 -61.08
C GLY T 234 98.14 -2.92 -59.89
N ALA T 235 97.54 -2.53 -58.76
CA ALA T 235 97.62 -3.23 -57.48
C ALA T 235 99.06 -3.44 -57.01
N ASP T 236 99.32 -4.62 -56.43
CA ASP T 236 100.58 -5.04 -55.83
C ASP T 236 100.82 -4.31 -54.51
N SER T 237 100.13 -3.20 -54.28
CA SER T 237 100.00 -2.49 -53.02
C SER T 237 101.31 -1.93 -52.48
N SER T 238 102.45 -2.32 -53.02
CA SER T 238 103.74 -1.85 -52.51
C SER T 238 104.14 -0.50 -53.09
N LYS T 239 103.62 -0.13 -54.25
CA LYS T 239 103.99 1.13 -54.89
C LYS T 239 103.22 2.31 -54.32
N TYR T 240 101.97 2.11 -53.92
CA TYR T 240 101.13 3.19 -53.39
C TYR T 240 101.48 3.69 -51.98
N ALA T 241 101.18 4.96 -51.72
CA ALA T 241 101.41 5.54 -50.40
C ALA T 241 100.22 5.34 -49.51
N TRP T 242 100.32 4.51 -48.50
CA TRP T 242 99.23 4.08 -47.66
C TRP T 242 99.31 4.75 -46.30
N ALA T 243 98.34 5.61 -45.98
CA ALA T 243 98.25 6.21 -44.69
C ALA T 243 97.51 5.32 -43.73
N ASN T 244 97.93 5.33 -42.47
CA ASN T 244 97.24 4.55 -41.43
C ASN T 244 95.84 4.95 -41.30
N SER T 245 94.94 4.00 -41.15
CA SER T 245 93.51 4.31 -41.03
C SER T 245 93.10 4.59 -39.62
N ALA T 246 93.99 4.50 -38.66
CA ALA T 246 93.70 5.07 -37.34
C ALA T 246 93.46 6.52 -37.44
N TYR T 247 94.05 7.19 -38.43
CA TYR T 247 93.87 8.64 -38.61
C TYR T 247 92.55 8.98 -39.20
N ALA T 248 91.99 8.13 -40.03
CA ALA T 248 90.61 8.36 -40.52
C ALA T 248 89.63 8.21 -39.42
N MET T 249 89.80 7.22 -38.56
CA MET T 249 88.97 7.09 -37.35
C MET T 249 89.17 8.30 -36.49
N ALA T 250 90.41 8.78 -36.35
CA ALA T 250 90.68 9.97 -35.53
C ALA T 250 89.97 11.17 -36.08
N VAL T 251 90.08 11.44 -37.36
CA VAL T 251 89.34 12.52 -38.03
C VAL T 251 87.88 12.38 -37.80
N ASN T 252 87.36 11.17 -37.76
CA ASN T 252 85.94 10.97 -37.47
C ASN T 252 85.62 11.33 -36.07
N ILE T 253 86.52 11.07 -35.13
CA ILE T 253 86.29 11.39 -33.71
C ILE T 253 86.31 12.89 -33.53
N ASN T 254 87.34 13.56 -34.03
CA ASN T 254 87.41 15.01 -33.96
C ASN T 254 86.24 15.66 -34.63
N ARG T 255 85.81 15.15 -35.78
CA ARG T 255 84.60 15.67 -36.44
C ARG T 255 83.41 15.52 -35.58
N SER T 256 83.20 14.35 -35.03
CA SER T 256 82.05 14.08 -34.17
C SER T 256 82.03 15.05 -33.01
N PHE T 257 83.18 15.29 -32.38
CA PHE T 257 83.21 16.23 -31.26
C PHE T 257 82.94 17.62 -31.73
N LYS T 258 83.60 18.10 -32.77
CA LYS T 258 83.40 19.46 -33.27
C LYS T 258 81.97 19.73 -33.54
N LEU T 259 81.29 18.85 -34.28
CA LEU T 259 79.88 19.08 -34.61
C LEU T 259 78.97 18.92 -33.43
N TYR T 260 78.98 17.76 -32.80
CA TYR T 260 77.98 17.39 -31.80
C TYR T 260 78.43 17.57 -30.38
N GLY T 261 79.66 17.98 -30.14
CA GLY T 261 80.18 18.07 -28.79
C GLY T 261 80.54 16.78 -28.15
N TRP T 262 80.22 15.68 -28.74
CA TRP T 262 80.52 14.33 -28.23
C TRP T 262 81.05 13.47 -29.35
N CYS T 263 81.76 12.43 -28.94
CA CYS T 263 82.32 11.44 -29.86
C CYS T 263 81.32 10.31 -30.12
N SER T 264 80.07 10.52 -29.76
CA SER T 264 79.08 9.46 -29.87
C SER T 264 78.89 8.90 -31.26
N ARG T 265 78.84 9.74 -32.29
CA ARG T 265 78.69 9.21 -33.63
C ARG T 265 79.97 9.30 -34.42
N ILE T 266 80.71 8.19 -34.46
CA ILE T 266 81.96 8.09 -35.18
C ILE T 266 81.89 6.90 -36.12
N ARG T 267 80.70 6.33 -36.29
CA ARG T 267 80.56 5.17 -37.13
C ARG T 267 79.43 5.29 -38.15
N GLY T 268 79.13 4.25 -38.89
CA GLY T 268 78.03 4.23 -39.81
C GLY T 268 78.33 4.94 -41.11
N VAL T 269 77.58 4.61 -42.16
CA VAL T 269 77.74 5.26 -43.45
C VAL T 269 77.20 6.69 -43.38
N GLU T 270 75.93 6.82 -43.00
CA GLU T 270 75.28 8.14 -42.90
C GLU T 270 75.25 8.72 -41.48
N SER T 271 75.80 7.99 -40.52
CA SER T 271 75.79 8.44 -39.13
C SER T 271 77.06 9.11 -38.71
N GLY T 272 77.95 9.40 -39.64
CA GLY T 272 79.18 10.13 -39.34
C GLY T 272 80.45 9.32 -39.34
N GLY T 273 80.43 8.09 -39.80
CA GLY T 273 81.64 7.32 -39.89
C GLY T 273 82.18 7.27 -41.29
N GLU T 274 81.85 8.25 -42.12
CA GLU T 274 82.27 8.27 -43.51
C GLU T 274 83.63 8.86 -43.69
N VAL T 275 84.42 8.28 -44.56
CA VAL T 275 85.74 8.80 -44.96
C VAL T 275 85.62 9.15 -46.45
N GLN T 276 85.58 10.44 -46.75
CA GLN T 276 85.31 10.91 -48.09
C GLN T 276 86.55 11.41 -48.78
N GLY T 277 86.41 11.75 -50.06
CA GLY T 277 87.52 12.37 -50.77
C GLY T 277 88.73 11.50 -50.93
N LEU T 278 88.61 10.21 -50.80
CA LEU T 278 89.74 9.32 -50.92
C LEU T 278 90.30 9.36 -52.30
N PRO T 279 91.64 9.35 -52.45
CA PRO T 279 92.23 9.33 -53.80
C PRO T 279 91.81 8.13 -54.57
N ALA T 280 91.30 8.36 -55.78
CA ALA T 280 90.84 7.26 -56.64
C ALA T 280 91.77 7.23 -57.84
N HIS T 281 92.63 6.23 -57.95
CA HIS T 281 93.59 6.09 -59.03
C HIS T 281 93.00 5.17 -60.08
N THR T 282 92.66 5.72 -61.24
CA THR T 282 92.05 4.96 -62.32
C THR T 282 93.10 4.66 -63.38
N PHE T 283 93.29 3.37 -63.66
CA PHE T 283 94.23 2.94 -64.68
C PHE T 283 93.52 2.08 -65.71
N PRO T 284 93.89 2.17 -66.98
CA PRO T 284 93.22 1.36 -68.01
C PRO T 284 93.64 -0.10 -67.90
N THR T 285 92.68 -0.98 -68.19
CA THR T 285 92.96 -2.41 -68.24
C THR T 285 92.49 -2.97 -69.58
N ASP T 286 92.53 -4.29 -69.74
CA ASP T 286 92.17 -4.91 -71.02
C ASP T 286 90.70 -4.67 -71.32
N ASP T 287 90.37 -4.78 -72.62
CA ASP T 287 89.02 -4.60 -73.12
C ASP T 287 88.47 -3.21 -72.79
N GLY T 288 87.36 -3.16 -72.06
CA GLY T 288 86.72 -1.87 -71.79
C GLY T 288 87.60 -0.94 -70.97
N GLY T 289 88.48 -1.50 -70.15
CA GLY T 289 89.34 -0.69 -69.33
C GLY T 289 88.60 0.02 -68.22
N VAL T 290 89.25 1.07 -67.71
CA VAL T 290 88.69 1.95 -66.69
C VAL T 290 88.30 1.16 -65.44
N ASP T 291 89.29 0.70 -64.70
CA ASP T 291 89.09 0.15 -63.37
C ASP T 291 90.04 0.86 -62.41
N MET T 292 89.54 1.23 -61.24
CA MET T 292 90.29 2.06 -60.32
C MET T 292 90.83 1.26 -59.15
N LYS T 293 92.00 1.66 -58.67
CA LYS T 293 92.57 1.06 -57.47
C LYS T 293 91.71 1.38 -56.26
N CYS T 294 91.41 0.36 -55.47
CA CYS T 294 90.58 0.54 -54.29
C CYS T 294 91.29 1.44 -53.29
N PRO T 295 90.64 2.47 -52.74
CA PRO T 295 91.31 3.41 -51.82
C PRO T 295 91.76 2.72 -50.52
N THR T 296 90.89 1.93 -49.89
CA THR T 296 91.34 1.01 -48.88
C THR T 296 91.91 -0.23 -49.57
N GLU T 297 92.84 -0.92 -48.91
CA GLU T 297 93.66 -1.91 -49.58
C GLU T 297 92.87 -2.96 -50.27
N ILE T 298 91.69 -3.31 -49.77
CA ILE T 298 90.87 -4.36 -50.40
C ILE T 298 89.43 -4.10 -50.02
N ALA T 299 88.54 -4.58 -50.87
CA ALA T 299 87.10 -4.50 -50.64
C ALA T 299 86.67 -5.54 -49.69
N ILE T 300 85.85 -5.17 -48.71
CA ILE T 300 85.42 -6.09 -47.64
C ILE T 300 83.90 -6.23 -47.83
N SER T 301 83.45 -7.47 -48.04
CA SER T 301 82.04 -7.73 -48.07
C SER T 301 81.37 -7.64 -46.77
N ASP T 302 80.06 -7.48 -46.73
CA ASP T 302 79.32 -7.36 -45.49
C ASP T 302 79.55 -8.54 -44.57
N ARG T 303 79.73 -9.74 -45.16
CA ARG T 303 80.04 -10.95 -44.38
C ARG T 303 81.43 -10.87 -43.75
N ARG T 304 82.43 -10.47 -44.52
CA ARG T 304 83.76 -10.19 -44.00
C ARG T 304 83.71 -9.08 -42.98
N GLU T 305 82.93 -8.06 -43.22
CA GLU T 305 82.84 -6.95 -42.28
C GLU T 305 82.33 -7.41 -40.93
N ALA T 306 81.20 -8.08 -40.91
CA ALA T 306 80.65 -8.56 -39.65
C ALA T 306 81.57 -9.54 -39.00
N GLU T 307 82.26 -10.34 -39.79
CA GLU T 307 83.19 -11.34 -39.25
C GLU T 307 84.41 -10.70 -38.65
N LEU T 308 84.82 -9.54 -39.13
CA LEU T 308 85.93 -8.80 -38.53
C LEU T 308 85.45 -8.05 -37.29
N ALA T 309 84.27 -7.47 -37.33
CA ALA T 309 83.74 -6.79 -36.17
C ALA T 309 83.46 -7.76 -35.04
N LYS T 310 83.23 -9.04 -35.34
CA LYS T 310 83.12 -10.03 -34.28
C LYS T 310 84.43 -10.32 -33.65
N ASN T 311 85.51 -10.19 -34.39
CA ASN T 311 86.88 -10.45 -33.91
C ASN T 311 87.51 -9.26 -33.30
N GLY T 312 86.79 -8.16 -33.12
CA GLY T 312 87.31 -6.99 -32.43
C GLY T 312 88.18 -6.14 -33.32
N PHE T 313 87.76 -5.89 -34.55
CA PHE T 313 88.42 -4.98 -35.44
C PHE T 313 87.43 -3.90 -35.86
N MET T 314 87.96 -2.81 -36.42
CA MET T 314 87.17 -1.74 -36.97
C MET T 314 87.49 -1.65 -38.45
N PRO T 315 86.79 -2.40 -39.29
CA PRO T 315 87.13 -2.39 -40.70
C PRO T 315 86.78 -1.07 -41.35
N LEU T 316 87.63 -0.57 -42.23
CA LEU T 316 87.29 0.50 -43.11
C LEU T 316 87.00 -0.08 -44.46
N LEU T 317 85.74 -0.13 -44.86
CA LEU T 317 85.38 -0.74 -46.12
C LEU T 317 85.03 0.30 -47.13
N HIS T 318 85.47 0.07 -48.36
CA HIS T 318 85.30 1.01 -49.44
C HIS T 318 84.08 0.74 -50.30
N LYS T 319 83.24 1.76 -50.50
CA LYS T 319 82.05 1.63 -51.32
C LYS T 319 82.49 1.40 -52.74
N LYS T 320 81.88 0.45 -53.43
CA LYS T 320 82.28 0.12 -54.79
C LYS T 320 82.08 1.23 -55.82
N ASN T 321 83.06 1.39 -56.71
CA ASN T 321 82.99 2.38 -57.80
C ASN T 321 82.85 3.82 -57.34
N THR T 322 83.33 4.14 -56.16
CA THR T 322 83.24 5.48 -55.57
C THR T 322 84.44 5.70 -54.68
N ASP T 323 84.80 6.97 -54.51
CA ASP T 323 85.86 7.31 -53.62
C ASP T 323 85.41 7.34 -52.14
N PHE T 324 84.17 7.17 -51.89
CA PHE T 324 83.60 7.10 -50.54
C PHE T 324 84.04 5.85 -49.84
N ALA T 325 84.14 5.92 -48.51
CA ALA T 325 84.42 4.76 -47.65
C ALA T 325 83.92 5.07 -46.28
N ALA T 326 83.70 4.04 -45.46
CA ALA T 326 83.07 4.24 -44.17
C ALA T 326 83.48 3.19 -43.18
N PHE T 327 83.32 3.50 -41.90
CA PHE T 327 83.37 2.56 -40.79
C PHE T 327 81.97 2.14 -40.43
N ILE T 328 81.62 0.88 -40.68
CA ILE T 328 80.26 0.41 -40.45
C ILE T 328 79.96 0.35 -38.98
N GLY T 329 80.93 -0.08 -38.20
CA GLY T 329 80.76 -0.13 -36.73
C GLY T 329 82.12 0.00 -36.10
N ALA T 330 82.07 0.48 -34.85
CA ALA T 330 83.28 0.64 -34.02
C ALA T 330 83.16 -0.33 -32.88
N GLN T 331 83.96 -1.40 -32.92
CA GLN T 331 83.98 -2.42 -31.89
C GLN T 331 85.38 -2.46 -31.32
N SER T 332 85.49 -2.38 -30.01
CA SER T 332 86.79 -2.39 -29.37
C SER T 332 87.40 -3.76 -29.45
N LEU T 333 88.61 -3.92 -28.95
CA LEU T 333 89.29 -5.21 -28.99
C LEU T 333 88.68 -6.20 -28.06
N GLN T 334 87.92 -5.72 -27.08
CA GLN T 334 87.36 -6.66 -26.11
C GLN T 334 86.23 -7.54 -26.61
N LYS T 335 86.36 -8.84 -26.33
CA LYS T 335 85.32 -9.81 -26.65
C LYS T 335 84.32 -9.83 -25.51
N PRO T 336 83.12 -9.29 -25.68
CA PRO T 336 82.18 -9.23 -24.55
C PRO T 336 81.72 -10.61 -24.14
N ALA T 337 81.74 -10.92 -22.88
CA ALA T 337 81.36 -12.24 -22.39
C ALA T 337 79.87 -12.39 -22.32
N GLU T 338 79.38 -13.59 -22.62
CA GLU T 338 77.96 -13.89 -22.53
C GLU T 338 77.56 -14.10 -21.06
N TYR T 339 76.30 -13.82 -20.73
CA TYR T 339 75.81 -14.00 -19.38
C TYR T 339 74.46 -14.68 -19.42
N ASP T 340 74.02 -15.16 -18.26
CA ASP T 340 72.71 -15.78 -18.16
C ASP T 340 71.60 -14.79 -18.45
N ASP T 341 71.58 -13.70 -17.70
CA ASP T 341 70.55 -12.69 -17.89
C ASP T 341 70.81 -11.93 -19.18
N PRO T 342 69.82 -11.76 -20.05
CA PRO T 342 70.03 -11.00 -21.27
C PRO T 342 70.37 -9.53 -20.98
N ASP T 343 69.94 -8.99 -19.83
CA ASP T 343 70.29 -7.63 -19.50
C ASP T 343 71.77 -7.48 -19.21
N ALA T 344 72.35 -8.44 -18.50
CA ALA T 344 73.78 -8.44 -18.25
C ALA T 344 74.56 -8.64 -19.51
N THR T 345 74.06 -9.42 -20.44
CA THR T 345 74.71 -9.59 -21.73
C THR T 345 74.64 -8.31 -22.53
N ALA T 346 73.52 -7.59 -22.45
CA ALA T 346 73.42 -6.31 -23.12
C ALA T 346 74.43 -5.33 -22.57
N ASN T 347 74.46 -5.17 -21.23
CA ASN T 347 75.44 -4.29 -20.63
C ASN T 347 76.84 -4.69 -20.94
N ALA T 348 77.10 -5.99 -21.10
CA ALA T 348 78.43 -6.45 -21.46
C ALA T 348 78.76 -6.14 -22.90
N ASN T 349 77.74 -6.08 -23.78
CA ASN T 349 78.00 -5.74 -25.17
C ASN T 349 78.20 -4.24 -25.36
N LEU T 350 77.47 -3.43 -24.61
CA LEU T 350 77.59 -1.98 -24.74
C LEU T 350 79.00 -1.51 -24.40
N ALA T 351 79.60 -2.11 -23.39
CA ALA T 351 80.92 -1.73 -22.95
C ALA T 351 81.99 -2.00 -23.99
N ALA T 352 81.74 -2.95 -24.91
CA ALA T 352 82.74 -3.28 -25.90
C ALA T 352 82.72 -2.39 -27.10
N ARG T 353 81.79 -1.44 -27.20
CA ARG T 353 81.62 -0.58 -28.37
C ARG T 353 82.15 0.82 -28.05
N LEU T 354 83.07 1.30 -28.86
CA LEU T 354 83.69 2.58 -28.68
C LEU T 354 82.72 3.76 -28.65
N PRO T 355 81.64 3.79 -29.49
CA PRO T 355 80.74 4.92 -29.45
C PRO T 355 80.21 5.24 -28.05
N TYR T 356 79.97 4.21 -27.22
CA TYR T 356 79.52 4.44 -25.89
C TYR T 356 80.68 4.76 -24.93
N LEU T 357 81.79 4.07 -25.06
CA LEU T 357 82.93 4.32 -24.20
C LEU T 357 83.43 5.74 -24.33
N PHE T 358 83.26 6.37 -25.49
CA PHE T 358 83.59 7.78 -25.60
C PHE T 358 82.69 8.61 -24.76
N ALA T 359 81.42 8.25 -24.69
CA ALA T 359 80.46 8.97 -23.85
C ALA T 359 80.88 8.86 -22.37
N THR T 360 81.05 7.64 -21.88
CA THR T 360 81.40 7.48 -20.48
C THR T 360 82.76 8.08 -20.15
N CYS T 361 83.69 8.02 -21.05
CA CYS T 361 84.99 8.66 -20.85
C CYS T 361 84.81 10.18 -20.71
N ARG T 362 83.99 10.77 -21.58
CA ARG T 362 83.74 12.20 -21.47
C ARG T 362 83.12 12.56 -20.15
N PHE T 363 82.14 11.77 -19.70
CA PHE T 363 81.55 12.01 -18.38
C PHE T 363 82.58 11.84 -17.27
N ALA T 364 83.58 10.99 -17.47
CA ALA T 364 84.64 10.86 -16.49
C ALA T 364 85.49 12.11 -16.42
N HIS T 365 85.80 12.69 -17.57
CA HIS T 365 86.55 13.95 -17.59
C HIS T 365 85.76 15.05 -16.91
N TYR T 366 84.51 15.25 -17.32
CA TYR T 366 83.68 16.26 -16.70
C TYR T 366 83.60 16.08 -15.21
N LEU T 367 83.25 14.88 -14.77
CA LEU T 367 83.08 14.61 -13.33
C LEU T 367 84.35 14.87 -12.58
N LYS T 368 85.47 14.47 -13.15
CA LYS T 368 86.79 14.74 -12.51
C LYS T 368 86.98 16.22 -12.28
N CYS T 369 86.80 17.03 -13.29
CA CYS T 369 87.07 18.46 -13.16
C CYS T 369 86.08 19.12 -12.21
N ILE T 370 84.77 18.85 -12.39
CA ILE T 370 83.77 19.56 -11.62
C ILE T 370 83.81 19.15 -10.16
N VAL T 371 84.02 17.86 -9.88
CA VAL T 371 84.10 17.43 -8.48
C VAL T 371 85.38 17.92 -7.86
N ARG T 372 86.48 17.87 -8.60
CA ARG T 372 87.74 18.42 -8.09
C ARG T 372 87.59 19.87 -7.72
N ASP T 373 86.78 20.63 -8.45
CA ASP T 373 86.53 22.02 -8.08
C ASP T 373 85.53 22.15 -6.95
N LYS T 374 84.68 21.13 -6.73
CA LYS T 374 83.69 21.18 -5.66
C LYS T 374 84.24 20.68 -4.32
N ILE T 375 85.50 20.24 -4.26
CA ILE T 375 86.07 19.77 -3.01
C ILE T 375 86.20 20.94 -2.05
N GLY T 376 85.66 20.76 -0.82
CA GLY T 376 85.71 21.82 0.16
C GLY T 376 84.42 22.57 0.37
N SER T 377 83.41 22.27 -0.39
CA SER T 377 82.08 22.86 -0.23
C SER T 377 81.21 22.05 0.70
N PHE T 378 80.38 22.67 1.47
CA PHE T 378 79.54 21.97 2.42
C PHE T 378 78.57 21.05 1.72
N LYS T 379 78.66 19.77 2.00
CA LYS T 379 77.92 18.74 1.27
C LYS T 379 77.54 17.62 2.24
N GLU T 380 76.27 17.23 2.18
CA GLU T 380 75.78 16.03 2.84
C GLU T 380 75.52 14.96 1.79
N LYS T 381 75.07 13.79 2.22
CA LYS T 381 74.70 12.76 1.25
C LYS T 381 73.56 13.27 0.36
N ASP T 382 72.57 13.95 0.96
CA ASP T 382 71.47 14.46 0.17
C ASP T 382 71.92 15.60 -0.75
N GLU T 383 72.84 16.44 -0.28
CA GLU T 383 73.35 17.52 -1.11
C GLU T 383 74.09 16.96 -2.32
N MET T 384 74.97 15.98 -2.11
CA MET T 384 75.65 15.34 -3.22
C MET T 384 74.67 14.62 -4.14
N GLN T 385 73.61 14.04 -3.57
CA GLN T 385 72.61 13.39 -4.42
C GLN T 385 71.93 14.39 -5.33
N ARG T 386 71.58 15.56 -4.82
CA ARG T 386 70.91 16.56 -5.64
C ARG T 386 71.86 17.17 -6.65
N TRP T 387 73.11 17.37 -6.26
CA TRP T 387 74.05 18.02 -7.17
C TRP T 387 74.48 17.10 -8.29
N LEU T 388 74.75 15.84 -7.98
CA LEU T 388 75.10 14.86 -9.02
C LEU T 388 73.90 14.47 -9.85
N GLN T 389 72.76 14.29 -9.20
CA GLN T 389 71.53 13.94 -9.92
C GLN T 389 71.12 15.04 -10.87
N ASP T 390 71.20 16.29 -10.43
CA ASP T 390 70.85 17.40 -11.30
C ASP T 390 71.99 17.79 -12.23
N TRP T 391 73.22 17.35 -11.98
CA TRP T 391 74.28 17.62 -12.91
C TRP T 391 74.24 16.67 -14.09
N ILE T 392 74.02 15.38 -13.83
CA ILE T 392 73.97 14.39 -14.92
C ILE T 392 72.73 14.56 -15.75
N LEU T 393 71.72 15.28 -15.22
CA LEU T 393 70.40 15.30 -15.87
C LEU T 393 70.29 16.36 -16.94
N ASN T 394 71.32 17.19 -17.13
CA ASN T 394 71.28 18.15 -18.23
C ASN T 394 71.89 17.60 -19.48
N TYR T 395 72.52 16.43 -19.44
CA TYR T 395 72.94 15.71 -20.63
C TYR T 395 71.93 14.68 -21.10
N VAL T 396 70.75 14.62 -20.46
CA VAL T 396 69.70 13.68 -20.80
C VAL T 396 68.52 14.47 -21.30
N ASP T 397 67.96 14.01 -22.44
CA ASP T 397 66.73 14.65 -22.98
C ASP T 397 65.53 13.73 -22.68
N GLY T 398 64.72 14.14 -21.71
CA GLY T 398 63.70 13.27 -21.17
C GLY T 398 62.41 13.24 -22.01
N ASP T 399 61.86 14.41 -22.26
CA ASP T 399 60.63 14.55 -23.05
C ASP T 399 60.73 14.13 -24.53
N PRO T 400 61.85 14.46 -25.17
CA PRO T 400 62.03 14.22 -26.61
C PRO T 400 62.74 12.92 -27.00
N ALA T 401 62.99 12.02 -26.06
CA ALA T 401 63.67 10.78 -26.38
C ALA T 401 63.22 10.00 -27.65
N HIS T 402 61.92 9.85 -27.88
CA HIS T 402 61.53 9.16 -29.11
C HIS T 402 61.60 10.07 -30.35
N SER T 403 61.24 11.34 -30.18
CA SER T 403 61.23 12.28 -31.32
C SER T 403 62.33 13.30 -31.12
N THR T 404 63.45 13.06 -31.82
CA THR T 404 64.62 13.95 -31.86
C THR T 404 65.57 13.47 -32.99
N GLU T 405 66.49 14.33 -33.44
CA GLU T 405 67.40 13.81 -34.48
C GLU T 405 68.87 14.06 -34.15
N THR T 406 69.28 15.34 -34.16
CA THR T 406 70.63 15.72 -33.82
C THR T 406 70.83 15.82 -32.31
N THR T 407 69.77 16.14 -31.54
CA THR T 407 69.98 16.29 -30.09
C THR T 407 70.32 14.94 -29.45
N LYS T 408 69.88 13.83 -30.07
CA LYS T 408 70.28 12.53 -29.55
C LYS T 408 71.79 12.34 -29.65
N ALA T 409 72.43 13.00 -30.61
CA ALA T 409 73.89 13.01 -30.68
C ALA T 409 74.49 13.97 -29.68
N GLN T 410 73.81 15.10 -29.43
CA GLN T 410 74.34 16.07 -28.47
C GLN T 410 74.07 15.67 -27.05
N HIS T 411 72.91 15.03 -26.80
CA HIS T 411 72.67 14.46 -25.48
C HIS T 411 72.87 12.96 -25.58
N PRO T 412 74.01 12.42 -25.10
CA PRO T 412 74.33 11.02 -25.37
C PRO T 412 73.47 10.03 -24.55
N LEU T 413 72.79 10.48 -23.48
CA LEU T 413 72.13 9.60 -22.57
C LEU T 413 70.63 9.68 -22.73
N ALA T 414 69.96 8.53 -22.80
CA ALA T 414 68.52 8.48 -22.77
C ALA T 414 67.98 8.59 -21.35
N ALA T 415 68.76 8.17 -20.36
CA ALA T 415 68.36 8.28 -18.96
C ALA T 415 69.60 8.20 -18.09
N ALA T 416 69.47 8.64 -16.84
CA ALA T 416 70.59 8.67 -15.91
C ALA T 416 70.11 8.42 -14.51
N GLU T 417 70.86 7.64 -13.75
CA GLU T 417 70.48 7.27 -12.38
C GLU T 417 71.71 7.29 -11.52
N VAL T 418 71.61 7.91 -10.37
CA VAL T 418 72.77 8.14 -9.46
C VAL T 418 72.36 7.51 -8.11
N VAL T 419 73.27 6.71 -7.57
CA VAL T 419 73.13 6.19 -6.22
C VAL T 419 74.34 6.65 -5.44
N VAL T 420 74.12 7.48 -4.43
CA VAL T 420 75.20 8.07 -3.62
C VAL T 420 75.17 7.32 -2.27
N GLU T 421 76.37 7.01 -1.77
CA GLU T 421 76.52 6.35 -0.48
C GLU T 421 77.69 6.97 0.23
N GLU T 422 77.47 7.37 1.49
CA GLU T 422 78.54 7.97 2.29
C GLU T 422 79.45 6.87 2.86
N VAL T 423 80.75 7.06 2.75
CA VAL T 423 81.71 6.08 3.27
C VAL T 423 81.62 6.13 4.81
N GLU T 424 81.36 4.97 5.41
CA GLU T 424 81.27 4.87 6.87
C GLU T 424 82.64 5.05 7.50
N GLY T 425 82.68 5.61 8.70
CA GLY T 425 83.94 5.83 9.35
C GLY T 425 84.77 6.95 8.75
N ASN T 426 84.12 7.99 8.24
CA ASN T 426 84.83 9.09 7.58
C ASN T 426 83.79 10.16 7.19
N PRO T 427 84.03 11.43 7.49
CA PRO T 427 83.19 12.49 6.96
C PRO T 427 83.62 12.91 5.58
N GLY T 428 82.67 13.51 4.83
CA GLY T 428 83.06 14.20 3.60
C GLY T 428 83.50 13.29 2.46
N TYR T 429 83.59 11.97 2.66
CA TYR T 429 83.94 11.04 1.62
C TYR T 429 82.70 10.26 1.23
N TYR T 430 82.45 10.16 -0.10
CA TYR T 430 81.24 9.47 -0.57
C TYR T 430 81.60 8.51 -1.70
N ASN T 431 80.76 7.52 -1.90
CA ASN T 431 80.82 6.61 -3.04
C ASN T 431 79.58 6.78 -3.88
N SER T 432 79.75 6.89 -5.19
CA SER T 432 78.63 7.10 -6.10
C SER T 432 78.66 6.10 -7.21
N LYS T 433 77.47 5.80 -7.76
CA LYS T 433 77.32 4.94 -8.92
C LYS T 433 76.48 5.67 -9.93
N PHE T 434 76.96 5.79 -11.15
CA PHE T 434 76.25 6.44 -12.23
C PHE T 434 75.76 5.39 -13.21
N PHE T 435 74.44 5.20 -13.26
CA PHE T 435 73.82 4.33 -14.25
C PHE T 435 73.27 5.21 -15.35
N LEU T 436 73.93 5.16 -16.52
CA LEU T 436 73.52 6.02 -17.64
C LEU T 436 73.22 5.13 -18.85
N ARG T 437 72.01 5.28 -19.39
CA ARG T 437 71.56 4.48 -20.52
C ARG T 437 71.78 5.25 -21.81
N PRO T 438 72.70 4.80 -22.67
CA PRO T 438 72.97 5.51 -23.90
C PRO T 438 71.87 5.32 -24.93
N HIS T 439 71.88 6.16 -25.95
CA HIS T 439 71.00 5.97 -27.10
C HIS T 439 71.51 4.81 -27.95
N TYR T 440 70.65 3.80 -28.16
CA TYR T 440 71.06 2.64 -28.94
C TYR T 440 71.33 3.03 -30.37
N GLN T 441 72.19 2.28 -31.04
CA GLN T 441 72.49 2.49 -32.46
C GLN T 441 72.20 1.24 -33.25
N LEU T 442 71.62 1.39 -34.43
CA LEU T 442 71.29 0.21 -35.25
C LEU T 442 72.55 -0.59 -35.57
N GLU T 443 72.59 -1.83 -35.18
CA GLU T 443 73.73 -2.69 -35.39
C GLU T 443 73.56 -3.71 -36.52
N GLY T 444 72.41 -4.36 -36.55
CA GLY T 444 72.11 -5.31 -37.63
C GLY T 444 70.64 -5.58 -37.75
N LEU T 445 70.23 -6.19 -38.84
CA LEU T 445 68.81 -6.48 -39.01
C LEU T 445 68.66 -7.70 -39.86
N THR T 446 67.92 -8.70 -39.35
CA THR T 446 67.58 -9.89 -40.15
C THR T 446 66.14 -9.72 -40.55
N VAL T 447 65.84 -9.79 -41.86
CA VAL T 447 64.48 -9.63 -42.37
C VAL T 447 64.08 -10.89 -43.04
N SER T 448 62.91 -11.40 -42.71
CA SER T 448 62.27 -12.53 -43.44
C SER T 448 61.03 -12.02 -44.12
N LEU T 449 61.04 -11.95 -45.42
CA LEU T 449 59.89 -11.44 -46.21
C LEU T 449 58.96 -12.64 -46.43
N ARG T 450 57.66 -12.38 -46.36
CA ARG T 450 56.67 -13.47 -46.52
C ARG T 450 55.58 -13.05 -47.52
N LEU T 451 55.44 -13.78 -48.62
CA LEU T 451 54.32 -13.57 -49.50
C LEU T 451 53.07 -14.19 -48.91
N VAL T 452 52.05 -13.39 -48.62
CA VAL T 452 50.93 -13.79 -47.81
C VAL T 452 49.66 -13.41 -48.54
N SER T 453 48.70 -14.36 -48.60
CA SER T 453 47.41 -14.08 -49.21
C SER T 453 46.50 -13.34 -48.26
N LYS T 454 46.53 -13.67 -46.97
CA LYS T 454 45.67 -13.00 -45.98
C LYS T 454 46.55 -12.58 -44.82
N LEU T 455 46.65 -11.28 -44.58
CA LEU T 455 47.56 -10.75 -43.58
C LEU T 455 47.37 -11.41 -42.22
N PRO T 456 48.41 -11.96 -41.62
CA PRO T 456 48.21 -12.72 -40.35
C PRO T 456 47.88 -11.82 -39.19
N SER T 457 48.32 -10.55 -39.23
CA SER T 457 48.06 -9.67 -38.08
C SER T 457 46.59 -9.26 -38.06
N ALA T 458 46.12 -8.63 -39.15
CA ALA T 458 44.74 -8.13 -39.14
C ALA T 458 43.66 -8.93 -39.92
N LYS T 459 43.96 -9.28 -41.17
CA LYS T 459 43.00 -9.96 -42.01
C LYS T 459 42.61 -11.34 -41.43
N GLU T 460 43.61 -12.05 -40.90
CA GLU T 460 43.40 -13.35 -40.32
C GLU T 460 43.40 -13.24 -38.80
N ALA T 461 42.22 -13.40 -38.19
CA ALA T 461 42.05 -13.24 -36.75
C ALA T 461 40.54 -13.56 -36.47
N THR U 1 37.51 79.02 38.59
CA THR U 1 37.85 79.67 39.84
C THR U 1 36.60 80.09 40.61
N THR U 2 35.55 79.26 40.53
CA THR U 2 34.25 79.48 41.17
C THR U 2 33.67 80.90 41.07
N SER U 3 33.11 81.21 39.90
CA SER U 3 32.51 82.51 39.63
C SER U 3 31.56 83.00 40.71
N SER U 4 31.65 84.29 41.01
CA SER U 4 30.82 84.91 42.05
C SER U 4 29.38 84.52 41.93
N GLN U 5 28.92 84.16 40.76
CA GLN U 5 27.57 83.59 40.59
C GLN U 5 27.40 82.35 41.39
N LYS U 6 28.44 81.56 41.55
CA LYS U 6 28.41 80.38 42.43
C LYS U 6 28.35 80.79 43.86
N PHE U 7 29.03 81.84 44.26
CA PHE U 7 28.90 82.36 45.64
C PHE U 7 27.49 82.77 45.90
N ILE U 8 26.85 83.50 45.00
CA ILE U 8 25.45 83.88 45.16
C ILE U 8 24.57 82.64 45.20
N ALA U 9 24.95 81.61 44.46
CA ALA U 9 24.13 80.40 44.39
C ALA U 9 24.16 79.63 45.66
N ARG U 10 25.34 79.35 46.18
CA ARG U 10 25.48 78.51 47.37
C ARG U 10 25.24 79.25 48.63
N ASN U 11 25.51 80.54 48.67
CA ASN U 11 25.45 81.29 49.92
C ASN U 11 24.11 81.78 50.37
N ARG U 12 23.45 82.59 49.57
CA ARG U 12 22.01 82.96 49.83
C ARG U 12 21.45 83.04 48.43
N ALA U 13 20.60 82.09 48.12
CA ALA U 13 20.20 81.90 46.75
C ALA U 13 18.86 82.52 46.52
N PRO U 14 18.71 83.37 45.46
CA PRO U 14 17.41 83.76 45.04
C PRO U 14 16.61 82.56 44.55
N ARG U 15 15.28 82.66 44.55
CA ARG U 15 14.48 81.61 43.99
C ARG U 15 14.84 81.37 42.53
N VAL U 16 15.13 82.45 41.80
CA VAL U 16 15.62 82.37 40.43
C VAL U 16 17.09 82.71 40.45
N GLN U 17 17.96 81.74 40.24
CA GLN U 17 19.43 81.94 40.27
C GLN U 17 19.96 81.56 38.93
N ILE U 18 20.59 82.54 38.26
CA ILE U 18 21.04 82.33 36.86
C ILE U 18 22.55 82.48 36.85
N GLU U 19 23.25 81.44 36.51
CA GLU U 19 24.69 81.40 36.41
C GLU U 19 25.09 81.10 34.98
N TYR U 20 26.31 81.50 34.62
CA TYR U 20 26.88 81.16 33.34
C TYR U 20 28.11 80.34 33.54
N ASP U 21 28.17 79.17 32.92
CA ASP U 21 29.35 78.30 33.01
C ASP U 21 29.77 77.85 31.64
N VAL U 22 31.08 77.88 31.39
CA VAL U 22 31.64 77.48 30.10
C VAL U 22 31.43 75.93 29.99
N GLU U 23 31.04 75.50 28.78
CA GLU U 23 30.84 74.13 28.54
C GLU U 23 32.07 73.44 27.99
N LEU U 24 32.66 72.53 28.75
CA LEU U 24 33.78 71.70 28.32
C LEU U 24 33.41 70.25 28.54
N TYR U 25 33.22 69.50 27.47
CA TYR U 25 32.82 68.11 27.58
C TYR U 25 33.80 67.21 28.28
N GLY U 26 35.04 67.28 27.83
CA GLY U 26 36.09 66.47 28.41
C GLY U 26 37.12 67.17 29.28
N ALA U 27 36.98 68.48 29.42
CA ALA U 27 37.90 69.29 30.23
C ALA U 27 39.34 69.04 29.77
N GLU U 28 40.23 68.73 30.71
CA GLU U 28 41.61 68.40 30.38
C GLU U 28 42.36 69.42 29.51
N LYS U 29 42.54 70.63 30.03
CA LYS U 29 43.24 71.69 29.31
C LYS U 29 44.72 71.36 29.03
N LYS U 30 45.25 71.96 27.96
CA LYS U 30 46.63 71.69 27.52
C LYS U 30 47.69 72.09 28.54
N VAL U 31 48.82 71.37 28.49
CA VAL U 31 49.88 71.50 29.49
C VAL U 31 50.76 72.72 29.25
N GLN U 32 50.76 73.30 28.05
CA GLN U 32 51.61 74.45 27.74
C GLN U 32 53.06 73.99 27.77
N LEU U 33 53.83 74.48 28.75
CA LEU U 33 55.23 74.09 28.93
C LEU U 33 56.10 74.49 27.76
N PRO U 34 56.46 75.76 27.64
CA PRO U 34 57.34 76.21 26.57
C PRO U 34 58.69 75.51 26.58
N PHE U 35 59.37 75.59 25.43
CA PHE U 35 60.69 74.99 25.25
C PHE U 35 61.74 76.04 25.54
N VAL U 36 62.49 75.86 26.62
CA VAL U 36 63.60 76.73 26.96
C VAL U 36 64.89 76.00 26.60
N MET U 37 65.89 76.75 26.14
CA MET U 37 67.20 76.18 25.83
C MET U 37 68.25 76.89 26.66
N GLY U 38 68.85 76.19 27.61
CA GLY U 38 69.88 76.78 28.45
C GLY U 38 71.20 76.70 27.73
N VAL U 39 71.95 77.80 27.69
CA VAL U 39 73.24 77.82 27.01
C VAL U 39 74.38 78.15 27.95
N MET U 40 75.43 77.36 27.91
CA MET U 40 76.60 77.58 28.74
C MET U 40 77.74 77.93 27.83
N ALA U 41 78.47 78.99 28.16
CA ALA U 41 79.57 79.41 27.29
C ALA U 41 80.56 80.20 28.10
N ASP U 42 81.77 80.36 27.55
CA ASP U 42 82.79 81.16 28.20
C ASP U 42 82.69 82.58 27.68
N LEU U 43 82.26 83.49 28.54
CA LEU U 43 82.08 84.89 28.19
C LEU U 43 82.80 85.76 29.23
N ALA U 44 83.18 86.96 28.81
CA ALA U 44 83.97 87.87 29.63
C ALA U 44 85.28 87.21 30.07
N GLY U 45 85.99 86.66 29.08
CA GLY U 45 87.24 85.99 29.35
C GLY U 45 88.27 86.95 29.92
N LYS U 46 88.94 86.55 31.00
CA LYS U 46 89.90 87.39 31.71
C LYS U 46 89.25 88.70 32.14
N PRO U 47 88.31 88.67 33.07
CA PRO U 47 87.68 89.91 33.52
C PRO U 47 88.61 90.71 34.41
N ALA U 48 88.29 92.00 34.56
CA ALA U 48 89.11 92.89 35.38
C ALA U 48 88.85 92.78 36.87
N GLU U 49 87.69 92.27 37.27
CA GLU U 49 87.31 92.19 38.66
C GLU U 49 87.22 90.71 39.03
N PRO U 50 86.98 90.37 40.30
CA PRO U 50 86.66 88.97 40.63
C PRO U 50 85.42 88.44 39.95
N GLN U 51 84.60 89.30 39.34
CA GLN U 51 83.34 88.92 38.72
C GLN U 51 82.38 88.41 39.78
N ALA U 52 81.87 87.18 39.60
CA ALA U 52 80.88 86.65 40.53
C ALA U 52 81.21 85.20 40.83
N ALA U 53 80.95 84.80 42.06
CA ALA U 53 81.14 83.41 42.45
C ALA U 53 80.07 82.54 41.81
N VAL U 54 80.38 81.25 41.71
CA VAL U 54 79.44 80.29 41.14
C VAL U 54 78.24 80.16 42.07
N ALA U 55 77.12 79.69 41.50
CA ALA U 55 75.82 79.55 42.16
C ALA U 55 75.15 80.91 42.32
N ASP U 56 75.92 82.00 42.17
CA ASP U 56 75.37 83.34 42.10
C ASP U 56 75.23 83.85 40.67
N ARG U 57 75.70 83.10 39.68
CA ARG U 57 75.62 83.55 38.29
C ARG U 57 74.24 83.30 37.67
N LYS U 58 73.62 82.19 38.03
CA LYS U 58 72.29 81.90 37.52
C LYS U 58 72.29 81.72 36.00
N PHE U 59 71.10 81.78 35.42
CA PHE U 59 70.93 81.70 33.98
C PHE U 59 70.13 82.94 33.63
N LEU U 60 70.60 83.73 32.68
CA LEU U 60 69.91 84.95 32.32
C LEU U 60 69.27 84.83 30.96
N GLU U 61 67.97 85.15 30.88
CA GLU U 61 67.28 85.05 29.62
C GLU U 61 67.88 86.03 28.63
N ILE U 62 68.00 85.58 27.39
CA ILE U 62 68.58 86.38 26.32
C ILE U 62 67.66 86.24 25.10
N ASP U 63 67.72 87.26 24.25
CA ASP U 63 66.92 87.35 23.05
C ASP U 63 67.51 88.46 22.19
N VAL U 64 66.84 88.80 21.09
CA VAL U 64 67.31 89.86 20.23
C VAL U 64 67.11 91.22 20.88
N ASP U 65 66.26 91.32 21.90
CA ASP U 65 65.96 92.60 22.51
C ASP U 65 67.05 93.03 23.48
N ASN U 66 67.48 92.16 24.38
CA ASN U 66 68.43 92.49 25.42
C ASN U 66 69.86 92.10 25.10
N PHE U 67 70.13 91.61 23.91
CA PHE U 67 71.44 91.05 23.58
C PHE U 67 72.55 92.04 23.88
N ASP U 68 72.47 93.22 23.34
CA ASP U 68 73.46 94.27 23.63
C ASP U 68 73.44 94.66 25.10
N ALA U 69 72.30 94.60 25.76
CA ALA U 69 72.27 94.84 27.19
C ALA U 69 72.90 93.71 27.95
N ARG U 70 72.91 92.51 27.38
CA ARG U 70 73.59 91.38 28.01
C ARG U 70 75.11 91.52 27.85
N LEU U 71 75.59 92.00 26.70
CA LEU U 71 77.00 92.27 26.59
C LEU U 71 77.42 93.40 27.52
N LYS U 72 76.76 94.55 27.43
CA LYS U 72 77.13 95.68 28.25
C LYS U 72 77.00 95.38 29.71
N ALA U 73 76.04 94.55 30.10
CA ALA U 73 75.91 94.16 31.49
C ALA U 73 77.01 93.19 31.88
N MET U 74 77.37 92.26 30.99
CA MET U 74 78.37 91.27 31.32
C MET U 74 79.77 91.78 31.20
N LYS U 75 79.98 92.84 30.44
CA LYS U 75 81.29 93.49 30.21
C LYS U 75 82.38 92.49 29.79
N PRO U 76 82.23 91.82 28.65
CA PRO U 76 83.31 91.02 28.14
C PRO U 76 84.50 91.79 27.73
N ARG U 77 85.69 91.36 28.20
CA ARG U 77 86.89 92.15 27.92
C ARG U 77 88.03 91.27 27.50
N VAL U 78 89.08 91.84 26.96
CA VAL U 78 90.25 91.14 26.52
C VAL U 78 91.46 91.99 26.72
N ALA U 79 92.53 91.41 27.28
CA ALA U 79 93.77 92.14 27.54
C ALA U 79 94.92 91.24 27.17
N PHE U 80 95.76 91.68 26.23
CA PHE U 80 96.94 90.94 25.85
C PHE U 80 97.95 91.80 25.20
N ASN U 81 99.19 91.30 25.13
CA ASN U 81 100.28 92.01 24.43
C ASN U 81 100.29 91.56 23.00
N VAL U 82 100.55 92.53 22.10
CA VAL U 82 100.58 92.21 20.67
C VAL U 82 101.74 92.98 20.06
N PRO U 83 102.49 92.40 19.11
CA PRO U 83 103.58 93.15 18.49
C PRO U 83 103.09 94.45 17.86
N ASN U 84 103.89 95.49 18.02
CA ASN U 84 103.51 96.83 17.53
C ASN U 84 104.17 96.99 16.17
N VAL U 85 103.38 97.00 15.11
CA VAL U 85 103.91 97.19 13.78
C VAL U 85 103.95 98.67 13.38
N LEU U 86 103.28 99.53 14.15
CA LEU U 86 103.25 100.94 13.80
C LEU U 86 104.58 101.68 13.84
N THR U 87 105.36 101.49 14.91
CA THR U 87 106.65 102.17 15.03
C THR U 87 107.76 101.32 15.67
N GLY U 88 108.09 100.17 15.09
CA GLY U 88 109.13 99.30 15.65
C GLY U 88 108.77 98.95 17.08
N GLU U 89 109.71 99.15 18.01
CA GLU U 89 109.39 98.90 19.42
C GLU U 89 109.24 97.38 19.63
N GLY U 90 108.11 96.91 20.09
CA GLY U 90 107.97 95.57 20.63
C GLY U 90 106.43 95.43 20.91
N ASN U 91 106.14 94.46 21.79
CA ASN U 91 104.81 94.19 22.20
C ASN U 91 104.07 95.45 22.62
N LEU U 92 102.80 95.55 22.20
CA LEU U 92 101.89 96.58 22.60
C LEU U 92 100.74 96.00 23.42
N SER U 93 100.66 96.35 24.68
CA SER U 93 99.59 95.88 25.56
C SER U 93 98.36 96.67 25.35
N LEU U 94 97.27 95.98 24.97
CA LEU U 94 95.97 96.64 24.73
C LEU U 94 94.93 96.09 25.67
N ASP U 95 94.05 96.96 26.13
CA ASP U 95 92.97 96.55 27.02
C ASP U 95 91.68 96.92 26.33
N ILE U 96 90.85 95.91 26.06
CA ILE U 96 89.58 96.16 25.39
C ILE U 96 88.41 95.51 26.08
N THR U 97 87.34 96.29 26.29
CA THR U 97 86.12 95.75 26.87
C THR U 97 85.00 96.04 25.87
N PHE U 98 84.32 94.99 25.41
CA PHE U 98 83.36 95.13 24.34
C PHE U 98 81.97 95.31 24.96
N GLU U 99 81.38 96.47 24.70
CA GLU U 99 80.04 96.78 25.21
C GLU U 99 78.92 96.58 24.21
N SER U 100 79.23 96.12 23.02
CA SER U 100 78.16 95.91 22.00
C SER U 100 78.66 94.95 20.97
N MET U 101 77.74 94.34 20.22
CA MET U 101 78.14 93.38 19.22
C MET U 101 78.91 94.01 18.08
N ASP U 102 78.79 95.34 17.97
CA ASP U 102 79.52 96.09 16.95
C ASP U 102 80.96 96.36 17.39
N ASP U 103 81.28 96.10 18.66
CA ASP U 103 82.61 96.36 19.16
C ASP U 103 83.61 95.28 18.76
N PHE U 104 83.16 94.18 18.15
CA PHE U 104 84.05 93.21 17.59
C PHE U 104 84.45 93.53 16.16
N SER U 105 83.81 94.51 15.54
CA SER U 105 84.20 94.94 14.21
C SER U 105 85.55 95.61 14.25
N PRO U 106 86.31 95.57 13.15
CA PRO U 106 87.68 96.13 13.20
C PRO U 106 87.67 97.66 13.42
N ALA U 107 86.67 98.36 12.95
CA ALA U 107 86.58 99.78 13.18
C ALA U 107 86.49 100.11 14.66
N ALA U 108 85.57 99.48 15.36
CA ALA U 108 85.41 99.69 16.80
C ALA U 108 86.63 99.20 17.56
N VAL U 109 87.27 98.13 17.10
CA VAL U 109 88.53 97.69 17.70
C VAL U 109 89.55 98.79 17.61
N ALA U 110 89.65 99.43 16.46
CA ALA U 110 90.59 100.53 16.30
C ALA U 110 90.21 101.73 17.18
N ARG U 111 88.92 101.99 17.35
CA ARG U 111 88.51 103.12 18.16
C ARG U 111 88.76 102.88 19.63
N LYS U 112 88.78 101.61 20.08
CA LYS U 112 88.97 101.35 21.49
C LYS U 112 90.42 101.44 21.90
N VAL U 113 91.34 100.91 21.09
CA VAL U 113 92.76 101.07 21.41
C VAL U 113 93.12 102.55 21.16
N ASP U 114 93.77 103.16 22.18
CA ASP U 114 93.92 104.62 22.17
C ASP U 114 94.89 105.08 21.04
N SER U 115 95.99 104.36 20.84
CA SER U 115 96.89 104.70 19.78
C SER U 115 96.21 104.60 18.42
N LEU U 116 95.63 103.44 18.12
CA LEU U 116 94.86 103.28 16.89
C LEU U 116 93.71 104.26 16.82
N ASN U 117 93.20 104.76 17.96
CA ASN U 117 92.21 105.81 17.93
C ASN U 117 92.81 107.09 17.41
N LYS U 118 94.03 107.42 17.85
CA LYS U 118 94.67 108.65 17.38
C LYS U 118 94.98 108.54 15.88
N LEU U 119 95.45 107.36 15.42
CA LEU U 119 95.70 107.20 14.01
C LEU U 119 94.43 107.24 13.18
N LEU U 120 93.38 106.60 13.65
CA LEU U 120 92.13 106.60 12.92
C LEU U 120 91.54 108.01 12.85
N GLU U 121 91.63 108.77 13.97
CA GLU U 121 91.17 110.14 13.93
C GLU U 121 92.02 110.97 12.96
N ALA U 122 93.31 110.71 12.91
CA ALA U 122 94.15 111.37 11.93
C ALA U 122 93.67 111.09 10.51
N ARG U 123 93.30 109.83 10.24
CA ARG U 123 92.84 109.49 8.91
C ARG U 123 91.49 110.17 8.59
N THR U 124 90.59 110.22 9.56
CA THR U 124 89.33 110.87 9.29
C THR U 124 89.49 112.37 9.13
N GLN U 125 90.48 112.96 9.80
CA GLN U 125 90.71 114.40 9.63
C GLN U 125 91.36 114.70 8.28
N LEU U 126 92.21 113.80 7.79
CA LEU U 126 92.84 114.04 6.49
C LEU U 126 91.87 113.73 5.35
N ALA U 127 91.15 112.63 5.43
CA ALA U 127 90.17 112.29 4.40
C ALA U 127 89.01 113.28 4.40
N ASN U 128 88.64 113.77 5.59
CA ASN U 128 87.67 114.84 5.67
C ASN U 128 88.28 116.17 5.25
N LEU U 129 89.61 116.28 5.24
CA LEU U 129 90.29 117.50 4.82
C LEU U 129 90.36 117.59 3.31
N LEU U 130 90.62 116.46 2.62
CA LEU U 130 90.72 116.48 1.17
C LEU U 130 89.40 116.87 0.54
N THR U 131 88.28 116.60 1.22
CA THR U 131 86.97 117.02 0.75
C THR U 131 86.55 118.26 1.54
N TYR U 132 86.62 119.43 0.88
CA TYR U 132 86.21 120.71 1.44
C TYR U 132 86.41 120.86 2.96
N ARG V 1 94.22 135.44 -34.78
CA ARG V 1 95.49 134.61 -34.70
C ARG V 1 95.73 134.28 -33.21
N GLU V 2 96.75 134.93 -32.65
CA GLU V 2 97.08 134.83 -31.24
C GLU V 2 96.39 135.96 -30.45
N ALA V 3 95.76 136.92 -31.14
CA ALA V 3 95.06 137.98 -30.43
C ALA V 3 93.83 137.44 -29.67
N VAL V 4 93.08 136.52 -30.32
CA VAL V 4 91.98 135.90 -29.61
C VAL V 4 92.51 135.08 -28.41
N GLU V 5 93.71 134.51 -28.54
CA GLU V 5 94.30 133.80 -27.43
C GLU V 5 94.65 134.75 -26.27
N THR V 6 95.01 135.99 -26.59
CA THR V 6 95.24 136.95 -25.53
C THR V 6 93.93 137.40 -24.89
N ALA V 7 92.86 137.55 -25.70
CA ALA V 7 91.59 137.97 -25.14
C ALA V 7 91.02 136.88 -24.21
N VAL V 8 91.08 135.60 -24.64
CA VAL V 8 90.65 134.54 -23.75
C VAL V 8 91.65 134.30 -22.63
N ARG V 9 92.89 134.78 -22.78
CA ARG V 9 93.83 134.72 -21.68
C ARG V 9 93.38 135.67 -20.57
N THR V 10 93.18 136.95 -20.91
CA THR V 10 92.78 137.91 -19.89
C THR V 10 91.41 137.58 -19.32
N LEU V 11 90.45 137.24 -20.19
CA LEU V 11 89.13 136.90 -19.72
C LEU V 11 89.11 135.64 -18.85
N ALA V 12 89.76 134.57 -19.33
CA ALA V 12 89.73 133.30 -18.62
C ALA V 12 90.45 133.42 -17.28
N GLU V 13 91.62 134.05 -17.26
CA GLU V 13 92.34 134.19 -16.00
C GLU V 13 91.60 135.10 -15.03
N HIS V 14 91.24 136.31 -15.47
CA HIS V 14 90.61 137.27 -14.60
C HIS V 14 89.30 136.70 -14.02
N ALA V 15 88.47 136.11 -14.88
CA ALA V 15 87.24 135.51 -14.39
C ALA V 15 87.52 134.34 -13.46
N LEU V 16 88.49 133.49 -13.84
CA LEU V 16 88.72 132.25 -13.10
C LEU V 16 89.26 132.42 -11.70
N GLU V 17 90.34 133.18 -11.55
CA GLU V 17 90.99 133.31 -10.25
C GLU V 17 90.73 134.57 -9.42
N GLN V 18 89.95 135.51 -9.91
CA GLN V 18 89.76 136.78 -9.19
C GLN V 18 89.16 136.71 -7.78
N THR V 19 88.19 135.83 -7.58
CA THR V 19 87.46 135.69 -6.33
C THR V 19 87.23 134.23 -5.98
N SER V 20 86.44 133.53 -6.78
CA SER V 20 86.08 132.16 -6.48
C SER V 20 87.27 131.22 -6.71
N LEU V 21 87.01 129.93 -6.51
CA LEU V 21 88.02 128.88 -6.66
C LEU V 21 89.22 129.15 -5.75
N ILE V 22 88.92 129.33 -4.47
CA ILE V 22 89.93 129.73 -3.50
C ILE V 22 90.96 128.62 -3.36
N SER V 23 92.23 128.98 -3.56
CA SER V 23 93.40 128.12 -3.38
C SER V 23 93.44 126.96 -4.38
N ASN V 24 92.32 126.71 -5.06
CA ASN V 24 92.22 125.66 -6.08
C ASN V 24 92.81 124.34 -5.62
N ASP V 25 93.58 123.69 -6.49
CA ASP V 25 94.35 122.50 -6.14
C ASP V 25 95.53 122.40 -7.10
N ALA V 26 96.61 121.78 -6.63
CA ALA V 26 97.77 121.56 -7.47
C ALA V 26 98.12 120.07 -7.51
N ILE V 27 98.70 119.56 -6.43
CA ILE V 27 99.01 118.15 -6.28
C ILE V 27 98.15 117.64 -5.12
N LYS V 28 97.15 116.83 -5.43
CA LYS V 28 96.34 116.18 -4.41
C LYS V 28 96.85 114.79 -4.07
N SER V 29 97.91 114.34 -4.72
CA SER V 29 98.51 113.03 -4.42
C SER V 29 99.14 112.98 -3.04
N ILE V 30 99.28 114.12 -2.36
CA ILE V 30 99.77 114.10 -0.99
C ILE V 30 98.80 113.40 -0.07
N GLU V 31 97.52 113.32 -0.45
CA GLU V 31 96.51 112.59 0.30
C GLU V 31 96.68 111.08 0.20
N SER V 32 97.60 110.60 -0.64
CA SER V 32 97.92 109.17 -0.68
C SER V 32 98.57 108.70 0.62
N ILE V 33 98.92 109.61 1.53
CA ILE V 33 99.39 109.23 2.85
C ILE V 33 98.30 108.46 3.59
N ILE V 34 97.05 108.81 3.27
CA ILE V 34 95.98 108.04 3.88
C ILE V 34 96.11 106.57 3.48
N ALA V 35 96.68 106.27 2.32
CA ALA V 35 96.91 104.88 1.96
C ALA V 35 97.93 104.23 2.90
N ALA V 36 98.96 104.98 3.29
CA ALA V 36 99.97 104.44 4.19
C ALA V 36 99.41 104.34 5.62
N LEU V 37 98.64 105.36 6.05
CA LEU V 37 98.05 105.34 7.38
C LEU V 37 97.07 104.14 7.51
N ASP V 38 96.23 103.99 6.49
CA ASP V 38 95.27 102.90 6.45
C ASP V 38 96.04 101.58 6.42
N ALA V 39 97.13 101.54 5.66
CA ALA V 39 97.92 100.32 5.58
C ALA V 39 98.46 99.94 6.95
N LYS V 40 98.90 100.92 7.73
CA LYS V 40 99.35 100.65 9.09
C LYS V 40 98.21 100.17 9.95
N LEU V 41 97.03 100.74 9.78
CA LEU V 41 95.88 100.29 10.57
C LEU V 41 95.46 98.87 10.18
N THR V 42 95.64 98.48 8.94
CA THR V 42 95.41 97.08 8.58
C THR V 42 96.45 96.17 9.20
N ALA V 43 97.72 96.59 9.17
CA ALA V 43 98.77 95.77 9.72
C ALA V 43 98.58 95.59 11.22
N GLN V 44 98.09 96.62 11.92
CA GLN V 44 97.90 96.49 13.35
C GLN V 44 96.61 95.76 13.69
N VAL V 45 95.50 96.13 13.05
CA VAL V 45 94.21 95.54 13.39
C VAL V 45 94.19 94.08 13.00
N ASN V 46 94.94 93.69 11.98
CA ASN V 46 95.09 92.26 11.70
C ASN V 46 95.64 91.53 12.92
N LEU V 47 96.67 92.07 13.55
CA LEU V 47 97.23 91.42 14.73
C LEU V 47 96.34 91.50 15.93
N ILE V 48 95.62 92.58 16.11
CA ILE V 48 94.74 92.72 17.28
C ILE V 48 93.59 91.73 17.17
N MET V 49 92.99 91.63 15.97
CA MET V 49 91.81 90.80 15.81
C MET V 49 92.17 89.32 15.70
N HIS V 50 93.30 88.98 15.13
CA HIS V 50 93.67 87.61 14.89
C HIS V 50 94.37 86.96 16.08
N HIS V 51 94.53 87.67 17.19
CA HIS V 51 95.12 87.07 18.36
C HIS V 51 94.25 85.96 18.91
N ALA V 52 94.87 85.03 19.64
CA ALA V 52 94.14 83.89 20.15
C ALA V 52 93.00 84.32 21.08
N ASP V 53 93.26 85.35 21.92
CA ASP V 53 92.27 85.79 22.85
C ASP V 53 91.08 86.44 22.14
N PHE V 54 91.35 87.39 21.26
CA PHE V 54 90.27 88.05 20.53
C PHE V 54 89.53 87.09 19.66
N GLN V 55 90.19 86.08 19.08
CA GLN V 55 89.49 85.08 18.29
C GLN V 55 88.62 84.20 19.16
N GLN V 56 89.05 83.93 20.38
CA GLN V 56 88.25 83.10 21.27
C GLN V 56 87.00 83.81 21.74
N LEU V 57 87.16 85.03 22.26
CA LEU V 57 86.01 85.81 22.68
C LEU V 57 85.08 86.14 21.51
N GLU V 58 85.66 86.61 20.42
CA GLU V 58 84.90 86.89 19.21
C GLU V 58 84.11 85.72 18.76
N SER V 59 84.71 84.52 18.83
CA SER V 59 84.00 83.31 18.40
C SER V 59 82.91 82.97 19.37
N ALA V 60 83.12 83.22 20.65
CA ALA V 60 82.08 82.94 21.65
C ALA V 60 80.86 83.82 21.45
N TRP V 61 81.05 85.11 21.48
CA TRP V 61 79.94 86.05 21.30
C TRP V 61 79.35 85.98 19.92
N ARG V 62 80.15 85.65 18.92
CA ARG V 62 79.66 85.54 17.56
C ARG V 62 78.80 84.31 17.39
N GLY V 63 79.18 83.21 18.02
CA GLY V 63 78.34 82.02 18.03
C GLY V 63 77.06 82.24 18.78
N LEU V 64 77.15 82.81 19.96
CA LEU V 64 75.94 83.12 20.73
C LEU V 64 75.04 84.05 19.98
N HIS V 65 75.58 85.05 19.31
CA HIS V 65 74.79 85.96 18.49
C HIS V 65 74.13 85.25 17.37
N TYR V 66 74.83 84.32 16.73
CA TYR V 66 74.20 83.48 15.71
C TYR V 66 73.05 82.74 16.25
N LEU V 67 73.18 82.17 17.43
CA LEU V 67 72.07 81.41 18.04
C LEU V 67 70.93 82.28 18.35
N VAL V 68 71.16 83.49 18.81
CA VAL V 68 70.09 84.40 19.25
C VAL V 68 69.33 84.92 18.03
N ASN V 69 70.05 85.46 17.05
CA ASN V 69 69.43 86.12 15.91
C ASN V 69 68.70 85.16 15.03
N ASN V 70 69.18 83.95 14.89
CA ASN V 70 68.56 82.94 14.02
C ASN V 70 67.47 82.18 14.68
N THR V 71 67.16 82.49 15.94
CA THR V 71 66.07 81.82 16.68
C THR V 71 64.87 82.76 16.75
N GLU V 72 63.68 82.22 16.56
CA GLU V 72 62.46 82.99 16.67
C GLU V 72 61.96 82.80 18.11
N THR V 73 62.19 83.81 18.95
CA THR V 73 61.88 83.70 20.34
C THR V 73 60.56 84.37 20.69
N ASP V 74 59.77 83.65 21.47
CA ASP V 74 58.49 84.09 21.94
C ASP V 74 58.20 83.46 23.29
N GLU V 75 56.93 83.33 23.60
CA GLU V 75 56.52 82.73 24.86
C GLU V 75 57.04 81.31 24.93
N GLN V 76 56.90 80.59 23.82
CA GLN V 76 57.36 79.21 23.70
C GLN V 76 58.88 78.94 23.72
N LEU V 77 59.65 79.78 23.02
CA LEU V 77 61.08 79.62 22.92
C LEU V 77 61.77 80.64 23.78
N LYS V 78 62.68 80.20 24.61
CA LYS V 78 63.56 80.99 25.38
C LYS V 78 64.99 80.52 25.25
N ILE V 79 65.93 81.38 25.53
CA ILE V 79 67.32 81.10 25.52
C ILE V 79 67.90 81.74 26.77
N ARG V 80 68.44 80.92 27.69
CA ARG V 80 69.08 81.36 28.87
C ARG V 80 70.53 81.08 28.87
N VAL V 81 71.36 82.05 29.03
CA VAL V 81 72.84 81.92 28.97
C VAL V 81 73.41 81.92 30.37
N LEU V 82 74.36 81.08 30.65
CA LEU V 82 75.22 81.10 31.81
C LEU V 82 76.65 81.21 31.49
N ASN V 83 77.31 82.28 31.88
CA ASN V 83 78.71 82.42 31.50
C ASN V 83 79.58 81.75 32.52
N ILE V 84 80.19 80.67 32.09
CA ILE V 84 81.05 79.88 32.92
C ILE V 84 82.14 79.28 32.04
N SER V 85 83.38 79.54 32.38
CA SER V 85 84.48 79.00 31.60
C SER V 85 84.57 77.52 31.83
N LYS V 86 85.19 76.84 30.87
CA LYS V 86 85.35 75.38 30.96
C LYS V 86 86.14 75.00 32.23
N PRO V 87 87.23 75.70 32.61
CA PRO V 87 87.82 75.45 33.86
C PRO V 87 86.96 75.61 35.09
N GLU V 88 86.08 76.60 35.07
CA GLU V 88 85.17 76.81 36.21
C GLU V 88 84.12 75.75 36.26
N LEU V 89 83.62 75.33 35.10
CA LEU V 89 82.62 74.25 35.07
C LEU V 89 83.23 72.96 35.53
N HIS V 90 84.41 72.61 35.04
CA HIS V 90 85.08 71.40 35.51
C HIS V 90 85.44 71.49 36.96
N LYS V 91 85.72 72.71 37.45
CA LYS V 91 86.06 72.85 38.86
C LYS V 91 84.84 72.61 39.75
N THR V 92 83.74 73.31 39.49
CA THR V 92 82.56 73.17 40.33
C THR V 92 81.95 71.81 40.20
N LEU V 93 82.05 71.19 39.03
CA LEU V 93 81.58 69.81 38.88
C LEU V 93 82.55 68.82 39.46
N LYS V 94 83.80 69.22 39.69
CA LYS V 94 84.75 68.37 40.38
C LYS V 94 84.59 68.42 41.88
N LYS V 95 84.19 69.56 42.43
CA LYS V 95 83.93 69.67 43.87
C LYS V 95 82.90 68.71 44.33
N PHE V 96 81.86 68.52 43.56
CA PHE V 96 80.74 67.60 43.91
C PHE V 96 80.78 66.46 42.92
N LYS V 97 81.18 65.30 43.38
CA LYS V 97 81.28 64.12 42.52
C LYS V 97 80.89 62.90 43.39
N GLY V 98 80.48 61.85 42.71
CA GLY V 98 79.97 60.73 43.46
C GLY V 98 78.70 61.01 44.18
N THR V 99 78.61 60.88 45.48
CA THR V 99 77.39 61.08 46.21
C THR V 99 76.93 62.53 46.13
N THR V 100 77.90 63.47 46.27
CA THR V 100 77.48 64.85 46.46
C THR V 100 76.99 65.49 45.16
N TRP V 101 77.02 64.79 44.02
CA TRP V 101 76.64 65.39 42.75
C TRP V 101 75.27 65.94 42.75
N ASP V 102 74.36 65.37 43.53
CA ASP V 102 72.98 65.89 43.65
C ASP V 102 72.97 67.29 44.15
N GLN V 103 74.01 67.76 44.81
CA GLN V 103 74.18 69.13 45.28
C GLN V 103 75.30 69.73 44.53
N SER V 104 75.01 70.66 43.64
CA SER V 104 75.99 71.41 42.83
C SER V 104 75.38 72.68 42.35
N PRO V 105 76.15 73.69 42.05
CA PRO V 105 75.61 74.95 41.54
C PRO V 105 74.88 74.70 40.21
N ILE V 106 75.48 73.87 39.37
CA ILE V 106 74.99 73.51 38.06
C ILE V 106 73.77 72.65 38.14
N PHE V 107 73.77 71.68 39.04
CA PHE V 107 72.59 70.83 39.21
C PHE V 107 71.47 71.60 39.88
N LYS V 108 71.77 72.48 40.82
CA LYS V 108 70.75 73.32 41.41
C LYS V 108 70.05 74.13 40.32
N LYS V 109 70.81 74.87 39.51
CA LYS V 109 70.25 75.70 38.47
C LYS V 109 69.49 74.91 37.47
N LEU V 110 70.07 73.84 36.95
CA LEU V 110 69.47 73.12 35.83
C LEU V 110 68.29 72.30 36.25
N TYR V 111 68.38 71.64 37.40
CA TYR V 111 67.32 70.74 37.88
C TYR V 111 66.40 71.25 38.94
N GLU V 112 66.92 71.90 39.98
CA GLU V 112 66.13 72.22 41.14
C GLU V 112 65.27 73.41 40.77
N GLU V 113 65.88 74.52 40.37
CA GLU V 113 65.14 75.74 40.17
C GLU V 113 64.17 75.71 39.01
N GLU V 114 64.23 74.71 38.17
CA GLU V 114 63.40 74.69 36.96
C GLU V 114 62.66 73.38 36.78
N TYR V 115 63.36 72.30 36.55
CA TYR V 115 62.69 71.02 36.39
C TYR V 115 62.19 70.48 37.66
N GLY V 116 62.80 70.82 38.78
CA GLY V 116 62.34 70.36 40.09
C GLY V 116 61.38 71.31 40.71
N GLN V 117 61.44 72.58 40.35
CA GLN V 117 60.55 73.58 40.94
C GLN V 117 59.10 73.46 40.53
N PHE V 118 58.17 73.86 41.39
CA PHE V 118 56.76 73.80 41.02
C PHE V 118 56.42 74.99 40.11
N GLY V 119 55.93 74.70 38.91
CA GLY V 119 55.63 75.75 37.96
C GLY V 119 56.86 76.39 37.35
N GLY V 120 57.90 75.61 37.07
CA GLY V 120 59.12 76.12 36.48
C GLY V 120 59.24 75.71 35.01
N GLU V 121 60.44 75.90 34.48
CA GLU V 121 60.69 75.55 33.08
C GLU V 121 61.62 74.34 33.00
N PRO V 122 61.15 73.21 32.45
CA PRO V 122 61.96 71.99 32.45
C PRO V 122 63.26 72.08 31.66
N TYR V 123 63.54 73.22 31.04
CA TYR V 123 64.84 73.59 30.45
C TYR V 123 65.19 72.96 29.11
N GLY V 124 64.36 72.06 28.57
CA GLY V 124 64.53 71.66 27.18
C GLY V 124 65.87 71.06 26.85
N CYS V 125 66.60 71.70 25.95
CA CYS V 125 67.92 71.26 25.52
C CYS V 125 68.98 72.21 26.06
N LEU V 126 70.19 71.67 26.23
CA LEU V 126 71.32 72.44 26.76
C LEU V 126 72.42 72.47 25.72
N VAL V 127 73.12 73.60 25.60
CA VAL V 127 74.19 73.73 24.62
C VAL V 127 75.48 74.08 25.30
N GLY V 128 76.46 73.20 25.16
CA GLY V 128 77.75 73.42 25.79
C GLY V 128 78.67 74.56 25.39
N ASP V 129 78.85 74.76 24.08
CA ASP V 129 79.78 75.75 23.53
C ASP V 129 81.22 75.55 24.03
N TYR V 130 81.65 74.29 24.13
CA TYR V 130 82.98 73.93 24.59
C TYR V 130 83.57 72.88 23.68
N TYR V 131 84.90 72.78 23.68
CA TYR V 131 85.58 71.79 22.86
C TYR V 131 86.16 70.71 23.77
N PHE V 132 85.59 69.52 23.72
CA PHE V 132 85.94 68.43 24.59
C PHE V 132 86.83 67.42 23.86
N ASP V 133 88.00 67.11 24.42
CA ASP V 133 88.88 66.08 23.94
C ASP V 133 88.84 64.88 24.86
N GLN V 134 89.64 63.86 24.60
CA GLN V 134 89.67 62.65 25.42
C GLN V 134 90.45 62.80 26.73
N SER V 135 90.96 63.98 27.05
CA SER V 135 91.72 64.21 28.26
C SER V 135 90.96 63.86 29.47
N PRO V 136 91.64 63.53 30.59
CA PRO V 136 90.95 63.16 31.84
C PRO V 136 89.95 64.24 32.29
N PRO V 137 90.34 65.53 32.30
CA PRO V 137 89.40 66.52 32.76
C PRO V 137 88.12 66.62 31.90
N ASP V 138 88.26 66.47 30.59
CA ASP V 138 87.11 66.56 29.70
C ASP V 138 86.24 65.31 29.80
N VAL V 139 86.82 64.15 30.09
CA VAL V 139 86.04 62.97 30.31
C VAL V 139 85.27 63.10 31.63
N GLU V 140 85.88 63.71 32.63
CA GLU V 140 85.15 63.97 33.86
C GLU V 140 84.03 64.94 33.65
N LEU V 141 84.29 66.04 32.94
CA LEU V 141 83.24 67.02 32.68
C LEU V 141 82.10 66.43 31.91
N LEU V 142 82.40 65.61 30.91
CA LEU V 142 81.33 64.98 30.15
C LEU V 142 80.58 63.96 30.98
N GLY V 143 81.27 63.25 31.85
CA GLY V 143 80.57 62.32 32.73
C GLY V 143 79.57 63.03 33.63
N GLU V 144 80.01 64.13 34.24
CA GLU V 144 79.15 64.85 35.16
C GLU V 144 77.99 65.52 34.41
N MET V 145 78.28 66.24 33.34
CA MET V 145 77.22 66.87 32.55
C MET V 145 76.28 65.83 31.98
N ALA V 146 76.75 64.59 31.80
CA ALA V 146 75.85 63.54 31.38
C ALA V 146 74.97 63.09 32.53
N LYS V 147 75.48 63.13 33.76
CA LYS V 147 74.63 62.85 34.91
C LYS V 147 73.56 63.90 35.08
N ILE V 148 73.93 65.17 35.07
CA ILE V 148 72.96 66.26 35.20
C ILE V 148 71.95 66.22 34.09
N SER V 149 72.44 66.31 32.86
CA SER V 149 71.56 66.30 31.69
C SER V 149 70.70 65.09 31.63
N ALA V 150 71.18 63.97 32.15
CA ALA V 150 70.35 62.76 32.21
C ALA V 150 69.32 62.88 33.23
N ALA V 151 69.59 63.54 34.35
CA ALA V 151 68.63 63.67 35.45
C ALA V 151 67.52 64.60 35.07
N MET V 152 67.82 65.72 34.43
CA MET V 152 66.84 66.72 34.03
C MET V 152 66.22 66.43 32.69
N HIS V 153 66.60 65.38 32.00
CA HIS V 153 66.11 65.05 30.65
C HIS V 153 66.38 66.17 29.68
N ALA V 154 67.59 66.68 29.65
CA ALA V 154 67.96 67.82 28.82
C ALA V 154 69.24 67.51 28.08
N PRO V 155 69.14 66.91 26.85
CA PRO V 155 70.33 66.56 26.11
C PRO V 155 71.36 67.63 26.05
N PHE V 156 72.63 67.27 26.25
CA PHE V 156 73.74 68.20 26.24
C PHE V 156 74.37 68.18 24.86
N ILE V 157 74.59 69.35 24.28
CA ILE V 157 75.14 69.51 22.94
C ILE V 157 76.38 70.40 23.03
N SER V 158 77.48 69.95 22.48
CA SER V 158 78.71 70.73 22.45
C SER V 158 79.54 70.28 21.27
N ALA V 159 80.74 70.81 21.14
CA ALA V 159 81.59 70.50 20.01
C ALA V 159 82.79 69.67 20.45
N ALA V 160 83.18 68.75 19.61
CA ALA V 160 84.31 67.88 19.85
C ALA V 160 85.56 68.53 19.32
N SER V 161 86.57 68.64 20.16
CA SER V 161 87.81 69.29 19.81
C SER V 161 88.49 68.54 18.71
N PRO V 162 89.34 69.23 17.88
CA PRO V 162 90.14 68.53 16.91
C PRO V 162 91.17 67.59 17.57
N THR V 163 91.45 67.75 18.86
CA THR V 163 92.38 66.93 19.57
C THR V 163 91.82 65.58 19.97
N VAL V 164 90.55 65.33 19.77
CA VAL V 164 90.01 64.00 20.06
C VAL V 164 90.65 62.98 19.12
N MET V 165 90.90 63.36 17.88
CA MET V 165 91.48 62.50 16.90
C MET V 165 93.01 62.47 16.96
N GLY V 166 93.61 63.16 17.92
CA GLY V 166 95.03 63.31 17.94
C GLY V 166 95.44 64.06 16.68
N MET V 167 94.80 65.24 16.52
CA MET V 167 94.89 65.97 15.27
C MET V 167 95.20 67.41 15.53
N GLY V 168 94.30 68.14 16.13
CA GLY V 168 94.50 69.54 16.44
C GLY V 168 94.24 70.48 15.33
N SER V 169 93.60 70.03 14.23
CA SER V 169 93.31 70.90 13.11
C SER V 169 91.85 70.79 12.69
N TRP V 170 91.43 69.56 12.31
CA TRP V 170 90.25 69.27 11.51
C TRP V 170 90.55 69.55 10.07
N GLN V 171 91.77 70.00 9.77
CA GLN V 171 92.23 70.09 8.41
C GLN V 171 92.85 68.77 8.03
N GLU V 172 93.25 67.95 9.01
CA GLU V 172 93.87 66.68 8.79
C GLU V 172 92.89 65.53 8.83
N LEU V 173 91.59 65.81 8.94
CA LEU V 173 90.61 64.75 9.10
C LEU V 173 90.64 63.78 7.96
N SER V 174 91.11 64.18 6.80
CA SER V 174 91.19 63.27 5.65
C SER V 174 92.43 62.41 5.66
N ASN V 175 93.42 62.71 6.52
CA ASN V 175 94.66 61.96 6.51
C ASN V 175 94.50 60.51 7.01
N PRO V 176 93.90 60.24 8.18
CA PRO V 176 93.85 58.88 8.68
C PRO V 176 93.01 57.96 7.76
N ARG V 177 93.44 56.71 7.65
CA ARG V 177 92.74 55.75 6.89
C ARG V 177 91.50 55.23 7.58
N ASP V 178 91.58 55.04 8.88
CA ASP V 178 90.49 54.48 9.69
C ASP V 178 90.41 55.29 10.96
N LEU V 179 89.24 55.89 11.22
CA LEU V 179 89.03 56.62 12.46
C LEU V 179 88.71 55.69 13.60
N THR V 180 88.06 54.56 13.34
CA THR V 180 87.74 53.60 14.40
C THR V 180 88.96 53.04 15.06
N LYS V 181 90.11 53.04 14.38
CA LYS V 181 91.36 52.59 14.99
C LYS V 181 91.91 53.61 15.94
N ILE V 182 91.57 54.89 15.82
CA ILE V 182 92.12 55.92 16.69
C ILE V 182 91.71 55.68 18.10
N PHE V 183 90.45 55.28 18.32
CA PHE V 183 89.87 55.19 19.66
C PHE V 183 90.17 53.89 20.34
N THR V 184 90.94 53.00 19.73
CA THR V 184 91.29 51.72 20.36
C THR V 184 92.37 51.85 21.39
N THR V 185 93.30 52.77 21.23
CA THR V 185 94.48 52.85 22.09
C THR V 185 94.10 53.05 23.53
N PRO V 186 94.95 52.69 24.48
CA PRO V 186 94.65 52.92 25.90
C PRO V 186 94.57 54.38 26.27
N GLU V 187 94.99 55.27 25.39
CA GLU V 187 94.91 56.69 25.65
C GLU V 187 93.44 57.09 25.84
N TYR V 188 92.58 56.43 25.06
CA TYR V 188 91.15 56.71 25.09
C TYR V 188 90.37 55.87 26.10
N ALA V 189 91.06 55.06 26.91
CA ALA V 189 90.37 54.22 27.89
C ALA V 189 89.25 54.98 28.61
N GLY V 190 89.51 56.20 29.01
CA GLY V 190 88.49 57.03 29.64
C GLY V 190 87.36 57.37 28.70
N TRP V 191 87.68 57.64 27.44
CA TRP V 191 86.67 57.94 26.44
C TRP V 191 85.76 56.76 26.20
N ARG V 192 86.33 55.60 25.93
CA ARG V 192 85.54 54.40 25.74
C ARG V 192 84.72 54.10 26.95
N SER V 193 85.28 54.28 28.15
CA SER V 193 84.49 54.05 29.35
C SER V 193 83.35 55.03 29.46
N LEU V 194 83.51 56.21 28.91
CA LEU V 194 82.40 57.20 28.87
C LEU V 194 81.35 56.82 27.90
N ARG V 195 81.70 56.44 26.70
CA ARG V 195 80.71 56.07 25.68
C ARG V 195 79.92 54.86 26.08
N GLU V 196 80.54 53.92 26.83
CA GLU V 196 79.82 52.73 27.26
C GLU V 196 78.74 53.09 28.30
N SER V 197 78.85 54.25 28.98
CA SER V 197 77.91 54.62 29.99
C SER V 197 76.51 54.77 29.47
N GLU V 198 75.53 54.60 30.34
CA GLU V 198 74.14 54.74 29.93
C GLU V 198 73.66 56.19 29.98
N ASP V 199 74.44 57.05 30.62
CA ASP V 199 74.10 58.47 30.74
C ASP V 199 74.70 59.31 29.63
N SER V 200 75.50 58.70 28.77
CA SER V 200 76.16 59.40 27.70
C SER V 200 75.31 59.60 26.48
N ARG V 201 74.19 58.94 26.38
CA ARG V 201 73.26 59.16 25.27
C ARG V 201 72.68 60.55 25.30
N TYR V 202 72.89 61.33 26.37
CA TYR V 202 72.45 62.70 26.47
C TYR V 202 73.48 63.68 26.03
N ILE V 203 74.57 63.19 25.45
CA ILE V 203 75.57 64.12 24.98
C ILE V 203 75.89 63.99 23.50
N GLY V 204 75.56 65.03 22.74
CA GLY V 204 75.94 65.11 21.34
C GLY V 204 77.23 65.90 21.19
N LEU V 205 77.96 65.64 20.11
CA LEU V 205 79.20 66.35 19.81
C LEU V 205 79.24 66.65 18.32
N THR V 206 79.38 67.94 17.97
CA THR V 206 79.50 68.35 16.57
C THR V 206 80.93 68.81 16.35
N MET V 207 81.72 68.00 15.63
CA MET V 207 83.16 68.26 15.55
C MET V 207 83.49 69.51 14.75
N PRO V 208 83.15 69.56 13.47
CA PRO V 208 83.48 70.75 12.66
C PRO V 208 82.74 72.02 13.09
N ARG V 209 83.43 73.15 13.10
CA ARG V 209 82.78 74.41 13.46
C ARG V 209 82.65 75.29 12.21
N PHE V 210 81.43 75.77 12.02
CA PHE V 210 81.14 76.58 10.86
C PHE V 210 81.71 77.96 10.93
N LEU V 211 81.83 78.59 9.79
CA LEU V 211 82.40 79.94 9.69
C LEU V 211 81.44 80.97 10.22
N ALA V 212 81.93 81.82 11.12
CA ALA V 212 81.07 82.80 11.79
C ALA V 212 80.74 83.97 10.91
N ARG V 213 81.72 84.60 10.29
CA ARG V 213 81.52 85.80 9.47
C ARG V 213 82.47 85.80 8.31
N LEU V 214 82.14 86.57 7.31
CA LEU V 214 82.96 86.70 6.12
C LEU V 214 84.10 87.68 6.39
N PRO V 215 85.32 87.35 5.95
CA PRO V 215 86.47 88.21 6.25
C PRO V 215 86.31 89.61 5.71
N TYR V 216 86.62 90.60 6.54
CA TYR V 216 86.52 92.02 6.13
C TYR V 216 87.45 92.32 5.01
N GLY V 217 87.02 93.20 4.14
CA GLY V 217 87.82 93.54 2.93
C GLY V 217 86.97 94.28 1.96
N ALA V 218 87.60 94.91 0.97
CA ALA V 218 86.82 95.69 0.02
C ALA V 218 85.87 94.82 -0.78
N LYS V 219 86.37 93.68 -1.24
CA LYS V 219 85.55 92.76 -2.03
C LYS V 219 84.41 92.16 -1.21
N THR V 220 84.72 91.79 0.03
CA THR V 220 83.72 91.20 0.92
C THR V 220 83.64 91.92 2.26
N ASP V 221 82.42 92.27 2.67
CA ASP V 221 82.19 92.90 3.97
C ASP V 221 83.04 94.13 4.28
N PRO V 222 83.06 95.11 3.38
CA PRO V 222 83.88 96.31 3.61
C PRO V 222 83.48 97.01 4.90
N VAL V 223 84.49 97.45 5.65
CA VAL V 223 84.30 98.09 6.95
C VAL V 223 83.65 99.46 6.83
N GLU V 224 84.11 100.22 5.85
CA GLU V 224 83.66 101.57 5.48
C GLU V 224 84.08 102.70 6.43
N GLU V 225 84.94 102.38 7.39
CA GLU V 225 85.46 103.38 8.32
C GLU V 225 86.79 103.88 7.79
N PHE V 226 87.59 102.93 7.32
CA PHE V 226 88.89 103.16 6.72
C PHE V 226 89.23 101.98 5.80
N ALA V 227 90.12 102.17 4.83
CA ALA V 227 90.43 101.04 3.95
C ALA V 227 91.05 99.91 4.75
N PHE V 228 90.39 98.76 4.81
CA PHE V 228 90.90 97.65 5.63
C PHE V 228 91.01 96.30 4.93
N GLU V 229 92.13 95.62 5.17
CA GLU V 229 92.38 94.29 4.62
C GLU V 229 92.56 93.32 5.79
N GLU V 230 91.88 92.18 5.74
CA GLU V 230 91.96 91.20 6.82
C GLU V 230 93.01 90.13 6.58
N GLU V 231 93.84 90.29 5.55
CA GLU V 231 94.80 89.25 5.18
C GLU V 231 94.03 87.98 4.86
N THR V 232 94.12 86.97 5.72
CA THR V 232 93.38 85.69 5.62
C THR V 232 93.54 85.08 4.23
N ASP V 233 94.79 84.87 3.85
CA ASP V 233 95.10 84.13 2.63
C ASP V 233 94.62 82.69 2.76
N GLY V 234 94.50 82.03 1.61
CA GLY V 234 93.77 80.77 1.50
C GLY V 234 94.06 79.73 2.56
N ALA V 235 92.97 79.20 3.14
CA ALA V 235 93.00 78.19 4.20
C ALA V 235 93.83 78.62 5.40
N ASP V 236 94.57 77.66 5.97
CA ASP V 236 95.38 77.80 7.18
C ASP V 236 94.50 77.88 8.43
N SER V 237 93.22 78.20 8.24
CA SER V 237 92.15 78.10 9.23
C SER V 237 92.34 78.99 10.46
N SER V 238 93.53 79.56 10.67
CA SER V 238 93.77 80.39 11.84
C SER V 238 93.31 81.82 11.68
N LYS V 239 93.19 82.31 10.44
CA LYS V 239 92.79 83.69 10.20
C LYS V 239 91.28 83.88 10.26
N TYR V 240 90.51 82.88 9.86
CA TYR V 240 89.05 82.97 9.85
C TYR V 240 88.36 82.93 11.21
N ALA V 241 87.19 83.56 11.31
CA ALA V 241 86.41 83.53 12.54
C ALA V 241 85.48 82.37 12.56
N TRP V 242 85.73 81.38 13.40
CA TRP V 242 85.02 80.13 13.43
C TRP V 242 84.07 80.07 14.61
N ALA V 243 82.77 80.01 14.34
CA ALA V 243 81.78 79.84 15.36
C ALA V 243 81.58 78.38 15.67
N ASN V 244 81.32 78.07 16.95
CA ASN V 244 81.04 76.69 17.35
C ASN V 244 79.86 76.16 16.66
N SER V 245 79.93 74.92 16.21
CA SER V 245 78.79 74.32 15.49
C SER V 245 77.80 73.69 16.40
N ALA V 246 78.00 73.70 17.71
CA ALA V 246 76.92 73.38 18.63
C ALA V 246 75.82 74.35 18.48
N TYR V 247 76.08 75.57 18.04
CA TYR V 247 75.06 76.60 17.86
C TYR V 247 74.26 76.37 16.62
N ALA V 248 74.82 75.82 15.59
CA ALA V 248 74.04 75.44 14.39
C ALA V 248 73.11 74.33 14.71
N MET V 249 73.55 73.33 15.47
CA MET V 249 72.66 72.27 15.95
C MET V 249 71.61 72.88 16.82
N ALA V 250 71.97 73.85 17.68
CA ALA V 250 70.98 74.50 18.56
C ALA V 250 69.95 75.20 17.75
N VAL V 251 70.33 76.01 16.78
CA VAL V 251 69.40 76.69 15.86
C VAL V 251 68.52 75.68 15.19
N ASN V 252 69.04 74.51 14.86
CA ASN V 252 68.20 73.47 14.25
C ASN V 252 67.20 72.94 15.23
N ILE V 253 67.56 72.85 16.50
CA ILE V 253 66.64 72.34 17.53
C ILE V 253 65.53 73.36 17.76
N ASN V 254 65.89 74.61 17.97
CA ASN V 254 64.90 75.66 18.14
C ASN V 254 64.01 75.78 16.94
N ARG V 255 64.55 75.68 15.75
CA ARG V 255 63.73 75.68 14.53
C ARG V 255 62.77 74.56 14.52
N SER V 256 63.25 73.36 14.80
CA SER V 256 62.39 72.17 14.81
C SER V 256 61.24 72.36 15.78
N PHE V 257 61.53 72.89 16.98
CA PHE V 257 60.47 73.11 17.94
C PHE V 257 59.51 74.15 17.47
N LYS V 258 60.00 75.32 17.03
CA LYS V 258 59.13 76.40 16.56
C LYS V 258 58.19 75.93 15.52
N LEU V 259 58.68 75.24 14.49
CA LEU V 259 57.81 74.79 13.41
C LEU V 259 56.89 73.67 13.83
N TYR V 260 57.45 72.56 14.30
CA TYR V 260 56.72 71.33 14.51
C TYR V 260 56.29 71.08 15.93
N GLY V 261 56.65 71.96 16.86
CA GLY V 261 56.36 71.72 18.26
C GLY V 261 57.23 70.71 18.95
N TRP V 262 58.04 69.99 18.22
CA TRP V 262 58.95 68.97 18.75
C TRP V 262 60.30 69.12 18.11
N CYS V 263 61.29 68.58 18.82
CA CYS V 263 62.68 68.57 18.35
C CYS V 263 62.96 67.33 17.52
N SER V 264 61.92 66.63 17.08
CA SER V 264 62.10 65.37 16.38
C SER V 264 62.92 65.47 15.10
N ARG V 265 62.71 66.49 14.27
CA ARG V 265 63.53 66.61 13.08
C ARG V 265 64.55 67.71 13.19
N ILE V 266 65.76 67.32 13.54
CA ILE V 266 66.88 68.24 13.67
C ILE V 266 68.05 67.75 12.82
N ARG V 267 67.77 66.77 11.97
CA ARG V 267 68.84 66.19 11.15
C ARG V 267 68.46 66.13 9.67
N GLY V 268 69.30 65.53 8.85
CA GLY V 268 69.01 65.31 7.45
C GLY V 268 69.22 66.54 6.60
N VAL V 269 69.41 66.35 5.30
CA VAL V 269 69.57 67.45 4.38
C VAL V 269 68.22 68.16 4.19
N GLU V 270 67.22 67.41 3.76
CA GLU V 270 65.88 67.95 3.53
C GLU V 270 64.89 67.75 4.69
N SER V 271 65.34 67.11 5.76
CA SER V 271 64.49 66.83 6.90
C SER V 271 64.62 67.83 8.00
N GLY V 272 65.33 68.92 7.78
CA GLY V 272 65.44 69.99 8.78
C GLY V 272 66.76 70.10 9.48
N GLY V 273 67.78 69.39 9.05
CA GLY V 273 69.09 69.54 9.63
C GLY V 273 70.00 70.40 8.81
N GLU V 274 69.45 71.28 7.99
CA GLU V 274 70.24 72.13 7.10
C GLU V 274 70.72 73.37 7.78
N VAL V 275 71.96 73.75 7.51
CA VAL V 275 72.54 75.01 7.97
C VAL V 275 72.81 75.84 6.70
N GLN V 276 72.01 76.88 6.49
CA GLN V 276 72.06 77.65 5.27
C GLN V 276 72.74 78.97 5.45
N GLY V 277 72.92 79.69 4.36
CA GLY V 277 73.44 81.06 4.44
C GLY V 277 74.83 81.15 4.99
N LEU V 278 75.61 80.10 4.96
CA LEU V 278 76.97 80.12 5.48
C LEU V 278 77.82 81.05 4.70
N PRO V 279 78.69 81.83 5.34
CA PRO V 279 79.59 82.73 4.61
C PRO V 279 80.47 81.97 3.67
N ALA V 280 80.49 82.36 2.41
CA ALA V 280 81.32 81.70 1.38
C ALA V 280 82.36 82.70 0.96
N HIS V 281 83.63 82.49 1.33
CA HIS V 281 84.72 83.38 0.99
C HIS V 281 85.42 82.84 -0.24
N THR V 282 85.29 83.56 -1.35
CA THR V 282 85.88 83.15 -2.62
C THR V 282 87.15 83.95 -2.89
N PHE V 283 88.26 83.25 -3.06
CA PHE V 283 89.52 83.89 -3.35
C PHE V 283 90.11 83.31 -4.64
N PRO V 284 90.75 84.14 -5.46
CA PRO V 284 91.33 83.63 -6.70
C PRO V 284 92.55 82.76 -6.45
N THR V 285 92.70 81.72 -7.27
CA THR V 285 93.88 80.86 -7.23
C THR V 285 94.51 80.78 -8.61
N ASP V 286 95.51 79.93 -8.77
CA ASP V 286 96.22 79.83 -10.03
C ASP V 286 95.29 79.33 -11.14
N ASP V 287 95.68 79.63 -12.38
CA ASP V 287 94.93 79.24 -13.57
C ASP V 287 93.52 79.80 -13.56
N GLY V 288 92.51 78.92 -13.61
CA GLY V 288 91.14 79.39 -13.71
C GLY V 288 90.69 80.17 -12.49
N GLY V 289 91.29 79.90 -11.34
CA GLY V 289 90.93 80.61 -10.12
C GLY V 289 89.55 80.25 -9.63
N VAL V 290 89.02 81.12 -8.79
CA VAL V 290 87.67 81.02 -8.25
C VAL V 290 87.48 79.70 -7.51
N ASP V 291 88.10 79.59 -6.34
CA ASP V 291 87.84 78.51 -5.39
C ASP V 291 87.55 79.12 -4.04
N MET V 292 86.52 78.62 -3.36
CA MET V 292 86.03 79.24 -2.14
C MET V 292 86.46 78.44 -0.91
N LYS V 293 86.69 79.16 0.18
CA LYS V 293 86.98 78.52 1.45
C LYS V 293 85.75 77.77 1.94
N CYS V 294 85.96 76.54 2.37
CA CYS V 294 84.87 75.72 2.85
C CYS V 294 84.28 76.31 4.12
N PRO V 295 82.95 76.46 4.23
CA PRO V 295 82.35 77.10 5.41
C PRO V 295 82.59 76.30 6.69
N THR V 296 82.36 74.99 6.66
CA THR V 296 82.87 74.14 7.70
C THR V 296 84.34 73.85 7.43
N GLU V 297 85.12 73.57 8.47
CA GLU V 297 86.57 73.59 8.36
C GLU V 297 87.09 72.70 7.29
N ILE V 298 86.42 71.59 7.01
CA ILE V 298 86.89 70.66 5.97
C ILE V 298 85.70 69.90 5.45
N ALA V 299 85.82 69.43 4.21
CA ALA V 299 84.82 68.61 3.57
C ALA V 299 84.90 67.21 4.05
N ILE V 300 83.76 66.62 4.38
CA ILE V 300 83.72 65.25 4.96
C ILE V 300 82.97 64.42 3.91
N SER V 301 83.64 63.37 3.43
CA SER V 301 82.98 62.43 2.56
C SER V 301 82.00 61.57 3.25
N ASP V 302 81.08 60.95 2.51
CA ASP V 302 80.07 60.10 3.09
C ASP V 302 80.67 58.98 3.91
N ARG V 303 81.82 58.47 3.49
CA ARG V 303 82.55 57.44 4.25
C ARG V 303 83.08 57.98 5.59
N ARG V 304 83.72 59.15 5.55
CA ARG V 304 84.12 59.85 6.76
C ARG V 304 82.91 60.18 7.61
N GLU V 305 81.83 60.59 7.00
CA GLU V 305 80.62 60.94 7.76
C GLU V 305 80.12 59.75 8.54
N ALA V 306 79.88 58.64 7.87
CA ALA V 306 79.38 57.46 8.56
C ALA V 306 80.38 56.97 9.58
N GLU V 307 81.64 57.11 9.30
CA GLU V 307 82.69 56.66 10.24
C GLU V 307 82.74 57.53 11.47
N LEU V 308 82.38 58.79 11.37
CA LEU V 308 82.29 59.67 12.53
C LEU V 308 81.00 59.42 13.29
N ALA V 309 79.90 59.21 12.59
CA ALA V 309 78.65 58.91 13.26
C ALA V 309 78.70 57.57 13.97
N LYS V 310 79.56 56.66 13.53
CA LYS V 310 79.78 55.43 14.28
C LYS V 310 80.52 55.67 15.54
N ASN V 311 81.37 56.67 15.58
CA ASN V 311 82.18 57.01 16.76
C ASN V 311 81.50 57.96 17.68
N GLY V 312 80.23 58.27 17.45
CA GLY V 312 79.47 59.12 18.36
C GLY V 312 79.75 60.58 18.19
N PHE V 313 79.80 61.06 16.95
CA PHE V 313 79.93 62.46 16.65
C PHE V 313 78.76 62.87 15.78
N MET V 314 78.54 64.19 15.69
CA MET V 314 77.54 64.77 14.82
C MET V 314 78.27 65.64 13.82
N PRO V 315 78.69 65.09 12.69
CA PRO V 315 79.44 65.88 11.75
C PRO V 315 78.58 66.91 11.06
N LEU V 316 79.08 68.11 10.88
CA LEU V 316 78.49 69.09 10.01
C LEU V 316 79.25 69.09 8.72
N LEU V 317 78.70 68.53 7.67
CA LEU V 317 79.39 68.44 6.40
C LEU V 317 78.86 69.44 5.42
N HIS V 318 79.76 70.04 4.67
CA HIS V 318 79.44 71.09 3.74
C HIS V 318 79.24 70.59 2.31
N LYS V 319 78.10 70.96 1.72
CA LYS V 319 77.80 70.56 0.35
C LYS V 319 78.79 71.26 -0.56
N LYS V 320 79.35 70.53 -1.52
CA LYS V 320 80.35 71.10 -2.41
C LYS V 320 79.87 72.24 -3.31
N ASN V 321 80.70 73.27 -3.46
CA ASN V 321 80.41 74.40 -4.33
C ASN V 321 79.15 75.17 -3.99
N THR V 322 78.75 75.15 -2.72
CA THR V 322 77.54 75.82 -2.25
C THR V 322 77.75 76.26 -0.81
N ASP V 323 77.02 77.28 -0.40
CA ASP V 323 77.07 77.73 0.96
C ASP V 323 76.20 76.87 1.89
N PHE V 324 75.46 75.96 1.36
CA PHE V 324 74.64 75.02 2.12
C PHE V 324 75.49 74.06 2.89
N ALA V 325 74.98 73.59 4.03
CA ALA V 325 75.61 72.54 4.84
C ALA V 325 74.55 71.89 5.68
N ALA V 326 74.80 70.68 6.17
CA ALA V 326 73.77 69.94 6.87
C ALA V 326 74.36 68.97 7.86
N PHE V 327 73.54 68.56 8.81
CA PHE V 327 73.79 67.43 9.71
C PHE V 327 73.09 66.22 9.15
N ILE V 328 73.86 65.23 8.70
CA ILE V 328 73.26 64.05 8.07
C ILE V 328 72.53 63.21 9.09
N GLY V 329 73.11 63.09 10.28
CA GLY V 329 72.46 62.33 11.35
C GLY V 329 72.94 62.89 12.68
N ALA V 330 72.08 62.67 13.67
CA ALA V 330 72.37 63.09 15.06
C ALA V 330 72.54 61.84 15.87
N GLN V 331 73.76 61.53 16.26
CA GLN V 331 74.08 60.36 17.06
C GLN V 331 74.72 60.85 18.33
N SER V 332 74.21 60.40 19.47
CA SER V 332 74.75 60.83 20.75
C SER V 332 76.10 60.20 20.98
N LEU V 333 76.75 60.53 22.07
CA LEU V 333 78.07 59.99 22.38
C LEU V 333 78.01 58.55 22.75
N GLN V 334 76.84 58.05 23.12
CA GLN V 334 76.76 56.66 23.54
C GLN V 334 76.90 55.63 22.43
N LYS V 335 77.75 54.64 22.68
CA LYS V 335 77.93 53.51 21.78
C LYS V 335 76.89 52.46 22.11
N PRO V 336 75.86 52.26 21.31
CA PRO V 336 74.80 51.31 21.67
C PRO V 336 75.31 49.89 21.68
N ALA V 337 75.04 49.15 22.70
CA ALA V 337 75.54 47.78 22.81
C ALA V 337 74.71 46.82 22.02
N GLU V 338 75.36 45.83 21.42
CA GLU V 338 74.68 44.80 20.65
C GLU V 338 74.00 43.80 21.60
N TYR V 339 72.92 43.17 21.14
CA TYR V 339 72.21 42.20 21.95
C TYR V 339 71.88 40.98 21.10
N ASP V 340 71.49 39.90 21.76
CA ASP V 340 71.10 38.70 21.06
C ASP V 340 69.85 38.93 20.22
N ASP V 341 68.79 39.38 20.86
CA ASP V 341 67.54 39.64 20.15
C ASP V 341 67.68 40.87 19.29
N PRO V 342 67.32 40.84 18.02
CA PRO V 342 67.39 42.02 17.18
C PRO V 342 66.46 43.14 17.68
N ASP V 343 65.38 42.80 18.39
CA ASP V 343 64.52 43.83 18.92
C ASP V 343 65.20 44.62 20.02
N ALA V 344 65.92 43.93 20.90
CA ALA V 344 66.69 44.61 21.93
C ALA V 344 67.80 45.44 21.36
N THR V 345 68.40 45.00 20.27
CA THR V 345 69.43 45.77 19.59
C THR V 345 68.82 47.01 18.96
N ALA V 346 67.60 46.88 18.41
CA ALA V 346 66.92 48.04 17.87
C ALA V 346 66.63 49.05 18.94
N ASN V 347 66.02 48.62 20.05
CA ASN V 347 65.75 49.53 21.15
C ASN V 347 67.01 50.13 21.70
N ALA V 348 68.12 49.40 21.65
CA ALA V 348 69.39 49.95 22.12
C ALA V 348 69.94 50.96 21.16
N ASN V 349 69.64 50.84 19.85
CA ASN V 349 70.12 51.83 18.89
C ASN V 349 69.27 53.10 18.91
N LEU V 350 67.97 52.96 19.14
CA LEU V 350 67.10 54.12 19.16
C LEU V 350 67.48 55.09 20.28
N ALA V 351 67.86 54.54 21.43
CA ALA V 351 68.21 55.35 22.56
C ALA V 351 69.45 56.17 22.33
N ALA V 352 70.33 55.75 21.39
CA ALA V 352 71.56 56.49 21.16
C ALA V 352 71.40 57.65 20.22
N ARG V 353 70.22 57.86 19.64
CA ARG V 353 69.99 58.89 18.62
C ARG V 353 69.22 60.03 19.26
N LEU V 354 69.75 61.24 19.17
CA LEU V 354 69.17 62.42 19.72
C LEU V 354 67.75 62.73 19.23
N PRO V 355 67.41 62.53 17.92
CA PRO V 355 66.08 62.83 17.48
C PRO V 355 64.99 62.16 18.32
N TYR V 356 65.21 60.95 18.81
CA TYR V 356 64.27 60.29 19.65
C TYR V 356 64.36 60.73 21.11
N LEU V 357 65.57 60.90 21.62
CA LEU V 357 65.74 61.34 22.99
C LEU V 357 65.11 62.69 23.24
N PHE V 358 65.03 63.54 22.22
CA PHE V 358 64.29 64.79 22.39
C PHE V 358 62.83 64.53 22.58
N ALA V 359 62.29 63.56 21.88
CA ALA V 359 60.89 63.20 22.04
C ALA V 359 60.63 62.71 23.47
N THR V 360 61.39 61.72 23.93
CA THR V 360 61.14 61.19 25.25
C THR V 360 61.42 62.21 26.34
N CYS V 361 62.39 63.06 26.15
CA CYS V 361 62.64 64.15 27.10
C CYS V 361 61.44 65.08 27.18
N ARG V 362 60.87 65.44 26.02
CA ARG V 362 59.69 66.29 26.02
C ARG V 362 58.55 65.63 26.75
N PHE V 363 58.32 64.34 26.51
CA PHE V 363 57.29 63.62 27.26
C PHE V 363 57.58 63.59 28.74
N ALA V 364 58.86 63.61 29.13
CA ALA V 364 59.20 63.67 30.54
C ALA V 364 58.82 65.00 31.13
N HIS V 365 59.05 66.08 30.42
CA HIS V 365 58.64 67.40 30.88
C HIS V 365 57.14 67.47 31.03
N TYR V 366 56.40 67.12 29.98
CA TYR V 366 54.96 67.13 30.05
C TYR V 366 54.45 66.32 31.20
N LEU V 367 54.88 65.07 31.30
CA LEU V 367 54.40 64.17 32.36
C LEU V 367 54.70 64.72 33.70
N LYS V 368 55.87 65.30 33.89
CA LYS V 368 56.23 65.92 35.18
C LYS V 368 55.23 66.99 35.55
N CYS V 369 54.97 67.92 34.66
CA CYS V 369 54.08 69.04 34.99
C CYS V 369 52.66 68.56 35.21
N ILE V 370 52.11 67.74 34.29
CA ILE V 370 50.72 67.38 34.37
C ILE V 370 50.45 66.47 35.56
N VAL V 371 51.35 65.53 35.84
CA VAL V 371 51.15 64.67 37.01
C VAL V 371 51.33 65.45 38.27
N ARG V 372 52.33 66.33 38.32
CA ARG V 372 52.50 67.20 39.49
C ARG V 372 51.27 68.00 39.76
N ASP V 373 50.54 68.42 38.74
CA ASP V 373 49.28 69.12 38.94
C ASP V 373 48.13 68.19 39.28
N LYS V 374 48.24 66.90 38.94
CA LYS V 374 47.19 65.93 39.23
C LYS V 374 47.33 65.30 40.60
N ILE V 375 48.37 65.64 41.37
CA ILE V 375 48.56 65.08 42.70
C ILE V 375 47.44 65.57 43.60
N GLY V 376 46.75 64.62 44.28
CA GLY V 376 45.66 64.99 45.14
C GLY V 376 44.29 64.75 44.61
N SER V 377 44.18 64.31 43.38
CA SER V 377 42.90 63.93 42.77
C SER V 377 42.59 62.47 42.98
N PHE V 378 41.34 62.15 43.15
CA PHE V 378 40.94 60.77 43.41
C PHE V 378 41.27 59.88 42.22
N LYS V 379 42.10 58.88 42.44
CA LYS V 379 42.65 58.05 41.38
C LYS V 379 42.82 56.64 41.90
N GLU V 380 42.34 55.67 41.09
CA GLU V 380 42.62 54.27 41.29
C GLU V 380 43.61 53.81 40.24
N LYS V 381 43.98 52.53 40.27
CA LYS V 381 44.85 52.00 39.23
C LYS V 381 44.17 52.14 37.86
N ASP V 382 42.87 51.82 37.79
CA ASP V 382 42.16 51.93 36.54
C ASP V 382 42.01 53.39 36.10
N GLU V 383 41.79 54.30 37.07
CA GLU V 383 41.69 55.70 36.74
C GLU V 383 43.00 56.23 36.16
N MET V 384 44.11 55.91 36.80
CA MET V 384 45.42 56.30 36.27
C MET V 384 45.68 55.64 34.92
N GLN V 385 45.23 54.41 34.73
CA GLN V 385 45.39 53.76 33.43
C GLN V 385 44.67 54.50 32.34
N ARG V 386 43.44 54.94 32.61
CA ARG V 386 42.66 55.64 31.59
C ARG V 386 43.21 57.01 31.36
N TRP V 387 43.69 57.69 32.40
CA TRP V 387 44.16 59.06 32.24
C TRP V 387 45.50 59.11 31.55
N LEU V 388 46.41 58.22 31.90
CA LEU V 388 47.71 58.15 31.21
C LEU V 388 47.58 57.57 29.82
N GLN V 389 46.76 56.54 29.68
CA GLN V 389 46.54 55.93 28.36
C GLN V 389 45.91 56.90 27.40
N ASP V 390 44.92 57.66 27.86
CA ASP V 390 44.28 58.64 27.00
C ASP V 390 45.07 59.95 26.92
N TRP V 391 46.02 60.18 27.82
CA TRP V 391 46.85 61.36 27.70
C TRP V 391 47.94 61.16 26.68
N ILE V 392 48.60 60.00 26.71
CA ILE V 392 49.68 59.73 25.75
C ILE V 392 49.15 59.53 24.36
N LEU V 393 47.83 59.27 24.22
CA LEU V 393 47.28 58.84 22.94
C LEU V 393 46.90 60.01 22.05
N ASN V 394 47.03 61.26 22.53
CA ASN V 394 46.77 62.40 21.66
C ASN V 394 48.03 62.87 20.97
N TYR V 395 49.18 62.34 21.32
CA TYR V 395 50.42 62.57 20.56
C TYR V 395 50.70 61.48 19.55
N VAL V 396 49.77 60.53 19.39
CA VAL V 396 49.93 59.42 18.46
C VAL V 396 48.87 59.56 17.39
N ASP V 397 49.30 59.42 16.13
CA ASP V 397 48.33 59.43 15.00
C ASP V 397 48.11 58.00 14.52
N GLY V 398 46.97 57.43 14.84
CA GLY V 398 46.74 56.01 14.64
C GLY V 398 46.31 55.65 13.21
N ASP V 399 45.26 56.30 12.74
CA ASP V 399 44.74 56.07 11.39
C ASP V 399 45.66 56.46 10.23
N PRO V 400 46.37 57.58 10.37
CA PRO V 400 47.22 58.12 9.30
C PRO V 400 48.70 57.74 9.34
N ALA V 401 49.10 56.82 10.20
CA ALA V 401 50.50 56.43 10.29
C ALA V 401 51.27 56.18 8.96
N HIS V 402 50.68 55.47 7.99
CA HIS V 402 51.41 55.28 6.75
C HIS V 402 51.32 56.51 5.83
N SER V 403 50.15 57.15 5.81
CA SER V 403 49.95 58.31 4.93
C SER V 403 49.82 59.57 5.77
N THR V 404 50.93 60.30 5.85
CA THR V 404 51.05 61.59 6.53
C THR V 404 52.39 62.25 6.15
N GLU V 405 52.54 63.57 6.35
CA GLU V 405 53.86 64.14 6.02
C GLU V 405 54.44 64.98 7.16
N THR V 406 53.80 66.13 7.44
CA THR V 406 54.22 66.98 8.52
C THR V 406 53.68 66.51 9.86
N THR V 407 52.51 65.84 9.89
CA THR V 407 51.97 65.45 11.20
C THR V 407 52.85 64.37 11.85
N LYS V 408 53.60 63.60 11.05
CA LYS V 408 54.55 62.67 11.65
C LYS V 408 55.62 63.39 12.43
N ALA V 409 55.93 64.63 12.06
CA ALA V 409 56.82 65.46 12.85
C ALA V 409 56.12 66.06 14.06
N GLN V 410 54.84 66.39 13.90
CA GLN V 410 54.11 66.96 15.03
C GLN V 410 53.65 65.91 16.01
N HIS V 411 53.30 64.72 15.52
CA HIS V 411 53.03 63.60 16.42
C HIS V 411 54.23 62.67 16.39
N PRO V 412 55.10 62.71 17.42
CA PRO V 412 56.38 61.99 17.33
C PRO V 412 56.21 60.46 17.45
N LEU V 413 55.07 59.95 17.94
CA LEU V 413 54.92 58.57 18.26
C LEU V 413 54.02 57.87 17.25
N ALA V 414 54.44 56.71 16.76
CA ALA V 414 53.59 55.87 15.94
C ALA V 414 52.63 55.05 16.79
N ALA V 415 52.99 54.75 18.03
CA ALA V 415 52.13 54.01 18.93
C ALA V 415 52.58 54.26 20.36
N ALA V 416 51.71 53.96 21.32
CA ALA V 416 52.00 54.19 22.73
C ALA V 416 51.33 53.14 23.57
N GLU V 417 52.02 52.66 24.59
CA GLU V 417 51.50 51.60 25.46
C GLU V 417 51.90 51.93 26.89
N VAL V 418 50.94 51.82 27.78
CA VAL V 418 51.12 52.22 29.20
C VAL V 418 50.78 50.98 30.04
N VAL V 419 51.68 50.65 30.97
CA VAL V 419 51.42 49.63 31.96
C VAL V 419 51.51 50.28 33.32
N VAL V 420 50.41 50.33 34.05
CA VAL V 420 50.33 50.99 35.36
C VAL V 420 50.30 49.86 36.41
N GLU V 421 51.04 50.07 37.50
CA GLU V 421 51.07 49.12 38.60
C GLU V 421 51.06 49.89 39.89
N GLU V 422 50.17 49.52 40.80
CA GLU V 422 50.09 50.20 42.09
C GLU V 422 51.15 49.65 43.04
N VAL V 423 51.86 50.55 43.72
CA VAL V 423 52.90 50.14 44.66
C VAL V 423 52.22 49.46 45.86
N GLU V 424 52.62 48.23 46.16
CA GLU V 424 52.06 47.48 47.27
C GLU V 424 52.51 48.09 48.59
N GLY V 425 51.67 48.00 49.61
CA GLY V 425 52.02 48.56 50.88
C GLY V 425 52.00 50.08 50.92
N ASN V 426 51.09 50.69 50.18
CA ASN V 426 51.01 52.16 50.11
C ASN V 426 49.79 52.53 49.23
N PRO V 427 48.94 53.44 49.67
CA PRO V 427 47.91 53.98 48.80
C PRO V 427 48.42 55.10 47.94
N GLY V 428 47.73 55.33 46.81
CA GLY V 428 47.97 56.58 46.06
C GLY V 428 49.32 56.65 45.35
N TYR V 429 50.21 55.66 45.52
CA TYR V 429 51.48 55.64 44.82
C TYR V 429 51.43 54.57 43.76
N TYR V 430 51.87 54.93 42.53
CA TYR V 430 51.80 53.98 41.41
C TYR V 430 53.12 53.96 40.67
N ASN V 431 53.39 52.88 39.97
CA ASN V 431 54.51 52.76 39.04
C ASN V 431 53.96 52.56 37.64
N SER V 432 54.53 53.28 36.68
CA SER V 432 54.05 53.23 35.30
C SER V 432 55.21 52.99 34.37
N LYS V 433 54.90 52.37 33.23
CA LYS V 433 55.88 52.16 32.15
C LYS V 433 55.26 52.67 30.87
N PHE V 434 55.95 53.55 30.17
CA PHE V 434 55.50 54.09 28.91
C PHE V 434 56.32 53.48 27.79
N PHE V 435 55.68 52.65 26.96
CA PHE V 435 56.29 52.11 25.76
C PHE V 435 55.79 52.92 24.60
N LEU V 436 56.68 53.75 24.02
CA LEU V 436 56.29 54.61 22.91
C LEU V 436 57.19 54.34 21.71
N ARG V 437 56.58 54.02 20.57
CA ARG V 437 57.30 53.68 19.36
C ARG V 437 57.42 54.90 18.48
N PRO V 438 58.62 55.45 18.29
CA PRO V 438 58.78 56.64 17.48
C PRO V 438 58.66 56.36 16.00
N HIS V 439 58.49 57.41 15.21
CA HIS V 439 58.55 57.27 13.77
C HIS V 439 59.98 57.08 13.32
N TYR V 440 60.25 55.98 12.60
CA TYR V 440 61.60 55.70 12.16
C TYR V 440 62.06 56.74 11.16
N GLN V 441 63.37 56.96 11.09
CA GLN V 441 63.97 57.88 10.13
C GLN V 441 64.96 57.17 9.26
N LEU V 442 65.00 57.47 7.97
CA LEU V 442 65.93 56.78 7.06
C LEU V 442 67.36 57.04 7.50
N GLU V 443 68.10 55.99 7.80
CA GLU V 443 69.47 56.08 8.24
C GLU V 443 70.51 55.74 7.18
N GLY V 444 70.29 54.66 6.45
CA GLY V 444 71.18 54.28 5.37
C GLY V 444 70.53 53.34 4.40
N LEU V 445 71.13 53.14 3.25
CA LEU V 445 70.54 52.23 2.28
C LEU V 445 71.63 51.63 1.44
N THR V 446 71.68 50.28 1.38
CA THR V 446 72.60 49.59 0.48
C THR V 446 71.79 49.09 -0.68
N VAL V 447 72.18 49.46 -1.91
CA VAL V 447 71.45 49.05 -3.11
C VAL V 447 72.34 48.21 -3.95
N SER V 448 71.85 47.06 -4.39
CA SER V 448 72.54 46.21 -5.40
C SER V 448 71.70 46.20 -6.65
N LEU V 449 72.19 46.81 -7.70
CA LEU V 449 71.44 46.88 -8.99
C LEU V 449 71.80 45.61 -9.76
N ARG V 450 70.80 45.07 -10.45
CA ARG V 450 71.03 43.83 -11.21
C ARG V 450 70.47 43.95 -12.63
N LEU V 451 71.33 43.82 -13.65
CA LEU V 451 70.85 43.74 -15.00
C LEU V 451 70.29 42.36 -15.28
N VAL V 452 69.01 42.25 -15.59
CA VAL V 452 68.29 41.01 -15.61
C VAL V 452 67.55 40.91 -16.92
N SER V 453 67.66 39.73 -17.57
CA SER V 453 66.92 39.48 -18.81
C SER V 453 65.48 39.11 -18.53
N LYS V 454 65.22 38.34 -17.48
CA LYS V 454 63.85 37.92 -17.15
C LYS V 454 63.64 38.21 -15.67
N LEU V 455 62.69 39.10 -15.36
CA LEU V 455 62.47 39.54 -14.00
C LEU V 455 62.28 38.38 -13.03
N PRO V 456 63.06 38.31 -11.98
CA PRO V 456 62.97 37.09 -11.09
C PRO V 456 61.68 37.07 -10.31
N SER V 457 61.08 38.23 -10.01
CA SER V 457 59.87 38.24 -9.20
C SER V 457 58.69 37.72 -10.02
N ALA V 458 58.39 38.38 -11.15
CA ALA V 458 57.21 37.98 -11.92
C ALA V 458 57.42 37.17 -13.22
N LYS V 459 58.35 37.62 -14.09
CA LYS V 459 58.56 36.95 -15.34
C LYS V 459 59.05 35.50 -15.16
N GLU V 460 59.93 35.31 -14.18
CA GLU V 460 60.48 34.01 -13.89
C GLU V 460 59.80 33.44 -12.65
N ALA V 461 58.95 32.41 -12.85
CA ALA V 461 58.17 31.82 -11.79
C ALA V 461 57.38 30.64 -12.44
N THR W 1 -38.23 63.46 50.80
CA THR W 1 -38.96 63.56 52.05
C THR W 1 -40.31 62.87 51.96
N THR W 2 -40.33 61.74 51.24
CA THR W 2 -41.52 60.91 51.03
C THR W 2 -42.83 61.66 50.66
N SER W 3 -42.92 62.07 49.41
CA SER W 3 -44.07 62.80 48.89
C SER W 3 -45.41 62.17 49.23
N SER W 4 -46.36 63.02 49.60
CA SER W 4 -47.71 62.56 49.98
C SER W 4 -48.26 61.55 49.02
N GLN W 5 -47.82 61.55 47.78
CA GLN W 5 -48.18 60.48 46.84
C GLN W 5 -47.73 59.15 47.34
N LYS W 6 -46.63 59.07 48.03
CA LYS W 6 -46.18 57.83 48.68
C LYS W 6 -47.06 57.48 49.84
N PHE W 7 -47.53 58.44 50.59
CA PHE W 7 -48.52 58.14 51.65
C PHE W 7 -49.76 57.56 51.07
N ILE W 8 -50.30 58.13 50.00
CA ILE W 8 -51.47 57.58 49.33
C ILE W 8 -51.16 56.18 48.79
N ALA W 9 -49.92 55.97 48.37
CA ALA W 9 -49.55 54.68 47.78
C ALA W 9 -49.49 53.59 48.79
N ARG W 10 -48.79 53.81 49.90
CA ARG W 10 -48.61 52.77 50.90
C ARG W 10 -49.76 52.63 51.82
N ASN W 11 -50.51 53.69 52.07
CA ASN W 11 -51.56 53.66 53.08
C ASN W 11 -52.89 53.09 52.68
N ARG W 12 -53.53 53.65 51.70
CA ARG W 12 -54.76 53.02 51.08
C ARG W 12 -54.59 53.38 49.61
N ALA W 13 -54.32 52.37 48.84
CA ALA W 13 -53.90 52.60 47.48
C ALA W 13 -55.04 52.42 46.54
N PRO W 14 -55.29 53.40 45.63
CA PRO W 14 -56.20 53.16 44.55
C PRO W 14 -55.65 52.07 43.63
N ARG W 15 -56.52 51.42 42.85
CA ARG W 15 -56.06 50.46 41.89
C ARG W 15 -55.10 51.11 40.91
N VAL W 16 -55.38 52.37 40.53
CA VAL W 16 -54.48 53.16 39.71
C VAL W 16 -53.83 54.20 40.59
N GLN W 17 -52.56 54.06 40.89
CA GLN W 17 -51.82 54.99 41.77
C GLN W 17 -50.71 55.58 40.97
N ILE W 18 -50.74 56.92 40.83
CA ILE W 18 -49.77 57.62 39.95
C ILE W 18 -48.97 58.56 40.84
N GLU W 19 -47.68 58.33 40.92
CA GLU W 19 -46.75 59.14 41.67
C GLU W 19 -45.74 59.75 40.73
N TYR W 20 -45.14 60.86 41.17
CA TYR W 20 -44.04 61.47 40.44
C TYR W 20 -42.82 61.47 41.29
N ASP W 21 -41.72 60.91 40.78
CA ASP W 21 -40.45 60.90 41.49
C ASP W 21 -39.33 61.38 40.61
N VAL W 22 -38.46 62.22 41.17
CA VAL W 22 -37.34 62.81 40.43
C VAL W 22 -36.36 61.62 40.15
N GLU W 23 -35.81 61.62 38.93
CA GLU W 23 -34.89 60.61 38.55
C GLU W 23 -33.46 61.03 38.78
N LEU W 24 -32.76 60.37 39.71
CA LEU W 24 -31.35 60.57 39.97
C LEU W 24 -30.66 59.22 39.88
N TYR W 25 -29.83 59.04 38.87
CA TYR W 25 -29.15 57.77 38.65
C TYR W 25 -28.22 57.36 39.75
N GLY W 26 -27.33 58.28 40.12
CA GLY W 26 -26.36 58.02 41.17
C GLY W 26 -26.58 58.71 42.49
N ALA W 27 -27.63 59.52 42.59
CA ALA W 27 -27.95 60.25 43.82
C ALA W 27 -26.72 61.06 44.27
N GLU W 28 -26.35 60.91 45.54
CA GLU W 28 -25.16 61.57 46.06
C GLU W 28 -25.06 63.08 45.84
N LYS W 29 -25.99 63.83 46.42
CA LYS W 29 -26.03 65.28 46.29
C LYS W 29 -24.80 65.97 46.90
N LYS W 30 -24.45 67.15 46.38
CA LYS W 30 -23.27 67.90 46.81
C LYS W 30 -23.30 68.33 48.27
N VAL W 31 -22.12 68.45 48.86
CA VAL W 31 -21.96 68.69 50.29
C VAL W 31 -22.17 70.15 50.66
N GLN W 32 -22.09 71.08 49.70
CA GLN W 32 -22.26 72.50 50.00
C GLN W 32 -21.08 72.96 50.85
N LEU W 33 -21.34 73.31 52.12
CA LEU W 33 -20.30 73.70 53.07
C LEU W 33 -19.57 74.98 52.63
N PRO W 34 -20.20 76.13 52.81
CA PRO W 34 -19.55 77.40 52.46
C PRO W 34 -18.26 77.63 53.23
N PHE W 35 -17.46 78.54 52.70
CA PHE W 35 -16.17 78.90 53.30
C PHE W 35 -16.37 80.12 54.20
N VAL W 36 -16.22 79.92 55.49
CA VAL W 36 -16.28 81.01 56.46
C VAL W 36 -14.86 81.34 56.89
N MET W 37 -14.59 82.62 57.13
CA MET W 37 -13.29 83.06 57.62
C MET W 37 -13.48 83.79 58.93
N GLY W 38 -13.02 83.20 60.02
CA GLY W 38 -13.12 83.83 61.32
C GLY W 38 -11.98 84.80 61.51
N VAL W 39 -12.28 86.01 61.96
CA VAL W 39 -11.24 87.01 62.15
C VAL W 39 -11.17 87.48 63.60
N MET W 40 -9.95 87.49 64.14
CA MET W 40 -9.73 87.93 65.51
C MET W 40 -8.93 89.21 65.45
N ALA W 41 -9.35 90.22 66.19
CA ALA W 41 -8.64 91.50 66.13
C ALA W 41 -8.91 92.27 67.41
N ASP W 42 -8.07 93.27 67.67
CA ASP W 42 -8.26 94.12 68.84
C ASP W 42 -9.10 95.32 68.42
N LEU W 43 -10.33 95.37 68.91
CA LEU W 43 -11.26 96.43 68.58
C LEU W 43 -11.85 96.99 69.87
N ALA W 44 -12.28 98.25 69.81
CA ALA W 44 -12.77 98.98 70.98
C ALA W 44 -11.69 99.04 72.07
N GLY W 45 -10.50 99.44 71.66
CA GLY W 45 -9.38 99.53 72.58
C GLY W 45 -9.64 100.54 73.68
N LYS W 46 -9.39 100.15 74.92
CA LYS W 46 -9.67 100.97 76.10
C LYS W 46 -11.14 101.38 76.11
N PRO W 47 -12.05 100.45 76.33
CA PRO W 47 -13.48 100.81 76.38
C PRO W 47 -13.82 101.50 77.68
N ALA W 48 -14.96 102.20 77.67
CA ALA W 48 -15.41 102.93 78.85
C ALA W 48 -16.08 102.07 79.91
N GLU W 49 -16.58 100.90 79.53
CA GLU W 49 -17.32 100.03 80.44
C GLU W 49 -16.49 98.77 80.62
N PRO W 50 -16.90 97.84 81.49
CA PRO W 50 -16.25 96.51 81.53
C PRO W 50 -16.37 95.75 80.22
N GLN W 51 -17.21 96.19 79.29
CA GLN W 51 -17.47 95.50 78.03
C GLN W 51 -18.11 94.14 78.31
N ALA W 52 -17.50 93.06 77.82
CA ALA W 52 -18.08 91.74 77.97
C ALA W 52 -17.01 90.75 78.35
N ALA W 53 -17.38 89.78 79.18
CA ALA W 53 -16.46 88.71 79.54
C ALA W 53 -16.25 87.78 78.36
N VAL W 54 -15.12 87.06 78.40
CA VAL W 54 -14.81 86.12 77.34
C VAL W 54 -15.81 84.97 77.39
N ALA W 55 -15.93 84.26 76.26
CA ALA W 55 -16.88 83.17 76.03
C ALA W 55 -18.29 83.72 75.84
N ASP W 56 -18.51 84.98 76.22
CA ASP W 56 -19.75 85.68 75.88
C ASP W 56 -19.62 86.59 74.68
N ARG W 57 -18.42 86.72 74.10
CA ARG W 57 -18.24 87.60 72.95
C ARG W 57 -18.64 86.94 71.64
N LYS W 58 -18.40 85.65 71.51
CA LYS W 58 -18.80 84.93 70.31
C LYS W 58 -18.07 85.46 69.07
N PHE W 59 -18.60 85.10 67.91
CA PHE W 59 -18.09 85.57 66.64
C PHE W 59 -19.29 86.18 65.95
N LEU W 60 -19.17 87.41 65.48
CA LEU W 60 -20.29 88.07 64.84
C LEU W 60 -20.06 88.21 63.36
N GLU W 61 -21.03 87.78 62.56
CA GLU W 61 -20.88 87.87 61.12
C GLU W 61 -20.80 89.33 60.72
N ILE W 62 -19.94 89.60 59.76
CA ILE W 62 -19.70 90.95 59.26
C ILE W 62 -19.69 90.88 57.73
N ASP W 63 -20.01 92.00 57.12
CA ASP W 63 -20.09 92.15 55.68
C ASP W 63 -20.17 93.64 55.38
N VAL W 64 -20.36 94.00 54.11
CA VAL W 64 -20.48 95.37 53.73
C VAL W 64 -21.80 95.98 54.20
N ASP W 65 -22.78 95.16 54.54
CA ASP W 65 -24.10 95.64 54.92
C ASP W 65 -24.11 96.13 56.35
N ASN W 66 -23.61 95.35 57.30
CA ASN W 66 -23.67 95.66 58.71
C ASN W 66 -22.42 96.28 59.27
N PHE W 67 -21.44 96.59 58.43
CA PHE W 67 -20.14 97.05 58.90
C PHE W 67 -20.26 98.24 59.84
N ASP W 68 -20.93 99.27 59.41
CA ASP W 68 -21.16 100.44 60.26
C ASP W 68 -22.02 100.09 61.47
N ALA W 69 -22.94 99.14 61.32
CA ALA W 69 -23.68 98.68 62.49
C ALA W 69 -22.83 97.88 63.42
N ARG W 70 -21.76 97.26 62.91
CA ARG W 70 -20.83 96.56 63.77
C ARG W 70 -19.92 97.55 64.53
N LEU W 71 -19.52 98.65 63.90
CA LEU W 71 -18.82 99.66 64.63
C LEU W 71 -19.72 100.31 65.69
N LYS W 72 -20.87 100.81 65.28
CA LYS W 72 -21.75 101.48 66.22
C LYS W 72 -22.20 100.56 67.32
N ALA W 73 -22.36 99.29 67.03
CA ALA W 73 -22.71 98.32 68.07
C ALA W 73 -21.53 98.06 68.98
N MET W 74 -20.33 97.96 68.43
CA MET W 74 -19.16 97.65 69.23
C MET W 74 -18.62 98.85 69.98
N LYS W 75 -18.93 100.04 69.53
CA LYS W 75 -18.50 101.32 70.13
C LYS W 75 -16.99 101.38 70.39
N PRO W 76 -16.16 101.30 69.34
CA PRO W 76 -14.75 101.53 69.52
C PRO W 76 -14.41 102.91 69.91
N ARG W 77 -13.58 103.05 70.97
CA ARG W 77 -13.29 104.41 71.47
C ARG W 77 -11.83 104.55 71.76
N VAL W 78 -11.37 105.77 71.96
CA VAL W 78 -10.00 106.10 72.26
C VAL W 78 -9.94 107.28 73.15
N ALA W 79 -9.12 107.20 74.20
CA ALA W 79 -8.98 108.30 75.17
C ALA W 79 -7.51 108.43 75.51
N PHE W 80 -6.93 109.60 75.25
CA PHE W 80 -5.57 109.88 75.60
C PHE W 80 -5.29 111.32 75.69
N ASN W 81 -4.17 111.67 76.33
CA ASN W 81 -3.72 113.09 76.44
C ASN W 81 -2.85 113.38 75.26
N VAL W 82 -3.00 114.60 74.73
CA VAL W 82 -2.18 115.01 73.56
C VAL W 82 -1.79 116.45 73.79
N PRO W 83 -0.56 116.85 73.42
CA PRO W 83 -0.17 118.25 73.57
C PRO W 83 -1.12 119.18 72.84
N ASN W 84 -1.43 120.31 73.49
CA ASN W 84 -2.38 121.27 72.92
C ASN W 84 -1.55 122.34 72.21
N VAL W 85 -1.63 122.36 70.89
CA VAL W 85 -0.90 123.37 70.13
C VAL W 85 -1.74 124.63 69.89
N LEU W 86 -3.05 124.54 70.16
CA LEU W 86 -3.92 125.69 69.93
C LEU W 86 -3.63 126.94 70.76
N THR W 87 -3.45 126.77 72.07
CA THR W 87 -3.19 127.91 72.96
C THR W 87 -2.18 127.62 74.09
N GLY W 88 -0.96 127.22 73.75
CA GLY W 88 0.04 126.93 74.78
C GLY W 88 -0.50 125.86 75.71
N GLU W 89 -0.44 126.12 77.03
CA GLU W 89 -1.02 125.15 77.97
C GLU W 89 -0.13 123.90 78.00
N GLY W 90 -0.67 122.73 77.69
CA GLY W 90 -0.05 121.46 77.98
C GLY W 90 -0.99 120.40 77.31
N ASN W 91 -0.84 119.17 77.80
CA ASN W 91 -1.61 118.07 77.35
C ASN W 91 -3.11 118.40 77.32
N LEU W 92 -3.77 117.96 76.24
CA LEU W 92 -5.20 118.03 76.09
C LEU W 92 -5.81 116.63 76.05
N SER W 93 -6.60 116.30 77.05
CA SER W 93 -7.27 115.00 77.12
C SER W 93 -8.48 114.99 76.27
N LEU W 94 -8.50 114.07 75.29
CA LEU W 94 -9.65 113.94 74.37
C LEU W 94 -10.27 112.57 74.51
N ASP W 95 -11.59 112.52 74.40
CA ASP W 95 -12.30 111.26 74.49
C ASP W 95 -13.06 111.11 73.19
N ILE W 96 -12.76 110.05 72.43
CA ILE W 96 -13.44 109.84 71.17
C ILE W 96 -13.97 108.43 71.01
N THR W 97 -15.23 108.33 70.60
CA THR W 97 -15.82 107.02 70.33
C THR W 97 -16.31 107.05 68.88
N PHE W 98 -15.80 106.12 68.07
CA PHE W 98 -16.05 106.16 66.64
C PHE W 98 -17.27 105.26 66.33
N GLU W 99 -18.33 105.88 65.85
CA GLU W 99 -19.55 105.17 65.50
C GLU W 99 -19.70 104.84 64.02
N SER W 100 -18.71 105.18 63.20
CA SER W 100 -18.82 104.88 61.76
C SER W 100 -17.43 104.92 61.15
N MET W 101 -17.28 104.30 60.00
CA MET W 101 -15.97 104.25 59.37
C MET W 101 -15.50 105.61 58.92
N ASP W 102 -16.44 106.55 58.83
CA ASP W 102 -16.12 107.92 58.46
C ASP W 102 -15.61 108.72 59.66
N ASP W 103 -15.74 108.16 60.87
CA ASP W 103 -15.31 108.86 62.06
C ASP W 103 -13.82 108.79 62.27
N PHE W 104 -13.09 108.01 61.47
CA PHE W 104 -11.65 108.05 61.48
C PHE W 104 -11.06 109.11 60.56
N SER W 105 -11.88 109.73 59.74
CA SER W 105 -11.41 110.83 58.90
C SER W 105 -11.09 112.03 59.75
N PRO W 106 -10.16 112.88 59.30
CA PRO W 106 -9.74 114.02 60.15
C PRO W 106 -10.89 115.02 60.40
N ALA W 107 -11.80 115.18 59.46
CA ALA W 107 -12.93 116.05 59.67
C ALA W 107 -13.79 115.60 60.83
N ALA W 108 -14.18 114.35 60.84
CA ALA W 108 -14.99 113.80 61.92
C ALA W 108 -14.23 113.79 63.23
N VAL W 109 -12.91 113.55 63.18
CA VAL W 109 -12.09 113.66 64.38
C VAL W 109 -12.19 115.05 64.95
N ALA W 110 -12.13 116.06 64.10
CA ALA W 110 -12.25 117.44 64.57
C ALA W 110 -13.66 117.71 65.11
N ARG W 111 -14.69 117.13 64.51
CA ARG W 111 -16.04 117.37 64.97
C ARG W 111 -16.31 116.70 66.31
N LYS W 112 -15.59 115.60 66.62
CA LYS W 112 -15.85 114.90 67.87
C LYS W 112 -15.20 115.59 69.05
N VAL W 113 -13.96 116.06 68.91
CA VAL W 113 -13.34 116.81 70.00
C VAL W 113 -14.05 118.18 70.08
N ASP W 114 -14.49 118.53 71.30
CA ASP W 114 -15.39 119.67 71.45
C ASP W 114 -14.69 121.01 71.12
N SER W 115 -13.45 121.18 71.56
CA SER W 115 -12.71 122.37 71.24
C SER W 115 -12.52 122.51 69.73
N LEU W 116 -11.96 121.49 69.11
CA LEU W 116 -11.81 121.49 67.66
C LEU W 116 -13.16 121.60 66.97
N ASN W 117 -14.26 121.18 67.61
CA ASN W 117 -15.58 121.42 67.07
C ASN W 117 -15.90 122.90 67.05
N LYS W 118 -15.57 123.60 68.13
CA LYS W 118 -15.83 125.04 68.17
C LYS W 118 -14.98 125.78 67.13
N LEU W 119 -13.70 125.38 66.98
CA LEU W 119 -12.88 126.00 65.98
C LEU W 119 -13.35 125.70 64.56
N LEU W 120 -13.72 124.47 64.31
CA LEU W 120 -14.20 124.10 62.98
C LEU W 120 -15.50 124.82 62.65
N GLU W 121 -16.41 124.94 63.64
CA GLU W 121 -17.62 125.69 63.41
C GLU W 121 -17.31 127.17 63.15
N ALA W 122 -16.31 127.71 63.84
CA ALA W 122 -15.88 129.07 63.57
C ALA W 122 -15.41 129.21 62.12
N ARG W 123 -14.66 128.21 61.63
CA ARG W 123 -14.17 128.30 60.27
C ARG W 123 -15.33 128.18 59.25
N THR W 124 -16.30 127.31 59.52
CA THR W 124 -17.41 127.20 58.59
C THR W 124 -18.28 128.45 58.62
N GLN W 125 -18.36 129.13 59.76
CA GLN W 125 -19.14 130.36 59.84
C GLN W 125 -18.43 131.50 59.12
N LEU W 126 -17.10 131.54 59.17
CA LEU W 126 -16.37 132.60 58.50
C LEU W 126 -16.28 132.35 57.00
N ALA W 127 -15.99 131.13 56.60
CA ALA W 127 -15.94 130.79 55.17
C ALA W 127 -17.32 130.87 54.54
N ASN W 128 -18.35 130.51 55.31
CA ASN W 128 -19.72 130.72 54.86
C ASN W 128 -20.10 132.20 54.93
N LEU W 129 -19.37 133.00 55.71
CA LEU W 129 -19.64 134.42 55.81
C LEU W 129 -19.06 135.18 54.63
N LEU W 130 -17.85 134.81 54.18
CA LEU W 130 -17.23 135.49 53.06
C LEU W 130 -18.05 135.33 51.79
N THR W 131 -18.81 134.23 51.68
CA THR W 131 -19.70 134.02 50.55
C THR W 131 -21.12 134.34 51.01
N TYR W 132 -21.63 135.50 50.56
CA TYR W 132 -22.99 135.97 50.84
C TYR W 132 -23.57 135.53 52.19
N ARG X 1 -14.02 166.50 26.75
CA ARG X 1 -12.72 166.57 27.52
C ARG X 1 -12.92 165.82 28.85
N GLU X 2 -12.99 166.60 29.92
CA GLU X 2 -13.28 166.10 31.25
C GLU X 2 -14.78 166.19 31.54
N ALA X 3 -15.56 166.83 30.67
CA ALA X 3 -17.00 166.92 30.88
C ALA X 3 -17.66 165.53 30.75
N VAL X 4 -17.23 164.75 29.75
CA VAL X 4 -17.74 163.40 29.66
C VAL X 4 -17.33 162.57 30.90
N GLU X 5 -16.15 162.88 31.47
CA GLU X 5 -15.75 162.19 32.69
C GLU X 5 -16.65 162.58 33.87
N THR X 6 -17.16 163.81 33.88
CA THR X 6 -18.11 164.17 34.92
C THR X 6 -19.48 163.51 34.69
N ALA X 7 -19.90 163.39 33.42
CA ALA X 7 -21.17 162.75 33.14
C ALA X 7 -21.12 161.26 33.53
N VAL X 8 -20.04 160.56 33.16
CA VAL X 8 -19.92 159.18 33.58
C VAL X 8 -19.60 159.06 35.06
N ARG X 9 -19.11 160.14 35.68
CA ARG X 9 -18.94 160.14 37.12
C ARG X 9 -20.31 160.10 37.81
N THR X 10 -21.18 161.06 37.47
CA THR X 10 -22.49 161.10 38.11
C THR X 10 -23.31 159.87 37.75
N LEU X 11 -23.32 159.47 36.47
CA LEU X 11 -24.07 158.31 36.07
C LEU X 11 -23.55 157.03 36.72
N ALA X 12 -22.22 156.81 36.65
CA ALA X 12 -21.64 155.57 37.15
C ALA X 12 -21.82 155.47 38.67
N GLU X 13 -21.56 156.55 39.40
CA GLU X 13 -21.72 156.51 40.84
C GLU X 13 -23.19 156.34 41.24
N HIS X 14 -24.05 157.22 40.72
CA HIS X 14 -25.46 157.18 41.11
C HIS X 14 -26.07 155.81 40.79
N ALA X 15 -25.83 155.31 39.58
CA ALA X 15 -26.35 153.99 39.24
C ALA X 15 -25.74 152.90 40.11
N LEU X 16 -24.42 152.98 40.32
CA LEU X 16 -23.70 151.90 41.00
C LEU X 16 -24.07 151.72 42.46
N GLU X 17 -24.00 152.78 43.24
CA GLU X 17 -24.20 152.67 44.68
C GLU X 17 -25.56 153.08 45.27
N GLN X 18 -26.49 153.54 44.46
CA GLN X 18 -27.77 154.05 44.98
C GLN X 18 -28.64 153.06 45.78
N THR X 19 -28.69 151.82 45.33
CA THR X 19 -29.53 150.78 45.91
C THR X 19 -28.79 149.46 46.01
N SER X 20 -28.47 148.87 44.86
CA SER X 20 -27.86 147.55 44.83
C SER X 20 -26.40 147.62 45.30
N LEU X 21 -25.74 146.46 45.25
CA LEU X 21 -24.34 146.32 45.67
C LEU X 21 -24.17 146.78 47.12
N ILE X 22 -24.98 146.19 48.00
CA ILE X 22 -25.03 146.62 49.39
C ILE X 22 -23.70 146.32 50.06
N SER X 23 -23.10 147.36 50.64
CA SER X 23 -21.87 147.28 51.43
C SER X 23 -20.65 146.91 50.59
N ASN X 24 -20.87 146.41 49.38
CA ASN X 24 -19.81 146.04 48.44
C ASN X 24 -18.73 145.22 49.12
N ASP X 25 -17.46 145.53 48.82
CA ASP X 25 -16.31 144.96 49.51
C ASP X 25 -15.15 145.93 49.40
N ALA X 26 -14.27 145.87 50.39
CA ALA X 26 -13.07 146.70 50.38
C ALA X 26 -11.82 145.84 50.48
N ILE X 27 -11.55 145.32 51.67
CA ILE X 27 -10.44 144.40 51.90
C ILE X 27 -11.06 143.08 52.33
N LYS X 28 -10.98 142.08 51.46
CA LYS X 28 -11.42 140.73 51.79
C LYS X 28 -10.29 139.86 52.30
N SER X 29 -9.07 140.41 52.37
CA SER X 29 -7.93 139.66 52.90
C SER X 29 -8.06 139.37 54.39
N ILE X 30 -9.03 139.97 55.08
CA ILE X 30 -9.28 139.64 56.48
C ILE X 30 -9.74 138.20 56.62
N GLU X 31 -10.29 137.62 55.56
CA GLU X 31 -10.70 136.22 55.56
C GLU X 31 -9.51 135.26 55.50
N SER X 32 -8.29 135.78 55.34
CA SER X 32 -7.10 134.95 55.44
C SER X 32 -6.89 134.40 56.84
N ILE X 33 -7.67 134.86 57.82
CA ILE X 33 -7.64 134.27 59.15
C ILE X 33 -8.06 132.81 59.09
N ILE X 34 -8.93 132.52 58.11
CA ILE X 34 -9.28 131.11 57.95
C ILE X 34 -8.03 130.30 57.64
N ALA X 35 -7.03 130.88 57.01
CA ALA X 35 -5.78 130.17 56.80
C ALA X 35 -5.09 129.85 58.12
N ALA X 36 -5.13 130.79 59.07
CA ALA X 36 -4.51 130.56 60.37
C ALA X 36 -5.35 129.57 61.20
N LEU X 37 -6.69 129.70 61.15
CA LEU X 37 -7.55 128.79 61.88
C LEU X 37 -7.36 127.34 61.37
N ASP X 38 -7.37 127.21 60.04
CA ASP X 38 -7.16 125.92 59.41
C ASP X 38 -5.79 125.40 59.76
N ALA X 39 -4.80 126.29 59.78
CA ALA X 39 -3.46 125.88 60.12
C ALA X 39 -3.40 125.31 61.53
N LYS X 40 -4.12 125.93 62.47
CA LYS X 40 -4.19 125.39 63.82
C LYS X 40 -4.90 124.05 63.84
N LEU X 41 -5.94 123.90 63.03
CA LEU X 41 -6.64 122.60 62.98
C LEU X 41 -5.75 121.51 62.36
N THR X 42 -4.88 121.87 61.44
CA THR X 42 -3.91 120.88 60.95
C THR X 42 -2.89 120.54 62.02
N ALA X 43 -2.41 121.54 62.75
CA ALA X 43 -1.41 121.29 63.78
C ALA X 43 -2.01 120.41 64.88
N GLN X 44 -3.28 120.59 65.21
CA GLN X 44 -3.88 119.77 66.25
C GLN X 44 -4.28 118.39 65.74
N VAL X 45 -4.96 118.33 64.60
CA VAL X 45 -5.46 117.06 64.10
C VAL X 45 -4.32 116.17 63.71
N ASN X 46 -3.18 116.73 63.29
CA ASN X 46 -2.00 115.91 63.09
C ASN X 46 -1.63 115.15 64.36
N LEU X 47 -1.64 115.83 65.50
CA LEU X 47 -1.31 115.17 66.76
C LEU X 47 -2.39 114.22 67.22
N ILE X 48 -3.64 114.53 67.00
CA ILE X 48 -4.73 113.64 67.43
C ILE X 48 -4.70 112.35 66.63
N MET X 49 -4.52 112.47 65.31
CA MET X 49 -4.59 111.30 64.45
C MET X 49 -3.31 110.47 64.50
N HIS X 50 -2.16 111.10 64.69
CA HIS X 50 -0.89 110.42 64.65
C HIS X 50 -0.48 109.81 65.98
N HIS X 51 -1.33 109.93 67.01
CA HIS X 51 -1.01 109.31 68.28
C HIS X 51 -1.00 107.81 68.18
N ALA X 52 -0.27 107.15 69.09
CA ALA X 52 -0.11 105.73 69.03
C ALA X 52 -1.47 105.03 69.14
N ASP X 53 -2.37 105.53 70.02
CA ASP X 53 -3.64 104.92 70.21
C ASP X 53 -4.51 105.04 68.97
N PHE X 54 -4.66 106.25 68.45
CA PHE X 54 -5.48 106.45 67.26
C PHE X 54 -4.93 105.72 66.08
N GLN X 55 -3.60 105.62 65.96
CA GLN X 55 -3.02 104.85 64.86
C GLN X 55 -3.27 103.37 65.02
N GLN X 56 -3.31 102.88 66.26
CA GLN X 56 -3.57 101.46 66.47
C GLN X 56 -5.00 101.11 66.16
N LEU X 57 -5.95 101.84 66.73
CA LEU X 57 -7.35 101.59 66.43
C LEU X 57 -7.68 101.82 64.96
N GLU X 58 -7.23 102.96 64.43
CA GLU X 58 -7.40 103.26 63.02
C GLU X 58 -6.89 102.17 62.15
N SER X 59 -5.72 101.62 62.49
CA SER X 59 -5.14 100.53 61.67
C SER X 59 -5.95 99.28 61.81
N ALA X 60 -6.50 99.03 62.98
CA ALA X 60 -7.33 97.83 63.18
C ALA X 60 -8.60 97.88 62.35
N TRP X 61 -9.39 98.91 62.53
CA TRP X 61 -10.64 99.06 61.79
C TRP X 61 -10.40 99.28 60.32
N ARG X 62 -9.30 99.90 59.97
CA ARG X 62 -8.97 100.13 58.56
C ARG X 62 -8.58 98.86 57.88
N GLY X 63 -7.84 98.02 58.56
CA GLY X 63 -7.51 96.69 58.02
C GLY X 63 -8.74 95.82 57.90
N LEU X 64 -9.55 95.78 58.92
CA LEU X 64 -10.80 95.01 58.87
C LEU X 64 -11.70 95.52 57.76
N HIS X 65 -11.79 96.82 57.59
CA HIS X 65 -12.58 97.39 56.51
C HIS X 65 -12.03 97.01 55.18
N TYR X 66 -10.72 96.99 55.03
CA TYR X 66 -10.12 96.49 53.79
C TYR X 66 -10.51 95.09 53.54
N LEU X 67 -10.51 94.24 54.54
CA LEU X 67 -10.88 92.83 54.35
C LEU X 67 -12.31 92.70 53.98
N VAL X 68 -13.18 93.50 54.54
CA VAL X 68 -14.64 93.38 54.31
C VAL X 68 -14.97 93.86 52.90
N ASN X 69 -14.51 95.07 52.55
CA ASN X 69 -14.90 95.69 51.29
C ASN X 69 -14.32 95.00 50.10
N ASN X 70 -13.14 94.45 50.23
CA ASN X 70 -12.48 93.74 49.11
C ASN X 70 -12.86 92.32 48.99
N THR X 71 -13.76 91.82 49.83
CA THR X 71 -14.26 90.45 49.78
C THR X 71 -15.66 90.43 49.18
N GLU X 72 -15.93 89.48 48.30
CA GLU X 72 -17.24 89.32 47.72
C GLU X 72 -17.99 88.30 48.58
N THR X 73 -18.86 88.78 49.44
CA THR X 73 -19.54 87.95 50.39
C THR X 73 -20.94 87.56 49.93
N ASP X 74 -21.22 86.27 50.08
CA ASP X 74 -22.48 85.69 49.73
C ASP X 74 -22.75 84.50 50.63
N GLU X 75 -23.55 83.58 50.14
CA GLU X 75 -23.88 82.39 50.90
C GLU X 75 -22.61 81.61 51.19
N GLN X 76 -21.76 81.50 50.17
CA GLN X 76 -20.47 80.80 50.29
C GLN X 76 -19.38 81.43 51.17
N LEU X 77 -19.23 82.74 51.08
CA LEU X 77 -18.21 83.46 51.83
C LEU X 77 -18.85 84.20 52.99
N LYS X 78 -18.32 84.02 54.18
CA LYS X 78 -18.65 84.74 55.34
C LYS X 78 -17.40 85.23 56.05
N ILE X 79 -17.52 86.26 56.85
CA ILE X 79 -16.51 86.81 57.65
C ILE X 79 -17.08 87.04 59.04
N ARG X 80 -16.56 86.34 60.05
CA ARG X 80 -16.93 86.51 61.40
C ARG X 80 -15.88 87.10 62.24
N VAL X 81 -16.11 88.18 62.89
CA VAL X 81 -15.11 88.93 63.70
C VAL X 81 -15.31 88.63 65.17
N LEU X 82 -14.27 88.42 65.91
CA LEU X 82 -14.21 88.40 67.35
C LEU X 82 -13.30 89.40 67.92
N ASN X 83 -13.79 90.37 68.68
CA ASN X 83 -12.90 91.39 69.19
C ASN X 83 -12.33 90.95 70.50
N ILE X 84 -11.03 90.68 70.45
CA ILE X 84 -10.29 90.23 71.60
C ILE X 84 -8.88 90.76 71.49
N SER X 85 -8.44 91.48 72.51
CA SER X 85 -7.09 92.04 72.48
C SER X 85 -6.11 90.92 72.65
N LYS X 86 -4.88 91.16 72.21
CA LYS X 86 -3.81 90.16 72.32
C LYS X 86 -3.57 89.78 73.79
N PRO X 87 -3.55 90.71 74.75
CA PRO X 87 -3.51 90.32 76.12
C PRO X 87 -4.63 89.43 76.62
N GLU X 88 -5.84 89.68 76.13
CA GLU X 88 -6.99 88.84 76.53
C GLU X 88 -6.91 87.49 75.91
N LEU X 89 -6.45 87.40 74.66
CA LEU X 89 -6.30 86.10 74.01
C LEU X 89 -5.22 85.30 74.68
N HIS X 90 -4.07 85.91 74.96
CA HIS X 90 -3.01 85.20 75.67
C HIS X 90 -3.44 84.83 77.07
N LYS X 91 -4.31 85.65 77.68
CA LYS X 91 -4.76 85.34 79.03
C LYS X 91 -5.68 84.12 79.03
N THR X 92 -6.72 84.13 78.21
CA THR X 92 -7.67 83.04 78.19
C THR X 92 -7.05 81.77 77.67
N LEU X 93 -6.09 81.89 76.76
CA LEU X 93 -5.37 80.70 76.31
C LEU X 93 -4.33 80.26 77.30
N LYS X 94 -3.94 81.14 78.22
CA LYS X 94 -3.04 80.74 79.30
C LYS X 94 -3.78 80.04 80.42
N LYS X 95 -5.03 80.42 80.69
CA LYS X 95 -5.82 79.73 81.72
C LYS X 95 -5.96 78.28 81.45
N PHE X 96 -6.15 77.91 80.20
CA PHE X 96 -6.33 76.49 79.80
C PHE X 96 -5.13 76.11 78.97
N LYS X 97 -4.27 75.30 79.53
CA LYS X 97 -3.05 74.87 78.83
C LYS X 97 -2.78 73.41 79.25
N GLY X 98 -2.04 72.72 78.41
CA GLY X 98 -1.85 71.32 78.68
C GLY X 98 -3.10 70.52 78.53
N THR X 99 -3.59 69.82 79.53
CA THR X 99 -4.75 68.98 79.42
C THR X 99 -5.99 69.81 79.16
N THR X 100 -6.12 70.95 79.87
CA THR X 100 -7.40 71.63 79.84
C THR X 100 -7.63 72.40 78.54
N TRP X 101 -6.67 72.39 77.60
CA TRP X 101 -6.81 73.15 76.37
C TRP X 101 -8.02 72.81 75.59
N ASP X 102 -8.49 71.57 75.67
CA ASP X 102 -9.73 71.15 74.98
C ASP X 102 -10.90 71.94 75.45
N GLN X 103 -10.87 72.55 76.61
CA GLN X 103 -11.90 73.42 77.15
C GLN X 103 -11.34 74.79 77.23
N SER X 104 -11.81 75.68 76.38
CA SER X 104 -11.42 77.11 76.31
C SER X 104 -12.47 77.89 75.63
N PRO X 105 -12.57 79.17 75.88
CA PRO X 105 -13.57 80.00 75.20
C PRO X 105 -13.31 80.00 73.69
N ILE X 106 -12.04 80.09 73.33
CA ILE X 106 -11.58 80.13 71.95
C ILE X 106 -11.75 78.80 71.28
N PHE X 107 -11.43 77.72 71.96
CA PHE X 107 -11.63 76.40 71.39
C PHE X 107 -13.10 76.05 71.30
N LYS X 108 -13.89 76.46 72.27
CA LYS X 108 -15.33 76.24 72.20
C LYS X 108 -15.88 76.91 70.93
N LYS X 109 -15.62 78.22 70.76
CA LYS X 109 -16.13 78.95 69.64
C LYS X 109 -15.63 78.40 68.34
N LEU X 110 -14.34 78.17 68.21
CA LEU X 110 -13.76 77.79 66.93
C LEU X 110 -14.06 76.38 66.54
N TYR X 111 -14.01 75.46 67.49
CA TYR X 111 -14.22 74.04 67.22
C TYR X 111 -15.55 73.44 67.58
N GLU X 112 -16.10 73.75 68.74
CA GLU X 112 -17.25 73.05 69.25
C GLU X 112 -18.45 73.60 68.49
N GLU X 113 -18.69 74.90 68.57
CA GLU X 113 -19.90 75.47 68.04
C GLU X 113 -20.01 75.42 66.52
N GLU X 114 -18.95 75.09 65.83
CA GLU X 114 -18.96 75.14 64.37
C GLU X 114 -18.42 73.86 63.74
N TYR X 115 -17.16 73.56 63.90
CA TYR X 115 -16.62 72.36 63.33
C TYR X 115 -17.05 71.14 64.05
N GLY X 116 -17.37 71.24 65.32
CA GLY X 116 -17.83 70.10 66.09
C GLY X 116 -19.31 70.00 66.10
N GLN X 117 -20.02 71.10 65.88
CA GLN X 117 -21.48 71.09 65.90
C GLN X 117 -22.10 70.37 64.70
N PHE X 118 -23.30 69.79 64.88
CA PHE X 118 -23.96 69.14 63.75
C PHE X 118 -24.62 70.19 62.88
N GLY X 119 -24.24 70.24 61.61
CA GLY X 119 -24.77 71.24 60.71
C GLY X 119 -24.24 72.64 60.95
N GLY X 120 -22.95 72.77 61.30
CA GLY X 120 -22.34 74.05 61.54
C GLY X 120 -21.40 74.44 60.40
N GLU X 121 -20.60 75.47 60.68
CA GLU X 121 -19.65 75.95 59.68
C GLU X 121 -18.22 75.61 60.10
N PRO X 122 -17.51 74.79 59.33
CA PRO X 122 -16.17 74.34 59.75
C PRO X 122 -15.14 75.45 59.87
N TYR X 123 -15.51 76.70 59.58
CA TYR X 123 -14.74 77.92 59.87
C TYR X 123 -13.57 78.24 58.96
N GLY X 124 -13.24 77.37 58.00
CA GLY X 124 -12.31 77.77 56.96
C GLY X 124 -10.96 78.21 57.45
N CYS X 125 -10.60 79.46 57.16
CA CYS X 125 -9.33 80.05 57.57
C CYS X 125 -9.56 81.07 58.66
N LEU X 126 -8.53 81.28 59.48
CA LEU X 126 -8.58 82.21 60.60
C LEU X 126 -7.53 83.29 60.39
N VAL X 127 -7.85 84.52 60.76
CA VAL X 127 -6.91 85.62 60.59
C VAL X 127 -6.62 86.29 61.92
N GLY X 128 -5.37 86.25 62.34
CA GLY X 128 -5.00 86.83 63.60
C GLY X 128 -5.06 88.33 63.86
N ASP X 129 -4.58 89.13 62.92
CA ASP X 129 -4.50 90.59 63.05
C ASP X 129 -3.68 91.02 64.29
N TYR X 130 -2.59 90.31 64.56
CA TYR X 130 -1.72 90.57 65.70
C TYR X 130 -0.27 90.53 65.26
N TYR X 131 0.60 91.18 66.02
CA TYR X 131 2.02 91.19 65.72
C TYR X 131 2.75 90.32 66.74
N PHE X 132 3.26 89.18 66.31
CA PHE X 132 3.89 88.22 67.18
C PHE X 132 5.40 88.28 67.06
N ASP X 133 6.10 88.46 68.19
CA ASP X 133 7.54 88.40 68.26
C ASP X 133 7.98 87.12 68.94
N GLN X 134 9.27 86.93 69.14
CA GLN X 134 9.80 85.74 69.77
C GLN X 134 9.64 85.69 71.30
N SER X 135 9.02 86.69 71.90
CA SER X 135 8.84 86.74 73.34
C SER X 135 8.15 85.56 73.86
N PRO X 136 8.34 85.21 75.15
CA PRO X 136 7.69 84.04 75.75
C PRO X 136 6.16 84.07 75.58
N PRO X 137 5.49 85.22 75.87
CA PRO X 137 4.05 85.22 75.74
C PRO X 137 3.56 84.97 74.31
N ASP X 138 4.27 85.49 73.31
CA ASP X 138 3.86 85.31 71.94
C ASP X 138 4.15 83.90 71.44
N VAL X 139 5.20 83.26 71.98
CA VAL X 139 5.45 81.88 71.64
C VAL X 139 4.38 80.99 72.26
N GLU X 140 3.92 81.33 73.47
CA GLU X 140 2.81 80.59 74.06
C GLU X 140 1.55 80.77 73.27
N LEU X 141 1.24 82.00 72.89
CA LEU X 141 0.02 82.26 72.12
C LEU X 141 0.05 81.55 70.79
N LEU X 142 1.18 81.55 70.12
CA LEU X 142 1.28 80.83 68.85
C LEU X 142 1.21 79.34 69.05
N GLY X 143 1.77 78.83 70.14
CA GLY X 143 1.64 77.40 70.40
C GLY X 143 0.19 76.98 70.57
N GLU X 144 -0.54 77.75 71.37
CA GLU X 144 -1.92 77.41 71.64
C GLU X 144 -2.79 77.58 70.40
N MET X 145 -2.70 78.72 69.72
CA MET X 145 -3.46 78.93 68.50
C MET X 145 -3.08 77.91 67.43
N ALA X 146 -1.87 77.36 67.50
CA ALA X 146 -1.52 76.28 66.59
C ALA X 146 -2.19 74.99 66.99
N LYS X 147 -2.40 74.77 68.29
CA LYS X 147 -3.17 73.60 68.73
C LYS X 147 -4.60 73.71 68.29
N ILE X 148 -5.26 74.83 68.56
CA ILE X 148 -6.65 75.02 68.14
C ILE X 148 -6.79 74.93 66.65
N SER X 149 -6.09 75.78 65.94
CA SER X 149 -6.14 75.80 64.48
C SER X 149 -5.80 74.49 63.88
N ALA X 150 -4.93 73.73 64.51
CA ALA X 150 -4.62 72.38 64.03
C ALA X 150 -5.73 71.44 64.27
N ALA X 151 -6.47 71.61 65.37
CA ALA X 151 -7.58 70.70 65.70
C ALA X 151 -8.74 70.92 64.79
N MET X 152 -9.07 72.17 64.50
CA MET X 152 -10.20 72.52 63.65
C MET X 152 -9.86 72.56 62.19
N HIS X 153 -8.61 72.31 61.80
CA HIS X 153 -8.16 72.38 60.41
C HIS X 153 -8.39 73.75 59.81
N ALA X 154 -7.99 74.79 60.52
CA ALA X 154 -8.23 76.17 60.12
C ALA X 154 -6.94 76.96 60.24
N PRO X 155 -6.11 77.01 59.16
CA PRO X 155 -4.85 77.71 59.24
C PRO X 155 -4.95 79.08 59.83
N PHE X 156 -4.02 79.42 60.72
CA PHE X 156 -3.98 80.70 61.40
C PHE X 156 -3.04 81.63 60.64
N ILE X 157 -3.49 82.84 60.35
CA ILE X 157 -2.74 83.82 59.60
C ILE X 157 -2.64 85.09 60.43
N SER X 158 -1.45 85.61 60.61
CA SER X 158 -1.23 86.84 61.33
C SER X 158 0.04 87.50 60.84
N ALA X 159 0.46 88.58 61.46
CA ALA X 159 1.63 89.31 61.03
C ALA X 159 2.75 89.16 62.04
N ALA X 160 3.96 89.08 61.54
CA ALA X 160 5.15 88.97 62.36
C ALA X 160 5.66 90.34 62.68
N SER X 161 5.86 90.62 63.97
CA SER X 161 6.30 91.91 64.42
C SER X 161 7.67 92.22 63.90
N PRO X 162 8.02 93.53 63.75
CA PRO X 162 9.38 93.88 63.40
C PRO X 162 10.39 93.47 64.49
N THR X 163 9.94 93.19 65.70
CA THR X 163 10.79 92.80 66.79
C THR X 163 11.23 91.35 66.73
N VAL X 164 10.72 90.56 65.82
CA VAL X 164 11.20 89.19 65.68
C VAL X 164 12.65 89.20 65.24
N MET X 165 13.04 90.14 64.40
CA MET X 165 14.38 90.26 63.90
C MET X 165 15.29 91.05 64.84
N GLY X 166 14.79 91.47 66.00
CA GLY X 166 15.54 92.33 66.85
C GLY X 166 15.76 93.65 66.09
N MET X 167 14.63 94.21 65.64
CA MET X 167 14.67 95.32 64.71
C MET X 167 13.76 96.42 65.16
N GLY X 168 12.47 96.19 65.17
CA GLY X 168 11.50 97.18 65.60
C GLY X 168 11.13 98.20 64.59
N SER X 169 11.49 97.99 63.30
CA SER X 169 11.16 98.93 62.26
C SER X 169 10.52 98.24 61.07
N TRP X 170 11.27 97.30 60.46
CA TRP X 170 11.08 96.79 59.10
C TRP X 170 11.63 97.78 58.13
N GLN X 171 12.17 98.90 58.61
CA GLN X 171 12.92 99.80 57.77
C GLN X 171 14.36 99.34 57.77
N GLU X 172 14.78 98.55 58.77
CA GLU X 172 16.13 98.06 58.90
C GLU X 172 16.32 96.69 58.30
N LEU X 173 15.29 96.13 57.65
CA LEU X 173 15.37 94.77 57.15
C LEU X 173 16.51 94.56 56.21
N SER X 174 16.98 95.62 55.55
CA SER X 174 18.11 95.49 54.63
C SER X 174 19.46 95.54 55.33
N ASN X 175 19.50 95.93 56.61
CA ASN X 175 20.79 96.07 57.29
C ASN X 175 21.48 94.72 57.55
N PRO X 176 20.85 93.70 58.14
CA PRO X 176 21.56 92.48 58.45
C PRO X 176 22.05 91.76 57.18
N ARG X 177 23.22 91.13 57.28
CA ARG X 177 23.76 90.39 56.22
C ARG X 177 23.10 89.04 56.03
N ASP X 178 22.75 88.40 57.12
CA ASP X 178 22.17 87.04 57.12
C ASP X 178 21.07 87.04 58.14
N LEU X 179 19.84 86.73 57.69
CA LEU X 179 18.72 86.60 58.61
C LEU X 179 18.72 85.26 59.31
N THR X 180 19.21 84.21 58.68
CA THR X 180 19.27 82.90 59.31
C THR X 180 20.13 82.87 60.53
N LYS X 181 21.08 83.79 60.65
CA LYS X 181 21.91 83.90 61.84
C LYS X 181 21.17 84.51 62.98
N ILE X 182 20.12 85.29 62.74
CA ILE X 182 19.40 85.97 63.82
C ILE X 182 18.75 84.95 64.71
N PHE X 183 18.18 83.88 64.14
CA PHE X 183 17.37 82.94 64.88
C PHE X 183 18.17 81.87 65.54
N THR X 184 19.50 81.91 65.47
CA THR X 184 20.34 80.92 66.12
C THR X 184 20.50 81.15 67.60
N THR X 185 20.49 82.39 68.05
CA THR X 185 20.80 82.72 69.44
C THR X 185 19.87 82.03 70.40
N PRO X 186 20.26 81.84 71.64
CA PRO X 186 19.35 81.22 72.63
C PRO X 186 18.14 82.08 72.95
N GLU X 187 18.13 83.33 72.51
CA GLU X 187 16.99 84.19 72.74
C GLU X 187 15.77 83.59 72.06
N TYR X 188 15.99 82.98 70.90
CA TYR X 188 14.94 82.39 70.11
C TYR X 188 14.65 80.93 70.43
N ALA X 189 15.30 80.38 71.45
CA ALA X 189 15.08 78.97 71.81
C ALA X 189 13.59 78.61 71.78
N GLY X 190 12.75 79.44 72.30
CA GLY X 190 11.32 79.22 72.26
C GLY X 190 10.76 79.26 70.85
N TRP X 191 11.27 80.17 70.02
CA TRP X 191 10.84 80.26 68.65
C TRP X 191 11.22 79.02 67.87
N ARG X 192 12.47 78.61 67.92
CA ARG X 192 12.90 77.40 67.26
C ARG X 192 12.12 76.22 67.75
N SER X 193 11.86 76.13 69.05
CA SER X 193 11.06 75.02 69.57
C SER X 193 9.67 75.06 69.03
N LEU X 194 9.15 76.25 68.73
CA LEU X 194 7.83 76.36 68.10
C LEU X 194 7.83 75.93 66.68
N ARG X 195 8.79 76.37 65.89
CA ARG X 195 8.84 76.00 64.48
C ARG X 195 9.05 74.52 64.29
N GLU X 196 9.77 73.86 65.21
CA GLU X 196 9.99 72.42 65.10
C GLU X 196 8.69 71.65 65.33
N SER X 197 7.68 72.26 65.99
CA SER X 197 6.45 71.58 66.27
C SER X 197 5.72 71.14 65.05
N GLU X 198 4.90 70.11 65.18
CA GLU X 198 4.12 69.64 64.04
C GLU X 198 2.80 70.40 63.87
N ASP X 199 2.43 71.17 64.88
CA ASP X 199 1.20 71.95 64.84
C ASP X 199 1.41 73.36 64.33
N SER X 200 2.66 73.72 64.07
CA SER X 200 3.00 75.06 63.61
C SER X 200 2.82 75.25 62.14
N ARG X 201 2.64 74.20 61.37
CA ARG X 201 2.37 74.34 59.94
C ARG X 201 1.04 75.01 59.69
N TYR X 202 0.22 75.23 60.71
CA TYR X 202 -1.04 75.92 60.60
C TYR X 202 -0.92 77.39 60.89
N ILE X 203 0.29 77.88 61.03
CA ILE X 203 0.45 79.30 61.27
C ILE X 203 1.31 80.01 60.25
N GLY X 204 0.71 80.91 59.49
CA GLY X 204 1.44 81.77 58.57
C GLY X 204 1.71 83.11 59.24
N LEU X 205 2.76 83.79 58.78
CA LEU X 205 3.13 85.10 59.28
C LEU X 205 3.55 85.99 58.11
N THR X 206 2.88 87.13 57.96
CA THR X 206 3.22 88.10 56.91
C THR X 206 3.85 89.31 57.58
N MET X 207 5.17 89.46 57.43
CA MET X 207 5.89 90.47 58.22
C MET X 207 5.54 91.89 57.81
N PRO X 208 5.81 92.29 56.57
CA PRO X 208 5.51 93.67 56.16
C PRO X 208 4.02 94.00 56.14
N ARG X 209 3.64 95.19 56.60
CA ARG X 209 2.24 95.59 56.56
C ARG X 209 2.04 96.68 55.51
N PHE X 210 1.04 96.45 54.68
CA PHE X 210 0.78 97.37 53.59
C PHE X 210 0.14 98.65 54.04
N LEU X 211 0.22 99.66 53.22
CA LEU X 211 -0.33 100.98 53.53
C LEU X 211 -1.83 100.98 53.45
N ALA X 212 -2.48 101.46 54.49
CA ALA X 212 -3.95 101.42 54.58
C ALA X 212 -4.60 102.46 53.73
N ARG X 213 -4.20 103.71 53.83
CA ARG X 213 -4.83 104.82 53.09
C ARG X 213 -3.79 105.83 52.70
N LEU X 214 -4.14 106.63 51.73
CA LEU X 214 -3.26 107.70 51.25
C LEU X 214 -3.35 108.91 52.17
N PRO X 215 -2.22 109.52 52.51
CA PRO X 215 -2.24 110.64 53.46
C PRO X 215 -3.09 111.78 52.99
N TYR X 216 -3.91 112.31 53.90
CA TYR X 216 -4.79 113.45 53.57
C TYR X 216 -4.01 114.66 53.22
N GLY X 217 -4.52 115.44 52.29
CA GLY X 217 -3.80 116.63 51.79
C GLY X 217 -4.44 117.11 50.54
N ALA X 218 -4.11 118.34 50.13
CA ALA X 218 -4.74 118.88 48.94
C ALA X 218 -4.39 118.09 47.70
N LYS X 219 -3.12 117.73 47.56
CA LYS X 219 -2.67 116.97 46.42
C LYS X 219 -3.26 115.56 46.39
N THR X 220 -3.32 114.93 47.56
CA THR X 220 -3.86 113.58 47.67
C THR X 220 -4.94 113.47 48.74
N ASP X 221 -6.07 112.88 48.38
CA ASP X 221 -7.16 112.66 49.34
C ASP X 221 -7.63 113.87 50.13
N PRO X 222 -7.94 114.98 49.46
CA PRO X 222 -8.36 116.19 50.16
C PRO X 222 -9.60 115.93 51.02
N VAL X 223 -9.60 116.48 52.24
CA VAL X 223 -10.66 116.27 53.21
C VAL X 223 -11.96 116.95 52.79
N GLU X 224 -11.81 118.18 52.30
CA GLU X 224 -12.88 119.05 51.79
C GLU X 224 -13.78 119.69 52.86
N GLU X 225 -13.42 119.52 54.12
CA GLU X 225 -14.17 120.12 55.23
C GLU X 225 -13.49 121.43 55.59
N PHE X 226 -12.17 121.38 55.64
CA PHE X 226 -11.31 122.52 55.91
C PHE X 226 -9.92 122.25 55.31
N ALA X 227 -9.14 123.28 55.06
CA ALA X 227 -7.83 123.03 54.46
C ALA X 227 -6.99 122.20 55.43
N PHE X 228 -6.60 120.99 55.04
CA PHE X 228 -5.86 120.11 55.95
C PHE X 228 -4.57 119.50 55.39
N GLU X 229 -3.52 119.52 56.21
CA GLU X 229 -2.24 118.93 55.85
C GLU X 229 -1.92 117.83 56.86
N GLU X 230 -1.52 116.66 56.38
CA GLU X 230 -1.22 115.53 57.25
C GLU X 230 0.25 115.44 57.62
N GLU X 231 1.05 116.45 57.28
CA GLU X 231 2.50 116.37 57.49
C GLU X 231 3.03 115.18 56.72
N THR X 232 3.45 114.13 57.43
CA THR X 232 3.92 112.86 56.86
C THR X 232 5.00 113.09 55.80
N ASP X 233 6.05 113.79 56.22
CA ASP X 233 7.22 113.94 55.38
C ASP X 233 7.88 112.59 55.13
N GLY X 234 8.72 112.54 54.11
CA GLY X 234 9.19 111.29 53.53
C GLY X 234 9.67 110.24 54.52
N ALA X 235 9.15 109.02 54.34
CA ALA X 235 9.45 107.86 55.16
C ALA X 235 9.17 108.10 56.65
N ASP X 236 10.06 107.56 57.49
CA ASP X 236 9.98 107.58 58.95
C ASP X 236 8.90 106.63 59.47
N SER X 237 7.98 106.24 58.58
CA SER X 237 7.01 105.16 58.75
C SER X 237 6.02 105.38 59.90
N SER X 238 6.26 106.34 60.78
CA SER X 238 5.37 106.57 61.92
C SER X 238 4.16 107.42 61.57
N LYS X 239 4.24 108.25 60.53
CA LYS X 239 3.14 109.12 60.15
C LYS X 239 2.07 108.41 59.34
N TYR X 240 2.46 107.44 58.51
CA TYR X 240 1.52 106.71 57.66
C TYR X 240 0.60 105.72 58.36
N ALA X 241 -0.59 105.50 57.78
CA ALA X 241 -1.52 104.53 58.34
C ALA X 241 -1.29 103.18 57.76
N TRP X 242 -0.79 102.24 58.54
CA TRP X 242 -0.36 100.93 58.09
C TRP X 242 -1.35 99.87 58.50
N ALA X 243 -2.00 99.23 57.52
CA ALA X 243 -2.88 98.14 57.76
C ALA X 243 -2.12 96.84 57.83
N ASN X 244 -2.57 95.93 58.71
CA ASN X 244 -1.93 94.61 58.81
C ASN X 244 -2.01 93.89 57.54
N SER X 245 -0.94 93.22 57.16
CA SER X 245 -0.92 92.48 55.89
C SER X 245 -1.44 91.09 56.02
N ALA X 246 -1.84 90.65 57.20
CA ALA X 246 -2.64 89.43 57.30
C ALA X 246 -3.92 89.60 56.57
N TYR X 247 -4.42 90.80 56.43
CA TYR X 247 -5.68 91.07 55.73
C TYR X 247 -5.52 91.00 54.25
N ALA X 248 -4.38 91.35 53.72
CA ALA X 248 -4.12 91.16 52.27
C ALA X 248 -4.04 89.72 51.94
N MET X 249 -3.39 88.93 52.77
CA MET X 249 -3.38 87.46 52.60
C MET X 249 -4.78 86.96 52.72
N ALA X 250 -5.57 87.48 53.67
CA ALA X 250 -6.96 87.03 53.84
C ALA X 250 -7.76 87.33 52.61
N VAL X 251 -7.71 88.53 52.09
CA VAL X 251 -8.36 88.91 50.82
C VAL X 251 -7.94 87.99 49.73
N ASN X 252 -6.69 87.58 49.70
CA ASN X 252 -6.23 86.63 48.68
C ASN X 252 -6.86 85.29 48.87
N ILE X 253 -7.07 84.86 50.10
CA ILE X 253 -7.69 83.55 50.38
C ILE X 253 -9.15 83.59 49.97
N ASN X 254 -9.89 84.60 50.41
CA ASN X 254 -11.28 84.75 50.01
C ASN X 254 -11.43 84.85 48.52
N ARG X 255 -10.56 85.59 47.86
CA ARG X 255 -10.57 85.67 46.39
C ARG X 255 -10.36 84.34 45.79
N SER X 256 -9.36 83.62 46.23
CA SER X 256 -9.06 82.28 45.69
C SER X 256 -10.27 81.39 45.82
N PHE X 257 -10.94 81.41 46.97
CA PHE X 257 -12.10 80.57 47.16
C PHE X 257 -13.22 81.01 46.25
N LYS X 258 -13.55 82.30 46.24
CA LYS X 258 -14.64 82.81 45.40
C LYS X 258 -14.48 82.40 43.99
N LEU X 259 -13.30 82.62 43.40
CA LEU X 259 -13.08 82.28 42.00
C LEU X 259 -13.03 80.80 41.75
N TYR X 260 -12.11 80.10 42.42
CA TYR X 260 -11.78 78.72 42.10
C TYR X 260 -12.43 77.70 43.00
N GLY X 261 -13.19 78.13 44.01
CA GLY X 261 -13.75 77.19 44.97
C GLY X 261 -12.80 76.65 45.97
N TRP X 262 -11.52 76.88 45.83
CA TRP X 262 -10.48 76.41 46.75
C TRP X 262 -9.51 77.54 47.03
N CYS X 263 -8.82 77.38 48.15
CA CYS X 263 -7.78 78.33 48.57
C CYS X 263 -6.44 77.95 48.01
N SER X 264 -6.41 77.07 47.01
CA SER X 264 -5.15 76.56 46.49
C SER X 264 -4.21 77.63 45.95
N ARG X 265 -4.72 78.60 45.19
CA ARG X 265 -3.83 79.64 44.70
C ARG X 265 -4.03 80.94 45.44
N ILE X 266 -3.16 81.18 46.41
CA ILE X 266 -3.17 82.39 47.21
C ILE X 266 -1.81 83.04 47.16
N ARG X 267 -0.94 82.55 46.29
CA ARG X 267 0.41 83.07 46.20
C ARG X 267 0.82 83.45 44.79
N GLY X 268 2.07 83.83 44.59
CA GLY X 268 2.60 84.11 43.28
C GLY X 268 2.21 85.48 42.76
N VAL X 269 2.97 86.00 41.80
CA VAL X 269 2.67 87.27 41.19
C VAL X 269 1.44 87.14 40.29
N GLU X 270 1.52 86.23 39.32
CA GLU X 270 0.43 86.00 38.37
C GLU X 270 -0.48 84.81 38.73
N SER X 271 -0.19 84.14 39.84
CA SER X 271 -0.97 82.98 40.25
C SER X 271 -2.01 83.30 41.27
N GLY X 272 -2.25 84.57 41.55
CA GLY X 272 -3.31 84.97 42.47
C GLY X 272 -2.87 85.47 43.82
N GLY X 273 -1.60 85.70 44.02
CA GLY X 273 -1.13 86.26 45.27
C GLY X 273 -0.87 87.74 45.18
N GLU X 274 -1.48 88.42 44.23
CA GLU X 274 -1.24 89.84 44.00
C GLU X 274 -2.08 90.71 44.89
N VAL X 275 -1.49 91.77 45.40
CA VAL X 275 -2.19 92.80 46.18
C VAL X 275 -2.10 94.10 45.34
N GLN X 276 -3.22 94.50 44.75
CA GLN X 276 -3.24 95.60 43.82
C GLN X 276 -3.82 96.84 44.42
N GLY X 277 -3.77 97.93 43.66
CA GLY X 277 -4.43 99.16 44.10
C GLY X 277 -3.87 99.76 45.36
N LEU X 278 -2.67 99.43 45.74
CA LEU X 278 -2.07 99.96 46.95
C LEU X 278 -1.89 101.44 46.86
N PRO X 279 -2.17 102.19 47.92
CA PRO X 279 -1.94 103.65 47.88
C PRO X 279 -0.52 103.97 47.61
N ALA X 280 -0.28 104.82 46.60
CA ALA X 280 1.08 105.22 46.23
C ALA X 280 1.19 106.70 46.54
N HIS X 281 1.94 107.07 47.57
CA HIS X 281 2.12 108.46 47.98
C HIS X 281 3.41 108.98 47.35
N THR X 282 3.28 109.91 46.41
CA THR X 282 4.42 110.47 45.71
C THR X 282 4.73 111.85 46.25
N PHE X 283 5.96 112.03 46.73
CA PHE X 283 6.39 113.31 47.26
C PHE X 283 7.66 113.76 46.54
N PRO X 284 7.80 115.06 46.28
CA PRO X 284 8.99 115.54 45.58
C PRO X 284 10.23 115.47 46.46
N THR X 285 11.37 115.16 45.83
CA THR X 285 12.65 115.17 46.52
C THR X 285 13.63 116.05 45.76
N ASP X 286 14.89 116.04 46.18
CA ASP X 286 15.89 116.91 45.56
C ASP X 286 16.11 116.51 44.10
N ASP X 287 16.63 117.47 43.33
CA ASP X 287 16.92 117.30 41.91
C ASP X 287 15.67 116.92 41.12
N GLY X 288 15.70 115.77 40.45
CA GLY X 288 14.59 115.39 39.59
C GLY X 288 13.29 115.19 40.36
N GLY X 289 13.38 114.83 41.63
CA GLY X 289 12.20 114.61 42.44
C GLY X 289 11.42 113.39 42.02
N VAL X 290 10.15 113.37 42.44
CA VAL X 290 9.19 112.33 42.07
C VAL X 290 9.70 110.96 42.52
N ASP X 291 9.69 110.72 43.82
CA ASP X 291 9.90 109.39 44.39
C ASP X 291 8.76 109.09 45.35
N MET X 292 8.23 107.88 45.27
CA MET X 292 7.03 107.54 46.01
C MET X 292 7.34 106.67 47.21
N LYS X 293 6.56 106.84 48.27
CA LYS X 293 6.66 106.00 49.44
C LYS X 293 6.26 104.57 49.09
N CYS X 294 7.07 103.61 49.51
CA CYS X 294 6.79 102.21 49.22
C CYS X 294 5.52 101.79 49.94
N PRO X 295 4.57 101.13 49.27
CA PRO X 295 3.30 100.75 49.90
C PRO X 295 3.49 99.75 51.04
N THR X 296 4.27 98.69 50.82
CA THR X 296 4.75 97.91 51.94
C THR X 296 5.95 98.62 52.56
N GLU X 297 6.20 98.40 53.85
CA GLU X 297 7.11 99.25 54.59
C GLU X 297 8.45 99.36 54.00
N ILE X 298 8.94 98.31 53.33
CA ILE X 298 10.28 98.35 52.71
C ILE X 298 10.29 97.37 51.56
N ALA X 299 11.17 97.63 50.62
CA ALA X 299 11.40 96.77 49.47
C ALA X 299 12.22 95.61 49.84
N ILE X 300 11.81 94.41 49.42
CA ILE X 300 12.50 93.15 49.82
C ILE X 300 13.05 92.59 48.49
N SER X 301 14.36 92.41 48.44
CA SER X 301 14.96 91.74 47.31
C SER X 301 14.69 90.29 47.25
N ASP X 302 14.85 89.67 46.09
CA ASP X 302 14.61 88.26 45.94
C ASP X 302 15.41 87.42 46.91
N ARG X 303 16.63 87.87 47.21
CA ARG X 303 17.48 87.18 48.21
C ARG X 303 16.90 87.30 49.62
N ARG X 304 16.49 88.49 50.01
CA ARG X 304 15.77 88.70 51.27
C ARG X 304 14.48 87.92 51.27
N GLU X 305 13.78 87.89 50.17
CA GLU X 305 12.51 87.15 50.10
C GLU X 305 12.72 85.68 50.37
N ALA X 306 13.60 85.05 49.64
CA ALA X 306 13.86 83.63 49.86
C ALA X 306 14.39 83.38 51.25
N GLU X 307 15.17 84.29 51.77
CA GLU X 307 15.74 84.14 53.12
C GLU X 307 14.68 84.26 54.18
N LEU X 308 13.63 85.02 53.95
CA LEU X 308 12.51 85.10 54.88
C LEU X 308 11.59 83.90 54.73
N ALA X 309 11.37 83.43 53.52
CA ALA X 309 10.54 82.26 53.32
C ALA X 309 11.22 81.02 53.86
N LYS X 310 12.54 81.03 53.97
CA LYS X 310 13.23 79.93 54.65
C LYS X 310 13.02 79.96 56.12
N ASN X 311 12.82 81.13 56.69
CA ASN X 311 12.61 81.31 58.13
C ASN X 311 11.18 81.24 58.52
N GLY X 312 10.28 80.86 57.61
CA GLY X 312 8.89 80.66 57.94
C GLY X 312 8.11 81.94 58.03
N PHE X 313 8.30 82.85 57.08
CA PHE X 313 7.53 84.06 56.97
C PHE X 313 6.87 84.09 55.60
N MET X 314 5.87 84.95 55.45
CA MET X 314 5.21 85.19 54.19
C MET X 314 5.43 86.65 53.84
N PRO X 315 6.53 86.97 53.15
CA PRO X 315 6.80 88.35 52.86
C PRO X 315 5.83 88.93 51.85
N LEU X 316 5.39 90.15 52.04
CA LEU X 316 4.69 90.89 51.03
C LEU X 316 5.67 91.87 50.43
N LEU X 317 6.13 91.62 49.22
CA LEU X 317 7.12 92.47 48.60
C LEU X 317 6.49 93.33 47.54
N HIS X 318 6.92 94.57 47.48
CA HIS X 318 6.36 95.55 46.58
C HIS X 318 7.15 95.69 45.29
N LYS X 319 6.45 95.59 44.16
CA LYS X 319 7.07 95.73 42.85
C LYS X 319 7.56 97.16 42.72
N LYS X 320 8.78 97.36 42.23
CA LYS X 320 9.34 98.69 42.12
C LYS X 320 8.62 99.64 41.16
N ASN X 321 8.47 100.90 41.58
CA ASN X 321 7.84 101.93 40.73
C ASN X 321 6.42 101.65 40.32
N THR X 322 5.69 100.88 41.11
CA THR X 322 4.31 100.49 40.82
C THR X 322 3.57 100.31 42.13
N ASP X 323 2.26 100.47 42.09
CA ASP X 323 1.44 100.25 43.24
C ASP X 323 1.13 98.74 43.45
N PHE X 324 1.53 97.91 42.55
CA PHE X 324 1.38 96.47 42.65
C PHE X 324 2.26 95.90 43.73
N ALA X 325 1.83 94.80 44.33
CA ALA X 325 2.61 94.04 45.32
C ALA X 325 2.09 92.64 45.35
N ALA X 326 2.88 91.69 45.84
CA ALA X 326 2.50 90.30 45.77
C ALA X 326 3.13 89.48 46.88
N PHE X 327 2.55 88.34 47.15
CA PHE X 327 3.12 87.27 47.97
C PHE X 327 3.75 86.26 47.07
N ILE X 328 5.08 86.15 47.09
CA ILE X 328 5.79 85.25 46.19
C ILE X 328 5.53 83.81 46.56
N GLY X 329 5.49 83.54 47.85
CA GLY X 329 5.20 82.17 48.32
C GLY X 329 4.58 82.28 49.69
N ALA X 330 3.81 81.21 50.00
CA ALA X 330 3.16 81.08 51.31
C ALA X 330 3.80 79.91 52.01
N GLN X 331 4.60 80.19 53.03
CA GLN X 331 5.28 79.17 53.81
C GLN X 331 4.84 79.33 55.24
N SER X 332 4.38 78.24 55.84
CA SER X 332 3.91 78.30 57.22
C SER X 332 5.06 78.49 58.16
N LEU X 333 4.79 78.60 59.44
CA LEU X 333 5.84 78.80 60.43
C LEU X 333 6.66 77.58 60.63
N GLN X 334 6.15 76.42 60.23
CA GLN X 334 6.90 75.20 60.47
C GLN X 334 8.13 74.99 59.60
N LYS X 335 9.23 74.64 60.26
CA LYS X 335 10.48 74.31 59.57
C LYS X 335 10.45 72.86 59.20
N PRO X 336 10.28 72.50 57.93
CA PRO X 336 10.16 71.08 57.57
C PRO X 336 11.44 70.33 57.81
N ALA X 337 11.39 69.20 58.45
CA ALA X 337 12.59 68.44 58.78
C ALA X 337 13.08 67.65 57.59
N GLU X 338 14.40 67.54 57.46
CA GLU X 338 15.00 66.75 56.39
C GLU X 338 14.90 65.25 56.72
N TYR X 339 14.86 64.41 55.68
CA TYR X 339 14.80 62.97 55.89
C TYR X 339 15.76 62.29 54.96
N ASP X 340 16.03 61.00 55.22
CA ASP X 340 16.89 60.24 54.36
C ASP X 340 16.31 60.08 52.97
N ASP X 341 15.10 59.56 52.89
CA ASP X 341 14.46 59.35 51.60
C ASP X 341 14.03 60.69 51.03
N PRO X 342 14.34 61.01 49.79
CA PRO X 342 13.89 62.27 49.20
C PRO X 342 12.36 62.36 49.12
N ASP X 343 11.67 61.23 49.04
CA ASP X 343 10.22 61.26 49.02
C ASP X 343 9.64 61.73 50.34
N ALA X 344 10.21 61.25 51.45
CA ALA X 344 9.80 61.72 52.77
C ALA X 344 10.13 63.16 52.98
N THR X 345 11.22 63.63 52.43
CA THR X 345 11.57 65.05 52.51
C THR X 345 10.60 65.88 51.70
N ALA X 346 10.17 65.37 50.54
CA ALA X 346 9.17 66.06 49.74
C ALA X 346 7.87 66.18 50.50
N ASN X 347 7.36 65.05 51.02
CA ASN X 347 6.14 65.08 51.81
C ASN X 347 6.26 65.96 53.00
N ALA X 348 7.45 66.06 53.58
CA ALA X 348 7.66 66.95 54.72
C ALA X 348 7.67 68.40 54.31
N ASN X 349 8.08 68.71 53.08
CA ASN X 349 8.08 70.09 52.61
C ASN X 349 6.67 70.53 52.19
N LEU X 350 5.89 69.63 51.61
CA LEU X 350 4.55 69.97 51.17
C LEU X 350 3.67 70.40 52.34
N ALA X 351 3.82 69.72 53.47
CA ALA X 351 3.03 70.01 54.64
C ALA X 351 3.30 71.38 55.21
N ALA X 352 4.48 71.95 54.94
CA ALA X 352 4.81 73.25 55.50
C ALA X 352 4.30 74.41 54.68
N ARG X 353 3.67 74.16 53.54
CA ARG X 353 3.22 75.22 52.63
C ARG X 353 1.70 75.36 52.74
N LEU X 354 1.23 76.56 53.03
CA LEU X 354 -0.16 76.84 53.20
C LEU X 354 -1.03 76.51 51.99
N PRO X 355 -0.57 76.74 50.72
CA PRO X 355 -1.42 76.42 49.59
C PRO X 355 -1.96 74.98 49.61
N TYR X 356 -1.17 74.02 50.09
CA TYR X 356 -1.62 72.67 50.18
C TYR X 356 -2.44 72.42 51.44
N LEU X 357 -2.04 72.98 52.57
CA LEU X 357 -2.78 72.79 53.81
C LEU X 357 -4.19 73.31 53.69
N PHE X 358 -4.43 74.32 52.87
CA PHE X 358 -5.81 74.75 52.63
C PHE X 358 -6.58 73.69 51.91
N ALA X 359 -5.95 72.99 51.00
CA ALA X 359 -6.61 71.89 50.29
C ALA X 359 -7.00 70.79 51.28
N THR X 360 -6.03 70.30 52.06
CA THR X 360 -6.34 69.21 52.96
C THR X 360 -7.31 69.63 54.05
N CYS X 361 -7.24 70.85 54.49
CA CYS X 361 -8.22 71.37 55.45
C CYS X 361 -9.62 71.36 54.86
N ARG X 362 -9.75 71.79 53.61
CA ARG X 362 -11.05 71.77 52.97
C ARG X 362 -11.58 70.36 52.86
N PHE X 363 -10.72 69.40 52.48
CA PHE X 363 -11.15 68.00 52.44
C PHE X 363 -11.53 67.50 53.82
N ALA X 364 -10.94 68.04 54.88
CA ALA X 364 -11.32 67.67 56.22
C ALA X 364 -12.71 68.16 56.54
N HIS X 365 -13.04 69.38 56.14
CA HIS X 365 -14.38 69.91 56.34
C HIS X 365 -15.39 69.08 55.59
N TYR X 366 -15.18 68.87 54.30
CA TYR X 366 -16.08 68.07 53.51
C TYR X 366 -16.29 66.71 54.11
N LEU X 367 -15.20 66.00 54.39
CA LEU X 367 -15.28 64.63 54.93
C LEU X 367 -16.02 64.61 56.23
N LYS X 368 -15.79 65.59 57.08
CA LYS X 368 -16.51 65.69 58.37
C LYS X 368 -18.01 65.75 58.13
N CYS X 369 -18.45 66.66 57.29
CA CYS X 369 -19.88 66.85 57.09
C CYS X 369 -20.51 65.62 56.41
N ILE X 370 -19.89 65.13 55.32
CA ILE X 370 -20.52 64.08 54.56
C ILE X 370 -20.53 62.77 55.33
N VAL X 371 -19.44 62.46 56.04
CA VAL X 371 -19.43 61.22 56.84
C VAL X 371 -20.36 61.35 58.01
N ARG X 372 -20.39 62.50 58.65
CA ARG X 372 -21.35 62.72 59.75
C ARG X 372 -22.76 62.51 59.29
N ASP X 373 -23.08 62.86 58.05
CA ASP X 373 -24.41 62.58 57.52
C ASP X 373 -24.58 61.14 57.08
N LYS X 374 -23.49 60.43 56.80
CA LYS X 374 -23.57 59.03 56.38
C LYS X 374 -23.59 58.06 57.56
N ILE X 375 -23.51 58.54 58.81
CA ILE X 375 -23.54 57.67 59.96
C ILE X 375 -24.91 57.03 60.06
N GLY X 376 -24.93 55.68 60.17
CA GLY X 376 -26.19 54.98 60.25
C GLY X 376 -26.64 54.28 59.01
N SER X 377 -25.91 54.43 57.94
CA SER X 377 -26.18 53.73 56.68
C SER X 377 -25.45 52.42 56.60
N PHE X 378 -26.03 51.44 56.00
CA PHE X 378 -25.43 50.11 55.91
C PHE X 378 -24.15 50.15 55.11
N LYS X 379 -23.04 49.80 55.72
CA LYS X 379 -21.71 49.96 55.14
C LYS X 379 -20.84 48.81 55.60
N GLU X 380 -20.14 48.20 54.63
CA GLU X 380 -19.07 47.25 54.89
C GLU X 380 -17.74 47.91 54.60
N LYS X 381 -16.65 47.18 54.77
CA LYS X 381 -15.34 47.72 54.42
C LYS X 381 -15.31 48.04 52.91
N ASP X 382 -15.85 47.13 52.09
CA ASP X 382 -15.86 47.36 50.66
C ASP X 382 -16.79 48.52 50.28
N GLU X 383 -17.93 48.63 50.97
CA GLU X 383 -18.83 49.74 50.71
C GLU X 383 -18.17 51.07 51.03
N MET X 384 -17.53 51.18 52.18
CA MET X 384 -16.80 52.39 52.52
C MET X 384 -15.66 52.64 51.56
N GLN X 385 -15.01 51.59 51.08
CA GLN X 385 -13.93 51.77 50.11
C GLN X 385 -14.46 52.38 48.82
N ARG X 386 -15.61 51.91 48.35
CA ARG X 386 -16.16 52.43 47.10
C ARG X 386 -16.70 53.82 47.29
N TRP X 387 -17.28 54.12 48.44
CA TRP X 387 -17.88 55.43 48.64
C TRP X 387 -16.84 56.49 48.87
N LEU X 388 -15.81 56.18 49.64
CA LEU X 388 -14.70 57.15 49.85
C LEU X 388 -13.83 57.27 48.61
N GLN X 389 -13.55 56.12 47.97
CA GLN X 389 -12.74 56.13 46.75
C GLN X 389 -13.42 56.90 45.65
N ASP X 390 -14.72 56.72 45.48
CA ASP X 390 -15.45 57.45 44.45
C ASP X 390 -15.85 58.85 44.90
N TRP X 391 -15.79 59.15 46.19
CA TRP X 391 -16.06 60.50 46.62
C TRP X 391 -14.85 61.39 46.43
N ILE X 392 -13.66 60.91 46.78
CA ILE X 392 -12.45 61.70 46.63
C ILE X 392 -12.08 61.87 45.18
N LEU X 393 -12.63 61.02 44.29
CA LEU X 393 -12.18 60.96 42.90
C LEU X 393 -12.85 61.98 42.02
N ASN X 394 -13.84 62.74 42.52
CA ASN X 394 -14.44 63.79 41.73
C ASN X 394 -13.73 65.12 41.91
N TYR X 395 -12.80 65.22 42.86
CA TYR X 395 -11.92 66.38 42.97
C TYR X 395 -10.59 66.18 42.27
N VAL X 396 -10.42 65.06 41.56
CA VAL X 396 -9.20 64.75 40.83
C VAL X 396 -9.52 64.73 39.35
N ASP X 397 -8.65 65.40 38.58
CA ASP X 397 -8.81 65.38 37.09
C ASP X 397 -7.75 64.43 36.51
N GLY X 398 -8.18 63.25 36.09
CA GLY X 398 -7.25 62.20 35.72
C GLY X 398 -6.69 62.31 34.31
N ASP X 399 -7.59 62.42 33.34
CA ASP X 399 -7.22 62.55 31.93
C ASP X 399 -6.47 63.83 31.54
N PRO X 400 -6.87 64.96 32.12
CA PRO X 400 -6.31 66.26 31.76
C PRO X 400 -5.17 66.80 32.64
N ALA X 401 -4.64 65.98 33.53
CA ALA X 401 -3.56 66.43 34.41
C ALA X 401 -2.39 67.23 33.75
N HIS X 402 -1.88 66.81 32.61
CA HIS X 402 -0.81 67.61 32.01
C HIS X 402 -1.34 68.83 31.26
N SER X 403 -2.49 68.67 30.60
CA SER X 403 -3.07 69.78 29.81
C SER X 403 -4.34 70.25 30.48
N THR X 404 -4.20 71.35 31.22
CA THR X 404 -5.32 72.05 31.90
C THR X 404 -4.80 73.42 32.40
N GLU X 405 -5.70 74.36 32.71
CA GLU X 405 -5.17 75.64 33.23
C GLU X 405 -5.86 76.06 34.53
N THR X 406 -7.14 76.43 34.43
CA THR X 406 -7.91 76.81 35.60
C THR X 406 -8.44 75.60 36.35
N THR X 407 -8.69 74.46 35.66
CA THR X 407 -9.26 73.32 36.39
C THR X 407 -8.25 72.75 37.39
N LYS X 408 -6.95 72.94 37.14
CA LYS X 408 -5.97 72.53 38.13
C LYS X 408 -6.13 73.30 39.43
N ALA X 409 -6.65 74.52 39.36
CA ALA X 409 -6.99 75.26 40.56
C ALA X 409 -8.30 74.80 41.16
N GLN X 410 -9.26 74.40 40.31
CA GLN X 410 -10.55 73.93 40.82
C GLN X 410 -10.47 72.51 41.30
N HIS X 411 -9.67 71.66 40.65
CA HIS X 411 -9.41 70.32 41.16
C HIS X 411 -8.04 70.33 41.80
N PRO X 412 -7.95 70.39 43.14
CA PRO X 412 -6.64 70.59 43.78
C PRO X 412 -5.72 69.36 43.71
N LEU X 413 -6.26 68.16 43.44
CA LEU X 413 -5.51 66.94 43.53
C LEU X 413 -5.18 66.38 42.18
N ALA X 414 -3.92 65.98 41.97
CA ALA X 414 -3.54 65.28 40.77
C ALA X 414 -3.88 63.79 40.86
N ALA X 415 -3.94 63.23 42.06
CA ALA X 415 -4.32 61.84 42.27
C ALA X 415 -4.77 61.65 43.70
N ALA X 416 -5.48 60.57 43.95
CA ALA X 416 -6.02 60.28 45.27
C ALA X 416 -6.03 58.80 45.52
N GLU X 417 -5.69 58.40 46.73
CA GLU X 417 -5.61 56.97 47.09
C GLU X 417 -6.16 56.81 48.49
N VAL X 418 -7.01 55.82 48.66
CA VAL X 418 -7.74 55.60 49.94
C VAL X 418 -7.42 54.16 50.36
N VAL X 419 -7.02 54.01 51.63
CA VAL X 419 -6.87 52.70 52.24
C VAL X 419 -7.80 52.65 53.42
N VAL X 420 -8.78 51.76 53.38
CA VAL X 420 -9.81 51.63 54.42
C VAL X 420 -9.46 50.35 55.21
N GLU X 421 -9.58 50.45 56.53
CA GLU X 421 -9.35 49.30 57.40
C GLU X 421 -10.40 49.31 58.48
N GLU X 422 -11.05 48.16 58.68
CA GLU X 422 -12.06 48.04 59.71
C GLU X 422 -11.42 47.83 61.07
N VAL X 423 -11.88 48.57 62.08
CA VAL X 423 -11.34 48.43 63.43
C VAL X 423 -11.77 47.06 63.97
N GLU X 424 -10.78 46.26 64.39
CA GLU X 424 -11.05 44.94 64.94
C GLU X 424 -11.71 45.05 66.30
N GLY X 425 -12.56 44.09 66.63
CA GLY X 425 -13.24 44.14 67.89
C GLY X 425 -14.33 45.21 67.98
N ASN X 426 -15.01 45.47 66.87
CA ASN X 426 -16.04 46.50 66.84
C ASN X 426 -16.69 46.50 65.43
N PRO X 427 -18.01 46.50 65.34
CA PRO X 427 -18.65 46.70 64.05
C PRO X 427 -18.79 48.16 63.70
N GLY X 428 -18.91 48.43 62.39
CA GLY X 428 -19.33 49.78 61.98
C GLY X 428 -18.30 50.87 62.20
N TYR X 429 -17.13 50.58 62.81
CA TYR X 429 -16.08 51.55 62.97
C TYR X 429 -14.94 51.20 62.03
N TYR X 430 -14.44 52.23 61.31
CA TYR X 430 -13.38 51.99 60.32
C TYR X 430 -12.28 53.02 60.48
N ASN X 431 -11.10 52.69 60.02
CA ASN X 431 -9.96 53.60 59.92
C ASN X 431 -9.60 53.77 58.46
N SER X 432 -9.39 55.01 58.03
CA SER X 432 -9.09 55.30 56.64
C SER X 432 -7.85 56.16 56.55
N LYS X 433 -7.16 56.04 55.41
CA LYS X 433 -6.00 56.88 55.09
C LYS X 433 -6.21 57.45 53.72
N PHE X 434 -6.14 58.76 53.59
CA PHE X 434 -6.28 59.45 52.33
C PHE X 434 -4.92 59.94 51.87
N PHE X 435 -4.41 59.36 50.78
CA PHE X 435 -3.19 59.82 50.15
C PHE X 435 -3.59 60.63 48.95
N LEU X 436 -3.39 61.96 49.03
CA LEU X 436 -3.79 62.84 47.94
C LEU X 436 -2.58 63.66 47.48
N ARG X 437 -2.28 63.57 46.19
CA ARG X 437 -1.13 64.24 45.62
C ARG X 437 -1.56 65.57 45.02
N PRO X 438 -1.14 66.70 45.59
CA PRO X 438 -1.56 67.99 45.07
C PRO X 438 -0.84 68.35 43.79
N HIS X 439 -1.36 69.35 43.09
CA HIS X 439 -0.66 69.91 41.94
C HIS X 439 0.52 70.75 42.41
N TYR X 440 1.73 70.40 41.94
CA TYR X 440 2.91 71.13 42.36
C TYR X 440 2.87 72.56 41.87
N GLN X 441 3.54 73.47 42.57
CA GLN X 441 3.64 74.86 42.18
C GLN X 441 5.08 75.27 42.03
N LEU X 442 5.39 76.06 41.01
CA LEU X 442 6.80 76.46 40.78
C LEU X 442 7.31 77.23 41.99
N GLU X 443 8.36 76.76 42.60
CA GLU X 443 8.95 77.37 43.77
C GLU X 443 10.23 78.15 43.51
N GLY X 444 11.13 77.57 42.73
CA GLY X 444 12.37 78.25 42.35
C GLY X 444 13.01 77.63 41.16
N LEU X 445 13.96 78.30 40.57
CA LEU X 445 14.62 77.74 39.39
C LEU X 445 16.03 78.27 39.32
N THR X 446 17.01 77.36 39.23
CA THR X 446 18.41 77.74 39.02
C THR X 446 18.72 77.43 37.58
N VAL X 447 19.19 78.44 36.82
CA VAL X 447 19.50 78.26 35.40
C VAL X 447 20.96 78.50 35.21
N SER X 448 21.63 77.60 34.51
CA SER X 448 23.03 77.79 34.05
C SER X 448 23.03 77.87 32.56
N LEU X 449 23.32 79.02 32.02
CA LEU X 449 23.32 79.23 30.53
C LEU X 449 24.73 78.84 30.05
N ARG X 450 24.77 78.20 28.89
CA ARG X 450 26.07 77.74 28.36
C ARG X 450 26.21 78.15 26.89
N LEU X 451 27.22 78.96 26.56
CA LEU X 451 27.52 79.22 25.17
C LEU X 451 28.25 78.04 24.56
N VAL X 452 27.67 77.41 23.55
CA VAL X 452 28.11 76.12 23.07
C VAL X 452 28.24 76.21 21.56
N SER X 453 29.39 75.70 21.05
CA SER X 453 29.61 75.65 19.61
C SER X 453 28.89 74.49 18.98
N LYS X 454 28.83 73.34 19.65
CA LYS X 454 28.18 72.14 19.10
C LYS X 454 27.25 71.60 20.18
N LEU X 455 25.95 71.59 19.91
CA LEU X 455 24.97 71.21 20.92
C LEU X 455 25.27 69.85 21.54
N PRO X 456 25.38 69.76 22.85
CA PRO X 456 25.81 68.46 23.46
C PRO X 456 24.75 67.40 23.34
N SER X 457 23.46 67.79 23.28
CA SER X 457 22.41 66.78 23.23
C SER X 457 22.37 66.12 21.86
N ALA X 458 22.19 66.92 20.80
CA ALA X 458 22.06 66.33 19.47
C ALA X 458 23.27 66.41 18.51
N LYS X 459 23.85 67.60 18.36
CA LYS X 459 24.93 67.79 17.43
C LYS X 459 26.16 66.93 17.80
N GLU X 460 26.45 66.85 19.12
CA GLU X 460 27.56 66.08 19.61
C GLU X 460 27.05 64.77 20.19
N ALA X 461 27.33 63.67 19.50
CA ALA X 461 26.84 62.35 19.88
C ALA X 461 27.44 61.35 18.82
N THR Y 1 -78.00 5.74 15.93
CA THR Y 1 -79.02 4.88 16.52
C THR Y 1 -79.31 3.67 15.62
N THR Y 2 -78.26 3.16 14.99
CA THR Y 2 -78.32 2.01 14.07
C THR Y 2 -79.48 2.00 13.06
N SER Y 3 -79.32 2.79 12.00
CA SER Y 3 -80.32 2.91 10.95
C SER Y 3 -80.82 1.58 10.42
N SER Y 4 -82.13 1.51 10.19
CA SER Y 4 -82.79 0.28 9.69
C SER Y 4 -82.04 -0.33 8.57
N GLN Y 5 -81.28 0.44 7.81
CA GLN Y 5 -80.38 -0.13 6.79
C GLN Y 5 -79.40 -1.06 7.39
N LYS Y 6 -78.94 -0.80 8.60
CA LYS Y 6 -78.07 -1.74 9.33
C LYS Y 6 -78.81 -2.96 9.73
N PHE Y 7 -80.07 -2.86 10.12
CA PHE Y 7 -80.88 -4.06 10.40
C PHE Y 7 -80.98 -4.91 9.17
N ILE Y 8 -81.28 -4.33 8.02
CA ILE Y 8 -81.34 -5.08 6.76
C ILE Y 8 -79.98 -5.67 6.45
N ALA Y 9 -78.90 -4.98 6.81
CA ALA Y 9 -77.57 -5.45 6.49
C ALA Y 9 -77.18 -6.65 7.30
N ARG Y 10 -77.34 -6.57 8.62
CA ARG Y 10 -76.91 -7.65 9.50
C ARG Y 10 -77.88 -8.78 9.57
N ASN Y 11 -79.15 -8.53 9.37
CA ASN Y 11 -80.16 -9.56 9.59
C ASN Y 11 -80.42 -10.52 8.47
N ARG Y 12 -80.80 -10.04 7.31
CA ARG Y 12 -80.87 -10.90 6.07
C ARG Y 12 -80.43 -9.92 5.00
N ALA Y 13 -79.26 -10.17 4.47
CA ALA Y 13 -78.63 -9.19 3.63
C ALA Y 13 -78.82 -9.54 2.19
N PRO Y 14 -79.29 -8.58 1.35
CA PRO Y 14 -79.25 -8.78 -0.06
C PRO Y 14 -77.80 -8.87 -0.53
N ARG Y 15 -77.57 -9.48 -1.70
CA ARG Y 15 -76.24 -9.50 -2.25
C ARG Y 15 -75.73 -8.09 -2.46
N VAL Y 16 -76.61 -7.18 -2.88
CA VAL Y 16 -76.29 -5.76 -3.00
C VAL Y 16 -76.97 -5.04 -1.85
N GLN Y 17 -76.23 -4.57 -0.87
CA GLN Y 17 -76.78 -3.89 0.31
C GLN Y 17 -76.20 -2.51 0.33
N ILE Y 18 -77.09 -1.51 0.27
CA ILE Y 18 -76.64 -0.10 0.14
C ILE Y 18 -77.15 0.64 1.37
N GLU Y 19 -76.25 1.14 2.17
CA GLU Y 19 -76.54 1.90 3.37
C GLU Y 19 -75.98 3.30 3.22
N TYR Y 20 -76.56 4.24 3.97
CA TYR Y 20 -76.04 5.58 4.05
C TYR Y 20 -75.63 5.89 5.45
N ASP Y 21 -74.39 6.31 5.64
CA ASP Y 21 -73.89 6.69 6.97
C ASP Y 21 -73.20 8.02 6.92
N VAL Y 22 -73.48 8.86 7.91
CA VAL Y 22 -72.91 10.20 8.00
C VAL Y 22 -71.38 10.00 8.29
N GLU Y 23 -70.57 10.83 7.61
CA GLU Y 23 -69.17 10.77 7.80
C GLU Y 23 -68.68 11.75 8.85
N LEU Y 24 -68.17 11.26 9.97
CA LEU Y 24 -67.56 12.06 11.02
C LEU Y 24 -66.18 11.51 11.28
N TYR Y 25 -65.15 12.25 10.93
CA TYR Y 25 -63.77 11.80 11.10
C TYR Y 25 -63.37 11.54 12.52
N GLY Y 26 -63.61 12.54 13.37
CA GLY Y 26 -63.26 12.42 14.77
C GLY Y 26 -64.40 12.23 15.76
N ALA Y 27 -65.63 12.20 15.27
CA ALA Y 27 -66.82 12.03 16.11
C ALA Y 27 -66.81 13.07 17.22
N GLU Y 28 -66.97 12.63 18.46
CA GLU Y 28 -66.93 13.53 19.61
C GLU Y 28 -67.83 14.77 19.56
N LYS Y 29 -69.14 14.55 19.51
CA LYS Y 29 -70.11 15.64 19.44
C LYS Y 29 -70.08 16.54 20.69
N LYS Y 30 -70.49 17.80 20.51
CA LYS Y 30 -70.47 18.80 21.59
C LYS Y 30 -71.37 18.46 22.78
N VAL Y 31 -70.96 18.94 23.95
CA VAL Y 31 -71.60 18.59 25.22
C VAL Y 31 -72.88 19.36 25.46
N GLN Y 32 -73.10 20.49 24.77
CA GLN Y 32 -74.30 21.30 24.98
C GLN Y 32 -74.24 21.90 26.37
N LEU Y 33 -75.14 21.47 27.27
CA LEU Y 33 -75.16 21.91 28.67
C LEU Y 33 -75.44 23.40 28.78
N PRO Y 34 -76.69 23.82 28.61
CA PRO Y 34 -77.03 25.24 28.76
C PRO Y 34 -76.72 25.78 30.15
N PHE Y 35 -76.65 27.11 30.23
CA PHE Y 35 -76.37 27.81 31.47
C PHE Y 35 -77.68 28.18 32.14
N VAL Y 36 -77.96 27.57 33.27
CA VAL Y 36 -79.14 27.90 34.07
C VAL Y 36 -78.68 28.73 35.26
N MET Y 37 -79.50 29.69 35.67
CA MET Y 37 -79.20 30.51 36.84
C MET Y 37 -80.35 30.37 37.83
N GLY Y 38 -80.09 29.74 38.96
CA GLY Y 38 -81.11 29.58 39.98
C GLY Y 38 -81.17 30.81 40.84
N VAL Y 39 -82.36 31.33 41.09
CA VAL Y 39 -82.51 32.53 41.89
C VAL Y 39 -83.34 32.28 43.13
N MET Y 40 -82.85 32.73 44.27
CA MET Y 40 -83.56 32.57 45.53
C MET Y 40 -83.94 33.95 46.02
N ALA Y 41 -85.18 34.14 46.40
CA ALA Y 41 -85.61 35.47 46.83
C ALA Y 41 -86.81 35.32 47.74
N ASP Y 42 -87.10 36.39 48.49
CA ASP Y 42 -88.27 36.40 49.37
C ASP Y 42 -89.43 36.99 48.59
N LEU Y 43 -90.41 36.14 48.27
CA LEU Y 43 -91.58 36.53 47.51
C LEU Y 43 -92.83 36.08 48.24
N ALA Y 44 -93.94 36.76 47.99
CA ALA Y 44 -95.20 36.53 48.69
C ALA Y 44 -95.01 36.69 50.21
N GLY Y 45 -94.42 37.81 50.59
CA GLY Y 45 -94.17 38.09 51.99
C GLY Y 45 -95.46 38.20 52.77
N LYS Y 46 -95.53 37.52 53.91
CA LYS Y 46 -96.73 37.45 54.74
C LYS Y 46 -97.91 36.94 53.91
N PRO Y 47 -97.91 35.67 53.51
CA PRO Y 47 -99.03 35.13 52.74
C PRO Y 47 -100.24 34.89 53.63
N ALA Y 48 -101.40 34.77 52.99
CA ALA Y 48 -102.63 34.56 53.72
C ALA Y 48 -102.87 33.12 54.15
N GLU Y 49 -102.21 32.16 53.50
CA GLU Y 49 -102.42 30.74 53.77
C GLU Y 49 -101.11 30.21 54.34
N PRO Y 50 -101.06 28.95 54.77
CA PRO Y 50 -99.77 28.33 55.12
C PRO Y 50 -98.78 28.27 53.96
N GLN Y 51 -99.24 28.53 52.73
CA GLN Y 51 -98.41 28.43 51.53
C GLN Y 51 -97.96 26.98 51.32
N ALA Y 52 -96.66 26.75 51.24
CA ALA Y 52 -96.17 25.42 50.95
C ALA Y 52 -94.97 25.13 51.85
N ALA Y 53 -94.86 23.87 52.26
CA ALA Y 53 -93.71 23.44 53.04
C ALA Y 53 -92.46 23.40 52.17
N VAL Y 54 -91.31 23.48 52.82
CA VAL Y 54 -90.04 23.41 52.11
C VAL Y 54 -89.86 22.03 51.51
N ALA Y 55 -89.01 21.94 50.49
CA ALA Y 55 -88.74 20.74 49.70
C ALA Y 55 -89.89 20.44 48.75
N ASP Y 56 -91.05 21.06 48.98
CA ASP Y 56 -92.15 21.04 48.03
C ASP Y 56 -92.22 22.28 47.16
N ARG Y 57 -91.36 23.27 47.39
CA ARG Y 57 -91.40 24.51 46.61
C ARG Y 57 -90.67 24.37 45.28
N LYS Y 58 -89.58 23.63 45.26
CA LYS Y 58 -88.85 23.41 44.02
C LYS Y 58 -88.30 24.71 43.47
N PHE Y 59 -87.91 24.67 42.20
CA PHE Y 59 -87.42 25.83 41.49
C PHE Y 59 -88.29 25.92 40.25
N LEU Y 60 -88.88 27.08 40.00
CA LEU Y 60 -89.76 27.21 38.85
C LEU Y 60 -89.13 28.08 37.78
N GLU Y 61 -89.09 27.57 36.56
CA GLU Y 61 -88.51 28.34 35.48
C GLU Y 61 -89.31 29.60 35.26
N ILE Y 62 -88.59 30.69 35.00
CA ILE Y 62 -89.19 31.99 34.79
C ILE Y 62 -88.53 32.62 33.55
N ASP Y 63 -89.26 33.50 32.91
CA ASP Y 63 -88.84 34.19 31.71
C ASP Y 63 -89.80 35.35 31.49
N VAL Y 64 -89.66 36.05 30.36
CA VAL Y 64 -90.54 37.14 30.04
C VAL Y 64 -91.94 36.66 29.68
N ASP Y 65 -92.10 35.38 29.34
CA ASP Y 65 -93.37 34.85 28.91
C ASP Y 65 -94.30 34.58 30.08
N ASN Y 66 -93.82 33.89 31.12
CA ASN Y 66 -94.63 33.47 32.23
C ASN Y 66 -94.53 34.37 33.44
N PHE Y 67 -93.82 35.48 33.35
CA PHE Y 67 -93.54 36.31 34.52
C PHE Y 67 -94.81 36.70 35.26
N ASP Y 68 -95.75 37.26 34.56
CA ASP Y 68 -97.04 37.61 35.17
C ASP Y 68 -97.79 36.37 35.63
N ALA Y 69 -97.63 35.25 34.94
CA ALA Y 69 -98.23 34.03 35.43
C ALA Y 69 -97.52 33.51 36.65
N ARG Y 70 -96.25 33.86 36.84
CA ARG Y 70 -95.54 33.49 38.05
C ARG Y 70 -95.97 34.37 39.23
N LEU Y 71 -96.25 35.65 39.00
CA LEU Y 71 -96.81 36.45 40.05
C LEU Y 71 -98.22 35.97 40.40
N LYS Y 72 -99.10 35.88 39.43
CA LYS Y 72 -100.47 35.48 39.71
C LYS Y 72 -100.54 34.11 40.29
N ALA Y 73 -99.64 33.22 39.92
CA ALA Y 73 -99.59 31.89 40.51
C ALA Y 73 -99.07 31.95 41.93
N MET Y 74 -98.05 32.78 42.17
CA MET Y 74 -97.45 32.84 43.49
C MET Y 74 -98.25 33.67 44.47
N LYS Y 75 -99.08 34.57 43.97
CA LYS Y 75 -99.93 35.46 44.77
C LYS Y 75 -99.18 36.21 45.86
N PRO Y 76 -98.20 37.05 45.49
CA PRO Y 76 -97.59 37.91 46.45
C PRO Y 76 -98.49 38.93 47.04
N ARG Y 77 -98.50 39.02 48.40
CA ARG Y 77 -99.46 39.94 49.03
C ARG Y 77 -98.79 40.73 50.11
N VAL Y 78 -99.45 41.76 50.60
CA VAL Y 78 -98.96 42.62 51.66
C VAL Y 78 -100.10 43.11 52.47
N ALA Y 79 -99.97 43.05 53.79
CA ALA Y 79 -101.02 43.51 54.71
C ALA Y 79 -100.36 44.26 55.84
N PHE Y 80 -100.72 45.52 56.03
CA PHE Y 80 -100.22 46.32 57.11
C PHE Y 80 -101.09 47.46 57.41
N ASN Y 81 -100.91 48.06 58.61
CA ASN Y 81 -101.65 49.27 59.01
C ASN Y 81 -100.87 50.47 58.57
N VAL Y 82 -101.60 51.49 58.11
CA VAL Y 82 -100.93 52.73 57.66
C VAL Y 82 -101.77 53.89 58.13
N PRO Y 83 -101.16 55.00 58.56
CA PRO Y 83 -101.97 56.15 58.98
C PRO Y 83 -102.89 56.62 57.87
N ASN Y 84 -104.10 56.99 58.26
CA ASN Y 84 -105.13 57.40 57.29
C ASN Y 84 -105.09 58.93 57.25
N VAL Y 85 -104.63 59.48 56.14
CA VAL Y 85 -104.59 60.92 55.98
C VAL Y 85 -105.87 61.47 55.35
N LEU Y 86 -106.70 60.59 54.80
CA LEU Y 86 -107.94 61.05 54.16
C LEU Y 86 -108.95 61.73 55.06
N THR Y 87 -109.25 61.16 56.22
CA THR Y 87 -110.22 61.74 57.14
C THR Y 87 -109.86 61.59 58.63
N GLY Y 88 -108.72 62.11 59.06
CA GLY Y 88 -108.32 62.01 60.45
C GLY Y 88 -108.28 60.54 60.86
N GLU Y 89 -108.93 60.19 61.97
CA GLU Y 89 -108.99 58.77 62.36
C GLU Y 89 -107.59 58.34 62.84
N GLY Y 90 -106.99 57.34 62.22
CA GLY Y 90 -105.85 56.64 62.77
C GLY Y 90 -105.43 55.66 61.63
N ASN Y 91 -104.67 54.63 62.06
CA ASN Y 91 -104.21 53.62 61.20
C ASN Y 91 -105.32 53.05 60.32
N LEU Y 92 -104.98 52.84 59.03
CA LEU Y 92 -105.84 52.19 58.08
C LEU Y 92 -105.23 50.86 57.64
N SER Y 93 -105.87 49.76 57.96
CA SER Y 93 -105.41 48.43 57.59
C SER Y 93 -105.78 48.12 56.18
N LEU Y 94 -104.78 47.86 55.34
CA LEU Y 94 -105.01 47.55 53.92
C LEU Y 94 -104.50 46.16 53.61
N ASP Y 95 -105.22 45.45 52.75
CA ASP Y 95 -104.80 44.12 52.35
C ASP Y 95 -104.64 44.16 50.85
N ILE Y 96 -103.44 43.88 50.36
CA ILE Y 96 -103.19 43.90 48.94
C ILE Y 96 -102.47 42.67 48.43
N THR Y 97 -102.99 42.08 47.36
CA THR Y 97 -102.36 40.93 46.74
C THR Y 97 -102.09 41.32 45.28
N PHE Y 98 -100.82 41.27 44.87
CA PHE Y 98 -100.44 41.76 43.58
C PHE Y 98 -100.43 40.59 42.57
N GLU Y 99 -101.30 40.68 41.58
CA GLU Y 99 -101.41 39.64 40.57
C GLU Y 99 -100.68 39.96 39.26
N SER Y 100 -100.00 41.10 39.19
CA SER Y 100 -99.29 41.45 37.95
C SER Y 100 -98.25 42.48 38.25
N MET Y 101 -97.27 42.61 37.39
CA MET Y 101 -96.19 43.56 37.63
C MET Y 101 -96.68 44.99 37.61
N ASP Y 102 -97.85 45.20 37.02
CA ASP Y 102 -98.46 46.52 36.97
C ASP Y 102 -99.18 46.85 38.28
N ASP Y 103 -99.34 45.86 39.15
CA ASP Y 103 -100.05 46.09 40.40
C ASP Y 103 -99.17 46.76 41.44
N PHE Y 104 -97.88 46.96 41.17
CA PHE Y 104 -97.04 47.75 42.03
C PHE Y 104 -97.07 49.23 41.68
N SER Y 105 -97.66 49.58 40.56
CA SER Y 105 -97.81 50.98 40.19
C SER Y 105 -98.78 51.67 41.12
N PRO Y 106 -98.63 52.99 41.34
CA PRO Y 106 -99.50 53.65 42.32
C PRO Y 106 -100.98 53.65 41.89
N ALA Y 107 -101.27 53.67 40.62
CA ALA Y 107 -102.63 53.59 40.16
C ALA Y 107 -103.31 52.30 40.59
N ALA Y 108 -102.68 51.19 40.30
CA ALA Y 108 -103.22 49.87 40.69
C ALA Y 108 -103.26 49.72 42.20
N VAL Y 109 -102.28 50.30 42.92
CA VAL Y 109 -102.35 50.30 44.37
C VAL Y 109 -103.59 51.01 44.83
N ALA Y 110 -103.92 52.14 44.22
CA ALA Y 110 -105.13 52.86 44.60
C ALA Y 110 -106.39 52.06 44.22
N ARG Y 111 -106.36 51.33 43.12
CA ARG Y 111 -107.52 50.56 42.71
C ARG Y 111 -107.75 49.37 43.61
N LYS Y 112 -106.69 48.83 44.25
CA LYS Y 112 -106.86 47.66 45.06
C LYS Y 112 -107.40 47.99 46.44
N VAL Y 113 -106.92 49.07 47.07
CA VAL Y 113 -107.50 49.48 48.35
C VAL Y 113 -108.91 50.05 48.06
N ASP Y 114 -109.90 49.53 48.81
CA ASP Y 114 -111.29 49.80 48.45
C ASP Y 114 -111.67 51.30 48.65
N SER Y 115 -111.21 51.90 49.75
CA SER Y 115 -111.47 53.29 49.96
C SER Y 115 -110.85 54.14 48.86
N LEU Y 116 -109.55 53.99 48.63
CA LEU Y 116 -108.89 54.69 47.54
C LEU Y 116 -109.51 54.34 46.19
N ASN Y 117 -110.14 53.15 46.07
CA ASN Y 117 -110.87 52.84 44.86
C ASN Y 117 -112.08 53.74 44.73
N LYS Y 118 -112.81 53.96 45.83
CA LYS Y 118 -113.98 54.84 45.77
C LYS Y 118 -113.56 56.28 45.46
N LEU Y 119 -112.46 56.75 46.06
CA LEU Y 119 -112.00 58.09 45.76
C LEU Y 119 -111.51 58.21 44.31
N LEU Y 120 -110.78 57.23 43.84
CA LEU Y 120 -110.29 57.28 42.46
C LEU Y 120 -111.44 57.23 41.47
N GLU Y 121 -112.46 56.40 41.75
CA GLU Y 121 -113.63 56.39 40.88
C GLU Y 121 -114.35 57.73 40.93
N ALA Y 122 -114.40 58.36 42.09
CA ALA Y 122 -114.97 59.69 42.18
C ALA Y 122 -114.22 60.66 41.28
N ARG Y 123 -112.88 60.57 41.28
CA ARG Y 123 -112.11 61.48 40.46
C ARG Y 123 -112.32 61.20 38.96
N THR Y 124 -112.41 59.94 38.58
CA THR Y 124 -112.64 59.65 37.17
C THR Y 124 -114.03 60.06 36.74
N GLN Y 125 -115.01 60.01 37.65
CA GLN Y 125 -116.36 60.45 37.30
C GLN Y 125 -116.44 61.96 37.20
N LEU Y 126 -115.68 62.69 38.02
CA LEU Y 126 -115.71 64.15 37.94
C LEU Y 126 -114.89 64.65 36.76
N ALA Y 127 -113.71 64.10 36.55
CA ALA Y 127 -112.88 64.50 35.41
C ALA Y 127 -113.53 64.08 34.09
N ASN Y 128 -114.20 62.93 34.09
CA ASN Y 128 -114.99 62.53 32.94
C ASN Y 128 -116.27 63.35 32.85
N LEU Y 129 -116.70 63.99 33.95
CA LEU Y 129 -117.89 64.83 33.93
C LEU Y 129 -117.59 66.20 33.34
N LEU Y 130 -116.42 66.79 33.67
CA LEU Y 130 -116.08 68.10 33.15
C LEU Y 130 -115.95 68.07 31.63
N THR Y 131 -115.61 66.93 31.05
CA THR Y 131 -115.57 66.77 29.60
C THR Y 131 -116.83 66.03 29.16
N TYR Y 132 -117.75 66.78 28.56
CA TYR Y 132 -119.01 66.26 28.02
C TYR Y 132 -119.59 65.05 28.76
N ARG Z 1 -125.20 103.48 15.01
CA ARG Z 1 -124.76 103.90 16.40
C ARG Z 1 -124.89 102.68 17.33
N GLU Z 2 -125.90 102.76 18.21
CA GLU Z 2 -126.26 101.66 19.09
C GLU Z 2 -127.35 100.79 18.45
N ALA Z 3 -127.91 101.20 17.31
CA ALA Z 3 -128.92 100.39 16.65
C ALA Z 3 -128.31 99.08 16.10
N VAL Z 4 -127.11 99.18 15.51
CA VAL Z 4 -126.44 97.97 15.08
C VAL Z 4 -126.12 97.07 16.29
N GLU Z 5 -125.85 97.69 17.45
CA GLU Z 5 -125.62 96.89 18.64
C GLU Z 5 -126.89 96.16 19.09
N THR Z 6 -128.05 96.76 18.86
CA THR Z 6 -129.29 96.06 19.16
C THR Z 6 -129.56 94.94 18.15
N ALA Z 7 -129.23 95.17 16.88
CA ALA Z 7 -129.45 94.14 15.88
C ALA Z 7 -128.54 92.92 16.15
N VAL Z 8 -127.25 93.17 16.45
CA VAL Z 8 -126.39 92.06 16.80
C VAL Z 8 -126.70 91.51 18.19
N ARG Z 9 -127.41 92.29 19.03
CA ARG Z 9 -127.87 91.76 20.29
C ARG Z 9 -128.94 90.70 20.04
N THR Z 10 -130.00 91.06 19.31
CA THR Z 10 -131.07 90.10 19.07
C THR Z 10 -130.58 88.92 18.25
N LEU Z 11 -129.79 89.19 17.19
CA LEU Z 11 -129.28 88.11 16.37
C LEU Z 11 -128.34 87.19 17.15
N ALA Z 12 -127.36 87.78 17.85
CA ALA Z 12 -126.36 87.00 18.54
C ALA Z 12 -126.99 86.17 19.67
N GLU Z 13 -127.87 86.79 20.46
CA GLU Z 13 -128.51 86.05 21.54
C GLU Z 13 -129.43 84.95 21.00
N HIS Z 14 -130.37 85.33 20.10
CA HIS Z 14 -131.33 84.38 19.60
C HIS Z 14 -130.62 83.18 18.93
N ALA Z 15 -129.65 83.48 18.07
CA ALA Z 15 -128.93 82.39 17.42
C ALA Z 15 -128.14 81.56 18.44
N LEU Z 16 -127.49 82.25 19.38
CA LEU Z 16 -126.57 81.57 20.30
C LEU Z 16 -127.23 80.62 21.27
N GLU Z 17 -128.24 81.08 22.00
CA GLU Z 17 -128.86 80.27 23.05
C GLU Z 17 -130.20 79.58 22.74
N GLN Z 18 -130.76 79.75 21.55
CA GLN Z 18 -132.09 79.19 21.27
C GLN Z 18 -132.25 77.67 21.36
N THR Z 19 -131.24 76.94 20.92
CA THR Z 19 -131.26 75.48 20.85
C THR Z 19 -129.94 74.89 21.30
N SER Z 20 -128.88 75.13 20.53
CA SER Z 20 -127.59 74.53 20.81
C SER Z 20 -126.94 75.17 22.04
N LEU Z 21 -125.72 74.72 22.34
CA LEU Z 21 -124.94 75.20 23.48
C LEU Z 21 -125.72 75.00 24.78
N ILE Z 22 -126.17 73.76 24.98
CA ILE Z 22 -127.04 73.44 26.11
C ILE Z 22 -126.29 73.66 27.42
N SER Z 23 -126.88 74.48 28.29
CA SER Z 23 -126.40 74.76 29.65
C SER Z 23 -125.08 75.52 29.66
N ASN Z 24 -124.38 75.56 28.52
CA ASN Z 24 -123.12 76.27 28.36
C ASN Z 24 -122.14 75.98 29.50
N ASP Z 25 -121.50 77.02 30.01
CA ASP Z 25 -120.68 76.94 31.20
C ASP Z 25 -120.60 78.32 31.85
N ALA Z 26 -120.42 78.34 33.17
CA ALA Z 26 -120.26 79.59 33.89
C ALA Z 26 -118.95 79.61 34.66
N ILE Z 27 -118.90 78.87 35.76
CA ILE Z 27 -117.70 78.71 36.56
C ILE Z 27 -117.32 77.24 36.48
N LYS Z 28 -116.23 76.94 35.78
CA LYS Z 28 -115.70 75.58 35.73
C LYS Z 28 -114.61 75.35 36.76
N SER Z 29 -114.29 76.37 37.55
CA SER Z 29 -113.29 76.22 38.62
C SER Z 29 -113.75 75.32 39.74
N ILE Z 30 -115.03 74.92 39.76
CA ILE Z 30 -115.50 73.95 40.74
C ILE Z 30 -114.84 72.60 40.52
N GLU Z 31 -114.35 72.33 39.31
CA GLU Z 31 -113.63 71.11 39.02
C GLU Z 31 -112.23 71.08 39.62
N SER Z 32 -111.78 72.19 40.21
CA SER Z 32 -110.52 72.20 40.95
C SER Z 32 -110.58 71.31 42.19
N ILE Z 33 -111.76 70.80 42.55
CA ILE Z 33 -111.86 69.82 43.62
C ILE Z 33 -111.08 68.57 43.27
N ILE Z 34 -111.01 68.30 41.95
CA ILE Z 34 -110.19 67.17 41.55
C ILE Z 34 -108.74 67.40 42.00
N ALA Z 35 -108.29 68.64 42.09
CA ALA Z 35 -106.96 68.90 42.62
C ALA Z 35 -106.85 68.48 44.08
N ALA Z 36 -107.91 68.71 44.87
CA ALA Z 36 -107.88 68.32 46.27
C ALA Z 36 -108.02 66.81 46.42
N LEU Z 37 -108.89 66.19 45.60
CA LEU Z 37 -109.09 64.75 45.65
C LEU Z 37 -107.76 64.04 45.28
N ASP Z 38 -107.15 64.50 44.20
CA ASP Z 38 -105.89 63.96 43.73
C ASP Z 38 -104.83 64.18 44.81
N ALA Z 39 -104.87 65.36 45.45
CA ALA Z 39 -103.90 65.64 46.48
C ALA Z 39 -104.03 64.65 47.63
N LYS Z 40 -105.27 64.30 48.00
CA LYS Z 40 -105.47 63.30 49.03
C LYS Z 40 -104.98 61.94 48.58
N LEU Z 41 -105.18 61.61 47.30
CA LEU Z 41 -104.68 60.32 46.81
C LEU Z 41 -103.15 60.29 46.77
N THR Z 42 -102.51 61.42 46.54
CA THR Z 42 -101.05 61.44 46.67
C THR Z 42 -100.62 61.28 48.11
N ALA Z 43 -101.30 61.96 49.03
CA ALA Z 43 -100.94 61.87 50.44
C ALA Z 43 -101.12 60.44 50.95
N GLN Z 44 -102.15 59.74 50.48
CA GLN Z 44 -102.35 58.38 50.94
C GLN Z 44 -101.45 57.38 50.24
N VAL Z 45 -101.35 57.46 48.91
CA VAL Z 45 -100.59 56.49 48.14
C VAL Z 45 -99.12 56.64 48.46
N ASN Z 46 -98.66 57.84 48.81
CA ASN Z 46 -97.29 57.98 49.31
C ASN Z 46 -97.06 57.08 50.51
N LEU Z 47 -97.99 57.08 51.46
CA LEU Z 47 -97.82 56.24 52.64
C LEU Z 47 -98.00 54.78 52.35
N ILE Z 48 -98.88 54.41 51.44
CA ILE Z 48 -99.10 52.99 51.14
C ILE Z 48 -97.86 52.43 50.43
N MET Z 49 -97.32 53.17 49.48
CA MET Z 49 -96.21 52.66 48.69
C MET Z 49 -94.89 52.73 49.44
N HIS Z 50 -94.70 53.73 50.29
CA HIS Z 50 -93.44 53.95 50.97
C HIS Z 50 -93.31 53.16 52.25
N HIS Z 51 -94.30 52.34 52.61
CA HIS Z 51 -94.20 51.53 53.79
C HIS Z 51 -93.11 50.51 53.66
N ALA Z 52 -92.57 50.04 54.79
CA ALA Z 52 -91.46 49.11 54.77
C ALA Z 52 -91.84 47.82 54.04
N ASP Z 53 -93.08 47.33 54.26
CA ASP Z 53 -93.50 46.11 53.64
C ASP Z 53 -93.62 46.25 52.13
N PHE Z 54 -94.34 47.26 51.68
CA PHE Z 54 -94.51 47.48 50.25
C PHE Z 54 -93.20 47.76 49.58
N GLN Z 55 -92.28 48.45 50.25
CA GLN Z 55 -90.96 48.70 49.66
C GLN Z 55 -90.15 47.42 49.58
N GLN Z 56 -90.32 46.51 50.53
CA GLN Z 56 -89.58 45.26 50.50
C GLN Z 56 -90.08 44.36 49.39
N LEU Z 57 -91.38 44.13 49.34
CA LEU Z 57 -91.94 43.31 48.26
C LEU Z 57 -91.72 43.94 46.89
N GLU Z 58 -92.01 45.22 46.77
CA GLU Z 58 -91.78 45.95 45.53
C GLU Z 58 -90.37 45.83 45.09
N SER Z 59 -89.41 45.91 46.02
CA SER Z 59 -87.99 45.80 45.65
C SER Z 59 -87.67 44.39 45.23
N ALA Z 60 -88.29 43.40 45.85
CA ALA Z 60 -88.03 42.01 45.47
C ALA Z 60 -88.50 41.71 44.06
N TRP Z 61 -89.77 41.94 43.79
CA TRP Z 61 -90.34 41.69 42.47
C TRP Z 61 -89.77 42.61 41.42
N ARG Z 62 -89.39 43.81 41.81
CA ARG Z 62 -88.80 44.76 40.88
C ARG Z 62 -87.40 44.35 40.49
N GLY Z 63 -86.64 43.85 41.43
CA GLY Z 63 -85.32 43.31 41.12
C GLY Z 63 -85.41 42.07 40.28
N LEU Z 64 -86.28 41.15 40.64
CA LEU Z 64 -86.48 39.94 39.84
C LEU Z 64 -86.93 40.29 38.44
N HIS Z 65 -87.82 41.25 38.30
CA HIS Z 65 -88.26 41.70 36.97
C HIS Z 65 -87.14 42.29 36.21
N TYR Z 66 -86.28 43.06 36.85
CA TYR Z 66 -85.08 43.56 36.17
C TYR Z 66 -84.24 42.44 35.68
N LEU Z 67 -84.05 41.40 36.46
CA LEU Z 67 -83.23 40.26 36.02
C LEU Z 67 -83.85 39.56 34.88
N VAL Z 68 -85.16 39.43 34.87
CA VAL Z 68 -85.86 38.64 33.82
C VAL Z 68 -85.84 39.41 32.52
N ASN Z 69 -86.26 40.67 32.53
CA ASN Z 69 -86.42 41.45 31.32
C ASN Z 69 -85.12 41.77 30.66
N ASN Z 70 -84.07 41.97 31.43
CA ASN Z 70 -82.75 42.31 30.88
C ASN Z 70 -81.95 41.12 30.49
N THR Z 71 -82.49 39.93 30.63
CA THR Z 71 -81.80 38.68 30.24
C THR Z 71 -82.40 38.16 28.94
N GLU Z 72 -81.57 37.71 28.03
CA GLU Z 72 -82.01 37.12 26.78
C GLU Z 72 -82.10 35.61 27.01
N THR Z 73 -83.31 35.11 27.21
CA THR Z 73 -83.51 33.73 27.55
C THR Z 73 -83.90 32.90 26.35
N ASP Z 74 -83.24 31.75 26.24
CA ASP Z 74 -83.46 30.79 25.20
C ASP Z 74 -83.16 29.40 25.72
N GLU Z 75 -82.80 28.51 24.81
CA GLU Z 75 -82.49 27.14 25.18
C GLU Z 75 -81.30 27.16 26.12
N GLN Z 76 -80.30 27.96 25.79
CA GLN Z 76 -79.09 28.12 26.61
C GLN Z 76 -79.21 28.79 27.98
N LEU Z 77 -80.00 29.86 28.07
CA LEU Z 77 -80.17 30.61 29.30
C LEU Z 77 -81.52 30.30 29.90
N LYS Z 78 -81.54 29.94 31.16
CA LYS Z 78 -82.70 29.79 31.95
C LYS Z 78 -82.58 30.52 33.27
N ILE Z 79 -83.68 30.83 33.89
CA ILE Z 79 -83.76 31.45 35.16
C ILE Z 79 -84.82 30.70 35.96
N ARG Z 80 -84.42 30.05 37.06
CA ARG Z 80 -85.30 29.38 37.95
C ARG Z 80 -85.39 30.04 39.26
N VAL Z 81 -86.54 30.41 39.70
CA VAL Z 81 -86.77 31.14 40.98
C VAL Z 81 -87.27 30.19 42.04
N LEU Z 82 -86.79 30.28 43.24
CA LEU Z 82 -87.31 29.67 44.44
C LEU Z 82 -87.68 30.65 45.48
N ASN Z 83 -88.95 30.74 45.85
CA ASN Z 83 -89.32 31.75 46.83
C ASN Z 83 -89.18 31.19 48.21
N ILE Z 84 -88.19 31.72 48.92
CA ILE Z 84 -87.90 31.31 50.26
C ILE Z 84 -87.36 32.51 51.01
N SER Z 85 -88.00 32.82 52.12
CA SER Z 85 -87.56 33.97 52.91
C SER Z 85 -86.26 33.63 53.57
N LYS Z 86 -85.51 34.66 53.94
CA LYS Z 86 -84.22 34.48 54.60
C LYS Z 86 -84.39 33.70 55.92
N PRO Z 87 -85.41 33.97 56.76
CA PRO Z 87 -85.64 33.12 57.87
C PRO Z 87 -85.91 31.67 57.58
N GLU Z 88 -86.61 31.39 56.50
CA GLU Z 88 -86.89 29.98 56.12
C GLU Z 88 -85.65 29.32 55.60
N LEU Z 89 -84.83 30.05 54.85
CA LEU Z 89 -83.58 29.47 54.36
C LEU Z 89 -82.63 29.19 55.49
N HIS Z 90 -82.48 30.13 56.40
CA HIS Z 90 -81.63 29.90 57.57
C HIS Z 90 -82.18 28.81 58.44
N LYS Z 91 -83.52 28.65 58.47
CA LYS Z 91 -84.11 27.61 59.29
C LYS Z 91 -83.81 26.23 58.71
N THR Z 92 -84.13 26.03 57.43
CA THR Z 92 -83.94 24.72 56.82
C THR Z 92 -82.48 24.37 56.70
N LEU Z 93 -81.62 25.37 56.52
CA LEU Z 93 -80.18 25.10 56.52
C LEU Z 93 -79.64 24.93 57.92
N LYS Z 94 -80.38 25.37 58.93
CA LYS Z 94 -79.99 25.11 60.32
C LYS Z 94 -80.40 23.72 60.76
N LYS Z 95 -81.52 23.21 60.27
CA LYS Z 95 -81.93 21.83 60.61
C LYS Z 95 -80.90 20.83 60.25
N PHE Z 96 -80.27 21.00 59.10
CA PHE Z 96 -79.23 20.05 58.62
C PHE Z 96 -77.91 20.78 58.63
N LYS Z 97 -77.06 20.44 59.55
CA LYS Z 97 -75.75 21.08 59.67
C LYS Z 97 -74.74 20.00 60.11
N GLY Z 98 -73.48 20.26 59.82
CA GLY Z 98 -72.51 19.23 60.09
C GLY Z 98 -72.65 18.04 59.20
N THR Z 99 -72.86 16.84 59.70
CA THR Z 99 -72.93 15.66 58.90
C THR Z 99 -74.15 15.68 57.99
N THR Z 100 -75.30 16.14 58.55
CA THR Z 100 -76.55 15.94 57.80
C THR Z 100 -76.68 16.93 56.65
N TRP Z 101 -75.73 17.84 56.45
CA TRP Z 101 -75.86 18.85 55.41
C TRP Z 101 -76.04 18.28 54.06
N ASP Z 102 -75.50 17.10 53.79
CA ASP Z 102 -75.69 16.41 52.50
C ASP Z 102 -77.11 16.14 52.22
N GLN Z 103 -77.99 16.11 53.22
CA GLN Z 103 -79.43 15.94 53.09
C GLN Z 103 -80.06 17.20 53.54
N SER Z 104 -80.62 17.94 52.62
CA SER Z 104 -81.34 19.22 52.85
C SER Z 104 -82.26 19.50 51.72
N PRO Z 105 -83.32 20.26 51.91
CA PRO Z 105 -84.21 20.61 50.82
C PRO Z 105 -83.46 21.40 49.75
N ILE Z 106 -82.61 22.30 50.19
CA ILE Z 106 -81.81 23.18 49.34
C ILE Z 106 -80.74 22.42 48.65
N PHE Z 107 -80.07 21.53 49.33
CA PHE Z 107 -79.04 20.71 48.68
C PHE Z 107 -79.65 19.69 47.76
N LYS Z 108 -80.80 19.13 48.10
CA LYS Z 108 -81.49 18.23 47.20
C LYS Z 108 -81.78 18.96 45.87
N LYS Z 109 -82.46 20.11 45.94
CA LYS Z 109 -82.83 20.85 44.76
C LYS Z 109 -81.64 21.27 43.98
N LEU Z 110 -80.64 21.87 44.61
CA LEU Z 110 -79.53 22.47 43.90
C LEU Z 110 -78.59 21.44 43.34
N TYR Z 111 -78.29 20.40 44.10
CA TYR Z 111 -77.33 19.38 43.70
C TYR Z 111 -77.86 18.08 43.18
N GLU Z 112 -78.86 17.50 43.83
CA GLU Z 112 -79.28 16.14 43.54
C GLU Z 112 -80.08 16.22 42.25
N GLU Z 113 -81.15 16.99 42.23
CA GLU Z 113 -82.06 16.96 41.12
C GLU Z 113 -81.50 17.52 39.82
N GLU Z 114 -80.35 18.16 39.87
CA GLU Z 114 -79.82 18.82 38.68
C GLU Z 114 -78.38 18.46 38.42
N TYR Z 115 -77.46 18.86 39.26
CA TYR Z 115 -76.06 18.54 39.07
C TYR Z 115 -75.77 17.12 39.35
N GLY Z 116 -76.54 16.47 40.21
CA GLY Z 116 -76.34 15.06 40.51
C GLY Z 116 -77.16 14.18 39.64
N GLN Z 117 -78.27 14.68 39.11
CA GLN Z 117 -79.13 13.87 38.27
C GLN Z 117 -78.55 13.53 36.91
N PHE Z 118 -78.94 12.39 36.33
CA PHE Z 118 -78.44 12.05 35.01
C PHE Z 118 -79.23 12.81 33.95
N GLY Z 119 -78.52 13.60 33.15
CA GLY Z 119 -79.18 14.42 32.15
C GLY Z 119 -79.93 15.61 32.72
N GLY Z 120 -79.37 16.26 33.75
CA GLY Z 120 -79.99 17.41 34.36
C GLY Z 120 -79.25 18.69 34.00
N GLU Z 121 -79.57 19.75 34.74
CA GLU Z 121 -78.95 21.04 34.50
C GLU Z 121 -78.02 21.40 35.65
N PRO Z 122 -76.70 21.52 35.42
CA PRO Z 122 -75.76 21.75 36.51
C PRO Z 122 -75.95 23.06 37.26
N TYR Z 123 -76.93 23.89 36.87
CA TYR Z 123 -77.42 25.05 37.59
C TYR Z 123 -76.56 26.31 37.55
N GLY Z 124 -75.39 26.27 36.93
CA GLY Z 124 -74.70 27.51 36.63
C GLY Z 124 -74.37 28.37 37.85
N CYS Z 125 -74.91 29.58 37.88
CA CYS Z 125 -74.72 30.53 38.97
C CYS Z 125 -76.00 30.67 39.77
N LEU Z 126 -75.84 31.02 41.05
CA LEU Z 126 -76.96 31.19 41.97
C LEU Z 126 -76.99 32.63 42.47
N VAL Z 127 -78.17 33.18 42.63
CA VAL Z 127 -78.30 34.56 43.09
C VAL Z 127 -79.12 34.62 44.35
N GLY Z 128 -78.51 35.09 45.43
CA GLY Z 128 -79.19 35.17 46.70
C GLY Z 128 -80.36 36.11 46.94
N ASP Z 129 -80.26 37.36 46.47
CA ASP Z 129 -81.26 38.40 46.71
C ASP Z 129 -81.55 38.62 48.20
N TYR Z 130 -80.52 38.57 49.03
CA TYR Z 130 -80.62 38.76 50.47
C TYR Z 130 -79.54 39.70 50.95
N TYR Z 131 -79.77 40.32 52.10
CA TYR Z 131 -78.80 41.23 52.69
C TYR Z 131 -78.16 40.57 53.90
N PHE Z 132 -76.90 40.21 53.80
CA PHE Z 132 -76.19 39.47 54.83
C PHE Z 132 -75.27 40.40 55.62
N ASP Z 133 -75.43 40.44 56.95
CA ASP Z 133 -74.55 41.13 57.84
C ASP Z 133 -73.66 40.16 58.59
N GLN Z 134 -72.83 40.64 59.50
CA GLN Z 134 -71.93 39.80 60.27
C GLN Z 134 -72.60 39.02 61.42
N SER Z 135 -73.90 39.14 61.59
CA SER Z 135 -74.62 38.47 62.65
C SER Z 135 -74.43 37.01 62.63
N PRO Z 136 -74.58 36.31 63.77
CA PRO Z 136 -74.40 34.85 63.81
C PRO Z 136 -75.28 34.12 62.79
N PRO Z 137 -76.59 34.46 62.69
CA PRO Z 137 -77.40 33.73 61.74
C PRO Z 137 -76.96 33.90 60.27
N ASP Z 138 -76.50 35.09 59.90
CA ASP Z 138 -76.08 35.32 58.55
C ASP Z 138 -74.73 34.68 58.26
N VAL Z 139 -73.87 34.56 59.27
CA VAL Z 139 -72.63 33.85 59.10
C VAL Z 139 -72.91 32.36 58.93
N GLU Z 140 -73.89 31.83 59.65
CA GLU Z 140 -74.28 30.44 59.46
C GLU Z 140 -74.85 30.23 58.09
N LEU Z 141 -75.75 31.11 57.66
CA LEU Z 141 -76.36 30.95 56.33
C LEU Z 141 -75.32 31.03 55.23
N LEU Z 142 -74.37 31.94 55.35
CA LEU Z 142 -73.31 32.01 54.35
C LEU Z 142 -72.40 30.82 54.41
N GLY Z 143 -72.14 30.29 55.59
CA GLY Z 143 -71.33 29.08 55.67
C GLY Z 143 -71.99 27.91 54.94
N GLU Z 144 -73.28 27.73 55.20
CA GLU Z 144 -73.99 26.61 54.60
C GLU Z 144 -74.13 26.79 53.09
N MET Z 145 -74.59 27.96 52.65
CA MET Z 145 -74.72 28.22 51.22
C MET Z 145 -73.36 28.15 50.53
N ALA Z 146 -72.27 28.38 51.27
CA ALA Z 146 -70.96 28.18 50.69
C ALA Z 146 -70.63 26.72 50.57
N LYS Z 147 -71.12 25.89 51.49
CA LYS Z 147 -70.95 24.44 51.35
C LYS Z 147 -71.72 23.93 50.15
N ILE Z 148 -72.99 24.26 50.03
CA ILE Z 148 -73.80 23.81 48.89
C ILE Z 148 -73.23 24.32 47.60
N SER Z 149 -73.11 25.62 47.47
CA SER Z 149 -72.58 26.24 46.25
C SER Z 149 -71.23 25.73 45.91
N ALA Z 150 -70.43 25.37 46.89
CA ALA Z 150 -69.11 24.78 46.63
C ALA Z 150 -69.25 23.41 46.14
N ALA Z 151 -70.23 22.64 46.60
CA ALA Z 151 -70.41 21.24 46.18
C ALA Z 151 -70.90 21.16 44.78
N MET Z 152 -71.84 22.02 44.40
CA MET Z 152 -72.44 22.02 43.07
C MET Z 152 -71.67 22.86 42.08
N HIS Z 153 -70.60 23.52 42.48
CA HIS Z 153 -69.81 24.41 41.63
C HIS Z 153 -70.68 25.53 41.07
N ALA Z 154 -71.44 26.19 41.93
CA ALA Z 154 -72.37 27.24 41.51
C ALA Z 154 -72.20 28.44 42.40
N PRO Z 155 -71.29 29.41 42.01
CA PRO Z 155 -71.06 30.57 42.83
C PRO Z 155 -72.29 31.24 43.33
N PHE Z 156 -72.32 31.60 44.60
CA PHE Z 156 -73.45 32.26 45.23
C PHE Z 156 -73.23 33.76 45.20
N ILE Z 157 -74.22 34.52 44.75
CA ILE Z 157 -74.15 35.96 44.62
C ILE Z 157 -75.31 36.57 45.42
N SER Z 158 -75.01 37.51 46.27
CA SER Z 158 -76.03 38.21 47.04
C SER Z 158 -75.50 39.59 47.41
N ALA Z 159 -76.26 40.33 48.20
CA ALA Z 159 -75.88 41.68 48.56
C ALA Z 159 -75.50 41.76 50.04
N ALA Z 160 -74.52 42.57 50.34
CA ALA Z 160 -74.05 42.78 51.68
C ALA Z 160 -74.81 43.92 52.30
N SER Z 161 -75.39 43.66 53.48
CA SER Z 161 -76.21 44.64 54.15
C SER Z 161 -75.38 45.83 54.54
N PRO Z 162 -76.02 47.03 54.68
CA PRO Z 162 -75.30 48.17 55.21
C PRO Z 162 -74.84 47.96 56.66
N THR Z 163 -75.40 46.98 57.38
CA THR Z 163 -75.04 46.71 58.74
C THR Z 163 -73.75 45.93 58.88
N VAL Z 164 -73.15 45.47 57.81
CA VAL Z 164 -71.86 44.80 57.90
C VAL Z 164 -70.81 45.80 58.40
N MET Z 165 -70.90 47.04 57.98
CA MET Z 165 -69.98 48.07 58.36
C MET Z 165 -70.35 48.73 59.69
N GLY Z 166 -71.39 48.26 60.37
CA GLY Z 166 -71.87 48.94 61.54
C GLY Z 166 -72.35 50.32 61.10
N MET Z 167 -73.24 50.31 60.10
CA MET Z 167 -73.63 51.52 59.42
C MET Z 167 -75.11 51.63 59.30
N GLY Z 168 -75.73 50.76 58.54
CA GLY Z 168 -77.18 50.75 58.38
C GLY Z 168 -77.70 51.72 57.38
N SER Z 169 -76.83 52.32 56.54
CA SER Z 169 -77.27 53.27 55.54
C SER Z 169 -76.71 52.94 54.17
N TRP Z 170 -75.36 52.92 54.07
CA TRP Z 170 -74.59 53.03 52.84
C TRP Z 170 -74.56 54.46 52.41
N GLN Z 171 -75.19 55.36 53.17
CA GLN Z 171 -75.04 56.78 52.96
C GLN Z 171 -73.84 57.23 53.78
N GLU Z 172 -73.45 56.47 54.80
CA GLU Z 172 -72.34 56.79 55.66
C GLU Z 172 -71.04 56.16 55.23
N LEU Z 173 -71.02 55.48 54.09
CA LEU Z 173 -69.83 54.76 53.67
C LEU Z 173 -68.63 55.64 53.57
N SER Z 174 -68.81 56.94 53.34
CA SER Z 174 -67.68 57.85 53.25
C SER Z 174 -67.18 58.32 54.60
N ASN Z 175 -67.92 58.07 55.68
CA ASN Z 175 -67.52 58.57 56.99
C ASN Z 175 -66.27 57.88 57.54
N PRO Z 176 -66.17 56.55 57.60
CA PRO Z 176 -65.03 55.92 58.21
C PRO Z 176 -63.72 56.22 57.45
N ARG Z 177 -62.62 56.36 58.17
CA ARG Z 177 -61.36 56.57 57.60
C ARG Z 177 -60.75 55.32 57.00
N ASP Z 178 -60.95 54.21 57.66
CA ASP Z 178 -60.37 52.91 57.26
C ASP Z 178 -61.43 51.87 57.44
N LEU Z 179 -61.78 51.16 56.35
CA LEU Z 179 -62.73 50.07 56.44
C LEU Z 179 -62.08 48.80 56.95
N THR Z 180 -60.81 48.59 56.67
CA THR Z 180 -60.10 47.40 57.16
C THR Z 180 -60.05 47.32 58.65
N LYS Z 181 -60.17 48.45 59.35
CA LYS Z 181 -60.21 48.47 60.80
C LYS Z 181 -61.54 48.02 61.33
N ILE Z 182 -62.61 48.11 60.55
CA ILE Z 182 -63.93 47.74 61.03
C ILE Z 182 -63.98 46.29 61.35
N PHE Z 183 -63.37 45.44 60.50
CA PHE Z 183 -63.49 44.00 60.59
C PHE Z 183 -62.53 43.39 61.54
N THR Z 184 -61.73 44.17 62.26
CA THR Z 184 -60.79 43.64 63.23
C THR Z 184 -61.44 43.25 64.54
N THR Z 185 -62.48 43.95 64.95
CA THR Z 185 -63.07 43.76 66.28
C THR Z 185 -63.53 42.34 66.48
N PRO Z 186 -63.66 41.88 67.71
CA PRO Z 186 -64.17 40.52 67.96
C PRO Z 186 -65.61 40.34 67.54
N GLU Z 187 -66.32 41.42 67.25
CA GLU Z 187 -67.70 41.32 66.80
C GLU Z 187 -67.75 40.52 65.51
N TYR Z 188 -66.74 40.71 64.67
CA TYR Z 188 -66.65 40.03 63.39
C TYR Z 188 -65.94 38.68 63.42
N ALA Z 189 -65.57 38.21 64.59
CA ALA Z 189 -64.88 36.92 64.71
C ALA Z 189 -65.50 35.87 63.79
N GLY Z 190 -66.80 35.78 63.77
CA GLY Z 190 -67.49 34.87 62.88
C GLY Z 190 -67.29 35.19 61.42
N TRP Z 191 -67.29 36.48 61.09
CA TRP Z 191 -67.07 36.91 59.72
C TRP Z 191 -65.68 36.55 59.26
N ARG Z 192 -64.65 36.91 60.01
CA ARG Z 192 -63.30 36.56 59.67
C ARG Z 192 -63.14 35.07 59.56
N SER Z 193 -63.75 34.31 60.47
CA SER Z 193 -63.68 32.86 60.37
C SER Z 193 -64.34 32.36 59.12
N LEU Z 194 -65.34 33.05 58.63
CA LEU Z 194 -65.98 32.69 57.36
C LEU Z 194 -65.11 32.98 56.18
N ARG Z 195 -64.52 34.16 56.12
CA ARG Z 195 -63.67 34.53 54.99
C ARG Z 195 -62.45 33.67 54.90
N GLU Z 196 -61.92 33.18 56.03
CA GLU Z 196 -60.76 32.32 55.99
C GLU Z 196 -61.09 30.95 55.40
N SER Z 197 -62.38 30.56 55.37
CA SER Z 197 -62.76 29.27 54.86
C SER Z 197 -62.43 29.08 53.42
N GLU Z 198 -62.26 27.84 53.00
CA GLU Z 198 -61.94 27.56 51.61
C GLU Z 198 -63.20 27.46 50.73
N ASP Z 199 -64.36 27.38 51.37
CA ASP Z 199 -65.63 27.30 50.65
C ASP Z 199 -66.28 28.66 50.42
N SER Z 200 -65.67 29.71 50.95
CA SER Z 200 -66.21 31.04 50.84
C SER Z 200 -65.87 31.72 49.56
N ARG Z 201 -64.94 31.21 48.77
CA ARG Z 201 -64.64 31.76 47.47
C ARG Z 201 -65.81 31.63 46.52
N TYR Z 202 -66.87 30.90 46.88
CA TYR Z 202 -68.05 30.76 46.08
C TYR Z 202 -69.11 31.77 46.44
N ILE Z 203 -68.78 32.72 47.30
CA ILE Z 203 -69.76 33.71 47.64
C ILE Z 203 -69.32 35.14 47.34
N GLY Z 204 -70.02 35.79 46.41
CA GLY Z 204 -69.81 37.19 46.14
C GLY Z 204 -70.82 38.02 46.89
N LEU Z 205 -70.48 39.28 47.15
CA LEU Z 205 -71.37 40.21 47.84
C LEU Z 205 -71.26 41.57 47.17
N THR Z 206 -72.39 42.11 46.72
CA THR Z 206 -72.45 43.43 46.11
C THR Z 206 -73.18 44.36 47.06
N MET Z 207 -72.42 45.26 47.72
CA MET Z 207 -72.99 46.03 48.81
C MET Z 207 -74.02 47.06 48.35
N PRO Z 208 -73.65 48.02 47.51
CA PRO Z 208 -74.63 49.02 47.07
C PRO Z 208 -75.75 48.45 46.20
N ARG Z 209 -76.99 48.91 46.40
CA ARG Z 209 -78.09 48.45 45.58
C ARG Z 209 -78.55 49.58 44.66
N PHE Z 210 -78.66 49.24 43.38
CA PHE Z 210 -79.03 50.22 42.38
C PHE Z 210 -80.48 50.59 42.43
N LEU Z 211 -80.80 51.71 41.86
CA LEU Z 211 -82.17 52.24 41.86
C LEU Z 211 -83.05 51.46 40.91
N ALA Z 212 -84.19 51.00 41.40
CA ALA Z 212 -85.08 50.13 40.62
C ALA Z 212 -85.85 50.90 39.59
N ARG Z 213 -86.52 51.96 39.96
CA ARG Z 213 -87.38 52.74 39.05
C ARG Z 213 -87.29 54.20 39.38
N LEU Z 214 -87.68 55.00 38.43
CA LEU Z 214 -87.69 56.46 38.59
C LEU Z 214 -88.94 56.88 39.33
N PRO Z 215 -88.82 57.80 40.30
CA PRO Z 215 -89.98 58.18 41.10
C PRO Z 215 -91.11 58.74 40.29
N TYR Z 216 -92.33 58.29 40.56
CA TYR Z 216 -93.52 58.77 39.84
C TYR Z 216 -93.73 60.23 40.06
N GLY Z 217 -94.23 60.91 39.04
CA GLY Z 217 -94.41 62.37 39.11
C GLY Z 217 -94.64 62.90 37.74
N ALA Z 218 -95.12 64.14 37.65
CA ALA Z 218 -95.42 64.70 36.35
C ALA Z 218 -94.16 64.85 35.51
N LYS Z 219 -93.10 65.35 36.12
CA LYS Z 219 -91.83 65.53 35.42
C LYS Z 219 -91.22 64.21 34.99
N THR Z 220 -91.28 63.23 35.87
CA THR Z 220 -90.72 61.91 35.60
C THR Z 220 -91.72 60.79 35.83
N ASP Z 221 -91.85 59.89 34.85
CA ASP Z 221 -92.73 58.73 34.98
C ASP Z 221 -94.16 59.01 35.42
N PRO Z 222 -94.84 59.93 34.74
CA PRO Z 222 -96.22 60.27 35.12
C PRO Z 222 -97.13 59.03 35.08
N VAL Z 223 -97.98 58.90 36.09
CA VAL Z 223 -98.86 57.76 36.25
C VAL Z 223 -99.95 57.72 35.19
N GLU Z 224 -100.52 58.90 34.91
CA GLU Z 224 -101.58 59.17 33.92
C GLU Z 224 -102.98 58.68 34.30
N GLU Z 225 -103.15 58.21 35.53
CA GLU Z 225 -104.45 57.75 36.01
C GLU Z 225 -105.09 58.91 36.77
N PHE Z 226 -104.28 59.58 37.57
CA PHE Z 226 -104.65 60.75 38.34
C PHE Z 226 -103.39 61.56 38.65
N ALA Z 227 -103.53 62.85 38.95
CA ALA Z 227 -102.33 63.64 39.22
C ALA Z 227 -101.63 63.08 40.46
N PHE Z 228 -100.41 62.58 40.31
CA PHE Z 228 -99.71 61.96 41.44
C PHE Z 228 -98.30 62.47 41.71
N GLU Z 229 -97.99 62.70 42.99
CA GLU Z 229 -96.66 63.13 43.42
C GLU Z 229 -96.11 62.08 44.38
N GLU Z 230 -94.88 61.67 44.16
CA GLU Z 230 -94.26 60.63 45.00
C GLU Z 230 -93.45 61.21 46.14
N GLU Z 231 -93.53 62.52 46.38
CA GLU Z 231 -92.69 63.16 47.39
C GLU Z 231 -91.24 62.93 47.03
N THR Z 232 -90.54 62.09 47.80
CA THR Z 232 -89.15 61.68 47.56
C THR Z 232 -88.24 62.88 47.33
N ASP Z 233 -88.25 63.78 48.31
CA ASP Z 233 -87.32 64.89 48.32
C ASP Z 233 -85.90 64.39 48.44
N GLY Z 234 -84.93 65.25 48.10
CA GLY Z 234 -83.57 64.85 47.86
C GLY Z 234 -82.94 63.92 48.88
N ALA Z 235 -82.34 62.85 48.38
CA ALA Z 235 -81.68 61.81 49.17
C ALA Z 235 -82.59 61.20 50.23
N ASP Z 236 -82.03 60.93 51.41
CA ASP Z 236 -82.67 60.28 52.55
C ASP Z 236 -82.86 58.79 52.29
N SER Z 237 -82.80 58.38 51.03
CA SER Z 237 -82.70 57.00 50.55
C SER Z 237 -83.90 56.13 50.92
N SER Z 238 -84.78 56.57 51.81
CA SER Z 238 -85.92 55.76 52.23
C SER Z 238 -87.11 55.86 51.28
N LYS Z 239 -87.20 56.95 50.52
CA LYS Z 239 -88.33 57.15 49.61
C LYS Z 239 -88.17 56.41 48.30
N TYR Z 240 -86.94 56.27 47.81
CA TYR Z 240 -86.66 55.60 46.54
C TYR Z 240 -86.81 54.08 46.53
N ALA Z 241 -87.14 53.53 45.36
CA ALA Z 241 -87.25 52.09 45.21
C ALA Z 241 -85.94 51.48 44.83
N TRP Z 242 -85.30 50.73 45.71
CA TRP Z 242 -83.96 50.23 45.54
C TRP Z 242 -83.99 48.74 45.25
N ALA Z 243 -83.55 48.36 44.04
CA ALA Z 243 -83.42 46.98 43.69
C ALA Z 243 -82.10 46.43 44.12
N ASN Z 244 -82.08 45.16 44.53
CA ASN Z 244 -80.83 44.51 44.92
C ASN Z 244 -79.86 44.49 43.82
N SER Z 245 -78.60 44.76 44.11
CA SER Z 245 -77.58 44.78 43.06
C SER Z 245 -76.98 43.43 42.80
N ALA Z 246 -77.39 42.40 43.50
CA ALA Z 246 -77.06 41.04 43.07
C ALA Z 246 -77.66 40.78 41.74
N TYR Z 247 -78.75 41.43 41.39
CA TYR Z 247 -79.41 41.24 40.09
C TYR Z 247 -78.68 41.90 38.98
N ALA Z 248 -78.03 43.01 39.23
CA ALA Z 248 -77.18 43.64 38.19
C ALA Z 248 -76.00 42.79 37.92
N MET Z 249 -75.38 42.21 38.93
CA MET Z 249 -74.30 41.24 38.73
C MET Z 249 -74.83 40.06 37.99
N ALA Z 250 -76.04 39.60 38.33
CA ALA Z 250 -76.65 38.45 37.63
C ALA Z 250 -76.84 38.75 36.18
N VAL Z 251 -77.43 39.88 35.83
CA VAL Z 251 -77.59 40.32 34.45
C VAL Z 251 -76.28 40.37 33.77
N ASN Z 252 -75.22 40.77 34.46
CA ASN Z 252 -73.88 40.76 33.85
C ASN Z 252 -73.41 39.37 33.58
N ILE Z 253 -73.74 38.43 34.44
CA ILE Z 253 -73.31 37.03 34.25
C ILE Z 253 -74.06 36.43 33.07
N ASN Z 254 -75.37 36.57 33.03
CA ASN Z 254 -76.15 36.09 31.91
C ASN Z 254 -75.73 36.73 30.62
N ARG Z 255 -75.45 38.02 30.62
CA ARG Z 255 -74.94 38.69 29.43
C ARG Z 255 -73.66 38.11 28.99
N SER Z 256 -72.73 37.95 29.91
CA SER Z 256 -71.40 37.38 29.59
C SER Z 256 -71.56 36.03 28.94
N PHE Z 257 -72.43 35.18 29.50
CA PHE Z 257 -72.63 33.86 28.93
C PHE Z 257 -73.25 33.95 27.57
N LYS Z 258 -74.34 34.71 27.41
CA LYS Z 258 -75.02 34.84 26.12
C LYS Z 258 -74.09 35.24 25.06
N LEU Z 259 -73.28 36.29 25.28
CA LEU Z 259 -72.37 36.78 24.24
C LEU Z 259 -71.21 35.84 24.02
N TYR Z 260 -70.45 35.56 25.06
CA TYR Z 260 -69.15 34.87 24.94
C TYR Z 260 -69.20 33.40 25.24
N GLY Z 261 -70.35 32.86 25.63
CA GLY Z 261 -70.42 31.48 26.04
C GLY Z 261 -69.88 31.16 27.40
N TRP Z 262 -69.21 32.09 28.02
CA TRP Z 262 -68.62 31.93 29.37
C TRP Z 262 -68.91 33.14 30.20
N CYS Z 263 -68.84 32.92 31.50
CA CYS Z 263 -69.04 33.99 32.49
C CYS Z 263 -67.73 34.69 32.80
N SER Z 264 -66.71 34.50 31.98
CA SER Z 264 -65.40 35.04 32.26
C SER Z 264 -65.35 36.56 32.41
N ARG Z 265 -66.03 37.30 31.55
CA ARG Z 265 -66.03 38.75 31.71
C ARG Z 265 -67.34 39.27 32.25
N ILE Z 266 -67.37 39.49 33.56
CA ILE Z 266 -68.52 40.01 34.25
C ILE Z 266 -68.13 41.25 35.04
N ARG Z 267 -66.92 41.74 34.81
CA ARG Z 267 -66.44 42.88 35.56
C ARG Z 267 -65.89 43.99 34.65
N GLY Z 268 -65.32 45.03 35.23
CA GLY Z 268 -64.68 46.08 34.50
C GLY Z 268 -65.65 47.07 33.91
N VAL Z 269 -65.18 48.27 33.60
CA VAL Z 269 -66.00 49.29 32.99
C VAL Z 269 -66.29 48.92 31.53
N GLU Z 270 -65.22 48.73 30.75
CA GLU Z 270 -65.36 48.37 29.34
C GLU Z 270 -65.22 46.87 29.05
N SER Z 271 -65.01 46.06 30.09
CA SER Z 271 -64.85 44.63 29.92
C SER Z 271 -66.11 43.85 30.14
N GLY Z 272 -67.23 44.51 30.30
CA GLY Z 272 -68.52 43.83 30.43
C GLY Z 272 -69.13 43.85 31.81
N GLY Z 273 -68.60 44.62 32.73
CA GLY Z 273 -69.21 44.74 34.04
C GLY Z 273 -70.03 46.00 34.18
N GLU Z 274 -70.49 46.56 33.08
CA GLU Z 274 -71.24 47.81 33.10
C GLU Z 274 -72.70 47.60 33.37
N VAL Z 275 -73.28 48.46 34.18
CA VAL Z 275 -74.72 48.49 34.44
C VAL Z 275 -75.24 49.83 33.88
N GLN Z 276 -75.95 49.77 32.76
CA GLN Z 276 -76.36 50.94 32.05
C GLN Z 276 -77.81 51.27 32.25
N GLY Z 277 -78.24 52.40 31.71
CA GLY Z 277 -79.67 52.74 31.73
C GLY Z 277 -80.23 52.94 33.11
N LEU Z 278 -79.43 53.19 34.11
CA LEU Z 278 -79.92 53.37 35.45
C LEU Z 278 -80.79 54.59 35.55
N PRO Z 279 -81.90 54.51 36.29
CA PRO Z 279 -82.76 55.70 36.45
C PRO Z 279 -82.02 56.83 37.07
N ALA Z 280 -82.06 58.00 36.43
CA ALA Z 280 -81.37 59.19 36.93
C ALA Z 280 -82.45 60.19 37.32
N HIS Z 281 -82.66 60.43 38.60
CA HIS Z 281 -83.67 61.35 39.10
C HIS Z 281 -83.01 62.69 39.37
N THR Z 282 -83.36 63.69 38.56
CA THR Z 282 -82.78 65.02 38.69
C THR Z 282 -83.76 65.95 39.37
N PHE Z 283 -83.34 66.54 40.49
CA PHE Z 283 -84.17 67.47 41.22
C PHE Z 283 -83.44 68.80 41.38
N PRO Z 284 -84.15 69.92 41.33
CA PRO Z 284 -83.48 71.22 41.47
C PRO Z 284 -83.04 71.46 42.90
N THR Z 285 -81.88 72.13 43.03
CA THR Z 285 -81.39 72.53 44.34
C THR Z 285 -81.10 74.03 44.34
N ASP Z 286 -80.50 74.53 45.41
CA ASP Z 286 -80.25 75.96 45.53
C ASP Z 286 -79.28 76.43 44.46
N ASP Z 287 -79.32 77.73 44.17
CA ASP Z 287 -78.46 78.38 43.18
C ASP Z 287 -78.64 77.76 41.80
N GLY Z 288 -77.57 77.23 41.22
CA GLY Z 288 -77.64 76.73 39.86
C GLY Z 288 -78.59 75.55 39.72
N GLY Z 289 -78.78 74.79 40.79
CA GLY Z 289 -79.67 73.65 40.75
C GLY Z 289 -79.12 72.52 39.89
N VAL Z 290 -80.05 71.64 39.49
CA VAL Z 290 -79.75 70.52 38.60
C VAL Z 290 -78.67 69.62 39.19
N ASP Z 291 -79.02 68.88 40.23
CA ASP Z 291 -78.20 67.81 40.76
C ASP Z 291 -79.07 66.55 40.86
N MET Z 292 -78.52 65.42 40.43
CA MET Z 292 -79.30 64.20 40.32
C MET Z 292 -78.98 63.23 41.44
N LYS Z 293 -79.99 62.48 41.85
CA LYS Z 293 -79.80 61.42 42.83
C LYS Z 293 -78.93 60.31 42.25
N CYS Z 294 -77.94 59.89 43.01
CA CYS Z 294 -77.03 58.85 42.56
C CYS Z 294 -77.78 57.55 42.38
N PRO Z 295 -77.62 56.84 41.25
CA PRO Z 295 -78.39 55.61 41.01
C PRO Z 295 -78.03 54.49 42.00
N THR Z 296 -76.74 54.26 42.24
CA THR Z 296 -76.35 53.48 43.39
C THR Z 296 -76.37 54.38 44.62
N GLU Z 297 -76.57 53.80 45.79
CA GLU Z 297 -76.91 54.57 46.97
C GLU Z 297 -75.93 55.65 47.27
N ILE Z 298 -74.65 55.45 46.96
CA ILE Z 298 -73.63 56.46 47.25
C ILE Z 298 -72.49 56.26 46.28
N ALA Z 299 -71.75 57.34 46.04
CA ALA Z 299 -70.58 57.33 45.20
C ALA Z 299 -69.42 56.78 45.93
N ILE Z 300 -68.67 55.88 45.29
CA ILE Z 300 -67.54 55.19 45.96
C ILE Z 300 -66.30 55.64 45.18
N SER Z 301 -65.37 56.26 45.89
CA SER Z 301 -64.09 56.58 45.30
C SER Z 301 -63.23 55.41 45.04
N ASP Z 302 -62.23 55.55 44.16
CA ASP Z 302 -61.35 54.46 43.83
C ASP Z 302 -60.66 53.88 45.05
N ARG Z 303 -60.36 54.74 46.03
CA ARG Z 303 -59.77 54.28 47.30
C ARG Z 303 -60.75 53.43 48.11
N ARG Z 304 -61.99 53.91 48.25
CA ARG Z 304 -63.06 53.14 48.85
C ARG Z 304 -63.30 51.87 48.07
N GLU Z 305 -63.26 51.93 46.75
CA GLU Z 305 -63.50 50.75 45.95
C GLU Z 305 -62.46 49.68 46.22
N ALA Z 306 -61.20 50.02 46.11
CA ALA Z 306 -60.15 49.04 46.38
C ALA Z 306 -60.20 48.55 47.79
N GLU Z 307 -60.57 49.42 48.72
CA GLU Z 307 -60.65 49.03 50.13
C GLU Z 307 -61.80 48.09 50.40
N LEU Z 308 -62.86 48.17 49.63
CA LEU Z 308 -63.96 47.22 49.74
C LEU Z 308 -63.62 45.91 49.02
N ALA Z 309 -62.96 45.98 47.88
CA ALA Z 309 -62.56 44.76 47.20
C ALA Z 309 -61.51 44.00 47.97
N LYS Z 310 -60.76 44.68 48.83
CA LYS Z 310 -59.85 43.97 49.74
C LYS Z 310 -60.58 43.25 50.80
N ASN Z 311 -61.75 43.74 51.20
CA ASN Z 311 -62.57 43.14 52.26
C ASN Z 311 -63.53 42.13 51.74
N GLY Z 312 -63.45 41.77 50.46
CA GLY Z 312 -64.29 40.72 49.92
C GLY Z 312 -65.68 41.18 49.59
N PHE Z 313 -65.82 42.35 48.97
CA PHE Z 313 -67.08 42.85 48.48
C PHE Z 313 -66.95 43.10 46.99
N MET Z 314 -68.10 43.24 46.32
CA MET Z 314 -68.17 43.60 44.93
C MET Z 314 -68.90 44.92 44.83
N PRO Z 315 -68.19 46.04 44.93
CA PRO Z 315 -68.87 47.32 44.91
C PRO Z 315 -69.45 47.63 43.55
N LEU Z 316 -70.64 48.18 43.50
CA LEU Z 316 -71.17 48.78 42.31
C LEU Z 316 -71.02 50.27 42.44
N LEU Z 317 -70.10 50.85 41.71
CA LEU Z 317 -69.84 52.28 41.80
C LEU Z 317 -70.39 53.00 40.63
N HIS Z 318 -70.97 54.17 40.89
CA HIS Z 318 -71.63 54.96 39.87
C HIS Z 318 -70.75 56.04 39.28
N LYS Z 319 -70.65 56.08 37.95
CA LYS Z 319 -69.84 57.08 37.26
C LYS Z 319 -70.50 58.42 37.50
N LYS Z 320 -69.71 59.44 37.82
CA LYS Z 320 -70.25 60.76 38.13
C LYS Z 320 -70.95 61.46 36.97
N ASN Z 321 -72.08 62.10 37.27
CA ASN Z 321 -72.84 62.87 36.27
C ASN Z 321 -73.34 62.07 35.09
N THR Z 322 -73.55 60.77 35.27
CA THR Z 322 -74.01 59.87 34.23
C THR Z 322 -74.85 58.78 34.84
N ASP Z 323 -75.74 58.20 34.04
CA ASP Z 323 -76.52 57.09 34.49
C ASP Z 323 -75.75 55.75 34.43
N PHE Z 324 -74.59 55.76 33.90
CA PHE Z 324 -73.71 54.59 33.82
C PHE Z 324 -73.22 54.19 35.18
N ALA Z 325 -72.96 52.92 35.36
CA ALA Z 325 -72.35 52.36 36.59
C ALA Z 325 -71.70 51.06 36.25
N ALA Z 326 -70.76 50.60 37.07
CA ALA Z 326 -70.00 49.42 36.74
C ALA Z 326 -69.49 48.70 37.96
N PHE Z 327 -69.16 47.43 37.80
CA PHE Z 327 -68.40 46.63 38.75
C PHE Z 327 -66.97 46.63 38.34
N ILE Z 328 -66.10 47.26 39.13
CA ILE Z 328 -64.69 47.40 38.76
C ILE Z 328 -64.00 46.05 38.86
N GLY Z 329 -64.34 45.28 39.87
CA GLY Z 329 -63.76 43.93 40.02
C GLY Z 329 -64.75 43.08 40.78
N ALA Z 330 -64.60 41.77 40.53
CA ALA Z 330 -65.42 40.75 41.22
C ALA Z 330 -64.50 39.96 42.10
N GLN Z 331 -64.60 40.16 43.40
CA GLN Z 331 -63.80 39.46 44.40
C GLN Z 331 -64.75 38.72 45.29
N SER Z 332 -64.50 37.43 45.48
CA SER Z 332 -65.38 36.63 46.32
C SER Z 332 -65.18 36.99 47.77
N LEU Z 333 -65.93 36.37 48.66
CA LEU Z 333 -65.82 36.65 50.08
C LEU Z 333 -64.56 36.13 50.67
N GLN Z 334 -63.92 35.19 49.99
CA GLN Z 334 -62.71 34.62 50.56
C GLN Z 334 -61.48 35.53 50.57
N LYS Z 335 -60.83 35.58 51.73
CA LYS Z 335 -59.58 36.32 51.89
C LYS Z 335 -58.44 35.40 51.50
N PRO Z 336 -57.80 35.60 50.36
CA PRO Z 336 -56.74 34.67 49.93
C PRO Z 336 -55.55 34.73 50.84
N ALA Z 337 -55.05 33.61 51.29
CA ALA Z 337 -53.92 33.58 52.20
C ALA Z 337 -52.61 33.78 51.50
N GLU Z 338 -51.69 34.48 52.15
CA GLU Z 338 -50.35 34.70 51.60
C GLU Z 338 -49.51 33.43 51.74
N TYR Z 339 -48.54 33.24 50.85
CA TYR Z 339 -47.67 32.09 50.91
C TYR Z 339 -46.24 32.52 50.69
N ASP Z 340 -45.30 31.62 51.00
CA ASP Z 340 -43.90 31.91 50.77
C ASP Z 340 -43.60 32.08 49.29
N ASP Z 341 -43.93 31.07 48.50
CA ASP Z 341 -43.67 31.13 47.08
C ASP Z 341 -44.64 32.11 46.42
N PRO Z 342 -44.18 33.04 45.61
CA PRO Z 342 -45.09 33.96 44.93
C PRO Z 342 -46.03 33.22 43.97
N ASP Z 343 -45.64 32.06 43.45
CA ASP Z 343 -46.53 31.31 42.60
C ASP Z 343 -47.72 30.76 43.36
N ALA Z 344 -47.49 30.26 44.56
CA ALA Z 344 -48.58 29.80 45.41
C ALA Z 344 -49.47 30.92 45.84
N THR Z 345 -48.92 32.10 46.04
CA THR Z 345 -49.71 33.27 46.38
C THR Z 345 -50.56 33.69 45.19
N ALA Z 346 -50.01 33.58 43.98
CA ALA Z 346 -50.77 33.88 42.78
C ALA Z 346 -51.93 32.93 42.65
N ASN Z 347 -51.67 31.62 42.72
CA ASN Z 347 -52.73 30.64 42.65
C ASN Z 347 -53.75 30.83 43.73
N ALA Z 348 -53.32 31.31 44.89
CA ALA Z 348 -54.27 31.56 45.98
C ALA Z 348 -55.10 32.79 45.72
N ASN Z 349 -54.57 33.77 44.96
CA ASN Z 349 -55.35 34.95 44.65
C ASN Z 349 -56.35 34.69 43.52
N LEU Z 350 -55.96 33.86 42.54
CA LEU Z 350 -56.84 33.58 41.42
C LEU Z 350 -58.12 32.90 41.88
N ALA Z 351 -58.01 32.00 42.86
CA ALA Z 351 -59.14 31.29 43.35
C ALA Z 351 -60.16 32.17 44.03
N ALA Z 352 -59.74 33.35 44.53
CA ALA Z 352 -60.66 34.23 45.23
C ALA Z 352 -61.45 35.12 44.32
N ARG Z 353 -61.20 35.09 43.02
CA ARG Z 353 -61.84 35.99 42.06
C ARG Z 353 -62.90 35.22 41.27
N LEU Z 354 -64.13 35.71 41.29
CA LEU Z 354 -65.23 35.08 40.63
C LEU Z 354 -65.05 34.89 39.13
N PRO Z 355 -64.44 35.85 38.36
CA PRO Z 355 -64.28 35.64 36.95
C PRO Z 355 -63.62 34.30 36.59
N TYR Z 356 -62.66 33.84 37.40
CA TYR Z 356 -62.03 32.58 37.15
C TYR Z 356 -62.86 31.40 37.68
N LEU Z 357 -63.44 31.55 38.86
CA LEU Z 357 -64.24 30.48 39.41
C LEU Z 357 -65.42 30.14 38.53
N PHE Z 358 -65.93 31.09 37.76
CA PHE Z 358 -66.97 30.75 36.79
C PHE Z 358 -66.42 29.87 35.71
N ALA Z 359 -65.19 30.09 35.30
CA ALA Z 359 -64.55 29.25 34.30
C ALA Z 359 -64.41 27.83 34.82
N THR Z 360 -63.79 27.66 35.99
CA THR Z 360 -63.58 26.32 36.51
C THR Z 360 -64.89 25.63 36.83
N CYS Z 361 -65.87 26.36 37.29
CA CYS Z 361 -67.20 25.78 37.53
C CYS Z 361 -67.80 25.26 36.23
N ARG Z 362 -67.68 26.05 35.16
CA ARG Z 362 -68.20 25.60 33.87
C ARG Z 362 -67.50 24.34 33.42
N PHE Z 363 -66.18 24.29 33.56
CA PHE Z 363 -65.45 23.05 33.23
C PHE Z 363 -65.88 21.89 34.11
N ALA Z 364 -66.31 22.16 35.34
CA ALA Z 364 -66.81 21.10 36.18
C ALA Z 364 -68.13 20.56 35.66
N HIS Z 365 -69.00 21.43 35.19
CA HIS Z 365 -70.25 20.99 34.59
C HIS Z 365 -70.00 20.16 33.36
N TYR Z 366 -69.22 20.70 32.42
CA TYR Z 366 -68.89 19.96 31.22
C TYR Z 366 -68.31 18.61 31.54
N LEU Z 367 -67.28 18.57 32.37
CA LEU Z 367 -66.59 17.31 32.69
C LEU Z 367 -67.54 16.34 33.31
N LYS Z 368 -68.41 16.81 34.18
CA LYS Z 368 -69.42 15.92 34.80
C LYS Z 368 -70.28 15.25 33.75
N CYS Z 369 -70.84 16.02 32.85
CA CYS Z 369 -71.76 15.46 31.86
C CYS Z 369 -71.02 14.53 30.90
N ILE Z 370 -69.87 14.98 30.35
CA ILE Z 370 -69.22 14.21 29.32
C ILE Z 370 -68.62 12.94 29.88
N VAL Z 371 -68.05 13.00 31.07
CA VAL Z 371 -67.49 11.79 31.68
C VAL Z 371 -68.61 10.86 32.09
N ARG Z 372 -69.68 11.39 32.65
CA ARG Z 372 -70.83 10.56 32.99
C ARG Z 372 -71.36 9.84 31.79
N ASP Z 373 -71.31 10.44 30.61
CA ASP Z 373 -71.71 9.76 29.38
C ASP Z 373 -70.65 8.81 28.87
N LYS Z 374 -69.38 9.01 29.25
CA LYS Z 374 -68.29 8.13 28.80
C LYS Z 374 -68.10 6.92 29.70
N ILE Z 375 -68.87 6.77 30.78
CA ILE Z 375 -68.74 5.63 31.67
C ILE Z 375 -69.18 4.38 30.92
N GLY Z 376 -68.29 3.35 30.94
CA GLY Z 376 -68.61 2.12 30.24
C GLY Z 376 -67.89 1.91 28.94
N SER Z 377 -67.14 2.88 28.50
CA SER Z 377 -66.32 2.77 27.29
C SER Z 377 -64.94 2.25 27.59
N PHE Z 378 -64.37 1.49 26.72
CA PHE Z 378 -63.05 0.90 26.94
C PHE Z 378 -62.00 1.98 27.04
N LYS Z 379 -61.33 2.06 28.17
CA LYS Z 379 -60.40 3.14 28.48
C LYS Z 379 -59.25 2.60 29.31
N GLU Z 380 -58.03 2.96 28.90
CA GLU Z 380 -56.84 2.74 29.68
C GLU Z 380 -56.37 4.07 30.26
N LYS Z 381 -55.28 4.06 31.01
CA LYS Z 381 -54.72 5.31 31.49
C LYS Z 381 -54.32 6.20 30.31
N ASP Z 382 -53.69 5.61 29.28
CA ASP Z 382 -53.29 6.38 28.13
C ASP Z 382 -54.51 6.88 27.34
N GLU Z 383 -55.56 6.04 27.23
CA GLU Z 383 -56.75 6.46 26.55
C GLU Z 383 -57.42 7.64 27.25
N MET Z 384 -57.55 7.57 28.56
CA MET Z 384 -58.09 8.69 29.32
C MET Z 384 -57.19 9.92 29.21
N GLN Z 385 -55.88 9.71 29.15
CA GLN Z 385 -54.97 10.85 28.99
C GLN Z 385 -55.20 11.55 27.68
N ARG Z 386 -55.38 10.79 26.59
CA ARG Z 386 -55.58 11.41 25.29
C ARG Z 386 -56.94 12.03 25.20
N TRP Z 387 -57.96 11.43 25.80
CA TRP Z 387 -59.31 11.97 25.68
C TRP Z 387 -59.51 13.20 26.51
N LEU Z 388 -58.97 13.21 27.73
CA LEU Z 388 -59.05 14.41 28.58
C LEU Z 388 -58.11 15.50 28.08
N GLN Z 389 -56.91 15.11 27.68
CA GLN Z 389 -55.94 16.09 27.16
C GLN Z 389 -56.46 16.75 25.90
N ASP Z 390 -57.04 15.97 25.00
CA ASP Z 390 -57.58 16.54 23.77
C ASP Z 390 -58.96 17.14 23.96
N TRP Z 391 -59.65 16.83 25.06
CA TRP Z 391 -60.92 17.48 25.32
C TRP Z 391 -60.73 18.86 25.90
N ILE Z 392 -59.82 19.00 26.86
CA ILE Z 392 -59.57 20.32 27.47
C ILE Z 392 -58.90 21.25 26.51
N LEU Z 393 -58.29 20.72 25.43
CA LEU Z 393 -57.43 21.52 24.58
C LEU Z 393 -58.19 22.27 23.50
N ASN Z 394 -59.51 22.06 23.38
CA ASN Z 394 -60.28 22.83 22.43
C ASN Z 394 -60.85 24.09 23.05
N TYR Z 395 -60.72 24.26 24.36
CA TYR Z 395 -61.05 25.54 25.01
C TYR Z 395 -59.82 26.42 25.20
N VAL Z 396 -58.67 26.01 24.68
CA VAL Z 396 -57.43 26.76 24.80
C VAL Z 396 -57.02 27.21 23.41
N ASP Z 397 -56.66 28.49 23.31
CA ASP Z 397 -56.15 29.03 22.02
C ASP Z 397 -54.62 29.18 22.11
N GLY Z 398 -53.90 28.29 21.47
CA GLY Z 398 -52.46 28.18 21.67
C GLY Z 398 -51.64 29.18 20.85
N ASP Z 399 -51.88 29.18 19.54
CA ASP Z 399 -51.18 30.08 18.62
C ASP Z 399 -51.47 31.58 18.80
N PRO Z 400 -52.72 31.92 19.09
CA PRO Z 400 -53.15 33.33 19.18
C PRO Z 400 -53.17 33.94 20.58
N ALA Z 401 -52.64 33.27 21.58
CA ALA Z 401 -52.64 33.80 22.94
C ALA Z 401 -52.23 35.29 23.12
N HIS Z 402 -51.18 35.76 22.48
CA HIS Z 402 -50.85 37.18 22.64
C HIS Z 402 -51.73 38.08 21.78
N SER Z 403 -52.04 37.63 20.56
CA SER Z 403 -52.84 38.45 19.64
C SER Z 403 -54.20 37.81 19.46
N THR Z 404 -55.18 38.36 20.18
CA THR Z 404 -56.60 37.98 20.13
C THR Z 404 -57.44 39.02 20.89
N GLU Z 405 -58.76 39.08 20.66
CA GLU Z 405 -59.52 40.07 21.45
C GLU Z 405 -60.75 39.44 22.12
N THR Z 406 -61.74 39.04 21.31
CA THR Z 406 -62.92 38.39 21.82
C THR Z 406 -62.70 36.91 22.08
N THR Z 407 -61.80 36.25 21.32
CA THR Z 407 -61.64 34.81 21.52
C THR Z 407 -61.03 34.52 22.91
N LYS Z 408 -60.27 35.47 23.47
CA LYS Z 408 -59.79 35.29 24.83
C LYS Z 408 -60.94 35.19 25.81
N ALA Z 409 -62.08 35.82 25.51
CA ALA Z 409 -63.27 35.65 26.31
C ALA Z 409 -63.97 34.35 26.01
N GLN Z 410 -63.94 33.91 24.75
CA GLN Z 410 -64.59 32.65 24.40
C GLN Z 410 -63.75 31.45 24.77
N HIS Z 411 -62.42 31.57 24.67
CA HIS Z 411 -61.55 30.52 25.19
C HIS Z 411 -60.97 31.00 26.51
N PRO Z 412 -61.49 30.51 27.65
CA PRO Z 412 -61.09 31.10 28.94
C PRO Z 412 -59.66 30.74 29.36
N LEU Z 413 -59.04 29.70 28.77
CA LEU Z 413 -57.79 29.19 29.23
C LEU Z 413 -56.66 29.55 28.29
N ALA Z 414 -55.55 30.04 28.84
CA ALA Z 414 -54.34 30.25 28.06
C ALA Z 414 -53.56 28.95 27.87
N ALA Z 415 -53.69 28.00 28.79
CA ALA Z 415 -53.04 26.71 28.67
C ALA Z 415 -53.75 25.72 29.56
N ALA Z 416 -53.52 24.43 29.31
CA ALA Z 416 -54.17 23.36 30.06
C ALA Z 416 -53.25 22.18 30.18
N GLU Z 417 -53.24 21.56 31.35
CA GLU Z 417 -52.35 20.42 31.63
C GLU Z 417 -53.11 19.41 32.44
N VAL Z 418 -53.02 18.16 32.03
CA VAL Z 418 -53.82 17.06 32.63
C VAL Z 418 -52.79 16.01 33.10
N VAL Z 419 -52.95 15.57 34.36
CA VAL Z 419 -52.19 14.45 34.89
C VAL Z 419 -53.18 13.40 35.30
N VAL Z 420 -53.15 12.25 34.65
CA VAL Z 420 -54.09 11.15 34.89
C VAL Z 420 -53.31 10.08 35.67
N GLU Z 421 -53.96 9.51 36.69
CA GLU Z 421 -53.37 8.44 37.48
C GLU Z 421 -54.44 7.40 37.75
N GLU Z 422 -54.12 6.14 37.48
CA GLU Z 422 -55.06 5.06 37.71
C GLU Z 422 -55.06 4.67 39.19
N VAL Z 423 -56.25 4.51 39.77
CA VAL Z 423 -56.36 4.13 41.17
C VAL Z 423 -55.88 2.67 41.31
N GLU Z 424 -54.91 2.46 42.19
CA GLU Z 424 -54.36 1.13 42.42
C GLU Z 424 -55.38 0.27 43.14
N GLY Z 425 -55.37 -1.04 42.88
CA GLY Z 425 -56.31 -1.91 43.50
C GLY Z 425 -57.74 -1.77 42.99
N ASN Z 426 -57.89 -1.48 41.71
CA ASN Z 426 -59.21 -1.27 41.12
C ASN Z 426 -59.04 -1.04 39.60
N PRO Z 427 -59.80 -1.71 38.76
CA PRO Z 427 -59.82 -1.37 37.35
C PRO Z 427 -60.78 -0.23 37.05
N GLY Z 428 -60.52 0.46 35.93
CA GLY Z 428 -61.55 1.38 35.41
C GLY Z 428 -61.76 2.64 36.23
N TYR Z 429 -61.09 2.79 37.39
CA TYR Z 429 -61.19 4.00 38.19
C TYR Z 429 -59.90 4.76 38.06
N TYR Z 430 -60.03 6.09 37.81
CA TYR Z 430 -58.82 6.92 37.62
C TYR Z 430 -58.94 8.19 38.44
N ASN Z 431 -57.81 8.79 38.74
CA ASN Z 431 -57.72 10.12 39.36
C ASN Z 431 -57.04 11.06 38.38
N SER Z 432 -57.60 12.25 38.22
CA SER Z 432 -57.07 13.23 37.28
C SER Z 432 -56.88 14.56 37.95
N LYS Z 433 -55.93 15.33 37.44
CA LYS Z 433 -55.69 16.70 37.89
C LYS Z 433 -55.67 17.60 36.67
N PHE Z 434 -56.48 18.64 36.67
CA PHE Z 434 -56.55 19.60 35.59
C PHE Z 434 -55.88 20.89 36.04
N PHE Z 435 -54.74 21.21 35.43
CA PHE Z 435 -54.07 22.48 35.64
C PHE Z 435 -54.39 23.37 34.47
N LEU Z 436 -55.23 24.39 34.71
CA LEU Z 436 -55.65 25.27 33.62
C LEU Z 436 -55.30 26.71 33.99
N ARG Z 437 -54.55 27.38 33.11
CA ARG Z 437 -54.09 28.73 33.36
C ARG Z 437 -55.03 29.72 32.67
N PRO Z 438 -55.80 30.50 33.44
CA PRO Z 438 -56.74 31.44 32.83
C PRO Z 438 -56.04 32.63 32.22
N HIS Z 439 -56.78 33.38 31.40
CA HIS Z 439 -56.28 34.66 30.90
C HIS Z 439 -56.33 35.70 32.00
N TYR Z 440 -55.18 36.31 32.31
CA TYR Z 440 -55.14 37.31 33.36
C TYR Z 440 -55.96 38.52 33.00
N GLN Z 441 -56.46 39.23 34.00
CA GLN Z 441 -57.21 40.46 33.81
C GLN Z 441 -56.56 41.60 34.54
N LEU Z 442 -56.51 42.78 33.93
CA LEU Z 442 -55.86 43.93 34.58
C LEU Z 442 -56.56 44.25 35.88
N GLU Z 443 -55.84 44.21 36.99
CA GLU Z 443 -56.38 44.48 38.30
C GLU Z 443 -56.04 45.85 38.86
N GLY Z 444 -54.78 46.25 38.74
CA GLY Z 444 -54.35 47.57 39.18
C GLY Z 444 -53.07 47.99 38.55
N LEU Z 445 -52.72 49.26 38.66
CA LEU Z 445 -51.47 49.72 38.06
C LEU Z 445 -50.96 50.89 38.84
N THR Z 446 -49.70 50.80 39.31
CA THR Z 446 -49.04 51.94 39.96
C THR Z 446 -48.07 52.50 38.96
N VAL Z 447 -48.17 53.80 38.66
CA VAL Z 447 -47.31 54.45 37.69
C VAL Z 447 -46.52 55.51 38.38
N SER Z 448 -45.21 55.53 38.18
CA SER Z 448 -44.32 56.62 38.64
C SER Z 448 -43.77 57.32 37.41
N LEU Z 449 -44.20 58.54 37.19
CA LEU Z 449 -43.75 59.33 36.00
C LEU Z 449 -42.44 60.02 36.42
N ARG Z 450 -41.51 60.07 35.47
CA ARG Z 450 -40.19 60.69 35.77
C ARG Z 450 -39.82 61.69 34.67
N LEU Z 451 -39.63 62.96 35.03
CA LEU Z 451 -39.09 63.90 34.10
C LEU Z 451 -37.58 63.72 33.97
N VAL Z 452 -37.09 63.39 32.79
CA VAL Z 452 -35.75 62.90 32.59
C VAL Z 452 -35.13 63.69 31.46
N SER Z 453 -33.89 64.16 31.68
CA SER Z 453 -33.16 64.86 30.63
C SER Z 453 -32.53 63.90 29.65
N LYS Z 454 -32.02 62.76 30.11
CA LYS Z 454 -31.38 61.78 29.23
C LYS Z 454 -31.99 60.41 29.55
N LEU Z 455 -32.67 59.82 28.58
CA LEU Z 455 -33.40 58.57 28.80
C LEU Z 455 -32.52 57.49 29.43
N PRO Z 456 -32.90 56.93 30.55
CA PRO Z 456 -31.99 55.96 31.24
C PRO Z 456 -31.85 54.67 30.48
N SER Z 457 -32.87 54.28 29.70
CA SER Z 457 -32.80 53.00 29.00
C SER Z 457 -31.82 53.09 27.84
N ALA Z 458 -32.06 54.01 26.90
CA ALA Z 458 -31.20 54.09 25.72
C ALA Z 458 -30.15 55.23 25.64
N LYS Z 459 -30.56 56.46 25.92
CA LYS Z 459 -29.67 57.59 25.81
C LYS Z 459 -28.48 57.48 26.78
N GLU Z 460 -28.77 57.01 28.00
CA GLU Z 460 -27.77 56.86 29.01
C GLU Z 460 -27.39 55.39 29.14
N ALA Z 461 -26.18 55.04 28.68
CA ALA Z 461 -25.71 53.66 28.67
C ALA Z 461 -24.25 53.72 28.11
N THR AA 1 -48.27 -42.50 -38.07
CA THR AA 1 -48.52 -43.93 -38.21
C THR AA 1 -47.51 -44.57 -39.17
N THR AA 2 -46.27 -44.10 -39.10
CA THR AA 2 -45.15 -44.57 -39.92
C THR AA 2 -45.44 -44.77 -41.42
N SER AA 3 -45.47 -43.66 -42.15
CA SER AA 3 -45.74 -43.66 -43.59
C SER AA 3 -44.91 -44.68 -44.37
N SER AA 4 -45.57 -45.34 -45.32
CA SER AA 4 -44.92 -46.37 -46.15
C SER AA 4 -43.60 -45.91 -46.66
N GLN AA 5 -43.37 -44.62 -46.80
CA GLN AA 5 -42.04 -44.10 -47.14
C GLN AA 5 -41.02 -44.50 -46.11
N LYS AA 6 -41.41 -44.59 -44.85
CA LYS AA 6 -40.52 -45.09 -43.80
C LYS AA 6 -40.28 -46.56 -43.95
N PHE AA 7 -41.26 -47.33 -44.37
CA PHE AA 7 -41.04 -48.75 -44.66
C PHE AA 7 -40.03 -48.90 -45.77
N ILE AA 8 -40.16 -48.14 -46.85
CA ILE AA 8 -39.17 -48.18 -47.92
C ILE AA 8 -37.81 -47.74 -47.41
N ALA AA 9 -37.79 -46.81 -46.46
CA ALA AA 9 -36.53 -46.28 -45.96
C ALA AA 9 -35.79 -47.27 -45.13
N ARG AA 10 -36.46 -47.88 -44.16
CA ARG AA 10 -35.80 -48.80 -43.24
C ARG AA 10 -35.63 -50.16 -43.79
N ASN AA 11 -36.50 -50.60 -44.68
CA ASN AA 11 -36.48 -51.98 -45.14
C ASN AA 11 -35.52 -52.33 -46.25
N ARG AA 12 -35.63 -51.70 -47.38
CA ARG AA 12 -34.59 -51.83 -48.47
C ARG AA 12 -34.57 -50.42 -49.05
N ALA AA 13 -33.48 -49.74 -48.80
CA ALA AA 13 -33.45 -48.32 -49.08
C ALA AA 13 -32.76 -48.06 -50.37
N PRO AA 14 -33.37 -47.26 -51.29
CA PRO AA 14 -32.64 -46.78 -52.41
C PRO AA 14 -31.53 -45.85 -51.96
N ARG AA 15 -30.49 -45.66 -52.79
CA ARG AA 15 -29.46 -44.72 -52.47
C ARG AA 15 -30.04 -43.32 -52.29
N VAL AA 16 -31.05 -42.98 -53.10
CA VAL AA 16 -31.80 -41.73 -52.94
C VAL AA 16 -33.15 -42.08 -52.37
N GLN AA 17 -33.41 -41.75 -51.12
CA GLN AA 17 -34.69 -42.06 -50.46
C GLN AA 17 -35.31 -40.77 -50.05
N ILE AA 18 -36.50 -40.51 -50.57
CA ILE AA 18 -37.17 -39.19 -50.34
C ILE AA 18 -38.46 -39.46 -49.62
N GLU AA 19 -38.59 -38.96 -48.42
CA GLU AA 19 -39.76 -39.08 -47.58
C GLU AA 19 -40.33 -37.70 -47.31
N TYR AA 20 -41.63 -37.67 -47.00
CA TYR AA 20 -42.27 -36.43 -46.58
C TYR AA 20 -42.79 -36.61 -45.19
N ASP AA 21 -42.40 -35.70 -44.29
CA ASP AA 21 -42.89 -35.74 -42.91
C ASP AA 21 -43.38 -34.37 -42.49
N VAL AA 22 -44.53 -34.35 -41.81
CA VAL AA 22 -45.14 -33.10 -41.34
C VAL AA 22 -44.21 -32.55 -40.22
N GLU AA 23 -44.02 -31.22 -40.27
CA GLU AA 23 -43.20 -30.58 -39.30
C GLU AA 23 -44.00 -30.06 -38.13
N LEU AA 24 -43.80 -30.62 -36.94
CA LEU AA 24 -44.39 -30.16 -35.70
C LEU AA 24 -43.28 -29.91 -34.70
N TYR AA 25 -43.04 -28.67 -34.34
CA TYR AA 25 -41.97 -28.32 -33.44
C TYR AA 25 -42.10 -28.90 -32.06
N GLY AA 26 -43.26 -28.69 -31.46
CA GLY AA 26 -43.54 -29.17 -30.12
C GLY AA 26 -44.48 -30.34 -29.99
N ALA AA 27 -45.01 -30.83 -31.12
CA ALA AA 27 -45.94 -31.96 -31.14
C ALA AA 27 -47.10 -31.68 -30.18
N GLU AA 28 -47.39 -32.63 -29.29
CA GLU AA 28 -48.44 -32.44 -28.29
C GLU AA 28 -49.81 -32.03 -28.80
N LYS AA 29 -50.43 -32.87 -29.62
CA LYS AA 29 -51.75 -32.59 -30.18
C LYS AA 29 -52.84 -32.46 -29.12
N LYS AA 30 -53.89 -31.70 -29.43
CA LYS AA 30 -55.00 -31.43 -28.51
C LYS AA 30 -55.78 -32.67 -28.08
N VAL AA 31 -56.33 -32.60 -26.87
CA VAL AA 31 -56.96 -33.75 -26.23
C VAL AA 31 -58.38 -34.00 -26.75
N GLN AA 32 -59.01 -33.01 -27.39
CA GLN AA 32 -60.38 -33.17 -27.89
C GLN AA 32 -61.31 -33.30 -26.69
N LEU AA 33 -61.91 -34.49 -26.50
CA LEU AA 33 -62.78 -34.78 -25.37
C LEU AA 33 -64.03 -33.90 -25.36
N PRO AA 34 -65.01 -34.20 -26.21
CA PRO AA 34 -66.26 -33.45 -26.23
C PRO AA 34 -66.99 -33.48 -24.89
N PHE AA 35 -67.90 -32.52 -24.74
CA PHE AA 35 -68.70 -32.39 -23.52
C PHE AA 35 -70.02 -33.12 -23.73
N VAL AA 36 -70.21 -34.21 -23.01
CA VAL AA 36 -71.47 -34.96 -23.03
C VAL AA 36 -72.24 -34.62 -21.76
N MET AA 37 -73.56 -34.54 -21.86
CA MET AA 37 -74.41 -34.29 -20.71
C MET AA 37 -75.40 -35.44 -20.57
N GLY AA 38 -75.24 -36.25 -19.53
CA GLY AA 38 -76.15 -37.35 -19.30
C GLY AA 38 -77.39 -36.87 -18.59
N VAL AA 39 -78.56 -37.24 -19.06
CA VAL AA 39 -79.80 -36.81 -18.45
C VAL AA 39 -80.62 -37.97 -17.93
N MET AA 40 -81.08 -37.88 -16.70
CA MET AA 40 -81.90 -38.92 -16.10
C MET AA 40 -83.28 -38.33 -15.86
N ALA AA 41 -84.32 -39.04 -16.26
CA ALA AA 41 -85.66 -38.50 -16.11
C ALA AA 41 -86.65 -39.65 -16.06
N ASP AA 42 -87.85 -39.36 -15.59
CA ASP AA 42 -88.92 -40.36 -15.55
C ASP AA 42 -89.71 -40.25 -16.84
N LEU AA 43 -89.59 -41.25 -17.70
CA LEU AA 43 -90.27 -41.27 -18.99
C LEU AA 43 -91.00 -42.60 -19.14
N ALA AA 44 -92.05 -42.60 -19.96
CA ALA AA 44 -92.93 -43.75 -20.13
C ALA AA 44 -93.51 -44.19 -18.79
N GLY AA 45 -94.08 -43.22 -18.09
CA GLY AA 45 -94.68 -43.48 -16.79
C GLY AA 45 -95.84 -44.45 -16.91
N LYS AA 46 -95.88 -45.47 -16.05
CA LYS AA 46 -96.88 -46.52 -16.07
C LYS AA 46 -96.92 -47.18 -17.46
N PRO AA 47 -95.87 -47.92 -17.83
CA PRO AA 47 -95.87 -48.59 -19.14
C PRO AA 47 -96.78 -49.80 -19.13
N ALA AA 48 -97.15 -50.24 -20.33
CA ALA AA 48 -98.04 -51.39 -20.48
C ALA AA 48 -97.35 -52.73 -20.33
N GLU AA 49 -96.04 -52.79 -20.51
CA GLU AA 49 -95.29 -54.04 -20.47
C GLU AA 49 -94.35 -53.96 -19.27
N PRO AA 50 -93.62 -55.03 -18.95
CA PRO AA 50 -92.54 -54.92 -17.94
C PRO AA 50 -91.47 -53.92 -18.31
N GLN AA 51 -91.42 -53.45 -19.55
CA GLN AA 51 -90.38 -52.56 -20.06
C GLN AA 51 -89.02 -53.27 -20.03
N ALA AA 52 -88.04 -52.69 -19.35
CA ALA AA 52 -86.71 -53.26 -19.35
C ALA AA 52 -86.14 -53.21 -17.95
N ALA AA 53 -85.37 -54.22 -17.60
CA ALA AA 53 -84.69 -54.24 -16.31
C ALA AA 53 -83.56 -53.22 -16.30
N VAL AA 54 -83.17 -52.82 -15.09
CA VAL AA 54 -82.08 -51.86 -14.93
C VAL AA 54 -80.78 -52.52 -15.37
N ALA AA 55 -79.80 -51.68 -15.71
CA ALA AA 55 -78.49 -52.06 -16.24
C ALA AA 55 -78.61 -52.48 -17.70
N ASP AA 56 -79.83 -52.76 -18.16
CA ASP AA 56 -80.10 -52.97 -19.58
C ASP AA 56 -80.66 -51.74 -20.27
N ARG AA 57 -80.92 -50.66 -19.54
CA ARG AA 57 -81.48 -49.46 -20.14
C ARG AA 57 -80.43 -48.59 -20.81
N LYS AA 58 -79.24 -48.52 -20.21
CA LYS AA 58 -78.17 -47.75 -20.81
C LYS AA 58 -78.51 -46.26 -20.88
N PHE AA 59 -77.74 -45.54 -21.68
CA PHE AA 59 -77.97 -44.13 -21.91
C PHE AA 59 -78.07 -44.02 -23.42
N LEU AA 60 -79.11 -43.39 -23.93
CA LEU AA 60 -79.30 -43.29 -25.37
C LEU AA 60 -79.09 -41.86 -25.83
N GLU AA 61 -78.24 -41.68 -26.83
CA GLU AA 61 -77.98 -40.34 -27.32
C GLU AA 61 -79.26 -39.77 -27.91
N ILE AA 62 -79.47 -38.49 -27.66
CA ILE AA 62 -80.65 -37.78 -28.12
C ILE AA 62 -80.20 -36.44 -28.72
N ASP AA 63 -81.00 -35.92 -29.62
CA ASP AA 63 -80.75 -34.68 -30.32
C ASP AA 63 -82.04 -34.27 -31.01
N VAL AA 64 -81.99 -33.22 -31.82
CA VAL AA 64 -83.16 -32.77 -32.53
C VAL AA 64 -83.51 -33.73 -33.66
N ASP AA 65 -82.59 -34.59 -34.08
CA ASP AA 65 -82.83 -35.48 -35.20
C ASP AA 65 -83.67 -36.68 -34.79
N ASN AA 66 -83.30 -37.36 -33.71
CA ASN AA 66 -83.95 -38.59 -33.29
C ASN AA 66 -84.99 -38.41 -32.22
N PHE AA 67 -85.29 -37.18 -31.84
CA PHE AA 67 -86.16 -36.92 -30.69
C PHE AA 67 -87.49 -37.65 -30.81
N ASP AA 68 -88.18 -37.45 -31.89
CA ASP AA 68 -89.43 -38.17 -32.14
C ASP AA 68 -89.21 -39.67 -32.25
N ALA AA 69 -88.07 -40.10 -32.76
CA ALA AA 69 -87.76 -41.52 -32.78
C ALA AA 69 -87.47 -42.02 -31.40
N ARG AA 70 -87.01 -41.16 -30.49
CA ARG AA 70 -86.81 -41.55 -29.10
C ARG AA 70 -88.16 -41.67 -28.37
N LEU AA 71 -89.12 -40.80 -28.66
CA LEU AA 71 -90.43 -40.98 -28.09
C LEU AA 71 -91.08 -42.25 -28.63
N LYS AA 72 -91.17 -42.37 -29.96
CA LYS AA 72 -91.82 -43.52 -30.54
C LYS AA 72 -91.15 -44.80 -30.16
N ALA AA 73 -89.84 -44.79 -29.99
CA ALA AA 73 -89.13 -45.98 -29.53
C ALA AA 73 -89.41 -46.26 -28.08
N MET AA 74 -89.47 -45.22 -27.25
CA MET AA 74 -89.68 -45.40 -25.82
C MET AA 74 -91.11 -45.66 -25.46
N LYS AA 75 -92.04 -45.26 -26.31
CA LYS AA 75 -93.49 -45.42 -26.12
C LYS AA 75 -93.99 -44.93 -24.76
N PRO AA 76 -93.84 -43.63 -24.46
CA PRO AA 76 -94.44 -43.10 -23.27
C PRO AA 76 -95.91 -43.12 -23.28
N ARG AA 77 -96.53 -43.63 -22.19
CA ARG AA 77 -97.99 -43.76 -22.20
C ARG AA 77 -98.56 -43.31 -20.89
N VAL AA 78 -99.86 -43.12 -20.83
CA VAL AA 78 -100.58 -42.69 -19.65
C VAL AA 78 -101.93 -43.30 -19.63
N ALA AA 79 -102.33 -43.85 -18.48
CA ALA AA 79 -103.64 -44.49 -18.33
C ALA AA 79 -104.21 -44.07 -17.00
N PHE AA 80 -105.39 -43.43 -17.00
CA PHE AA 80 -106.06 -43.06 -15.80
C PHE AA 80 -107.50 -42.83 -16.01
N ASN AA 81 -108.28 -42.82 -14.91
CA ASN AA 81 -109.73 -42.52 -14.96
C ASN AA 81 -109.91 -41.04 -14.80
N VAL AA 82 -110.86 -40.50 -15.56
CA VAL AA 82 -111.13 -39.05 -15.48
C VAL AA 82 -112.64 -38.88 -15.54
N PRO AA 83 -113.21 -37.94 -14.79
CA PRO AA 83 -114.66 -37.72 -14.86
C PRO AA 83 -115.10 -37.41 -16.28
N ASN AA 84 -116.24 -37.98 -16.64
CA ASN AA 84 -116.77 -37.81 -18.01
C ASN AA 84 -117.79 -36.67 -17.96
N VAL AA 85 -117.44 -35.54 -18.57
CA VAL AA 85 -118.36 -34.42 -18.61
C VAL AA 85 -119.26 -34.45 -19.84
N LEU AA 86 -118.94 -35.32 -20.81
CA LEU AA 86 -119.74 -35.37 -22.03
C LEU AA 86 -121.19 -35.81 -21.86
N THR AA 87 -121.42 -36.90 -21.12
CA THR AA 87 -122.78 -37.40 -20.91
C THR AA 87 -123.05 -37.96 -19.51
N GLY AA 88 -122.89 -37.13 -18.46
CA GLY AA 88 -123.13 -37.59 -17.10
C GLY AA 88 -122.25 -38.80 -16.81
N GLU AA 89 -122.85 -39.88 -16.31
CA GLU AA 89 -122.05 -41.10 -16.09
C GLU AA 89 -121.10 -40.86 -14.91
N GLY AA 90 -119.80 -41.00 -15.10
CA GLY AA 90 -118.84 -41.11 -14.03
C GLY AA 90 -117.45 -41.09 -14.74
N ASN AA 91 -116.46 -41.61 -14.00
CA ASN AA 91 -115.14 -41.71 -14.47
C ASN AA 91 -115.07 -42.35 -15.87
N LEU AA 92 -114.21 -41.77 -16.72
CA LEU AA 92 -113.90 -42.31 -18.02
C LEU AA 92 -112.43 -42.74 -18.08
N SER AA 93 -112.20 -44.03 -18.23
CA SER AA 93 -110.84 -44.56 -18.34
C SER AA 93 -110.30 -44.38 -19.70
N LEU AA 94 -109.17 -43.66 -19.82
CA LEU AA 94 -108.54 -43.40 -21.12
C LEU AA 94 -107.16 -43.99 -21.13
N ASP AA 95 -106.75 -44.52 -22.28
CA ASP AA 95 -105.42 -45.09 -22.42
C ASP AA 95 -104.76 -44.33 -23.56
N ILE AA 96 -103.65 -43.66 -23.25
CA ILE AA 96 -102.95 -42.90 -24.26
C ILE AA 96 -101.45 -43.18 -24.31
N THR AA 97 -100.95 -43.43 -25.51
CA THR AA 97 -99.52 -43.64 -25.69
C THR AA 97 -99.04 -42.59 -26.71
N PHE AA 98 -98.09 -41.76 -26.30
CA PHE AA 98 -97.69 -40.64 -27.11
C PHE AA 98 -96.47 -41.04 -27.96
N GLU AA 99 -96.66 -41.04 -29.27
CA GLU AA 99 -95.61 -41.40 -30.21
C GLU AA 99 -94.88 -40.22 -30.83
N SER AA 100 -95.23 -39.00 -30.44
CA SER AA 100 -94.55 -37.82 -31.03
C SER AA 100 -94.75 -36.65 -30.11
N MET AA 101 -93.91 -35.64 -30.25
CA MET AA 101 -94.02 -34.47 -29.38
C MET AA 101 -95.28 -33.69 -29.62
N ASP AA 102 -95.90 -33.94 -30.76
CA ASP AA 102 -97.16 -33.29 -31.11
C ASP AA 102 -98.36 -34.01 -30.45
N ASP AA 103 -98.11 -35.19 -29.88
CA ASP AA 103 -99.19 -35.94 -29.26
C ASP AA 103 -99.53 -35.43 -27.89
N PHE AA 104 -98.79 -34.48 -27.33
CA PHE AA 104 -99.16 -33.82 -26.12
C PHE AA 104 -100.06 -32.61 -26.35
N SER AA 105 -100.22 -32.20 -27.60
CA SER AA 105 -101.14 -31.10 -27.91
C SER AA 105 -102.57 -31.55 -27.69
N PRO AA 106 -103.47 -30.61 -27.38
CA PRO AA 106 -104.85 -31.03 -27.04
C PRO AA 106 -105.57 -31.65 -28.27
N ALA AA 107 -105.26 -31.25 -29.47
CA ALA AA 107 -105.85 -31.85 -30.64
C ALA AA 107 -105.54 -33.32 -30.74
N ALA AA 108 -104.27 -33.67 -30.65
CA ALA AA 108 -103.84 -35.07 -30.70
C ALA AA 108 -104.36 -35.85 -29.52
N VAL AA 109 -104.44 -35.22 -28.35
CA VAL AA 109 -105.06 -35.86 -27.19
C VAL AA 109 -106.48 -36.24 -27.52
N ALA AA 110 -107.22 -35.34 -28.15
CA ALA AA 110 -108.60 -35.63 -28.52
C ALA AA 110 -108.66 -36.74 -29.59
N ARG AA 111 -107.70 -36.76 -30.50
CA ARG AA 111 -107.71 -37.78 -31.54
C ARG AA 111 -107.38 -39.16 -31.01
N LYS AA 112 -106.61 -39.23 -29.89
CA LYS AA 112 -106.23 -40.53 -29.37
C LYS AA 112 -107.34 -41.17 -28.56
N VAL AA 113 -108.04 -40.40 -27.73
CA VAL AA 113 -109.18 -40.97 -27.01
C VAL AA 113 -110.30 -41.20 -28.04
N ASP AA 114 -110.85 -42.44 -28.02
CA ASP AA 114 -111.73 -42.85 -29.12
C ASP AA 114 -113.07 -42.06 -29.11
N SER AA 115 -113.64 -41.85 -27.92
CA SER AA 115 -114.85 -41.08 -27.83
C SER AA 115 -114.63 -39.65 -28.34
N LEU AA 116 -113.65 -38.97 -27.77
CA LEU AA 116 -113.29 -37.63 -28.25
C LEU AA 116 -112.90 -37.65 -29.71
N ASN AA 117 -112.41 -38.78 -30.23
CA ASN AA 117 -112.16 -38.89 -31.65
C ASN AA 117 -113.45 -38.85 -32.43
N LYS AA 118 -114.49 -39.54 -31.94
CA LYS AA 118 -115.78 -39.53 -32.63
C LYS AA 118 -116.39 -38.13 -32.58
N LEU AA 119 -116.30 -37.45 -31.43
CA LEU AA 119 -116.82 -36.11 -31.36
C LEU AA 119 -116.05 -35.13 -32.23
N LEU AA 120 -114.73 -35.23 -32.23
CA LEU AA 120 -113.93 -34.34 -33.06
C LEU AA 120 -114.20 -34.58 -34.54
N GLU AA 121 -114.35 -35.86 -34.95
CA GLU AA 121 -114.69 -36.13 -36.33
C GLU AA 121 -116.08 -35.57 -36.66
N ALA AA 122 -117.01 -35.64 -35.71
CA ALA AA 122 -118.31 -35.03 -35.91
C ALA AA 122 -118.18 -33.54 -36.16
N ARG AA 123 -117.31 -32.88 -35.39
CA ARG AA 123 -117.14 -31.45 -35.56
C ARG AA 123 -116.49 -31.11 -36.92
N THR AA 124 -115.51 -31.92 -37.34
CA THR AA 124 -114.90 -31.64 -38.62
C THR AA 124 -115.85 -31.92 -39.77
N GLN AA 125 -116.77 -32.87 -39.60
CA GLN AA 125 -117.74 -33.15 -40.64
C GLN AA 125 -118.80 -32.05 -40.71
N LEU AA 126 -119.17 -31.47 -39.57
CA LEU AA 126 -120.17 -30.40 -39.59
C LEU AA 126 -119.55 -29.09 -40.05
N ALA AA 127 -118.38 -28.75 -39.55
CA ALA AA 127 -117.70 -27.51 -39.98
C ALA AA 127 -117.27 -27.61 -41.44
N ASN AA 128 -116.89 -28.81 -41.89
CA ASN AA 128 -116.64 -29.03 -43.29
C ASN AA 128 -117.94 -29.10 -44.08
N LEU AA 129 -119.08 -29.33 -43.41
CA LEU AA 129 -120.36 -29.38 -44.08
C LEU AA 129 -120.90 -27.97 -44.32
N LEU AA 130 -120.73 -27.06 -43.36
CA LEU AA 130 -121.22 -25.70 -43.52
C LEU AA 130 -120.54 -25.00 -44.68
N THR AA 131 -119.31 -25.40 -45.00
CA THR AA 131 -118.60 -24.85 -46.15
C THR AA 131 -118.67 -25.88 -47.29
N TYR AA 132 -119.52 -25.59 -48.28
CA TYR AA 132 -119.69 -26.41 -49.47
C TYR AA 132 -119.50 -27.92 -49.27
N ARG BA 1 -144.05 2.62 -62.00
CA ARG BA 1 -144.62 2.57 -60.60
C ARG BA 1 -144.22 1.22 -59.97
N GLU BA 2 -145.22 0.35 -59.85
CA GLU BA 2 -145.04 -1.01 -59.38
C GLU BA 2 -144.84 -1.97 -60.58
N ALA BA 3 -145.02 -1.47 -61.80
CA ALA BA 3 -144.81 -2.33 -62.96
C ALA BA 3 -143.31 -2.71 -63.12
N VAL BA 4 -142.42 -1.73 -62.89
CA VAL BA 4 -141.00 -2.06 -62.91
C VAL BA 4 -140.67 -3.04 -61.78
N GLU BA 5 -141.39 -2.95 -60.65
CA GLU BA 5 -141.17 -3.91 -59.58
C GLU BA 5 -141.61 -5.32 -59.99
N THR BA 6 -142.63 -5.42 -60.83
CA THR BA 6 -143.02 -6.73 -61.34
C THR BA 6 -142.02 -7.26 -62.36
N ALA BA 7 -141.47 -6.36 -63.19
CA ALA BA 7 -140.49 -6.79 -64.17
C ALA BA 7 -139.20 -7.29 -63.48
N VAL BA 8 -138.72 -6.54 -62.47
CA VAL BA 8 -137.57 -7.02 -61.74
C VAL BA 8 -137.93 -8.18 -60.81
N ARG BA 9 -139.22 -8.36 -60.51
CA ARG BA 9 -139.63 -9.54 -59.78
C ARG BA 9 -139.45 -10.79 -60.65
N THR BA 10 -140.04 -10.79 -61.85
CA THR BA 10 -139.93 -11.95 -62.71
C THR BA 10 -138.49 -12.19 -63.14
N LEU BA 11 -137.78 -11.11 -63.53
CA LEU BA 11 -136.41 -11.26 -63.95
C LEU BA 11 -135.51 -11.74 -62.81
N ALA BA 12 -135.61 -11.09 -61.64
CA ALA BA 12 -134.73 -11.41 -60.53
C ALA BA 12 -134.99 -12.82 -60.02
N GLU BA 13 -136.25 -13.20 -59.87
CA GLU BA 13 -136.56 -14.54 -59.39
C GLU BA 13 -136.14 -15.60 -60.42
N HIS BA 14 -136.62 -15.45 -61.67
CA HIS BA 14 -136.34 -16.45 -62.69
C HIS BA 14 -134.83 -16.64 -62.87
N ALA BA 15 -134.10 -15.53 -62.99
CA ALA BA 15 -132.66 -15.64 -63.14
C ALA BA 15 -132.02 -16.24 -61.89
N LEU BA 16 -132.47 -15.80 -60.71
CA LEU BA 16 -131.80 -16.18 -59.47
C LEU BA 16 -131.93 -17.65 -59.11
N GLU BA 17 -133.15 -18.18 -59.08
CA GLU BA 17 -133.37 -19.55 -58.63
C GLU BA 17 -133.58 -20.64 -59.68
N GLN BA 18 -133.57 -20.31 -60.97
CA GLN BA 18 -133.87 -21.32 -62.00
C GLN BA 18 -132.95 -22.54 -62.08
N THR BA 19 -131.66 -22.33 -61.88
CA THR BA 19 -130.64 -23.35 -62.02
C THR BA 19 -129.61 -23.26 -60.91
N SER BA 20 -128.83 -22.17 -60.90
CA SER BA 20 -127.74 -22.03 -59.95
C SER BA 20 -128.28 -21.74 -58.56
N LEU BA 21 -127.35 -21.53 -57.62
CA LEU BA 21 -127.67 -21.25 -56.22
C LEU BA 21 -128.52 -22.39 -55.63
N ILE BA 22 -128.00 -23.60 -55.77
CA ILE BA 22 -128.76 -24.79 -55.38
C ILE BA 22 -128.98 -24.79 -53.87
N SER BA 23 -130.24 -24.88 -53.47
CA SER BA 23 -130.68 -25.01 -52.08
C SER BA 23 -130.41 -23.75 -51.27
N ASN BA 24 -129.57 -22.86 -51.79
CA ASN BA 24 -129.24 -21.58 -51.15
C ASN BA 24 -128.90 -21.75 -49.67
N ASP BA 25 -129.43 -20.86 -48.83
CA ASP BA 25 -129.35 -21.00 -47.39
C ASP BA 25 -130.51 -20.23 -46.76
N ALA BA 26 -130.94 -20.69 -45.58
CA ALA BA 26 -132.00 -20.01 -44.85
C ALA BA 26 -131.52 -19.62 -43.46
N ILE BA 27 -131.42 -20.60 -42.57
CA ILE BA 27 -130.90 -20.39 -41.23
C ILE BA 27 -129.62 -21.23 -41.13
N LYS BA 28 -128.48 -20.54 -41.09
CA LYS BA 28 -127.20 -21.21 -40.88
C LYS BA 28 -126.79 -21.23 -39.41
N SER BA 29 -127.61 -20.66 -38.53
CA SER BA 29 -127.33 -20.67 -37.10
C SER BA 29 -127.43 -22.06 -36.50
N ILE BA 30 -127.92 -23.05 -37.25
CA ILE BA 30 -127.93 -24.43 -36.77
C ILE BA 30 -126.51 -24.95 -36.62
N GLU BA 31 -125.55 -24.35 -37.33
CA GLU BA 31 -124.15 -24.72 -37.20
C GLU BA 31 -123.54 -24.23 -35.90
N SER BA 32 -124.26 -23.45 -35.10
CA SER BA 32 -123.80 -23.07 -33.77
C SER BA 32 -123.71 -24.27 -32.84
N ILE BA 33 -124.21 -25.44 -33.25
CA ILE BA 33 -124.02 -26.66 -32.48
C ILE BA 33 -122.53 -26.99 -32.38
N ILE BA 34 -121.79 -26.57 -33.41
CA ILE BA 34 -120.35 -26.77 -33.31
C ILE BA 34 -119.81 -26.01 -32.10
N ALA BA 35 -120.44 -24.91 -31.70
CA ALA BA 35 -120.02 -24.22 -30.49
C ALA BA 35 -120.24 -25.10 -29.26
N ALA BA 36 -121.35 -25.84 -29.22
CA ALA BA 36 -121.63 -26.71 -28.08
C ALA BA 36 -120.72 -27.95 -28.12
N LEU BA 37 -120.50 -28.51 -29.31
CA LEU BA 37 -119.64 -29.67 -29.44
C LEU BA 37 -118.20 -29.31 -29.01
N ASP BA 38 -117.72 -28.17 -29.50
CA ASP BA 38 -116.39 -27.68 -29.17
C ASP BA 38 -116.34 -27.41 -27.68
N ALA BA 39 -117.42 -26.86 -27.13
CA ALA BA 39 -117.45 -26.57 -25.72
C ALA BA 39 -117.30 -27.84 -24.90
N LYS BA 40 -117.94 -28.92 -25.33
CA LYS BA 40 -117.78 -30.20 -24.66
C LYS BA 40 -116.38 -30.72 -24.80
N LEU BA 41 -115.76 -30.53 -25.96
CA LEU BA 41 -114.37 -30.97 -26.14
C LEU BA 41 -113.41 -30.14 -25.28
N THR BA 42 -113.70 -28.88 -25.04
CA THR BA 42 -112.90 -28.13 -24.08
C THR BA 42 -113.10 -28.62 -22.67
N ALA BA 43 -114.34 -28.91 -22.30
CA ALA BA 43 -114.62 -29.37 -20.95
C ALA BA 43 -113.94 -30.72 -20.70
N GLN BA 44 -113.89 -31.58 -21.71
CA GLN BA 44 -113.26 -32.87 -21.51
C GLN BA 44 -111.74 -32.80 -21.60
N VAL BA 45 -111.21 -32.12 -22.63
CA VAL BA 45 -109.77 -32.08 -22.84
C VAL BA 45 -109.11 -31.30 -21.72
N ASN BA 46 -109.81 -30.34 -21.12
CA ASN BA 46 -109.26 -29.71 -19.91
C ASN BA 46 -108.99 -30.75 -18.84
N LEU BA 47 -109.92 -31.65 -18.60
CA LEU BA 47 -109.71 -32.68 -17.58
C LEU BA 47 -108.69 -33.70 -17.98
N ILE BA 48 -108.60 -34.06 -19.25
CA ILE BA 48 -107.64 -35.06 -19.69
C ILE BA 48 -106.23 -34.51 -19.57
N MET BA 49 -106.03 -33.25 -20.00
CA MET BA 49 -104.69 -32.68 -20.02
C MET BA 49 -104.25 -32.22 -18.63
N HIS BA 50 -105.16 -31.77 -17.79
CA HIS BA 50 -104.81 -31.22 -16.49
C HIS BA 50 -104.71 -32.27 -15.40
N HIS BA 51 -104.88 -33.56 -15.73
CA HIS BA 51 -104.72 -34.60 -14.74
C HIS BA 51 -103.29 -34.68 -14.27
N ALA BA 52 -103.10 -35.21 -13.06
CA ALA BA 52 -101.78 -35.26 -12.47
C ALA BA 52 -100.83 -36.09 -13.34
N ASP BA 53 -101.31 -37.21 -13.90
CA ASP BA 53 -100.48 -38.06 -14.70
C ASP BA 53 -100.06 -37.37 -15.99
N PHE BA 54 -101.02 -36.84 -16.73
CA PHE BA 54 -100.70 -36.16 -17.99
C PHE BA 54 -99.84 -34.95 -17.76
N GLN BA 55 -100.03 -34.24 -16.64
CA GLN BA 55 -99.17 -33.10 -16.34
C GLN BA 55 -97.76 -33.54 -16.00
N GLN BA 56 -97.62 -34.69 -15.36
CA GLN BA 56 -96.28 -35.18 -15.01
C GLN BA 56 -95.52 -35.63 -16.23
N LEU BA 57 -96.14 -36.48 -17.05
CA LEU BA 57 -95.48 -36.91 -18.29
C LEU BA 57 -95.23 -35.75 -19.25
N GLU BA 58 -96.25 -34.93 -19.45
CA GLU BA 58 -96.13 -33.74 -20.29
C GLU BA 58 -95.02 -32.88 -19.84
N SER BA 59 -94.87 -32.69 -18.52
CA SER BA 59 -93.78 -31.85 -18.00
C SER BA 59 -92.45 -32.50 -18.21
N ALA BA 60 -92.38 -33.81 -18.11
CA ALA BA 60 -91.12 -34.52 -18.33
C ALA BA 60 -90.64 -34.39 -19.77
N TRP BA 61 -91.45 -34.80 -20.70
CA TRP BA 61 -91.09 -34.72 -22.12
C TRP BA 61 -90.97 -33.29 -22.60
N ARG BA 62 -91.73 -32.39 -22.01
CA ARG BA 62 -91.66 -30.98 -22.39
C ARG BA 62 -90.39 -30.36 -21.91
N GLY BA 63 -89.95 -30.71 -20.72
CA GLY BA 63 -88.65 -30.25 -20.23
C GLY BA 63 -87.51 -30.82 -21.02
N LEU BA 64 -87.55 -32.11 -21.27
CA LEU BA 64 -86.51 -32.75 -22.10
C LEU BA 64 -86.47 -32.14 -23.48
N HIS BA 65 -87.62 -31.88 -24.07
CA HIS BA 65 -87.68 -31.22 -25.37
C HIS BA 65 -87.10 -29.85 -25.32
N TYR BA 66 -87.37 -29.10 -24.26
CA TYR BA 66 -86.72 -27.81 -24.09
C TYR BA 66 -85.25 -27.94 -24.05
N LEU BA 67 -84.72 -28.92 -23.36
CA LEU BA 67 -83.27 -29.11 -23.28
C LEU BA 67 -82.70 -29.46 -24.60
N VAL BA 68 -83.39 -30.27 -25.38
CA VAL BA 68 -82.86 -30.76 -26.67
C VAL BA 68 -82.86 -29.63 -27.69
N ASN BA 69 -84.00 -28.96 -27.86
CA ASN BA 69 -84.16 -27.96 -28.91
C ASN BA 69 -83.34 -26.75 -28.66
N ASN BA 70 -83.14 -26.37 -27.43
CA ASN BA 70 -82.36 -25.17 -27.09
C ASN BA 70 -80.90 -25.41 -26.98
N THR BA 71 -80.45 -26.64 -27.24
CA THR BA 71 -79.02 -26.99 -27.22
C THR BA 71 -78.51 -27.14 -28.65
N GLU BA 72 -77.33 -26.62 -28.92
CA GLU BA 72 -76.70 -26.74 -30.21
C GLU BA 72 -75.80 -27.97 -30.14
N THR BA 73 -76.26 -29.07 -30.71
CA THR BA 73 -75.56 -30.33 -30.61
C THR BA 73 -74.74 -30.63 -31.85
N ASP BA 74 -73.51 -31.04 -31.60
CA ASP BA 74 -72.57 -31.41 -32.62
C ASP BA 74 -71.63 -32.47 -32.08
N GLU BA 75 -70.44 -32.53 -32.65
CA GLU BA 75 -69.45 -33.50 -32.22
C GLU BA 75 -69.11 -33.25 -30.77
N GLN BA 76 -68.95 -31.98 -30.41
CA GLN BA 76 -68.63 -31.56 -29.04
C GLN BA 76 -69.72 -31.73 -27.97
N LEU BA 77 -70.96 -31.43 -28.31
CA LEU BA 77 -72.08 -31.51 -27.38
C LEU BA 77 -72.91 -32.72 -27.70
N LYS BA 78 -73.19 -33.53 -26.70
CA LYS BA 78 -74.08 -34.62 -26.74
C LYS BA 78 -75.05 -34.59 -25.57
N ILE BA 79 -76.17 -35.24 -25.69
CA ILE BA 79 -77.15 -35.38 -24.68
C ILE BA 79 -77.59 -36.83 -24.68
N ARG BA 80 -77.34 -37.56 -23.59
CA ARG BA 80 -77.74 -38.90 -23.41
C ARG BA 80 -78.77 -39.04 -22.36
N VAL BA 81 -79.89 -39.59 -22.66
CA VAL BA 81 -81.05 -39.74 -21.72
C VAL BA 81 -81.12 -41.15 -21.20
N LEU BA 82 -81.37 -41.34 -19.94
CA LEU BA 82 -81.73 -42.58 -19.30
C LEU BA 82 -83.05 -42.51 -18.62
N ASN BA 83 -84.03 -43.30 -19.06
CA ASN BA 83 -85.33 -43.19 -18.43
C ASN BA 83 -85.40 -44.12 -17.25
N ILE BA 84 -85.46 -43.50 -16.09
CA ILE BA 84 -85.51 -44.21 -14.85
C ILE BA 84 -86.32 -43.38 -13.86
N SER BA 85 -87.38 -43.98 -13.32
CA SER BA 85 -88.20 -43.25 -12.36
C SER BA 85 -87.44 -43.08 -11.09
N LYS BA 86 -87.87 -42.08 -10.32
CA LYS BA 86 -87.22 -41.80 -9.03
C LYS BA 86 -87.30 -43.01 -8.10
N PRO BA 87 -88.42 -43.74 -7.99
CA PRO BA 87 -88.43 -44.95 -7.27
C PRO BA 87 -87.46 -46.03 -7.72
N GLU BA 88 -87.27 -46.14 -9.02
CA GLU BA 88 -86.31 -47.14 -9.56
C GLU BA 88 -84.90 -46.73 -9.28
N LEU BA 89 -84.62 -45.43 -9.39
CA LEU BA 89 -83.26 -44.95 -9.08
C LEU BA 89 -82.95 -45.12 -7.62
N HIS BA 90 -83.87 -44.75 -6.74
CA HIS BA 90 -83.65 -44.96 -5.31
C HIS BA 90 -83.58 -46.43 -4.98
N LYS BA 91 -84.28 -47.28 -5.73
CA LYS BA 91 -84.25 -48.71 -5.47
C LYS BA 91 -82.89 -49.28 -5.83
N THR BA 92 -82.43 -49.06 -7.06
CA THR BA 92 -81.16 -49.63 -7.50
C THR BA 92 -80.00 -49.03 -6.76
N LEU BA 93 -80.10 -47.77 -6.37
CA LEU BA 93 -79.05 -47.17 -5.54
C LEU BA 93 -79.16 -47.61 -4.10
N LYS BA 94 -80.30 -48.13 -3.68
CA LYS BA 94 -80.44 -48.69 -2.35
C LYS BA 94 -79.90 -50.11 -2.28
N LYS BA 95 -80.02 -50.89 -3.35
CA LYS BA 95 -79.46 -52.24 -3.38
C LYS BA 95 -78.00 -52.24 -3.12
N PHE BA 96 -77.28 -51.30 -3.67
CA PHE BA 96 -75.80 -51.20 -3.51
C PHE BA 96 -75.52 -49.96 -2.70
N LYS BA 97 -75.12 -50.14 -1.46
CA LYS BA 97 -74.83 -49.01 -0.58
C LYS BA 97 -73.64 -49.44 0.32
N GLY BA 98 -72.96 -48.44 0.83
CA GLY BA 98 -71.76 -48.76 1.56
C GLY BA 98 -70.67 -49.32 0.72
N THR BA 99 -70.17 -50.50 0.96
CA THR BA 99 -69.07 -51.06 0.21
C THR BA 99 -69.48 -51.31 -1.24
N THR BA 100 -70.70 -51.86 -1.44
CA THR BA 100 -71.01 -52.35 -2.78
C THR BA 100 -71.33 -51.22 -3.75
N TRP BA 101 -71.31 -49.96 -3.31
CA TRP BA 101 -71.67 -48.85 -4.20
C TRP BA 101 -70.85 -48.78 -5.43
N ASP BA 102 -69.59 -49.23 -5.37
CA ASP BA 102 -68.72 -49.26 -6.56
C ASP BA 102 -69.29 -50.12 -7.64
N GLN BA 103 -70.19 -51.05 -7.34
CA GLN BA 103 -70.89 -51.89 -8.28
C GLN BA 103 -72.33 -51.53 -8.24
N SER BA 104 -72.82 -50.90 -9.28
CA SER BA 104 -74.23 -50.48 -9.45
C SER BA 104 -74.53 -50.28 -10.90
N PRO BA 105 -75.76 -50.40 -11.31
CA PRO BA 105 -76.12 -50.17 -12.71
C PRO BA 105 -75.78 -48.72 -13.11
N ILE BA 106 -76.07 -47.79 -12.21
CA ILE BA 106 -75.86 -46.37 -12.39
C ILE BA 106 -74.41 -46.03 -12.37
N PHE BA 107 -73.65 -46.60 -11.46
CA PHE BA 107 -72.21 -46.36 -11.42
C PHE BA 107 -71.51 -47.02 -12.59
N LYS BA 108 -71.95 -48.21 -13.00
CA LYS BA 108 -71.39 -48.83 -14.17
C LYS BA 108 -71.55 -47.91 -15.38
N LYS BA 109 -72.78 -47.47 -15.66
CA LYS BA 109 -73.05 -46.63 -16.80
C LYS BA 109 -72.31 -45.34 -16.73
N LEU BA 110 -72.37 -44.65 -15.61
CA LEU BA 110 -71.83 -43.31 -15.52
C LEU BA 110 -70.34 -43.28 -15.47
N TYR BA 111 -69.74 -44.21 -14.73
CA TYR BA 111 -68.28 -44.24 -14.52
C TYR BA 111 -67.51 -45.24 -15.31
N GLU BA 112 -67.96 -46.48 -15.40
CA GLU BA 112 -67.16 -47.56 -15.94
C GLU BA 112 -67.19 -47.40 -17.45
N GLU BA 113 -68.36 -47.42 -18.06
CA GLU BA 113 -68.45 -47.44 -19.49
C GLU BA 113 -67.99 -46.19 -20.18
N GLU BA 114 -67.75 -45.12 -19.46
CA GLU BA 114 -67.42 -43.84 -20.08
C GLU BA 114 -66.19 -43.20 -19.47
N TYR BA 115 -66.26 -42.78 -18.23
CA TYR BA 115 -65.11 -42.17 -17.59
C TYR BA 115 -64.07 -43.16 -17.26
N GLY BA 116 -64.42 -44.40 -17.03
CA GLY BA 116 -63.44 -45.44 -16.73
C GLY BA 116 -62.98 -46.15 -17.96
N GLN BA 117 -63.78 -46.16 -19.01
CA GLN BA 117 -63.42 -46.86 -20.24
C GLN BA 117 -62.29 -46.20 -21.02
N PHE BA 118 -61.50 -47.00 -21.76
CA PHE BA 118 -60.44 -46.40 -22.56
C PHE BA 118 -61.04 -45.81 -23.84
N GLY BA 119 -60.83 -44.52 -24.05
CA GLY BA 119 -61.41 -43.85 -25.21
C GLY BA 119 -62.91 -43.66 -25.12
N GLY BA 120 -63.42 -43.34 -23.94
CA GLY BA 120 -64.83 -43.10 -23.74
C GLY BA 120 -65.13 -41.61 -23.54
N GLU BA 121 -66.35 -41.35 -23.09
CA GLU BA 121 -66.78 -39.96 -22.87
C GLU BA 121 -66.92 -39.70 -21.38
N PRO BA 122 -66.12 -38.81 -20.80
CA PRO BA 122 -66.14 -38.59 -19.34
C PRO BA 122 -67.46 -38.07 -18.79
N TYR BA 123 -68.46 -37.83 -19.64
CA TYR BA 123 -69.86 -37.58 -19.29
C TYR BA 123 -70.20 -36.19 -18.77
N GLY BA 124 -69.22 -35.31 -18.60
CA GLY BA 124 -69.54 -33.91 -18.38
C GLY BA 124 -70.41 -33.64 -17.17
N CYS BA 125 -71.59 -33.08 -17.40
CA CYS BA 125 -72.55 -32.76 -16.36
C CYS BA 125 -73.75 -33.70 -16.45
N LEU BA 126 -74.40 -33.91 -15.30
CA LEU BA 126 -75.55 -34.79 -15.20
C LEU BA 126 -76.76 -33.99 -14.76
N VAL BA 127 -77.93 -34.30 -15.30
CA VAL BA 127 -79.13 -33.57 -14.93
C VAL BA 127 -80.18 -34.51 -14.37
N GLY BA 128 -80.56 -34.30 -13.12
CA GLY BA 128 -81.53 -35.16 -12.49
C GLY BA 128 -82.98 -35.22 -12.94
N ASP BA 129 -83.59 -34.07 -13.19
CA ASP BA 129 -85.01 -33.97 -13.54
C ASP BA 129 -85.94 -34.62 -12.49
N TYR BA 130 -85.60 -34.43 -11.22
CA TYR BA 130 -86.36 -34.98 -10.10
C TYR BA 130 -86.56 -33.92 -9.04
N TYR BA 131 -87.58 -34.09 -8.21
CA TYR BA 131 -87.85 -33.16 -7.13
C TYR BA 131 -87.50 -33.81 -5.81
N PHE BA 132 -86.44 -33.35 -5.17
CA PHE BA 132 -85.92 -33.92 -3.96
C PHE BA 132 -86.31 -33.10 -2.73
N ASP BA 133 -86.95 -33.72 -1.74
CA ASP BA 133 -87.26 -33.13 -0.47
C ASP BA 133 -86.34 -33.67 0.60
N GLN BA 134 -86.54 -33.26 1.85
CA GLN BA 134 -85.72 -33.71 2.96
C GLN BA 134 -86.04 -35.12 3.47
N SER BA 135 -86.98 -35.82 2.85
CA SER BA 135 -87.36 -37.15 3.26
C SER BA 135 -86.22 -38.09 3.30
N PRO BA 136 -86.29 -39.17 4.11
CA PRO BA 136 -85.18 -40.13 4.19
C PRO BA 136 -84.80 -40.70 2.81
N PRO BA 137 -85.79 -41.13 1.98
CA PRO BA 137 -85.40 -41.70 0.70
C PRO BA 137 -84.68 -40.70 -0.22
N ASP BA 138 -85.07 -39.44 -0.21
CA ASP BA 138 -84.45 -38.45 -1.05
C ASP BA 138 -83.07 -38.06 -0.53
N VAL BA 139 -82.86 -38.11 0.79
CA VAL BA 139 -81.56 -37.87 1.33
C VAL BA 139 -80.63 -39.03 0.98
N GLU BA 140 -81.14 -40.24 0.97
CA GLU BA 140 -80.34 -41.38 0.52
C GLU BA 140 -79.99 -41.26 -0.94
N LEU BA 141 -80.97 -40.93 -1.77
CA LEU BA 141 -80.71 -40.80 -3.20
C LEU BA 141 -79.71 -39.71 -3.49
N LEU BA 142 -79.81 -38.59 -2.80
CA LEU BA 142 -78.82 -37.52 -2.99
C LEU BA 142 -77.46 -37.91 -2.47
N GLY BA 143 -77.41 -38.67 -1.38
CA GLY BA 143 -76.11 -39.13 -0.90
C GLY BA 143 -75.41 -40.01 -1.92
N GLU BA 144 -76.16 -40.96 -2.48
CA GLU BA 144 -75.59 -41.90 -3.42
C GLU BA 144 -75.20 -41.19 -4.73
N MET BA 145 -76.11 -40.42 -5.30
CA MET BA 145 -75.80 -39.68 -6.51
C MET BA 145 -74.66 -38.70 -6.30
N ALA BA 146 -74.46 -38.25 -5.05
CA ALA BA 146 -73.30 -37.43 -4.76
C ALA BA 146 -72.04 -38.26 -4.74
N LYS BA 147 -72.12 -39.52 -4.31
CA LYS BA 147 -70.96 -40.41 -4.39
C LYS BA 147 -70.59 -40.68 -5.83
N ILE BA 148 -71.55 -41.08 -6.65
CA ILE BA 148 -71.28 -41.35 -8.06
C ILE BA 148 -70.77 -40.13 -8.76
N SER BA 149 -71.56 -39.06 -8.74
CA SER BA 149 -71.18 -37.82 -9.40
C SER BA 149 -69.87 -37.30 -8.91
N ALA BA 150 -69.54 -37.54 -7.66
CA ALA BA 150 -68.23 -37.13 -7.13
C ALA BA 150 -67.16 -37.98 -7.67
N ALA BA 151 -67.41 -39.27 -7.90
CA ALA BA 151 -66.38 -40.19 -8.40
C ALA BA 151 -66.07 -39.91 -9.84
N MET BA 152 -67.08 -39.66 -10.66
CA MET BA 152 -66.92 -39.40 -12.08
C MET BA 152 -66.64 -37.96 -12.40
N HIS BA 153 -66.61 -37.07 -11.41
CA HIS BA 153 -66.42 -35.63 -11.62
C HIS BA 153 -67.49 -35.06 -12.52
N ALA BA 154 -68.75 -35.36 -12.25
CA ALA BA 154 -69.87 -34.94 -13.07
C ALA BA 154 -70.95 -34.35 -12.20
N PRO BA 155 -70.91 -33.01 -11.94
CA PRO BA 155 -71.90 -32.39 -11.10
C PRO BA 155 -73.31 -32.80 -11.38
N PHE BA 156 -74.09 -33.09 -10.35
CA PHE BA 156 -75.47 -33.51 -10.46
C PHE BA 156 -76.37 -32.29 -10.29
N ILE BA 157 -77.31 -32.10 -11.21
CA ILE BA 157 -78.21 -30.96 -11.21
C ILE BA 157 -79.64 -31.49 -11.20
N SER BA 158 -80.46 -31.03 -10.30
CA SER BA 158 -81.85 -31.39 -10.24
C SER BA 158 -82.64 -30.28 -9.58
N ALA BA 159 -83.92 -30.49 -9.33
CA ALA BA 159 -84.77 -29.48 -8.76
C ALA BA 159 -85.18 -29.85 -7.34
N ALA BA 160 -85.26 -28.86 -6.49
CA ALA BA 160 -85.66 -29.03 -5.11
C ALA BA 160 -87.15 -28.89 -5.00
N SER BA 161 -87.79 -29.90 -4.40
CA SER BA 161 -89.22 -29.92 -4.28
C SER BA 161 -89.71 -28.78 -3.43
N PRO BA 162 -90.97 -28.32 -3.63
CA PRO BA 162 -91.54 -27.34 -2.74
C PRO BA 162 -91.69 -27.86 -1.30
N THR BA 163 -91.63 -29.17 -1.09
CA THR BA 163 -91.77 -29.77 0.20
C THR BA 163 -90.51 -29.69 1.04
N VAL BA 164 -89.40 -29.23 0.50
CA VAL BA 164 -88.20 -29.05 1.30
C VAL BA 164 -88.46 -27.98 2.36
N MET BA 165 -89.20 -26.95 2.01
CA MET BA 165 -89.51 -25.87 2.92
C MET BA 165 -90.71 -26.17 3.81
N GLY BA 166 -91.29 -27.36 3.72
CA GLY BA 166 -92.50 -27.64 4.42
C GLY BA 166 -93.58 -26.71 3.85
N MET BA 167 -93.71 -26.78 2.52
CA MET BA 167 -94.52 -25.82 1.80
C MET BA 167 -95.44 -26.51 0.84
N GLY BA 168 -94.92 -27.13 -0.18
CA GLY BA 168 -95.72 -27.86 -1.15
C GLY BA 168 -96.31 -27.02 -2.22
N SER BA 169 -95.87 -25.75 -2.38
CA SER BA 169 -96.40 -24.88 -3.40
C SER BA 169 -95.29 -24.23 -4.19
N TRP BA 170 -94.42 -23.45 -3.49
CA TRP BA 170 -93.54 -22.43 -4.04
C TRP BA 170 -94.34 -21.20 -4.30
N GLN BA 171 -95.64 -21.22 -4.02
CA GLN BA 171 -96.45 -20.02 -4.03
C GLN BA 171 -96.37 -19.40 -2.65
N GLU BA 172 -96.00 -20.18 -1.62
CA GLU BA 172 -95.90 -19.72 -0.27
C GLU BA 172 -94.51 -19.27 0.10
N LEU BA 173 -93.57 -19.25 -0.84
CA LEU BA 173 -92.18 -18.96 -0.51
C LEU BA 173 -92.03 -17.62 0.13
N SER BA 174 -92.95 -16.69 -0.10
CA SER BA 174 -92.87 -15.37 0.53
C SER BA 174 -93.42 -15.34 1.95
N ASN BA 175 -94.13 -16.38 2.37
CA ASN BA 175 -94.75 -16.37 3.69
C ASN BA 175 -93.73 -16.43 4.84
N PRO BA 176 -92.78 -17.36 4.89
CA PRO BA 176 -91.90 -17.46 6.02
C PRO BA 176 -91.01 -16.20 6.17
N ARG BA 177 -90.73 -15.82 7.41
CA ARG BA 177 -89.88 -14.72 7.68
C ARG BA 177 -88.41 -15.03 7.50
N ASP BA 178 -88.02 -16.23 7.88
CA ASP BA 178 -86.62 -16.67 7.83
C ASP BA 178 -86.61 -18.09 7.31
N LEU BA 179 -85.90 -18.30 6.19
CA LEU BA 179 -85.75 -19.66 5.66
C LEU BA 179 -84.69 -20.44 6.39
N THR BA 180 -83.66 -19.77 6.91
CA THR BA 180 -82.61 -20.46 7.65
C THR BA 180 -83.12 -21.13 8.89
N LYS BA 181 -84.24 -20.67 9.44
CA LYS BA 181 -84.85 -21.31 10.61
C LYS BA 181 -85.55 -22.58 10.23
N ILE BA 182 -85.95 -22.76 8.98
CA ILE BA 182 -86.69 -23.96 8.58
C ILE BA 182 -85.83 -25.17 8.74
N PHE BA 183 -84.54 -25.08 8.38
CA PHE BA 183 -83.65 -26.23 8.31
C PHE BA 183 -83.03 -26.55 9.62
N THR BA 184 -83.37 -25.85 10.71
CA THR BA 184 -82.82 -26.15 12.02
C THR BA 184 -83.47 -27.34 12.68
N THR BA 185 -84.74 -27.59 12.45
CA THR BA 185 -85.48 -28.61 13.17
C THR BA 185 -84.86 -29.97 13.00
N PRO BA 186 -85.10 -30.91 13.91
CA PRO BA 186 -84.58 -32.27 13.75
C PRO BA 186 -85.15 -33.01 12.56
N GLU BA 187 -86.20 -32.48 11.96
CA GLU BA 187 -86.80 -33.11 10.79
C GLU BA 187 -85.77 -33.16 9.68
N TYR BA 188 -84.95 -32.12 9.60
CA TYR BA 188 -83.92 -32.00 8.58
C TYR BA 188 -82.57 -32.60 8.96
N ALA BA 189 -82.49 -33.24 10.11
CA ALA BA 189 -81.21 -33.84 10.54
C ALA BA 189 -80.51 -34.56 9.39
N GLY BA 190 -81.22 -35.32 8.61
CA GLY BA 190 -80.65 -35.98 7.46
C GLY BA 190 -80.19 -34.99 6.39
N TRP BA 191 -80.95 -33.93 6.18
CA TRP BA 191 -80.56 -32.91 5.22
C TRP BA 191 -79.29 -32.21 5.64
N ARG BA 192 -79.23 -31.72 6.86
CA ARG BA 192 -78.03 -31.09 7.36
C ARG BA 192 -76.86 -32.02 7.29
N SER BA 193 -77.06 -33.30 7.64
CA SER BA 193 -75.96 -34.26 7.55
C SER BA 193 -75.53 -34.44 6.12
N LEU BA 194 -76.42 -34.28 5.17
CA LEU BA 194 -76.04 -34.34 3.75
C LEU BA 194 -75.27 -33.15 3.32
N ARG BA 195 -75.70 -31.96 3.65
CA ARG BA 195 -75.00 -30.74 3.25
C ARG BA 195 -73.62 -30.66 3.84
N GLU BA 196 -73.42 -31.21 5.05
CA GLU BA 196 -72.10 -31.18 5.67
C GLU BA 196 -71.13 -32.09 4.93
N SER BA 197 -71.62 -33.07 4.14
CA SER BA 197 -70.76 -33.97 3.44
C SER BA 197 -69.86 -33.31 2.47
N GLU BA 198 -68.72 -33.94 2.16
CA GLU BA 198 -67.79 -33.37 1.20
C GLU BA 198 -68.14 -33.74 -0.24
N ASP BA 199 -69.03 -34.71 -0.41
CA ASP BA 199 -69.45 -35.16 -1.73
C ASP BA 199 -70.69 -34.42 -2.23
N SER BA 200 -71.27 -33.57 -1.39
CA SER BA 200 -72.46 -32.85 -1.75
C SER BA 200 -72.23 -31.62 -2.56
N ARG BA 201 -71.01 -31.16 -2.68
CA ARG BA 201 -70.69 -30.03 -3.55
C ARG BA 201 -70.93 -30.35 -4.99
N TYR BA 202 -71.20 -31.61 -5.36
CA TYR BA 202 -71.51 -32.02 -6.70
C TYR BA 202 -72.99 -32.02 -6.98
N ILE BA 203 -73.79 -31.52 -6.05
CA ILE BA 203 -75.19 -31.49 -6.30
C ILE BA 203 -75.80 -30.09 -6.22
N GLY BA 204 -76.30 -29.60 -7.35
CA GLY BA 204 -77.04 -28.36 -7.39
C GLY BA 204 -78.53 -28.64 -7.33
N LEU BA 205 -79.30 -27.65 -6.86
CA LEU BA 205 -80.74 -27.76 -6.78
C LEU BA 205 -81.37 -26.44 -7.21
N THR BA 206 -82.24 -26.48 -8.22
CA THR BA 206 -82.94 -25.29 -8.68
C THR BA 206 -84.41 -25.43 -8.28
N MET BA 207 -84.82 -24.65 -7.27
CA MET BA 207 -86.14 -24.88 -6.68
C MET BA 207 -87.29 -24.50 -7.62
N PRO BA 208 -87.40 -23.25 -8.04
CA PRO BA 208 -88.51 -22.86 -8.92
C PRO BA 208 -88.44 -23.50 -10.30
N ARG BA 209 -89.59 -23.93 -10.84
CA ARG BA 209 -89.61 -24.52 -12.17
C ARG BA 209 -90.31 -23.56 -13.13
N PHE BA 210 -89.64 -23.32 -14.25
CA PHE BA 210 -90.14 -22.39 -15.24
C PHE BA 210 -91.29 -22.92 -16.02
N LEU BA 211 -92.04 -22.04 -16.62
CA LEU BA 211 -93.23 -22.41 -17.40
C LEU BA 211 -92.84 -23.05 -18.72
N ALA BA 212 -93.40 -24.20 -19.00
CA ALA BA 212 -93.03 -24.98 -20.19
C ALA BA 212 -93.62 -24.41 -21.44
N ARG BA 213 -94.90 -24.16 -21.48
CA ARG BA 213 -95.60 -23.68 -22.69
C ARG BA 213 -96.69 -22.72 -22.31
N LEU BA 214 -97.11 -21.94 -23.28
CA LEU BA 214 -98.19 -20.97 -23.08
C LEU BA 214 -99.53 -21.67 -23.19
N PRO BA 215 -100.47 -21.36 -22.29
CA PRO BA 215 -101.76 -22.06 -22.29
C PRO BA 215 -102.50 -21.92 -23.59
N TYR BA 216 -103.03 -23.02 -24.10
CA TYR BA 216 -103.79 -23.01 -25.37
C TYR BA 216 -105.02 -22.17 -25.25
N GLY BA 217 -105.38 -21.52 -26.33
CA GLY BA 217 -106.54 -20.59 -26.32
C GLY BA 217 -106.51 -19.74 -27.54
N ALA BA 218 -107.62 -19.09 -27.83
CA ALA BA 218 -107.66 -18.27 -29.03
C ALA BA 218 -106.67 -17.12 -28.99
N LYS BA 219 -106.62 -16.45 -27.85
CA LYS BA 219 -105.71 -15.33 -27.67
C LYS BA 219 -104.25 -15.76 -27.72
N THR BA 220 -103.96 -16.88 -27.08
CA THR BA 220 -102.60 -17.41 -27.03
C THR BA 220 -102.51 -18.85 -27.48
N ASP BA 221 -101.59 -19.16 -28.39
CA ASP BA 221 -101.37 -20.52 -28.85
C ASP BA 221 -102.60 -21.29 -29.32
N PRO BA 222 -103.38 -20.71 -30.22
CA PRO BA 222 -104.60 -21.38 -30.70
C PRO BA 222 -104.27 -22.74 -31.31
N VAL BA 223 -105.11 -23.73 -31.00
CA VAL BA 223 -104.91 -25.10 -31.43
C VAL BA 223 -105.12 -25.27 -32.94
N GLU BA 224 -106.17 -24.62 -33.43
CA GLU BA 224 -106.60 -24.57 -34.83
C GLU BA 224 -107.25 -25.85 -35.37
N GLU BA 225 -107.52 -26.81 -34.49
CA GLU BA 225 -108.18 -28.05 -34.88
C GLU BA 225 -109.67 -27.89 -34.59
N PHE BA 226 -109.95 -27.31 -33.44
CA PHE BA 226 -111.30 -27.01 -32.98
C PHE BA 226 -111.22 -25.86 -31.96
N ALA BA 227 -112.31 -25.14 -31.74
CA ALA BA 227 -112.23 -24.04 -30.78
C ALA BA 227 -111.92 -24.58 -29.40
N PHE BA 228 -110.78 -24.22 -28.82
CA PHE BA 228 -110.38 -24.77 -27.53
C PHE BA 228 -109.98 -23.76 -26.46
N GLU BA 229 -110.47 -23.97 -25.24
CA GLU BA 229 -110.13 -23.12 -24.09
C GLU BA 229 -109.45 -23.99 -23.04
N GLU BA 230 -108.33 -23.53 -22.51
CA GLU BA 230 -107.57 -24.28 -21.53
C GLU BA 230 -107.93 -23.93 -20.09
N GLU BA 231 -108.99 -23.13 -19.89
CA GLU BA 231 -109.33 -22.64 -18.56
C GLU BA 231 -108.14 -21.86 -18.01
N THR BA 232 -107.45 -22.42 -17.02
CA THR BA 232 -106.23 -21.86 -16.42
C THR BA 232 -106.42 -20.39 -16.03
N ASP BA 233 -107.43 -20.18 -15.19
CA ASP BA 233 -107.66 -18.86 -14.60
C ASP BA 233 -106.48 -18.51 -13.69
N GLY BA 234 -106.37 -17.22 -13.37
CA GLY BA 234 -105.16 -16.66 -12.78
C GLY BA 234 -104.56 -17.43 -11.63
N ALA BA 235 -103.25 -17.65 -11.74
CA ALA BA 235 -102.44 -18.38 -10.75
C ALA BA 235 -102.99 -19.78 -10.46
N ASP BA 236 -102.93 -20.17 -9.17
CA ASP BA 236 -103.32 -21.48 -8.65
C ASP BA 236 -102.30 -22.55 -9.05
N SER BA 237 -101.48 -22.27 -10.06
CA SER BA 237 -100.27 -23.00 -10.45
C SER BA 237 -100.54 -24.44 -10.88
N SER BA 238 -101.74 -24.99 -10.65
CA SER BA 238 -102.03 -26.37 -11.01
C SER BA 238 -102.44 -26.54 -12.46
N LYS BA 239 -102.95 -25.47 -13.09
CA LYS BA 239 -103.41 -25.56 -14.47
C LYS BA 239 -102.27 -25.44 -15.48
N TYR BA 240 -101.25 -24.65 -15.16
CA TYR BA 240 -100.11 -24.43 -16.07
C TYR BA 240 -99.14 -25.61 -16.23
N ALA BA 241 -98.50 -25.69 -17.39
CA ALA BA 241 -97.51 -26.73 -17.64
C ALA BA 241 -96.15 -26.29 -17.22
N TRP BA 242 -95.60 -26.85 -16.17
CA TRP BA 242 -94.37 -26.42 -15.54
C TRP BA 242 -93.25 -27.37 -15.86
N ALA BA 243 -92.23 -26.90 -16.61
CA ALA BA 243 -91.06 -27.66 -16.89
C ALA BA 243 -90.05 -27.52 -15.78
N ASN BA 244 -89.33 -28.60 -15.48
CA ASN BA 244 -88.28 -28.56 -14.47
C ASN BA 244 -87.25 -27.58 -14.81
N SER BA 245 -86.78 -26.82 -13.83
CA SER BA 245 -85.76 -25.80 -14.08
C SER BA 245 -84.37 -26.33 -14.00
N ALA BA 246 -84.18 -27.60 -13.71
CA ALA BA 246 -82.87 -28.22 -13.94
C ALA BA 246 -82.52 -28.16 -15.37
N TYR BA 247 -83.48 -28.13 -16.27
CA TYR BA 247 -83.25 -28.08 -17.72
C TYR BA 247 -82.83 -26.72 -18.16
N ALA BA 248 -83.30 -25.67 -17.53
CA ALA BA 248 -82.81 -24.31 -17.84
C ALA BA 248 -81.39 -24.17 -17.42
N MET BA 249 -81.03 -24.68 -16.26
CA MET BA 249 -79.62 -24.70 -15.84
C MET BA 249 -78.84 -25.53 -16.81
N ALA BA 250 -79.37 -26.67 -17.26
CA ALA BA 250 -78.68 -27.52 -18.23
C ALA BA 250 -78.43 -26.79 -19.50
N VAL BA 251 -79.43 -26.15 -20.08
CA VAL BA 251 -79.29 -25.31 -21.28
C VAL BA 251 -78.25 -24.28 -21.05
N ASN BA 252 -78.15 -23.71 -19.86
CA ASN BA 252 -77.11 -22.73 -19.57
C ASN BA 252 -75.76 -23.35 -19.58
N ILE BA 253 -75.64 -24.59 -19.12
CA ILE BA 253 -74.34 -25.28 -19.09
C ILE BA 253 -73.90 -25.60 -20.51
N ASN BA 254 -74.78 -26.20 -21.30
CA ASN BA 254 -74.48 -26.49 -22.68
C ASN BA 254 -74.16 -25.24 -23.45
N ARG BA 255 -74.88 -24.17 -23.23
CA ARG BA 255 -74.56 -22.89 -23.87
C ARG BA 255 -73.21 -22.42 -23.51
N SER BA 256 -72.90 -22.43 -22.23
CA SER BA 256 -71.58 -21.98 -21.74
C SER BA 256 -70.49 -22.77 -22.42
N PHE BA 257 -70.65 -24.10 -22.52
CA PHE BA 257 -69.63 -24.91 -23.15
C PHE BA 257 -69.53 -24.59 -24.61
N LYS BA 258 -70.65 -24.57 -25.34
CA LYS BA 258 -70.63 -24.29 -26.78
C LYS BA 258 -69.93 -23.03 -27.07
N LEU BA 259 -70.26 -21.93 -26.39
CA LEU BA 259 -69.63 -20.65 -26.67
C LEU BA 259 -68.20 -20.60 -26.22
N TYR BA 260 -67.95 -20.83 -24.95
CA TYR BA 260 -66.65 -20.57 -24.32
C TYR BA 260 -65.78 -21.79 -24.17
N GLY BA 261 -66.26 -22.96 -24.54
CA GLY BA 261 -65.51 -24.18 -24.31
C GLY BA 261 -65.49 -24.68 -22.91
N TRP BA 262 -65.99 -23.94 -21.97
CA TRP BA 262 -66.03 -24.30 -20.54
C TRP BA 262 -67.39 -23.94 -19.98
N CYS BA 263 -67.71 -24.63 -18.89
CA CYS BA 263 -68.96 -24.39 -18.16
C CYS BA 263 -68.78 -23.31 -17.11
N SER BA 264 -67.71 -22.54 -17.21
CA SER BA 264 -67.40 -21.54 -16.18
C SER BA 264 -68.49 -20.50 -15.96
N ARG BA 265 -69.07 -19.96 -17.03
CA ARG BA 265 -70.12 -18.98 -16.82
C ARG BA 265 -71.49 -19.56 -17.13
N ILE BA 266 -72.17 -19.97 -16.08
CA ILE BA 266 -73.51 -20.53 -16.16
C ILE BA 266 -74.44 -19.76 -15.24
N ARG BA 267 -73.97 -18.65 -14.71
CA ARG BA 267 -74.75 -17.88 -13.77
C ARG BA 267 -74.84 -16.40 -14.12
N GLY BA 268 -75.44 -15.59 -13.28
CA GLY BA 268 -75.49 -14.15 -13.46
C GLY BA 268 -76.54 -13.72 -14.46
N VAL BA 269 -76.96 -12.47 -14.38
CA VAL BA 269 -77.91 -11.92 -15.32
C VAL BA 269 -77.25 -11.72 -16.68
N GLU BA 270 -76.17 -10.94 -16.70
CA GLU BA 270 -75.44 -10.67 -17.95
C GLU BA 270 -74.20 -11.55 -18.17
N SER BA 271 -73.93 -12.46 -17.24
CA SER BA 271 -72.77 -13.33 -17.35
C SER BA 271 -73.08 -14.67 -17.91
N GLY BA 272 -74.28 -14.88 -18.43
CA GLY BA 272 -74.64 -16.13 -19.10
C GLY BA 272 -75.57 -17.04 -18.33
N GLY BA 273 -76.15 -16.59 -17.25
CA GLY BA 273 -77.12 -17.40 -16.53
C GLY BA 273 -78.54 -17.00 -16.83
N GLU BA 274 -78.77 -16.37 -17.97
CA GLU BA 274 -80.10 -15.89 -18.34
C GLU BA 274 -80.94 -16.95 -18.97
N VAL BA 275 -82.21 -16.99 -18.63
CA VAL BA 275 -83.20 -17.87 -19.25
C VAL BA 275 -84.22 -16.94 -19.95
N GLN BA 276 -84.16 -16.90 -21.28
CA GLN BA 276 -84.94 -15.97 -22.04
C GLN BA 276 -86.12 -16.60 -22.71
N GLY BA 277 -86.95 -15.79 -23.34
CA GLY BA 277 -88.05 -16.34 -24.14
C GLY BA 277 -89.07 -17.09 -23.35
N LEU BA 278 -89.16 -16.90 -22.06
CA LEU BA 278 -90.12 -17.61 -21.24
C LEU BA 278 -91.52 -17.25 -21.62
N PRO BA 279 -92.44 -18.23 -21.67
CA PRO BA 279 -93.84 -17.91 -21.99
C PRO BA 279 -94.42 -16.96 -20.99
N ALA BA 280 -95.00 -15.87 -21.49
CA ALA BA 280 -95.61 -14.85 -20.63
C ALA BA 280 -97.09 -14.88 -20.90
N HIS BA 281 -97.90 -15.38 -19.97
CA HIS BA 281 -99.34 -15.48 -20.11
C HIS BA 281 -99.98 -14.27 -19.45
N THR BA 282 -100.57 -13.39 -20.26
CA THR BA 282 -101.18 -12.16 -19.77
C THR BA 282 -102.70 -12.33 -19.74
N PHE BA 283 -103.29 -12.16 -18.57
CA PHE BA 283 -104.73 -12.25 -18.41
C PHE BA 283 -105.26 -10.96 -17.80
N PRO BA 284 -106.44 -10.52 -18.21
CA PRO BA 284 -107.00 -9.28 -17.64
C PRO BA 284 -107.45 -9.48 -16.21
N THR BA 285 -107.28 -8.44 -15.40
CA THR BA 285 -107.78 -8.42 -14.03
C THR BA 285 -108.64 -7.20 -13.81
N ASP BA 286 -109.05 -6.96 -12.56
CA ASP BA 286 -109.94 -5.85 -12.26
C ASP BA 286 -109.25 -4.52 -12.54
N ASP BA 287 -110.06 -3.48 -12.74
CA ASP BA 287 -109.59 -2.12 -13.01
C ASP BA 287 -108.73 -2.07 -14.27
N GLY BA 288 -107.49 -1.61 -14.14
CA GLY BA 288 -106.64 -1.44 -15.31
C GLY BA 288 -106.34 -2.74 -16.03
N GLY BA 289 -106.35 -3.86 -15.31
CA GLY BA 289 -106.08 -5.14 -15.90
C GLY BA 289 -104.64 -5.30 -16.33
N VAL BA 290 -104.43 -6.26 -17.22
CA VAL BA 290 -103.13 -6.52 -17.83
C VAL BA 290 -102.09 -6.83 -16.76
N ASP BA 291 -102.21 -8.01 -16.15
CA ASP BA 291 -101.16 -8.56 -15.30
C ASP BA 291 -100.86 -9.97 -15.77
N MET BA 292 -99.57 -10.31 -15.84
CA MET BA 292 -99.15 -11.57 -16.45
C MET BA 292 -98.73 -12.57 -15.40
N LYS BA 293 -98.99 -13.84 -15.69
CA LYS BA 293 -98.53 -14.93 -14.83
C LYS BA 293 -97.01 -15.00 -14.84
N CYS BA 294 -96.43 -15.09 -13.67
CA CYS BA 294 -94.98 -15.14 -13.54
C CYS BA 294 -94.45 -16.42 -14.18
N PRO BA 295 -93.42 -16.36 -15.04
CA PRO BA 295 -92.93 -17.55 -15.74
C PRO BA 295 -92.35 -18.60 -14.78
N THR BA 296 -91.49 -18.16 -13.84
CA THR BA 296 -91.17 -19.00 -12.71
C THR BA 296 -92.30 -18.90 -11.68
N GLU BA 297 -92.48 -19.92 -10.88
CA GLU BA 297 -93.69 -20.06 -10.08
C GLU BA 297 -93.96 -18.88 -9.22
N ILE BA 298 -92.93 -18.20 -8.73
CA ILE BA 298 -93.12 -17.03 -7.87
C ILE BA 298 -91.91 -16.14 -7.99
N ALA BA 299 -92.13 -14.86 -7.72
CA ALA BA 299 -91.07 -13.87 -7.71
C ALA BA 299 -90.28 -13.94 -6.47
N ILE BA 300 -88.95 -13.92 -6.59
CA ILE BA 300 -88.05 -14.09 -5.42
C ILE BA 300 -87.31 -12.74 -5.32
N SER BA 301 -87.45 -12.10 -4.16
CA SER BA 301 -86.68 -10.91 -3.88
C SER BA 301 -85.24 -11.17 -3.64
N ASP BA 302 -84.39 -10.17 -3.77
CA ASP BA 302 -82.96 -10.32 -3.57
C ASP BA 302 -82.64 -10.89 -2.22
N ARG BA 303 -83.44 -10.53 -1.20
CA ARG BA 303 -83.27 -11.08 0.15
C ARG BA 303 -83.60 -12.58 0.21
N ARG BA 304 -84.73 -12.96 -0.38
CA ARG BA 304 -85.07 -14.37 -0.55
C ARG BA 304 -84.03 -15.08 -1.39
N GLU BA 305 -83.53 -14.45 -2.43
CA GLU BA 305 -82.52 -15.07 -3.28
C GLU BA 305 -81.28 -15.40 -2.50
N ALA BA 306 -80.71 -14.42 -1.82
CA ALA BA 306 -79.50 -14.67 -1.04
C ALA BA 306 -79.76 -15.66 0.05
N GLU BA 307 -80.94 -15.64 0.62
CA GLU BA 307 -81.28 -16.57 1.71
C GLU BA 307 -81.42 -17.98 1.22
N LEU BA 308 -81.82 -18.17 -0.02
CA LEU BA 308 -81.87 -19.50 -0.63
C LEU BA 308 -80.48 -19.95 -1.06
N ALA BA 309 -79.68 -19.06 -1.60
CA ALA BA 309 -78.33 -19.42 -1.98
C ALA BA 309 -77.47 -19.72 -0.77
N LYS BA 310 -77.82 -19.20 0.40
CA LYS BA 310 -77.14 -19.60 1.62
C LYS BA 310 -77.51 -20.98 2.03
N ASN BA 311 -78.71 -21.43 1.71
CA ASN BA 311 -79.21 -22.76 2.06
C ASN BA 311 -78.89 -23.79 1.03
N GLY BA 312 -78.08 -23.46 0.03
CA GLY BA 312 -77.64 -24.44 -0.96
C GLY BA 312 -78.67 -24.72 -2.01
N PHE BA 313 -79.32 -23.69 -2.54
CA PHE BA 313 -80.23 -23.81 -3.65
C PHE BA 313 -79.74 -22.91 -4.78
N MET BA 314 -80.27 -23.15 -5.97
CA MET BA 314 -80.01 -22.34 -7.14
C MET BA 314 -81.33 -21.74 -7.58
N PRO BA 315 -81.71 -20.58 -7.04
CA PRO BA 315 -82.99 -20.02 -7.40
C PRO BA 315 -83.02 -19.53 -8.82
N LEU BA 316 -84.10 -19.76 -9.54
CA LEU BA 316 -84.37 -19.11 -10.79
C LEU BA 316 -85.36 -18.00 -10.53
N LEU BA 317 -84.91 -16.76 -10.56
CA LEU BA 317 -85.79 -15.65 -10.26
C LEU BA 317 -86.15 -14.91 -11.51
N HIS BA 318 -87.41 -14.50 -11.58
CA HIS BA 318 -87.95 -13.86 -12.76
C HIS BA 318 -87.93 -12.34 -12.67
N LYS BA 319 -87.38 -11.69 -13.69
CA LYS BA 319 -87.32 -10.25 -13.75
C LYS BA 319 -88.74 -9.72 -13.87
N LYS BA 320 -89.08 -8.70 -13.10
CA LYS BA 320 -90.44 -8.17 -13.11
C LYS BA 320 -90.89 -7.56 -14.43
N ASN BA 321 -92.14 -7.84 -14.82
CA ASN BA 321 -92.73 -7.27 -16.03
C ASN BA 321 -92.01 -7.61 -17.32
N THR BA 322 -91.32 -8.74 -17.36
CA THR BA 322 -90.56 -9.19 -18.51
C THR BA 322 -90.55 -10.70 -18.54
N ASP BA 323 -90.37 -11.26 -19.74
CA ASP BA 323 -90.26 -12.67 -19.88
C ASP BA 323 -88.84 -13.19 -19.54
N PHE BA 324 -87.93 -12.32 -19.29
CA PHE BA 324 -86.56 -12.65 -18.89
C PHE BA 324 -86.53 -13.26 -17.52
N ALA BA 325 -85.56 -14.12 -17.27
CA ALA BA 325 -85.30 -14.71 -15.95
C ALA BA 325 -83.87 -15.15 -15.91
N ALA BA 326 -83.31 -15.33 -14.72
CA ALA BA 326 -81.90 -15.62 -14.60
C ALA BA 326 -81.58 -16.39 -13.34
N PHE BA 327 -80.43 -17.05 -13.33
CA PHE BA 327 -79.80 -17.62 -12.15
C PHE BA 327 -78.77 -16.66 -11.64
N ILE BA 328 -79.01 -16.08 -10.48
CA ILE BA 328 -78.09 -15.06 -9.94
C ILE BA 328 -76.79 -15.69 -9.53
N GLY BA 329 -76.85 -16.86 -8.94
CA GLY BA 329 -75.63 -17.58 -8.54
C GLY BA 329 -75.94 -19.05 -8.53
N ALA BA 330 -74.84 -19.81 -8.70
CA ALA BA 330 -74.90 -21.29 -8.67
C ALA BA 330 -74.15 -21.74 -7.45
N GLN BA 331 -74.87 -22.21 -6.45
CA GLN BA 331 -74.29 -22.70 -5.21
C GLN BA 331 -74.71 -24.15 -5.06
N SER BA 332 -73.75 -25.02 -4.83
CA SER BA 332 -74.04 -26.43 -4.68
C SER BA 332 -74.75 -26.69 -3.38
N LEU BA 333 -75.12 -27.92 -3.12
CA LEU BA 333 -75.82 -28.28 -1.89
C LEU BA 333 -74.93 -28.21 -0.71
N GLN BA 334 -73.62 -28.25 -0.92
CA GLN BA 334 -72.72 -28.25 0.21
C GLN BA 334 -72.61 -26.94 0.99
N LYS BA 335 -72.71 -27.04 2.30
CA LYS BA 335 -72.53 -25.89 3.19
C LYS BA 335 -71.07 -25.76 3.50
N PRO BA 336 -70.36 -24.78 2.95
CA PRO BA 336 -68.91 -24.69 3.19
C PRO BA 336 -68.59 -24.40 4.63
N ALA BA 337 -67.68 -25.11 5.22
CA ALA BA 337 -67.35 -24.92 6.63
C ALA BA 337 -66.42 -23.76 6.82
N GLU BA 338 -66.60 -23.03 7.92
CA GLU BA 338 -65.73 -21.91 8.26
C GLU BA 338 -64.40 -22.43 8.82
N TYR BA 339 -63.33 -21.65 8.65
CA TYR BA 339 -62.02 -22.04 9.15
C TYR BA 339 -61.38 -20.85 9.83
N ASP BA 340 -60.30 -21.12 10.58
CA ASP BA 340 -59.57 -20.06 11.23
C ASP BA 340 -58.92 -19.13 10.21
N ASP BA 341 -58.11 -19.69 9.33
CA ASP BA 341 -57.44 -18.90 8.32
C ASP BA 341 -58.43 -18.44 7.28
N PRO BA 342 -58.48 -17.17 6.92
CA PRO BA 342 -59.39 -16.72 5.88
C PRO BA 342 -59.08 -17.34 4.52
N ASP BA 343 -57.84 -17.75 4.28
CA ASP BA 343 -57.51 -18.41 3.03
C ASP BA 343 -58.16 -19.78 2.94
N ALA BA 344 -58.14 -20.53 4.03
CA ALA BA 344 -58.81 -21.83 4.05
C ALA BA 344 -60.30 -21.68 3.93
N THR BA 345 -60.87 -20.62 4.48
CA THR BA 345 -62.30 -20.36 4.33
C THR BA 345 -62.61 -20.00 2.89
N ALA BA 346 -61.73 -19.25 2.23
CA ALA BA 346 -61.93 -18.94 0.83
C ALA BA 346 -61.92 -20.20 0.00
N ASN BA 347 -60.88 -21.03 0.15
CA ASN BA 347 -60.82 -22.29 -0.57
C ASN BA 347 -61.99 -23.16 -0.27
N ALA BA 348 -62.53 -23.10 0.94
CA ALA BA 348 -63.70 -23.89 1.28
C ALA BA 348 -64.95 -23.35 0.64
N ASN BA 349 -65.01 -22.03 0.38
CA ASN BA 349 -66.18 -21.46 -0.28
C ASN BA 349 -66.13 -21.71 -1.79
N LEU BA 350 -64.95 -21.67 -2.39
CA LEU BA 350 -64.84 -21.88 -3.82
C LEU BA 350 -65.33 -23.26 -4.24
N ALA BA 351 -65.03 -24.27 -3.41
CA ALA BA 351 -65.40 -25.62 -3.70
C ALA BA 351 -66.90 -25.82 -3.70
N ALA BA 352 -67.66 -24.96 -3.00
CA ALA BA 352 -69.10 -25.13 -2.93
C ALA BA 352 -69.84 -24.53 -4.08
N ARG BA 353 -69.16 -23.85 -5.01
CA ARG BA 353 -69.79 -23.14 -6.12
C ARG BA 353 -69.59 -23.93 -7.41
N LEU BA 354 -70.67 -24.25 -8.09
CA LEU BA 354 -70.64 -25.03 -9.29
C LEU BA 354 -69.80 -24.42 -10.41
N PRO BA 355 -69.79 -23.07 -10.62
CA PRO BA 355 -68.99 -22.52 -11.70
C PRO BA 355 -67.53 -22.97 -11.67
N TYR BA 356 -66.95 -23.13 -10.47
CA TYR BA 356 -65.59 -23.59 -10.37
C TYR BA 356 -65.50 -25.11 -10.47
N LEU BA 357 -66.41 -25.83 -9.85
CA LEU BA 357 -66.38 -27.28 -9.90
C LEU BA 357 -66.50 -27.79 -11.32
N PHE BA 358 -67.16 -27.05 -12.20
CA PHE BA 358 -67.17 -27.44 -13.61
C PHE BA 358 -65.80 -27.31 -14.20
N ALA BA 359 -65.05 -26.30 -13.81
CA ALA BA 359 -63.69 -26.13 -14.29
C ALA BA 359 -62.82 -27.31 -13.85
N THR BA 360 -62.80 -27.60 -12.54
CA THR BA 360 -61.95 -28.66 -12.06
C THR BA 360 -62.38 -30.02 -12.59
N CYS BA 361 -63.67 -30.22 -12.75
CA CYS BA 361 -64.16 -31.46 -13.36
C CYS BA 361 -63.65 -31.60 -14.78
N ARG BA 362 -63.70 -30.52 -15.56
CA ARG BA 362 -63.20 -30.58 -16.92
C ARG BA 362 -61.72 -30.90 -16.94
N PHE BA 363 -60.94 -30.28 -16.06
CA PHE BA 363 -59.51 -30.62 -15.95
C PHE BA 363 -59.32 -32.08 -15.54
N ALA BA 364 -60.25 -32.65 -14.78
CA ALA BA 364 -60.16 -34.05 -14.44
C ALA BA 364 -60.36 -34.92 -15.65
N HIS BA 365 -61.32 -34.57 -16.50
CA HIS BA 365 -61.54 -35.32 -17.74
C HIS BA 365 -60.32 -35.24 -18.62
N TYR BA 366 -59.84 -34.03 -18.91
CA TYR BA 366 -58.66 -33.88 -19.72
C TYR BA 366 -57.50 -34.66 -19.19
N LEU BA 367 -57.18 -34.48 -17.92
CA LEU BA 367 -56.02 -35.16 -17.31
C LEU BA 367 -56.16 -36.64 -17.40
N LYS BA 368 -57.36 -37.16 -17.18
CA LYS BA 368 -57.61 -38.60 -17.29
C LYS BA 368 -57.24 -39.10 -18.68
N CYS BA 369 -57.76 -38.46 -19.71
CA CYS BA 369 -57.53 -38.94 -21.07
C CYS BA 369 -56.06 -38.80 -21.46
N ILE BA 370 -55.46 -37.61 -21.22
CA ILE BA 370 -54.12 -37.37 -21.72
C ILE BA 370 -53.11 -38.21 -20.97
N VAL BA 371 -53.28 -38.36 -19.65
CA VAL BA 371 -52.34 -39.20 -18.90
C VAL BA 371 -52.53 -40.64 -19.25
N ARG BA 372 -53.76 -41.08 -19.40
CA ARG BA 372 -54.03 -42.46 -19.84
C ARG BA 372 -53.37 -42.75 -21.15
N ASP BA 373 -53.29 -41.77 -22.04
CA ASP BA 373 -52.58 -41.97 -23.31
C ASP BA 373 -51.07 -41.84 -23.14
N LYS BA 374 -50.58 -41.18 -22.09
CA LYS BA 374 -49.15 -41.03 -21.86
C LYS BA 374 -48.56 -42.18 -21.07
N ILE BA 375 -49.35 -43.17 -20.64
CA ILE BA 375 -48.83 -44.30 -19.90
C ILE BA 375 -47.93 -45.12 -20.82
N GLY BA 376 -46.69 -45.39 -20.33
CA GLY BA 376 -45.76 -46.14 -21.13
C GLY BA 376 -44.67 -45.35 -21.79
N SER BA 377 -44.70 -44.06 -21.66
CA SER BA 377 -43.65 -43.16 -22.17
C SER BA 377 -42.59 -42.92 -21.15
N PHE BA 378 -41.37 -42.79 -21.56
CA PHE BA 378 -40.25 -42.59 -20.63
C PHE BA 378 -40.39 -41.27 -19.90
N LYS BA 379 -40.50 -41.34 -18.58
CA LYS BA 379 -40.81 -40.18 -17.75
C LYS BA 379 -40.07 -40.32 -16.43
N GLU BA 380 -39.41 -39.21 -16.04
CA GLU BA 380 -38.85 -39.06 -14.71
C GLU BA 380 -39.72 -38.09 -13.92
N LYS BA 381 -39.35 -37.82 -12.67
CA LYS BA 381 -40.07 -36.83 -11.89
C LYS BA 381 -39.98 -35.47 -12.58
N ASP BA 382 -38.78 -35.11 -13.09
CA ASP BA 382 -38.62 -33.83 -13.75
C ASP BA 382 -39.38 -33.79 -15.08
N GLU BA 383 -39.40 -34.92 -15.80
CA GLU BA 383 -40.13 -34.98 -17.05
C GLU BA 383 -41.63 -34.78 -16.81
N MET BA 384 -42.19 -35.48 -15.83
CA MET BA 384 -43.58 -35.29 -15.48
C MET BA 384 -43.85 -33.87 -14.99
N GLN BA 385 -42.90 -33.28 -14.27
CA GLN BA 385 -43.06 -31.90 -13.83
C GLN BA 385 -43.17 -30.95 -15.00
N ARG BA 386 -42.33 -31.14 -16.02
CA ARG BA 386 -42.36 -30.24 -17.16
C ARG BA 386 -43.57 -30.48 -18.00
N TRP BA 387 -44.01 -31.74 -18.14
CA TRP BA 387 -45.15 -32.03 -19.00
C TRP BA 387 -46.45 -31.60 -18.37
N LEU BA 388 -46.62 -31.83 -17.08
CA LEU BA 388 -47.84 -31.37 -16.38
C LEU BA 388 -47.83 -29.87 -16.20
N GLN BA 389 -46.66 -29.32 -15.83
CA GLN BA 389 -46.55 -27.87 -15.65
C GLN BA 389 -46.82 -27.13 -16.93
N ASP BA 390 -46.28 -27.62 -18.05
CA ASP BA 390 -46.51 -26.97 -19.33
C ASP BA 390 -47.84 -27.38 -19.96
N TRP BA 391 -48.48 -28.45 -19.48
CA TRP BA 391 -49.79 -28.78 -19.98
C TRP BA 391 -50.87 -27.94 -19.33
N ILE BA 392 -50.79 -27.74 -18.02
CA ILE BA 392 -51.80 -26.94 -17.32
C ILE BA 392 -51.66 -25.47 -17.67
N LEU BA 393 -50.49 -25.07 -18.21
CA LEU BA 393 -50.18 -23.64 -18.37
C LEU BA 393 -50.74 -23.07 -19.65
N ASN BA 394 -51.35 -23.88 -20.53
CA ASN BA 394 -51.97 -23.33 -21.72
C ASN BA 394 -53.43 -23.01 -21.50
N TYR BA 395 -54.00 -23.38 -20.35
CA TYR BA 395 -55.33 -22.92 -19.94
C TYR BA 395 -55.28 -21.70 -19.04
N VAL BA 396 -54.08 -21.14 -18.81
CA VAL BA 396 -53.91 -19.97 -17.97
C VAL BA 396 -53.42 -18.83 -18.84
N ASP BA 397 -54.05 -17.66 -18.64
CA ASP BA 397 -53.60 -16.45 -19.37
C ASP BA 397 -52.81 -15.55 -18.39
N GLY BA 398 -51.51 -15.52 -18.54
CA GLY BA 398 -50.64 -14.90 -17.54
C GLY BA 398 -50.52 -13.38 -17.69
N ASP BA 399 -50.14 -12.95 -18.89
CA ASP BA 399 -49.99 -11.53 -19.19
C ASP BA 399 -51.26 -10.68 -19.15
N PRO BA 400 -52.38 -11.23 -19.63
CA PRO BA 400 -53.64 -10.50 -19.74
C PRO BA 400 -54.63 -10.66 -18.59
N ALA BA 401 -54.24 -11.29 -17.49
CA ALA BA 401 -55.15 -11.49 -16.38
C ALA BA 401 -56.01 -10.27 -15.92
N HIS BA 402 -55.43 -9.08 -15.82
CA HIS BA 402 -56.28 -7.96 -15.42
C HIS BA 402 -57.10 -7.40 -16.59
N SER BA 403 -56.49 -7.38 -17.78
CA SER BA 403 -57.18 -6.83 -18.97
C SER BA 403 -57.49 -7.96 -19.94
N THR BA 404 -58.75 -8.40 -19.88
CA THR BA 404 -59.31 -9.44 -20.78
C THR BA 404 -60.86 -9.47 -20.60
N GLU BA 405 -61.59 -10.04 -21.55
CA GLU BA 405 -63.06 -10.08 -21.32
C GLU BA 405 -63.62 -11.49 -21.51
N THR BA 406 -63.63 -11.97 -22.75
CA THR BA 406 -64.10 -13.30 -23.07
C THR BA 406 -63.03 -14.36 -22.80
N THR BA 407 -61.73 -14.02 -22.91
CA THR BA 407 -60.72 -15.06 -22.72
C THR BA 407 -60.70 -15.53 -21.25
N LYS BA 408 -61.13 -14.67 -20.32
CA LYS BA 408 -61.24 -15.13 -18.95
C LYS BA 408 -62.26 -16.24 -18.81
N ALA BA 409 -63.25 -16.28 -19.70
CA ALA BA 409 -64.19 -17.39 -19.73
C ALA BA 409 -63.58 -18.59 -20.44
N GLN BA 410 -62.76 -18.34 -21.47
CA GLN BA 410 -62.15 -19.45 -22.19
C GLN BA 410 -60.96 -20.02 -21.46
N HIS BA 411 -60.20 -19.17 -20.76
CA HIS BA 411 -59.15 -19.67 -19.88
C HIS BA 411 -59.65 -19.59 -18.45
N PRO BA 412 -60.08 -20.71 -17.84
CA PRO BA 412 -60.76 -20.61 -16.55
C PRO BA 412 -59.80 -20.28 -15.38
N LEU BA 413 -58.48 -20.44 -15.55
CA LEU BA 413 -57.55 -20.32 -14.46
C LEU BA 413 -56.75 -19.04 -14.55
N ALA BA 414 -56.63 -18.32 -13.44
CA ALA BA 414 -55.75 -17.19 -13.36
C ALA BA 414 -54.30 -17.61 -13.13
N ALA BA 415 -54.08 -18.75 -12.50
CA ALA BA 415 -52.75 -19.28 -12.26
C ALA BA 415 -52.84 -20.77 -12.00
N ALA BA 416 -51.71 -21.46 -12.12
CA ALA BA 416 -51.67 -22.90 -11.95
C ALA BA 416 -50.34 -23.30 -11.36
N GLU BA 417 -50.37 -24.25 -10.43
CA GLU BA 417 -49.15 -24.71 -9.73
C GLU BA 417 -49.24 -26.20 -9.58
N VAL BA 418 -48.15 -26.88 -9.90
CA VAL BA 418 -48.10 -28.36 -9.92
C VAL BA 418 -46.95 -28.75 -9.00
N VAL BA 419 -47.24 -29.70 -8.09
CA VAL BA 419 -46.22 -30.32 -7.26
C VAL BA 419 -46.25 -31.80 -7.56
N VAL BA 420 -45.17 -32.33 -8.11
CA VAL BA 420 -45.08 -33.74 -8.51
C VAL BA 420 -44.16 -34.42 -7.46
N GLU BA 421 -44.56 -35.63 -7.05
CA GLU BA 421 -43.80 -36.41 -6.12
C GLU BA 421 -43.82 -37.85 -6.57
N GLU BA 422 -42.65 -38.47 -6.65
CA GLU BA 422 -42.56 -39.87 -7.05
C GLU BA 422 -42.88 -40.79 -5.86
N VAL BA 423 -43.72 -41.79 -6.10
CA VAL BA 423 -44.08 -42.73 -5.04
C VAL BA 423 -42.83 -43.57 -4.72
N GLU BA 424 -42.45 -43.57 -3.44
CA GLU BA 424 -41.29 -44.34 -3.00
C GLU BA 424 -41.59 -45.83 -3.05
N GLY BA 425 -40.57 -46.64 -3.31
CA GLY BA 425 -40.78 -48.05 -3.39
C GLY BA 425 -41.54 -48.51 -4.63
N ASN BA 426 -41.33 -47.83 -5.75
CA ASN BA 426 -42.04 -48.15 -6.99
C ASN BA 426 -41.50 -47.23 -8.11
N PRO BA 427 -41.16 -47.77 -9.26
CA PRO BA 427 -40.85 -46.92 -10.40
C PRO BA 427 -42.09 -46.51 -11.15
N GLY BA 428 -41.97 -45.39 -11.89
CA GLY BA 428 -43.03 -45.06 -12.86
C GLY BA 428 -44.35 -44.62 -12.28
N TYR BA 429 -44.51 -44.65 -10.93
CA TYR BA 429 -45.72 -44.17 -10.29
C TYR BA 429 -45.42 -42.87 -9.60
N TYR BA 430 -46.32 -41.87 -9.81
CA TYR BA 430 -46.10 -40.54 -9.24
C TYR BA 430 -47.36 -40.03 -8.58
N ASN BA 431 -47.22 -39.11 -7.66
CA ASN BA 431 -48.32 -38.38 -7.04
C ASN BA 431 -48.18 -36.91 -7.40
N SER BA 432 -49.27 -36.29 -7.81
CA SER BA 432 -49.26 -34.89 -8.22
C SER BA 432 -50.33 -34.12 -7.50
N LYS BA 433 -50.10 -32.82 -7.33
CA LYS BA 433 -51.08 -31.89 -6.77
C LYS BA 433 -51.20 -30.73 -7.70
N PHE BA 434 -52.41 -30.40 -8.13
CA PHE BA 434 -52.69 -29.29 -9.00
C PHE BA 434 -53.35 -28.19 -8.20
N PHE BA 435 -52.64 -27.07 -8.02
CA PHE BA 435 -53.20 -25.89 -7.39
C PHE BA 435 -53.55 -24.91 -8.49
N LEU BA 436 -54.86 -24.74 -8.74
CA LEU BA 436 -55.30 -23.87 -9.84
C LEU BA 436 -56.24 -22.80 -9.26
N ARG BA 437 -55.89 -21.53 -9.50
CA ARG BA 437 -56.64 -20.41 -8.99
C ARG BA 437 -57.62 -19.92 -10.04
N PRO BA 438 -58.93 -20.09 -9.83
CA PRO BA 438 -59.90 -19.67 -10.83
C PRO BA 438 -60.07 -18.16 -10.87
N HIS BA 439 -60.70 -17.68 -11.93
CA HIS BA 439 -61.09 -16.28 -12.00
C HIS BA 439 -62.28 -16.02 -11.09
N TYR BA 440 -62.13 -15.09 -10.14
CA TYR BA 440 -63.21 -14.80 -9.21
C TYR BA 440 -64.40 -14.23 -9.93
N GLN BA 441 -65.59 -14.42 -9.38
CA GLN BA 441 -66.81 -13.85 -9.92
C GLN BA 441 -67.50 -12.99 -8.90
N LEU BA 442 -68.05 -11.86 -9.31
CA LEU BA 442 -68.71 -10.94 -8.35
C LEU BA 442 -69.87 -11.66 -7.69
N GLU BA 443 -69.84 -11.77 -6.38
CA GLU BA 443 -70.87 -12.43 -5.61
C GLU BA 443 -71.83 -11.50 -4.89
N GLY BA 444 -71.31 -10.48 -4.25
CA GLY BA 444 -72.14 -9.48 -3.57
C GLY BA 444 -71.41 -8.20 -3.33
N LEU BA 445 -72.11 -7.16 -2.98
CA LEU BA 445 -71.44 -5.88 -2.72
C LEU BA 445 -72.26 -5.09 -1.73
N THR BA 446 -71.61 -4.68 -0.62
CA THR BA 446 -72.26 -3.78 0.33
C THR BA 446 -71.67 -2.41 0.11
N VAL BA 447 -72.52 -1.41 -0.12
CA VAL BA 447 -72.06 -0.04 -0.38
C VAL BA 447 -72.59 0.84 0.68
N SER BA 448 -71.73 1.66 1.28
CA SER BA 448 -72.12 2.74 2.22
C SER BA 448 -71.80 4.06 1.57
N LEU BA 449 -72.80 4.81 1.20
CA LEU BA 449 -72.61 6.13 0.53
C LEU BA 449 -72.46 7.16 1.66
N ARG BA 450 -71.57 8.11 1.44
CA ARG BA 450 -71.32 9.14 2.47
C ARG BA 450 -71.34 10.53 1.85
N LEU BA 451 -72.26 11.40 2.30
CA LEU BA 451 -72.21 12.79 1.90
C LEU BA 451 -71.13 13.52 2.67
N VAL BA 452 -70.13 14.06 1.98
CA VAL BA 452 -68.91 14.52 2.58
C VAL BA 452 -68.63 15.91 2.05
N SER BA 453 -68.29 16.83 2.98
CA SER BA 453 -67.92 18.19 2.59
C SER BA 453 -66.49 18.25 2.12
N LYS BA 454 -65.58 17.51 2.73
CA LYS BA 454 -64.17 17.53 2.35
C LYS BA 454 -63.71 16.09 2.19
N LEU BA 455 -63.34 15.70 0.98
CA LEU BA 455 -63.00 14.31 0.69
C LEU BA 455 -61.97 13.74 1.65
N PRO BA 456 -62.25 12.65 2.32
CA PRO BA 456 -61.30 12.15 3.36
C PRO BA 456 -60.03 11.62 2.77
N SER BA 457 -60.06 11.12 1.52
CA SER BA 457 -58.85 10.54 0.95
C SER BA 457 -57.86 11.64 0.57
N ALA BA 458 -58.29 12.58 -0.28
CA ALA BA 458 -57.35 13.60 -0.75
C ALA BA 458 -57.46 15.02 -0.14
N LYS BA 459 -58.69 15.57 -0.10
CA LYS BA 459 -58.88 16.91 0.38
C LYS BA 459 -58.47 17.07 1.85
N GLU BA 460 -58.80 16.05 2.66
CA GLU BA 460 -58.49 16.05 4.06
C GLU BA 460 -57.30 15.14 4.31
N ALA BA 461 -56.15 15.74 4.64
CA ALA BA 461 -54.91 15.01 4.82
C ALA BA 461 -53.83 16.09 5.24
N THR CA 1 24.44 -37.89 -66.70
CA THR CA 1 25.35 -38.99 -67.04
C THR CA 1 26.77 -38.49 -67.24
N THR CA 2 27.17 -37.51 -66.44
CA THR CA 2 28.50 -36.88 -66.48
C THR CA 2 29.05 -36.54 -67.88
N SER CA 3 28.55 -35.44 -68.44
CA SER CA 3 28.96 -34.98 -69.76
C SER CA 3 30.47 -34.92 -69.96
N SER CA 4 30.91 -35.34 -71.14
CA SER CA 4 32.34 -35.37 -71.48
C SER CA 4 33.03 -34.10 -71.11
N GLN CA 5 32.33 -32.99 -71.02
CA GLN CA 5 32.91 -31.75 -70.51
C GLN CA 5 33.38 -31.93 -69.10
N LYS CA 6 32.71 -32.74 -68.31
CA LYS CA 6 33.18 -33.07 -66.96
C LYS CA 6 34.40 -33.94 -67.00
N PHE CA 7 34.51 -34.84 -67.94
CA PHE CA 7 35.75 -35.62 -68.12
C PHE CA 7 36.89 -34.70 -68.42
N ILE CA 8 36.73 -33.76 -69.35
CA ILE CA 8 37.77 -32.78 -69.66
C ILE CA 8 38.08 -31.95 -68.42
N ALA CA 9 37.08 -31.68 -67.61
CA ALA CA 9 37.27 -30.82 -66.44
C ALA CA 9 38.07 -31.49 -65.38
N ARG CA 10 37.71 -32.71 -65.01
CA ARG CA 10 38.38 -33.41 -63.91
C ARG CA 10 39.64 -34.06 -64.33
N ASN CA 11 39.78 -34.47 -65.57
CA ASN CA 11 40.92 -35.25 -66.00
C ASN CA 11 42.18 -34.51 -66.35
N ARG CA 12 42.13 -33.62 -67.31
CA ARG CA 12 43.28 -32.69 -67.59
C ARG CA 12 42.54 -31.42 -67.99
N ALA CA 13 42.63 -30.44 -67.12
CA ALA CA 13 41.77 -29.28 -67.26
C ALA CA 13 42.52 -28.16 -67.90
N PRO CA 14 41.97 -27.53 -68.97
CA PRO CA 14 42.51 -26.30 -69.44
C PRO CA 14 42.37 -25.21 -68.37
N ARG CA 15 43.19 -24.15 -68.45
CA ARG CA 15 43.04 -23.06 -67.53
C ARG CA 15 41.64 -22.45 -67.67
N VAL CA 16 41.12 -22.39 -68.90
CA VAL CA 16 39.75 -21.97 -69.15
C VAL CA 16 38.94 -23.20 -69.50
N GLN CA 17 38.07 -23.65 -68.62
CA GLN CA 17 37.25 -24.85 -68.84
C GLN CA 17 35.81 -24.43 -68.80
N ILE CA 18 35.11 -24.67 -69.92
CA ILE CA 18 33.72 -24.18 -70.06
C ILE CA 18 32.83 -25.40 -70.23
N GLU CA 19 31.92 -25.61 -69.31
CA GLU CA 19 30.98 -26.70 -69.33
C GLU CA 19 29.57 -26.13 -69.38
N TYR CA 20 28.64 -26.95 -69.88
CA TYR CA 20 27.24 -26.60 -69.85
C TYR CA 20 26.49 -27.60 -69.04
N ASP CA 21 25.74 -27.12 -68.04
CA ASP CA 21 24.93 -28.00 -67.20
C ASP CA 21 23.53 -27.47 -67.09
N VAL CA 22 22.54 -28.37 -67.20
CA VAL CA 22 21.13 -28.01 -67.14
C VAL CA 22 20.86 -27.57 -65.65
N GLU CA 23 20.08 -26.49 -65.52
CA GLU CA 23 19.74 -26.01 -64.23
C GLU CA 23 18.43 -26.57 -63.72
N LEU CA 24 18.48 -27.38 -62.67
CA LEU CA 24 17.30 -27.90 -61.98
C LEU CA 24 17.41 -27.55 -60.52
N TYR CA 25 16.56 -26.67 -60.03
CA TYR CA 25 16.60 -26.23 -58.66
C TYR CA 25 16.38 -27.30 -57.64
N GLY CA 26 15.29 -28.04 -57.83
CA GLY CA 26 14.93 -29.11 -56.92
C GLY CA 26 15.13 -30.54 -57.41
N ALA CA 27 15.58 -30.68 -58.65
CA ALA CA 27 15.81 -32.00 -59.26
C ALA CA 27 14.54 -32.84 -59.15
N GLU CA 28 14.67 -34.06 -58.63
CA GLU CA 28 13.52 -34.93 -58.43
C GLU CA 28 12.59 -35.15 -59.62
N LYS CA 29 13.13 -35.75 -60.68
CA LYS CA 29 12.36 -36.02 -61.89
C LYS CA 29 11.19 -37.00 -61.67
N LYS CA 30 10.16 -36.87 -62.50
CA LYS CA 30 8.94 -37.68 -62.38
C LYS CA 30 9.16 -39.18 -62.54
N VAL CA 31 8.30 -39.95 -61.87
CA VAL CA 31 8.46 -41.40 -61.78
C VAL CA 31 7.98 -42.13 -63.03
N GLN CA 32 7.17 -41.48 -63.88
CA GLN CA 32 6.65 -42.14 -65.09
C GLN CA 32 5.70 -43.25 -64.66
N LEU CA 33 6.09 -44.51 -64.91
CA LEU CA 33 5.31 -45.68 -64.51
C LEU CA 33 3.95 -45.73 -65.20
N PRO CA 34 3.91 -46.12 -66.47
CA PRO CA 34 2.63 -46.24 -67.17
C PRO CA 34 1.69 -47.23 -66.52
N PHE CA 35 0.41 -47.11 -66.87
CA PHE CA 35 -0.65 -47.98 -66.35
C PHE CA 35 -0.86 -49.13 -67.33
N VAL CA 36 -0.50 -50.32 -66.91
CA VAL CA 36 -0.73 -51.54 -67.68
C VAL CA 36 -1.93 -52.25 -67.08
N MET CA 37 -2.74 -52.88 -67.94
CA MET CA 37 -3.89 -53.66 -67.48
C MET CA 37 -3.74 -55.09 -67.99
N GLY CA 38 -3.51 -56.03 -67.10
CA GLY CA 38 -3.37 -57.41 -67.49
C GLY CA 38 -4.73 -58.05 -67.60
N VAL CA 39 -4.99 -58.76 -68.69
CA VAL CA 39 -6.29 -59.38 -68.88
C VAL CA 39 -6.18 -60.89 -69.01
N MET CA 40 -7.02 -61.61 -68.26
CA MET CA 40 -7.03 -63.06 -68.30
C MET CA 40 -8.36 -63.48 -68.88
N ALA CA 41 -8.34 -64.39 -69.84
CA ALA CA 41 -9.59 -64.80 -70.48
C ALA CA 41 -9.40 -66.18 -71.07
N ASP CA 42 -10.51 -66.83 -71.37
CA ASP CA 42 -10.47 -68.15 -72.01
C ASP CA 42 -10.53 -67.95 -73.51
N LEU CA 43 -9.42 -68.23 -74.18
CA LEU CA 43 -9.31 -68.07 -75.62
C LEU CA 43 -8.76 -69.36 -76.22
N ALA CA 44 -9.09 -69.58 -77.50
CA ALA CA 44 -8.74 -70.81 -78.20
C ALA CA 44 -9.33 -72.02 -77.48
N GLY CA 45 -10.61 -71.93 -77.19
CA GLY CA 45 -11.30 -73.01 -76.50
C GLY CA 45 -11.30 -74.28 -77.31
N LYS CA 46 -10.96 -75.40 -76.68
CA LYS CA 46 -10.81 -76.70 -77.34
C LYS CA 46 -9.83 -76.60 -78.50
N PRO CA 47 -8.54 -76.40 -78.24
CA PRO CA 47 -7.57 -76.32 -79.32
C PRO CA 47 -7.28 -77.70 -79.90
N ALA CA 48 -6.72 -77.69 -81.11
CA ALA CA 48 -6.40 -78.94 -81.79
C ALA CA 48 -5.11 -79.61 -81.33
N GLU CA 49 -4.21 -78.85 -80.71
CA GLU CA 49 -2.92 -79.36 -80.30
C GLU CA 49 -2.88 -79.30 -78.78
N PRO CA 50 -1.82 -79.82 -78.14
CA PRO CA 50 -1.65 -79.58 -76.69
C PRO CA 50 -1.53 -78.12 -76.32
N GLN CA 51 -1.35 -77.23 -77.28
CA GLN CA 51 -1.14 -75.80 -77.04
C GLN CA 51 0.16 -75.59 -76.27
N ALA CA 52 0.09 -74.93 -75.12
CA ALA CA 52 1.29 -74.61 -74.37
C ALA CA 52 1.03 -74.86 -72.89
N ALA CA 53 2.07 -75.33 -72.20
CA ALA CA 53 1.98 -75.52 -70.76
C ALA CA 53 1.94 -74.18 -70.05
N VAL CA 54 1.43 -74.19 -68.84
CA VAL CA 54 1.36 -72.98 -68.03
C VAL CA 54 2.77 -72.56 -67.66
N ALA CA 55 2.92 -71.27 -67.31
CA ALA CA 55 4.18 -70.60 -67.01
C ALA CA 55 4.98 -70.34 -68.27
N ASP CA 56 4.63 -71.01 -69.37
CA ASP CA 56 5.16 -70.70 -70.69
C ASP CA 56 4.25 -69.82 -71.52
N ARG CA 57 3.04 -69.50 -71.03
CA ARG CA 57 2.11 -68.68 -71.80
C ARG CA 57 2.42 -67.19 -71.69
N LYS CA 58 2.85 -66.76 -70.52
CA LYS CA 58 3.20 -65.35 -70.33
C LYS CA 58 1.99 -64.45 -70.52
N PHE CA 59 2.27 -63.16 -70.69
CA PHE CA 59 1.25 -62.16 -70.96
C PHE CA 59 1.71 -61.49 -72.23
N LEU CA 60 0.85 -61.39 -73.23
CA LEU CA 60 1.24 -60.80 -74.49
C LEU CA 60 0.56 -59.47 -74.69
N GLU CA 61 1.33 -58.44 -74.99
CA GLU CA 61 0.76 -57.13 -75.19
C GLU CA 61 -0.17 -57.15 -76.39
N ILE CA 62 -1.29 -56.46 -76.25
CA ILE CA 62 -2.30 -56.40 -77.28
C ILE CA 62 -2.72 -54.92 -77.44
N ASP CA 63 -3.20 -54.60 -78.62
CA ASP CA 63 -3.63 -53.27 -78.99
C ASP CA 63 -4.43 -53.38 -80.28
N VAL CA 64 -4.81 -52.24 -80.85
CA VAL CA 64 -5.53 -52.25 -82.10
C VAL CA 64 -4.65 -52.65 -83.27
N ASP CA 65 -3.33 -52.58 -83.11
CA ASP CA 65 -2.42 -52.87 -84.20
C ASP CA 65 -2.25 -54.37 -84.41
N ASN CA 66 -1.98 -55.13 -83.34
CA ASN CA 66 -1.69 -56.54 -83.44
C ASN CA 66 -2.87 -57.44 -83.15
N PHE CA 67 -4.05 -56.89 -82.97
CA PHE CA 67 -5.22 -57.67 -82.53
C PHE CA 67 -5.45 -58.87 -83.44
N ASP CA 68 -5.57 -58.63 -84.71
CA ASP CA 68 -5.74 -59.72 -85.67
C ASP CA 68 -4.53 -60.65 -85.70
N ALA CA 69 -3.34 -60.10 -85.47
CA ALA CA 69 -2.17 -60.95 -85.37
C ALA CA 69 -2.18 -61.75 -84.10
N ARG CA 70 -2.87 -61.27 -83.06
CA ARG CA 70 -3.02 -62.04 -81.83
C ARG CA 70 -4.04 -63.17 -82.02
N LEU CA 71 -5.11 -62.95 -82.77
CA LEU CA 71 -6.00 -64.03 -83.09
C LEU CA 71 -5.30 -65.06 -83.97
N LYS CA 72 -4.75 -64.64 -85.10
CA LYS CA 72 -4.12 -65.57 -86.00
C LYS CA 72 -2.97 -66.29 -85.37
N ALA CA 73 -2.26 -65.64 -84.45
CA ALA CA 73 -1.19 -66.31 -83.73
C ALA CA 73 -1.74 -67.29 -82.72
N MET CA 74 -2.82 -66.92 -82.04
CA MET CA 74 -3.38 -67.78 -81.00
C MET CA 74 -4.21 -68.90 -81.56
N LYS CA 75 -4.72 -68.75 -82.77
CA LYS CA 75 -5.56 -69.74 -83.48
C LYS CA 75 -6.72 -70.24 -82.63
N PRO CA 76 -7.65 -69.36 -82.24
CA PRO CA 76 -8.86 -69.81 -81.61
C PRO CA 76 -9.74 -70.62 -82.48
N ARG CA 77 -10.19 -71.80 -81.96
CA ARG CA 77 -10.97 -72.68 -82.82
C ARG CA 77 -12.16 -73.23 -82.08
N VAL CA 78 -13.09 -73.83 -82.79
CA VAL CA 78 -14.28 -74.41 -82.22
C VAL CA 78 -14.69 -75.60 -83.02
N ALA CA 79 -15.01 -76.70 -82.34
CA ALA CA 79 -15.41 -77.94 -83.02
C ALA CA 79 -16.58 -78.53 -82.24
N PHE CA 80 -17.72 -78.70 -82.91
CA PHE CA 80 -18.86 -79.33 -82.30
C PHE CA 80 -19.81 -79.85 -83.30
N ASN CA 81 -20.72 -80.73 -82.86
CA ASN CA 81 -21.78 -81.30 -83.73
C ASN CA 81 -22.98 -80.39 -83.65
N VAL CA 82 -23.62 -80.20 -84.79
CA VAL CA 82 -24.83 -79.33 -84.83
C VAL CA 82 -25.83 -80.01 -85.74
N PRO CA 83 -27.13 -79.96 -85.42
CA PRO CA 83 -28.12 -80.56 -86.31
C PRO CA 83 -28.05 -79.97 -87.72
N ASN CA 84 -28.19 -80.85 -88.71
CA ASN CA 84 -28.08 -80.43 -90.11
C ASN CA 84 -29.50 -80.17 -90.61
N VAL CA 85 -29.84 -78.91 -90.86
CA VAL CA 85 -31.15 -78.58 -91.37
C VAL CA 85 -31.18 -78.57 -92.91
N LEU CA 86 -30.01 -78.60 -93.54
CA LEU CA 86 -29.98 -78.55 -94.99
C LEU CA 86 -30.61 -79.73 -95.72
N THR CA 87 -30.29 -80.96 -95.30
CA THR CA 87 -30.84 -82.15 -95.95
C THR CA 87 -31.19 -83.32 -94.98
N GLY CA 88 -32.07 -83.08 -94.01
CA GLY CA 88 -32.44 -84.12 -93.06
C GLY CA 88 -31.18 -84.63 -92.37
N GLU CA 89 -30.99 -85.95 -92.36
CA GLU CA 89 -29.75 -86.50 -91.76
C GLU CA 89 -29.81 -86.31 -90.24
N GLY CA 90 -28.86 -85.62 -89.65
CA GLY CA 90 -28.63 -85.64 -88.23
C GLY CA 90 -27.51 -84.56 -88.00
N ASN CA 91 -26.86 -84.72 -86.83
CA ASN CA 91 -25.80 -83.87 -86.46
C ASN CA 91 -24.76 -83.69 -87.58
N LEU CA 92 -24.31 -82.44 -87.74
CA LEU CA 92 -23.24 -82.09 -88.64
C LEU CA 92 -22.03 -81.57 -87.86
N SER CA 93 -20.94 -82.30 -87.89
CA SER CA 93 -19.70 -81.92 -87.21
C SER CA 93 -18.96 -80.90 -88.01
N LEU CA 94 -18.74 -79.73 -87.40
CA LEU CA 94 -18.02 -78.63 -88.09
C LEU CA 94 -16.76 -78.29 -87.31
N ASP CA 95 -15.71 -77.97 -88.04
CA ASP CA 95 -14.46 -77.59 -87.40
C ASP CA 95 -14.13 -76.19 -87.89
N ILE CA 96 -14.04 -75.25 -86.98
CA ILE CA 96 -13.74 -73.87 -87.36
C ILE CA 96 -12.63 -73.25 -86.53
N THR CA 97 -11.67 -72.64 -87.23
CA THR CA 97 -10.59 -71.93 -86.55
C THR CA 97 -10.63 -70.48 -87.05
N PHE CA 98 -10.79 -69.54 -86.13
CA PHE CA 98 -11.01 -68.16 -86.50
C PHE CA 98 -9.66 -67.43 -86.51
N GLU CA 99 -9.26 -66.96 -87.69
CA GLU CA 99 -8.00 -66.25 -87.85
C GLU CA 99 -8.13 -64.73 -87.87
N SER CA 100 -9.34 -64.21 -87.71
CA SER CA 100 -9.51 -62.74 -87.73
C SER CA 100 -10.81 -62.39 -87.06
N MET CA 101 -10.95 -61.15 -86.63
CA MET CA 101 -12.16 -60.75 -85.94
C MET CA 101 -13.37 -60.78 -86.84
N ASP CA 102 -13.12 -60.79 -88.15
CA ASP CA 102 -14.19 -60.87 -89.13
C ASP CA 102 -14.68 -62.32 -89.31
N ASP CA 103 -13.94 -63.28 -88.77
CA ASP CA 103 -14.31 -64.67 -88.92
C ASP CA 103 -15.42 -65.08 -87.98
N PHE CA 104 -15.84 -64.22 -87.06
CA PHE CA 104 -17.02 -64.47 -86.26
C PHE CA 104 -18.29 -63.99 -86.93
N SER CA 105 -18.19 -63.25 -88.01
CA SER CA 105 -19.37 -62.83 -88.75
C SER CA 105 -20.02 -64.01 -89.42
N PRO CA 106 -21.34 -63.97 -89.66
CA PRO CA 106 -22.01 -65.17 -90.21
C PRO CA 106 -21.54 -65.48 -91.64
N ALA CA 107 -21.14 -64.51 -92.42
CA ALA CA 107 -20.62 -64.76 -93.74
C ALA CA 107 -19.37 -65.61 -93.70
N ALA CA 108 -18.40 -65.19 -92.91
CA ALA CA 108 -17.15 -65.96 -92.76
C ALA CA 108 -17.40 -67.31 -92.13
N VAL CA 109 -18.34 -67.40 -91.20
CA VAL CA 109 -18.73 -68.70 -90.65
C VAL CA 109 -19.21 -69.61 -91.76
N ALA CA 110 -20.02 -69.09 -92.68
CA ALA CA 110 -20.50 -69.89 -93.78
C ALA CA 110 -19.35 -70.26 -94.74
N ARG CA 111 -18.39 -69.36 -94.93
CA ARG CA 111 -17.29 -69.65 -95.82
C ARG CA 111 -16.34 -70.70 -95.24
N LYS CA 112 -16.27 -70.81 -93.89
CA LYS CA 112 -15.34 -71.76 -93.32
C LYS CA 112 -15.88 -73.17 -93.33
N VAL CA 113 -17.17 -73.37 -93.03
CA VAL CA 113 -17.75 -74.70 -93.12
C VAL CA 113 -17.87 -75.04 -94.63
N ASP CA 114 -17.34 -76.23 -95.00
CA ASP CA 114 -17.15 -76.54 -96.41
C ASP CA 114 -18.52 -76.70 -97.14
N SER CA 115 -19.48 -77.37 -96.51
CA SER CA 115 -20.78 -77.51 -97.11
C SER CA 115 -21.44 -76.15 -97.33
N LEU CA 116 -21.54 -75.37 -96.26
CA LEU CA 116 -22.07 -74.00 -96.38
C LEU CA 116 -21.22 -73.17 -97.35
N ASN CA 117 -19.94 -73.51 -97.53
CA ASN CA 117 -19.15 -72.84 -98.54
C ASN CA 117 -19.66 -73.18 -99.92
N LYS CA 118 -19.99 -74.45 -100.16
CA LYS CA 118 -20.51 -74.84 -101.48
C LYS CA 118 -21.87 -74.19 -101.74
N LEU CA 119 -22.74 -74.14 -100.71
CA LEU CA 119 -24.01 -73.49 -100.90
C LEU CA 119 -23.88 -71.99 -101.12
N LEU CA 120 -23.01 -71.35 -100.36
CA LEU CA 120 -22.81 -69.92 -100.52
C LEU CA 120 -22.23 -69.59 -101.89
N GLU CA 121 -21.28 -70.41 -102.36
CA GLU CA 121 -20.75 -70.21 -103.70
C GLU CA 121 -21.84 -70.43 -104.75
N ALA CA 122 -22.72 -71.38 -104.52
CA ALA CA 122 -23.85 -71.57 -105.42
C ALA CA 122 -24.71 -70.31 -105.48
N ARG CA 123 -24.95 -69.69 -104.31
CA ARG CA 123 -25.77 -68.50 -104.30
C ARG CA 123 -25.06 -67.33 -104.99
N THR CA 124 -23.75 -67.19 -104.80
CA THR CA 124 -23.07 -66.11 -105.47
C THR CA 124 -22.99 -66.33 -106.98
N GLN CA 125 -22.96 -67.60 -107.41
CA GLN CA 125 -22.94 -67.88 -108.85
C GLN CA 125 -24.31 -67.63 -109.48
N LEU CA 126 -25.39 -67.91 -108.74
CA LEU CA 126 -26.72 -67.67 -109.28
C LEU CA 126 -27.08 -66.19 -109.25
N ALA CA 127 -26.80 -65.51 -108.14
CA ALA CA 127 -27.07 -64.08 -108.04
C ALA CA 127 -26.18 -63.29 -108.98
N ASN CA 128 -24.94 -63.75 -109.16
CA ASN CA 128 -24.08 -63.17 -110.18
C ASN CA 128 -24.51 -63.58 -111.57
N LEU CA 129 -25.29 -64.66 -111.69
CA LEU CA 129 -25.77 -65.10 -113.00
C LEU CA 129 -26.97 -64.28 -113.45
N LEU CA 130 -27.88 -63.94 -112.51
CA LEU CA 130 -29.06 -63.17 -112.88
C LEU CA 130 -28.67 -61.79 -113.40
N THR CA 131 -27.53 -61.27 -112.96
CA THR CA 131 -27.02 -60.00 -113.45
C THR CA 131 -25.90 -60.29 -114.46
N TYR CA 132 -26.22 -60.11 -115.75
CA TYR CA 132 -25.29 -60.29 -116.85
C TYR CA 132 -24.21 -61.37 -116.63
N ARG DA 1 -55.12 -47.25 -139.94
CA ARG DA 1 -55.99 -48.21 -139.14
C ARG DA 1 -55.05 -49.24 -138.46
N GLU DA 2 -55.11 -50.47 -138.98
CA GLU DA 2 -54.24 -51.54 -138.55
C GLU DA 2 -52.98 -51.60 -139.44
N ALA DA 3 -52.94 -50.82 -140.52
CA ALA DA 3 -51.77 -50.83 -141.38
C ALA DA 3 -50.55 -50.21 -140.65
N VAL DA 4 -50.78 -49.12 -139.90
CA VAL DA 4 -49.70 -48.58 -139.11
C VAL DA 4 -49.25 -49.60 -138.04
N GLU DA 5 -50.19 -50.40 -137.54
CA GLU DA 5 -49.82 -51.44 -136.58
C GLU DA 5 -48.96 -52.52 -137.23
N THR DA 6 -49.17 -52.78 -138.52
CA THR DA 6 -48.29 -53.73 -139.21
C THR DA 6 -46.92 -53.11 -139.48
N ALA DA 7 -46.88 -51.81 -139.80
CA ALA DA 7 -45.60 -51.17 -140.04
C ALA DA 7 -44.75 -51.13 -138.75
N VAL DA 8 -45.37 -50.76 -137.61
CA VAL DA 8 -44.63 -50.78 -136.37
C VAL DA 8 -44.42 -52.22 -135.88
N ARG DA 9 -45.20 -53.18 -136.40
CA ARG DA 9 -44.91 -54.58 -136.10
C ARG DA 9 -43.60 -54.99 -136.74
N THR DA 10 -43.48 -54.81 -138.07
CA THR DA 10 -42.27 -55.22 -138.76
C THR DA 10 -41.07 -54.41 -138.28
N LEU DA 11 -41.23 -53.08 -138.13
CA LEU DA 11 -40.14 -52.26 -137.68
C LEU DA 11 -39.71 -52.60 -136.24
N ALA DA 12 -40.69 -52.69 -135.33
CA ALA DA 12 -40.37 -52.92 -133.93
C ALA DA 12 -39.75 -54.30 -133.73
N GLU DA 13 -40.30 -55.33 -134.36
CA GLU DA 13 -39.76 -56.67 -134.21
C GLU DA 13 -38.37 -56.76 -134.85
N HIS DA 14 -38.26 -56.38 -136.13
CA HIS DA 14 -37.00 -56.51 -136.83
C HIS DA 14 -35.88 -55.73 -136.12
N ALA DA 15 -36.16 -54.49 -135.73
CA ALA DA 15 -35.16 -53.72 -135.03
C ALA DA 15 -34.84 -54.34 -133.67
N LEU DA 16 -35.89 -54.77 -132.94
CA LEU DA 16 -35.72 -55.23 -131.57
C LEU DA 16 -34.92 -56.50 -131.41
N GLU DA 17 -35.30 -57.55 -132.13
CA GLU DA 17 -34.67 -58.87 -131.95
C GLU DA 17 -33.62 -59.31 -132.98
N GLN DA 18 -33.33 -58.52 -134.00
CA GLN DA 18 -32.41 -58.97 -135.05
C GLN DA 18 -30.98 -59.31 -134.64
N THR DA 19 -30.42 -58.53 -133.72
CA THR DA 19 -29.04 -58.67 -133.28
C THR DA 19 -28.91 -58.51 -131.77
N SER DA 20 -29.20 -57.31 -131.27
CA SER DA 20 -29.03 -57.01 -129.86
C SER DA 20 -30.11 -57.70 -129.02
N LEU DA 21 -30.07 -57.44 -127.71
CA LEU DA 21 -31.00 -58.02 -126.75
C LEU DA 21 -30.96 -59.55 -126.82
N ILE DA 22 -29.75 -60.09 -126.68
CA ILE DA 22 -29.54 -61.53 -126.86
C ILE DA 22 -30.27 -62.29 -125.77
N SER DA 23 -31.13 -63.22 -126.18
CA SER DA 23 -31.86 -64.15 -125.31
C SER DA 23 -32.88 -63.44 -124.43
N ASN DA 24 -32.79 -62.12 -124.32
CA ASN DA 24 -33.73 -61.29 -123.56
C ASN DA 24 -33.99 -61.88 -122.17
N ASP DA 25 -35.26 -61.87 -121.76
CA ASP DA 25 -35.69 -62.54 -120.54
C ASP DA 25 -37.17 -62.90 -120.68
N ALA DA 26 -37.58 -63.96 -120.00
CA ALA DA 26 -38.97 -64.36 -119.99
C ALA DA 26 -39.51 -64.42 -118.57
N ILE DA 27 -39.12 -65.46 -117.83
CA ILE DA 27 -39.48 -65.60 -116.42
C ILE DA 27 -38.16 -65.54 -115.64
N LYS DA 28 -37.97 -64.45 -114.91
CA LYS DA 28 -36.82 -64.32 -114.02
C LYS DA 28 -37.14 -64.74 -112.59
N SER DA 29 -38.38 -65.15 -112.33
CA SER DA 29 -38.77 -65.63 -111.01
C SER DA 29 -38.09 -66.94 -110.63
N ILE DA 30 -37.42 -67.60 -111.58
CA ILE DA 30 -36.66 -68.80 -111.25
C ILE DA 30 -35.51 -68.47 -110.33
N GLU DA 31 -35.05 -67.21 -110.32
CA GLU DA 31 -34.01 -66.77 -109.41
C GLU DA 31 -34.49 -66.64 -107.98
N SER DA 32 -35.79 -66.81 -107.72
CA SER DA 32 -36.29 -66.87 -106.35
C SER DA 32 -35.77 -68.08 -105.59
N ILE DA 33 -35.11 -69.01 -106.27
CA ILE DA 33 -34.45 -70.12 -105.59
C ILE DA 33 -33.37 -69.60 -104.65
N ILE DA 34 -32.80 -68.45 -105.04
CA ILE DA 34 -31.83 -67.84 -104.13
C ILE DA 34 -32.51 -67.53 -102.80
N ALA DA 35 -33.81 -67.25 -102.79
CA ALA DA 35 -34.51 -67.04 -101.54
C ALA DA 35 -34.52 -68.32 -100.71
N ALA DA 36 -34.70 -69.48 -101.36
CA ALA DA 36 -34.71 -70.74 -100.63
C ALA DA 36 -33.30 -71.12 -100.19
N LEU DA 37 -32.30 -70.90 -101.04
CA LEU DA 37 -30.92 -71.21 -100.70
C LEU DA 37 -30.47 -70.35 -99.50
N ASP DA 38 -30.78 -69.06 -99.57
CA ASP DA 38 -30.45 -68.13 -98.51
C ASP DA 38 -31.20 -68.54 -97.24
N ALA DA 39 -32.45 -68.97 -97.41
CA ALA DA 39 -33.22 -69.38 -96.27
C ALA DA 39 -32.57 -70.57 -95.58
N LYS DA 40 -32.05 -71.52 -96.35
CA LYS DA 40 -31.33 -72.64 -95.76
C LYS DA 40 -30.06 -72.18 -95.08
N LEU DA 41 -29.37 -71.20 -95.66
CA LEU DA 41 -28.15 -70.69 -95.01
C LEU DA 41 -28.48 -69.95 -93.71
N THR DA 42 -29.63 -69.30 -93.64
CA THR DA 42 -30.04 -68.72 -92.36
C THR DA 42 -30.39 -69.80 -91.35
N ALA DA 43 -31.09 -70.84 -91.79
CA ALA DA 43 -31.46 -71.91 -90.86
C ALA DA 43 -30.22 -72.62 -90.33
N GLN DA 44 -29.19 -72.78 -91.16
CA GLN DA 44 -27.99 -73.45 -90.69
C GLN DA 44 -27.10 -72.53 -89.88
N VAL DA 45 -26.85 -71.31 -90.37
CA VAL DA 45 -25.92 -70.40 -89.70
C VAL DA 45 -26.50 -69.97 -88.38
N ASN DA 46 -27.82 -69.92 -88.25
CA ASN DA 46 -28.41 -69.68 -86.92
C ASN DA 46 -27.96 -70.74 -85.94
N LEU DA 47 -27.98 -72.00 -86.33
CA LEU DA 47 -27.54 -73.07 -85.42
C LEU DA 47 -26.05 -73.08 -85.20
N ILE DA 48 -25.27 -72.74 -86.20
CA ILE DA 48 -23.81 -72.74 -86.03
C ILE DA 48 -23.39 -71.63 -85.09
N MET DA 49 -23.97 -70.43 -85.26
CA MET DA 49 -23.55 -69.29 -84.48
C MET DA 49 -24.15 -69.32 -83.07
N HIS DA 50 -25.34 -69.84 -82.90
CA HIS DA 50 -26.03 -69.82 -81.63
C HIS DA 50 -25.67 -70.98 -80.72
N HIS DA 51 -24.75 -71.86 -81.15
CA HIS DA 51 -24.33 -72.94 -80.30
C HIS DA 51 -23.60 -72.44 -79.08
N ALA DA 52 -23.60 -73.23 -78.01
CA ALA DA 52 -22.99 -72.81 -76.77
C ALA DA 52 -21.50 -72.50 -76.96
N ASP DA 53 -20.80 -73.34 -77.75
CA ASP DA 53 -19.39 -73.15 -77.95
C ASP DA 53 -19.10 -71.88 -78.72
N PHE DA 54 -19.75 -71.69 -79.85
CA PHE DA 54 -19.53 -70.49 -80.65
C PHE DA 54 -19.94 -69.25 -79.91
N GLN DA 55 -20.99 -69.32 -79.08
CA GLN DA 55 -21.37 -68.16 -78.30
C GLN DA 55 -20.37 -67.86 -77.21
N GLN DA 56 -19.73 -68.89 -76.66
CA GLN DA 56 -18.72 -68.66 -75.63
C GLN DA 56 -17.48 -68.04 -76.20
N LEU DA 57 -16.93 -68.63 -77.26
CA LEU DA 57 -15.75 -68.06 -77.89
C LEU DA 57 -16.03 -66.68 -78.48
N GLU DA 58 -17.12 -66.55 -79.21
CA GLU DA 58 -17.54 -65.27 -79.76
C GLU DA 58 -17.64 -64.24 -78.71
N SER DA 59 -18.20 -64.59 -77.53
CA SER DA 59 -18.34 -63.61 -76.45
C SER DA 59 -17.01 -63.27 -75.87
N ALA DA 60 -16.08 -64.22 -75.82
CA ALA DA 60 -14.75 -63.94 -75.28
C ALA DA 60 -13.99 -62.97 -76.16
N TRP DA 61 -13.82 -63.31 -77.42
CA TRP DA 61 -13.10 -62.44 -78.36
C TRP DA 61 -13.82 -61.15 -78.61
N ARG DA 62 -15.14 -61.16 -78.54
CA ARG DA 62 -15.93 -59.95 -78.74
C ARG DA 62 -15.78 -59.02 -77.58
N GLY DA 63 -15.75 -59.53 -76.38
CA GLY DA 63 -15.47 -58.72 -75.20
C GLY DA 63 -14.07 -58.16 -75.20
N LEU DA 64 -13.10 -59.00 -75.49
CA LEU DA 64 -11.71 -58.54 -75.58
C LEU DA 64 -11.56 -57.49 -76.66
N HIS DA 65 -12.20 -57.68 -77.79
CA HIS DA 65 -12.17 -56.67 -78.85
C HIS DA 65 -12.79 -55.40 -78.42
N TYR DA 66 -13.89 -55.45 -77.68
CA TYR DA 66 -14.46 -54.24 -77.11
C TYR DA 66 -13.50 -53.55 -76.23
N LEU DA 67 -12.78 -54.28 -75.41
CA LEU DA 67 -11.80 -53.64 -74.50
C LEU DA 67 -10.69 -53.02 -75.25
N VAL DA 68 -10.24 -53.65 -76.32
CA VAL DA 68 -9.06 -53.16 -77.08
C VAL DA 68 -9.44 -51.91 -77.86
N ASN DA 69 -10.53 -51.98 -78.63
CA ASN DA 69 -10.91 -50.90 -79.53
C ASN DA 69 -11.34 -49.67 -78.80
N ASN DA 70 -11.99 -49.82 -77.67
CA ASN DA 70 -12.47 -48.68 -76.89
C ASN DA 70 -11.46 -48.11 -75.97
N THR DA 71 -10.24 -48.63 -75.96
CA THR DA 71 -9.15 -48.12 -75.13
C THR DA 71 -8.17 -47.32 -76.00
N GLU DA 72 -7.72 -46.19 -75.50
CA GLU DA 72 -6.74 -45.38 -76.19
C GLU DA 72 -5.36 -45.81 -75.66
N THR DA 73 -4.66 -46.62 -76.44
CA THR DA 73 -3.40 -47.18 -76.01
C THR DA 73 -2.21 -46.42 -76.55
N ASP DA 74 -1.28 -46.15 -75.65
CA ASP DA 74 -0.05 -45.47 -75.95
C ASP DA 74 1.04 -45.95 -75.01
N GLU DA 75 2.02 -45.11 -74.78
CA GLU DA 75 3.11 -45.45 -73.90
C GLU DA 75 2.57 -45.70 -72.51
N GLN DA 76 1.66 -44.85 -72.07
CA GLN DA 76 1.01 -44.96 -70.76
C GLN DA 76 0.05 -46.14 -70.53
N LEU DA 77 -0.77 -46.46 -71.52
CA LEU DA 77 -1.76 -47.52 -71.41
C LEU DA 77 -1.31 -48.72 -72.21
N LYS DA 78 -1.30 -49.88 -71.59
CA LYS DA 78 -1.07 -51.13 -72.21
C LYS DA 78 -2.13 -52.13 -71.80
N ILE DA 79 -2.32 -53.16 -72.59
CA ILE DA 79 -3.22 -54.23 -72.33
C ILE DA 79 -2.47 -55.51 -72.66
N ARG DA 80 -2.25 -56.37 -71.66
CA ARG DA 80 -1.64 -57.64 -71.81
C ARG DA 80 -2.57 -58.75 -71.57
N VAL DA 81 -2.76 -59.63 -72.49
CA VAL DA 81 -3.72 -60.77 -72.41
C VAL DA 81 -2.99 -62.04 -72.08
N LEU DA 82 -3.51 -62.85 -71.21
CA LEU DA 82 -3.13 -64.22 -70.95
C LEU DA 82 -4.23 -65.19 -71.17
N ASN DA 83 -4.10 -66.10 -72.13
CA ASN DA 83 -5.21 -67.00 -72.37
C ASN DA 83 -5.08 -68.20 -71.50
N ILE DA 84 -6.00 -68.29 -70.55
CA ILE DA 84 -6.04 -69.38 -69.61
C ILE DA 84 -7.50 -69.64 -69.26
N SER DA 85 -7.93 -70.87 -69.45
CA SER DA 85 -9.32 -71.21 -69.13
C SER DA 85 -9.48 -71.22 -67.65
N LYS DA 86 -10.72 -71.06 -67.21
CA LYS DA 86 -11.04 -71.06 -65.78
C LYS DA 86 -10.62 -72.38 -65.13
N PRO DA 87 -10.84 -73.56 -65.73
CA PRO DA 87 -10.29 -74.75 -65.19
C PRO DA 87 -8.78 -74.80 -65.05
N GLU DA 88 -8.08 -74.22 -65.99
CA GLU DA 88 -6.59 -74.19 -65.92
C GLU DA 88 -6.14 -73.24 -64.86
N LEU DA 89 -6.82 -72.11 -64.71
CA LEU DA 89 -6.46 -71.15 -63.66
C LEU DA 89 -6.73 -71.73 -62.30
N HIS DA 90 -7.88 -72.35 -62.10
CA HIS DA 90 -8.17 -72.99 -60.83
C HIS DA 90 -7.24 -74.14 -60.58
N LYS DA 91 -6.78 -74.82 -61.64
CA LYS DA 91 -5.88 -75.95 -61.45
C LYS DA 91 -4.51 -75.47 -60.98
N THR DA 92 -3.90 -74.53 -61.71
CA THR DA 92 -2.58 -74.06 -61.36
C THR DA 92 -2.57 -73.31 -60.05
N LEU DA 93 -3.67 -72.64 -59.73
CA LEU DA 93 -3.77 -71.99 -58.43
C LEU DA 93 -4.10 -72.98 -57.34
N LYS DA 94 -4.61 -74.15 -57.69
CA LYS DA 94 -4.82 -75.20 -56.70
C LYS DA 94 -3.55 -75.96 -56.41
N LYS DA 95 -2.66 -76.12 -57.38
CA LYS DA 95 -1.37 -76.78 -57.13
C LYS DA 95 -0.59 -76.11 -56.07
N PHE DA 96 -0.59 -74.78 -56.06
CA PHE DA 96 0.17 -73.99 -55.06
C PHE DA 96 -0.84 -73.29 -54.19
N LYS DA 97 -0.96 -73.73 -52.97
CA LYS DA 97 -1.91 -73.14 -52.02
C LYS DA 97 -1.26 -73.18 -50.63
N GLY DA 98 -1.75 -72.31 -49.76
CA GLY DA 98 -1.09 -72.20 -48.48
C GLY DA 98 0.29 -71.65 -48.56
N THR DA 99 1.33 -72.33 -48.12
CA THR DA 99 2.66 -71.81 -48.13
C THR DA 99 3.18 -71.60 -49.54
N THR DA 100 2.89 -72.57 -50.44
CA THR DA 100 3.57 -72.52 -51.73
C THR DA 100 2.98 -71.47 -52.65
N TRP DA 101 1.95 -70.72 -52.23
CA TRP DA 101 1.31 -69.75 -53.12
C TRP DA 101 2.24 -68.73 -53.64
N ASP DA 102 3.29 -68.38 -52.88
CA ASP DA 102 4.32 -67.42 -53.33
C ASP DA 102 4.98 -67.89 -54.57
N GLN DA 103 4.97 -69.17 -54.90
CA GLN DA 103 5.51 -69.76 -56.11
C GLN DA 103 4.36 -70.30 -56.89
N SER DA 104 4.05 -69.66 -57.99
CA SER DA 104 2.97 -70.05 -58.94
C SER DA 104 3.23 -69.46 -60.28
N PRO DA 105 2.72 -70.04 -61.34
CA PRO DA 105 2.90 -69.46 -62.67
C PRO DA 105 2.27 -68.07 -62.73
N ILE DA 106 1.10 -67.95 -62.14
CA ILE DA 106 0.31 -66.73 -62.10
C ILE DA 106 0.94 -65.70 -61.22
N PHE DA 107 1.44 -66.09 -60.07
CA PHE DA 107 2.12 -65.15 -59.19
C PHE DA 107 3.46 -64.74 -59.75
N LYS DA 108 4.18 -65.66 -60.39
CA LYS DA 108 5.42 -65.30 -61.05
C LYS DA 108 5.16 -64.20 -62.07
N LYS DA 109 4.23 -64.43 -63.02
CA LYS DA 109 3.93 -63.48 -64.05
C LYS DA 109 3.46 -62.18 -63.51
N LEU DA 110 2.50 -62.20 -62.60
CA LEU DA 110 1.86 -60.97 -62.16
C LEU DA 110 2.72 -60.17 -61.24
N TYR DA 111 3.42 -60.83 -60.34
CA TYR DA 111 4.25 -60.15 -59.33
C TYR DA 111 5.72 -60.11 -59.55
N GLU DA 112 6.34 -61.22 -59.94
CA GLU DA 112 7.78 -61.32 -59.96
C GLU DA 112 8.25 -60.56 -61.20
N GLU DA 113 7.81 -60.96 -62.38
CA GLU DA 113 8.33 -60.41 -63.59
C GLU DA 113 8.02 -58.96 -63.83
N GLU DA 114 7.13 -58.37 -63.05
CA GLU DA 114 6.70 -57.01 -63.32
C GLU DA 114 6.75 -56.13 -62.07
N TYR DA 115 5.92 -56.41 -61.09
CA TYR DA 115 5.95 -55.61 -59.88
C TYR DA 115 7.13 -55.89 -59.04
N GLY DA 116 7.70 -57.08 -59.11
CA GLY DA 116 8.88 -57.42 -58.34
C GLY DA 116 10.13 -57.16 -59.10
N GLN DA 117 10.07 -57.16 -60.42
CA GLN DA 117 11.26 -56.93 -61.25
C GLN DA 117 11.80 -55.51 -61.19
N PHE DA 118 13.11 -55.33 -61.36
CA PHE DA 118 13.66 -53.98 -61.38
C PHE DA 118 13.41 -53.33 -62.73
N GLY DA 119 12.72 -52.20 -62.73
CA GLY DA 119 12.37 -51.54 -63.98
C GLY DA 119 11.29 -52.25 -64.77
N GLY DA 120 10.28 -52.80 -64.09
CA GLY DA 120 9.19 -53.49 -64.74
C GLY DA 120 7.91 -52.67 -64.70
N GLU DA 121 6.81 -53.32 -65.03
CA GLU DA 121 5.50 -52.66 -65.03
C GLU DA 121 4.65 -53.19 -63.89
N PRO DA 122 4.28 -52.35 -62.92
CA PRO DA 122 3.54 -52.84 -61.74
C PRO DA 122 2.17 -53.42 -62.05
N TYR DA 123 1.74 -53.43 -63.30
CA TYR DA 123 0.58 -54.17 -63.82
C TYR DA 123 -0.79 -53.57 -63.54
N GLY DA 124 -0.88 -52.48 -62.78
CA GLY DA 124 -2.13 -51.74 -62.73
C GLY DA 124 -3.32 -52.53 -62.24
N CYS DA 125 -4.33 -52.66 -63.09
CA CYS DA 125 -5.55 -53.41 -62.79
C CYS DA 125 -5.58 -54.70 -63.60
N LEU DA 126 -6.29 -55.69 -63.07
CA LEU DA 126 -6.41 -57.00 -63.70
C LEU DA 126 -7.87 -57.28 -63.99
N VAL DA 127 -8.15 -57.90 -65.13
CA VAL DA 127 -9.53 -58.20 -65.50
C VAL DA 127 -9.72 -59.68 -65.70
N GLY DA 128 -10.59 -60.27 -64.90
CA GLY DA 128 -10.84 -61.69 -64.99
C GLY DA 128 -11.48 -62.34 -66.20
N ASP DA 129 -12.55 -61.73 -66.71
CA ASP DA 129 -13.34 -62.28 -67.82
C ASP DA 129 -13.87 -63.70 -67.53
N TYR DA 130 -14.30 -63.93 -66.30
CA TYR DA 130 -14.81 -65.22 -65.86
C TYR DA 130 -16.10 -65.02 -65.06
N TYR DA 131 -16.92 -66.05 -64.99
CA TYR DA 131 -18.15 -65.99 -64.23
C TYR DA 131 -18.02 -66.84 -62.98
N PHE DA 132 -17.96 -66.20 -61.82
CA PHE DA 132 -17.71 -66.85 -60.56
C PHE DA 132 -19.01 -67.00 -59.76
N ASP DA 133 -19.35 -68.23 -59.36
CA ASP DA 133 -20.46 -68.51 -58.48
C ASP DA 133 -19.95 -68.86 -57.10
N GLN DA 134 -20.84 -69.21 -56.18
CA GLN DA 134 -20.48 -69.56 -54.82
C GLN DA 134 -19.89 -70.97 -54.66
N SER DA 135 -19.74 -71.72 -55.74
CA SER DA 135 -19.21 -73.07 -55.69
C SER DA 135 -17.89 -73.14 -55.04
N PRO DA 136 -17.50 -74.30 -54.46
CA PRO DA 136 -16.20 -74.43 -53.79
C PRO DA 136 -15.03 -74.05 -54.72
N PRO DA 137 -15.00 -74.53 -55.99
CA PRO DA 137 -13.87 -74.17 -56.82
C PRO DA 137 -13.75 -72.66 -57.11
N ASP DA 138 -14.87 -71.97 -57.27
CA ASP DA 138 -14.84 -70.56 -57.54
C ASP DA 138 -14.50 -69.75 -56.30
N VAL DA 139 -14.85 -70.25 -55.12
CA VAL DA 139 -14.44 -69.60 -53.90
C VAL DA 139 -12.94 -69.77 -53.69
N GLU DA 140 -12.40 -70.92 -54.06
CA GLU DA 140 -10.97 -71.11 -54.00
C GLU DA 140 -10.26 -70.21 -54.98
N LEU DA 141 -10.75 -70.15 -56.22
CA LEU DA 141 -10.12 -69.30 -57.22
C LEU DA 141 -10.14 -67.84 -56.82
N LEU DA 142 -11.26 -67.38 -56.27
CA LEU DA 142 -11.32 -66.00 -55.81
C LEU DA 142 -10.44 -65.76 -54.61
N GLY DA 143 -10.32 -66.74 -53.72
CA GLY DA 143 -9.40 -66.57 -52.60
C GLY DA 143 -7.96 -66.40 -53.05
N GLU DA 144 -7.54 -67.25 -53.98
CA GLU DA 144 -6.17 -67.20 -54.46
C GLU DA 144 -5.92 -65.93 -55.26
N MET DA 145 -6.77 -65.62 -56.23
CA MET DA 145 -6.61 -64.39 -57.00
C MET DA 145 -6.70 -63.16 -56.12
N ALA DA 146 -7.37 -63.27 -54.97
CA ALA DA 146 -7.36 -62.17 -54.02
C ALA DA 146 -6.03 -62.08 -53.31
N LYS DA 147 -5.38 -63.22 -53.05
CA LYS DA 147 -4.03 -63.20 -52.49
C LYS DA 147 -3.05 -62.58 -53.46
N ILE DA 148 -3.02 -63.03 -54.69
CA ILE DA 148 -2.12 -62.47 -55.70
C ILE DA 148 -2.38 -61.01 -55.92
N SER DA 149 -3.60 -60.69 -56.30
CA SER DA 149 -3.97 -59.30 -56.57
C SER DA 149 -3.74 -58.42 -55.39
N ALA DA 150 -3.86 -58.95 -54.18
CA ALA DA 150 -3.56 -58.17 -52.98
C ALA DA 150 -2.11 -57.97 -52.83
N ALA DA 151 -1.29 -58.94 -53.21
CA ALA DA 151 0.18 -58.82 -53.07
C ALA DA 151 0.73 -57.84 -54.03
N MET DA 152 0.27 -57.85 -55.28
CA MET DA 152 0.76 -56.97 -56.33
C MET DA 152 0.05 -55.65 -56.37
N HIS DA 153 -0.93 -55.41 -55.51
CA HIS DA 153 -1.73 -54.18 -55.51
C HIS DA 153 -2.42 -53.96 -56.83
N ALA DA 154 -3.08 -54.98 -57.35
CA ALA DA 154 -3.71 -54.94 -58.67
C ALA DA 154 -5.12 -55.48 -58.55
N PRO DA 155 -6.13 -54.59 -58.27
CA PRO DA 155 -7.49 -55.06 -58.13
C PRO DA 155 -7.95 -55.99 -59.20
N PHE DA 156 -8.62 -57.07 -58.82
CA PHE DA 156 -9.13 -58.07 -59.75
C PHE DA 156 -10.58 -57.76 -60.07
N ILE DA 157 -10.92 -57.74 -61.35
CA ILE DA 157 -12.24 -57.41 -61.83
C ILE DA 157 -12.75 -58.57 -62.68
N SER DA 158 -13.92 -59.07 -62.40
CA SER DA 158 -14.53 -60.13 -63.18
C SER DA 158 -16.04 -60.04 -63.05
N ALA DA 159 -16.75 -60.99 -63.61
CA ALA DA 159 -18.20 -60.97 -63.59
C ALA DA 159 -18.75 -62.07 -62.70
N ALA DA 160 -19.82 -61.76 -62.02
CA ALA DA 160 -20.49 -62.69 -61.14
C ALA DA 160 -21.53 -63.45 -61.92
N SER DA 161 -21.46 -64.79 -61.84
CA SER DA 161 -22.36 -65.63 -62.57
C SER DA 161 -23.77 -65.43 -62.12
N PRO DA 162 -24.77 -65.70 -63.00
CA PRO DA 162 -26.15 -65.70 -62.56
C PRO DA 162 -26.45 -66.77 -61.52
N THR DA 163 -25.59 -67.78 -61.36
CA THR DA 163 -25.77 -68.83 -60.41
C THR DA 163 -25.40 -68.44 -58.99
N VAL DA 164 -24.84 -67.29 -58.77
CA VAL DA 164 -24.55 -66.84 -57.41
C VAL DA 164 -25.85 -66.67 -56.65
N MET DA 165 -26.89 -66.18 -57.32
CA MET DA 165 -28.18 -65.96 -56.72
C MET DA 165 -29.05 -67.21 -56.71
N GLY DA 166 -28.54 -68.35 -57.17
CA GLY DA 166 -29.36 -69.52 -57.33
C GLY DA 166 -30.41 -69.18 -58.38
N MET DA 167 -29.93 -68.73 -59.54
CA MET DA 167 -30.79 -68.17 -60.55
C MET DA 167 -30.50 -68.76 -61.89
N GLY DA 168 -29.34 -68.48 -62.44
CA GLY DA 168 -28.94 -69.02 -63.72
C GLY DA 168 -29.46 -68.28 -64.91
N SER DA 169 -30.00 -67.06 -64.72
CA SER DA 169 -30.52 -66.28 -65.82
C SER DA 169 -29.98 -64.87 -65.79
N TRP DA 170 -30.28 -64.14 -64.68
CA TRP DA 170 -30.24 -62.69 -64.57
C TRP DA 170 -31.47 -62.13 -65.19
N GLN DA 171 -32.35 -62.97 -65.73
CA GLN DA 171 -33.66 -62.54 -66.15
C GLN DA 171 -34.60 -62.64 -64.97
N GLU DA 172 -34.23 -63.44 -63.95
CA GLU DA 172 -35.04 -63.64 -62.76
C GLU DA 172 -34.64 -62.72 -61.63
N LEU DA 173 -33.72 -61.79 -61.85
CA LEU DA 173 -33.22 -60.96 -60.77
C LEU DA 173 -34.31 -60.19 -60.09
N SER DA 174 -35.42 -59.93 -60.78
CA SER DA 174 -36.53 -59.19 -60.16
C SER DA 174 -37.44 -60.08 -59.34
N ASN DA 175 -37.31 -61.41 -59.44
CA ASN DA 175 -38.22 -62.30 -58.73
C ASN DA 175 -38.02 -62.28 -57.21
N PRO DA 176 -36.82 -62.45 -56.66
CA PRO DA 176 -36.68 -62.53 -55.23
C PRO DA 176 -37.06 -61.21 -54.53
N ARG DA 177 -37.65 -61.31 -53.35
CA ARG DA 177 -38.00 -60.18 -52.59
C ARG DA 177 -36.83 -59.53 -51.89
N ASP DA 178 -35.92 -60.33 -51.41
CA ASP DA 178 -34.74 -59.87 -50.65
C ASP DA 178 -33.56 -60.66 -51.13
N LEU DA 179 -32.53 -59.95 -51.64
CA LEU DA 179 -31.29 -60.61 -52.04
C LEU DA 179 -30.41 -60.91 -50.85
N THR DA 180 -30.45 -60.09 -49.82
CA THR DA 180 -29.62 -60.34 -48.62
C THR DA 180 -29.97 -61.63 -47.94
N LYS DA 181 -31.18 -62.15 -48.13
CA LYS DA 181 -31.56 -63.44 -47.58
C LYS DA 181 -30.96 -64.57 -48.33
N ILE DA 182 -30.59 -64.39 -49.59
CA ILE DA 182 -30.04 -65.48 -50.40
C ILE DA 182 -28.75 -65.95 -49.82
N PHE DA 183 -27.89 -65.03 -49.36
CA PHE DA 183 -26.53 -65.34 -48.94
C PHE DA 183 -26.45 -65.81 -47.54
N THR DA 184 -27.57 -65.96 -46.82
CA THR DA 184 -27.55 -66.43 -45.45
C THR DA 184 -27.37 -67.92 -45.34
N THR DA 185 -27.89 -68.69 -46.28
CA THR DA 185 -27.90 -70.15 -46.18
C THR DA 185 -26.53 -70.71 -46.01
N PRO DA 186 -26.38 -71.91 -45.46
CA PRO DA 186 -25.06 -72.54 -45.34
C PRO DA 186 -24.43 -72.88 -46.67
N GLU DA 187 -25.19 -72.81 -47.75
CA GLU DA 187 -24.65 -73.08 -49.06
C GLU DA 187 -23.55 -72.09 -49.38
N TYR DA 188 -23.75 -70.84 -48.92
CA TYR DA 188 -22.80 -69.76 -49.14
C TYR DA 188 -21.72 -69.62 -48.07
N ALA DA 189 -21.68 -70.54 -47.13
CA ALA DA 189 -20.68 -70.47 -46.05
C ALA DA 189 -19.30 -70.10 -46.61
N GLY DA 190 -18.89 -70.70 -47.69
CA GLY DA 190 -17.63 -70.36 -48.32
C GLY DA 190 -17.61 -68.95 -48.87
N TRP DA 191 -18.73 -68.50 -49.44
CA TRP DA 191 -18.81 -67.15 -49.95
C TRP DA 191 -18.70 -66.13 -48.84
N ARG DA 192 -19.48 -66.26 -47.79
CA ARG DA 192 -19.39 -65.38 -46.66
C ARG DA 192 -18.02 -65.39 -46.08
N SER DA 193 -17.40 -66.56 -45.96
CA SER DA 193 -16.03 -66.62 -45.44
C SER DA 193 -15.07 -65.90 -46.34
N LEU DA 194 -15.36 -65.86 -47.64
CA LEU DA 194 -14.52 -65.09 -48.57
C LEU DA 194 -14.70 -63.62 -48.42
N ARG DA 195 -15.92 -63.14 -48.35
CA ARG DA 195 -16.18 -61.70 -48.22
C ARG DA 195 -15.64 -61.15 -46.93
N GLU DA 196 -15.61 -61.97 -45.85
CA GLU DA 196 -15.08 -61.49 -44.58
C GLU DA 196 -13.58 -61.29 -44.65
N SER DA 197 -12.88 -61.92 -45.62
CA SER DA 197 -11.46 -61.82 -45.72
C SER DA 197 -10.99 -60.42 -45.97
N GLU DA 198 -9.76 -60.13 -45.59
CA GLU DA 198 -9.20 -58.80 -45.80
C GLU DA 198 -8.58 -58.63 -47.18
N ASP DA 199 -8.39 -59.75 -47.89
CA ASP DA 199 -7.81 -59.73 -49.22
C ASP DA 199 -8.86 -59.67 -50.32
N SER DA 200 -10.13 -59.72 -49.94
CA SER DA 200 -11.21 -59.71 -50.90
C SER DA 200 -11.60 -58.35 -51.37
N ARG DA 201 -11.13 -57.29 -50.72
CA ARG DA 201 -11.38 -55.94 -51.19
C ARG DA 201 -10.73 -55.67 -52.52
N TYR DA 202 -9.88 -56.56 -53.02
CA TYR DA 202 -9.26 -56.45 -54.32
C TYR DA 202 -10.03 -57.15 -55.40
N ILE DA 203 -11.22 -57.62 -55.08
CA ILE DA 203 -12.01 -58.26 -56.11
C ILE DA 203 -13.36 -57.61 -56.34
N GLY DA 204 -13.55 -57.05 -57.53
CA GLY DA 204 -14.85 -56.53 -57.94
C GLY DA 204 -15.57 -57.58 -58.78
N LEU DA 205 -16.90 -57.49 -58.79
CA LEU DA 205 -17.74 -58.39 -59.58
C LEU DA 205 -18.86 -57.58 -60.22
N THR DA 206 -18.96 -57.65 -61.55
CA THR DA 206 -20.03 -56.98 -62.29
C THR DA 206 -20.97 -58.05 -62.82
N MET DA 207 -22.16 -58.16 -62.22
CA MET DA 207 -23.04 -59.29 -62.51
C MET DA 207 -23.62 -59.24 -63.92
N PRO DA 208 -24.39 -58.22 -64.27
CA PRO DA 208 -24.97 -58.17 -65.62
C PRO DA 208 -23.94 -58.00 -66.73
N ARG DA 209 -24.12 -58.71 -67.85
CA ARG DA 209 -23.21 -58.56 -68.97
C ARG DA 209 -23.90 -57.84 -70.12
N PHE DA 210 -23.22 -56.82 -70.63
CA PHE DA 210 -23.79 -55.99 -71.67
C PHE DA 210 -23.80 -56.68 -73.01
N LEU DA 211 -24.62 -56.19 -73.89
CA LEU DA 211 -24.78 -56.77 -75.23
C LEU DA 211 -23.58 -56.45 -76.10
N ALA DA 212 -23.01 -57.47 -76.71
CA ALA DA 212 -21.78 -57.31 -77.49
C ALA DA 212 -22.02 -56.69 -78.82
N ARG DA 213 -22.96 -57.19 -79.60
CA ARG DA 213 -23.23 -56.70 -80.96
C ARG DA 213 -24.71 -56.77 -81.25
N LEU DA 214 -25.12 -56.02 -82.23
CA LEU DA 214 -26.52 -55.99 -82.67
C LEU DA 214 -26.80 -57.18 -83.57
N PRO DA 215 -27.94 -57.86 -83.38
CA PRO DA 215 -28.23 -59.05 -84.16
C PRO DA 215 -28.27 -58.81 -85.64
N TYR DA 216 -27.61 -59.67 -86.41
CA TYR DA 216 -27.58 -59.54 -87.88
C TYR DA 216 -28.95 -59.66 -88.46
N GLY DA 217 -29.19 -58.91 -89.52
CA GLY DA 217 -30.54 -58.88 -90.14
C GLY DA 217 -30.63 -57.72 -91.08
N ALA DA 218 -31.64 -57.73 -91.93
CA ALA DA 218 -31.75 -56.65 -92.90
C ALA DA 218 -31.96 -55.31 -92.24
N LYS DA 219 -32.86 -55.28 -91.25
CA LYS DA 219 -33.15 -54.06 -90.53
C LYS DA 219 -31.95 -53.55 -89.73
N THR DA 220 -31.25 -54.47 -89.10
CA THR DA 220 -30.08 -54.13 -88.29
C THR DA 220 -28.85 -54.93 -88.66
N ASP DA 221 -27.73 -54.26 -88.88
CA ASP DA 221 -26.46 -54.92 -89.18
C ASP DA 221 -26.50 -55.95 -90.31
N PRO DA 222 -27.01 -55.57 -91.48
CA PRO DA 222 -27.09 -56.50 -92.60
C PRO DA 222 -25.71 -57.05 -92.97
N VAL DA 223 -25.65 -58.34 -93.24
CA VAL DA 223 -24.40 -59.05 -93.55
C VAL DA 223 -23.82 -58.64 -94.89
N GLU DA 224 -24.71 -58.52 -95.87
CA GLU DA 224 -24.45 -58.12 -97.27
C GLU DA 224 -23.75 -59.16 -98.14
N GLU DA 225 -23.59 -60.38 -97.62
CA GLU DA 225 -22.99 -61.47 -98.37
C GLU DA 225 -24.10 -62.29 -99.01
N PHE DA 226 -25.13 -62.52 -98.20
CA PHE DA 226 -26.34 -63.23 -98.59
C PHE DA 226 -27.48 -62.81 -97.67
N ALA DA 227 -28.73 -62.97 -98.10
CA ALA DA 227 -29.83 -62.54 -97.23
C ALA DA 227 -29.80 -63.36 -95.96
N PHE DA 228 -29.60 -62.73 -94.80
CA PHE DA 228 -29.49 -63.46 -93.54
C PHE DA 228 -30.37 -62.97 -92.40
N GLU DA 229 -31.00 -63.91 -91.70
CA GLU DA 229 -31.84 -63.61 -90.54
C GLU DA 229 -31.23 -64.32 -89.33
N GLU DA 230 -31.09 -63.60 -88.23
CA GLU DA 230 -30.50 -64.16 -87.02
C GLU DA 230 -31.54 -64.72 -86.05
N GLU DA 231 -32.80 -64.80 -86.46
CA GLU DA 231 -33.87 -65.21 -85.55
C GLU DA 231 -33.91 -64.23 -84.39
N THR DA 232 -33.50 -64.69 -83.20
CA THR DA 232 -33.39 -63.87 -81.99
C THR DA 232 -34.68 -63.09 -81.72
N ASP DA 233 -35.77 -63.85 -81.62
CA ASP DA 233 -37.04 -63.28 -81.20
C ASP DA 233 -36.95 -62.77 -79.77
N GLY DA 234 -37.89 -61.92 -79.39
CA GLY DA 234 -37.78 -61.11 -78.19
C GLY DA 234 -37.35 -61.82 -76.93
N ALA DA 235 -36.36 -61.23 -76.26
CA ALA DA 235 -35.76 -61.74 -75.03
C ALA DA 235 -35.24 -63.17 -75.17
N ASP DA 236 -35.44 -63.97 -74.11
CA ASP DA 236 -34.97 -65.35 -73.97
C ASP DA 236 -33.46 -65.40 -73.74
N SER DA 237 -32.76 -64.32 -74.07
CA SER DA 237 -31.37 -64.02 -73.72
C SER DA 237 -30.36 -65.02 -74.29
N SER DA 238 -30.80 -66.16 -74.81
CA SER DA 238 -29.87 -67.16 -75.35
C SER DA 238 -29.44 -66.88 -76.77
N LYS DA 239 -30.23 -66.12 -77.53
CA LYS DA 239 -29.90 -65.83 -78.92
C LYS DA 239 -28.90 -64.70 -79.07
N TYR DA 240 -28.95 -63.71 -78.18
CA TYR DA 240 -28.06 -62.54 -78.25
C TYR DA 240 -26.60 -62.80 -77.87
N ALA DA 241 -25.69 -62.01 -78.44
CA ALA DA 241 -24.27 -62.11 -78.12
C ALA DA 241 -23.92 -61.23 -76.96
N TRP DA 242 -23.62 -61.79 -75.80
CA TRP DA 242 -23.43 -61.07 -74.56
C TRP DA 242 -21.96 -61.01 -74.21
N ALA DA 243 -21.39 -59.80 -74.20
CA ALA DA 243 -20.04 -59.59 -73.77
C ALA DA 243 -19.97 -59.43 -72.28
N ASN DA 244 -18.90 -59.93 -71.68
CA ASN DA 244 -18.69 -59.76 -70.24
C ASN DA 244 -18.62 -58.35 -69.87
N SER DA 245 -19.25 -57.97 -68.77
CA SER DA 245 -19.24 -56.57 -68.33
C SER DA 245 -18.06 -56.23 -67.49
N ALA DA 246 -17.18 -57.16 -67.19
CA ALA DA 246 -15.88 -56.80 -66.64
C ALA DA 246 -15.14 -55.96 -67.61
N TYR DA 247 -15.39 -56.07 -68.89
CA TYR DA 247 -14.70 -55.28 -69.93
C TYR DA 247 -15.23 -53.89 -69.98
N ALA DA 248 -16.47 -53.66 -69.70
CA ALA DA 248 -16.99 -52.28 -69.60
C ALA DA 248 -16.42 -51.58 -68.43
N MET DA 249 -16.29 -52.25 -67.31
CA MET DA 249 -15.58 -51.68 -66.13
C MET DA 249 -14.16 -51.43 -66.51
N ALA DA 250 -13.52 -52.35 -67.24
CA ALA DA 250 -12.13 -52.17 -67.64
C ALA DA 250 -11.98 -50.96 -68.51
N VAL DA 251 -12.79 -50.80 -69.53
CA VAL DA 251 -12.82 -49.61 -70.38
C VAL DA 251 -13.00 -48.39 -69.56
N ASN DA 252 -13.80 -48.44 -68.50
CA ASN DA 252 -13.97 -47.28 -67.63
C ASN DA 252 -12.71 -46.99 -66.87
N ILE DA 253 -11.98 -48.02 -66.48
CA ILE DA 253 -10.72 -47.82 -65.73
C ILE DA 253 -9.67 -47.21 -66.64
N ASN DA 254 -9.47 -47.78 -67.81
CA ASN DA 254 -8.54 -47.23 -68.78
C ASN DA 254 -8.91 -45.83 -69.16
N ARG DA 255 -10.17 -45.54 -69.36
CA ARG DA 255 -10.61 -44.17 -69.64
C ARG DA 255 -10.27 -43.26 -68.53
N SER DA 256 -10.58 -43.64 -67.31
CA SER DA 256 -10.29 -42.81 -66.13
C SER DA 256 -8.82 -42.49 -66.07
N PHE DA 257 -7.96 -43.50 -66.31
CA PHE DA 257 -6.53 -43.24 -66.27
C PHE DA 257 -6.11 -42.34 -67.38
N LYS DA 258 -6.51 -42.62 -68.62
CA LYS DA 258 -6.13 -41.80 -69.77
C LYS DA 258 -6.45 -40.37 -69.55
N LEU DA 259 -7.69 -40.06 -69.13
CA LEU DA 259 -8.08 -38.67 -68.94
C LEU DA 259 -7.43 -38.05 -67.74
N TYR DA 260 -7.63 -38.62 -66.56
CA TYR DA 260 -7.27 -38.00 -65.30
C TYR DA 260 -5.97 -38.46 -64.71
N GLY DA 261 -5.29 -39.42 -65.34
CA GLY DA 261 -4.09 -39.98 -64.77
C GLY DA 261 -4.28 -40.94 -63.64
N TRP DA 262 -5.47 -41.07 -63.14
CA TRP DA 262 -5.82 -41.97 -62.03
C TRP DA 262 -7.10 -42.69 -62.35
N CYS DA 263 -7.25 -43.83 -61.68
CA CYS DA 263 -8.45 -44.66 -61.80
C CYS DA 263 -9.52 -44.22 -60.80
N SER DA 264 -9.37 -43.04 -60.22
CA SER DA 264 -10.27 -42.61 -59.16
C SER DA 264 -11.73 -42.53 -59.58
N ARG DA 265 -12.03 -42.00 -60.76
CA ARG DA 265 -13.43 -41.96 -61.16
C ARG DA 265 -13.74 -42.99 -62.23
N ILE DA 266 -14.29 -44.11 -61.79
CA ILE DA 266 -14.67 -45.21 -62.67
C ILE DA 266 -16.12 -45.56 -62.42
N ARG DA 267 -16.82 -44.72 -61.66
CA ARG DA 267 -18.21 -45.00 -61.32
C ARG DA 267 -19.13 -43.82 -61.60
N GLY DA 268 -20.40 -43.93 -61.22
CA GLY DA 268 -21.34 -42.85 -61.34
C GLY DA 268 -21.88 -42.68 -62.74
N VAL DA 269 -23.03 -42.04 -62.87
CA VAL DA 269 -23.62 -41.76 -64.16
C VAL DA 269 -22.81 -40.67 -64.88
N GLU DA 270 -22.69 -39.52 -64.23
CA GLU DA 270 -21.95 -38.38 -64.80
C GLU DA 270 -20.50 -38.25 -64.31
N SER DA 271 -20.08 -39.16 -63.43
CA SER DA 271 -18.73 -39.11 -62.88
C SER DA 271 -17.77 -40.00 -63.58
N GLY DA 272 -18.14 -40.58 -64.71
CA GLY DA 272 -17.23 -41.40 -65.50
C GLY DA 272 -17.46 -42.88 -65.47
N GLY DA 273 -18.55 -43.34 -64.91
CA GLY DA 273 -18.86 -44.76 -64.93
C GLY DA 273 -19.87 -45.11 -65.98
N GLU DA 274 -20.00 -44.30 -67.02
CA GLU DA 274 -20.99 -44.51 -68.06
C GLU DA 274 -20.51 -45.47 -69.12
N VAL DA 275 -21.39 -46.33 -69.57
CA VAL DA 275 -21.14 -47.25 -70.70
C VAL DA 275 -22.11 -46.82 -71.81
N GLN DA 276 -21.58 -46.20 -72.85
CA GLN DA 276 -22.39 -45.62 -73.89
C GLN DA 276 -22.40 -46.43 -75.15
N GLY DA 277 -23.21 -46.03 -76.11
CA GLY DA 277 -23.19 -46.68 -77.42
C GLY DA 277 -23.59 -48.12 -77.41
N LEU DA 278 -24.29 -48.58 -76.40
CA LEU DA 278 -24.70 -49.96 -76.32
C LEU DA 278 -25.64 -50.31 -77.44
N PRO DA 279 -25.50 -51.49 -78.05
CA PRO DA 279 -26.44 -51.89 -79.11
C PRO DA 279 -27.84 -51.94 -78.61
N ALA DA 280 -28.75 -51.26 -79.30
CA ALA DA 280 -30.17 -51.24 -78.91
C ALA DA 280 -30.93 -51.95 -79.99
N HIS DA 281 -31.45 -53.14 -79.73
CA HIS DA 281 -32.19 -53.94 -80.69
C HIS DA 281 -33.68 -53.69 -80.47
N THR DA 282 -34.31 -53.04 -81.44
CA THR DA 282 -35.73 -52.70 -81.34
C THR DA 282 -36.53 -53.65 -82.21
N PHE DA 283 -37.49 -54.35 -81.58
CA PHE DA 283 -38.35 -55.27 -82.30
C PHE DA 283 -39.81 -54.91 -82.07
N PRO DA 284 -40.66 -55.05 -83.07
CA PRO DA 284 -42.08 -54.70 -82.88
C PRO DA 284 -42.78 -55.71 -81.99
N THR DA 285 -43.72 -55.20 -81.19
CA THR DA 285 -44.57 -56.06 -80.36
C THR DA 285 -46.03 -55.74 -80.62
N ASP DA 286 -46.93 -56.33 -79.84
CA ASP DA 286 -48.36 -56.14 -80.07
C ASP DA 286 -48.75 -54.69 -79.83
N ASP DA 287 -49.88 -54.30 -80.43
CA ASP DA 287 -50.43 -52.95 -80.31
C ASP DA 287 -49.45 -51.90 -80.83
N GLY DA 288 -49.07 -50.95 -79.97
CA GLY DA 288 -48.21 -49.87 -80.43
C GLY DA 288 -46.84 -50.33 -80.89
N GLY DA 289 -46.37 -51.45 -80.36
CA GLY DA 289 -45.08 -51.97 -80.76
C GLY DA 289 -43.93 -51.11 -80.25
N VAL DA 290 -42.78 -51.30 -80.91
CA VAL DA 290 -41.58 -50.53 -80.65
C VAL DA 290 -41.16 -50.64 -79.19
N ASP DA 291 -40.66 -51.81 -78.81
CA ASP DA 291 -39.98 -52.01 -77.54
C ASP DA 291 -38.63 -52.66 -77.81
N MET DA 292 -37.59 -52.18 -77.15
CA MET DA 292 -36.23 -52.59 -77.44
C MET DA 292 -35.70 -53.54 -76.38
N LYS DA 293 -34.86 -54.47 -76.83
CA LYS DA 293 -34.18 -55.37 -75.91
C LYS DA 293 -33.21 -54.58 -75.03
N CYS DA 294 -33.25 -54.84 -73.74
CA CYS DA 294 -32.39 -54.14 -72.80
C CYS DA 294 -30.93 -54.50 -73.08
N PRO DA 295 -30.01 -53.53 -73.17
CA PRO DA 295 -28.61 -53.83 -73.50
C PRO DA 295 -27.92 -54.66 -72.42
N THR DA 296 -28.07 -54.29 -71.15
CA THR DA 296 -27.74 -55.20 -70.08
C THR DA 296 -28.90 -56.19 -69.90
N GLU DA 297 -28.63 -57.37 -69.39
CA GLU DA 297 -29.58 -58.47 -69.45
C GLU DA 297 -30.90 -58.14 -68.86
N ILE DA 298 -30.93 -57.30 -67.84
CA ILE DA 298 -32.21 -56.93 -67.19
C ILE DA 298 -32.05 -55.57 -66.56
N ALA DA 299 -33.16 -54.89 -66.40
CA ALA DA 299 -33.22 -53.60 -65.74
C ALA DA 299 -33.18 -53.76 -64.27
N ILE DA 300 -32.35 -52.97 -63.59
CA ILE DA 300 -32.16 -53.10 -62.13
C ILE DA 300 -32.68 -51.78 -61.55
N SER DA 301 -33.66 -51.89 -60.67
CA SER DA 301 -34.13 -50.73 -59.94
C SER DA 301 -33.18 -50.23 -58.93
N ASP DA 302 -33.31 -48.98 -58.49
CA ASP DA 302 -32.42 -48.41 -57.51
C ASP DA 302 -32.37 -49.22 -56.24
N ARG DA 303 -33.50 -49.83 -55.87
CA ARG DA 303 -33.55 -50.71 -54.68
C ARG DA 303 -32.74 -52.00 -54.90
N ARG DA 304 -32.92 -52.64 -56.05
CA ARG DA 304 -32.09 -53.77 -56.45
C ARG DA 304 -30.64 -53.36 -56.56
N GLU DA 305 -30.36 -52.18 -57.08
CA GLU DA 305 -28.99 -51.72 -57.22
C GLU DA 305 -28.32 -51.61 -55.87
N ALA DA 306 -28.91 -50.88 -54.95
CA ALA DA 306 -28.33 -50.73 -53.62
C ALA DA 306 -28.23 -52.06 -52.93
N GLU DA 307 -29.18 -52.94 -53.15
CA GLU DA 307 -29.17 -54.26 -52.51
C GLU DA 307 -28.09 -55.14 -53.06
N LEU DA 308 -27.70 -54.95 -54.30
CA LEU DA 308 -26.57 -55.69 -54.87
C LEU DA 308 -25.25 -55.07 -54.44
N ALA DA 309 -25.16 -53.76 -54.36
CA ALA DA 309 -23.96 -53.11 -53.90
C ALA DA 309 -23.71 -53.40 -52.44
N LYS DA 310 -24.74 -53.72 -51.67
CA LYS DA 310 -24.54 -54.16 -50.30
C LYS DA 310 -23.97 -55.52 -50.24
N ASN DA 311 -24.25 -56.36 -51.22
CA ASN DA 311 -23.77 -57.74 -51.29
C ASN DA 311 -22.46 -57.87 -51.98
N GLY DA 312 -21.80 -56.76 -52.31
CA GLY DA 312 -20.47 -56.80 -52.90
C GLY DA 312 -20.48 -57.12 -54.37
N PHE DA 313 -21.38 -56.49 -55.13
CA PHE DA 313 -21.40 -56.60 -56.56
C PHE DA 313 -21.28 -55.20 -57.16
N MET DA 314 -20.96 -55.15 -58.44
CA MET DA 314 -20.91 -53.93 -59.20
C MET DA 314 -21.95 -54.01 -60.30
N PRO DA 315 -23.19 -53.63 -60.03
CA PRO DA 315 -24.21 -53.77 -61.04
C PRO DA 315 -24.00 -52.82 -62.20
N LEU DA 316 -24.22 -53.27 -63.42
CA LEU DA 316 -24.33 -52.41 -64.55
C LEU DA 316 -25.79 -52.26 -64.88
N LEU DA 317 -26.37 -51.11 -64.59
CA LEU DA 317 -27.78 -50.91 -64.81
C LEU DA 317 -28.03 -50.05 -66.00
N HIS DA 318 -29.03 -50.40 -66.78
CA HIS DA 318 -29.34 -49.73 -68.01
C HIS DA 318 -30.42 -48.67 -67.87
N LYS DA 319 -30.13 -47.46 -68.35
CA LYS DA 319 -31.07 -46.35 -68.29
C LYS DA 319 -32.24 -46.70 -69.19
N LYS DA 320 -33.46 -46.48 -68.73
CA LYS DA 320 -34.64 -46.84 -69.50
C LYS DA 320 -34.82 -46.08 -70.82
N ASN DA 321 -35.23 -46.79 -71.86
CA ASN DA 321 -35.50 -46.18 -73.18
C ASN DA 321 -34.31 -45.48 -73.81
N THR DA 322 -33.11 -45.90 -73.49
CA THR DA 322 -31.87 -45.31 -74.00
C THR DA 322 -30.81 -46.38 -74.08
N ASP DA 323 -29.85 -46.17 -74.98
CA ASP DA 323 -28.75 -47.07 -75.09
C ASP DA 323 -27.66 -46.82 -74.01
N PHE DA 324 -27.81 -45.80 -73.24
CA PHE DA 324 -26.91 -45.47 -72.14
C PHE DA 324 -27.03 -46.48 -71.03
N ALA DA 325 -25.94 -46.68 -70.30
CA ALA DA 325 -25.89 -47.53 -69.10
C ALA DA 325 -24.74 -47.08 -68.25
N ALA DA 326 -24.75 -47.41 -66.97
CA ALA DA 326 -23.74 -46.90 -66.06
C ALA DA 326 -23.52 -47.84 -64.89
N PHE DA 327 -22.38 -47.69 -64.25
CA PHE DA 327 -22.06 -48.26 -62.95
C PHE DA 327 -22.30 -47.23 -61.89
N ILE DA 328 -23.32 -47.43 -61.05
CA ILE DA 328 -23.68 -46.43 -60.04
C ILE DA 328 -22.63 -46.35 -58.97
N GLY DA 329 -22.07 -47.49 -58.59
CA GLY DA 329 -21.01 -47.52 -57.58
C GLY DA 329 -20.17 -48.75 -57.81
N ALA DA 330 -18.92 -48.62 -57.35
CA ALA DA 330 -17.94 -49.73 -57.43
C ALA DA 330 -17.66 -50.17 -56.02
N GLN DA 331 -18.17 -51.33 -55.64
CA GLN DA 331 -17.97 -51.90 -54.32
C GLN DA 331 -17.28 -53.23 -54.50
N SER DA 332 -16.19 -53.44 -53.79
CA SER DA 332 -15.44 -54.68 -53.92
C SER DA 332 -16.20 -55.81 -53.27
N LEU DA 333 -15.68 -57.01 -53.34
CA LEU DA 333 -16.34 -58.17 -52.77
C LEU DA 333 -16.32 -58.15 -51.28
N GLN DA 334 -15.43 -57.37 -50.69
CA GLN DA 334 -15.33 -57.38 -49.24
C GLN DA 334 -16.48 -56.69 -48.49
N LYS DA 335 -17.00 -57.39 -47.49
CA LYS DA 335 -18.02 -56.84 -46.61
C LYS DA 335 -17.35 -56.08 -45.50
N PRO DA 336 -17.39 -54.76 -45.49
CA PRO DA 336 -16.67 -54.01 -44.45
C PRO DA 336 -17.25 -54.24 -43.09
N ALA DA 337 -16.44 -54.52 -42.11
CA ALA DA 337 -16.93 -54.81 -40.76
C ALA DA 337 -17.24 -53.54 -40.02
N GLU DA 338 -18.30 -53.59 -39.20
CA GLU DA 338 -18.68 -52.45 -38.37
C GLU DA 338 -17.74 -52.34 -37.16
N TYR DA 339 -17.56 -51.13 -36.64
CA TYR DA 339 -16.70 -50.91 -35.49
C TYR DA 339 -17.41 -49.99 -34.51
N ASP DA 340 -16.88 -49.93 -33.29
CA ASP DA 340 -17.42 -49.04 -32.29
C ASP DA 340 -17.27 -47.58 -32.70
N ASP DA 341 -16.03 -47.17 -32.96
CA ASP DA 341 -15.78 -45.79 -33.36
C ASP DA 341 -16.29 -45.56 -34.76
N PRO DA 342 -17.05 -44.51 -35.02
CA PRO DA 342 -17.51 -44.24 -36.38
C PRO DA 342 -16.35 -43.93 -37.33
N ASP DA 343 -15.21 -43.44 -36.82
CA ASP DA 343 -14.07 -43.21 -37.68
C ASP DA 343 -13.48 -44.51 -38.19
N ALA DA 344 -13.37 -45.51 -37.33
CA ALA DA 344 -12.90 -46.81 -37.74
C ALA DA 344 -13.85 -47.47 -38.71
N THR DA 345 -15.14 -47.25 -38.55
CA THR DA 345 -16.13 -47.77 -39.49
C THR DA 345 -16.00 -47.07 -40.82
N ALA DA 346 -15.72 -45.77 -40.82
CA ALA DA 346 -15.49 -45.05 -42.05
C ALA DA 346 -14.29 -45.60 -42.77
N ASN DA 347 -13.15 -45.70 -42.08
CA ASN DA 347 -11.96 -46.25 -42.69
C ASN DA 347 -12.17 -47.65 -43.17
N ALA DA 348 -13.02 -48.42 -42.49
CA ALA DA 348 -13.32 -49.78 -42.94
C ALA DA 348 -14.20 -49.79 -44.15
N ASN DA 349 -15.05 -48.76 -44.35
CA ASN DA 349 -15.88 -48.70 -45.53
C ASN DA 349 -15.09 -48.21 -46.75
N LEU DA 350 -14.17 -47.29 -46.55
CA LEU DA 350 -13.38 -46.75 -47.65
C LEU DA 350 -12.55 -47.85 -48.33
N ALA DA 351 -12.01 -48.75 -47.53
CA ALA DA 351 -11.19 -49.82 -48.05
C ALA DA 351 -11.95 -50.78 -48.93
N ALA DA 352 -13.28 -50.87 -48.76
CA ALA DA 352 -14.06 -51.80 -49.55
C ALA DA 352 -14.47 -51.28 -50.90
N ARG DA 353 -14.15 -50.02 -51.22
CA ARG DA 353 -14.59 -49.37 -52.45
C ARG DA 353 -13.41 -49.28 -53.41
N LEU DA 354 -13.56 -49.81 -54.61
CA LEU DA 354 -12.55 -49.83 -55.61
C LEU DA 354 -12.01 -48.45 -56.00
N PRO DA 355 -12.86 -47.39 -56.12
CA PRO DA 355 -12.33 -46.09 -56.49
C PRO DA 355 -11.15 -45.63 -55.64
N TYR DA 356 -11.16 -45.95 -54.34
CA TYR DA 356 -10.07 -45.59 -53.48
C TYR DA 356 -8.91 -46.59 -53.56
N LEU DA 357 -9.21 -47.88 -53.62
CA LEU DA 357 -8.17 -48.87 -53.72
C LEU DA 357 -7.32 -48.70 -54.97
N PHE DA 358 -7.89 -48.15 -56.04
CA PHE DA 358 -7.07 -47.82 -57.20
C PHE DA 358 -6.09 -46.74 -56.88
N ALA DA 359 -6.50 -45.77 -56.09
CA ALA DA 359 -5.60 -44.69 -55.67
C ALA DA 359 -4.44 -45.27 -54.86
N THR DA 360 -4.74 -46.02 -53.80
CA THR DA 360 -3.68 -46.53 -52.95
C THR DA 360 -2.80 -47.53 -53.70
N CYS DA 361 -3.36 -48.30 -54.59
CA CYS DA 361 -2.56 -49.20 -55.42
C CYS DA 361 -1.60 -48.41 -56.29
N ARG DA 362 -2.07 -47.31 -56.90
CA ARG DA 362 -1.19 -46.50 -57.70
C ARG DA 362 -0.07 -45.93 -56.88
N PHE DA 363 -0.38 -45.44 -55.68
CA PHE DA 363 0.69 -44.95 -54.78
C PHE DA 363 1.65 -46.06 -54.40
N ALA DA 364 1.18 -47.31 -54.35
CA ALA DA 364 2.07 -48.41 -54.08
C ALA DA 364 3.03 -48.63 -55.22
N HIS DA 365 2.55 -48.55 -56.45
CA HIS DA 365 3.43 -48.67 -57.61
C HIS DA 365 4.46 -47.57 -57.62
N TYR DA 366 4.02 -46.31 -57.52
CA TYR DA 366 4.94 -45.21 -57.49
C TYR DA 366 5.98 -45.37 -56.42
N LEU DA 367 5.54 -45.61 -55.18
CA LEU DA 367 6.47 -45.73 -54.04
C LEU DA 367 7.44 -46.84 -54.26
N LYS DA 368 6.99 -47.95 -54.80
CA LYS DA 368 7.89 -49.08 -55.11
C LYS DA 368 9.01 -48.65 -56.04
N CYS DA 369 8.65 -48.03 -57.15
CA CYS DA 369 9.66 -47.67 -58.14
C CYS DA 369 10.60 -46.59 -57.60
N ILE DA 370 10.05 -45.51 -57.01
CA ILE DA 370 10.89 -44.41 -56.62
C ILE DA 370 11.79 -44.77 -55.45
N VAL DA 371 11.28 -45.53 -54.49
CA VAL DA 371 12.12 -45.95 -53.37
C VAL DA 371 13.14 -46.95 -53.84
N ARG DA 372 12.75 -47.88 -54.69
CA ARG DA 372 13.72 -48.82 -55.26
C ARG DA 372 14.84 -48.11 -55.96
N ASP DA 373 14.58 -46.97 -56.59
CA ASP DA 373 15.64 -46.18 -57.20
C ASP DA 373 16.40 -45.34 -56.19
N LYS DA 374 15.81 -45.06 -55.03
CA LYS DA 374 16.48 -44.26 -54.00
C LYS DA 374 17.33 -45.11 -53.06
N ILE DA 375 17.37 -46.43 -53.22
CA ILE DA 375 18.17 -47.29 -52.37
C ILE DA 375 19.64 -46.99 -52.61
N GLY DA 376 20.38 -46.73 -51.51
CA GLY DA 376 21.78 -46.41 -51.65
C GLY DA 376 22.15 -44.96 -51.51
N SER DA 377 21.18 -44.11 -51.38
CA SER DA 377 21.40 -42.68 -51.14
C SER DA 377 21.46 -42.36 -49.67
N PHE DA 378 22.27 -41.42 -49.30
CA PHE DA 378 22.44 -41.07 -47.89
C PHE DA 378 21.15 -40.52 -47.31
N LYS DA 379 20.62 -41.19 -46.31
CA LYS DA 379 19.30 -40.89 -45.77
C LYS DA 379 19.32 -41.13 -44.27
N GLU DA 380 18.80 -40.16 -43.52
CA GLU DA 380 18.50 -40.31 -42.11
C GLU DA 380 17.00 -40.43 -41.93
N LYS DA 381 16.54 -40.56 -40.69
CA LYS DA 381 15.11 -40.57 -40.44
C LYS DA 381 14.49 -39.24 -40.88
N ASP DA 382 15.16 -38.12 -40.57
CA ASP DA 382 14.64 -36.83 -40.96
C ASP DA 382 14.68 -36.65 -42.49
N GLU DA 383 15.75 -37.16 -43.14
CA GLU DA 383 15.83 -37.06 -44.57
C GLU DA 383 14.70 -37.85 -45.25
N MET DA 384 14.46 -39.07 -44.80
CA MET DA 384 13.34 -39.84 -45.32
C MET DA 384 12.00 -39.18 -45.01
N GLN DA 385 11.90 -38.54 -43.86
CA GLN DA 385 10.66 -37.82 -43.54
C GLN DA 385 10.40 -36.69 -44.50
N ARG DA 386 11.44 -35.93 -44.84
CA ARG DA 386 11.26 -34.80 -45.76
C ARG DA 386 11.03 -35.29 -47.16
N TRP DA 387 11.68 -36.37 -47.57
CA TRP DA 387 11.53 -36.83 -48.94
C TRP DA 387 10.20 -37.49 -49.18
N LEU DA 388 9.76 -38.31 -48.25
CA LEU DA 388 8.42 -38.94 -48.36
C LEU DA 388 7.31 -37.93 -48.13
N GLN DA 389 7.49 -37.07 -47.14
CA GLN DA 389 6.48 -36.03 -46.87
C GLN DA 389 6.32 -35.09 -48.04
N ASP DA 390 7.42 -34.68 -48.65
CA ASP DA 390 7.34 -33.79 -49.79
C ASP DA 390 7.07 -34.54 -51.09
N TRP DA 391 7.24 -35.86 -51.12
CA TRP DA 391 6.87 -36.59 -52.31
C TRP DA 391 5.38 -36.84 -52.38
N ILE DA 392 4.77 -37.23 -51.25
CA ILE DA 392 3.33 -37.49 -51.24
C ILE DA 392 2.54 -36.23 -51.37
N LEU DA 393 3.18 -35.06 -51.12
CA LEU DA 393 2.44 -33.80 -51.00
C LEU DA 393 2.21 -33.13 -52.34
N ASN DA 394 2.76 -33.68 -53.45
CA ASN DA 394 2.47 -33.12 -54.75
C ASN DA 394 1.27 -33.76 -55.40
N TYR DA 395 0.73 -34.83 -54.82
CA TYR DA 395 -0.54 -35.40 -55.25
C TYR DA 395 -1.71 -34.88 -54.43
N VAL DA 396 -1.47 -33.92 -53.53
CA VAL DA 396 -2.51 -33.35 -52.68
C VAL DA 396 -2.66 -31.90 -53.06
N ASP DA 397 -3.93 -31.48 -53.21
CA ASP DA 397 -4.21 -30.04 -53.50
C ASP DA 397 -4.74 -29.39 -52.20
N GLY DA 398 -3.91 -28.59 -51.56
CA GLY DA 398 -4.21 -28.11 -50.23
C GLY DA 398 -5.13 -26.88 -50.21
N ASP DA 399 -4.73 -25.85 -50.94
CA ASP DA 399 -5.50 -24.61 -51.03
C ASP DA 399 -6.87 -24.71 -51.70
N PRO DA 400 -6.96 -25.51 -52.77
CA PRO DA 400 -8.20 -25.62 -53.56
C PRO DA 400 -9.15 -26.78 -53.21
N ALA DA 401 -8.90 -27.49 -52.12
CA ALA DA 401 -9.76 -28.60 -51.74
C ALA DA 401 -11.29 -28.39 -51.82
N HIS DA 402 -11.82 -27.27 -51.35
CA HIS DA 402 -13.27 -27.09 -51.48
C HIS DA 402 -13.67 -26.63 -52.89
N SER DA 403 -12.86 -25.78 -53.50
CA SER DA 403 -13.18 -25.24 -54.84
C SER DA 403 -12.21 -25.81 -55.85
N THR DA 404 -12.68 -26.84 -56.56
CA THR DA 404 -11.95 -27.50 -57.66
C THR DA 404 -12.93 -28.44 -58.41
N GLU DA 405 -12.60 -28.85 -59.64
CA GLU DA 405 -13.54 -29.77 -60.30
C GLU DA 405 -12.84 -31.01 -60.85
N THR DA 406 -12.01 -30.82 -61.88
CA THR DA 406 -11.25 -31.90 -62.47
C THR DA 406 -9.98 -32.20 -61.68
N THR DA 407 -9.40 -31.20 -61.00
CA THR DA 407 -8.14 -31.49 -60.30
C THR DA 407 -8.38 -32.44 -59.12
N LYS DA 408 -9.60 -32.46 -58.57
CA LYS DA 408 -9.90 -33.44 -57.55
C LYS DA 408 -9.79 -34.86 -58.07
N ALA DA 409 -10.02 -35.04 -59.36
CA ALA DA 409 -9.79 -36.34 -60.00
C ALA DA 409 -8.32 -36.57 -60.28
N GLN DA 410 -7.59 -35.49 -60.61
CA GLN DA 410 -6.17 -35.66 -60.89
C GLN DA 410 -5.35 -35.73 -59.63
N HIS DA 411 -5.75 -35.00 -58.57
CA HIS DA 411 -5.12 -35.17 -57.28
C HIS DA 411 -6.05 -35.99 -56.41
N PRO DA 412 -5.78 -37.29 -56.21
CA PRO DA 412 -6.75 -38.16 -55.55
C PRO DA 412 -6.87 -37.90 -54.03
N LEU DA 413 -5.90 -37.21 -53.41
CA LEU DA 413 -5.85 -37.10 -51.98
C LEU DA 413 -6.22 -35.69 -51.53
N ALA DA 414 -7.09 -35.60 -50.53
CA ALA DA 414 -7.37 -34.33 -49.90
C ALA DA 414 -6.29 -33.95 -48.88
N ALA DA 415 -5.62 -34.93 -48.29
CA ALA DA 415 -4.55 -34.68 -47.35
C ALA DA 415 -3.68 -35.91 -47.26
N ALA DA 416 -2.46 -35.74 -46.73
CA ALA DA 416 -1.51 -36.83 -46.62
C ALA DA 416 -0.66 -36.65 -45.39
N GLU DA 417 -0.39 -37.74 -44.69
CA GLU DA 417 0.39 -37.71 -43.44
C GLU DA 417 1.31 -38.91 -43.43
N VAL DA 418 2.56 -38.66 -43.09
CA VAL DA 418 3.62 -39.69 -43.15
C VAL DA 418 4.22 -39.75 -41.73
N VAL DA 419 4.34 -40.97 -41.20
CA VAL DA 419 5.07 -41.22 -39.97
C VAL DA 419 6.19 -42.18 -40.29
N VAL DA 420 7.42 -41.73 -40.14
CA VAL DA 420 8.61 -42.53 -40.46
C VAL DA 420 9.21 -42.97 -39.12
N GLU DA 421 9.64 -44.24 -39.07
CA GLU DA 421 10.29 -44.79 -37.89
C GLU DA 421 11.45 -45.65 -38.34
N GLU DA 422 12.61 -45.41 -37.75
CA GLU DA 422 13.79 -46.20 -38.09
C GLU DA 422 13.77 -47.54 -37.35
N VAL DA 423 14.05 -48.62 -38.07
CA VAL DA 423 14.06 -49.95 -37.47
C VAL DA 423 15.27 -50.02 -36.51
N GLU DA 424 15.00 -50.36 -35.25
CA GLU DA 424 16.06 -50.47 -34.25
C GLU DA 424 16.92 -51.69 -34.53
N GLY DA 425 18.20 -51.61 -34.19
CA GLY DA 425 19.08 -52.70 -34.44
C GLY DA 425 19.44 -52.90 -35.90
N ASN DA 426 19.53 -51.82 -36.66
CA ASN DA 426 19.81 -51.91 -38.09
C ASN DA 426 19.95 -50.47 -38.65
N PRO DA 427 20.99 -50.17 -39.41
CA PRO DA 427 21.04 -48.92 -40.12
C PRO DA 427 20.29 -48.97 -41.43
N GLY DA 428 19.89 -47.78 -41.91
CA GLY DA 428 19.41 -47.69 -43.30
C GLY DA 428 18.07 -48.35 -43.57
N TYR DA 429 17.46 -49.04 -42.58
CA TYR DA 429 16.15 -49.64 -42.75
C TYR DA 429 15.15 -48.82 -41.95
N TYR DA 430 14.01 -48.50 -42.61
CA TYR DA 430 12.99 -47.66 -41.95
C TYR DA 430 11.62 -48.27 -42.13
N ASN DA 431 10.70 -47.93 -41.26
CA ASN DA 431 9.28 -48.26 -41.37
C ASN DA 431 8.49 -46.98 -41.51
N SER DA 432 7.57 -46.95 -42.45
CA SER DA 432 6.77 -45.76 -42.72
C SER DA 432 5.30 -46.09 -42.73
N LYS DA 433 4.48 -45.10 -42.40
CA LYS DA 433 3.02 -45.21 -42.46
C LYS DA 433 2.51 -44.03 -43.25
N PHE DA 434 1.72 -44.28 -44.28
CA PHE DA 434 1.13 -43.25 -45.10
C PHE DA 434 -0.35 -43.16 -44.80
N PHE DA 435 -0.76 -42.06 -44.18
CA PHE DA 435 -2.17 -41.77 -43.95
C PHE DA 435 -2.62 -40.79 -45.01
N LEU DA 436 -3.43 -41.27 -45.96
CA LEU DA 436 -3.87 -40.42 -47.06
C LEU DA 436 -5.40 -40.40 -47.09
N ARG DA 437 -5.97 -39.19 -47.04
CA ARG DA 437 -7.40 -39.01 -47.02
C ARG DA 437 -7.92 -38.74 -48.42
N PRO DA 438 -8.67 -39.67 -49.02
CA PRO DA 438 -9.15 -39.47 -50.37
C PRO DA 438 -10.28 -38.47 -50.43
N HIS DA 439 -10.58 -38.00 -51.64
CA HIS DA 439 -11.75 -37.17 -51.85
C HIS DA 439 -13.01 -38.03 -51.80
N TYR DA 440 -13.94 -37.67 -50.91
CA TYR DA 440 -15.17 -38.46 -50.77
C TYR DA 440 -16.00 -38.38 -52.02
N GLN DA 441 -16.80 -39.40 -52.27
CA GLN DA 441 -17.72 -39.43 -53.41
C GLN DA 441 -19.14 -39.63 -52.94
N LEU DA 442 -20.08 -38.92 -53.54
CA LEU DA 442 -21.49 -39.04 -53.10
C LEU DA 442 -21.97 -40.47 -53.27
N GLU DA 443 -22.38 -41.09 -52.20
CA GLU DA 443 -22.85 -42.46 -52.21
C GLU DA 443 -24.37 -42.63 -52.14
N GLY DA 444 -25.01 -41.89 -51.27
CA GLY DA 444 -26.46 -41.91 -51.17
C GLY DA 444 -27.00 -40.69 -50.48
N LEU DA 445 -28.30 -40.47 -50.56
CA LEU DA 445 -28.88 -39.30 -49.90
C LEU DA 445 -30.31 -39.60 -49.54
N THR DA 446 -30.64 -39.42 -48.25
CA THR DA 446 -32.03 -39.55 -47.81
C THR DA 446 -32.53 -38.14 -47.59
N VAL DA 447 -33.65 -37.78 -48.24
CA VAL DA 447 -34.21 -36.43 -48.12
C VAL DA 447 -35.57 -36.54 -47.51
N SER DA 448 -35.85 -35.74 -46.49
CA SER DA 448 -37.21 -35.58 -45.93
C SER DA 448 -37.67 -34.17 -46.19
N LEU DA 449 -38.64 -34.02 -47.05
CA LEU DA 449 -39.18 -32.68 -47.42
C LEU DA 449 -40.25 -32.34 -46.37
N ARG DA 450 -40.30 -31.07 -45.99
CA ARG DA 450 -41.25 -30.63 -44.97
C ARG DA 450 -41.99 -29.37 -45.42
N LEU DA 451 -43.32 -29.44 -45.55
CA LEU DA 451 -44.09 -28.26 -45.78
C LEU DA 451 -44.25 -27.46 -44.51
N VAL DA 452 -43.74 -26.24 -44.45
CA VAL DA 452 -43.56 -25.50 -43.24
C VAL DA 452 -44.15 -24.11 -43.44
N SER DA 453 -44.95 -23.67 -42.45
CA SER DA 453 -45.51 -22.33 -42.50
C SER DA 453 -44.51 -21.29 -42.04
N LYS DA 454 -43.68 -21.60 -41.04
CA LYS DA 454 -42.69 -20.64 -40.53
C LYS DA 454 -41.36 -21.38 -40.46
N LEU DA 455 -40.38 -20.92 -41.23
CA LEU DA 455 -39.10 -21.62 -41.34
C LEU DA 455 -38.46 -21.88 -39.98
N PRO DA 456 -38.15 -23.10 -39.66
CA PRO DA 456 -37.64 -23.40 -38.27
C PRO DA 456 -36.27 -22.83 -38.03
N SER DA 457 -35.45 -22.68 -39.09
CA SER DA 457 -34.09 -22.19 -38.87
C SER DA 457 -34.11 -20.70 -38.55
N ALA DA 458 -34.67 -19.88 -39.46
CA ALA DA 458 -34.64 -18.44 -39.24
C ALA DA 458 -35.94 -17.73 -38.76
N LYS DA 459 -37.06 -18.03 -39.41
CA LYS DA 459 -38.30 -17.36 -39.08
C LYS DA 459 -38.74 -17.67 -37.63
N GLU DA 460 -38.56 -18.92 -37.22
CA GLU DA 460 -38.92 -19.37 -35.90
C GLU DA 460 -37.66 -19.48 -35.04
N ALA DA 461 -37.52 -18.55 -34.08
CA ALA DA 461 -36.34 -18.48 -33.23
C ALA DA 461 -36.61 -17.30 -32.24
#